data_8WA0
#
_entry.id   8WA0
#
_cell.length_a   1.00
_cell.length_b   1.00
_cell.length_c   1.00
_cell.angle_alpha   90.00
_cell.angle_beta   90.00
_cell.angle_gamma   90.00
#
_symmetry.space_group_name_H-M   'P 1'
#
loop_
_entity.id
_entity.type
_entity.pdbx_description
1 polymer 'DNA-directed RNA polymerase subunit alpha'
2 polymer 'DNA-directed RNA polymerase subunit beta'
3 polymer 'DNA-directed RNA polymerase subunit gamma'
4 polymer "DNA-directed RNA polymerase subunit beta''"
5 polymer PAP1(pTAC3)
6 polymer 'Pentatricopeptide repeat-containing protein At1g74850, chloroplastic-like'
7 polymer 'Protein PLASTID TRANSCRIPTIONALLY ACTIVE 10-like'
8 polymer 'superoxide dismutase'
9 polymer 'Protein PLASTID TRANSCRIPTIONALLY ACTIVE 12-like'
10 polymer 'Fructokinase-like 1, chloroplastic'
11 polymer 'Fructokinase-like 2, chloroplastic'
12 polymer 'Protein PLASTID TRANSCRIPTIONALLY ACTIVE 14-like isoform X2'
13 polymer PAP8(pTAC6)
14 polymer 'superoxide dismutase'
15 polymer 'Thioredoxin-like protein CITRX1, chloroplastic'
16 polymer 'UDP-N-acetylmuramoyl-L-alanyl-D-glutamate--2, 6-diaminopimelate ligase-like'
17 polymer 'Protein PLASTID TRANSCRIPTIONALLY ACTIVE 7-like isoform X2'
18 polymer PAP13(pTAC18)
19 polymer 'DNA (48-mer)'
20 polymer 'RNA (20-mer)'
21 non-polymer 'ZINC ION'
22 non-polymer 'MAGNESIUM ION'
23 non-polymer 'FE (III) ION'
#
loop_
_entity_poly.entity_id
_entity_poly.type
_entity_poly.pdbx_seq_one_letter_code
_entity_poly.pdbx_strand_id
1 'polypeptide(L)'
;MVREKVTVSTRTLQWKCVESRTDSKRLYYGRFILSPLMKGQADTIGIAMRRALLGEIEGTCITRVKSEKVPHEYSTITGI
QESVHEILMNLKEIILRSNLYGTSDASICVKGPGSVTAQDIILPPYVEIVDNTQHIASLTEPIDFCIGLQIERNRGYLIK
TPHNFQDGSYPIDAVFMPVRNANHSIHSYGNGNEKQEILFLEIWTNGSLTPKEALHEASRNLIDLFIPFLHMEEDNLYLQ
DNQHTVPLSPFTFHDKLAKLIKNKKKIALKSIFIDQSELPSRIYNCLKMSNIYTLLDLLNNSQEDLMKIEHFRSEDVKRI
LGILEKYFVIDLAKNKF
;
A,a
2 'polypeptide(L)'
;MLGDGNEGISTIPGFNQIQFEGFCRFIDQGLTEELYKFPKIEDTDQEIEFQLFVETYQLVEPLIKERDAVYESLTYSSEL
YVSAGLIWKNSRDMQEQTIFIGNIPLMNSLGTSIVNGIYRIVINQILQSPGIYYRSELDHNGISVYTGTIISDWGGRSEL
EIDRKARIWARVSRKQKISILVLSSAMGLNLREILENVCYPEIFLSFLSDKERKKIGSKENAILEFYQQFACVGGDPVFS
ESLCKELQKKFFQQRCELGRIGRRNMNRRLNLDIPQNNTFLLPRDILAAADHLIGLKFGMGALDDMNHLKNKRIRSVADL
LQDQFGLALVRLENVVRGTICGAIRHKLIPTPQNLVTSTPLTTTYESFFGLHPLSQVLDRTNPLTQIVHGRKLSYLGPGG
LTGRTASFRIRDIHPSHYGRICPIDTSEGINVGLIGSLAIHARIGHWGSLESPFYEISERSTGVRMLYLSPGRDEYYMVA
AGNSLALNQDIQEEQVVPARYRQEFLTIAWEQVHLRSIFPFQYFSIGASLIPFIEHNDANRALMSSNMQRQAVPLSRSEK
CIVGTGLERQAALDSGALAIAEREGRVVYTNTDKILLAGNGDILSIPLVIYQRSNKNTCMHQKLQVPRGKCIKKGQILAD
GAATVGGELALGKNVLVAYMPWEGYNSEDAVLISERLVYEDIYTSFHIRKYEIQTHVTSQGPEKVTNEIPHLEAHLLRNL
DKNGIVMLGSWVETGDILVGKLTPQVVKESSYAPEDRLLRAILGIQVSTSKETCLKLPIGGRGRVIDVRWIQKRGGSSYN
PETIRVYILQKREIKVGDKVAGRHGNKGIISKILPRQDMPYLQDGRSVDMVFNPLGVPSRMNVGQIFECSLGLAGSLLDR
HYRIAPFDERYEQEASRKLVFSELYEASKQTANPWVFEPEYPGKSRIFDGRTGNPFEQPVIIGKPYILKLIHQVDDKIHG
RSSGHYALVTQQPLRGRAKQGGQRVGEMEVWALEGFGVAHILQEMLTYKSDHIRARQEVLGTTIIGGTIPNPEDAPESFR
LLVRELRSLALELNHFLVSEKNFQINRKEA
;
B
3 'polypeptide(L)'
;MNNNFSSMIDRYKHQQLRIGSVSPQQISAWATKILPNGEIVGEVTKPYTFHYKTNKPEKDGLFCERIFGPIKSGICACGN
YRVIGDEKEDPKFCEQCGVEFVDSRIRRYQMGYIKLACPVTHVWYLKRLPSYIANLLDKPLKELEGLVYCDFSFARPITK
KPTFLRLRGLFEYEIQSWKYSIPLFFTTQGFDTFRNREISTGAGAIREQLADLDLRIIIENSLVEWEELGEEGHTGNEWE
DRKVGRRKDFLVRRVELAKHFIRTNIEPEWMVLCLLPVLPPELRPIIQIDGGKLMSSDINELYRRVIYRNNTLTDLLTTS
RSTPGELVMCQEKLVQEAVDTLLDNGIRGQPMRDGHNKVYKSFSDVIEGKEGRFRETLLGKRVDYSGRSVIVVGPSLSLH
RCGLPREIAIELFQTFVIRGLIRQHLASNIGVAKSKIREKEPIVWEILQEVMQGHPVLLNRAPTLHRLGIQAFQPVLVEG
RAICLHPLVCKGFNADFDGDQMAVHVPLSLEAQVEARLLMFSHMNLLSPAIGDPISVPTQDMLIGLYVLTSGNHRGICVN
RYNPCNRRNYQNQKRSDNSHYKYTKEPFFSNSYDAIGAYRQKRINLDSPLWLRWRLDQRVIASRETPIEVHYESLGTFYE
IYGHYLIVRSLKKQILFIYIRTTVGHIALYREIEEAIQGFSRAYSSGT
;
C
4 'polypeptide(L)'
;MAERANLVFHNKAINGTAMKRLISRLIDHFGMAYTSHILDQVKTLGFQQATATSISLGIDDLLTIPSKGWLVQDAEQQSL
ILEKHHHYGNVHAVEKLRQSIEIWYATSEYLRQEMNPNFRMTDPFNPVHIMSFSGARGNASQVHQLVGMRGLMSDPQGQM
IDLPIQSNLREGLSLTEYIISCYGARKGVVDTAVRTSDAGYLTRRLVEVVQHIVVRRTDCGTARGISVSPRNGMMPERIF
IQTLIGRVLADDIYMGPRCIATRNQDIGIGLVNRFITFRAQPISIRTPFTCRSTSWICRLCYGRSPTHGDLVELGEAVGI
IAGQSIGEPGTQLTLRTFHTGGVFTGGTAEHVRAPSNGKIKFNEDLVHPTRTRHGHPAFLCSIDLYVTIESEDILHNVNI
PPKSLLLVQNDQYVESEQVIAEIRAGISTLNFKEKVRKHIYSDSDGEMHWSTDVYHAPEFTYGNVHLLPKTSHLWILLGR
PCRSSLVYLSIHKDQDQMNAHFLSGKRRYTSNLSVTNDQARQKLFSSDFSGKKEDRIPDYSDLNRIICAGQYNLVYSPIL
HENSDLLSKRRRNKFIIPLHSIQELENELMPCSGISIEIPVNGIFRRNSILAYFDDPRYRRKSSGIIKYGTVETHSVIKK
EDLLEYRGVKEFRPKYQMKVDRFFFIPEEVHILPGSSSIMVRNNSIVGVDTQITLNLRSRVGGLVRVERKKKRIELKIFS
GDIHFPGETDKISRHTGVLIPPGTGKRNSKESKKVKNWIYVQRITPSKKKFFVLVRPVVTYEITDGINLATLFPPDPLQE
RDNVQLRIVNYILYGNGKPIRGISDTSIQLVRTCLVLNWNQDKKSSSCEEARASFVEIRTNGLIRHFLRINLVKSPISYI
GKRNDPSGSGLLSDNGSDCTNINPFSSIYSYSKAKIQQSINQPQGTIHTLLNRNKECQSLIILSAANCSRMGPFKDVKYH
SVIKKSIKKDPLIPIRNSLGPLGTSLPIENFYSSYHLITHNQILVTNYLQLDNLKQTFQVIKFKYYLMDENGKIFNPDPC
RNIILNPFNLNWYFLHHNYCEETSKIISLGQFICENVCIAKNGPPLKSGQVILVQVDSIVIRSAKPYLATPGATVHGHYG
ETLYEGDTLVTFIYEKSRSGDITQGLPKVEQVLEVRSVDSISMNLEKRIEGWNKCITRILGIPWGFLIGAELTIAQSRIS
LVNKIQQVYRSQGVQIHNRHLEIIVRQITSKVLVSEDGMSNVFSPGELIGLLRAERMGRALEEAICYRVVLLGITRASLN
TQSFISEASFQETARVLAKAALRGRIDWLKGLKENVVLGGVIPVGTGFKGLVHPSKQHNNIPLETKKKNLFEGEMRDILF
HHKKLFDSCLSKNFHDIPEQSFIGFNDS
;
c
5 'polypeptide(L)'
;MAGISIHYLPFNSKFTLPIPRPSISRSIKASVSSQPRKTRRRKQTQQQQHQLKTAEDDGSMASGTEKVLRLVFMEELMER
ARNADSKGVSQVIYDMIAAGLSPGPRSFHGFVVSHVLNRDNDGAMHALRRELSEGLRPLHETFLALVRLFGAKGLATRGL
EILAAMEKLKYDIRQAWLVLVEELVRSNHLEDANKVFLKGAEGGLRATDEIYDLLIEQDCKVGDHSNALTIAYEMEAAGR
MATTFHFNCLLSVQATCGIPEIAFATFENMEYGEDHMKPDTETYNWVIQAYTRAESYDRVQDVAELLGMMVEDHKRVQPN
VRTYALLVECFTKYCVVREAIRHFRGLKNFEGGTQVLYNDGKYGDPLSLYLRALCREGRIVELLEALEAMAKDNQPIPPR
AMILSRKYRTLVSSWIEPLQEEAELGYEIDYIARYVAEGGLTGDRKRWVPRRGKTPLDPDAEGFIYSNPRETSFKQRCLE
EWRLHHRKLLKTLHNEGPSILGKISESDYIRLVERLRKIIKGPEQNALKPKAASKMIVSELKEELEAQGLPTDGTRNVLY
QRVQKARRINRSRGRPLWVPPVEEEEEEVDEELDELISRIKLHEGNTEFWKRRFLGEGLNENHVQQSEIIDLEPTDVVDD
TDDAVDDISKEAEDDEAEDDEAQDEEEEVEQAESQPEVGDRKDKEVEAAKPLQMIGVQLLKDSDQTASSSRKSRRRLSRV
AAVDDDDDDWFPLDIQEAFVEMRKRNIFDVSDMYTITDAWGWTWEKEIKNKAPQRWSQEWEVELGIKVMTKVIELGGTPT
IGDCAVILRAAVRAPMPSAFLNILQTTHSLGYVFGSPLYDEIITLCLDLGELDAAIAIVADLETSGIKVPDETLDRVISA
RQSSDTPVNGSQ
;
D
6 'polypeptide(L)'
;MSLSCNSFSPVFTPVPPSHRFLFPAKIPNYGKLSPVHRRLLLTVAVRAKPKELILGNPTVTVEKGKYSYDVETLINKLSS
LPPRGSIARCLDTFKNKLSLTDFSHVFKEFAARGDWQRSLRLFKYMQRQIWCKPNEHIYTLMIGILGREGLLDKAFEIFD
EMPSHSVARTVFSYTAIINAYGRNGQYGTSLQLLEKMKQEKIIPSILTYNTVINSCARGGHEWEGLLSLFAEMRHEGIQP
DLVTYNTLLSACSSRGLGDEAEMVFRTMNEAGILPDVTTYSYLVDTFGKLGKLEKVSELLMEMEAGGTSPEVTSYNVLLE
AYAHSGSMKEAMDVFRQMQTAGCVANAETYSVLLNLYGKNGRYDQVRDLFLEMKMSNTEPDADTYNILIQVFGEGGYFKE
VVTLFHDMVEEKVEPNMETYEGLIYACGKGGLHDDAKRILLHMNGQGLVPSSKVYTGVIEAYGQAALYEEAVVAFNTMNE
VGSRPMVETFNSLIHAFAKGGLYKESEAIWFRMGEVGVPRNRDSFNGMIEGYRQGGQFEEAIKAYVEMEKARCDPDERTL
EAVLSVYCFAGLVDESEEQFQEIKSLGIQPSIICCCMMLAIYAKSERWNMAHELLNDVMTNKTSDMHQVIGQMIHGDFDD
ENNWQMVEYVFDKLNSEGCGLSMRFYNTLIEALWWLGQKERAARVLNEATKRGLFPELFRRNKLVWSVDVHRMWPGGACT
AISVWLNDMEELFHKGEELPQLASVVVVRGQTEKSSITRDFPVAKAAYSFLKDTVSSSFCFPGWNKGRIVCQKTQLKRIF
SSAEPSSGSSKGDRLIPLSNSPISLLGTQTSVSDAKRSESANADSKRSTKSDSELMASSV
;
E
7 'polypeptide(L)'
;MQTLQSSSLFFTFPSSKTLLKPQSSKFSSFSLFPSSLSKPSRPLTLHCFSSDEFPVGDDDAFLEAFGPKEKESEEEARRK
NWVDRGWAPWEEILSPEANFARKSLNEGEEVALQSPEAIEAFKMLSPNYRKKKISDMGITEDEYYAKQFEIKGEIPEPLS
TMWAGPLVVRHVPPRDWPPRGWEVDKKELEFIRETHKLQSVRVDYDKVEEMVKMETDDMGLDRYKMFLKQYNEWVAANKD
RLEKESYKYDQDYYPGRRKRGKDYQDGMYELPFYYPGQICAGKVTAIHLYQGAFVDIGGVHDGWVPIKRNDWYWIRHHIK
VGMHVIVEILAKRDPYRFRFPIEMRFIDPNIDHLIFNRFDFAPIFHRDEDTNLDELRRDCGRQPLPRKDPGVKVEEEPLL
SNHPYVDKLWQIHNAEQMILDDMEANPVKYKGKNLTELTDDEDFDEENRIEYSKAYYKKALLPKMITKVSVKELDLEAAF
AERQHHNKLRMEAQERGEVYKIPKLRRNIEMDEYDFIHWRRSLEEREAMLRDISCRRALGLPLEEPGRYVDPSAFGKDQY
DPDSPLYRYDYWGEPKNSEKSKQERMTDVHNKSIVGKGTVWYEMAYEDAVKERMQMEAQGIVRELYDEDSDSDEVGTDDD
DDDEEDFDYSILGDPSANVSNQPYVNGTESRLSDEGMFEDKS
;
F
8 'polypeptide(L)'
;MSWSSCNSLCTSSSRQLLVTTDLSSQLNIPSRLSNVKRSLHGHHGVPKVFAYYGLKTPPYKLDALEPYMSQKMLEVHWGE
HHRSYVEALNKQLEKNDILYGCTMEELIKVTYNNGNPLPEFSDAAQVWNHDFFWESMQPGGGDMPKLGLLQQIEKDFGSF
TNFREKFTEAALALFGSGWIWLVLKREEKRLAIVKTSNAVNPLVWNDIPLIGLDLWEHAYYLDYKNDKAKYVNVFMNHLV
SWDAALGRMARAQAFVNLGEPKIPVA
;
G
9 'polypeptide(L)'
;MASVLSTSLYQDRGLRTMVSTDGFVPSFCCPYRKTLFTGTIPVSIWQFKLVSSSPFQKAPLAPCIKCENKEKDQASQGSF
EQVSVERYPYHSYMDSTSGQLEPASGARASIPGQEYWPEGTASRVRAARAPEPTGTSTGTPSYGKNPGSRRKKYKASAAA
SKPSEINIISDDSAESPDNLPEEPKDLSSEYVIYQPEQEEEELTGYELDKRLGRPHPFIDPKTKKKIEKPLTSEELWWNW
RKPEKEQWSRWQRRRPDVETVFLKAMAETGQVKLYGDHPTLTETALYRARRHLYKKERLQAEKEKLEKIGPIAYYSEWVQ
AWKKDTSREAIQKHFEETGEDENTQLIEMFCHQTDREYRIMMGTDIRIPRDPLAMRMREDQIKQIWGGDPVYPTINYIQD
PDEVIDYRGPDFHEPTPNMLAYLKEHGKIISREELEKILAKEKTEEIEVAEIDEAMARAVDIGENDDEEEGSDAEVEEGD
EKITRNWSVLKSNPELRKSKEKPKKKDMSLEEAVDDSENLTDFLMDFDEDE
;
H
10 'polypeptide(L)'
;MASIHFLPQSLPHHSHNSLTHFNFSSIFFSSKLPHRKNTLKCSSNDHSTTTQEPPKHSPRGPKKSSRTAKKTSKPQKDSN
FETNIEKSNTQMELSKNADDKIEKYDDGVDFPYPNPPLVICFGAAQKEFVPTVRVSHEQMHQDKYSEWKMLQWNPPEFVR
APGGPPSNVAISHVRLGGRAAFMGKVGNDEFGQEMVLLMNKEKVQTRAVKFDDSMRTGCTHMKIKFEDGKMKVEKVKEPA
EDSLSSSELNLDVLKEARIFHFNSEVLTSSSMRSTLFKAISLSKKFGGLVFFDLNLPLPLWRSRDETRNLIKEAWEQANI
IEVSRQELEFLLDEEHYERKRNYRPQYFAENFEQTKQRRDYYHYTPAEIAPLWHDGLKLLFVTDGTLRLHYYSPSFDGVV
VGTEDVLITPFTCDRTGSGDAVVAGIMRKLTTQPEMYHDQDVLERQLRFAIAAGIISQWTIGAVRGFPTESATQNLKEQV
YVPSMW
;
I
11 'polypeptide(L)'
;MAALSFSLLSTLPRQHLHWNFYPNMKVMQLQDLGLKNKWVLMAVSKEGTPEAIAKELSKTEVFGAGKKTVRISKRAPVMA
RRKKVVETSNDDPVNVEEAENTSGSTEEPKKTQRRTRKKKEIVESSFGDSISDAEGNVIDAEAVTEPESSAKPKKTRRTR
KKKETVVSTFEDSTLDVEGNVTDEEVLPTSGSSEGSVEIRKRTSKKAASSSSSLEKEPTQKVTRRRRKKVNNLEDEGSQT
ELSDIEEELHVANADADSEEELDFDGGEDISFSYGWPPLVCCFGAAQHAFVPSGRPSNRLVDHEWHERMKDAIWDPEKFT
RAPGGCSSNVAVALASLGGKVAFMGKLGDDDFGQSLVYFMNINKVQTRSVRLDSKKATAITHMKIGKRGGLRMTTTKPSA
EDSLLKSEINIDVLKEAKMFYFNTFSMLDPNMRLTTLRATKISKKLGGVVFYDVNLPFPLWESGDKAKTFIQQAWDLADI
IEVTKQELEFLCGIKPSERFDTKDNDRSKFTHYPPEVIAPLWHENLKVLFVTNGTSKIHYYTKEHNSAVLGLEDVPLTPY
TSDMSASGDGIIAGIIRMLTVQPHLMTDKGYLERTLKYAISCGVVDQWLQARRLGYPPKEGMEDDVVPDDHGIKSVTERE
YRILVPVS
;
i
12 'polypeptide(L)'
;MVSSTILIQQPTNLFHQPEFQHQLWRQGCAAPLQKQPIIICSSNKGRSRPLRVTASANGAATSSTLEGYDSSPTPSAFPL
FTPPSQPHDTPASQLELADPDFYKIGYVRSFRAYGIEFREGPDGYGVFASRDVEPLRRARVIMEIPLELMLTISKKLPWM
FFPDIIPVGHPIFDIINSTNPETDSDLRLACLLLYAFDCKDNFWQLYGDFLPSDDECTSFLLATEEDLLELQDEKLASTM
REQQQRALEFWEKNWHSAVPLKIKRLARDPERFIWAMCIAQSRSINLQMRIGALVQDANLLVPYADMMNHSFQPNCFFHW
RFKDRMLEVMINAGQRIRKGDEMTVDYMAGQKNNFFMQRYGFSSPVNPWDVIHFTGDAKIHLDTFLSVFNISGLPGEYYH
NSRLSNDGDSFVDGAIIAAARTLPTWSDGDLPPIPSLERKAVKELQEECHQMLAEFPTTSDEDQKILDSMPDCRRTLEAA
IKYRLHRKLLIEKVIQALDIYQDRILF
;
J
13 'polypeptide(L)'
;MSAAQLFFPLPPNLSTFSTTPSSQALFTISFAKTISSNPNSVKQSLTTKRRRDFRVFADDGDADGGGPDDYDMDEDEVEE
ADNKKDFDVDYDTLLGGASLTVAATGDDIAMVHSSSFVFTQGWDSEKIVDYRINEEEFHKISLLDCDFFIRKPPDPDNDV
YDFREMYVTPPDTDIYAIPRVLAPMPQKYIRCAMSDYGCYNVTEPPIDAPRDPMYKSEREVSKVFLTKHYRNRRAGDPEF
ALDFEEIYVIDSKTKSITRAKVVVTVPGGRNRDRKNDLLVIRDNGTSFKIIPSEERDDPTTVIEKEEWKKSRQDMERHLR
KLRDFSVSNWF
;
K
14 'polypeptide(L)'
;MMAATASTTLTSAFLPFQGFRESCRTLNWRTHKKQFARKAGPVKVTAKFELMPPPYPMNALEPHMSHTTFEYHWGKHHRA
YVDNLNKQIDGTELDGMTLEDIILITYNRGDLLPPFNNAAQAWNHQFFWESMKPSGGGKPSGELLQLINRDFGSFEAFVK
EFKAAAATQFGSGWAWLAYKANRLNVGNTSNPHPTDEDKKLVVVKTPNAVNPLVWDYSPLLTIDVWEHAYYLDFRNRRPD
YISIFMEKLVSWEAVSSRLEVAKAKAAEREEEEERKKREKEEEYKAGGEVREMYVESTDSDAE
;
L
15 'polypeptide(L)'
;MQAATLSFHPLAPPPQTSACHFSSNQRKYSLFSYTCPTPRPSLLSTQTLSRKSICKPPAVATGKYVREDYLVKKVSAKDI
QELIKGERNVPLIIDFYATWCGPCILMAQELEMLAVEYESNALIVKVDTDDEYEFARDMQVRGLPTLYFISPDPNKDAIR
TEGLIPIQMMRDIINNDL
;
M,m
16 'polypeptide(L)'
;MPFTLFSLPPFPSLLHHNPPPLQFKPFTSLHHLRLKYPTTLTTVSAIGADGKYYPNPSDDDPPEAPEDSMHGVNKFQQIQ
RQAAKAKKQQEELFKKEQSIFVNALADVEDAPDNPALNDNDNSGDDLFGEIDKAIALKRKEFVKQGLLKPNPPKNSTLVE
SEVENVDELEPEEVVDLEEIDGLSGLAEIEESDEEKSDFEVSDDMGKSEFSDLSSFDIDFDEFGKTKPRIVEPKFRMSLA
ELLDESRVVPLSVYGDLEVGISGVQHDSRLVESGDLFVCCVGRKTDGHLYLSEADKRGAVAVVASKEIDIEETLGCKALV
IVEDTNAVLAVLAASFYRHPSKSMTLIGITGTNGKTTTSYLIKAMYEAMGLRTGMLSTVGYYIYGDNKLESPHTTPDAVL
VQKLMAKMVHNGTEALVMEASSHGLALGRCDKVDFDIAVFTNLTRDHLDFHGTEEEYRDAKAKLFARMVDPARHRKIVNI
DDPNAAFFLAQGNPDVPIVTFAMENKSADVHPLKFQLSLFETQVLVNTPQGILEISSGLLGRHNIYNILAAVAVGIAVGA
PLEDIVKGIEEVDAVPGRCELIDEEQAFGVIVDYAHTPDALSRLLDYVRELGPRRVITVFGCAGESDRGKRPIMAKIATD
KSDVTILTSDNPKTEDPLDILDDMLAGVGWSMQDYLKHGENDYYPPLPNGHRLFLHDIRRVAVRCAVAMGEEGDIVVVAG
KGHETYQIEGDKKEFFDDREECREALQYVDELHQAGIDTSEFPWRLPESH
;
N
17 'polypeptide(L)'
;MQKIAAVENTRRLNFSIRSQSASNSKNEGRGGRRIWRRRKLTKKDETLDAKMERIPFLEEQVRKIRDGGKLLTMDIHRLL
LNEDNRFDFVNEIAAEAKQYVENNRDEYGAKKAILHVLSNRMNDAGVYRAEAYMESDPFKPGPGYLKDELL
;
O
18 'polypeptide(L)'
;MASFITMPALSYLSTNTSSLERTNFRPSSRGYQGVRAMRTEKPLEELYNVRVERNVTKDRLMELGVPRWSMWKTGKCKLP
WDWHVDQLVYIEEGEVRVVPEGSQRFMQFVAGDLVRYPKWFEADLYFNDFYQERYSFRAYGDS
;
P
19 'polydeoxyribonucleotide'
;(DC)(DA)(DC)(DT)(DC)(DT)(DA)(DC)(DC)(DG)(DA)(DT)(DA)(DA)(DG)(DC)(DA)(DG)(DA)(DA)
(DT)(DT)(DA)(DC)(DC)(DT)(DC)(DT)(DC)(DG)(DA)(DT)(DC)(DC)(DT)(DG)(DT)(DG)(DC)(DT)
(DA)(DG)(DA)(DC)(DA)(DC)(DG)(DC)
;
R
20 'polyribonucleotide' ACAGAUGUCCUCGAGAGGUA S
#
loop_
_chem_comp.id
_chem_comp.type
_chem_comp.name
_chem_comp.formula
A RNA linking ADENOSINE-5'-MONOPHOSPHATE 'C10 H14 N5 O7 P'
C RNA linking CYTIDINE-5'-MONOPHOSPHATE 'C9 H14 N3 O8 P'
DA DNA linking 2'-DEOXYADENOSINE-5'-MONOPHOSPHATE 'C10 H14 N5 O6 P'
DC DNA linking 2'-DEOXYCYTIDINE-5'-MONOPHOSPHATE 'C9 H14 N3 O7 P'
DG DNA linking 2'-DEOXYGUANOSINE-5'-MONOPHOSPHATE 'C10 H14 N5 O7 P'
DT DNA linking THYMIDINE-5'-MONOPHOSPHATE 'C10 H15 N2 O8 P'
FE non-polymer 'FE (III) ION' 'Fe 3'
G RNA linking GUANOSINE-5'-MONOPHOSPHATE 'C10 H14 N5 O8 P'
MG non-polymer 'MAGNESIUM ION' 'Mg 2'
U RNA linking URIDINE-5'-MONOPHOSPHATE 'C9 H13 N2 O9 P'
ZN non-polymer 'ZINC ION' 'Zn 2'
#
# COMPACT_ATOMS: atom_id res chain seq x y z
N THR A 10 44.50 40.33 19.96
CA THR A 10 44.16 40.25 18.55
C THR A 10 44.49 38.87 18.00
N ARG A 11 43.48 37.99 17.94
CA ARG A 11 43.66 36.63 17.44
C ARG A 11 44.86 36.00 18.12
N THR A 12 45.03 36.29 19.40
CA THR A 12 46.13 35.72 20.14
C THR A 12 45.56 34.70 21.09
N LEU A 13 46.11 33.48 21.05
CA LEU A 13 45.59 32.43 21.90
C LEU A 13 45.80 32.80 23.35
N GLN A 14 44.77 32.63 24.17
CA GLN A 14 44.87 32.94 25.58
C GLN A 14 44.24 31.82 26.38
N TRP A 15 44.76 31.59 27.58
CA TRP A 15 44.26 30.51 28.41
C TRP A 15 43.73 31.02 29.73
N LYS A 16 42.58 30.50 30.16
CA LYS A 16 42.00 30.91 31.44
C LYS A 16 41.57 29.70 32.22
N CYS A 17 41.48 29.82 33.54
CA CYS A 17 40.98 28.72 34.34
C CYS A 17 39.54 29.07 34.65
N VAL A 18 38.62 28.19 34.29
CA VAL A 18 37.20 28.52 34.47
C VAL A 18 36.61 27.92 35.74
N GLU A 19 37.07 26.74 36.14
CA GLU A 19 36.57 26.14 37.38
C GLU A 19 37.67 25.53 38.24
N SER A 20 37.56 25.62 39.56
CA SER A 20 38.52 24.96 40.44
C SER A 20 37.85 24.46 41.72
N ARG A 21 38.33 23.35 42.26
CA ARG A 21 37.79 22.82 43.52
C ARG A 21 38.71 21.82 44.21
N THR A 22 38.90 21.97 45.51
CA THR A 22 39.71 21.04 46.27
C THR A 22 38.82 20.25 47.17
N ASP A 23 38.45 19.04 46.77
CA ASP A 23 37.61 18.16 47.58
C ASP A 23 38.17 17.51 48.84
N SER A 24 39.39 17.03 48.81
CA SER A 24 40.00 16.35 49.95
C SER A 24 41.42 16.77 49.77
N LYS A 25 42.32 16.44 50.67
CA LYS A 25 43.71 16.78 50.42
C LYS A 25 44.30 15.91 49.35
N ARG A 26 43.53 14.93 48.93
CA ARG A 26 44.00 13.98 47.95
C ARG A 26 43.28 14.12 46.62
N LEU A 27 42.29 15.00 46.52
CA LEU A 27 41.67 15.24 45.22
C LEU A 27 41.54 16.69 44.85
N TYR A 28 41.98 17.08 43.66
CA TYR A 28 41.84 18.45 43.20
C TYR A 28 41.30 18.44 41.78
N TYR A 29 40.50 19.41 41.40
CA TYR A 29 39.93 19.49 40.06
C TYR A 29 40.10 20.86 39.43
N GLY A 30 40.38 20.95 38.14
CA GLY A 30 40.44 22.21 37.47
C GLY A 30 39.93 22.07 36.07
N ARG A 31 39.30 23.11 35.54
CA ARG A 31 38.87 23.09 34.15
C ARG A 31 39.53 24.26 33.48
N PHE A 32 40.03 24.07 32.26
CA PHE A 32 40.78 25.14 31.59
C PHE A 32 40.24 25.38 30.19
N ILE A 33 40.48 26.58 29.66
CA ILE A 33 39.99 26.92 28.33
C ILE A 33 41.11 27.49 27.46
N LEU A 34 40.99 27.37 26.14
CA LEU A 34 41.98 27.94 25.24
C LEU A 34 41.24 28.82 24.23
N SER A 35 41.88 29.86 23.71
CA SER A 35 41.19 30.81 22.82
C SER A 35 40.90 30.27 21.43
N PRO A 36 40.16 31.04 20.61
CA PRO A 36 39.77 30.47 19.32
C PRO A 36 40.88 29.87 18.52
N LEU A 37 40.62 28.67 18.00
CA LEU A 37 41.62 27.96 17.24
C LEU A 37 41.02 27.68 15.89
N MET A 38 41.86 27.60 14.87
CA MET A 38 41.38 27.27 13.54
C MET A 38 40.94 25.82 13.52
N LYS A 39 40.07 25.46 12.58
CA LYS A 39 39.53 24.10 12.57
C LYS A 39 40.60 23.03 12.41
N GLY A 40 40.45 21.94 13.16
CA GLY A 40 41.42 20.86 13.10
C GLY A 40 42.47 20.96 14.17
N GLN A 41 42.65 22.14 14.74
CA GLN A 41 43.66 22.32 15.73
C GLN A 41 43.35 21.79 17.08
N ALA A 42 42.13 21.89 17.50
CA ALA A 42 41.75 21.49 18.82
C ALA A 42 41.92 20.07 19.20
N ASP A 43 41.62 19.16 18.32
CA ASP A 43 41.74 17.77 18.60
C ASP A 43 43.16 17.31 18.65
N THR A 44 44.04 17.84 17.83
CA THR A 44 45.40 17.50 17.97
C THR A 44 45.96 17.97 19.30
N ILE A 45 45.65 19.19 19.72
CA ILE A 45 46.15 19.70 20.97
C ILE A 45 45.64 18.91 22.14
N GLY A 46 44.38 18.56 22.15
CA GLY A 46 43.86 17.73 23.22
C GLY A 46 44.39 16.35 23.37
N ILE A 47 44.58 15.62 22.30
CA ILE A 47 45.07 14.28 22.34
C ILE A 47 46.45 14.21 22.89
N ALA A 48 47.29 15.14 22.50
CA ALA A 48 48.65 15.13 22.94
C ALA A 48 48.77 15.51 24.38
N MET A 49 48.01 16.50 24.81
CA MET A 49 48.08 16.93 26.18
C MET A 49 47.65 15.83 27.11
N ARG A 50 46.59 15.14 26.76
CA ARG A 50 46.10 14.11 27.63
C ARG A 50 47.11 13.02 27.76
N ARG A 51 47.87 12.77 26.71
CA ARG A 51 48.90 11.76 26.77
C ARG A 51 50.04 12.17 27.65
N ALA A 52 50.45 13.42 27.56
CA ALA A 52 51.53 13.92 28.40
C ALA A 52 51.15 13.96 29.86
N LEU A 53 49.96 14.43 30.16
CA LEU A 53 49.52 14.51 31.53
C LEU A 53 49.44 13.16 32.17
N LEU A 54 48.94 12.17 31.45
CA LEU A 54 48.79 10.86 32.03
C LEU A 54 50.05 10.02 32.02
N GLY A 55 51.02 10.33 31.15
CA GLY A 55 52.28 9.63 31.18
C GLY A 55 53.63 10.30 31.36
N GLU A 56 53.77 11.57 31.06
CA GLU A 56 55.09 12.21 31.11
C GLU A 56 55.45 12.90 32.41
N ILE A 57 54.48 13.22 33.24
CA ILE A 57 54.74 13.89 34.50
C ILE A 57 55.37 12.92 35.47
N GLU A 58 56.28 13.37 36.32
CA GLU A 58 57.02 12.48 37.21
C GLU A 58 56.54 12.47 38.63
N GLY A 59 56.48 11.30 39.25
CA GLY A 59 55.98 11.18 40.60
C GLY A 59 56.88 10.42 41.54
N THR A 60 56.72 10.62 42.85
CA THR A 60 57.55 9.96 43.84
C THR A 60 56.73 8.99 44.64
N CYS A 61 57.18 7.76 44.78
CA CYS A 61 56.47 6.80 45.62
C CYS A 61 57.31 5.70 46.24
N ILE A 62 56.78 5.01 47.24
CA ILE A 62 57.53 3.98 47.94
C ILE A 62 57.66 2.66 47.21
N THR A 63 58.83 2.40 46.65
CA THR A 63 59.09 1.12 46.00
C THR A 63 59.31 -0.15 46.80
N ARG A 64 60.09 -0.10 47.89
CA ARG A 64 60.45 -1.31 48.64
C ARG A 64 60.37 -1.17 50.13
N VAL A 65 59.87 -2.18 50.83
CA VAL A 65 59.75 -2.17 52.28
C VAL A 65 60.52 -3.30 52.99
N LYS A 66 61.32 -3.04 54.05
CA LYS A 66 62.02 -4.10 54.84
C LYS A 66 61.60 -4.32 56.30
N SER A 67 60.83 -5.36 56.60
CA SER A 67 60.33 -5.60 57.93
C SER A 67 61.28 -6.54 58.66
N GLU A 68 62.01 -6.04 59.64
CA GLU A 68 63.03 -6.87 60.29
C GLU A 68 62.55 -7.89 61.28
N LYS A 69 61.34 -7.74 61.79
CA LYS A 69 60.88 -8.64 62.85
C LYS A 69 60.77 -10.13 62.53
N VAL A 70 60.23 -10.50 61.37
CA VAL A 70 60.04 -11.92 61.08
C VAL A 70 60.27 -12.24 59.62
N PRO A 71 60.48 -13.52 59.32
CA PRO A 71 60.67 -13.92 57.92
C PRO A 71 59.48 -14.65 57.33
N HIS A 72 58.45 -14.94 58.12
CA HIS A 72 57.32 -15.71 57.62
C HIS A 72 56.59 -14.96 56.52
N GLU A 73 56.28 -15.65 55.43
CA GLU A 73 55.53 -15.02 54.34
C GLU A 73 54.12 -14.61 54.76
N TYR A 74 53.44 -15.42 55.56
CA TYR A 74 52.05 -15.10 55.90
C TYR A 74 51.69 -15.02 57.37
N SER A 75 52.51 -14.38 58.20
CA SER A 75 52.25 -14.40 59.63
C SER A 75 52.00 -13.08 60.34
N THR A 76 50.84 -12.93 60.96
CA THR A 76 50.56 -11.72 61.73
C THR A 76 51.50 -11.74 62.90
N ILE A 77 52.17 -10.63 63.17
CA ILE A 77 53.17 -10.66 64.23
C ILE A 77 52.79 -9.88 65.47
N THR A 78 52.73 -10.55 66.61
CA THR A 78 52.48 -9.85 67.87
C THR A 78 51.25 -8.97 67.92
N GLY A 79 51.44 -7.74 68.36
CA GLY A 79 50.32 -6.82 68.52
C GLY A 79 49.52 -6.41 67.30
N ILE A 80 50.17 -6.18 66.17
CA ILE A 80 49.47 -5.67 64.99
C ILE A 80 48.14 -6.34 64.65
N GLN A 81 47.13 -5.53 64.39
CA GLN A 81 45.79 -6.06 64.09
C GLN A 81 45.66 -6.43 62.65
N GLU A 82 46.68 -6.17 61.87
CA GLU A 82 46.58 -6.36 60.45
C GLU A 82 47.62 -7.24 59.86
N SER A 83 47.33 -7.77 58.70
CA SER A 83 48.23 -8.70 58.08
C SER A 83 49.43 -8.09 57.46
N VAL A 84 50.41 -8.90 57.16
CA VAL A 84 51.54 -8.40 56.47
C VAL A 84 51.10 -7.87 55.16
N HIS A 85 50.18 -8.53 54.48
CA HIS A 85 49.80 -8.08 53.14
C HIS A 85 49.00 -6.82 53.20
N GLU A 86 48.08 -6.70 54.13
CA GLU A 86 47.37 -5.45 54.29
C GLU A 86 48.25 -4.25 54.58
N ILE A 87 49.30 -4.40 55.35
CA ILE A 87 50.19 -3.29 55.55
C ILE A 87 50.88 -2.93 54.24
N LEU A 88 51.25 -3.91 53.44
CA LEU A 88 51.91 -3.58 52.23
C LEU A 88 50.97 -2.77 51.36
N MET A 89 49.70 -3.10 51.33
CA MET A 89 48.72 -2.32 50.61
C MET A 89 48.56 -0.93 51.15
N ASN A 90 48.53 -0.79 52.46
CA ASN A 90 48.36 0.50 53.09
C ASN A 90 49.50 1.42 52.76
N LEU A 91 50.70 0.88 52.72
CA LEU A 91 51.87 1.65 52.38
C LEU A 91 51.87 2.16 50.94
N LYS A 92 51.37 1.37 50.01
CA LYS A 92 51.32 1.81 48.62
C LYS A 92 50.39 2.99 48.39
N GLU A 93 49.48 3.25 49.28
CA GLU A 93 48.55 4.32 49.08
C GLU A 93 48.97 5.63 49.70
N ILE A 94 50.25 5.81 49.96
CA ILE A 94 50.71 7.03 50.60
C ILE A 94 51.27 7.99 49.61
N ILE A 95 50.80 9.23 49.64
CA ILE A 95 51.20 10.21 48.66
C ILE A 95 52.32 11.12 49.09
N LEU A 96 53.30 11.28 48.23
CA LEU A 96 54.44 12.05 48.55
C LEU A 96 54.79 13.04 47.48
N ARG A 97 55.52 14.08 47.80
CA ARG A 97 55.91 15.11 46.86
C ARG A 97 57.41 15.19 46.97
N SER A 98 58.16 15.15 45.90
CA SER A 98 59.59 15.29 46.02
C SER A 98 60.28 15.78 44.81
N ASN A 99 61.52 16.17 44.95
CA ASN A 99 62.30 16.57 43.80
C ASN A 99 63.60 15.78 43.68
N LEU A 100 63.61 14.54 44.13
CA LEU A 100 64.77 13.65 44.11
C LEU A 100 65.42 13.19 42.85
N TYR A 101 66.74 13.09 42.83
CA TYR A 101 67.44 12.50 41.70
C TYR A 101 68.07 11.38 42.41
N GLY A 102 67.87 10.16 41.96
CA GLY A 102 68.37 9.04 42.69
C GLY A 102 67.38 8.46 43.66
N THR A 103 67.85 7.67 44.62
CA THR A 103 66.95 7.02 45.58
C THR A 103 67.20 7.53 46.95
N SER A 104 66.40 7.09 47.90
CA SER A 104 66.57 7.53 49.24
C SER A 104 65.98 6.53 50.16
N ASP A 105 66.27 6.66 51.44
CA ASP A 105 65.71 5.77 52.43
C ASP A 105 64.93 6.50 53.47
N ALA A 106 64.02 5.81 54.12
CA ALA A 106 63.17 6.41 55.11
C ALA A 106 62.79 5.33 56.07
N SER A 107 62.34 5.72 57.24
CA SER A 107 61.99 4.75 58.25
C SER A 107 60.85 5.15 59.10
N ILE A 108 60.17 4.19 59.68
CA ILE A 108 59.16 4.55 60.65
C ILE A 108 59.43 3.76 61.88
N CYS A 109 59.57 4.41 63.03
CA CYS A 109 59.75 3.68 64.28
C CYS A 109 58.91 4.21 65.42
N VAL A 110 57.98 3.39 65.90
CA VAL A 110 57.10 3.81 66.97
C VAL A 110 57.06 2.70 68.01
N LYS A 111 56.82 3.05 69.28
CA LYS A 111 56.72 2.05 70.33
C LYS A 111 55.43 2.32 71.05
N GLY A 112 54.32 1.83 70.53
CA GLY A 112 53.05 2.16 71.14
C GLY A 112 52.19 1.07 71.69
N PRO A 113 51.71 1.25 72.92
CA PRO A 113 50.79 0.27 73.49
C PRO A 113 49.57 0.26 72.63
N GLY A 114 49.09 1.44 72.26
CA GLY A 114 47.95 1.55 71.39
C GLY A 114 48.50 2.42 70.30
N SER A 115 48.30 2.03 69.05
CA SER A 115 48.92 2.79 67.99
C SER A 115 48.00 3.15 66.86
N VAL A 116 48.25 4.29 66.25
CA VAL A 116 47.49 4.67 65.09
C VAL A 116 48.64 5.10 64.25
N THR A 117 49.32 4.15 63.62
CA THR A 117 50.52 4.50 62.93
C THR A 117 50.11 5.29 61.71
N ALA A 118 50.61 6.52 61.60
CA ALA A 118 50.26 7.39 60.50
C ALA A 118 51.32 8.47 60.62
N GLN A 119 51.75 9.11 59.53
CA GLN A 119 52.71 10.26 59.64
C GLN A 119 53.95 10.17 60.54
N ASP A 120 54.51 8.99 60.73
CA ASP A 120 55.68 8.83 61.58
C ASP A 120 56.89 8.63 60.73
N ILE A 121 56.74 8.79 59.43
CA ILE A 121 57.83 8.53 58.55
C ILE A 121 58.90 9.58 58.71
N ILE A 122 60.15 9.16 58.77
CA ILE A 122 61.25 10.09 58.92
C ILE A 122 61.79 10.29 57.55
N LEU A 123 61.72 11.52 57.06
CA LEU A 123 62.10 11.74 55.69
C LEU A 123 63.25 12.68 55.51
N PRO A 124 63.94 12.54 54.38
CA PRO A 124 65.00 13.48 54.07
C PRO A 124 64.36 14.80 53.78
N PRO A 125 65.11 15.89 53.87
CA PRO A 125 64.45 17.19 53.73
C PRO A 125 63.73 17.39 52.40
N TYR A 126 64.26 16.86 51.31
CA TYR A 126 63.65 17.04 50.01
C TYR A 126 62.26 16.42 49.89
N VAL A 127 62.07 15.22 50.41
CA VAL A 127 60.78 14.56 50.34
C VAL A 127 59.77 15.17 51.31
N GLU A 128 58.50 15.16 50.96
CA GLU A 128 57.49 15.78 51.80
C GLU A 128 56.23 14.93 51.77
N ILE A 129 55.37 15.04 52.77
CA ILE A 129 54.19 14.23 52.84
C ILE A 129 52.96 15.06 52.64
N VAL A 130 52.13 14.71 51.67
CA VAL A 130 50.90 15.42 51.39
C VAL A 130 49.77 15.32 52.43
N ASP A 131 49.50 14.14 52.97
CA ASP A 131 48.44 13.97 53.99
C ASP A 131 48.89 13.22 55.24
N ASN A 132 48.91 13.86 56.39
CA ASN A 132 49.38 13.24 57.61
C ASN A 132 48.50 12.10 58.11
N THR A 133 47.21 12.23 57.98
CA THR A 133 46.25 11.27 58.47
C THR A 133 46.28 9.86 57.88
N GLN A 134 46.83 9.67 56.70
CA GLN A 134 46.74 8.36 56.08
C GLN A 134 47.25 7.30 56.99
N HIS A 135 46.46 6.25 57.21
CA HIS A 135 46.81 5.20 58.19
C HIS A 135 47.67 4.05 57.74
N ILE A 136 48.93 4.05 58.10
CA ILE A 136 49.77 2.90 57.78
C ILE A 136 49.36 1.62 58.51
N ALA A 137 49.10 1.69 59.81
CA ALA A 137 48.75 0.49 60.60
C ALA A 137 48.18 0.79 61.97
N SER A 138 47.70 -0.23 62.68
CA SER A 138 47.23 -0.03 64.07
C SER A 138 47.74 -1.13 65.00
N LEU A 139 48.48 -0.75 66.05
CA LEU A 139 49.05 -1.75 66.94
C LEU A 139 48.29 -1.89 68.24
N THR A 140 47.80 -3.08 68.54
CA THR A 140 46.98 -3.29 69.74
C THR A 140 47.73 -3.45 71.05
N GLU A 141 48.97 -3.91 71.01
CA GLU A 141 49.68 -4.18 72.25
C GLU A 141 51.03 -3.49 72.26
N PRO A 142 51.58 -3.23 73.45
CA PRO A 142 52.88 -2.57 73.38
C PRO A 142 53.91 -3.43 72.69
N ILE A 143 54.59 -2.88 71.70
CA ILE A 143 55.60 -3.61 70.98
C ILE A 143 56.38 -2.52 70.27
N ASP A 144 57.56 -2.83 69.75
CA ASP A 144 58.30 -1.84 68.98
C ASP A 144 58.19 -2.16 67.50
N PHE A 145 57.80 -1.17 66.70
CA PHE A 145 57.62 -1.39 65.27
C PHE A 145 58.74 -0.68 64.55
N CYS A 146 59.47 -1.40 63.72
CA CYS A 146 60.52 -0.77 62.95
C CYS A 146 60.50 -1.24 61.52
N ILE A 147 60.30 -0.32 60.59
CA ILE A 147 60.25 -0.65 59.20
C ILE A 147 61.20 0.27 58.47
N GLY A 148 61.89 -0.21 57.45
CA GLY A 148 62.77 0.62 56.64
C GLY A 148 62.12 0.68 55.28
N LEU A 149 62.20 1.79 54.58
CA LEU A 149 61.52 1.95 53.29
C LEU A 149 62.45 2.52 52.24
N GLN A 150 62.14 2.34 50.96
CA GLN A 150 62.92 2.97 49.91
C GLN A 150 61.99 3.81 49.05
N ILE A 151 62.43 5.00 48.63
CA ILE A 151 61.60 5.91 47.86
C ILE A 151 62.26 6.35 46.56
N GLU A 152 61.52 6.45 45.45
CA GLU A 152 62.07 6.81 44.14
C GLU A 152 61.23 7.77 43.31
N ARG A 153 61.82 8.47 42.35
CA ARG A 153 61.04 9.33 41.46
C ARG A 153 61.09 8.93 39.99
N ASN A 154 59.96 8.51 39.44
CA ASN A 154 59.90 8.08 38.04
C ASN A 154 58.60 8.55 37.38
N ARG A 155 58.58 8.64 36.05
CA ARG A 155 57.39 9.10 35.35
C ARG A 155 56.35 8.02 35.07
N GLY A 156 55.65 7.57 36.10
CA GLY A 156 54.59 6.60 35.91
C GLY A 156 54.97 5.28 35.25
N TYR A 157 56.25 4.97 35.28
CA TYR A 157 56.73 3.73 34.68
C TYR A 157 56.53 2.81 35.83
N LEU A 158 55.57 1.94 35.72
CA LEU A 158 55.22 1.14 36.87
C LEU A 158 56.29 0.25 37.47
N ILE A 159 57.08 -0.42 36.65
CA ILE A 159 58.01 -1.37 37.24
C ILE A 159 59.26 -1.76 36.51
N LYS A 160 60.15 -2.43 37.22
CA LYS A 160 61.36 -2.95 36.60
C LYS A 160 61.24 -4.42 36.96
N THR A 161 62.24 -5.23 36.63
CA THR A 161 62.21 -6.63 37.05
C THR A 161 62.35 -6.71 38.57
N PRO A 162 61.61 -7.62 39.20
CA PRO A 162 61.81 -7.63 40.66
C PRO A 162 63.20 -8.12 41.05
N HIS A 163 63.86 -7.41 41.97
CA HIS A 163 65.20 -7.78 42.43
C HIS A 163 65.20 -8.83 43.54
N ASN A 164 66.38 -9.36 43.85
CA ASN A 164 66.50 -10.41 44.85
C ASN A 164 66.10 -10.00 46.27
N PHE A 165 65.47 -10.92 46.99
CA PHE A 165 65.09 -10.65 48.38
C PHE A 165 66.23 -11.04 49.29
N GLN A 166 67.27 -10.22 49.32
CA GLN A 166 68.44 -10.53 50.11
C GLN A 166 68.04 -10.69 51.55
N ASP A 167 67.18 -9.82 52.05
CA ASP A 167 66.70 -9.98 53.41
C ASP A 167 65.21 -10.20 53.25
N GLY A 168 64.44 -10.02 54.31
CA GLY A 168 63.00 -10.11 54.12
C GLY A 168 62.55 -8.80 53.55
N SER A 169 63.02 -8.47 52.34
CA SER A 169 62.70 -7.19 51.74
C SER A 169 61.72 -7.43 50.67
N TYR A 170 60.52 -6.88 50.82
CA TYR A 170 59.48 -7.17 49.84
C TYR A 170 59.25 -5.98 48.91
N PRO A 171 59.20 -6.22 47.59
CA PRO A 171 58.92 -5.14 46.65
C PRO A 171 57.45 -4.71 46.63
N ILE A 172 57.16 -3.44 46.31
CA ILE A 172 55.80 -2.94 46.23
C ILE A 172 55.58 -2.46 44.81
N ASP A 173 54.43 -2.76 44.23
CA ASP A 173 54.18 -2.40 42.83
C ASP A 173 53.79 -0.97 42.81
N ALA A 174 54.58 -0.16 42.15
CA ALA A 174 54.38 1.25 42.22
C ALA A 174 53.73 1.90 41.04
N VAL A 175 52.70 2.70 41.27
CA VAL A 175 52.12 3.45 40.20
C VAL A 175 52.65 4.82 40.47
N PHE A 176 53.37 5.41 39.53
CA PHE A 176 54.01 6.68 39.81
C PHE A 176 53.22 7.83 39.23
N MET A 177 51.95 7.63 38.93
CA MET A 177 51.18 8.68 38.26
C MET A 177 50.50 9.71 39.14
N PRO A 178 50.96 10.96 39.10
CA PRO A 178 50.34 12.03 39.86
C PRO A 178 48.94 12.43 39.43
N VAL A 179 48.68 12.50 38.13
CA VAL A 179 47.38 12.92 37.63
C VAL A 179 46.49 11.72 37.54
N ARG A 180 45.29 11.80 38.07
CA ARG A 180 44.43 10.65 38.11
C ARG A 180 43.60 10.46 36.87
N ASN A 181 43.03 11.53 36.34
CA ASN A 181 42.30 11.44 35.07
C ASN A 181 42.40 12.72 34.27
N ALA A 182 42.24 12.66 32.96
CA ALA A 182 42.20 13.83 32.16
C ALA A 182 41.28 13.63 31.00
N ASN A 183 40.59 14.66 30.56
CA ASN A 183 39.64 14.56 29.47
C ASN A 183 39.61 15.83 28.65
N HIS A 184 39.17 15.79 27.40
CA HIS A 184 39.05 16.97 26.57
C HIS A 184 37.74 17.11 25.86
N SER A 185 37.39 18.30 25.45
CA SER A 185 36.14 18.55 24.75
C SER A 185 36.30 19.70 23.76
N ILE A 186 35.42 19.82 22.79
CA ILE A 186 35.46 20.92 21.84
C ILE A 186 34.13 21.61 21.62
N HIS A 187 34.09 22.92 21.41
CA HIS A 187 32.87 23.61 21.05
C HIS A 187 33.26 24.34 19.81
N SER A 188 32.40 24.37 18.80
CA SER A 188 32.67 25.09 17.58
C SER A 188 31.66 26.15 17.33
N TYR A 189 32.10 27.40 17.27
CA TYR A 189 31.17 28.51 17.14
C TYR A 189 31.51 29.20 15.87
N GLY A 190 30.93 28.72 14.79
CA GLY A 190 31.22 29.31 13.52
C GLY A 190 30.02 29.95 12.89
N ASN A 191 30.18 31.19 12.44
CA ASN A 191 29.10 31.84 11.76
C ASN A 191 29.60 32.72 10.65
N GLY A 192 28.81 32.85 9.60
CA GLY A 192 29.24 33.63 8.48
C GLY A 192 30.51 33.13 7.84
N ASN A 193 31.50 33.99 7.72
CA ASN A 193 32.76 33.62 7.05
C ASN A 193 33.65 32.52 7.64
N GLU A 194 33.85 32.50 8.96
CA GLU A 194 34.80 31.54 9.52
C GLU A 194 34.41 30.85 10.81
N LYS A 195 35.09 29.76 11.11
CA LYS A 195 34.78 29.00 12.29
C LYS A 195 35.87 29.10 13.32
N GLN A 196 35.51 29.12 14.59
CA GLN A 196 36.47 29.22 15.66
C GLN A 196 36.12 28.11 16.62
N GLU A 197 37.10 27.60 17.35
CA GLU A 197 36.86 26.52 18.27
C GLU A 197 37.42 26.81 19.63
N ILE A 198 36.93 26.11 20.65
CA ILE A 198 37.46 26.28 21.98
C ILE A 198 37.81 24.91 22.56
N LEU A 199 38.97 24.75 23.15
CA LEU A 199 39.33 23.52 23.77
C LEU A 199 39.08 23.62 25.23
N PHE A 200 38.51 22.58 25.82
CA PHE A 200 38.26 22.56 27.25
C PHE A 200 38.99 21.37 27.82
N LEU A 201 39.84 21.57 28.81
CA LEU A 201 40.61 20.50 29.40
C LEU A 201 40.33 20.34 30.87
N GLU A 202 40.09 19.13 31.33
CA GLU A 202 39.80 18.88 32.72
C GLU A 202 40.83 17.99 33.35
N ILE A 203 41.41 18.40 34.47
CA ILE A 203 42.47 17.65 35.10
C ILE A 203 42.17 17.34 36.55
N TRP A 204 42.36 16.11 36.99
CA TRP A 204 42.17 15.75 38.38
C TRP A 204 43.51 15.28 38.91
N THR A 205 43.93 15.70 40.10
CA THR A 205 45.25 15.34 40.63
C THR A 205 45.22 14.76 42.04
N ASN A 206 46.30 14.13 42.45
CA ASN A 206 46.38 13.50 43.76
C ASN A 206 46.83 14.40 44.86
N GLY A 207 47.07 15.66 44.56
CA GLY A 207 47.47 16.61 45.56
C GLY A 207 48.95 16.82 45.65
N SER A 208 49.72 16.01 44.96
CA SER A 208 51.14 16.24 44.92
C SER A 208 51.38 17.53 44.19
N LEU A 209 50.63 17.79 43.14
CA LEU A 209 50.74 19.05 42.42
C LEU A 209 49.36 19.59 42.17
N THR A 210 49.25 20.89 41.93
CA THR A 210 47.95 21.47 41.58
C THR A 210 47.63 21.12 40.12
N PRO A 211 46.35 21.19 39.72
CA PRO A 211 46.02 20.93 38.31
C PRO A 211 46.68 21.94 37.38
N LYS A 212 46.75 23.20 37.79
CA LYS A 212 47.39 24.22 36.97
C LYS A 212 48.87 23.91 36.78
N GLU A 213 49.53 23.46 37.84
CA GLU A 213 50.94 23.09 37.75
C GLU A 213 51.12 21.92 36.79
N ALA A 214 50.22 20.95 36.87
CA ALA A 214 50.29 19.80 35.98
C ALA A 214 50.13 20.24 34.53
N LEU A 215 49.22 21.17 34.29
CA LEU A 215 49.00 21.68 32.95
C LEU A 215 50.29 22.25 32.39
N HIS A 216 50.94 23.10 33.17
CA HIS A 216 52.20 23.70 32.71
C HIS A 216 53.28 22.66 32.48
N GLU A 217 53.39 21.69 33.38
CA GLU A 217 54.43 20.68 33.25
C GLU A 217 54.25 19.87 31.98
N ALA A 218 53.01 19.51 31.66
CA ALA A 218 52.75 18.71 30.47
C ALA A 218 53.16 19.46 29.22
N SER A 219 52.88 20.76 29.18
CA SER A 219 53.25 21.56 28.02
C SER A 219 54.76 21.59 27.85
N ARG A 220 55.49 21.76 28.95
CA ARG A 220 56.96 21.75 28.88
C ARG A 220 57.50 20.39 28.44
N ASN A 221 56.92 19.32 28.95
CA ASN A 221 57.36 17.98 28.59
C ASN A 221 57.15 17.75 27.11
N LEU A 222 56.02 18.20 26.59
CA LEU A 222 55.74 18.05 25.17
C LEU A 222 56.74 18.80 24.32
N ILE A 223 57.09 20.02 24.72
CA ILE A 223 57.97 20.81 23.88
C ILE A 223 59.35 20.19 23.77
N ASP A 224 59.88 19.63 24.84
CA ASP A 224 61.16 18.96 24.78
C ASP A 224 61.19 17.75 23.94
N LEU A 225 60.10 17.06 23.76
CA LEU A 225 60.01 15.93 22.85
C LEU A 225 60.19 16.31 21.36
N PHE A 226 59.72 17.47 20.94
CA PHE A 226 59.80 17.89 19.54
C PHE A 226 60.95 18.80 19.21
N ILE A 227 61.70 19.23 20.19
CA ILE A 227 62.93 20.03 19.98
C ILE A 227 64.08 19.27 19.34
N PRO A 228 64.25 17.96 19.68
CA PRO A 228 65.27 17.21 18.97
C PRO A 228 65.30 17.24 17.44
N PHE A 229 64.16 17.34 16.79
CA PHE A 229 64.12 17.39 15.34
C PHE A 229 64.82 18.64 14.80
N LEU A 230 64.83 19.70 15.58
CA LEU A 230 65.42 20.96 15.11
C LEU A 230 66.92 21.10 15.38
N HIS A 231 67.51 20.14 16.10
CA HIS A 231 68.92 20.25 16.45
C HIS A 231 69.87 20.23 15.27
N MET A 232 70.89 21.08 15.30
CA MET A 232 71.88 21.14 14.23
C MET A 232 73.24 20.93 14.87
N GLU A 233 74.05 20.05 14.32
CA GLU A 233 75.35 19.75 14.92
C GLU A 233 76.50 20.55 14.31
N GLU A 234 77.62 20.61 15.00
CA GLU A 234 78.78 21.31 14.46
C GLU A 234 79.43 20.56 13.34
N ASP A 235 80.10 21.26 12.44
CA ASP A 235 80.70 20.61 11.28
C ASP A 235 82.20 20.71 11.25
N ASN A 236 82.87 19.60 10.95
CA ASN A 236 84.33 19.62 10.83
C ASN A 236 84.78 20.76 9.93
N ILE A 267 68.56 0.17 -19.38
CA ILE A 267 68.31 -1.20 -18.92
C ILE A 267 68.40 -2.22 -20.04
N ALA A 268 69.27 -1.99 -21.01
CA ALA A 268 69.48 -2.98 -22.05
C ALA A 268 70.11 -4.19 -21.42
N LEU A 269 70.87 -3.99 -20.35
CA LEU A 269 71.56 -5.06 -19.67
C LEU A 269 70.55 -6.08 -19.23
N LYS A 270 69.39 -5.63 -18.83
CA LYS A 270 68.37 -6.52 -18.32
C LYS A 270 68.03 -7.56 -19.38
N SER A 271 68.07 -7.17 -20.64
CA SER A 271 67.73 -8.10 -21.70
C SER A 271 68.88 -8.86 -22.33
N ILE A 272 70.06 -8.83 -21.72
CA ILE A 272 71.14 -9.66 -22.22
C ILE A 272 71.25 -10.79 -21.24
N PHE A 273 71.31 -12.02 -21.72
CA PHE A 273 71.32 -13.17 -20.86
C PHE A 273 72.65 -13.83 -21.00
N ILE A 274 73.07 -14.58 -20.01
CA ILE A 274 74.39 -15.16 -20.02
C ILE A 274 74.61 -16.13 -21.13
N ASP A 275 73.55 -16.69 -21.67
CA ASP A 275 73.67 -17.70 -22.70
C ASP A 275 74.36 -17.13 -23.90
N GLN A 276 74.07 -15.89 -24.20
CA GLN A 276 74.66 -15.20 -25.32
C GLN A 276 76.14 -14.86 -25.25
N SER A 277 76.62 -14.47 -24.09
CA SER A 277 78.03 -14.18 -23.93
C SER A 277 78.63 -15.52 -23.70
N GLU A 278 79.48 -15.98 -24.60
CA GLU A 278 79.96 -17.34 -24.48
C GLU A 278 80.73 -17.48 -23.22
N LEU A 279 80.45 -18.54 -22.48
CA LEU A 279 81.10 -18.78 -21.22
C LEU A 279 81.31 -20.26 -21.26
N PRO A 280 82.35 -20.74 -20.62
CA PRO A 280 82.60 -22.18 -20.62
C PRO A 280 81.57 -22.87 -19.79
N SER A 281 81.35 -24.16 -20.02
CA SER A 281 80.27 -24.86 -19.36
C SER A 281 80.30 -24.93 -17.88
N ARG A 282 81.45 -25.19 -17.31
CA ARG A 282 81.42 -25.34 -15.89
C ARG A 282 81.01 -24.06 -15.21
N ILE A 283 81.50 -22.93 -15.68
CA ILE A 283 81.05 -21.71 -15.08
C ILE A 283 79.59 -21.45 -15.30
N TYR A 284 79.06 -21.76 -16.49
CA TYR A 284 77.67 -21.49 -16.81
C TYR A 284 76.75 -22.28 -15.96
N ASN A 285 77.04 -23.54 -15.77
CA ASN A 285 76.18 -24.38 -14.99
C ASN A 285 76.16 -23.87 -13.58
N CYS A 286 77.30 -23.46 -13.07
CA CYS A 286 77.36 -22.91 -11.74
C CYS A 286 76.63 -21.63 -11.50
N LEU A 287 76.72 -20.70 -12.42
CA LEU A 287 76.00 -19.47 -12.28
C LEU A 287 74.51 -19.71 -12.32
N LYS A 288 74.04 -20.54 -13.22
CA LYS A 288 72.63 -20.82 -13.36
C LYS A 288 72.13 -21.52 -12.14
N MET A 289 72.99 -22.25 -11.47
CA MET A 289 72.63 -22.88 -10.22
C MET A 289 72.28 -21.85 -9.17
N SER A 290 73.01 -20.75 -9.13
CA SER A 290 72.80 -19.78 -8.10
C SER A 290 71.83 -18.68 -8.47
N ASN A 291 71.08 -18.84 -9.55
CA ASN A 291 70.06 -17.87 -9.94
C ASN A 291 70.52 -16.64 -10.64
N ILE A 292 71.72 -16.65 -11.16
CA ILE A 292 72.17 -15.53 -11.96
C ILE A 292 71.75 -15.88 -13.38
N TYR A 293 70.88 -15.11 -13.99
CA TYR A 293 70.42 -15.41 -15.31
C TYR A 293 70.75 -14.37 -16.34
N THR A 294 70.91 -13.10 -15.95
CA THR A 294 71.14 -12.00 -16.87
C THR A 294 72.36 -11.26 -16.46
N LEU A 295 72.90 -10.42 -17.32
CA LEU A 295 74.13 -9.70 -17.02
C LEU A 295 73.99 -8.78 -15.87
N LEU A 296 72.93 -8.00 -15.85
CA LEU A 296 72.71 -7.09 -14.76
C LEU A 296 73.03 -7.80 -13.49
N ASP A 297 72.61 -9.04 -13.37
CA ASP A 297 72.80 -9.77 -12.16
C ASP A 297 74.23 -10.08 -11.79
N LEU A 298 75.06 -10.41 -12.76
CA LEU A 298 76.47 -10.66 -12.47
C LEU A 298 77.12 -9.41 -11.93
N LEU A 299 76.76 -8.27 -12.46
CA LEU A 299 77.29 -7.02 -11.98
C LEU A 299 76.88 -6.78 -10.56
N ASN A 300 75.65 -7.11 -10.23
CA ASN A 300 75.17 -6.90 -8.89
C ASN A 300 75.98 -7.75 -7.93
N ASN A 301 76.35 -8.94 -8.34
CA ASN A 301 77.16 -9.79 -7.51
C ASN A 301 78.59 -9.35 -7.38
N SER A 302 79.26 -9.77 -6.31
CA SER A 302 80.61 -9.33 -6.04
C SER A 302 81.55 -10.49 -5.90
N GLN A 303 82.84 -10.23 -5.97
CA GLN A 303 83.81 -11.33 -5.99
C GLN A 303 83.73 -12.20 -4.77
N GLU A 304 83.52 -11.60 -3.63
CA GLU A 304 83.35 -12.40 -2.42
C GLU A 304 82.13 -13.28 -2.51
N ASP A 305 81.05 -12.76 -3.08
CA ASP A 305 79.82 -13.53 -3.17
C ASP A 305 80.00 -14.77 -4.01
N LEU A 306 80.76 -14.66 -5.09
CA LEU A 306 80.92 -15.78 -6.00
C LEU A 306 81.53 -16.98 -5.32
N MET A 307 82.48 -16.78 -4.44
CA MET A 307 83.16 -17.89 -3.81
C MET A 307 82.29 -18.71 -2.89
N LYS A 308 81.03 -18.37 -2.79
CA LYS A 308 80.12 -19.15 -1.98
C LYS A 308 79.46 -20.26 -2.81
N ILE A 309 79.11 -19.98 -4.07
CA ILE A 309 78.56 -21.03 -4.91
C ILE A 309 79.59 -22.13 -5.07
N GLU A 310 79.14 -23.37 -4.98
CA GLU A 310 80.05 -24.49 -5.00
C GLU A 310 80.49 -24.96 -6.34
N HIS A 311 81.73 -25.47 -6.44
CA HIS A 311 82.30 -25.98 -7.68
C HIS A 311 82.93 -24.86 -8.47
N PHE A 312 82.86 -23.64 -7.95
CA PHE A 312 83.44 -22.47 -8.61
C PHE A 312 84.95 -22.31 -8.31
N ARG A 313 85.69 -21.68 -9.21
CA ARG A 313 87.12 -21.51 -8.99
C ARG A 313 87.59 -20.07 -9.20
N SER A 314 88.60 -19.64 -8.47
CA SER A 314 89.06 -18.25 -8.56
C SER A 314 89.54 -17.92 -9.96
N GLU A 315 90.14 -18.88 -10.63
CA GLU A 315 90.60 -18.65 -11.99
C GLU A 315 89.43 -18.30 -12.83
N ASP A 316 88.28 -18.94 -12.56
CA ASP A 316 87.07 -18.71 -13.31
C ASP A 316 86.61 -17.29 -13.16
N VAL A 317 86.80 -16.70 -11.98
CA VAL A 317 86.44 -15.31 -11.77
C VAL A 317 87.27 -14.47 -12.69
N LYS A 318 88.52 -14.85 -12.91
CA LYS A 318 89.31 -14.12 -13.88
C LYS A 318 88.75 -14.25 -15.28
N ARG A 319 88.36 -15.47 -15.66
CA ARG A 319 87.82 -15.72 -17.00
C ARG A 319 86.54 -14.94 -17.26
N ILE A 320 85.65 -14.86 -16.26
CA ILE A 320 84.46 -14.07 -16.43
C ILE A 320 84.83 -12.61 -16.64
N LEU A 321 85.85 -12.15 -15.92
CA LEU A 321 86.29 -10.77 -16.12
C LEU A 321 86.77 -10.58 -17.55
N GLY A 322 87.51 -11.55 -18.08
CA GLY A 322 88.01 -11.46 -19.43
C GLY A 322 86.91 -11.44 -20.46
N ILE A 323 85.88 -12.27 -20.26
CA ILE A 323 84.76 -12.28 -21.18
C ILE A 323 84.04 -10.94 -21.16
N LEU A 324 83.84 -10.38 -19.98
CA LEU A 324 83.25 -9.08 -19.89
C LEU A 324 84.14 -8.03 -20.50
N GLU A 325 85.45 -8.19 -20.33
CA GLU A 325 86.37 -7.17 -20.79
C GLU A 325 86.25 -6.94 -22.27
N LYS A 326 86.05 -8.02 -23.01
CA LYS A 326 85.92 -7.88 -24.44
C LYS A 326 84.72 -7.01 -24.82
N TYR A 327 83.61 -7.10 -24.07
CA TYR A 327 82.36 -6.37 -24.42
C TYR A 327 82.21 -6.05 -25.89
N ARG B 11 74.42 13.28 20.78
CA ARG B 11 74.23 13.10 22.19
C ARG B 11 73.64 11.76 22.41
N THR B 12 72.69 11.66 23.32
CA THR B 12 72.01 10.40 23.45
C THR B 12 71.06 10.32 22.25
N LEU B 13 70.03 11.17 22.20
CA LEU B 13 69.09 11.14 21.10
C LEU B 13 69.66 11.71 19.85
N GLN B 14 69.63 10.94 18.77
CA GLN B 14 70.13 11.40 17.49
C GLN B 14 69.14 11.17 16.38
N TRP B 15 69.08 12.05 15.39
CA TRP B 15 68.20 11.86 14.26
C TRP B 15 68.96 11.88 12.95
N LYS B 16 68.46 11.20 11.92
CA LYS B 16 69.11 11.20 10.63
C LYS B 16 68.20 10.92 9.49
N CYS B 17 68.60 11.26 8.26
CA CYS B 17 67.85 10.85 7.10
C CYS B 17 68.46 9.62 6.50
N VAL B 18 67.84 8.48 6.67
CA VAL B 18 68.24 7.20 6.15
C VAL B 18 68.09 7.02 4.64
N GLU B 19 67.05 7.56 4.03
CA GLU B 19 66.83 7.52 2.58
C GLU B 19 66.20 8.75 1.98
N SER B 20 66.60 9.18 0.80
CA SER B 20 65.96 10.29 0.11
C SER B 20 65.86 10.06 -1.37
N ARG B 21 64.69 10.21 -1.98
CA ARG B 21 64.50 9.95 -3.40
C ARG B 21 63.63 10.97 -4.11
N THR B 22 63.85 11.21 -5.39
CA THR B 22 62.97 12.08 -6.16
C THR B 22 62.46 11.27 -7.30
N ASP B 23 61.30 10.67 -7.16
CA ASP B 23 60.70 9.85 -8.19
C ASP B 23 60.25 10.56 -9.43
N SER B 24 59.70 11.73 -9.26
CA SER B 24 59.20 12.48 -10.37
C SER B 24 59.39 13.88 -9.91
N LYS B 25 59.18 14.85 -10.77
CA LYS B 25 59.26 16.21 -10.32
C LYS B 25 58.16 16.55 -9.35
N ARG B 26 57.05 15.83 -9.41
CA ARG B 26 55.99 16.06 -8.46
C ARG B 26 55.90 15.06 -7.31
N LEU B 27 56.83 14.12 -7.18
CA LEU B 27 56.83 13.23 -6.04
C LEU B 27 58.17 13.14 -5.38
N TYR B 28 58.23 13.28 -4.07
CA TYR B 28 59.48 13.20 -3.36
C TYR B 28 59.29 12.30 -2.18
N TYR B 29 60.33 11.61 -1.74
CA TYR B 29 60.27 10.72 -0.61
C TYR B 29 61.39 10.88 0.37
N GLY B 30 61.15 10.59 1.66
CA GLY B 30 62.20 10.64 2.67
C GLY B 30 61.91 9.78 3.86
N ARG B 31 62.90 9.13 4.44
CA ARG B 31 62.72 8.32 5.64
C ARG B 31 63.69 8.77 6.69
N PHE B 32 63.25 8.86 7.93
CA PHE B 32 64.10 9.37 9.01
C PHE B 32 64.09 8.45 10.22
N ILE B 33 65.15 8.48 11.04
CA ILE B 33 65.26 7.63 12.22
C ILE B 33 65.48 8.46 13.47
N LEU B 34 65.01 7.99 14.63
CA LEU B 34 65.19 8.74 15.86
C LEU B 34 65.70 8.14 17.16
N PRO B 36 67.54 6.56 20.79
CA PRO B 36 66.93 5.66 21.75
C PRO B 36 65.91 6.46 22.49
N LEU B 37 64.64 6.13 22.42
CA LEU B 37 63.61 6.92 23.03
C LEU B 37 63.06 6.11 24.16
N MET B 38 62.48 6.75 25.16
CA MET B 38 61.97 6.03 26.31
C MET B 38 60.73 5.26 26.00
N LYS B 39 60.15 4.61 26.98
CA LYS B 39 59.05 3.71 26.71
C LYS B 39 57.75 4.21 26.09
N GLY B 40 57.17 5.30 26.52
CA GLY B 40 55.97 5.73 25.85
C GLY B 40 56.12 6.88 24.90
N GLN B 41 57.31 7.41 24.79
CA GLN B 41 57.53 8.59 24.02
C GLN B 41 57.28 8.49 22.54
N ALA B 42 57.62 7.38 21.93
CA ALA B 42 57.49 7.26 20.49
C ALA B 42 56.10 7.38 19.94
N ASP B 43 55.12 6.81 20.61
CA ASP B 43 53.77 6.91 20.18
C ASP B 43 53.25 8.33 20.18
N THR B 44 53.61 9.10 21.19
CA THR B 44 53.16 10.47 21.28
C THR B 44 53.79 11.30 20.19
N ILE B 45 55.04 11.07 19.89
CA ILE B 45 55.69 11.80 18.85
C ILE B 45 55.14 11.46 17.50
N GLY B 46 54.88 10.19 17.22
CA GLY B 46 54.36 9.76 15.97
C GLY B 46 53.00 10.21 15.59
N ILE B 47 52.05 10.15 16.50
CA ILE B 47 50.72 10.63 16.25
C ILE B 47 50.60 12.10 16.05
N ALA B 48 51.31 12.89 16.82
CA ALA B 48 51.35 14.29 16.67
C ALA B 48 51.98 14.72 15.39
N MET B 49 53.04 14.10 14.98
CA MET B 49 53.63 14.39 13.71
C MET B 49 52.78 14.06 12.53
N ARG B 50 52.05 12.97 12.50
CA ARG B 50 51.15 12.67 11.44
C ARG B 50 50.07 13.67 11.31
N ARG B 51 49.45 14.05 12.40
CA ARG B 51 48.39 14.97 12.38
C ARG B 51 48.83 16.32 11.96
N ALA B 52 50.00 16.76 12.35
CA ALA B 52 50.59 17.99 11.83
C ALA B 52 51.04 17.99 10.39
N LEU B 53 51.65 16.95 9.92
CA LEU B 53 52.04 16.87 8.55
C LEU B 53 50.86 16.82 7.59
N LEU B 54 49.81 16.12 7.96
CA LEU B 54 48.64 16.02 7.13
C LEU B 54 47.64 16.88 7.81
N GLY B 55 47.66 18.18 7.60
CA GLY B 55 46.76 19.02 8.34
C GLY B 55 47.18 20.41 8.75
N GLU B 56 48.43 20.61 9.11
CA GLU B 56 48.88 21.90 9.56
C GLU B 56 49.87 22.64 8.68
N ILE B 57 50.14 22.17 7.47
CA ILE B 57 51.14 22.82 6.64
C ILE B 57 50.41 23.50 5.52
N GLU B 58 50.81 24.70 5.16
CA GLU B 58 50.12 25.46 4.15
C GLU B 58 50.75 25.43 2.79
N GLY B 59 50.03 25.82 1.76
CA GLY B 59 50.54 25.81 0.42
C GLY B 59 49.92 26.82 -0.49
N THR B 60 50.48 27.01 -1.66
CA THR B 60 50.01 28.01 -2.58
C THR B 60 49.41 27.49 -3.85
N CYS B 61 48.28 28.04 -4.29
CA CYS B 61 47.57 27.54 -5.47
C CYS B 61 46.82 28.61 -6.26
N ILE B 62 46.49 28.35 -7.51
CA ILE B 62 45.71 29.28 -8.30
C ILE B 62 44.27 29.25 -7.85
N THR B 63 43.65 30.40 -7.64
CA THR B 63 42.29 30.45 -7.13
C THR B 63 41.19 31.01 -8.03
N ARG B 64 41.53 31.84 -9.02
CA ARG B 64 40.54 32.37 -9.94
C ARG B 64 41.17 32.55 -11.31
N VAL B 65 40.41 32.40 -12.39
CA VAL B 65 40.93 32.53 -13.74
C VAL B 65 40.08 33.47 -14.57
N LYS B 66 40.67 34.32 -15.40
CA LYS B 66 39.91 35.20 -16.28
C LYS B 66 40.05 34.88 -17.75
N SER B 67 39.03 34.26 -18.34
CA SER B 67 39.09 33.86 -19.73
C SER B 67 38.34 34.96 -20.37
N GLU B 68 38.94 35.61 -21.35
CA GLU B 68 38.32 36.80 -21.95
C GLU B 68 37.03 36.76 -22.74
N LYS B 69 36.87 35.84 -23.64
CA LYS B 69 35.67 35.90 -24.45
C LYS B 69 34.92 34.57 -24.59
N VAL B 70 34.32 34.11 -23.51
CA VAL B 70 33.64 32.82 -23.52
C VAL B 70 32.27 33.01 -22.92
N PRO B 71 31.25 32.40 -23.51
CA PRO B 71 29.96 32.55 -22.84
C PRO B 71 29.88 31.90 -21.46
N HIS B 72 30.40 30.70 -21.30
CA HIS B 72 30.30 29.95 -20.03
C HIS B 72 31.40 28.92 -19.96
N GLU B 73 31.47 28.11 -18.92
CA GLU B 73 32.52 27.11 -18.75
C GLU B 73 32.29 25.80 -19.45
N TYR B 74 31.11 25.57 -19.94
CA TYR B 74 30.76 24.31 -20.54
C TYR B 74 30.70 24.50 -22.01
N SER B 75 31.33 25.54 -22.48
CA SER B 75 31.37 25.83 -23.88
C SER B 75 32.59 25.25 -24.45
N THR B 76 32.93 25.66 -25.65
CA THR B 76 34.07 25.13 -26.34
C THR B 76 34.61 26.22 -27.17
N ILE B 77 35.87 26.10 -27.57
CA ILE B 77 36.50 27.17 -28.32
C ILE B 77 37.26 26.52 -29.46
N THR B 78 37.36 27.18 -30.59
CA THR B 78 38.03 26.59 -31.73
C THR B 78 39.51 26.65 -31.66
N GLY B 79 40.18 25.60 -32.11
CA GLY B 79 41.61 25.55 -32.07
C GLY B 79 42.16 24.96 -30.79
N ILE B 80 41.29 24.69 -29.83
CA ILE B 80 41.70 24.10 -28.60
C ILE B 80 40.94 22.80 -28.49
N GLN B 81 41.63 21.72 -28.20
CA GLN B 81 41.00 20.44 -28.11
C GLN B 81 40.14 20.23 -26.88
N GLU B 82 40.15 21.14 -25.92
CA GLU B 82 39.45 20.93 -24.68
C GLU B 82 38.46 22.00 -24.41
N SER B 83 37.45 21.70 -23.64
CA SER B 83 36.47 22.69 -23.25
C SER B 83 37.02 23.56 -22.18
N VAL B 84 36.29 24.58 -21.81
CA VAL B 84 36.74 25.47 -20.76
C VAL B 84 36.74 24.75 -19.43
N HIS B 85 35.84 23.85 -19.19
CA HIS B 85 35.85 23.10 -17.97
C HIS B 85 37.11 22.26 -17.83
N GLU B 86 37.55 21.62 -18.89
CA GLU B 86 38.77 20.87 -18.88
C GLU B 86 40.02 21.67 -18.67
N ILE B 87 40.12 22.86 -19.25
CA ILE B 87 41.25 23.72 -18.99
C ILE B 87 41.29 24.12 -17.55
N LEU B 88 40.16 24.44 -16.98
CA LEU B 88 40.09 24.79 -15.59
C LEU B 88 40.49 23.68 -14.66
N MET B 89 40.13 22.45 -14.94
CA MET B 89 40.56 21.32 -14.15
C MET B 89 42.03 21.08 -14.21
N ASN B 90 42.64 21.34 -15.35
CA ASN B 90 44.06 21.16 -15.52
C ASN B 90 44.82 22.17 -14.74
N LEU B 91 44.30 23.38 -14.65
CA LEU B 91 44.93 24.40 -13.84
C LEU B 91 44.90 24.08 -12.35
N LYS B 92 43.81 23.50 -11.87
CA LYS B 92 43.69 23.13 -10.46
C LYS B 92 44.79 22.20 -10.02
N GLU B 93 45.50 21.61 -10.97
CA GLU B 93 46.57 20.72 -10.67
C GLU B 93 47.97 21.27 -10.74
N ILE B 94 48.15 22.56 -10.84
CA ILE B 94 49.49 23.15 -11.00
C ILE B 94 50.16 23.39 -9.67
N ILE B 95 51.45 23.07 -9.53
CA ILE B 95 52.19 23.20 -8.27
C ILE B 95 53.03 24.44 -8.17
N LEU B 96 52.90 25.21 -7.09
CA LEU B 96 53.58 26.48 -6.92
C LEU B 96 54.21 26.62 -5.55
N ARG B 97 55.25 27.43 -5.41
CA ARG B 97 55.94 27.67 -4.14
C ARG B 97 56.08 29.12 -3.73
N SER B 98 55.59 29.51 -2.56
CA SER B 98 55.70 30.87 -2.07
C SER B 98 55.67 30.91 -0.56
N ASN B 99 56.28 31.91 0.07
CA ASN B 99 56.31 32.04 1.51
C ASN B 99 55.50 33.18 2.07
N LEU B 100 54.76 33.91 1.24
CA LEU B 100 54.07 35.11 1.69
C LEU B 100 52.61 35.15 1.45
N TYR B 101 51.89 35.91 2.23
CA TYR B 101 50.47 35.92 2.18
C TYR B 101 49.86 37.02 1.40
N GLY B 102 48.62 36.86 0.99
CA GLY B 102 47.99 37.83 0.14
C GLY B 102 47.74 37.31 -1.26
N THR B 103 47.14 38.11 -2.13
CA THR B 103 46.81 37.66 -3.46
C THR B 103 47.77 38.23 -4.46
N SER B 104 48.11 37.48 -5.49
CA SER B 104 49.05 37.94 -6.50
C SER B 104 48.51 37.63 -7.86
N ASP B 105 48.99 38.31 -8.89
CA ASP B 105 48.44 38.12 -10.22
C ASP B 105 49.45 37.66 -11.24
N ALA B 106 49.02 36.79 -12.14
CA ALA B 106 49.92 36.26 -13.16
C ALA B 106 49.16 36.00 -14.44
N SER B 107 49.86 35.79 -15.54
CA SER B 107 49.19 35.62 -16.83
C SER B 107 49.79 34.64 -17.80
N ILE B 108 48.99 34.18 -18.77
CA ILE B 108 49.51 33.29 -19.82
C ILE B 108 49.19 33.93 -21.16
N CYS B 109 50.12 33.91 -22.12
CA CYS B 109 49.90 34.53 -23.43
C CYS B 109 50.56 33.87 -24.64
N VAL B 110 50.54 32.55 -24.73
CA VAL B 110 51.11 31.83 -25.87
C VAL B 110 50.23 31.86 -27.11
N LYS B 111 50.83 31.74 -28.29
CA LYS B 111 50.07 31.74 -29.54
C LYS B 111 50.50 30.67 -30.52
N GLY B 112 49.62 30.28 -31.41
CA GLY B 112 50.02 29.34 -32.43
C GLY B 112 49.80 27.88 -32.20
N PRO B 113 50.08 27.07 -33.20
CA PRO B 113 49.85 25.67 -32.90
C PRO B 113 50.83 25.16 -31.84
N GLY B 114 50.39 24.33 -30.92
CA GLY B 114 51.30 23.77 -29.94
C GLY B 114 50.66 23.39 -28.62
N SER B 115 51.43 23.44 -27.55
CA SER B 115 50.90 23.10 -26.25
C SER B 115 51.18 24.22 -25.29
N VAL B 116 50.18 24.60 -24.51
CA VAL B 116 50.44 25.59 -23.49
C VAL B 116 50.75 24.81 -22.24
N THR B 117 51.94 25.00 -21.69
CA THR B 117 52.35 24.25 -20.52
C THR B 117 52.67 25.22 -19.42
N ALA B 118 53.09 24.71 -18.27
CA ALA B 118 53.32 25.56 -17.12
C ALA B 118 54.37 26.61 -17.33
N GLN B 119 55.34 26.35 -18.18
CA GLN B 119 56.40 27.31 -18.38
C GLN B 119 55.82 28.61 -18.87
N ASP B 120 54.81 28.54 -19.70
CA ASP B 120 54.22 29.75 -20.27
C ASP B 120 53.59 30.74 -19.32
N ILE B 121 53.39 30.36 -18.07
CA ILE B 121 52.88 31.31 -17.11
C ILE B 121 53.95 32.31 -16.76
N ILE B 122 53.61 33.59 -16.69
CA ILE B 122 54.57 34.59 -16.27
C ILE B 122 54.21 34.88 -14.84
N LEU B 123 55.19 34.87 -13.96
CA LEU B 123 54.87 35.00 -12.55
C LEU B 123 55.41 36.24 -11.85
N PRO B 124 54.89 36.57 -10.65
CA PRO B 124 55.50 37.67 -9.91
C PRO B 124 56.81 37.24 -9.30
N PRO B 125 57.52 38.16 -8.65
CA PRO B 125 58.81 37.72 -8.12
C PRO B 125 58.80 36.65 -7.02
N TYR B 126 57.90 36.74 -6.05
CA TYR B 126 57.79 35.74 -4.97
C TYR B 126 57.32 34.31 -5.27
N VAL B 127 56.37 34.12 -6.17
CA VAL B 127 55.91 32.81 -6.54
C VAL B 127 56.75 32.12 -7.60
N GLU B 128 56.97 30.81 -7.48
CA GLU B 128 57.75 30.05 -8.44
C GLU B 128 57.10 28.73 -8.80
N ILE B 129 57.14 28.33 -10.06
CA ILE B 129 56.61 27.03 -10.45
C ILE B 129 57.57 25.93 -10.14
N VAL B 130 57.06 24.71 -10.02
CA VAL B 130 57.92 23.58 -9.75
C VAL B 130 58.12 22.65 -10.94
N ASP B 131 57.05 22.11 -11.52
CA ASP B 131 57.20 21.11 -12.61
C ASP B 131 57.74 21.51 -13.96
N ASN B 132 57.24 22.59 -14.55
CA ASN B 132 57.73 23.11 -15.84
C ASN B 132 57.24 22.31 -17.02
N THR B 133 56.57 21.20 -16.76
CA THR B 133 56.12 20.35 -17.83
C THR B 133 54.64 20.05 -17.77
N GLN B 134 53.94 20.57 -16.76
CA GLN B 134 52.53 20.26 -16.61
C GLN B 134 51.71 20.82 -17.73
N HIS B 135 50.72 20.07 -18.21
CA HIS B 135 49.94 20.49 -19.36
C HIS B 135 48.67 21.23 -19.06
N ILE B 136 48.49 22.41 -19.62
CA ILE B 136 47.27 23.16 -19.44
C ILE B 136 46.26 22.94 -20.58
N ALA B 137 46.69 23.08 -21.81
CA ALA B 137 45.82 22.87 -22.98
C ALA B 137 46.55 22.43 -24.23
N SER B 138 45.81 21.88 -25.19
CA SER B 138 46.39 21.46 -26.47
C SER B 138 45.86 22.34 -27.56
N LEU B 139 46.75 23.04 -28.26
CA LEU B 139 46.34 24.01 -29.29
C LEU B 139 46.67 23.52 -30.70
N THR B 140 45.68 23.41 -31.57
CA THR B 140 45.89 22.88 -32.91
C THR B 140 45.61 23.75 -34.11
N GLU B 141 45.58 25.05 -33.95
CA GLU B 141 45.39 25.93 -35.08
C GLU B 141 46.17 27.16 -34.75
N PRO B 142 46.29 28.07 -35.70
CA PRO B 142 47.02 29.27 -35.26
C PRO B 142 46.10 30.18 -34.51
N ILE B 143 46.10 30.12 -33.19
CA ILE B 143 45.17 30.87 -32.36
C ILE B 143 45.90 31.68 -31.30
N ASP B 144 45.24 32.62 -30.65
CA ASP B 144 45.86 33.33 -29.54
C ASP B 144 45.23 32.97 -28.19
N PHE B 145 46.03 32.50 -27.22
CA PHE B 145 45.51 32.11 -25.90
C PHE B 145 45.97 33.11 -24.86
N CYS B 146 45.03 33.83 -24.26
CA CYS B 146 45.36 34.81 -23.23
C CYS B 146 44.49 34.63 -21.99
N ILE B 147 45.10 34.41 -20.84
CA ILE B 147 44.34 34.16 -19.62
C ILE B 147 44.95 34.90 -18.44
N GLY B 148 44.14 35.23 -17.45
CA GLY B 148 44.65 35.93 -16.27
C GLY B 148 44.44 35.09 -15.04
N LEU B 149 45.42 35.01 -14.14
CA LEU B 149 45.32 34.12 -12.99
C LEU B 149 45.58 34.78 -11.64
N GLN B 150 44.94 34.31 -10.58
CA GLN B 150 45.20 34.82 -9.23
C GLN B 150 45.71 33.74 -8.30
N ILE B 151 46.75 33.99 -7.54
CA ILE B 151 47.37 32.97 -6.70
C ILE B 151 47.33 33.36 -5.23
N GLU B 152 47.12 32.39 -4.33
CA GLU B 152 47.07 32.67 -2.90
C GLU B 152 47.74 31.60 -2.06
N ARG B 153 48.02 31.87 -0.77
CA ARG B 153 48.59 30.90 0.14
C ARG B 153 47.61 30.78 1.26
N ASN B 154 47.23 29.58 1.65
CA ASN B 154 46.22 29.38 2.66
C ASN B 154 46.35 27.96 3.12
N ARG B 155 45.42 27.47 3.91
CA ARG B 155 45.44 26.11 4.43
C ARG B 155 44.18 25.35 4.13
N GLY B 156 44.26 24.03 4.04
CA GLY B 156 43.05 23.24 3.84
C GLY B 156 42.51 23.27 2.43
N TYR B 157 41.19 23.29 2.31
CA TYR B 157 40.58 23.34 1.00
C TYR B 157 39.52 24.39 0.94
N LEU B 158 39.27 24.93 -0.24
CA LEU B 158 38.31 26.01 -0.37
C LEU B 158 37.10 25.62 -1.14
N ILE B 159 35.93 25.91 -0.61
CA ILE B 159 34.71 25.67 -1.37
C ILE B 159 34.57 26.86 -2.31
N LYS B 160 33.99 26.66 -3.48
CA LYS B 160 33.87 27.75 -4.44
C LYS B 160 32.64 28.58 -4.11
N THR B 161 32.71 29.31 -3.01
CA THR B 161 31.58 30.14 -2.57
C THR B 161 31.14 31.30 -3.48
N PRO B 162 32.09 32.04 -4.09
CA PRO B 162 31.58 33.14 -4.89
C PRO B 162 31.19 32.70 -6.29
N HIS B 163 30.05 32.06 -6.44
CA HIS B 163 29.56 31.69 -7.76
C HIS B 163 29.30 32.96 -8.52
N ASN B 164 28.73 33.96 -7.84
CA ASN B 164 28.53 35.25 -8.48
C ASN B 164 29.92 35.76 -8.78
N PHE B 165 30.12 36.30 -9.97
CA PHE B 165 31.48 36.69 -10.34
C PHE B 165 31.56 37.86 -11.31
N GLN B 166 32.74 38.48 -11.39
CA GLN B 166 32.94 39.54 -12.37
C GLN B 166 32.97 38.86 -13.72
N ASP B 167 32.65 39.59 -14.77
CA ASP B 167 32.56 38.93 -16.08
C ASP B 167 33.87 38.26 -16.46
N GLY B 168 33.77 37.02 -16.93
CA GLY B 168 34.96 36.30 -17.35
C GLY B 168 35.75 35.60 -16.25
N SER B 169 35.32 35.71 -15.00
CA SER B 169 36.07 35.12 -13.91
C SER B 169 35.38 33.88 -13.36
N TYR B 170 36.11 32.78 -13.22
CA TYR B 170 35.54 31.57 -12.74
C TYR B 170 36.45 31.08 -11.65
N PRO B 171 35.90 30.60 -10.55
CA PRO B 171 36.75 30.04 -9.49
C PRO B 171 37.10 28.54 -9.56
N ILE B 172 38.15 28.01 -8.89
CA ILE B 172 38.49 26.60 -8.83
C ILE B 172 38.76 26.23 -7.38
N ASP B 173 38.29 25.05 -6.98
CA ASP B 173 38.45 24.58 -5.60
C ASP B 173 39.85 24.02 -5.44
N ALA B 174 40.60 24.85 -4.72
CA ALA B 174 41.97 24.57 -4.51
C ALA B 174 42.18 23.80 -3.30
N VAL B 175 43.16 22.92 -3.35
CA VAL B 175 43.50 22.17 -2.21
C VAL B 175 44.88 22.63 -1.95
N PHE B 176 45.12 23.13 -0.76
CA PHE B 176 46.37 23.73 -0.44
C PHE B 176 47.32 22.85 0.34
N MET B 177 47.07 21.56 0.42
CA MET B 177 47.89 20.65 1.22
C MET B 177 49.13 20.16 0.49
N PRO B 178 50.30 20.43 1.04
CA PRO B 178 51.52 20.06 0.31
C PRO B 178 52.08 18.67 0.57
N VAL B 179 51.52 17.90 1.48
CA VAL B 179 52.04 16.59 1.81
C VAL B 179 51.09 15.52 1.38
N ARG B 180 51.49 14.68 0.48
CA ARG B 180 50.66 13.64 -0.01
C ARG B 180 50.37 12.50 0.95
N ASN B 181 51.36 11.98 1.68
CA ASN B 181 51.15 10.88 2.58
C ASN B 181 52.19 10.79 3.67
N ALA B 182 51.93 10.04 4.73
CA ALA B 182 52.87 9.83 5.82
C ALA B 182 52.73 8.50 6.51
N ASN B 183 53.78 7.94 7.09
CA ASN B 183 53.70 6.73 7.87
C ASN B 183 54.73 6.71 8.97
N HIS B 184 54.54 5.93 10.00
CA HIS B 184 55.49 5.77 11.08
C HIS B 184 55.53 4.35 11.64
N SER B 185 56.63 3.95 12.28
CA SER B 185 56.80 2.62 12.85
C SER B 185 57.61 2.68 14.10
N ILE B 186 57.34 1.82 15.08
CA ILE B 186 58.06 1.78 16.34
C ILE B 186 58.59 0.40 16.63
N HIS B 187 59.86 0.26 16.98
CA HIS B 187 60.51 -1.02 17.18
C HIS B 187 61.29 -1.01 18.44
N SER B 188 61.67 -2.17 18.98
CA SER B 188 62.39 -2.25 20.24
C SER B 188 63.89 -2.18 20.15
N TYR B 189 64.53 -1.46 21.06
CA TYR B 189 65.99 -1.31 21.06
C TYR B 189 66.64 -2.44 21.79
N GLY B 190 65.86 -3.30 22.40
CA GLY B 190 66.41 -4.45 23.07
C GLY B 190 67.39 -4.19 24.18
N ASN B 191 67.07 -3.24 25.04
CA ASN B 191 67.98 -2.86 26.12
C ASN B 191 67.65 -3.55 27.44
N GLY B 192 66.80 -4.57 27.39
CA GLY B 192 66.43 -5.25 28.61
C GLY B 192 65.59 -4.48 29.59
N ASN B 193 66.09 -4.28 30.80
CA ASN B 193 65.27 -3.65 31.83
C ASN B 193 64.79 -2.26 31.46
N GLU B 194 65.65 -1.44 30.87
CA GLU B 194 65.20 -0.15 30.40
C GLU B 194 64.59 -0.43 29.06
N LYS B 195 63.37 -0.01 28.83
CA LYS B 195 62.75 -0.34 27.59
C LYS B 195 62.89 0.87 26.73
N GLN B 196 63.72 0.77 25.71
CA GLN B 196 63.95 1.89 24.85
C GLN B 196 63.47 1.52 23.48
N GLU B 197 63.19 2.48 22.64
CA GLU B 197 62.62 2.18 21.34
C GLU B 197 63.19 3.01 20.23
N ILE B 198 63.02 2.59 18.99
CA ILE B 198 63.50 3.33 17.84
C ILE B 198 62.31 3.74 17.01
N LEU B 199 62.25 4.98 16.57
CA LEU B 199 61.16 5.44 15.72
C LEU B 199 61.62 5.71 14.32
N PHE B 200 60.78 5.42 13.33
CA PHE B 200 61.08 5.70 11.96
C PHE B 200 59.91 6.46 11.38
N LEU B 201 60.12 7.50 10.60
CA LEU B 201 59.05 8.23 9.92
C LEU B 201 59.29 8.33 8.46
N GLU B 202 58.28 8.25 7.62
CA GLU B 202 58.39 8.41 6.19
C GLU B 202 57.45 9.42 5.65
N ILE B 203 57.87 10.28 4.75
CA ILE B 203 57.05 11.36 4.23
C ILE B 203 57.10 11.45 2.74
N TRP B 204 55.95 11.71 2.11
CA TRP B 204 55.86 11.84 0.66
C TRP B 204 55.35 13.24 0.39
N THR B 205 55.99 13.96 -0.53
CA THR B 205 55.60 15.34 -0.80
C THR B 205 55.38 15.64 -2.28
N ASN B 206 54.64 16.70 -2.57
CA ASN B 206 54.38 17.09 -3.95
C ASN B 206 55.59 17.78 -4.60
N GLY B 207 56.61 18.04 -3.81
CA GLY B 207 57.80 18.71 -4.32
C GLY B 207 57.80 20.21 -4.11
N SER B 208 56.71 20.76 -3.59
CA SER B 208 56.71 22.19 -3.26
C SER B 208 57.74 22.36 -2.16
N LEU B 209 57.79 21.42 -1.23
CA LEU B 209 58.79 21.47 -0.16
C LEU B 209 59.39 20.08 0.03
N THR B 210 60.63 20.03 0.52
CA THR B 210 61.27 18.74 0.76
C THR B 210 60.64 18.06 1.98
N PRO B 211 60.74 16.73 2.06
CA PRO B 211 60.21 16.03 3.24
C PRO B 211 60.89 16.48 4.52
N LYS B 212 62.20 16.72 4.49
CA LYS B 212 62.90 17.22 5.67
C LYS B 212 62.38 18.60 6.08
N GLU B 213 62.11 19.47 5.11
CA GLU B 213 61.54 20.78 5.43
C GLU B 213 60.16 20.62 6.05
N ALA B 214 59.37 19.68 5.54
CA ALA B 214 58.05 19.42 6.11
C ALA B 214 58.20 18.94 7.54
N LEU B 215 59.20 18.11 7.80
CA LEU B 215 59.44 17.61 9.16
C LEU B 215 59.74 18.75 10.11
N HIS B 216 60.55 19.72 9.65
CA HIS B 216 60.88 20.86 10.50
C HIS B 216 59.71 21.80 10.67
N GLU B 217 59.02 22.13 9.57
CA GLU B 217 57.86 22.98 9.67
C GLU B 217 56.82 22.42 10.60
N ALA B 218 56.63 21.11 10.59
CA ALA B 218 55.67 20.49 11.48
C ALA B 218 56.07 20.62 12.93
N SER B 219 57.32 20.42 13.26
CA SER B 219 57.78 20.61 14.60
C SER B 219 57.60 22.02 15.12
N ARG B 220 57.90 23.04 14.35
CA ARG B 220 57.68 24.39 14.75
C ARG B 220 56.24 24.72 14.95
N ASN B 221 55.38 24.26 14.09
CA ASN B 221 53.98 24.49 14.20
C ASN B 221 53.40 23.86 15.42
N LEU B 222 53.86 22.69 15.80
CA LEU B 222 53.44 22.06 17.04
C LEU B 222 53.86 22.77 18.29
N ILE B 223 55.06 23.29 18.38
CA ILE B 223 55.51 24.06 19.52
C ILE B 223 54.69 25.34 19.66
N ASP B 224 54.30 25.96 18.59
CA ASP B 224 53.48 27.15 18.62
C ASP B 224 52.10 26.92 19.06
N LEU B 225 51.66 25.69 19.12
CA LEU B 225 50.35 25.35 19.62
C LEU B 225 50.36 24.92 21.06
N PHE B 226 51.53 24.64 21.61
CA PHE B 226 51.66 24.24 23.00
C PHE B 226 52.31 25.32 23.84
N ILE B 227 52.95 26.30 23.23
CA ILE B 227 53.58 27.44 23.91
C ILE B 227 52.61 28.40 24.54
N PRO B 228 51.40 28.59 23.95
CA PRO B 228 50.52 29.52 24.65
C PRO B 228 50.30 29.26 26.11
N PHE B 229 50.30 28.03 26.55
CA PHE B 229 49.99 27.72 27.92
C PHE B 229 50.98 28.30 28.91
N LEU B 230 52.21 28.49 28.48
CA LEU B 230 53.24 29.00 29.37
C LEU B 230 53.27 30.51 29.49
N HIS B 231 52.37 31.22 28.82
CA HIS B 231 52.26 32.68 28.94
C HIS B 231 51.42 32.92 30.16
N MET B 232 51.15 34.16 30.46
CA MET B 232 50.35 34.48 31.62
C MET B 232 48.88 34.34 31.37
N GLU B 233 48.11 34.01 32.40
CA GLU B 233 46.71 33.76 32.22
C GLU B 233 46.01 35.01 31.86
N GLU B 234 44.96 34.90 31.08
CA GLU B 234 44.18 36.06 30.75
C GLU B 234 43.16 36.24 31.83
N ASP B 235 43.10 37.43 32.39
CA ASP B 235 42.14 37.73 33.43
C ASP B 235 41.72 39.19 33.35
N THR B 245 43.52 47.34 25.54
CA THR B 245 42.71 46.96 24.39
C THR B 245 43.61 46.51 23.27
N VAL B 246 44.91 46.77 23.42
CA VAL B 246 45.85 46.32 22.41
C VAL B 246 46.88 45.41 23.06
N PRO B 247 47.07 44.23 22.48
CA PRO B 247 48.13 43.36 22.98
C PRO B 247 49.42 43.76 22.33
N LEU B 248 50.47 42.98 22.50
CA LEU B 248 51.72 43.27 21.81
C LEU B 248 52.26 44.64 22.17
N SER B 249 52.09 45.03 23.42
CA SER B 249 52.63 46.30 23.87
C SER B 249 53.58 46.08 25.04
N PRO B 250 54.76 46.73 25.06
CA PRO B 250 55.59 46.50 26.24
C PRO B 250 54.94 46.93 27.52
N PHE B 251 54.24 48.05 27.52
CA PHE B 251 53.71 48.59 28.77
C PHE B 251 52.31 48.17 29.15
N THR B 252 51.97 46.89 28.97
CA THR B 252 50.68 46.44 29.39
C THR B 252 50.46 46.47 30.92
N PHE B 253 51.44 46.10 31.73
CA PHE B 253 51.27 46.20 33.17
C PHE B 253 51.06 47.61 33.70
N HIS B 254 51.83 48.57 33.21
CA HIS B 254 51.72 49.91 33.70
C HIS B 254 50.37 50.51 33.38
N ASP B 255 49.96 50.38 32.14
CA ASP B 255 48.72 51.01 31.74
C ASP B 255 47.53 50.39 32.45
N LYS B 256 47.60 49.09 32.70
CA LYS B 256 46.53 48.41 33.38
C LYS B 256 46.36 48.92 34.79
N LEU B 257 47.45 49.01 35.52
CA LEU B 257 47.40 49.51 36.90
C LEU B 257 46.93 50.95 36.94
N ALA B 258 47.33 51.76 35.97
CA ALA B 258 46.96 53.16 36.02
C ALA B 258 45.47 53.23 36.05
N LYS B 259 44.82 52.41 35.24
CA LYS B 259 43.38 52.33 35.30
C LYS B 259 42.87 51.70 36.58
N LEU B 260 43.52 50.66 37.07
CA LEU B 260 43.01 49.95 38.27
C LEU B 260 42.94 50.83 39.50
N ILE B 261 43.99 51.61 39.76
CA ILE B 261 43.90 52.55 40.88
C ILE B 261 42.89 53.68 40.65
N LYS B 262 42.87 54.26 39.45
CA LYS B 262 41.91 55.31 39.11
C LYS B 262 40.45 54.93 39.03
N ASN B 263 40.15 53.80 38.39
CA ASN B 263 38.77 53.40 38.18
C ASN B 263 37.87 52.99 39.30
N LYS B 264 38.33 52.14 40.23
CA LYS B 264 37.40 51.61 41.26
C LYS B 264 37.88 51.36 42.65
N LYS B 265 37.08 51.75 43.63
CA LYS B 265 37.43 51.39 44.99
C LYS B 265 36.98 49.94 45.14
N LYS B 266 37.66 49.14 45.97
CA LYS B 266 37.38 47.70 46.17
C LYS B 266 38.07 46.91 45.09
N ILE B 267 38.63 47.62 44.12
CA ILE B 267 39.37 46.99 43.04
C ILE B 267 40.79 47.49 43.20
N ALA B 268 40.93 48.64 43.82
CA ALA B 268 42.25 49.17 44.12
C ALA B 268 42.77 48.25 45.19
N LEU B 269 41.84 47.65 45.90
CA LEU B 269 42.21 46.78 46.96
C LEU B 269 42.97 45.60 46.44
N LYS B 270 42.83 45.26 45.17
CA LYS B 270 43.60 44.18 44.58
C LYS B 270 45.03 44.55 44.46
N SER B 271 45.30 45.82 44.23
CA SER B 271 46.65 46.28 44.06
C SER B 271 47.46 46.09 45.30
N ILE B 272 46.88 46.27 46.45
CA ILE B 272 47.67 46.19 47.66
C ILE B 272 48.00 44.76 48.00
N PHE B 273 49.26 44.51 48.33
CA PHE B 273 49.71 43.18 48.65
C PHE B 273 50.20 43.14 50.07
N ILE B 274 50.17 41.97 50.70
CA ILE B 274 50.54 41.84 52.09
C ILE B 274 51.95 42.30 52.33
N ASP B 275 52.79 42.23 51.33
CA ASP B 275 54.18 42.63 51.46
C ASP B 275 54.35 44.07 51.82
N GLN B 276 53.59 44.94 51.18
CA GLN B 276 53.64 46.37 51.48
C GLN B 276 53.16 46.79 52.86
N SER B 277 52.08 46.20 53.36
CA SER B 277 51.59 46.52 54.69
C SER B 277 52.53 45.71 55.49
N GLU B 278 53.55 46.33 56.05
CA GLU B 278 54.59 45.58 56.73
C GLU B 278 54.06 44.82 57.90
N LEU B 279 54.55 43.59 58.08
CA LEU B 279 54.08 42.74 59.13
C LEU B 279 55.32 42.09 59.65
N PRO B 280 55.26 41.53 60.85
CA PRO B 280 56.43 40.78 61.29
C PRO B 280 56.51 39.55 60.40
N SER B 281 57.73 39.05 60.20
CA SER B 281 57.94 37.91 59.32
C SER B 281 57.23 36.63 59.63
N ARG B 282 57.10 36.29 60.90
CA ARG B 282 56.51 35.00 61.19
C ARG B 282 55.12 35.00 60.65
N ILE B 283 54.42 36.10 60.88
CA ILE B 283 53.07 36.21 60.40
C ILE B 283 53.05 36.21 58.89
N TYR B 284 53.97 36.94 58.27
CA TYR B 284 53.95 37.05 56.82
C TYR B 284 54.14 35.72 56.18
N ASN B 285 55.09 34.95 56.66
CA ASN B 285 55.37 33.69 56.01
C ASN B 285 54.18 32.78 56.09
N CYS B 286 53.56 32.71 57.26
CA CYS B 286 52.45 31.80 57.43
C CYS B 286 51.30 32.18 56.54
N LEU B 287 51.03 33.47 56.43
CA LEU B 287 49.92 33.90 55.63
C LEU B 287 50.12 33.51 54.18
N LYS B 288 51.33 33.69 53.68
CA LYS B 288 51.56 33.41 52.28
C LYS B 288 51.34 31.96 51.99
N MET B 289 51.79 31.12 52.90
CA MET B 289 51.67 29.70 52.64
C MET B 289 50.23 29.32 52.52
N SER B 290 49.40 29.91 53.36
CA SER B 290 48.01 29.58 53.33
C SER B 290 47.26 30.33 52.24
N ASN B 291 47.84 30.41 51.04
CA ASN B 291 47.20 31.10 49.94
C ASN B 291 46.67 32.52 50.14
N ILE B 292 47.35 33.33 50.92
CA ILE B 292 46.90 34.69 51.10
C ILE B 292 47.99 35.55 50.60
N TYR B 293 47.74 36.26 49.52
CA TYR B 293 48.77 37.08 48.92
C TYR B 293 48.38 38.52 48.90
N THR B 294 47.11 38.81 49.08
CA THR B 294 46.65 40.18 48.97
C THR B 294 45.72 40.60 50.07
N LEU B 295 45.51 41.90 50.21
CA LEU B 295 44.60 42.40 51.22
C LEU B 295 43.17 41.94 51.02
N LEU B 296 42.63 42.09 49.83
CA LEU B 296 41.23 41.75 49.71
C LEU B 296 41.08 40.35 50.25
N ASP B 297 42.12 39.53 50.14
CA ASP B 297 42.08 38.21 50.72
C ASP B 297 42.05 38.24 52.24
N LEU B 298 42.86 39.07 52.85
CA LEU B 298 42.90 39.16 54.30
C LEU B 298 41.59 39.67 54.86
N LEU B 299 41.05 40.71 54.26
CA LEU B 299 39.83 41.29 54.76
C LEU B 299 38.75 40.28 54.66
N ASN B 300 38.73 39.55 53.55
CA ASN B 300 37.71 38.54 53.36
C ASN B 300 37.81 37.43 54.38
N ASN B 301 39.00 37.01 54.71
CA ASN B 301 39.12 35.87 55.62
C ASN B 301 38.67 36.19 57.06
N SER B 302 38.03 35.23 57.72
CA SER B 302 37.51 35.47 59.08
C SER B 302 38.56 35.49 60.16
N GLN B 303 38.26 36.16 61.27
CA GLN B 303 39.20 36.20 62.39
C GLN B 303 39.38 34.80 62.88
N GLU B 304 38.28 34.06 62.92
CA GLU B 304 38.34 32.70 63.37
C GLU B 304 39.23 31.93 62.45
N ASP B 305 39.15 32.21 61.17
CA ASP B 305 39.92 31.46 60.19
C ASP B 305 41.39 31.62 60.43
N LEU B 306 41.80 32.78 60.88
CA LEU B 306 43.20 33.04 61.11
C LEU B 306 43.70 32.08 62.17
N MET B 307 42.86 31.76 63.16
CA MET B 307 43.21 30.76 64.16
C MET B 307 43.36 29.41 63.52
N LYS B 308 42.61 29.16 62.45
CA LYS B 308 42.79 27.91 61.73
C LYS B 308 44.19 27.73 61.16
N ILE B 309 44.82 28.78 60.67
CA ILE B 309 46.14 28.55 60.07
C ILE B 309 47.12 28.07 61.13
N GLU B 310 47.95 27.09 60.80
CA GLU B 310 48.82 26.51 61.79
C GLU B 310 49.86 27.46 62.29
N HIS B 311 50.19 27.35 63.58
CA HIS B 311 51.19 28.20 64.19
C HIS B 311 50.79 29.67 64.20
N PHE B 312 49.48 29.93 64.26
CA PHE B 312 49.00 31.30 64.35
C PHE B 312 48.47 31.53 65.76
N ARG B 313 48.95 32.57 66.44
CA ARG B 313 48.56 32.85 67.83
C ARG B 313 47.32 33.69 68.08
N SER B 314 47.17 34.20 69.29
CA SER B 314 46.08 35.12 69.56
C SER B 314 46.67 36.50 69.47
N GLU B 315 47.94 36.61 69.83
CA GLU B 315 48.62 37.90 69.76
C GLU B 315 48.67 38.43 68.33
N ASP B 316 48.90 37.55 67.37
CA ASP B 316 49.02 38.00 66.00
C ASP B 316 47.76 38.63 65.41
N VAL B 317 46.59 38.11 65.73
CA VAL B 317 45.38 38.64 65.12
C VAL B 317 45.33 40.08 65.55
N LYS B 318 45.75 40.31 66.77
CA LYS B 318 45.76 41.66 67.29
C LYS B 318 46.72 42.48 66.49
N ARG B 319 47.89 41.92 66.21
CA ARG B 319 48.89 42.70 65.53
C ARG B 319 48.38 43.06 64.18
N ILE B 320 47.78 42.10 63.49
CA ILE B 320 47.37 42.40 62.14
C ILE B 320 46.32 43.49 62.16
N LEU B 321 45.35 43.39 63.07
CA LEU B 321 44.27 44.35 63.14
C LEU B 321 44.78 45.72 63.51
N GLY B 322 45.72 45.76 64.43
CA GLY B 322 46.30 47.02 64.78
C GLY B 322 47.03 47.69 63.66
N ILE B 323 47.88 46.96 62.94
CA ILE B 323 48.53 47.59 61.79
C ILE B 323 47.54 47.95 60.69
N LEU B 324 46.55 47.09 60.47
CA LEU B 324 45.61 47.31 59.40
C LEU B 324 44.82 48.56 59.62
N GLU B 325 44.31 48.72 60.84
CA GLU B 325 43.46 49.87 61.10
C GLU B 325 44.17 51.16 60.86
N LYS B 326 45.45 51.19 61.19
CA LYS B 326 46.22 52.39 60.96
C LYS B 326 46.25 52.65 59.47
N TYR B 327 46.48 51.60 58.68
CA TYR B 327 46.50 51.76 57.24
C TYR B 327 45.16 52.17 56.66
N PHE B 328 44.08 51.52 57.11
CA PHE B 328 42.75 51.81 56.58
C PHE B 328 41.61 51.50 57.53
N VAL B 329 40.54 52.27 57.42
CA VAL B 329 39.36 52.06 58.28
C VAL B 329 38.53 50.79 58.11
N ILE B 330 38.35 50.32 56.88
CA ILE B 330 37.44 49.19 56.64
C ILE B 330 37.67 47.81 57.24
N ASP B 331 36.59 47.15 57.63
CA ASP B 331 36.67 45.79 58.17
C ASP B 331 35.59 44.95 57.47
N LEU B 332 35.84 44.50 56.25
CA LEU B 332 34.79 43.82 55.51
C LEU B 332 34.27 42.53 56.15
N ALA B 333 35.15 41.63 56.56
CA ALA B 333 34.71 40.46 57.29
C ALA B 333 35.67 40.43 58.44
N LYS B 334 36.57 41.41 58.45
CA LYS B 334 37.54 41.50 59.51
C LYS B 334 36.81 41.74 60.80
N ASN B 335 35.79 42.60 60.75
CA ASN B 335 34.99 42.83 61.94
C ASN B 335 34.08 41.65 62.13
N LYS B 336 34.08 41.06 63.32
CA LYS B 336 33.17 40.00 63.60
C LYS B 336 31.85 40.71 63.86
N PHE B 337 30.75 39.97 63.85
CA PHE B 337 29.44 40.57 64.14
C PHE B 337 29.38 41.26 65.50
N ASN C 6 21.66 -18.05 -38.32
CA ASN C 6 23.05 -17.73 -38.60
C ASN C 6 23.69 -16.85 -37.56
N GLU C 7 22.88 -16.23 -36.70
CA GLU C 7 23.41 -15.36 -35.67
C GLU C 7 23.08 -15.98 -34.36
N GLY C 8 23.93 -15.78 -33.38
CA GLY C 8 23.63 -16.29 -32.06
C GLY C 8 24.13 -17.69 -31.92
N ILE C 9 24.62 -18.25 -33.02
CA ILE C 9 25.21 -19.54 -32.90
C ILE C 9 26.62 -19.03 -33.01
N SER C 10 27.45 -19.32 -32.02
CA SER C 10 28.84 -18.87 -31.98
C SER C 10 29.10 -17.50 -31.41
N THR C 11 28.08 -16.74 -31.07
CA THR C 11 28.30 -15.44 -30.48
C THR C 11 27.06 -14.99 -29.76
N ILE C 12 27.17 -14.05 -28.84
CA ILE C 12 26.00 -13.51 -28.18
C ILE C 12 25.30 -12.64 -29.18
N PRO C 13 23.99 -12.76 -29.29
CA PRO C 13 23.25 -11.99 -30.26
C PRO C 13 23.18 -10.55 -29.88
N GLY C 14 23.03 -9.65 -30.85
CA GLY C 14 22.87 -8.25 -30.54
C GLY C 14 21.67 -8.02 -29.66
N PHE C 15 21.73 -7.06 -28.76
CA PHE C 15 20.67 -6.86 -27.82
C PHE C 15 19.42 -6.26 -28.37
N ASN C 16 19.48 -5.69 -29.57
CA ASN C 16 18.29 -5.10 -30.23
C ASN C 16 17.74 -5.86 -31.43
N GLN C 17 18.28 -7.06 -31.66
CA GLN C 17 17.87 -7.83 -32.84
C GLN C 17 16.37 -8.04 -33.03
N ILE C 18 15.65 -8.27 -31.94
CA ILE C 18 14.21 -8.54 -32.04
C ILE C 18 13.46 -7.35 -32.64
N GLN C 19 13.79 -6.15 -32.21
CA GLN C 19 13.14 -4.96 -32.74
C GLN C 19 13.45 -4.80 -34.23
N PHE C 20 14.69 -5.04 -34.62
CA PHE C 20 15.07 -4.85 -36.01
C PHE C 20 14.28 -5.78 -36.92
N GLU C 21 14.19 -7.05 -36.53
CA GLU C 21 13.47 -8.02 -37.35
C GLU C 21 11.97 -7.71 -37.44
N GLY C 22 11.38 -7.32 -36.31
CA GLY C 22 9.96 -7.05 -36.30
C GLY C 22 9.60 -5.89 -37.19
N PHE C 23 10.42 -4.85 -37.17
CA PHE C 23 10.15 -3.68 -38.00
C PHE C 23 10.19 -4.05 -39.47
N CYS C 24 11.18 -4.86 -39.85
CA CYS C 24 11.31 -5.24 -41.25
C CYS C 24 10.10 -6.05 -41.72
N ARG C 25 9.60 -6.93 -40.88
CA ARG C 25 8.44 -7.74 -41.24
C ARG C 25 7.23 -6.86 -41.49
N PHE C 26 7.01 -5.88 -40.63
CA PHE C 26 5.89 -4.96 -40.82
C PHE C 26 6.04 -4.16 -42.09
N ILE C 27 7.26 -3.71 -42.39
CA ILE C 27 7.47 -2.86 -43.55
C ILE C 27 7.08 -3.58 -44.84
N ASP C 28 7.43 -4.85 -44.96
CA ASP C 28 7.13 -5.54 -46.20
C ASP C 28 5.90 -6.42 -46.10
N GLN C 29 6.00 -7.53 -45.37
CA GLN C 29 4.88 -8.47 -45.30
C GLN C 29 3.63 -7.88 -44.67
N GLY C 30 3.80 -7.16 -43.57
CA GLY C 30 2.65 -6.60 -42.90
C GLY C 30 1.91 -5.59 -43.73
N LEU C 31 2.66 -4.71 -44.40
CA LEU C 31 2.04 -3.67 -45.19
C LEU C 31 1.24 -4.28 -46.32
N THR C 32 1.82 -5.27 -47.00
CA THR C 32 1.14 -5.86 -48.13
C THR C 32 -0.14 -6.58 -47.72
N GLU C 33 -0.08 -7.33 -46.62
CA GLU C 33 -1.25 -8.10 -46.21
C GLU C 33 -2.43 -7.22 -45.88
N GLU C 34 -2.18 -6.15 -45.12
CA GLU C 34 -3.25 -5.23 -44.76
C GLU C 34 -3.80 -4.51 -45.98
N LEU C 35 -2.91 -4.13 -46.88
CA LEU C 35 -3.34 -3.40 -48.07
C LEU C 35 -4.28 -4.23 -48.92
N TYR C 36 -4.00 -5.53 -49.06
CA TYR C 36 -4.84 -6.40 -49.90
C TYR C 36 -6.32 -6.36 -49.54
N LYS C 37 -6.63 -6.47 -48.25
CA LYS C 37 -8.01 -6.51 -47.81
C LYS C 37 -8.87 -5.27 -48.16
N PHE C 38 -8.26 -4.12 -48.44
CA PHE C 38 -9.02 -2.94 -48.82
C PHE C 38 -10.16 -3.22 -49.83
N PRO C 39 -11.43 -2.79 -49.53
CA PRO C 39 -12.48 -3.17 -50.46
C PRO C 39 -12.69 -2.26 -51.63
N LYS C 40 -13.06 -2.80 -52.79
CA LYS C 40 -13.39 -1.96 -53.94
C LYS C 40 -14.70 -1.36 -53.53
N ILE C 41 -14.84 -0.06 -53.69
CA ILE C 41 -16.03 0.58 -53.19
C ILE C 41 -16.94 1.17 -54.25
N GLU C 42 -18.22 0.79 -54.22
CA GLU C 42 -19.21 1.32 -55.15
C GLU C 42 -20.42 1.55 -54.27
N ASP C 43 -21.36 2.38 -54.67
CA ASP C 43 -22.51 2.70 -53.80
C ASP C 43 -23.88 2.53 -54.43
N THR C 44 -24.91 2.37 -53.59
CA THR C 44 -26.30 2.23 -54.06
C THR C 44 -26.50 1.02 -54.98
N ASP C 45 -27.38 1.15 -55.97
CA ASP C 45 -27.58 0.06 -56.92
C ASP C 45 -26.31 -0.17 -57.68
N GLN C 46 -25.65 0.91 -58.09
CA GLN C 46 -24.38 0.78 -58.76
C GLN C 46 -23.88 2.17 -58.69
N GLU C 47 -22.59 2.36 -58.50
CA GLU C 47 -22.02 3.70 -58.54
C GLU C 47 -20.63 3.62 -59.10
N ILE C 48 -19.89 4.71 -58.99
CA ILE C 48 -18.53 4.73 -59.48
C ILE C 48 -17.74 3.72 -58.67
N GLU C 49 -16.80 3.04 -59.31
CA GLU C 49 -15.98 2.06 -58.60
C GLU C 49 -14.55 2.56 -58.34
N PHE C 50 -14.07 2.41 -57.11
CA PHE C 50 -12.69 2.81 -56.80
C PHE C 50 -11.75 1.62 -56.76
N GLN C 51 -10.60 1.70 -57.40
CA GLN C 51 -9.66 0.60 -57.33
C GLN C 51 -8.36 0.94 -56.63
N LEU C 52 -8.02 0.23 -55.56
CA LEU C 52 -6.70 0.41 -54.94
C LEU C 52 -5.91 -0.75 -55.37
N PHE C 53 -4.98 -0.51 -56.23
CA PHE C 53 -4.09 -1.52 -56.75
C PHE C 53 -2.96 -1.81 -55.77
N VAL C 54 -2.96 -2.93 -55.09
CA VAL C 54 -1.95 -3.19 -54.09
C VAL C 54 -0.67 -3.66 -54.67
N GLU C 55 -0.65 -3.93 -55.97
CA GLU C 55 0.53 -4.46 -56.62
C GLU C 55 1.67 -3.50 -56.58
N THR C 56 1.34 -2.21 -56.67
CA THR C 56 2.37 -1.19 -56.70
C THR C 56 2.32 -0.25 -55.51
N TYR C 57 3.03 -0.59 -54.44
CA TYR C 57 3.10 0.32 -53.32
C TYR C 57 4.54 0.71 -53.16
N GLN C 58 4.79 1.99 -52.96
CA GLN C 58 6.14 2.47 -52.80
C GLN C 58 6.25 3.25 -51.51
N LEU C 59 7.30 3.02 -50.72
CA LEU C 59 7.50 3.81 -49.53
C LEU C 59 8.68 4.72 -49.81
N VAL C 60 8.53 6.00 -49.55
CA VAL C 60 9.59 6.93 -49.89
C VAL C 60 10.36 7.44 -48.70
N GLU C 61 11.56 7.92 -48.90
CA GLU C 61 12.44 8.35 -47.82
C GLU C 61 12.02 9.56 -47.02
N PRO C 62 12.54 9.68 -45.80
CA PRO C 62 12.15 10.79 -44.95
C PRO C 62 12.66 12.13 -45.41
N LEU C 63 11.80 13.14 -45.39
CA LEU C 63 12.19 14.48 -45.76
C LEU C 63 13.12 15.19 -44.80
N ILE C 64 12.87 15.07 -43.51
CA ILE C 64 13.75 15.65 -42.50
C ILE C 64 14.70 14.60 -41.98
N LYS C 65 15.90 14.98 -41.58
CA LYS C 65 16.82 14.04 -40.95
C LYS C 65 16.42 13.83 -39.51
N GLU C 66 16.91 12.79 -38.87
CA GLU C 66 16.48 12.46 -37.50
C GLU C 66 16.82 13.48 -36.47
N ARG C 67 17.97 14.09 -36.57
CA ARG C 67 18.34 15.10 -35.61
C ARG C 67 17.47 16.31 -35.67
N ASP C 68 17.11 16.72 -36.85
CA ASP C 68 16.25 17.87 -37.01
C ASP C 68 14.90 17.61 -36.42
N ALA C 69 14.41 16.40 -36.53
CA ALA C 69 13.12 16.06 -36.00
C ALA C 69 13.04 16.24 -34.52
N VAL C 70 14.07 15.85 -33.80
CA VAL C 70 14.07 16.12 -32.38
C VAL C 70 14.19 17.61 -32.08
N TYR C 71 14.99 18.34 -32.82
CA TYR C 71 15.15 19.78 -32.60
C TYR C 71 13.89 20.60 -32.82
N GLU C 72 13.08 20.23 -33.80
CA GLU C 72 11.88 20.98 -34.09
C GLU C 72 10.63 20.25 -33.67
N SER C 73 10.76 19.25 -32.83
CA SER C 73 9.61 18.51 -32.32
C SER C 73 8.74 17.88 -33.38
N LEU C 74 9.35 17.38 -34.44
CA LEU C 74 8.62 16.73 -35.51
C LEU C 74 8.59 15.23 -35.34
N THR C 75 7.98 14.50 -36.27
CA THR C 75 8.03 13.05 -36.21
C THR C 75 8.76 12.49 -37.42
N TYR C 76 9.72 11.61 -37.20
CA TYR C 76 10.51 11.03 -38.29
C TYR C 76 9.65 9.97 -38.93
N SER C 77 9.32 10.13 -40.21
CA SER C 77 8.41 9.18 -40.86
C SER C 77 8.69 8.95 -42.31
N SER C 78 7.86 8.13 -42.93
CA SER C 78 8.05 7.80 -44.33
C SER C 78 6.73 7.96 -45.05
N GLU C 79 6.77 8.25 -46.35
CA GLU C 79 5.55 8.51 -47.11
C GLU C 79 5.12 7.37 -48.00
N LEU C 80 3.86 6.98 -47.92
CA LEU C 80 3.34 5.88 -48.73
C LEU C 80 2.57 6.40 -49.92
N TYR C 81 3.01 6.04 -51.11
CA TYR C 81 2.33 6.47 -52.31
C TYR C 81 1.88 5.22 -53.02
N VAL C 82 0.59 5.13 -53.31
CA VAL C 82 0.07 3.95 -54.00
C VAL C 82 -0.76 4.34 -55.20
N SER C 83 -0.75 3.54 -56.25
CA SER C 83 -1.54 3.86 -57.47
C SER C 83 -3.00 3.45 -57.47
N ALA C 84 -3.87 4.34 -57.93
CA ALA C 84 -5.31 4.02 -58.03
C ALA C 84 -6.09 4.60 -59.21
N GLY C 85 -7.20 3.96 -59.57
CA GLY C 85 -8.01 4.43 -60.68
C GLY C 85 -9.48 4.46 -60.36
N LEU C 86 -10.16 5.53 -60.76
CA LEU C 86 -11.58 5.63 -60.52
C LEU C 86 -12.30 5.71 -61.82
N ILE C 87 -13.31 4.87 -62.00
CA ILE C 87 -14.11 4.95 -63.20
C ILE C 87 -15.41 5.55 -62.73
N TRP C 88 -15.60 6.83 -63.01
CA TRP C 88 -16.81 7.50 -62.56
C TRP C 88 -17.89 6.73 -63.26
N LYS C 89 -19.01 6.48 -62.59
CA LYS C 89 -20.02 5.64 -63.19
C LYS C 89 -20.48 6.26 -64.49
N ASN C 90 -20.67 7.56 -64.49
CA ASN C 90 -21.03 8.24 -65.72
C ASN C 90 -19.99 8.20 -66.81
N SER C 91 -18.72 8.42 -66.47
CA SER C 91 -17.67 8.52 -67.49
C SER C 91 -17.26 7.35 -68.38
N ARG C 92 -17.15 6.14 -67.81
CA ARG C 92 -16.65 4.97 -68.57
C ARG C 92 -15.26 5.21 -69.16
N ASP C 93 -14.38 5.87 -68.42
CA ASP C 93 -13.01 6.14 -68.86
C ASP C 93 -12.09 6.04 -67.64
N MET C 94 -10.78 5.85 -67.84
CA MET C 94 -9.89 5.66 -66.69
C MET C 94 -8.81 6.71 -66.42
N GLN C 95 -8.74 7.20 -65.18
CA GLN C 95 -7.73 8.17 -64.78
C GLN C 95 -6.90 7.50 -63.70
N GLU C 96 -5.58 7.59 -63.79
CA GLU C 96 -4.71 6.93 -62.85
C GLU C 96 -3.68 7.88 -62.27
N GLN C 97 -3.49 7.85 -60.96
CA GLN C 97 -2.48 8.69 -60.32
C GLN C 97 -2.03 7.91 -59.10
N THR C 98 -0.96 8.36 -58.45
CA THR C 98 -0.53 7.73 -57.20
C THR C 98 -0.79 8.64 -56.01
N ILE C 99 -1.68 8.22 -55.16
CA ILE C 99 -2.08 9.09 -54.09
C ILE C 99 -1.18 8.98 -52.86
N PHE C 100 -1.04 10.07 -52.14
CA PHE C 100 -0.24 10.04 -50.94
C PHE C 100 -1.22 9.63 -49.86
N ILE C 101 -1.22 8.36 -49.52
CA ILE C 101 -2.08 7.89 -48.46
C ILE C 101 -1.73 8.45 -47.09
N GLY C 102 -0.45 8.52 -46.75
CA GLY C 102 -0.10 8.97 -45.42
C GLY C 102 1.32 8.72 -44.97
N ASN C 103 1.58 8.94 -43.69
CA ASN C 103 2.93 8.77 -43.17
C ASN C 103 3.07 7.63 -42.17
N ILE C 104 4.05 6.75 -42.38
CA ILE C 104 4.28 5.64 -41.47
C ILE C 104 5.61 5.86 -40.80
N PRO C 105 5.67 5.76 -39.47
CA PRO C 105 6.90 6.04 -38.73
C PRO C 105 8.08 5.10 -38.97
N LEU C 106 9.31 5.60 -38.88
CA LEU C 106 10.50 4.79 -39.06
C LEU C 106 11.31 4.56 -37.80
N MET C 107 12.02 3.45 -37.69
CA MET C 107 12.76 3.10 -36.52
C MET C 107 14.20 3.26 -36.71
N ASN C 108 14.93 3.62 -35.67
CA ASN C 108 16.37 3.68 -35.73
C ASN C 108 16.76 2.27 -35.46
N SER C 109 17.98 1.88 -35.75
CA SER C 109 18.40 0.49 -35.56
C SER C 109 18.33 0.08 -34.12
N LEU C 110 18.56 1.01 -33.20
CA LEU C 110 18.49 0.74 -31.79
C LEU C 110 17.12 0.35 -31.38
N GLY C 111 16.11 0.68 -32.17
CA GLY C 111 14.78 0.22 -31.86
C GLY C 111 13.86 1.22 -31.31
N THR C 112 14.20 2.48 -31.47
CA THR C 112 13.32 3.54 -31.04
C THR C 112 12.65 4.29 -32.17
N SER C 113 11.54 4.97 -31.89
CA SER C 113 10.81 5.75 -32.86
C SER C 113 10.78 7.16 -32.32
N ILE C 114 10.96 8.18 -33.15
CA ILE C 114 10.86 9.57 -32.73
C ILE C 114 9.53 10.13 -33.16
N VAL C 115 8.63 10.38 -32.24
CA VAL C 115 7.31 10.85 -32.56
C VAL C 115 7.03 12.10 -31.80
N ASN C 116 6.79 13.20 -32.48
CA ASN C 116 6.55 14.52 -31.85
C ASN C 116 7.69 14.92 -30.92
N GLY C 117 8.92 14.59 -31.29
CA GLY C 117 10.07 14.91 -30.47
C GLY C 117 10.45 13.98 -29.34
N ILE C 118 9.75 12.89 -29.19
CA ILE C 118 9.97 12.00 -28.07
C ILE C 118 10.42 10.66 -28.50
N TYR C 119 11.45 10.11 -27.87
CA TYR C 119 11.93 8.79 -28.18
C TYR C 119 10.95 7.84 -27.56
N ARG C 120 10.44 6.90 -28.33
CA ARG C 120 9.41 6.01 -27.87
C ARG C 120 9.76 4.59 -28.14
N ILE C 121 9.37 3.67 -27.29
CA ILE C 121 9.66 2.25 -27.47
C ILE C 121 8.45 1.37 -27.24
N VAL C 122 8.29 0.30 -28.01
CA VAL C 122 7.15 -0.59 -27.88
C VAL C 122 7.50 -1.88 -27.20
N ILE C 123 6.86 -2.16 -26.09
CA ILE C 123 7.12 -3.35 -25.33
C ILE C 123 6.39 -4.60 -25.81
N ASN C 124 6.94 -5.78 -25.62
CA ASN C 124 6.35 -7.04 -25.99
C ASN C 124 5.33 -7.56 -25.01
N GLN C 125 4.35 -8.34 -25.46
CA GLN C 125 3.28 -8.85 -24.58
C GLN C 125 3.08 -10.35 -24.64
N ILE C 126 2.76 -10.99 -23.54
CA ILE C 126 2.54 -12.42 -23.52
C ILE C 126 1.09 -12.76 -23.33
N LEU C 127 0.49 -13.49 -24.26
CA LEU C 127 -0.91 -13.92 -24.11
C LEU C 127 -1.18 -15.37 -24.46
N GLN C 128 -2.28 -15.93 -23.96
CA GLN C 128 -2.62 -17.34 -24.21
C GLN C 128 -2.89 -17.61 -25.65
N SER C 129 -2.34 -18.70 -26.18
CA SER C 129 -2.48 -19.00 -27.60
C SER C 129 -3.82 -19.65 -27.92
N PRO C 130 -4.35 -19.41 -29.12
CA PRO C 130 -5.59 -20.10 -29.50
C PRO C 130 -5.40 -21.61 -29.59
N GLY C 131 -6.37 -22.37 -29.12
CA GLY C 131 -6.26 -23.82 -29.16
C GLY C 131 -7.23 -24.52 -28.22
N ILE C 132 -7.16 -25.85 -28.15
CA ILE C 132 -8.06 -26.60 -27.29
C ILE C 132 -7.39 -27.03 -25.99
N TYR C 133 -7.98 -26.71 -24.85
CA TYR C 133 -7.36 -27.04 -23.59
C TYR C 133 -8.28 -27.81 -22.67
N TYR C 134 -7.79 -28.90 -22.11
CA TYR C 134 -8.63 -29.74 -21.27
C TYR C 134 -8.29 -29.60 -19.81
N ARG C 135 -9.28 -29.31 -19.00
CA ARG C 135 -9.06 -29.13 -17.58
C ARG C 135 -9.97 -30.02 -16.81
N SER C 136 -9.48 -30.56 -15.71
CA SER C 136 -10.34 -31.38 -14.88
C SER C 136 -10.72 -30.62 -13.66
N GLU C 137 -11.99 -30.23 -13.59
CA GLU C 137 -12.45 -29.54 -12.40
C GLU C 137 -12.91 -30.54 -11.36
N LEU C 138 -12.27 -30.57 -10.19
CA LEU C 138 -12.70 -31.48 -9.13
C LEU C 138 -14.15 -31.12 -8.84
N ASP C 139 -15.01 -32.12 -8.72
CA ASP C 139 -16.41 -31.80 -8.53
C ASP C 139 -16.87 -31.80 -7.06
N HIS C 140 -17.73 -30.85 -6.70
CA HIS C 140 -18.13 -30.72 -5.30
C HIS C 140 -18.80 -31.99 -4.83
N ASN C 141 -19.62 -32.61 -5.66
CA ASN C 141 -20.24 -33.87 -5.29
C ASN C 141 -19.58 -34.99 -6.07
N GLY C 142 -19.21 -36.08 -5.42
CA GLY C 142 -18.65 -37.24 -6.13
C GLY C 142 -17.61 -37.07 -7.22
N ILE C 143 -17.82 -37.70 -8.38
CA ILE C 143 -16.83 -37.68 -9.46
C ILE C 143 -16.55 -36.35 -10.16
N SER C 144 -15.29 -36.09 -10.50
CA SER C 144 -14.89 -34.82 -11.12
C SER C 144 -15.38 -34.51 -12.54
N VAL C 145 -15.76 -33.26 -12.78
CA VAL C 145 -16.18 -32.83 -14.13
C VAL C 145 -14.95 -32.50 -14.99
N TYR C 146 -15.05 -32.73 -16.29
CA TYR C 146 -13.96 -32.44 -17.20
C TYR C 146 -14.49 -31.42 -18.18
N THR C 147 -13.60 -30.64 -18.78
CA THR C 147 -14.03 -29.62 -19.71
C THR C 147 -13.02 -29.36 -20.81
N GLY C 148 -13.46 -28.79 -21.92
CA GLY C 148 -12.55 -28.45 -23.00
C GLY C 148 -12.79 -26.97 -23.27
N THR C 149 -11.84 -26.28 -23.88
CA THR C 149 -12.07 -24.88 -24.22
C THR C 149 -11.34 -24.44 -25.47
N ILE C 150 -11.89 -23.48 -26.21
CA ILE C 150 -11.27 -23.10 -27.48
C ILE C 150 -10.92 -21.63 -27.51
N ILE C 151 -9.68 -21.31 -27.16
CA ILE C 151 -9.22 -19.93 -27.24
C ILE C 151 -9.16 -19.55 -28.71
N SER C 152 -9.48 -18.30 -29.03
CA SER C 152 -9.48 -17.87 -30.42
C SER C 152 -8.84 -16.49 -30.55
N ASP C 153 -8.52 -16.09 -31.78
CA ASP C 153 -7.98 -14.75 -31.99
C ASP C 153 -9.04 -13.77 -31.54
N TRP C 154 -10.31 -14.07 -31.80
CA TRP C 154 -11.40 -13.22 -31.34
C TRP C 154 -11.41 -13.18 -29.82
N GLY C 155 -11.05 -14.31 -29.19
CA GLY C 155 -11.05 -14.39 -27.74
C GLY C 155 -12.26 -15.10 -27.18
N GLY C 156 -13.21 -15.46 -28.05
CA GLY C 156 -14.35 -16.24 -27.58
C GLY C 156 -13.85 -17.61 -27.19
N ARG C 157 -14.35 -18.14 -26.08
CA ARG C 157 -13.91 -19.45 -25.60
C ARG C 157 -15.05 -20.45 -25.77
N SER C 158 -14.74 -21.67 -26.22
CA SER C 158 -15.82 -22.65 -26.48
C SER C 158 -15.79 -23.81 -25.48
N GLU C 159 -16.88 -24.03 -24.76
CA GLU C 159 -16.87 -25.06 -23.71
C GLU C 159 -17.68 -26.30 -23.94
N LEU C 160 -17.09 -27.46 -23.69
CA LEU C 160 -17.79 -28.74 -23.84
C LEU C 160 -17.48 -29.53 -22.59
N GLU C 161 -18.47 -30.21 -22.02
CA GLU C 161 -18.27 -30.91 -20.75
C GLU C 161 -18.91 -32.29 -20.64
N ILE C 162 -18.32 -33.20 -19.87
CA ILE C 162 -18.92 -34.52 -19.65
C ILE C 162 -19.05 -34.84 -18.17
N ASP C 163 -20.27 -35.09 -17.70
CA ASP C 163 -20.52 -35.38 -16.28
C ASP C 163 -20.34 -36.85 -15.96
N ARG C 164 -20.72 -37.25 -14.75
CA ARG C 164 -20.61 -38.66 -14.37
C ARG C 164 -21.50 -39.41 -15.33
N LYS C 165 -22.68 -38.90 -15.59
CA LYS C 165 -23.52 -39.49 -16.61
C LYS C 165 -22.99 -38.79 -17.82
N ALA C 166 -22.79 -39.49 -18.93
CA ALA C 166 -22.18 -38.84 -20.06
C ALA C 166 -23.03 -37.65 -20.38
N ARG C 167 -22.40 -36.49 -20.47
CA ARG C 167 -23.16 -35.28 -20.69
C ARG C 167 -22.94 -34.66 -22.03
N ILE C 168 -21.69 -34.58 -22.46
CA ILE C 168 -21.35 -33.95 -23.75
C ILE C 168 -22.22 -32.72 -23.95
N TRP C 169 -22.27 -31.84 -22.96
CA TRP C 169 -23.10 -30.65 -23.06
C TRP C 169 -22.27 -29.38 -23.14
N ALA C 170 -22.56 -28.56 -24.14
CA ALA C 170 -21.85 -27.29 -24.27
C ALA C 170 -22.15 -26.39 -23.09
N ARG C 171 -21.13 -25.75 -22.54
CA ARG C 171 -21.32 -24.86 -21.40
C ARG C 171 -21.28 -23.40 -21.82
N VAL C 172 -21.28 -23.14 -23.12
CA VAL C 172 -21.22 -21.76 -23.61
C VAL C 172 -22.44 -20.98 -23.14
N SER C 173 -23.61 -21.58 -23.21
CA SER C 173 -24.81 -20.92 -22.70
C SER C 173 -24.75 -20.84 -21.19
N ARG C 174 -25.25 -19.74 -20.62
CA ARG C 174 -25.29 -19.63 -19.17
C ARG C 174 -26.08 -20.81 -18.64
N LYS C 175 -27.02 -21.31 -19.45
CA LYS C 175 -27.83 -22.45 -19.05
C LYS C 175 -27.00 -23.73 -18.92
N GLN C 176 -27.38 -24.61 -18.00
CA GLN C 176 -26.60 -25.81 -17.76
C GLN C 176 -26.52 -26.77 -18.96
N LYS C 177 -27.62 -26.96 -19.68
CA LYS C 177 -27.60 -27.93 -20.77
C LYS C 177 -27.76 -27.37 -22.17
N ILE C 178 -26.78 -27.60 -23.03
CA ILE C 178 -26.89 -27.20 -24.44
C ILE C 178 -26.29 -28.40 -25.12
N SER C 179 -26.75 -28.77 -26.30
CA SER C 179 -26.25 -30.02 -26.88
C SER C 179 -25.15 -29.91 -27.93
N ILE C 180 -24.02 -30.56 -27.66
CA ILE C 180 -22.94 -30.60 -28.64
C ILE C 180 -23.42 -31.35 -29.87
N LEU C 181 -24.22 -32.39 -29.64
CA LEU C 181 -24.77 -33.19 -30.74
C LEU C 181 -25.66 -32.34 -31.63
N VAL C 182 -26.42 -31.42 -31.05
CA VAL C 182 -27.25 -30.53 -31.84
C VAL C 182 -26.38 -29.66 -32.73
N LEU C 183 -25.24 -29.20 -32.23
CA LEU C 183 -24.32 -28.42 -33.05
C LEU C 183 -23.80 -29.27 -34.19
N SER C 184 -23.51 -30.54 -33.93
CA SER C 184 -23.08 -31.45 -35.00
C SER C 184 -24.18 -31.61 -36.04
N SER C 185 -25.42 -31.69 -35.59
CA SER C 185 -26.55 -31.79 -36.52
C SER C 185 -26.73 -30.50 -37.30
N ALA C 186 -26.36 -29.37 -36.71
CA ALA C 186 -26.44 -28.12 -37.39
C ALA C 186 -25.51 -28.11 -38.54
N MET C 187 -24.57 -29.03 -38.53
CA MET C 187 -23.57 -29.06 -39.57
C MET C 187 -24.04 -29.94 -40.70
N GLY C 188 -25.19 -30.54 -40.52
CA GLY C 188 -25.74 -31.38 -41.55
C GLY C 188 -25.26 -32.80 -41.45
N LEU C 189 -24.44 -33.06 -40.44
CA LEU C 189 -24.04 -34.42 -40.25
C LEU C 189 -25.23 -35.32 -39.93
N ASN C 190 -25.27 -36.51 -40.50
CA ASN C 190 -26.33 -37.47 -40.20
C ASN C 190 -26.05 -38.06 -38.86
N LEU C 191 -27.08 -38.54 -38.16
CA LEU C 191 -26.79 -39.19 -36.89
C LEU C 191 -25.92 -40.37 -37.24
N ARG C 192 -26.23 -41.03 -38.35
CA ARG C 192 -25.45 -42.17 -38.78
C ARG C 192 -24.00 -41.81 -39.11
N GLU C 193 -23.81 -40.65 -39.73
CA GLU C 193 -22.46 -40.23 -40.08
C GLU C 193 -21.61 -40.04 -38.82
N ILE C 194 -22.22 -39.49 -37.78
CA ILE C 194 -21.50 -39.26 -36.56
C ILE C 194 -21.02 -40.55 -36.00
N LEU C 195 -21.85 -41.57 -36.03
CA LEU C 195 -21.47 -42.83 -35.40
C LEU C 195 -20.28 -43.47 -36.05
N GLU C 196 -20.21 -43.39 -37.35
CA GLU C 196 -19.12 -44.00 -38.06
C GLU C 196 -17.83 -43.28 -37.76
N ASN C 197 -17.91 -41.97 -37.58
CA ASN C 197 -16.72 -41.18 -37.29
C ASN C 197 -16.13 -41.33 -35.91
N VAL C 198 -16.97 -41.38 -34.89
CA VAL C 198 -16.47 -41.40 -33.53
C VAL C 198 -16.21 -42.72 -32.89
N CYS C 199 -15.06 -42.85 -32.27
CA CYS C 199 -14.78 -44.03 -31.50
C CYS C 199 -15.59 -43.84 -30.23
N TYR C 200 -15.77 -44.86 -29.42
CA TYR C 200 -16.62 -44.76 -28.25
C TYR C 200 -18.02 -44.44 -28.65
N PRO C 201 -18.53 -45.11 -29.70
CA PRO C 201 -19.90 -44.88 -30.21
C PRO C 201 -20.98 -45.17 -29.22
N GLU C 202 -20.80 -46.25 -28.48
CA GLU C 202 -21.84 -46.67 -27.58
C GLU C 202 -22.15 -45.63 -26.55
N ILE C 203 -21.14 -44.99 -26.02
CA ILE C 203 -21.38 -44.04 -24.97
C ILE C 203 -22.25 -42.90 -25.54
N PHE C 204 -22.01 -42.47 -26.76
CA PHE C 204 -22.76 -41.37 -27.33
C PHE C 204 -24.09 -41.88 -27.78
N LEU C 205 -24.16 -43.16 -28.12
CA LEU C 205 -25.46 -43.74 -28.46
C LEU C 205 -26.36 -43.73 -27.25
N SER C 206 -25.84 -44.16 -26.12
CA SER C 206 -26.61 -44.19 -24.89
C SER C 206 -27.20 -42.84 -24.76
N PHE C 207 -26.47 -41.83 -25.21
CA PHE C 207 -26.91 -40.46 -25.02
C PHE C 207 -28.02 -40.04 -25.94
N LEU C 208 -28.38 -40.87 -26.89
CA LEU C 208 -29.53 -40.51 -27.72
C LEU C 208 -30.79 -40.44 -26.87
N PHE C 251 -21.72 -16.86 -34.18
CA PHE C 251 -20.85 -17.97 -33.85
C PHE C 251 -19.73 -18.11 -34.86
N PHE C 252 -20.07 -18.27 -36.13
CA PHE C 252 -19.05 -18.48 -37.14
C PHE C 252 -18.13 -17.28 -37.25
N GLN C 253 -18.69 -16.10 -37.15
CA GLN C 253 -17.86 -14.93 -37.38
C GLN C 253 -16.70 -14.83 -36.41
N GLN C 254 -16.96 -15.05 -35.13
CA GLN C 254 -15.90 -14.89 -34.13
C GLN C 254 -15.22 -16.19 -33.76
N ARG C 255 -15.93 -17.07 -33.10
CA ARG C 255 -15.31 -18.31 -32.64
C ARG C 255 -14.81 -19.21 -33.73
N CYS C 256 -15.54 -19.34 -34.82
CA CYS C 256 -15.15 -20.30 -35.84
C CYS C 256 -13.84 -20.03 -36.56
N GLU C 257 -13.34 -18.80 -36.51
CA GLU C 257 -12.04 -18.56 -37.10
C GLU C 257 -10.95 -18.86 -36.11
N LEU C 258 -9.99 -19.66 -36.53
CA LEU C 258 -8.87 -19.99 -35.69
C LEU C 258 -7.72 -19.52 -36.55
N GLY C 259 -6.78 -18.80 -35.96
CA GLY C 259 -5.63 -18.39 -36.73
C GLY C 259 -4.77 -19.56 -37.11
N ARG C 260 -3.76 -19.32 -37.93
CA ARG C 260 -2.84 -20.37 -38.29
C ARG C 260 -2.28 -20.98 -37.02
N ILE C 261 -1.98 -20.15 -36.03
CA ILE C 261 -1.48 -20.66 -34.79
C ILE C 261 -2.54 -21.48 -34.13
N GLY C 262 -3.77 -21.01 -34.18
CA GLY C 262 -4.86 -21.78 -33.62
C GLY C 262 -5.08 -23.13 -34.26
N ARG C 263 -5.01 -23.19 -35.58
CA ARG C 263 -5.19 -24.45 -36.28
C ARG C 263 -4.12 -25.47 -35.97
N ARG C 264 -2.87 -25.04 -35.93
CA ARG C 264 -1.79 -25.98 -35.71
C ARG C 264 -1.89 -26.62 -34.34
N ASN C 265 -2.28 -25.84 -33.36
CA ASN C 265 -2.39 -26.33 -32.01
C ASN C 265 -3.49 -27.37 -31.94
N MET C 266 -4.58 -27.10 -32.64
CA MET C 266 -5.70 -28.03 -32.64
C MET C 266 -5.26 -29.34 -33.23
N ASN C 267 -4.55 -29.27 -34.34
CA ASN C 267 -4.13 -30.47 -35.02
C ASN C 267 -3.20 -31.29 -34.15
N ARG C 268 -2.28 -30.63 -33.44
CA ARG C 268 -1.42 -31.37 -32.54
C ARG C 268 -2.14 -32.02 -31.34
N ARG C 269 -3.02 -31.29 -30.68
CA ARG C 269 -3.65 -31.83 -29.47
C ARG C 269 -4.59 -32.98 -29.77
N LEU C 270 -5.41 -32.82 -30.80
CA LEU C 270 -6.28 -33.90 -31.19
C LEU C 270 -5.64 -34.21 -32.48
N ASN C 271 -5.11 -35.40 -32.65
CA ASN C 271 -4.39 -35.63 -33.88
C ASN C 271 -5.39 -35.49 -34.99
N LEU C 272 -5.08 -34.64 -35.96
CA LEU C 272 -5.97 -34.41 -37.08
C LEU C 272 -4.96 -33.93 -38.08
N ASP C 273 -5.31 -33.94 -39.36
CA ASP C 273 -4.38 -33.40 -40.34
C ASP C 273 -5.05 -32.56 -41.39
N ILE C 274 -6.01 -31.74 -41.00
CA ILE C 274 -6.58 -30.83 -41.96
C ILE C 274 -5.43 -29.93 -42.38
N PRO C 275 -5.35 -29.54 -43.66
CA PRO C 275 -4.17 -28.78 -44.09
C PRO C 275 -4.09 -27.36 -43.55
N GLN C 276 -2.90 -26.78 -43.49
CA GLN C 276 -2.71 -25.46 -42.85
C GLN C 276 -3.48 -24.27 -43.44
N ASN C 277 -3.66 -24.26 -44.74
CA ASN C 277 -4.41 -23.21 -45.37
C ASN C 277 -5.80 -23.19 -44.74
N ASN C 278 -6.34 -24.35 -44.40
CA ASN C 278 -7.63 -24.37 -43.71
C ASN C 278 -7.45 -23.67 -42.38
N THR C 279 -8.39 -22.82 -42.00
CA THR C 279 -8.25 -22.06 -40.78
C THR C 279 -9.60 -21.90 -40.17
N PHE C 280 -10.35 -22.97 -40.06
CA PHE C 280 -11.73 -22.83 -39.60
C PHE C 280 -12.16 -23.84 -38.56
N LEU C 281 -13.23 -23.55 -37.84
CA LEU C 281 -13.73 -24.54 -36.90
C LEU C 281 -14.59 -25.52 -37.67
N LEU C 282 -13.95 -26.35 -38.48
CA LEU C 282 -14.67 -27.33 -39.27
C LEU C 282 -15.26 -28.29 -38.27
N PRO C 283 -16.40 -28.89 -38.60
CA PRO C 283 -17.05 -29.75 -37.61
C PRO C 283 -16.37 -31.04 -37.09
N ARG C 284 -15.58 -31.70 -37.92
CA ARG C 284 -14.90 -32.93 -37.53
C ARG C 284 -14.18 -32.70 -36.24
N ASP C 285 -13.64 -31.50 -36.09
CA ASP C 285 -12.85 -31.20 -34.91
C ASP C 285 -13.70 -31.30 -33.67
N ILE C 286 -14.91 -30.80 -33.74
CA ILE C 286 -15.77 -30.82 -32.57
C ILE C 286 -16.03 -32.26 -32.17
N LEU C 287 -16.22 -33.14 -33.13
CA LEU C 287 -16.43 -34.53 -32.82
C LEU C 287 -15.21 -35.13 -32.14
N ALA C 288 -14.04 -34.79 -32.64
CA ALA C 288 -12.82 -35.33 -32.06
C ALA C 288 -12.68 -34.87 -30.63
N ALA C 289 -13.06 -33.64 -30.38
CA ALA C 289 -12.94 -33.11 -29.05
C ALA C 289 -13.79 -33.90 -28.09
N ALA C 290 -15.00 -34.24 -28.49
CA ALA C 290 -15.88 -35.01 -27.64
C ALA C 290 -15.29 -36.37 -27.38
N ASP C 291 -14.68 -36.94 -28.40
CA ASP C 291 -14.11 -38.25 -28.25
C ASP C 291 -13.01 -38.24 -27.22
N HIS C 292 -12.16 -37.24 -27.24
CA HIS C 292 -11.14 -37.13 -26.21
C HIS C 292 -11.75 -36.91 -24.86
N LEU C 293 -12.78 -36.09 -24.81
CA LEU C 293 -13.38 -35.75 -23.53
C LEU C 293 -13.82 -36.98 -22.74
N ILE C 294 -14.29 -38.00 -23.44
CA ILE C 294 -14.77 -39.19 -22.75
C ILE C 294 -13.61 -40.11 -22.39
N GLY C 295 -12.57 -40.13 -23.20
CA GLY C 295 -11.42 -40.95 -22.92
C GLY C 295 -10.84 -40.61 -21.57
N LEU C 296 -10.84 -39.34 -21.19
CA LEU C 296 -10.36 -38.93 -19.89
C LEU C 296 -11.19 -39.55 -18.81
N LYS C 297 -12.49 -39.60 -19.01
CA LYS C 297 -13.40 -40.20 -18.01
C LYS C 297 -13.04 -41.66 -17.81
N PHE C 298 -12.54 -42.34 -18.84
CA PHE C 298 -12.09 -43.71 -18.73
C PHE C 298 -10.60 -43.89 -18.39
N GLY C 299 -9.85 -42.81 -18.18
CA GLY C 299 -8.43 -42.89 -17.89
C GLY C 299 -7.35 -42.65 -18.96
N MET C 300 -7.74 -42.39 -20.18
CA MET C 300 -6.76 -42.31 -21.23
C MET C 300 -6.57 -40.91 -21.69
N GLY C 301 -5.85 -40.12 -20.92
CA GLY C 301 -5.72 -38.74 -21.31
C GLY C 301 -4.75 -37.86 -20.59
N ALA C 302 -4.56 -36.66 -21.12
CA ALA C 302 -3.66 -35.72 -20.51
C ALA C 302 -4.42 -34.47 -20.18
N LEU C 303 -4.23 -33.96 -18.99
CA LEU C 303 -4.86 -32.70 -18.65
C LEU C 303 -3.80 -31.64 -18.88
N ASP C 304 -4.16 -30.57 -19.57
CA ASP C 304 -3.19 -29.54 -19.91
C ASP C 304 -2.71 -28.61 -18.83
N ASP C 305 -1.52 -28.03 -19.02
CA ASP C 305 -0.99 -27.05 -18.08
C ASP C 305 -1.03 -25.78 -18.85
N MET C 306 -1.71 -24.78 -18.34
CA MET C 306 -1.88 -23.57 -19.10
C MET C 306 -0.81 -22.53 -18.86
N ASN C 307 0.11 -22.82 -17.95
CA ASN C 307 1.17 -21.89 -17.65
C ASN C 307 2.40 -22.21 -18.47
N HIS C 308 2.37 -23.30 -19.21
CA HIS C 308 3.49 -23.71 -20.04
C HIS C 308 3.59 -22.75 -21.16
N LEU C 309 4.77 -22.59 -21.70
CA LEU C 309 4.96 -21.61 -22.75
C LEU C 309 4.67 -22.17 -24.10
N LYS C 310 4.30 -23.42 -24.20
CA LYS C 310 3.93 -23.95 -25.49
C LYS C 310 2.53 -23.49 -25.74
N ASN C 311 1.86 -23.06 -24.70
CA ASN C 311 0.48 -22.64 -24.81
C ASN C 311 0.32 -21.14 -24.82
N LYS C 312 1.42 -20.41 -24.91
CA LYS C 312 1.37 -18.96 -24.88
C LYS C 312 2.03 -18.38 -26.11
N ARG C 313 1.71 -17.15 -26.47
CA ARG C 313 2.22 -16.56 -27.69
C ARG C 313 2.72 -15.16 -27.41
N ILE C 314 3.68 -14.67 -28.18
CA ILE C 314 4.24 -13.36 -27.96
C ILE C 314 3.89 -12.41 -29.07
N ARG C 315 3.32 -11.26 -28.74
CA ARG C 315 3.05 -10.26 -29.76
C ARG C 315 4.22 -9.32 -29.75
N SER C 316 4.37 -8.47 -30.74
CA SER C 316 5.56 -7.65 -30.82
C SER C 316 5.36 -6.33 -31.48
N VAL C 317 6.44 -5.69 -31.90
CA VAL C 317 6.30 -4.45 -32.61
C VAL C 317 5.52 -4.71 -33.86
N ALA C 318 5.88 -5.76 -34.58
CA ALA C 318 5.26 -5.99 -35.86
C ALA C 318 3.78 -6.19 -35.76
N ASP C 319 3.35 -7.01 -34.83
CA ASP C 319 1.94 -7.31 -34.75
C ASP C 319 1.16 -6.06 -34.45
N LEU C 320 1.65 -5.28 -33.49
CA LEU C 320 0.90 -4.12 -33.11
C LEU C 320 0.82 -3.16 -34.26
N LEU C 321 1.93 -2.97 -34.97
CA LEU C 321 1.90 -2.02 -36.04
C LEU C 321 0.97 -2.44 -37.15
N GLN C 322 0.94 -3.73 -37.46
CA GLN C 322 0.06 -4.21 -38.50
C GLN C 322 -1.37 -4.00 -38.10
N ASP C 323 -1.68 -4.28 -36.85
CA ASP C 323 -3.03 -4.10 -36.38
C ASP C 323 -3.47 -2.67 -36.59
N GLN C 324 -2.69 -1.72 -36.13
CA GLN C 324 -3.03 -0.33 -36.28
C GLN C 324 -3.24 0.05 -37.72
N PHE C 325 -2.48 -0.51 -38.64
CA PHE C 325 -2.59 -0.15 -40.03
C PHE C 325 -3.96 -0.55 -40.48
N GLY C 326 -4.45 -1.67 -40.03
CA GLY C 326 -5.79 -2.06 -40.38
C GLY C 326 -6.87 -1.13 -39.91
N LEU C 327 -6.78 -0.65 -38.68
CA LEU C 327 -7.77 0.26 -38.19
C LEU C 327 -7.76 1.48 -39.05
N ALA C 328 -6.60 1.97 -39.39
CA ALA C 328 -6.52 3.18 -40.13
C ALA C 328 -7.12 2.99 -41.46
N LEU C 329 -6.95 1.82 -42.02
CA LEU C 329 -7.43 1.58 -43.37
C LEU C 329 -8.94 1.58 -43.45
N VAL C 330 -9.60 1.03 -42.44
CA VAL C 330 -11.03 1.04 -42.38
C VAL C 330 -11.49 2.50 -42.33
N ARG C 331 -10.81 3.33 -41.59
CA ARG C 331 -11.14 4.73 -41.58
C ARG C 331 -10.99 5.40 -42.93
N LEU C 332 -10.11 4.94 -43.79
CA LEU C 332 -10.03 5.56 -45.09
C LEU C 332 -11.22 5.21 -45.94
N GLU C 333 -11.76 4.01 -45.77
CA GLU C 333 -12.95 3.68 -46.51
C GLU C 333 -14.09 4.58 -46.12
N ASN C 334 -14.31 4.83 -44.83
CA ASN C 334 -15.34 5.76 -44.44
C ASN C 334 -15.12 7.12 -45.07
N VAL C 335 -13.91 7.61 -45.14
CA VAL C 335 -13.73 8.93 -45.69
C VAL C 335 -14.03 8.90 -47.18
N VAL C 336 -13.59 7.88 -47.89
CA VAL C 336 -13.77 7.80 -49.36
C VAL C 336 -15.22 7.76 -49.79
N ARG C 337 -16.03 6.99 -49.08
CA ARG C 337 -17.43 6.87 -49.39
C ARG C 337 -18.03 8.24 -49.24
N GLY C 338 -17.68 8.93 -48.19
CA GLY C 338 -18.21 10.24 -47.96
C GLY C 338 -17.86 11.26 -49.03
N THR C 339 -16.63 11.26 -49.51
CA THR C 339 -16.34 12.19 -50.58
C THR C 339 -17.03 11.83 -51.89
N ILE C 340 -17.35 10.55 -52.07
CA ILE C 340 -18.08 10.18 -53.27
C ILE C 340 -19.44 10.86 -53.23
N CYS C 341 -20.07 10.86 -52.07
CA CYS C 341 -21.38 11.48 -51.94
C CYS C 341 -21.27 12.97 -52.22
N GLY C 342 -20.19 13.57 -51.78
CA GLY C 342 -19.97 14.99 -52.00
C GLY C 342 -19.87 15.29 -53.48
N ALA C 343 -19.25 14.39 -54.22
CA ALA C 343 -19.09 14.60 -55.64
C ALA C 343 -20.44 14.70 -56.30
N ILE C 344 -21.39 13.89 -55.86
CA ILE C 344 -22.72 13.90 -56.44
C ILE C 344 -23.38 15.27 -56.27
N ARG C 345 -23.24 15.85 -55.08
CA ARG C 345 -23.87 17.13 -54.83
C ARG C 345 -23.32 18.19 -55.75
N HIS C 346 -22.01 18.20 -55.93
CA HIS C 346 -21.40 19.23 -56.75
C HIS C 346 -21.33 18.81 -58.19
N LYS C 347 -21.72 17.57 -58.45
CA LYS C 347 -21.72 17.06 -59.82
C LYS C 347 -20.36 17.30 -60.46
N LEU C 348 -19.28 16.91 -59.80
CA LEU C 348 -17.94 17.21 -60.31
C LEU C 348 -17.10 15.97 -60.59
N ILE C 349 -16.26 16.06 -61.61
CA ILE C 349 -15.42 14.92 -61.98
C ILE C 349 -14.32 14.77 -60.96
N PRO C 350 -14.27 13.60 -60.32
CA PRO C 350 -13.28 13.42 -59.27
C PRO C 350 -11.86 13.27 -59.74
N THR C 351 -10.92 13.74 -58.94
CA THR C 351 -9.52 13.53 -59.26
C THR C 351 -9.27 12.50 -58.19
N PRO C 352 -8.49 11.47 -58.48
CA PRO C 352 -8.38 10.42 -57.47
C PRO C 352 -7.88 10.99 -56.17
N GLN C 353 -6.95 11.94 -56.25
CA GLN C 353 -6.41 12.55 -55.04
C GLN C 353 -7.49 13.24 -54.27
N ASN C 354 -8.42 13.88 -54.95
CA ASN C 354 -9.43 14.64 -54.25
C ASN C 354 -10.25 13.75 -53.34
N LEU C 355 -10.52 12.55 -53.80
CA LEU C 355 -11.29 11.63 -52.99
C LEU C 355 -10.58 11.24 -51.68
N VAL C 356 -9.26 11.11 -51.69
CA VAL C 356 -8.54 10.64 -50.50
C VAL C 356 -7.63 11.63 -49.76
N THR C 357 -7.77 11.73 -48.45
CA THR C 357 -6.91 12.60 -47.63
C THR C 357 -5.89 11.81 -46.86
N SER C 358 -4.87 12.48 -46.32
CA SER C 358 -3.82 11.80 -45.59
C SER C 358 -4.08 11.69 -44.12
N THR C 359 -5.18 12.27 -43.66
CA THR C 359 -5.46 12.29 -42.24
C THR C 359 -5.63 10.94 -41.56
N PRO C 360 -6.34 10.00 -42.21
CA PRO C 360 -6.51 8.77 -41.43
C PRO C 360 -5.23 8.03 -41.04
N LEU C 361 -4.24 7.88 -41.91
CA LEU C 361 -3.04 7.20 -41.49
C LEU C 361 -2.28 7.92 -40.40
N THR C 362 -2.12 9.22 -40.53
CA THR C 362 -1.31 9.93 -39.57
C THR C 362 -1.95 9.95 -38.19
N THR C 363 -3.25 10.15 -38.14
CA THR C 363 -3.90 10.26 -36.87
C THR C 363 -3.89 8.99 -36.08
N THR C 364 -3.94 7.85 -36.76
CA THR C 364 -4.01 6.59 -36.05
C THR C 364 -2.73 6.35 -35.31
N TYR C 365 -1.61 6.50 -35.99
CA TYR C 365 -0.34 6.31 -35.35
C TYR C 365 -0.06 7.33 -34.27
N GLU C 366 -0.36 8.59 -34.51
CA GLU C 366 -0.14 9.62 -33.51
C GLU C 366 -0.83 9.25 -32.24
N SER C 367 -2.03 8.71 -32.35
CA SER C 367 -2.73 8.24 -31.18
C SER C 367 -2.16 6.99 -30.53
N PHE C 368 -1.69 6.03 -31.31
CA PHE C 368 -1.12 4.83 -30.75
C PHE C 368 0.09 5.15 -29.95
N PHE C 369 0.98 5.95 -30.49
CA PHE C 369 2.18 6.23 -29.81
C PHE C 369 1.91 7.01 -28.58
N GLY C 370 1.08 8.01 -28.67
CA GLY C 370 0.70 8.75 -27.51
C GLY C 370 -0.12 8.11 -26.40
N LEU C 371 -1.09 7.30 -26.72
CA LEU C 371 -1.96 6.77 -25.71
C LEU C 371 -2.00 5.26 -25.41
N HIS C 372 -1.31 4.42 -26.17
CA HIS C 372 -1.40 2.99 -25.96
C HIS C 372 -0.68 2.65 -24.70
N PRO C 373 -1.14 1.62 -24.00
CA PRO C 373 -0.45 1.19 -22.80
C PRO C 373 0.97 0.66 -23.02
N LEU C 374 1.23 -0.04 -24.10
CA LEU C 374 2.52 -0.65 -24.35
C LEU C 374 3.49 0.19 -25.11
N SER C 375 3.17 1.44 -25.43
CA SER C 375 4.14 2.33 -26.03
C SER C 375 4.58 3.20 -24.93
N GLN C 376 5.87 3.22 -24.62
CA GLN C 376 6.37 3.94 -23.50
C GLN C 376 7.54 4.80 -23.88
N VAL C 377 7.82 5.85 -23.13
CA VAL C 377 8.97 6.70 -23.37
C VAL C 377 10.24 6.07 -22.89
N LEU C 378 11.32 6.18 -23.64
CA LEU C 378 12.56 5.54 -23.28
C LEU C 378 13.26 6.13 -22.07
N ASP C 379 13.77 5.31 -21.15
CA ASP C 379 14.54 5.81 -20.03
C ASP C 379 15.90 6.05 -20.50
N ARG C 380 16.40 7.24 -20.31
CA ARG C 380 17.69 7.58 -20.76
C ARG C 380 18.56 8.04 -19.63
N THR C 381 18.38 7.50 -18.44
CA THR C 381 19.21 7.83 -17.31
C THR C 381 20.64 7.45 -17.52
N ASN C 382 20.91 6.30 -18.06
CA ASN C 382 22.25 5.79 -18.25
C ASN C 382 22.23 4.91 -19.46
N PRO C 383 23.41 4.46 -19.93
CA PRO C 383 23.32 3.55 -21.07
C PRO C 383 22.65 2.19 -20.85
N LEU C 384 22.76 1.63 -19.66
CA LEU C 384 22.11 0.37 -19.38
C LEU C 384 20.61 0.46 -19.48
N THR C 385 20.03 1.54 -19.01
CA THR C 385 18.59 1.66 -19.04
C THR C 385 18.06 1.61 -20.43
N GLN C 386 18.75 2.21 -21.38
CA GLN C 386 18.32 2.17 -22.75
C GLN C 386 18.31 0.78 -23.32
N ILE C 387 19.34 -0.02 -23.08
CA ILE C 387 19.33 -1.41 -23.54
C ILE C 387 18.31 -2.34 -22.88
N VAL C 388 18.10 -2.21 -21.58
CA VAL C 388 17.13 -3.05 -20.88
C VAL C 388 15.67 -2.85 -21.23
N HIS C 389 15.25 -1.65 -21.55
CA HIS C 389 13.84 -1.37 -21.77
C HIS C 389 13.24 -2.17 -22.88
N GLY C 390 13.98 -2.33 -23.96
CA GLY C 390 13.50 -3.07 -25.10
C GLY C 390 13.20 -4.52 -24.84
N ARG C 391 14.00 -5.16 -24.03
CA ARG C 391 13.86 -6.58 -23.79
C ARG C 391 12.68 -6.99 -22.91
N LYS C 392 11.94 -6.05 -22.36
CA LYS C 392 10.84 -6.35 -21.46
C LYS C 392 9.63 -7.09 -21.99
N LEU C 393 9.03 -7.94 -21.15
CA LEU C 393 7.85 -8.70 -21.54
C LEU C 393 6.77 -8.47 -20.50
N SER C 394 5.54 -8.26 -20.93
CA SER C 394 4.44 -8.00 -20.00
C SER C 394 3.26 -8.93 -20.18
N TYR C 395 2.69 -9.42 -19.09
CA TYR C 395 1.48 -10.22 -19.19
C TYR C 395 0.33 -9.29 -19.32
N LEU C 396 0.37 -8.18 -18.60
CA LEU C 396 -0.65 -7.17 -18.69
C LEU C 396 -0.56 -6.43 -20.00
N GLY C 397 -1.57 -5.66 -20.34
CA GLY C 397 -1.58 -4.89 -21.56
C GLY C 397 -3.01 -4.88 -22.01
N PRO C 398 -3.31 -4.29 -23.17
CA PRO C 398 -4.68 -4.39 -23.69
C PRO C 398 -4.97 -5.81 -24.09
N GLY C 399 -6.17 -6.30 -23.87
CA GLY C 399 -6.47 -7.68 -24.16
C GLY C 399 -5.56 -8.58 -23.38
N GLY C 400 -5.29 -8.21 -22.15
CA GLY C 400 -4.38 -8.97 -21.32
C GLY C 400 -4.79 -8.88 -19.89
N LEU C 401 -4.09 -9.56 -19.03
CA LEU C 401 -4.47 -9.60 -17.64
C LEU C 401 -4.29 -8.28 -16.89
N THR C 402 -4.99 -8.12 -15.78
CA THR C 402 -4.85 -6.92 -14.95
C THR C 402 -4.21 -7.35 -13.66
N GLY C 403 -3.39 -6.51 -13.07
CA GLY C 403 -2.65 -6.96 -11.91
C GLY C 403 -3.37 -7.37 -10.67
N ARG C 404 -4.37 -6.62 -10.28
CA ARG C 404 -5.16 -6.96 -9.11
C ARG C 404 -5.92 -8.24 -9.35
N THR C 405 -6.46 -8.39 -10.54
CA THR C 405 -7.20 -9.59 -10.91
C THR C 405 -6.43 -10.88 -10.99
N ALA C 406 -5.19 -10.85 -11.47
CA ALA C 406 -4.43 -12.08 -11.72
C ALA C 406 -4.05 -13.05 -10.63
N SER C 407 -4.08 -14.34 -10.94
CA SER C 407 -3.80 -15.40 -9.96
C SER C 407 -2.40 -15.55 -9.47
N PHE C 408 -2.25 -16.12 -8.29
CA PHE C 408 -0.93 -16.34 -7.74
C PHE C 408 -0.11 -17.27 -8.60
N ARG C 409 -0.73 -18.28 -9.18
CA ARG C 409 0.00 -19.22 -10.00
C ARG C 409 0.66 -18.64 -11.27
N ILE C 410 0.07 -17.63 -11.89
CA ILE C 410 0.68 -17.02 -13.07
C ILE C 410 1.99 -16.35 -12.74
N ARG C 411 2.23 -16.03 -11.49
CA ARG C 411 3.42 -15.31 -11.12
C ARG C 411 4.61 -16.04 -10.52
N ASP C 412 4.66 -17.34 -10.77
CA ASP C 412 5.76 -18.13 -10.34
C ASP C 412 6.50 -18.62 -11.56
N ILE C 413 7.71 -19.11 -11.38
CA ILE C 413 8.51 -19.61 -12.46
C ILE C 413 7.99 -20.95 -12.84
N HIS C 414 8.12 -21.32 -14.09
CA HIS C 414 7.66 -22.59 -14.56
C HIS C 414 8.87 -23.23 -15.11
N PRO C 415 8.92 -24.53 -15.13
CA PRO C 415 10.11 -25.11 -15.72
C PRO C 415 10.35 -24.83 -17.20
N SER C 416 9.38 -24.36 -17.96
CA SER C 416 9.51 -24.02 -19.37
C SER C 416 10.26 -22.75 -19.63
N HIS C 417 10.43 -21.89 -18.64
CA HIS C 417 11.08 -20.61 -18.80
C HIS C 417 12.55 -20.59 -19.02
N TYR C 418 13.25 -21.67 -18.73
CA TYR C 418 14.70 -21.66 -18.79
C TYR C 418 15.32 -21.42 -20.12
N GLY C 419 16.11 -20.37 -20.21
CA GLY C 419 16.77 -20.06 -21.45
C GLY C 419 15.97 -19.06 -22.18
N ARG C 420 14.72 -18.89 -21.79
CA ARG C 420 13.85 -17.94 -22.45
C ARG C 420 13.53 -16.68 -21.66
N ILE C 421 13.08 -16.83 -20.42
CA ILE C 421 12.75 -15.68 -19.59
C ILE C 421 13.57 -15.74 -18.31
N CYS C 422 14.21 -14.65 -17.91
CA CYS C 422 15.08 -14.66 -16.74
C CYS C 422 14.35 -14.90 -15.46
N PRO C 423 14.87 -15.82 -14.65
CA PRO C 423 14.25 -16.11 -13.37
C PRO C 423 14.27 -14.97 -12.36
N ILE C 424 15.38 -14.27 -12.24
CA ILE C 424 15.54 -13.19 -11.28
C ILE C 424 14.76 -11.89 -11.48
N ASP C 425 14.68 -11.38 -12.68
CA ASP C 425 14.06 -10.07 -12.90
C ASP C 425 12.57 -9.99 -12.89
N THR C 426 12.02 -9.10 -12.08
CA THR C 426 10.59 -8.92 -12.00
C THR C 426 10.44 -7.56 -11.43
N SER C 427 9.24 -7.00 -11.48
CA SER C 427 9.01 -5.73 -10.86
C SER C 427 8.21 -5.89 -9.60
N GLU C 428 8.81 -5.60 -8.45
CA GLU C 428 8.12 -5.80 -7.17
C GLU C 428 6.93 -4.86 -6.97
N GLY C 429 5.93 -5.28 -6.23
CA GLY C 429 4.75 -4.46 -6.05
C GLY C 429 3.55 -5.31 -6.28
N ILE C 430 2.39 -4.72 -6.51
CA ILE C 430 1.20 -5.50 -6.85
C ILE C 430 1.37 -6.07 -8.24
N ASN C 431 2.37 -5.58 -8.97
CA ASN C 431 2.64 -6.13 -10.28
C ASN C 431 3.75 -7.20 -10.27
N VAL C 432 4.14 -7.71 -9.10
CA VAL C 432 5.24 -8.67 -9.04
C VAL C 432 4.92 -9.97 -9.77
N GLY C 433 5.83 -10.43 -10.61
CA GLY C 433 5.63 -11.65 -11.36
C GLY C 433 4.99 -11.53 -12.70
N LEU C 434 4.52 -10.35 -13.04
CA LEU C 434 3.85 -10.15 -14.31
C LEU C 434 4.61 -9.37 -15.35
N ILE C 435 5.66 -8.67 -14.98
CA ILE C 435 6.51 -7.99 -15.94
C ILE C 435 7.87 -8.65 -15.80
N GLY C 436 8.50 -9.04 -16.89
CA GLY C 436 9.75 -9.76 -16.85
C GLY C 436 10.67 -9.46 -18.00
N SER C 437 11.76 -10.22 -18.14
CA SER C 437 12.74 -9.92 -19.15
C SER C 437 13.27 -11.09 -19.95
N LEU C 438 13.54 -10.88 -21.23
CA LEU C 438 14.08 -11.91 -22.07
C LEU C 438 15.53 -12.22 -21.75
N ALA C 439 15.91 -13.49 -21.85
CA ALA C 439 17.28 -13.90 -21.55
C ALA C 439 18.17 -13.55 -22.68
N ILE C 440 19.47 -13.68 -22.48
CA ILE C 440 20.44 -13.28 -23.50
C ILE C 440 20.35 -14.03 -24.83
N HIS C 441 20.30 -15.36 -24.79
CA HIS C 441 20.30 -16.13 -26.04
C HIS C 441 18.92 -16.44 -26.60
N ALA C 442 17.87 -15.80 -26.12
CA ALA C 442 16.56 -16.03 -26.72
C ALA C 442 16.26 -15.34 -28.04
N ARG C 443 15.38 -15.92 -28.85
CA ARG C 443 14.97 -15.32 -30.11
C ARG C 443 13.48 -15.58 -30.26
N ILE C 444 12.81 -14.98 -31.24
CA ILE C 444 11.40 -15.26 -31.47
C ILE C 444 11.18 -16.10 -32.71
N GLY C 445 10.41 -17.18 -32.61
CA GLY C 445 10.22 -18.10 -33.72
C GLY C 445 9.22 -17.75 -34.80
N HIS C 446 8.97 -18.66 -35.72
CA HIS C 446 8.05 -18.39 -36.80
C HIS C 446 6.71 -18.17 -36.19
N TRP C 447 6.37 -19.00 -35.23
CA TRP C 447 5.14 -18.80 -34.50
C TRP C 447 5.57 -17.92 -33.37
N GLY C 448 4.67 -17.49 -32.53
CA GLY C 448 5.04 -16.56 -31.50
C GLY C 448 6.01 -17.07 -30.47
N SER C 449 6.23 -18.36 -30.40
CA SER C 449 7.06 -18.93 -29.34
C SER C 449 8.53 -18.57 -29.27
N LEU C 450 9.08 -18.60 -28.06
CA LEU C 450 10.49 -18.32 -27.86
C LEU C 450 11.32 -19.57 -27.98
N GLU C 451 12.63 -19.46 -28.13
CA GLU C 451 13.53 -20.59 -28.36
C GLU C 451 14.89 -20.50 -27.67
N SER C 452 15.30 -21.59 -27.03
CA SER C 452 16.59 -21.62 -26.35
C SER C 452 17.56 -22.52 -27.10
N PRO C 453 18.78 -22.03 -27.37
CA PRO C 453 19.77 -22.83 -28.10
C PRO C 453 20.29 -24.04 -27.35
N PHE C 454 20.50 -25.16 -28.05
CA PHE C 454 21.02 -26.37 -27.42
C PHE C 454 22.02 -27.07 -28.33
N TYR C 455 23.03 -27.71 -27.75
CA TYR C 455 24.04 -28.41 -28.54
C TYR C 455 23.81 -29.89 -28.55
N GLU C 456 23.80 -30.49 -29.73
CA GLU C 456 23.56 -31.91 -29.86
C GLU C 456 24.83 -32.70 -29.71
N ILE C 457 24.87 -33.59 -28.72
CA ILE C 457 26.08 -34.34 -28.48
C ILE C 457 25.94 -35.72 -29.05
N SER C 458 24.76 -36.02 -29.55
CA SER C 458 24.54 -37.32 -30.18
C SER C 458 25.41 -37.50 -31.39
N GLU C 459 25.91 -38.71 -31.59
CA GLU C 459 26.80 -38.97 -32.72
C GLU C 459 26.10 -38.80 -34.04
N ARG C 460 26.75 -38.10 -34.96
CA ARG C 460 26.20 -37.85 -36.26
C ARG C 460 27.47 -37.57 -36.99
N SER C 461 27.38 -37.42 -38.31
CA SER C 461 28.58 -37.16 -39.11
C SER C 461 29.32 -35.97 -38.54
N THR C 462 28.70 -34.81 -38.60
CA THR C 462 29.32 -33.63 -38.05
C THR C 462 29.48 -33.88 -36.56
N GLY C 463 28.47 -34.47 -35.93
CA GLY C 463 28.53 -34.79 -34.51
C GLY C 463 28.05 -33.68 -33.60
N VAL C 464 27.81 -32.52 -34.19
CA VAL C 464 27.29 -31.43 -33.42
C VAL C 464 26.67 -30.34 -34.22
N ARG C 465 25.68 -29.68 -33.65
CA ARG C 465 25.13 -28.55 -34.31
C ARG C 465 24.46 -27.83 -33.19
N MET C 466 24.27 -26.55 -33.34
CA MET C 466 23.55 -25.83 -32.35
C MET C 466 22.21 -25.67 -32.96
N LEU C 467 21.16 -25.98 -32.19
CA LEU C 467 19.80 -25.86 -32.69
C LEU C 467 18.98 -25.04 -31.70
N TYR C 468 17.92 -24.40 -32.18
CA TYR C 468 17.05 -23.64 -31.28
C TYR C 468 15.78 -24.43 -31.09
N LEU C 469 15.35 -24.62 -29.85
CA LEU C 469 14.19 -25.48 -29.60
C LEU C 469 12.96 -24.80 -29.04
N SER C 470 11.80 -25.15 -29.60
CA SER C 470 10.54 -24.59 -29.12
C SER C 470 10.23 -25.08 -27.70
N PRO C 471 9.53 -24.25 -26.90
CA PRO C 471 9.24 -24.62 -25.52
C PRO C 471 8.69 -26.04 -25.36
N GLY C 472 7.96 -26.53 -26.36
CA GLY C 472 7.45 -27.88 -26.28
C GLY C 472 8.43 -28.98 -26.62
N ARG C 473 9.10 -28.86 -27.75
CA ARG C 473 10.06 -29.86 -28.19
C ARG C 473 11.11 -30.35 -27.22
N ASP C 474 11.64 -29.50 -26.37
CA ASP C 474 12.74 -29.88 -25.50
C ASP C 474 12.40 -30.62 -24.23
N GLU C 475 11.13 -30.76 -23.95
CA GLU C 475 10.70 -31.49 -22.79
C GLU C 475 10.91 -32.95 -23.07
N TYR C 476 11.13 -33.30 -24.32
CA TYR C 476 11.27 -34.67 -24.71
C TYR C 476 12.70 -35.12 -24.93
N TYR C 477 13.67 -34.30 -24.58
CA TYR C 477 15.05 -34.67 -24.70
C TYR C 477 15.65 -34.55 -23.35
N MET C 478 16.74 -35.27 -23.07
CA MET C 478 17.44 -35.11 -21.83
C MET C 478 18.51 -34.10 -22.01
N VAL C 479 18.52 -33.05 -21.19
CA VAL C 479 19.48 -31.96 -21.30
C VAL C 479 20.34 -31.92 -20.06
N ALA C 480 21.65 -31.84 -20.20
CA ALA C 480 22.57 -31.78 -19.09
C ALA C 480 23.41 -30.55 -19.08
N ALA C 481 23.66 -29.93 -17.93
CA ALA C 481 24.61 -28.81 -17.86
C ALA C 481 25.93 -29.10 -17.16
N GLY C 482 26.22 -30.35 -16.86
CA GLY C 482 27.46 -30.74 -16.23
C GLY C 482 28.57 -30.94 -17.19
N ASN C 483 29.67 -31.49 -16.73
CA ASN C 483 30.83 -31.60 -17.55
C ASN C 483 31.47 -32.95 -17.51
N SER C 484 32.44 -33.19 -18.38
CA SER C 484 33.02 -34.50 -18.51
C SER C 484 34.38 -34.64 -17.91
N LEU C 485 34.49 -34.54 -16.60
CA LEU C 485 35.74 -34.57 -15.95
C LEU C 485 35.62 -35.51 -14.79
N ALA C 486 35.43 -36.78 -15.09
CA ALA C 486 35.29 -37.77 -14.07
C ALA C 486 35.61 -39.05 -14.73
N LEU C 487 36.50 -39.83 -14.15
CA LEU C 487 36.85 -41.12 -14.69
C LEU C 487 37.16 -42.11 -13.61
N ASN C 488 36.58 -43.29 -13.68
CA ASN C 488 36.86 -44.36 -12.73
C ASN C 488 37.48 -45.48 -13.53
N GLN C 489 37.41 -46.70 -13.02
CA GLN C 489 37.94 -47.85 -13.74
C GLN C 489 37.11 -48.26 -14.93
N ASP C 490 35.94 -47.67 -15.12
CA ASP C 490 35.12 -47.93 -16.29
C ASP C 490 35.31 -46.76 -17.25
N ILE C 491 34.54 -46.69 -18.32
CA ILE C 491 34.78 -45.64 -19.31
C ILE C 491 33.99 -44.38 -19.07
N GLN C 492 34.26 -43.34 -19.83
CA GLN C 492 33.60 -42.05 -19.61
C GLN C 492 32.13 -42.11 -19.85
N GLU C 493 31.70 -42.95 -20.76
CA GLU C 493 30.31 -42.99 -21.11
C GLU C 493 29.42 -43.48 -19.98
N GLU C 494 29.98 -44.23 -19.04
CA GLU C 494 29.20 -44.75 -17.94
C GLU C 494 29.07 -43.82 -16.75
N GLN C 495 29.78 -42.71 -16.76
CA GLN C 495 29.75 -41.79 -15.64
C GLN C 495 28.43 -41.05 -15.58
N VAL C 496 28.00 -40.64 -14.40
CA VAL C 496 26.68 -40.02 -14.25
C VAL C 496 26.65 -38.50 -14.11
N VAL C 497 25.52 -37.88 -14.43
CA VAL C 497 25.39 -36.44 -14.37
C VAL C 497 23.96 -36.05 -14.08
N PRO C 498 23.73 -34.93 -13.41
CA PRO C 498 22.38 -34.42 -13.23
C PRO C 498 21.73 -33.91 -14.54
N ALA C 499 20.44 -34.10 -14.79
CA ALA C 499 19.78 -33.69 -16.03
C ALA C 499 18.32 -33.39 -15.93
N ARG C 500 17.76 -32.65 -16.87
CA ARG C 500 16.34 -32.39 -16.90
C ARG C 500 15.62 -33.21 -17.93
N TYR C 501 14.43 -33.68 -17.62
CA TYR C 501 13.62 -34.49 -18.51
C TYR C 501 12.22 -34.38 -18.05
N ARG C 502 11.31 -34.05 -18.94
CA ARG C 502 9.90 -33.93 -18.63
C ARG C 502 9.62 -33.14 -17.43
N GLN C 503 10.16 -31.95 -17.38
CA GLN C 503 9.93 -31.06 -16.30
C GLN C 503 10.36 -31.59 -14.97
N GLU C 504 11.48 -32.30 -14.92
CA GLU C 504 11.97 -32.89 -13.71
C GLU C 504 13.44 -32.97 -13.77
N PHE C 505 14.09 -33.18 -12.65
CA PHE C 505 15.53 -33.29 -12.55
C PHE C 505 15.85 -34.69 -12.15
N LEU C 506 16.77 -35.33 -12.82
CA LEU C 506 17.12 -36.69 -12.56
C LEU C 506 18.61 -36.86 -12.75
N THR C 507 19.16 -38.03 -12.43
CA THR C 507 20.56 -38.30 -12.68
C THR C 507 20.69 -39.45 -13.63
N ILE C 508 21.46 -39.31 -14.70
CA ILE C 508 21.59 -40.33 -15.73
C ILE C 508 22.99 -40.41 -16.24
N ALA C 509 23.34 -41.47 -16.96
CA ALA C 509 24.64 -41.63 -17.55
C ALA C 509 24.87 -40.76 -18.75
N TRP C 510 26.12 -40.48 -19.08
CA TRP C 510 26.46 -39.65 -20.20
C TRP C 510 26.06 -40.23 -21.54
N GLU C 511 25.90 -41.51 -21.64
CA GLU C 511 25.39 -42.13 -22.87
C GLU C 511 23.99 -41.72 -23.24
N GLN C 512 23.13 -41.52 -22.27
CA GLN C 512 21.74 -41.24 -22.52
C GLN C 512 21.33 -39.79 -22.65
N VAL C 513 22.28 -38.89 -22.77
CA VAL C 513 21.95 -37.51 -22.87
C VAL C 513 21.89 -37.08 -24.30
N HIS C 514 21.03 -36.17 -24.69
CA HIS C 514 20.93 -35.85 -26.07
C HIS C 514 21.47 -34.48 -26.35
N LEU C 515 21.17 -33.54 -25.49
CA LEU C 515 21.55 -32.18 -25.68
C LEU C 515 22.28 -31.66 -24.49
N ARG C 516 23.15 -30.70 -24.69
CA ARG C 516 23.90 -30.11 -23.62
C ARG C 516 23.76 -28.60 -23.69
N SER C 517 23.72 -27.91 -22.58
CA SER C 517 23.66 -26.45 -22.55
C SER C 517 25.07 -25.93 -22.35
N ILE C 518 25.59 -25.15 -23.28
CA ILE C 518 26.98 -24.75 -23.23
C ILE C 518 27.37 -23.31 -22.93
N PHE C 519 26.50 -22.35 -23.11
CA PHE C 519 26.83 -20.94 -22.96
C PHE C 519 26.81 -20.45 -21.55
N PRO C 520 27.80 -19.61 -21.15
CA PRO C 520 27.80 -19.05 -19.80
C PRO C 520 26.66 -18.13 -19.35
N PHE C 521 26.18 -17.21 -20.17
CA PHE C 521 25.18 -16.27 -19.76
C PHE C 521 23.77 -16.61 -20.18
N GLN C 522 23.49 -17.83 -20.55
CA GLN C 522 22.20 -18.23 -21.11
C GLN C 522 20.93 -18.09 -20.31
N TYR C 523 20.98 -18.31 -19.02
CA TYR C 523 19.76 -18.31 -18.25
C TYR C 523 19.41 -17.00 -17.59
N PHE C 524 20.12 -15.93 -17.89
CA PHE C 524 19.91 -14.68 -17.19
C PHE C 524 19.83 -13.47 -18.09
N SER C 525 19.28 -12.37 -17.59
CA SER C 525 19.19 -11.12 -18.35
C SER C 525 20.42 -10.26 -18.23
N ILE C 526 20.42 -9.11 -18.88
CA ILE C 526 21.57 -8.22 -18.83
C ILE C 526 21.96 -7.70 -17.46
N GLY C 527 21.04 -7.31 -16.59
CA GLY C 527 21.43 -6.89 -15.28
C GLY C 527 22.04 -7.90 -14.35
N ALA C 528 21.52 -9.09 -14.30
CA ALA C 528 22.07 -10.16 -13.51
C ALA C 528 23.36 -10.66 -14.06
N SER C 529 23.60 -10.43 -15.31
CA SER C 529 24.80 -10.84 -15.95
C SER C 529 25.88 -9.82 -15.81
N LEU C 530 25.64 -8.73 -15.13
CA LEU C 530 26.67 -7.75 -14.85
C LEU C 530 27.14 -7.76 -13.42
N ILE C 531 26.72 -8.72 -12.62
CA ILE C 531 27.15 -8.87 -11.25
C ILE C 531 28.25 -9.89 -11.16
N PRO C 532 29.40 -9.56 -10.56
CA PRO C 532 30.51 -10.49 -10.37
C PRO C 532 30.36 -11.41 -9.14
N PHE C 533 30.70 -12.69 -9.28
CA PHE C 533 30.58 -13.67 -8.21
C PHE C 533 29.16 -13.88 -7.79
N ILE C 534 28.24 -13.99 -8.73
CA ILE C 534 26.83 -14.13 -8.40
C ILE C 534 26.52 -15.43 -7.72
N GLU C 535 27.35 -16.43 -7.89
CA GLU C 535 27.12 -17.73 -7.33
C GLU C 535 27.13 -17.68 -5.85
N HIS C 536 27.83 -16.71 -5.30
CA HIS C 536 27.97 -16.61 -3.88
C HIS C 536 27.02 -15.61 -3.23
N ASN C 537 26.03 -15.11 -3.95
CA ASN C 537 25.07 -14.17 -3.42
C ASN C 537 23.71 -14.80 -3.50
N ASP C 538 22.92 -14.73 -2.44
CA ASP C 538 21.56 -15.25 -2.46
C ASP C 538 20.73 -14.58 -3.50
N ALA C 539 19.78 -15.28 -4.09
CA ALA C 539 19.01 -14.72 -5.18
C ALA C 539 18.13 -13.51 -4.91
N ASN C 540 17.65 -13.36 -3.70
CA ASN C 540 16.81 -12.24 -3.35
C ASN C 540 17.56 -10.99 -3.62
N ARG C 541 18.82 -10.97 -3.25
CA ARG C 541 19.65 -9.81 -3.43
C ARG C 541 19.81 -9.47 -4.87
N ALA C 542 19.90 -10.47 -5.72
CA ALA C 542 20.14 -10.22 -7.12
C ALA C 542 19.05 -9.39 -7.76
N LEU C 543 17.82 -9.54 -7.29
CA LEU C 543 16.77 -8.69 -7.81
C LEU C 543 17.08 -7.26 -7.45
N MET C 544 17.48 -7.01 -6.22
CA MET C 544 17.76 -5.69 -5.76
C MET C 544 18.90 -5.10 -6.51
N SER C 545 19.91 -5.89 -6.78
CA SER C 545 21.04 -5.40 -7.50
C SER C 545 20.85 -4.99 -8.91
N SER C 546 20.07 -5.72 -9.67
CA SER C 546 19.79 -5.36 -11.03
C SER C 546 19.07 -4.07 -11.01
N ASN C 547 18.19 -3.87 -10.06
CA ASN C 547 17.43 -2.65 -9.96
C ASN C 547 18.24 -1.42 -9.67
N MET C 548 19.32 -1.56 -8.93
CA MET C 548 20.10 -0.40 -8.55
C MET C 548 21.06 0.10 -9.59
N GLN C 549 21.54 -0.78 -10.44
CA GLN C 549 22.42 -0.35 -11.50
C GLN C 549 21.68 0.56 -12.42
N ARG C 550 20.42 0.30 -12.63
CA ARG C 550 19.60 1.14 -13.48
C ARG C 550 19.44 2.55 -12.95
N GLN C 551 19.63 2.75 -11.66
CA GLN C 551 19.46 4.05 -11.04
C GLN C 551 20.72 4.87 -10.89
N ALA C 552 21.84 4.42 -11.44
CA ALA C 552 23.10 5.13 -11.36
C ALA C 552 23.24 6.39 -12.18
N VAL C 553 24.00 7.35 -11.70
CA VAL C 553 24.16 8.62 -12.38
C VAL C 553 25.47 8.72 -13.17
N PRO C 554 25.43 9.05 -14.48
CA PRO C 554 26.68 9.27 -15.18
C PRO C 554 27.53 10.38 -14.57
N LEU C 555 28.76 10.09 -14.23
CA LEU C 555 29.62 11.03 -13.55
C LEU C 555 30.46 11.85 -14.46
N SER C 556 31.02 12.95 -13.99
CA SER C 556 31.79 13.88 -14.81
C SER C 556 33.02 13.31 -15.43
N ARG C 557 33.77 12.47 -14.74
CA ARG C 557 34.88 11.79 -15.31
C ARG C 557 34.57 10.35 -15.05
N SER C 558 34.90 9.47 -15.98
CA SER C 558 34.58 8.08 -15.86
C SER C 558 35.79 7.16 -15.70
N GLU C 559 35.62 6.04 -15.01
CA GLU C 559 36.69 5.10 -14.79
C GLU C 559 36.18 3.69 -14.88
N LYS C 560 36.93 2.76 -15.44
CA LYS C 560 36.57 1.35 -15.53
C LYS C 560 36.80 0.55 -14.30
N CYS C 561 36.06 -0.53 -14.11
CA CYS C 561 36.21 -1.43 -12.99
C CYS C 561 37.38 -2.35 -13.00
N ILE C 562 37.88 -2.74 -11.85
CA ILE C 562 38.97 -3.64 -11.78
C ILE C 562 38.44 -5.03 -11.94
N VAL C 563 37.29 -5.33 -11.35
CA VAL C 563 36.68 -6.63 -11.44
C VAL C 563 35.38 -6.52 -12.17
N GLY C 564 35.14 -7.36 -13.16
CA GLY C 564 33.94 -7.34 -13.92
C GLY C 564 33.61 -8.71 -14.42
N THR C 565 32.55 -8.87 -15.19
CA THR C 565 32.11 -10.14 -15.72
C THR C 565 32.37 -10.32 -17.20
N GLY C 566 32.72 -9.29 -17.92
CA GLY C 566 32.91 -9.35 -19.35
C GLY C 566 31.79 -8.98 -20.30
N LEU C 567 30.59 -8.69 -19.83
CA LEU C 567 29.50 -8.27 -20.68
C LEU C 567 29.40 -6.79 -20.77
N GLU C 568 30.23 -6.06 -20.09
CA GLU C 568 30.28 -4.63 -20.15
C GLU C 568 30.68 -4.17 -21.50
N ARG C 569 31.51 -4.94 -22.19
CA ARG C 569 31.90 -4.63 -23.52
C ARG C 569 30.78 -4.64 -24.55
N GLN C 570 29.94 -5.65 -24.58
CA GLN C 570 28.80 -5.64 -25.48
C GLN C 570 27.71 -4.70 -25.11
N ALA C 571 27.52 -4.43 -23.85
CA ALA C 571 26.55 -3.46 -23.40
C ALA C 571 26.88 -2.10 -23.92
N ALA C 572 28.13 -1.69 -23.95
CA ALA C 572 28.48 -0.44 -24.57
C ALA C 572 28.24 -0.38 -26.07
N LEU C 573 28.53 -1.44 -26.82
CA LEU C 573 28.35 -1.44 -28.26
C LEU C 573 26.91 -1.24 -28.65
N ASP C 574 26.00 -1.84 -27.92
CA ASP C 574 24.63 -1.74 -28.25
C ASP C 574 23.81 -0.64 -27.67
N SER C 575 24.31 0.15 -26.75
CA SER C 575 23.60 1.29 -26.15
C SER C 575 23.27 2.46 -27.05
N GLY C 576 24.15 2.77 -27.98
CA GLY C 576 23.97 3.91 -28.82
C GLY C 576 24.68 5.13 -28.37
N ALA C 577 25.52 5.00 -27.36
CA ALA C 577 26.21 6.14 -26.83
C ALA C 577 27.61 6.29 -27.35
N LEU C 578 28.00 5.46 -28.28
CA LEU C 578 29.37 5.49 -28.76
C LEU C 578 29.33 5.83 -30.21
N ALA C 579 30.41 6.33 -30.74
CA ALA C 579 30.46 6.57 -32.16
C ALA C 579 31.28 5.51 -32.81
N ILE C 580 30.69 4.73 -33.69
CA ILE C 580 31.41 3.67 -34.36
C ILE C 580 31.50 3.97 -35.84
N ALA C 581 32.53 3.48 -36.51
CA ALA C 581 32.72 3.76 -37.91
C ALA C 581 31.77 3.12 -38.83
N GLU C 582 31.39 3.85 -39.87
CA GLU C 582 30.45 3.34 -40.83
C GLU C 582 31.10 2.90 -42.09
N ARG C 583 32.38 3.14 -42.22
CA ARG C 583 33.10 2.80 -43.39
C ARG C 583 34.53 2.70 -42.90
N GLU C 584 35.42 2.06 -43.61
CA GLU C 584 36.83 2.02 -43.28
C GLU C 584 37.51 3.30 -43.69
N GLY C 585 38.67 3.63 -43.12
CA GLY C 585 39.39 4.79 -43.56
C GLY C 585 40.48 5.26 -42.68
N ARG C 586 40.98 6.45 -42.92
CA ARG C 586 42.05 7.04 -42.12
C ARG C 586 41.55 8.35 -41.60
N VAL C 587 41.90 8.72 -40.38
CA VAL C 587 41.37 9.94 -39.77
C VAL C 587 42.14 11.15 -40.21
N VAL C 588 41.47 12.07 -40.89
CA VAL C 588 42.13 13.24 -41.45
C VAL C 588 42.05 14.53 -40.68
N TYR C 589 40.99 14.75 -39.93
CA TYR C 589 40.88 15.94 -39.11
C TYR C 589 40.08 15.62 -37.89
N THR C 590 40.46 16.15 -36.74
CA THR C 590 39.71 15.99 -35.50
C THR C 590 39.55 17.33 -34.81
N ASN C 591 38.35 17.65 -34.35
CA ASN C 591 38.10 18.89 -33.62
C ASN C 591 37.14 18.45 -32.60
N THR C 592 36.92 19.21 -31.55
CA THR C 592 36.05 18.75 -30.49
C THR C 592 34.65 18.58 -31.04
N ASP C 593 34.19 19.44 -31.92
CA ASP C 593 32.90 19.18 -32.58
C ASP C 593 32.78 18.02 -33.60
N LYS C 594 33.79 17.76 -34.44
CA LYS C 594 33.67 16.74 -35.50
C LYS C 594 34.87 15.87 -35.82
N ILE C 595 34.64 14.75 -36.50
CA ILE C 595 35.72 13.89 -36.95
C ILE C 595 35.57 13.66 -38.42
N LEU C 596 36.64 13.73 -39.20
CA LEU C 596 36.56 13.39 -40.61
C LEU C 596 37.28 12.09 -40.92
N LEU C 597 36.62 11.17 -41.58
CA LEU C 597 37.20 9.88 -41.94
C LEU C 597 37.37 9.81 -43.45
N ALA C 598 38.55 9.53 -43.96
CA ALA C 598 38.74 9.56 -45.40
C ALA C 598 39.03 8.26 -46.00
N GLY C 599 38.06 7.67 -46.63
CA GLY C 599 38.25 6.34 -47.15
C GLY C 599 38.07 6.22 -48.63
N ASN C 600 39.03 5.68 -49.36
CA ASN C 600 38.97 5.57 -50.84
C ASN C 600 38.31 6.72 -51.62
N GLY C 601 38.85 7.92 -51.52
CA GLY C 601 38.30 9.06 -52.24
C GLY C 601 37.04 9.78 -51.74
N ASP C 602 36.63 9.55 -50.50
CA ASP C 602 35.44 10.16 -49.95
C ASP C 602 35.82 10.68 -48.61
N ILE C 603 35.14 11.70 -48.13
CA ILE C 603 35.39 12.20 -46.79
C ILE C 603 34.06 12.20 -46.10
N LEU C 604 33.97 11.58 -44.93
CA LEU C 604 32.72 11.48 -44.20
C LEU C 604 32.84 12.22 -42.91
N SER C 605 31.86 13.05 -42.60
CA SER C 605 31.88 13.83 -41.37
C SER C 605 30.98 13.24 -40.33
N ILE C 606 31.52 13.03 -39.14
CA ILE C 606 30.74 12.45 -38.06
C ILE C 606 30.58 13.48 -36.96
N PRO C 607 29.35 13.91 -36.71
CA PRO C 607 29.09 14.88 -35.63
C PRO C 607 29.22 14.29 -34.23
N LEU C 608 29.56 15.12 -33.25
CA LEU C 608 29.70 14.65 -31.87
C LEU C 608 28.73 15.36 -30.96
N VAL C 609 28.51 14.83 -29.76
CA VAL C 609 27.55 15.40 -28.83
C VAL C 609 28.25 16.14 -27.70
N ILE C 610 27.95 17.41 -27.52
CA ILE C 610 28.56 18.17 -26.45
C ILE C 610 27.55 18.70 -25.43
N TYR C 611 27.65 18.26 -24.17
CA TYR C 611 26.77 18.76 -23.10
C TYR C 611 25.27 18.81 -23.32
N GLN C 612 24.64 17.69 -23.68
CA GLN C 612 23.21 17.68 -23.97
C GLN C 612 22.33 17.00 -22.93
N ARG C 613 21.13 17.49 -22.74
CA ARG C 613 20.18 16.94 -21.76
C ARG C 613 19.54 15.63 -22.14
N SER C 614 19.06 14.89 -21.17
CA SER C 614 18.41 13.62 -21.42
C SER C 614 17.07 13.65 -20.73
N ASN C 615 16.23 12.68 -20.98
CA ASN C 615 14.87 12.68 -20.44
C ASN C 615 14.87 12.72 -18.95
N LYS C 616 15.92 12.20 -18.33
CA LYS C 616 15.97 12.12 -16.88
C LYS C 616 16.89 13.15 -16.25
N ASN C 617 17.14 14.27 -16.94
CA ASN C 617 17.98 15.35 -16.42
C ASN C 617 19.41 14.99 -16.18
N THR C 618 19.97 14.19 -17.06
CA THR C 618 21.36 13.78 -16.95
C THR C 618 22.10 14.27 -18.17
N CYS C 619 23.42 14.36 -18.10
CA CYS C 619 24.20 14.92 -19.20
C CYS C 619 24.83 13.92 -20.14
N MET C 620 24.84 14.21 -21.43
CA MET C 620 25.47 13.35 -22.42
C MET C 620 26.59 14.09 -23.09
N HIS C 621 27.78 13.50 -23.15
CA HIS C 621 28.95 14.16 -23.72
C HIS C 621 29.88 13.12 -24.30
N GLN C 622 30.35 13.32 -25.52
CA GLN C 622 31.20 12.36 -26.17
C GLN C 622 32.61 12.84 -26.21
N LYS C 623 33.57 11.97 -25.97
CA LYS C 623 34.99 12.32 -26.01
C LYS C 623 35.81 11.45 -26.94
N LEU C 624 36.63 12.00 -27.79
CA LEU C 624 37.38 11.22 -28.79
C LEU C 624 38.39 10.19 -28.33
N GLN C 625 38.45 9.04 -28.99
CA GLN C 625 39.38 7.98 -28.64
C GLN C 625 40.40 7.74 -29.71
N VAL C 626 40.31 8.45 -30.83
CA VAL C 626 41.20 8.16 -31.94
C VAL C 626 42.12 9.31 -32.30
N PRO C 627 43.43 9.06 -32.33
CA PRO C 627 44.38 10.08 -32.73
C PRO C 627 44.38 10.27 -34.23
N ARG C 628 44.69 11.45 -34.71
CA ARG C 628 44.66 11.72 -36.12
C ARG C 628 45.72 10.89 -36.84
N GLY C 629 45.43 10.42 -38.03
CA GLY C 629 46.36 9.61 -38.77
C GLY C 629 46.21 8.12 -38.61
N LYS C 630 45.11 7.66 -38.05
CA LYS C 630 45.00 6.26 -37.79
C LYS C 630 43.99 5.54 -38.63
N CYS C 631 44.31 4.32 -39.04
CA CYS C 631 43.41 3.52 -39.84
C CYS C 631 42.36 2.83 -39.02
N ILE C 632 41.16 2.72 -39.53
CA ILE C 632 40.08 2.17 -38.81
C ILE C 632 39.37 1.21 -39.72
N LYS C 633 38.73 0.18 -39.20
CA LYS C 633 37.98 -0.76 -39.98
C LYS C 633 36.58 -0.52 -39.58
N LYS C 634 35.62 -0.93 -40.37
CA LYS C 634 34.23 -0.68 -40.09
C LYS C 634 33.84 -1.36 -38.83
N GLY C 635 33.13 -0.67 -37.97
CA GLY C 635 32.72 -1.20 -36.71
C GLY C 635 33.58 -0.90 -35.55
N GLN C 636 34.71 -0.28 -35.76
CA GLN C 636 35.60 0.07 -34.70
C GLN C 636 35.25 1.38 -34.02
N ILE C 637 35.53 1.54 -32.73
CA ILE C 637 35.23 2.74 -31.96
C ILE C 637 35.97 4.01 -32.35
N LEU C 638 35.27 5.15 -32.38
CA LEU C 638 35.89 6.42 -32.70
C LEU C 638 35.80 7.43 -31.58
N ALA C 639 34.77 7.36 -30.78
CA ALA C 639 34.56 8.32 -29.72
C ALA C 639 33.93 7.69 -28.58
N ASP C 640 34.13 8.11 -27.37
CA ASP C 640 33.40 7.53 -26.27
C ASP C 640 32.32 8.37 -25.66
N GLY C 641 31.25 7.74 -25.21
CA GLY C 641 30.16 8.47 -24.58
C GLY C 641 30.28 8.57 -23.10
N ALA C 642 29.28 9.14 -22.45
CA ALA C 642 29.29 9.26 -21.02
C ALA C 642 29.09 7.93 -20.40
N ALA C 643 29.70 7.70 -19.24
CA ALA C 643 29.62 6.42 -18.57
C ALA C 643 30.24 5.32 -19.39
N THR C 644 31.17 5.67 -20.25
CA THR C 644 31.87 4.66 -21.02
C THR C 644 33.32 5.06 -21.13
N VAL C 645 34.23 4.15 -20.83
CA VAL C 645 35.64 4.44 -21.04
C VAL C 645 36.25 3.28 -21.80
N GLY C 646 36.89 3.57 -22.91
CA GLY C 646 37.56 2.53 -23.67
C GLY C 646 36.70 1.43 -24.20
N GLY C 647 35.45 1.71 -24.50
CA GLY C 647 34.55 0.69 -24.96
C GLY C 647 33.85 -0.17 -23.96
N GLU C 648 33.89 0.18 -22.68
CA GLU C 648 33.16 -0.57 -21.70
C GLU C 648 32.29 0.30 -20.84
N LEU C 649 31.20 -0.24 -20.29
CA LEU C 649 30.32 0.50 -19.41
C LEU C 649 30.98 0.83 -18.07
N ALA C 650 30.96 2.09 -17.67
CA ALA C 650 31.61 2.51 -16.45
C ALA C 650 30.71 3.40 -15.63
N LEU C 651 29.93 2.83 -14.74
CA LEU C 651 28.99 3.61 -13.98
C LEU C 651 29.39 4.05 -12.59
N GLY C 652 30.61 3.80 -12.16
CA GLY C 652 31.00 4.09 -10.81
C GLY C 652 32.47 4.26 -10.64
N LYS C 653 32.96 4.36 -9.41
CA LYS C 653 34.38 4.45 -9.16
C LYS C 653 34.93 3.41 -8.20
N ASN C 654 36.24 3.18 -8.17
CA ASN C 654 36.91 2.21 -7.31
C ASN C 654 37.51 2.90 -6.13
N VAL C 655 37.13 2.55 -4.91
CA VAL C 655 37.59 3.26 -3.73
C VAL C 655 38.09 2.34 -2.63
N LEU C 656 39.01 2.78 -1.77
CA LEU C 656 39.51 1.96 -0.66
C LEU C 656 38.51 1.90 0.46
N VAL C 657 38.18 0.73 0.97
CA VAL C 657 37.12 0.58 1.94
C VAL C 657 37.48 -0.36 3.07
N ALA C 658 36.93 -0.18 4.26
CA ALA C 658 37.13 -1.11 5.37
C ALA C 658 35.79 -1.46 5.94
N TYR C 659 35.64 -2.68 6.44
CA TYR C 659 34.38 -3.10 7.00
C TYR C 659 34.54 -3.27 8.44
N MET C 660 34.04 -2.33 9.21
CA MET C 660 34.21 -2.33 10.64
C MET C 660 33.20 -1.41 11.27
N PRO C 661 32.94 -1.53 12.57
CA PRO C 661 32.07 -0.57 13.25
C PRO C 661 32.74 0.77 13.58
N TRP C 662 32.14 1.93 13.33
CA TRP C 662 32.73 3.22 13.71
C TRP C 662 31.88 4.21 14.42
N GLU C 663 31.89 4.18 15.75
CA GLU C 663 31.19 5.16 16.57
C GLU C 663 29.73 5.38 16.30
N GLY C 664 29.09 4.45 15.63
CA GLY C 664 27.67 4.55 15.38
C GLY C 664 27.26 5.26 14.14
N TYR C 665 28.21 5.85 13.43
CA TYR C 665 27.91 6.50 12.18
C TYR C 665 27.45 5.53 11.14
N ASN C 666 27.84 4.28 11.26
CA ASN C 666 27.43 3.25 10.33
C ASN C 666 26.25 2.41 10.81
N SER C 667 25.49 2.87 11.78
CA SER C 667 24.41 2.05 12.33
C SER C 667 23.40 1.82 11.27
N GLU C 668 22.74 0.67 11.30
CA GLU C 668 21.80 0.31 10.26
C GLU C 668 22.61 0.36 9.00
N ASP C 669 22.20 1.11 8.01
CA ASP C 669 22.95 1.08 6.79
C ASP C 669 23.38 2.44 6.41
N ALA C 670 24.42 2.93 7.04
CA ALA C 670 24.86 4.26 6.78
C ALA C 670 26.34 4.22 6.54
N VAL C 671 26.87 5.19 5.82
CA VAL C 671 28.27 5.14 5.46
C VAL C 671 29.04 6.35 5.93
N LEU C 672 30.30 6.18 6.32
CA LEU C 672 31.14 7.28 6.71
C LEU C 672 32.14 7.44 5.61
N ILE C 673 32.37 8.65 5.12
CA ILE C 673 33.27 8.87 4.00
C ILE C 673 34.31 9.94 4.25
N SER C 674 35.42 9.90 3.54
CA SER C 674 36.48 10.90 3.66
C SER C 674 36.21 12.11 2.83
N GLU C 675 36.90 13.20 3.11
CA GLU C 675 36.73 14.41 2.34
C GLU C 675 37.41 14.38 1.01
N ARG C 676 38.27 13.41 0.77
CA ARG C 676 39.01 13.35 -0.47
C ARG C 676 38.03 13.22 -1.57
N LEU C 677 36.97 12.50 -1.35
CA LEU C 677 36.00 12.29 -2.38
C LEU C 677 35.39 13.62 -2.77
N VAL C 678 35.13 14.49 -1.81
CA VAL C 678 34.64 15.82 -2.12
C VAL C 678 35.62 16.76 -2.84
N TYR C 679 36.87 16.80 -2.43
CA TYR C 679 37.81 17.74 -3.02
C TYR C 679 38.63 17.28 -4.19
N GLU C 680 38.57 16.01 -4.52
CA GLU C 680 39.28 15.52 -5.68
C GLU C 680 38.24 15.22 -6.71
N ASP C 681 36.98 15.44 -6.40
CA ASP C 681 35.90 15.28 -7.36
C ASP C 681 35.59 13.94 -7.94
N ILE C 682 35.68 12.90 -7.15
CA ILE C 682 35.41 11.55 -7.57
C ILE C 682 33.97 11.34 -7.90
N TYR C 683 33.06 11.91 -7.15
CA TYR C 683 31.65 11.68 -7.33
C TYR C 683 30.78 12.82 -7.75
N THR C 684 31.31 13.80 -8.46
CA THR C 684 30.57 14.93 -8.96
C THR C 684 29.84 14.64 -10.24
N SER C 685 28.61 15.10 -10.39
CA SER C 685 27.83 14.89 -11.57
C SER C 685 27.19 16.15 -12.04
N PHE C 686 26.89 16.25 -13.32
CA PHE C 686 26.26 17.41 -13.89
C PHE C 686 24.83 17.10 -14.17
N HIS C 687 23.91 17.95 -13.78
CA HIS C 687 22.49 17.78 -14.07
C HIS C 687 21.86 18.95 -14.80
N ILE C 688 21.17 18.71 -15.91
CA ILE C 688 20.55 19.76 -16.69
C ILE C 688 19.04 19.70 -16.71
N ARG C 689 18.36 20.78 -16.41
CA ARG C 689 16.90 20.83 -16.43
C ARG C 689 16.37 21.82 -17.44
N LYS C 690 15.16 21.61 -17.94
CA LYS C 690 14.57 22.57 -18.87
C LYS C 690 13.31 23.21 -18.36
N TYR C 691 13.19 24.50 -18.58
CA TYR C 691 12.00 25.22 -18.17
C TYR C 691 11.48 25.89 -19.43
N GLU C 692 10.21 25.73 -19.76
CA GLU C 692 9.70 26.27 -21.02
C GLU C 692 8.38 27.02 -20.97
N ILE C 693 8.17 27.97 -21.88
CA ILE C 693 6.89 28.69 -21.96
C ILE C 693 6.41 28.85 -23.37
N GLN C 694 5.10 29.04 -23.54
CA GLN C 694 4.55 29.25 -24.87
C GLN C 694 4.10 30.69 -25.07
N THR C 695 4.57 31.32 -26.13
CA THR C 695 4.17 32.70 -26.42
C THR C 695 3.38 32.76 -27.72
N ALA C 714 13.57 44.43 -8.43
CA ALA C 714 14.72 45.26 -8.12
C ALA C 714 16.00 44.66 -8.67
N HIS C 715 16.64 43.79 -7.90
CA HIS C 715 17.83 43.10 -8.37
C HIS C 715 17.38 42.27 -9.53
N LEU C 716 16.15 41.78 -9.45
CA LEU C 716 15.61 40.95 -10.50
C LEU C 716 15.58 41.76 -11.76
N LEU C 717 15.69 41.09 -12.90
CA LEU C 717 15.69 41.73 -14.22
C LEU C 717 17.08 42.21 -14.61
N ARG C 718 18.07 41.96 -13.77
CA ARG C 718 19.43 42.32 -14.14
C ARG C 718 19.83 41.51 -15.36
N ASN C 719 19.51 40.24 -15.37
CA ASN C 719 19.87 39.35 -16.46
C ASN C 719 19.19 39.52 -17.79
N LEU C 720 17.92 39.92 -17.79
CA LEU C 720 17.16 39.95 -19.04
C LEU C 720 17.71 40.83 -20.14
N ASP C 721 17.57 40.37 -21.36
CA ASP C 721 18.07 41.12 -22.51
C ASP C 721 17.04 42.09 -23.08
N LYS C 722 17.26 42.54 -24.32
CA LYS C 722 16.35 43.52 -24.92
C LYS C 722 14.99 42.94 -25.11
N ASN C 723 14.92 41.71 -25.60
CA ASN C 723 13.65 41.05 -25.74
C ASN C 723 13.15 40.63 -24.37
N GLY C 724 14.00 40.68 -23.37
CA GLY C 724 13.62 40.19 -22.06
C GLY C 724 13.98 38.75 -21.69
N ILE C 725 14.61 37.99 -22.59
CA ILE C 725 15.02 36.62 -22.29
C ILE C 725 16.39 36.60 -21.65
N VAL C 726 16.61 35.79 -20.64
CA VAL C 726 17.86 35.81 -19.91
C VAL C 726 18.97 35.42 -20.80
N MET C 727 20.09 36.06 -20.65
CA MET C 727 21.16 35.80 -21.54
C MET C 727 21.93 34.53 -21.25
N LEU C 728 22.66 34.02 -22.24
CA LEU C 728 23.48 32.85 -22.02
C LEU C 728 24.57 33.23 -21.08
N GLY C 729 24.92 32.34 -20.18
CA GLY C 729 26.02 32.59 -19.27
C GLY C 729 25.68 33.27 -18.01
N SER C 730 24.41 33.48 -17.76
CA SER C 730 23.98 34.10 -16.55
C SER C 730 23.91 33.13 -15.40
N TRP C 731 24.16 33.55 -14.18
CA TRP C 731 23.99 32.70 -13.04
C TRP C 731 22.73 33.15 -12.41
N VAL C 732 21.78 32.26 -12.22
CA VAL C 732 20.50 32.61 -11.75
C VAL C 732 20.20 31.94 -10.45
N GLU C 733 19.33 32.54 -9.64
CA GLU C 733 18.98 32.01 -8.32
C GLU C 733 17.50 32.07 -8.15
N THR C 734 16.96 31.38 -7.18
CA THR C 734 15.51 31.30 -7.07
C THR C 734 14.88 32.63 -6.96
N GLY C 735 13.85 32.85 -7.75
CA GLY C 735 13.19 34.13 -7.77
C GLY C 735 13.44 34.87 -9.06
N ASP C 736 14.64 34.74 -9.61
CA ASP C 736 14.97 35.53 -10.79
C ASP C 736 14.09 35.22 -11.97
N ILE C 737 13.70 36.25 -12.70
CA ILE C 737 12.90 36.05 -13.90
C ILE C 737 13.76 35.48 -14.97
N LEU C 738 13.24 34.51 -15.72
CA LEU C 738 14.00 33.99 -16.82
C LEU C 738 13.55 34.62 -18.11
N VAL C 739 12.24 34.64 -18.34
CA VAL C 739 11.72 35.29 -19.54
C VAL C 739 10.64 36.26 -19.12
N GLY C 740 10.73 37.49 -19.60
CA GLY C 740 9.76 38.51 -19.23
C GLY C 740 8.31 38.05 -19.36
N GLU C 772 4.40 39.70 -14.89
CA GLU C 772 3.01 39.29 -15.08
C GLU C 772 2.95 37.86 -15.59
N THR C 773 3.47 37.63 -16.78
CA THR C 773 3.50 36.29 -17.35
C THR C 773 4.90 35.77 -17.18
N CYS C 774 5.69 36.42 -16.35
CA CYS C 774 7.09 36.08 -16.22
C CYS C 774 7.33 34.66 -15.77
N LEU C 775 8.37 34.03 -16.31
CA LEU C 775 8.75 32.70 -15.87
C LEU C 775 9.84 32.89 -14.86
N LYS C 776 9.73 32.27 -13.70
CA LYS C 776 10.71 32.50 -12.67
C LYS C 776 11.27 31.20 -12.09
N LEU C 777 12.46 31.25 -11.51
CA LEU C 777 13.10 30.05 -11.00
C LEU C 777 12.47 29.40 -9.75
N PRO C 778 12.34 28.05 -9.75
CA PRO C 778 11.80 27.48 -8.53
C PRO C 778 12.86 27.31 -7.46
N ILE C 779 12.48 26.80 -6.30
CA ILE C 779 13.43 26.61 -5.24
C ILE C 779 14.35 25.50 -5.57
N GLY C 780 15.62 25.69 -5.28
CA GLY C 780 16.61 24.66 -5.54
C GLY C 780 17.22 24.59 -6.90
N GLY C 781 16.89 25.49 -7.80
CA GLY C 781 17.55 25.51 -9.09
C GLY C 781 18.44 26.70 -9.13
N ARG C 782 19.72 26.49 -9.33
CA ARG C 782 20.64 27.57 -9.38
C ARG C 782 21.75 27.11 -10.25
N GLY C 783 21.90 27.71 -11.41
CA GLY C 783 22.85 27.22 -12.32
C GLY C 783 23.15 28.16 -13.39
N ARG C 784 24.11 27.84 -14.23
CA ARG C 784 24.41 28.64 -15.34
C ARG C 784 23.33 28.41 -16.36
N VAL C 785 23.03 29.38 -17.20
CA VAL C 785 22.06 29.21 -18.25
C VAL C 785 22.90 28.82 -19.42
N ILE C 786 22.93 27.54 -19.71
CA ILE C 786 23.69 27.03 -20.83
C ILE C 786 23.10 27.37 -22.19
N ASP C 787 21.79 27.36 -22.34
CA ASP C 787 21.18 27.79 -23.59
C ASP C 787 19.75 28.27 -23.56
N VAL C 788 19.37 29.08 -24.56
CA VAL C 788 18.01 29.60 -24.68
C VAL C 788 17.59 29.33 -26.12
N ARG C 789 16.38 28.84 -26.32
CA ARG C 789 15.92 28.53 -27.66
C ARG C 789 14.56 29.12 -27.90
N TRP C 790 14.48 30.07 -28.82
CA TRP C 790 13.19 30.63 -29.20
C TRP C 790 12.77 29.77 -30.35
N ILE C 791 11.83 28.85 -30.13
CA ILE C 791 11.47 27.92 -31.18
C ILE C 791 10.16 28.28 -31.83
N GLN C 792 10.20 28.63 -33.12
CA GLN C 792 8.97 28.90 -33.86
C GLN C 792 8.30 27.57 -34.09
N LYS C 793 6.98 27.54 -34.12
CA LYS C 793 6.31 26.25 -34.23
C LYS C 793 5.15 26.20 -35.21
N ARG C 794 4.80 24.99 -35.64
CA ARG C 794 3.68 24.82 -36.57
C ARG C 794 2.80 23.70 -36.03
N GLY C 795 1.54 23.64 -36.45
CA GLY C 795 0.65 22.57 -36.00
C GLY C 795 -0.58 23.10 -35.29
N GLY C 796 -0.42 24.20 -34.56
CA GLY C 796 -1.56 24.82 -33.90
C GLY C 796 -2.42 25.60 -34.88
N SER C 797 -3.62 25.97 -34.48
CA SER C 797 -4.45 26.79 -35.36
C SER C 797 -3.73 28.11 -35.61
N SER C 798 -3.20 28.73 -34.57
CA SER C 798 -2.39 29.93 -34.73
C SER C 798 -1.02 29.39 -35.04
N TYR C 799 -0.10 30.22 -35.53
CA TYR C 799 1.26 29.71 -35.70
C TYR C 799 1.47 29.29 -34.27
N ASN C 800 1.96 28.08 -34.03
CA ASN C 800 2.00 27.60 -32.66
C ASN C 800 2.77 28.56 -31.77
N PRO C 801 2.19 28.88 -30.61
CA PRO C 801 2.81 29.84 -29.70
C PRO C 801 4.28 29.55 -29.62
N GLU C 802 5.11 30.47 -30.09
CA GLU C 802 6.54 30.18 -30.13
C GLU C 802 6.95 29.76 -28.75
N THR C 803 7.79 28.75 -28.67
CA THR C 803 8.16 28.25 -27.37
C THR C 803 9.52 28.75 -27.02
N ILE C 804 9.66 29.32 -25.83
CA ILE C 804 10.97 29.74 -25.40
C ILE C 804 11.40 28.76 -24.34
N ARG C 805 12.53 28.10 -24.54
CA ARG C 805 12.99 27.11 -23.59
C ARG C 805 14.29 27.54 -22.96
N VAL C 806 14.40 27.41 -21.64
CA VAL C 806 15.68 27.72 -21.00
C VAL C 806 16.25 26.47 -20.38
N TYR C 807 17.54 26.25 -20.56
CA TYR C 807 18.16 25.07 -20.02
C TYR C 807 19.19 25.42 -18.97
N ILE C 808 19.08 24.88 -17.77
CA ILE C 808 20.00 25.26 -16.69
C ILE C 808 20.83 24.12 -16.07
N LEU C 809 22.14 24.31 -15.90
CA LEU C 809 23.03 23.27 -15.38
C LEU C 809 23.50 23.39 -13.97
N GLN C 810 23.30 22.35 -13.17
CA GLN C 810 23.78 22.31 -11.80
C GLN C 810 24.85 21.29 -11.63
N LYS C 811 25.99 21.65 -11.07
CA LYS C 811 27.03 20.70 -10.75
C LYS C 811 26.84 20.23 -9.33
N ARG C 812 26.74 18.94 -9.09
CA ARG C 812 26.48 18.43 -7.77
C ARG C 812 27.52 17.50 -7.20
N GLU C 813 28.06 17.80 -6.05
CA GLU C 813 29.03 16.96 -5.36
C GLU C 813 28.40 16.05 -4.31
N ILE C 814 29.13 15.05 -3.82
CA ILE C 814 28.64 14.16 -2.79
C ILE C 814 28.34 14.89 -1.50
N LYS C 815 27.24 14.60 -0.83
CA LYS C 815 26.79 15.31 0.34
C LYS C 815 26.18 14.38 1.34
N VAL C 816 26.01 14.79 2.57
CA VAL C 816 25.32 13.99 3.54
C VAL C 816 23.92 13.83 3.06
N GLY C 817 23.41 12.63 3.05
CA GLY C 817 22.11 12.33 2.53
C GLY C 817 22.03 11.63 1.20
N ASP C 818 23.09 11.57 0.44
CA ASP C 818 23.12 10.85 -0.79
C ASP C 818 23.17 9.36 -0.64
N LYS C 819 22.69 8.64 -1.64
CA LYS C 819 22.64 7.20 -1.59
C LYS C 819 23.69 6.62 -2.47
N VAL C 820 24.43 5.65 -1.98
CA VAL C 820 25.49 5.03 -2.74
C VAL C 820 25.30 3.55 -2.66
N ALA C 821 25.75 2.83 -3.67
CA ALA C 821 25.61 1.38 -3.69
C ALA C 821 26.64 0.60 -4.44
N GLY C 822 26.78 -0.66 -4.12
CA GLY C 822 27.69 -1.52 -4.84
C GLY C 822 26.89 -2.45 -5.70
N ARG C 823 27.53 -3.38 -6.39
CA ARG C 823 26.81 -4.23 -7.33
C ARG C 823 26.25 -5.51 -6.75
N HIS C 824 26.35 -5.72 -5.45
CA HIS C 824 25.89 -6.96 -4.85
C HIS C 824 24.69 -6.82 -3.94
N GLY C 825 23.94 -5.74 -4.04
CA GLY C 825 22.71 -5.58 -3.27
C GLY C 825 22.92 -4.74 -2.04
N ASN C 826 24.06 -4.07 -1.94
CA ASN C 826 24.40 -3.28 -0.78
C ASN C 826 24.16 -1.80 -0.96
N LYS C 827 23.29 -1.21 -0.15
CA LYS C 827 22.91 0.18 -0.34
C LYS C 827 23.00 0.93 0.96
N GLY C 828 23.39 2.19 0.93
CA GLY C 828 23.46 2.99 2.14
C GLY C 828 23.39 4.48 1.93
N ILE C 829 23.12 5.24 2.98
CA ILE C 829 23.06 6.70 2.88
C ILE C 829 24.15 7.37 3.67
N ILE C 830 24.87 8.30 3.08
CA ILE C 830 25.97 8.95 3.75
C ILE C 830 25.60 9.72 5.00
N SER C 831 26.32 9.54 6.10
CA SER C 831 26.05 10.17 7.36
C SER C 831 27.04 11.17 7.87
N LYS C 832 28.31 11.03 7.53
CA LYS C 832 29.29 12.02 7.93
C LYS C 832 30.49 12.06 7.05
N ILE C 833 31.06 13.23 6.83
CA ILE C 833 32.29 13.32 6.09
C ILE C 833 33.34 13.75 7.09
N LEU C 834 34.49 13.08 7.12
CA LEU C 834 35.50 13.38 8.10
C LEU C 834 36.82 13.71 7.44
N PRO C 835 37.64 14.54 8.08
CA PRO C 835 38.94 14.90 7.53
C PRO C 835 39.90 13.73 7.46
N ARG C 836 40.81 13.70 6.50
CA ARG C 836 41.72 12.57 6.34
C ARG C 836 42.46 12.12 7.57
N GLN C 837 42.93 13.03 8.39
CA GLN C 837 43.61 12.72 9.61
C GLN C 837 42.85 11.83 10.56
N ASP C 838 41.54 11.92 10.64
CA ASP C 838 40.71 11.13 11.53
C ASP C 838 40.22 9.82 11.00
N MET C 839 40.45 9.55 9.75
CA MET C 839 40.07 8.31 9.14
C MET C 839 40.95 7.15 9.54
N PRO C 840 40.41 5.92 9.55
CA PRO C 840 41.25 4.77 9.82
C PRO C 840 42.35 4.58 8.77
N TYR C 841 43.53 4.09 9.17
CA TYR C 841 44.65 3.98 8.25
C TYR C 841 45.41 2.67 8.25
N LEU C 842 46.05 2.33 7.14
CA LEU C 842 46.75 1.05 6.99
C LEU C 842 48.23 1.05 7.32
N GLN C 843 48.88 -0.11 7.20
CA GLN C 843 50.31 -0.23 7.50
C GLN C 843 51.17 0.40 6.43
N ASP C 844 50.59 0.88 5.36
CA ASP C 844 51.26 1.60 4.30
C ASP C 844 51.14 3.10 4.57
N GLY C 845 50.25 3.50 5.46
CA GLY C 845 50.07 4.89 5.79
C GLY C 845 48.84 5.50 5.19
N ARG C 846 48.28 4.87 4.18
CA ARG C 846 47.14 5.43 3.49
C ARG C 846 45.87 5.38 4.28
N SER C 847 44.94 6.29 4.01
CA SER C 847 43.72 6.36 4.77
C SER C 847 42.56 5.88 3.95
N VAL C 848 41.72 5.05 4.53
CA VAL C 848 40.59 4.51 3.82
C VAL C 848 39.53 5.53 3.43
N ASP C 849 39.01 5.45 2.21
CA ASP C 849 37.94 6.34 1.76
C ASP C 849 36.54 6.17 2.34
N MET C 850 36.08 4.95 2.55
CA MET C 850 34.76 4.70 3.10
C MET C 850 34.80 3.66 4.16
N VAL C 851 33.85 3.64 5.08
CA VAL C 851 33.78 2.61 6.10
C VAL C 851 32.39 2.02 6.14
N PHE C 852 32.24 0.72 6.01
CA PHE C 852 30.93 0.08 5.98
C PHE C 852 30.71 -0.83 7.16
N ASN C 853 29.47 -1.05 7.56
CA ASN C 853 29.16 -1.90 8.70
C ASN C 853 29.37 -3.35 8.37
N PRO C 854 29.86 -4.14 9.30
CA PRO C 854 30.08 -5.52 8.90
C PRO C 854 28.97 -6.45 9.30
N LEU C 855 27.91 -5.97 9.90
CA LEU C 855 26.86 -6.81 10.41
C LEU C 855 25.86 -7.02 9.38
N GLY C 856 26.05 -6.36 8.27
CA GLY C 856 25.13 -6.51 7.15
C GLY C 856 25.18 -7.79 6.36
N VAL C 857 26.36 -8.33 6.12
CA VAL C 857 26.49 -9.54 5.32
C VAL C 857 25.80 -10.76 5.87
N PRO C 858 25.88 -11.00 7.18
CA PRO C 858 25.16 -12.20 7.60
C PRO C 858 23.67 -12.16 7.35
N SER C 859 23.02 -11.05 7.60
CA SER C 859 21.60 -10.93 7.33
C SER C 859 21.24 -10.97 5.86
N ARG C 860 21.99 -10.29 5.02
CA ARG C 860 21.65 -10.20 3.62
C ARG C 860 22.22 -11.26 2.72
N MET C 861 23.07 -12.13 3.24
CA MET C 861 23.62 -13.23 2.48
C MET C 861 24.38 -12.94 1.19
N ASN C 862 25.19 -11.90 1.15
CA ASN C 862 26.00 -11.63 -0.02
C ASN C 862 27.45 -11.84 0.37
N VAL C 863 28.06 -12.92 -0.06
CA VAL C 863 29.46 -13.14 0.23
C VAL C 863 30.26 -12.74 -0.99
N GLY C 864 29.58 -12.30 -2.02
CA GLY C 864 30.24 -11.86 -3.22
C GLY C 864 31.10 -10.66 -3.01
N GLN C 865 30.66 -9.74 -2.17
CA GLN C 865 31.40 -8.53 -1.94
C GLN C 865 32.78 -8.81 -1.38
N ILE C 866 32.90 -9.76 -0.47
CA ILE C 866 34.18 -10.05 0.14
C ILE C 866 35.17 -10.54 -0.90
N PHE C 867 34.73 -11.32 -1.87
CA PHE C 867 35.58 -11.78 -2.93
C PHE C 867 35.99 -10.64 -3.85
N GLU C 868 35.10 -9.74 -4.20
CA GLU C 868 35.38 -8.56 -5.01
C GLU C 868 36.26 -7.48 -4.41
N CYS C 869 36.13 -7.17 -3.14
CA CYS C 869 36.99 -6.23 -2.51
C CYS C 869 38.39 -6.69 -2.50
N SER C 870 38.65 -7.93 -2.16
CA SER C 870 39.98 -8.45 -2.10
C SER C 870 40.68 -8.54 -3.42
N LEU C 871 40.01 -8.96 -4.47
CA LEU C 871 40.59 -8.95 -5.81
C LEU C 871 40.88 -7.58 -6.32
N GLY C 872 40.13 -6.59 -5.90
CA GLY C 872 40.36 -5.24 -6.30
C GLY C 872 41.66 -4.71 -5.77
N LEU C 873 41.99 -5.04 -4.54
CA LEU C 873 43.21 -4.57 -3.96
C LEU C 873 44.37 -5.13 -4.74
N ALA C 874 44.28 -6.37 -5.16
CA ALA C 874 45.36 -6.99 -5.88
C ALA C 874 45.61 -6.36 -7.22
N GLY C 875 44.56 -6.16 -7.99
CA GLY C 875 44.69 -5.54 -9.27
C GLY C 875 45.26 -4.17 -9.28
N SER C 876 44.95 -3.36 -8.28
CA SER C 876 45.48 -2.04 -8.20
C SER C 876 46.97 -2.11 -8.03
N LEU C 877 47.44 -2.94 -7.14
CA LEU C 877 48.86 -3.09 -6.91
C LEU C 877 49.64 -3.70 -8.07
N LEU C 878 49.07 -4.69 -8.74
CA LEU C 878 49.76 -5.38 -9.83
C LEU C 878 49.45 -4.84 -11.20
N ASP C 879 48.56 -3.88 -11.31
CA ASP C 879 48.13 -3.31 -12.59
C ASP C 879 47.45 -4.26 -13.52
N ARG C 880 46.40 -4.92 -13.05
CA ARG C 880 45.65 -5.82 -13.84
C ARG C 880 44.18 -5.59 -13.68
N HIS C 881 43.38 -5.87 -14.70
CA HIS C 881 41.95 -5.80 -14.59
C HIS C 881 41.51 -7.18 -14.86
N TYR C 882 40.46 -7.65 -14.24
CA TYR C 882 40.01 -8.99 -14.36
C TYR C 882 38.63 -9.08 -14.84
N ARG C 883 38.35 -9.83 -15.89
CA ARG C 883 36.98 -10.05 -16.35
C ARG C 883 36.61 -11.51 -16.24
N ILE C 884 35.87 -11.89 -15.21
CA ILE C 884 35.54 -13.27 -14.93
C ILE C 884 34.11 -13.67 -15.14
N ALA C 885 33.86 -14.70 -15.94
CA ALA C 885 32.51 -15.18 -16.22
C ALA C 885 31.91 -15.92 -15.07
N PRO C 886 30.59 -15.98 -15.01
CA PRO C 886 29.94 -16.58 -13.86
C PRO C 886 30.05 -18.07 -13.70
N PHE C 887 29.76 -18.58 -12.51
CA PHE C 887 29.81 -20.01 -12.23
C PHE C 887 31.13 -20.72 -12.48
N ASP C 888 32.19 -20.20 -11.89
CA ASP C 888 33.52 -20.75 -12.06
C ASP C 888 33.81 -22.05 -11.38
N GLU C 889 32.93 -22.51 -10.53
CA GLU C 889 33.21 -23.70 -9.77
C GLU C 889 32.95 -24.92 -10.59
N ARG C 890 32.55 -24.73 -11.83
CA ARG C 890 32.37 -25.85 -12.72
C ARG C 890 33.69 -26.54 -12.92
N TYR C 891 34.76 -25.78 -13.04
CA TYR C 891 36.08 -26.34 -13.23
C TYR C 891 36.58 -27.12 -12.05
N GLU C 892 36.43 -26.60 -10.84
CA GLU C 892 36.95 -27.25 -9.65
C GLU C 892 36.27 -26.78 -8.41
N GLN C 893 36.40 -27.50 -7.32
CA GLN C 893 35.86 -27.04 -6.06
C GLN C 893 36.63 -25.85 -5.54
N GLU C 894 35.93 -24.89 -4.95
CA GLU C 894 36.56 -23.70 -4.37
C GLU C 894 37.42 -22.92 -5.32
N ALA C 895 36.99 -22.78 -6.56
CA ALA C 895 37.77 -22.10 -7.55
C ALA C 895 38.00 -20.64 -7.29
N SER C 896 37.00 -19.94 -6.81
CA SER C 896 37.12 -18.53 -6.55
C SER C 896 38.12 -18.23 -5.47
N ARG C 897 38.14 -19.02 -4.41
CA ARG C 897 39.10 -18.84 -3.34
C ARG C 897 40.50 -18.96 -3.87
N LYS C 898 40.74 -19.92 -4.73
CA LYS C 898 42.05 -20.11 -5.32
C LYS C 898 42.49 -18.96 -6.15
N LEU C 899 41.60 -18.30 -6.85
CA LEU C 899 41.94 -17.11 -7.62
C LEU C 899 42.24 -15.91 -6.75
N VAL C 900 41.41 -15.59 -5.80
CA VAL C 900 41.64 -14.46 -4.97
C VAL C 900 42.87 -14.60 -4.09
N PHE C 901 43.09 -15.70 -3.44
CA PHE C 901 44.21 -15.90 -2.58
C PHE C 901 45.51 -15.90 -3.32
N SER C 902 45.58 -16.48 -4.48
CA SER C 902 46.77 -16.46 -5.30
C SER C 902 47.17 -15.12 -5.80
N GLU C 903 46.22 -14.32 -6.22
CA GLU C 903 46.49 -13.01 -6.68
C GLU C 903 46.94 -12.07 -5.60
N LEU C 904 46.41 -12.19 -4.40
CA LEU C 904 46.79 -11.41 -3.27
C LEU C 904 48.18 -11.71 -2.87
N TYR C 905 48.60 -12.95 -2.95
CA TYR C 905 49.95 -13.29 -2.69
C TYR C 905 50.93 -12.74 -3.66
N GLU C 906 50.62 -12.74 -4.94
CA GLU C 906 51.54 -12.20 -5.90
C GLU C 906 51.75 -10.72 -5.68
N ALA C 907 50.70 -10.00 -5.37
CA ALA C 907 50.82 -8.59 -5.10
C ALA C 907 51.67 -8.35 -3.91
N SER C 908 51.51 -9.16 -2.89
CA SER C 908 52.29 -9.03 -1.70
C SER C 908 53.75 -9.26 -1.96
N LYS C 909 54.10 -10.25 -2.74
CA LYS C 909 55.48 -10.43 -3.08
C LYS C 909 56.11 -9.45 -4.04
N GLN C 910 55.44 -9.09 -5.11
CA GLN C 910 56.04 -8.20 -6.10
C GLN C 910 56.28 -6.80 -5.63
N THR C 911 55.33 -6.24 -4.93
CA THR C 911 55.49 -4.92 -4.36
C THR C 911 55.64 -5.48 -3.00
N ALA C 912 56.63 -5.11 -2.23
CA ALA C 912 56.81 -5.81 -0.97
C ALA C 912 55.96 -5.34 0.16
N ASN C 913 54.68 -5.65 0.11
CA ASN C 913 53.79 -5.27 1.16
C ASN C 913 53.31 -6.55 1.75
N PRO C 914 53.75 -6.87 2.96
CA PRO C 914 53.40 -8.16 3.52
C PRO C 914 51.99 -8.20 4.05
N TRP C 915 51.42 -7.07 4.39
CA TRP C 915 50.07 -6.99 4.87
C TRP C 915 48.98 -7.38 3.89
N VAL C 916 49.23 -7.33 2.58
CA VAL C 916 48.28 -7.68 1.59
C VAL C 916 47.90 -9.14 1.70
N PHE C 917 48.83 -10.04 1.93
CA PHE C 917 48.47 -11.42 2.22
C PHE C 917 49.04 -11.77 3.56
N GLU C 918 48.19 -12.08 4.51
CA GLU C 918 48.66 -12.50 5.80
C GLU C 918 48.34 -13.94 6.01
N PRO C 919 49.35 -14.77 6.20
CA PRO C 919 49.08 -16.18 6.27
C PRO C 919 48.14 -16.64 7.40
N GLU C 920 48.18 -16.09 8.60
CA GLU C 920 47.27 -16.42 9.69
C GLU C 920 45.84 -16.11 9.49
N TYR C 921 45.53 -14.97 8.90
CA TYR C 921 44.16 -14.55 8.58
C TYR C 921 44.03 -14.00 7.18
N PRO C 922 44.02 -14.85 6.14
CA PRO C 922 44.03 -14.27 4.80
C PRO C 922 42.90 -13.35 4.32
N GLY C 923 43.24 -12.16 3.84
CA GLY C 923 42.26 -11.18 3.44
C GLY C 923 42.04 -10.08 4.44
N LYS C 924 42.50 -10.24 5.67
CA LYS C 924 42.30 -9.29 6.72
C LYS C 924 43.61 -8.80 7.20
N SER C 925 43.66 -7.61 7.77
CA SER C 925 44.91 -7.02 8.22
C SER C 925 44.66 -6.25 9.48
N ARG C 926 45.67 -5.65 10.05
CA ARG C 926 45.49 -4.85 11.24
C ARG C 926 45.68 -3.38 10.90
N ILE C 927 44.72 -2.54 11.27
CA ILE C 927 44.77 -1.14 10.94
C ILE C 927 44.78 -0.28 12.18
N PHE C 928 45.04 1.02 12.05
CA PHE C 928 45.12 1.93 13.18
C PHE C 928 44.15 3.06 13.17
N ASP C 929 43.91 3.67 14.33
CA ASP C 929 42.99 4.81 14.46
C ASP C 929 43.63 6.16 14.28
N GLY C 930 43.07 7.02 13.44
CA GLY C 930 43.58 8.35 13.17
C GLY C 930 43.59 9.29 14.27
N ARG C 931 42.59 9.25 15.10
CA ARG C 931 42.52 10.07 16.27
C ARG C 931 43.55 9.83 17.36
N THR C 932 43.89 8.60 17.67
CA THR C 932 44.82 8.26 18.73
C THR C 932 46.09 7.50 18.41
N GLY C 933 46.21 6.94 17.24
CA GLY C 933 47.41 6.22 16.84
C GLY C 933 47.48 4.81 17.30
N ASN C 934 46.42 4.33 17.94
CA ASN C 934 46.44 3.01 18.53
C ASN C 934 45.87 1.98 17.60
N PRO C 935 46.37 0.77 17.69
CA PRO C 935 45.86 -0.32 16.86
C PRO C 935 44.47 -0.77 17.23
N PHE C 936 43.60 -1.05 16.29
CA PHE C 936 42.30 -1.63 16.63
C PHE C 936 42.61 -3.07 17.00
N GLU C 937 41.87 -3.66 17.92
CA GLU C 937 42.19 -5.01 18.41
C GLU C 937 42.15 -6.25 17.52
N GLN C 938 41.19 -6.37 16.63
CA GLN C 938 41.06 -7.56 15.83
C GLN C 938 41.31 -7.20 14.39
N PRO C 939 41.77 -8.16 13.58
CA PRO C 939 42.03 -7.91 12.17
C PRO C 939 40.81 -7.53 11.33
N VAL C 940 40.92 -6.65 10.34
CA VAL C 940 39.78 -6.21 9.51
C VAL C 940 39.90 -6.37 8.01
N ILE C 941 38.77 -6.54 7.32
CA ILE C 941 38.73 -6.66 5.86
C ILE C 941 38.88 -5.37 5.11
N ILE C 942 39.93 -5.25 4.29
CA ILE C 942 40.21 -4.04 3.54
C ILE C 942 40.22 -4.38 2.06
N GLY C 943 39.65 -3.54 1.22
CA GLY C 943 39.68 -3.78 -0.21
C GLY C 943 39.28 -2.61 -1.06
N LYS C 944 39.43 -2.69 -2.38
CA LYS C 944 38.92 -1.66 -3.24
C LYS C 944 37.77 -2.17 -4.06
N PRO C 945 36.51 -1.92 -3.64
CA PRO C 945 35.43 -2.33 -4.51
C PRO C 945 34.97 -1.22 -5.45
N TYR C 946 33.94 -1.45 -6.25
CA TYR C 946 33.42 -0.47 -7.18
C TYR C 946 32.11 0.03 -6.63
N ILE C 947 31.98 1.33 -6.40
CA ILE C 947 30.80 1.88 -5.78
C ILE C 947 30.13 2.87 -6.70
N LEU C 948 28.81 2.88 -6.75
CA LEU C 948 28.07 3.72 -7.66
C LEU C 948 27.23 4.74 -6.92
N LYS C 949 26.92 5.87 -7.55
CA LYS C 949 26.10 6.91 -6.93
C LYS C 949 24.73 6.94 -7.53
N LEU C 950 23.68 6.81 -6.72
CA LEU C 950 22.34 6.73 -7.24
C LEU C 950 21.59 8.01 -7.54
N ILE C 951 20.56 7.95 -8.38
CA ILE C 951 19.82 9.13 -8.83
C ILE C 951 19.00 9.82 -7.76
N HIS C 952 18.82 9.18 -6.63
CA HIS C 952 18.01 9.75 -5.60
C HIS C 952 18.92 10.57 -4.75
N GLN C 953 18.80 11.88 -4.86
CA GLN C 953 19.66 12.79 -4.11
C GLN C 953 18.89 13.67 -3.16
N VAL C 954 19.53 14.17 -2.10
CA VAL C 954 18.84 14.97 -1.09
C VAL C 954 18.25 16.24 -1.63
N ASP C 955 18.95 16.87 -2.55
CA ASP C 955 18.49 18.16 -3.02
C ASP C 955 17.11 18.05 -3.62
N ASP C 956 16.86 17.01 -4.39
CA ASP C 956 15.54 16.82 -4.93
C ASP C 956 14.52 16.56 -3.83
N LYS C 957 14.88 15.79 -2.81
CA LYS C 957 13.96 15.45 -1.73
C LYS C 957 13.43 16.51 -0.76
N ILE C 958 14.25 17.47 -0.32
CA ILE C 958 13.81 18.44 0.71
C ILE C 958 12.63 19.34 0.35
N HIS C 959 11.68 19.50 1.26
CA HIS C 959 10.54 20.40 1.02
C HIS C 959 10.06 21.07 2.30
N GLY C 960 9.50 22.27 2.19
CA GLY C 960 8.93 22.94 3.35
C GLY C 960 7.79 23.86 2.95
N ARG C 961 6.90 24.19 3.88
CA ARG C 961 5.80 25.09 3.59
C ARG C 961 5.21 25.84 4.76
N SER C 962 4.82 27.09 4.56
CA SER C 962 4.12 27.86 5.57
C SER C 962 3.15 28.60 4.65
N SER C 963 1.92 28.83 5.05
CA SER C 963 0.95 29.59 4.25
C SER C 963 0.76 29.03 2.86
N GLY C 964 0.79 29.86 1.84
CA GLY C 964 0.68 29.40 0.46
C GLY C 964 -0.62 29.31 -0.32
N HIS C 965 -0.55 28.89 -1.58
CA HIS C 965 -1.71 28.79 -2.43
C HIS C 965 -2.64 27.69 -2.08
N TYR C 966 -3.93 27.90 -2.29
CA TYR C 966 -4.89 26.92 -1.88
C TYR C 966 -5.78 26.49 -3.03
N ALA C 967 -6.25 25.26 -3.02
CA ALA C 967 -7.07 24.72 -4.09
C ALA C 967 -8.46 25.28 -4.24
N LEU C 968 -9.01 25.22 -5.44
CA LEU C 968 -10.29 25.81 -5.72
C LEU C 968 -11.55 25.27 -5.09
N VAL C 969 -11.75 23.97 -5.12
CA VAL C 969 -12.98 23.43 -4.61
C VAL C 969 -12.80 23.00 -3.16
N THR C 970 -11.85 22.12 -2.90
CA THR C 970 -11.67 21.61 -1.55
C THR C 970 -11.10 22.67 -0.66
N GLN C 971 -10.49 23.69 -1.24
CA GLN C 971 -9.89 24.76 -0.47
C GLN C 971 -8.87 24.21 0.50
N GLN C 972 -8.15 23.18 0.09
CA GLN C 972 -7.13 22.61 0.92
C GLN C 972 -5.74 22.92 0.35
N PRO C 973 -4.65 22.65 1.11
CA PRO C 973 -3.37 22.95 0.49
C PRO C 973 -3.04 22.09 -0.74
N LEU C 974 -2.19 22.58 -1.62
CA LEU C 974 -1.79 21.87 -2.84
C LEU C 974 -0.85 20.68 -2.61
N ARG C 975 -0.80 19.71 -3.52
CA ARG C 975 0.05 18.51 -3.34
C ARG C 975 1.28 18.54 -4.20
N GLY C 976 2.45 18.33 -3.61
CA GLY C 976 3.65 18.26 -4.40
C GLY C 976 4.70 19.29 -4.08
N ARG C 977 5.96 18.87 -4.10
CA ARG C 977 7.05 19.79 -3.84
C ARG C 977 7.08 20.87 -4.89
N ALA C 978 6.88 20.47 -6.14
CA ALA C 978 6.86 21.43 -7.23
C ALA C 978 5.76 22.44 -6.99
N LYS C 979 4.61 21.98 -6.55
CA LYS C 979 3.49 22.87 -6.28
C LYS C 979 3.55 23.61 -4.94
N GLN C 980 4.65 23.50 -4.19
CA GLN C 980 4.82 24.16 -2.89
C GLN C 980 3.80 23.73 -1.85
N GLY C 981 3.40 22.48 -1.89
CA GLY C 981 2.36 22.00 -1.02
C GLY C 981 2.56 21.44 0.34
N GLY C 982 1.47 21.03 0.97
CA GLY C 982 1.54 20.49 2.29
C GLY C 982 1.76 19.03 2.35
N GLN C 983 1.68 18.48 3.54
CA GLN C 983 1.82 17.08 3.70
C GLN C 983 0.52 16.50 4.25
N ARG C 984 0.20 15.25 3.98
CA ARG C 984 -1.05 14.63 4.42
C ARG C 984 -1.14 14.03 5.79
N VAL C 985 -2.20 14.31 6.52
CA VAL C 985 -2.43 13.65 7.76
C VAL C 985 -3.59 12.81 7.34
N GLY C 986 -3.46 11.51 7.31
CA GLY C 986 -4.46 10.65 6.81
C GLY C 986 -5.08 9.81 7.83
N GLU C 987 -5.78 8.79 7.40
CA GLU C 987 -6.52 7.95 8.33
C GLU C 987 -5.65 7.34 9.38
N MET C 988 -4.58 6.72 8.97
CA MET C 988 -3.75 6.04 9.93
C MET C 988 -3.16 6.99 10.94
N GLU C 989 -2.80 8.19 10.51
CA GLU C 989 -2.22 9.16 11.41
C GLU C 989 -3.20 9.66 12.45
N VAL C 990 -4.45 9.88 12.08
CA VAL C 990 -5.47 10.27 13.00
C VAL C 990 -5.60 9.25 14.08
N TRP C 991 -5.58 7.97 13.71
CA TRP C 991 -5.76 6.94 14.68
C TRP C 991 -4.68 6.97 15.71
N ALA C 992 -3.46 7.22 15.28
CA ALA C 992 -2.36 7.32 16.22
C ALA C 992 -2.48 8.49 17.17
N LEU C 993 -2.90 9.63 16.65
CA LEU C 993 -3.07 10.79 17.50
C LEU C 993 -4.18 10.50 18.50
N GLU C 994 -5.20 9.80 18.08
CA GLU C 994 -6.26 9.44 19.00
C GLU C 994 -5.80 8.52 20.10
N GLY C 995 -4.89 7.62 19.81
CA GLY C 995 -4.36 6.74 20.83
C GLY C 995 -3.65 7.50 21.90
N PHE C 996 -2.89 8.51 21.52
CA PHE C 996 -2.22 9.36 22.49
C PHE C 996 -3.19 10.14 23.34
N GLY C 997 -4.32 10.54 22.77
CA GLY C 997 -5.29 11.34 23.50
C GLY C 997 -5.10 12.80 23.25
N VAL C 998 -4.40 13.17 22.17
CA VAL C 998 -4.13 14.57 21.81
C VAL C 998 -5.17 15.30 20.95
N ALA C 999 -6.33 15.51 21.56
CA ALA C 999 -7.42 16.12 20.83
C ALA C 999 -7.17 17.50 20.30
N HIS C 1000 -6.55 18.34 21.10
CA HIS C 1000 -6.33 19.68 20.65
C HIS C 1000 -5.42 19.66 19.45
N ILE C 1001 -4.36 18.86 19.46
CA ILE C 1001 -3.44 18.87 18.36
C ILE C 1001 -4.23 18.44 17.17
N LEU C 1002 -5.01 17.37 17.29
CA LEU C 1002 -5.69 16.96 16.07
C LEU C 1002 -6.63 18.01 15.50
N GLN C 1003 -7.43 18.66 16.32
CA GLN C 1003 -8.38 19.63 15.79
C GLN C 1003 -7.67 20.64 14.96
N GLU C 1004 -6.50 21.07 15.40
CA GLU C 1004 -5.76 22.09 14.69
C GLU C 1004 -5.46 21.68 13.29
N MET C 1005 -5.02 20.45 13.13
CA MET C 1005 -4.66 19.96 11.81
C MET C 1005 -5.87 19.96 10.90
N LEU C 1006 -7.02 19.64 11.44
CA LEU C 1006 -8.23 19.61 10.64
C LEU C 1006 -8.87 20.97 10.37
N THR C 1007 -8.52 22.02 11.11
CA THR C 1007 -9.20 23.28 10.91
C THR C 1007 -8.33 24.46 10.50
N TYR C 1008 -7.55 24.99 11.41
CA TYR C 1008 -6.75 26.17 11.12
C TYR C 1008 -5.74 25.94 10.03
N LYS C 1009 -5.05 24.82 10.07
CA LYS C 1009 -4.01 24.56 9.10
C LYS C 1009 -4.55 24.21 7.73
N SER C 1010 -5.65 23.48 7.70
CA SER C 1010 -6.25 23.12 6.43
C SER C 1010 -7.68 23.56 6.37
N ASP C 1011 -8.11 24.17 5.27
CA ASP C 1011 -9.54 24.45 5.05
C ASP C 1011 -10.55 25.16 5.93
N HIS C 1012 -10.17 26.10 6.78
CA HIS C 1012 -11.17 26.88 7.50
C HIS C 1012 -10.74 28.23 7.08
N ILE C 1013 -11.43 28.83 6.12
CA ILE C 1013 -10.93 30.09 5.58
C ILE C 1013 -10.84 31.26 6.56
N ARG C 1014 -11.88 31.48 7.33
CA ARG C 1014 -11.87 32.58 8.26
C ARG C 1014 -10.83 32.38 9.32
N ALA C 1015 -10.77 31.18 9.85
CA ALA C 1015 -9.85 30.88 10.91
C ALA C 1015 -8.42 30.95 10.46
N ARG C 1016 -8.15 30.47 9.25
CA ARG C 1016 -6.80 30.43 8.74
C ARG C 1016 -6.21 31.82 8.61
N GLN C 1017 -7.00 32.77 8.15
CA GLN C 1017 -6.47 34.09 7.93
C GLN C 1017 -6.17 34.80 9.23
N GLU C 1018 -6.86 34.44 10.29
CA GLU C 1018 -6.58 35.04 11.58
C GLU C 1018 -5.27 34.62 12.21
N VAL C 1019 -4.99 33.33 12.21
CA VAL C 1019 -3.78 32.82 12.85
C VAL C 1019 -2.52 33.50 12.36
N LEU C 1020 -2.43 33.86 11.10
CA LEU C 1020 -1.21 34.52 10.69
C LEU C 1020 -1.07 35.81 11.49
N GLY C 1021 -2.14 36.56 11.66
CA GLY C 1021 -2.08 37.74 12.48
C GLY C 1021 -1.79 37.57 13.97
N THR C 1022 -2.47 36.66 14.63
CA THR C 1022 -2.22 36.44 16.04
C THR C 1022 -0.75 36.21 16.24
N THR C 1023 -0.15 35.38 15.41
CA THR C 1023 1.24 35.04 15.59
C THR C 1023 2.21 36.21 15.43
N ILE C 1024 1.97 37.08 14.46
CA ILE C 1024 2.85 38.22 14.26
C ILE C 1024 2.73 39.16 15.45
N ILE C 1025 1.52 39.35 15.95
CA ILE C 1025 1.31 40.21 17.10
C ILE C 1025 1.83 39.59 18.39
N GLY C 1026 1.67 38.28 18.54
CA GLY C 1026 2.03 37.64 19.80
C GLY C 1026 0.89 37.16 20.68
N GLY C 1027 -0.31 37.07 20.14
CA GLY C 1027 -1.47 36.65 20.90
C GLY C 1027 -1.80 35.18 21.08
N THR C 1028 -3.02 34.90 21.53
CA THR C 1028 -3.45 33.52 21.74
C THR C 1028 -4.47 33.14 20.69
N ILE C 1029 -4.47 31.88 20.26
CA ILE C 1029 -5.37 31.45 19.19
C ILE C 1029 -6.57 30.75 19.79
N PRO C 1030 -7.78 31.24 19.46
CA PRO C 1030 -8.99 30.65 20.03
C PRO C 1030 -9.38 29.35 19.34
N ASN C 1031 -10.21 28.54 19.98
CA ASN C 1031 -10.62 27.26 19.41
C ASN C 1031 -11.78 27.50 18.52
N PRO C 1032 -11.74 27.00 17.30
CA PRO C 1032 -12.81 27.29 16.34
C PRO C 1032 -14.19 26.69 16.62
N GLU C 1033 -15.26 27.42 16.30
CA GLU C 1033 -16.61 26.90 16.49
C GLU C 1033 -17.36 26.49 15.21
N ASP C 1034 -17.14 27.20 14.11
CA ASP C 1034 -17.82 26.91 12.86
C ASP C 1034 -17.24 25.69 12.20
N ALA C 1035 -17.85 25.24 11.13
CA ALA C 1035 -17.41 24.01 10.51
C ALA C 1035 -16.40 24.22 9.45
N PRO C 1036 -15.56 23.19 9.17
CA PRO C 1036 -14.66 23.46 8.06
C PRO C 1036 -15.37 23.37 6.73
N GLU C 1037 -14.69 23.77 5.66
CA GLU C 1037 -15.31 23.75 4.35
C GLU C 1037 -15.67 22.35 3.96
N SER C 1038 -14.80 21.42 4.27
CA SER C 1038 -15.06 20.03 3.95
C SER C 1038 -16.47 19.59 4.35
N PHE C 1039 -16.92 20.03 5.50
CA PHE C 1039 -18.24 19.64 5.94
C PHE C 1039 -19.28 20.39 5.15
N ARG C 1040 -19.04 21.66 4.88
CA ARG C 1040 -20.02 22.45 4.19
C ARG C 1040 -20.26 21.87 2.83
N LEU C 1041 -19.22 21.38 2.19
CA LEU C 1041 -19.35 20.79 0.87
C LEU C 1041 -20.23 19.57 0.89
N LEU C 1042 -20.11 18.75 1.92
CA LEU C 1042 -20.88 17.53 1.96
C LEU C 1042 -22.35 17.88 2.01
N VAL C 1043 -22.69 18.88 2.78
CA VAL C 1043 -24.07 19.25 2.90
C VAL C 1043 -24.59 19.67 1.55
N ARG C 1044 -23.82 20.48 0.84
CA ARG C 1044 -24.26 20.98 -0.44
C ARG C 1044 -24.42 19.87 -1.43
N GLU C 1045 -23.50 18.92 -1.43
CA GLU C 1045 -23.62 17.81 -2.33
C GLU C 1045 -24.82 16.95 -2.04
N LEU C 1046 -25.10 16.71 -0.78
CA LEU C 1046 -26.27 15.96 -0.43
C LEU C 1046 -27.54 16.69 -0.80
N ARG C 1047 -27.55 17.99 -0.58
CA ARG C 1047 -28.73 18.75 -0.89
C ARG C 1047 -28.95 18.72 -2.38
N SER C 1048 -27.92 18.32 -3.12
CA SER C 1048 -28.12 18.12 -4.56
C SER C 1048 -28.82 16.80 -4.94
N LEU C 1049 -28.81 15.83 -4.06
CA LEU C 1049 -29.45 14.56 -4.32
C LEU C 1049 -30.73 14.56 -3.56
N ALA C 1050 -31.19 15.74 -3.17
CA ALA C 1050 -32.44 15.89 -2.43
C ALA C 1050 -32.50 15.32 -1.02
N LEU C 1051 -31.43 15.49 -0.23
CA LEU C 1051 -31.45 15.04 1.15
C LEU C 1051 -30.94 16.19 1.98
N GLU C 1052 -31.38 16.31 3.22
CA GLU C 1052 -30.98 17.43 4.05
C GLU C 1052 -30.26 17.00 5.32
N LEU C 1053 -29.13 17.60 5.62
CA LEU C 1053 -28.41 17.30 6.86
C LEU C 1053 -28.30 18.56 7.67
N ASN C 1054 -28.68 18.50 8.95
CA ASN C 1054 -28.64 19.67 9.80
C ASN C 1054 -27.93 19.35 11.10
N HIS C 1055 -27.28 20.33 11.70
CA HIS C 1055 -26.60 20.13 12.95
C HIS C 1055 -27.25 21.02 13.97
N PHE C 1056 -27.69 20.44 15.07
CA PHE C 1056 -28.34 21.22 16.09
C PHE C 1056 -27.64 21.02 17.41
N LEU C 1057 -27.62 22.02 18.27
CA LEU C 1057 -27.08 21.86 19.60
C LEU C 1057 -28.15 22.21 20.60
N VAL C 1058 -28.37 21.35 21.59
CA VAL C 1058 -29.39 21.61 22.58
C VAL C 1058 -28.74 22.08 23.84
N SER C 1059 -29.15 23.23 24.33
CA SER C 1059 -28.52 23.79 25.51
C SER C 1059 -28.92 23.02 26.73
N GLU C 1060 -27.94 22.64 27.53
CA GLU C 1060 -28.23 21.92 28.75
C GLU C 1060 -28.97 22.76 29.75
N LYS C 1061 -28.59 24.01 29.90
CA LYS C 1061 -29.22 24.85 30.90
C LYS C 1061 -30.69 25.17 30.70
N ASN C 1062 -31.10 25.55 29.50
CA ASN C 1062 -32.48 25.97 29.29
C ASN C 1062 -33.27 25.12 28.34
N PHE C 1063 -32.63 24.16 27.69
CA PHE C 1063 -33.29 23.23 26.76
C PHE C 1063 -33.60 23.75 25.35
N GLN C 1064 -33.10 24.92 25.00
CA GLN C 1064 -33.32 25.46 23.65
C GLN C 1064 -32.52 24.75 22.56
N ILE C 1065 -33.10 24.60 21.37
CA ILE C 1065 -32.41 23.93 20.27
C ILE C 1065 -31.97 24.96 19.26
N ASN C 1066 -30.69 24.99 18.95
CA ASN C 1066 -30.16 26.01 18.04
C ASN C 1066 -29.54 25.38 16.84
N ARG C 1067 -29.85 25.88 15.66
CA ARG C 1067 -29.35 25.26 14.44
C ARG C 1067 -28.11 25.95 13.98
N LYS C 1068 -26.98 25.26 14.01
CA LYS C 1068 -25.77 25.84 13.47
C LYS C 1068 -25.86 25.82 11.96
N GLU C 1069 -25.25 26.81 11.31
CA GLU C 1069 -25.28 26.88 9.86
C GLU C 1069 -24.23 25.99 9.25
N MET D 8 -19.92 12.67 41.10
CA MET D 8 -19.81 13.83 40.25
C MET D 8 -20.98 14.01 39.30
N ILE D 9 -21.23 15.25 38.88
CA ILE D 9 -22.28 15.56 37.96
C ILE D 9 -21.52 15.77 36.70
N ASP D 10 -21.84 15.02 35.68
CA ASP D 10 -21.16 15.10 34.42
C ASP D 10 -21.38 16.40 33.75
N ARG D 11 -20.41 16.88 33.01
CA ARG D 11 -20.63 18.07 32.25
C ARG D 11 -21.35 17.53 31.06
N TYR D 12 -22.46 18.12 30.70
CA TYR D 12 -23.27 17.55 29.66
C TYR D 12 -23.25 18.33 28.38
N LYS D 13 -23.04 17.66 27.26
CA LYS D 13 -23.12 18.33 25.98
C LYS D 13 -24.01 17.50 25.10
N HIS D 14 -24.99 18.12 24.46
CA HIS D 14 -25.85 17.39 23.58
C HIS D 14 -25.79 17.99 22.20
N GLN D 15 -25.46 17.19 21.20
CA GLN D 15 -25.38 17.65 19.84
C GLN D 15 -26.09 16.61 19.03
N GLN D 16 -26.73 16.99 17.94
CA GLN D 16 -27.38 16.01 17.09
C GLN D 16 -27.24 16.31 15.62
N LEU D 17 -27.36 15.28 14.79
CA LEU D 17 -27.33 15.49 13.35
C LEU D 17 -28.54 14.78 12.79
N ARG D 18 -29.32 15.42 11.93
CA ARG D 18 -30.53 14.82 11.40
C ARG D 18 -30.54 14.79 9.89
N ILE D 19 -30.87 13.64 9.32
CA ILE D 19 -30.93 13.51 7.87
C ILE D 19 -32.34 13.23 7.43
N GLY D 20 -32.80 13.89 6.37
CA GLY D 20 -34.16 13.70 5.93
C GLY D 20 -34.40 14.09 4.50
N SER D 21 -35.38 13.48 3.86
CA SER D 21 -35.72 13.81 2.49
C SER D 21 -36.46 15.10 2.50
N VAL D 22 -36.40 15.87 1.42
CA VAL D 22 -37.00 17.18 1.45
C VAL D 22 -38.14 17.45 0.52
N SER D 23 -39.08 18.27 0.97
CA SER D 23 -40.25 18.61 0.18
C SER D 23 -39.98 19.58 -0.94
N PRO D 24 -40.86 19.63 -1.92
CA PRO D 24 -40.68 20.53 -3.04
C PRO D 24 -40.65 21.99 -2.64
N GLN D 25 -41.42 22.39 -1.66
CA GLN D 25 -41.39 23.75 -1.18
C GLN D 25 -40.04 24.16 -0.62
N GLN D 26 -39.37 23.26 0.08
CA GLN D 26 -38.04 23.53 0.61
C GLN D 26 -37.02 23.76 -0.42
N ILE D 27 -37.02 22.96 -1.46
CA ILE D 27 -35.95 23.09 -2.42
C ILE D 27 -36.06 24.46 -2.98
N SER D 28 -37.29 24.94 -3.04
CA SER D 28 -37.50 26.28 -3.53
C SER D 28 -36.90 27.30 -2.60
N ALA D 29 -37.18 27.21 -1.32
CA ALA D 29 -36.68 28.19 -0.36
C ALA D 29 -35.20 28.17 -0.23
N TRP D 30 -34.58 27.04 -0.51
CA TRP D 30 -33.13 27.03 -0.48
C TRP D 30 -32.60 28.02 -1.51
N ALA D 31 -33.25 28.13 -2.67
CA ALA D 31 -32.76 28.99 -3.75
C ALA D 31 -33.52 30.25 -4.17
N THR D 32 -34.31 30.86 -3.30
CA THR D 32 -35.15 32.00 -3.72
C THR D 32 -34.88 33.35 -3.06
N LYS D 33 -34.86 34.42 -3.85
CA LYS D 33 -34.73 35.77 -3.28
C LYS D 33 -35.68 36.74 -3.99
N ILE D 34 -36.16 37.78 -3.29
CA ILE D 34 -37.04 38.81 -3.93
C ILE D 34 -36.33 40.14 -3.99
N LEU D 35 -36.16 40.70 -5.18
CA LEU D 35 -35.36 41.91 -5.34
C LEU D 35 -36.04 43.23 -4.98
N PRO D 36 -35.29 44.36 -5.04
CA PRO D 36 -35.87 45.68 -4.75
C PRO D 36 -37.00 45.97 -5.72
N ASN D 37 -36.91 45.46 -6.95
CA ASN D 37 -38.01 45.57 -7.88
C ASN D 37 -39.19 44.78 -7.33
N GLY D 38 -38.94 43.78 -6.47
CA GLY D 38 -40.00 42.93 -5.95
C GLY D 38 -40.08 41.70 -6.79
N GLU D 39 -39.13 41.52 -7.71
CA GLU D 39 -39.15 40.38 -8.61
C GLU D 39 -38.38 39.15 -8.10
N ILE D 40 -38.99 37.97 -8.24
CA ILE D 40 -38.32 36.73 -7.82
C ILE D 40 -37.16 36.30 -8.73
N VAL D 41 -36.10 35.71 -8.16
CA VAL D 41 -34.97 35.23 -8.93
C VAL D 41 -34.61 33.84 -8.44
N GLY D 42 -34.01 33.03 -9.28
CA GLY D 42 -33.57 31.72 -8.83
C GLY D 42 -33.68 30.57 -9.79
N GLU D 43 -34.78 30.45 -10.51
CA GLU D 43 -34.86 29.39 -11.48
C GLU D 43 -33.96 29.72 -12.62
N VAL D 44 -33.17 28.75 -13.06
CA VAL D 44 -32.34 28.96 -14.22
C VAL D 44 -32.98 28.14 -15.31
N THR D 45 -33.33 28.78 -16.43
CA THR D 45 -33.96 28.09 -17.53
C THR D 45 -33.06 27.72 -18.70
N LYS D 46 -32.24 28.67 -19.14
CA LYS D 46 -31.37 28.45 -20.29
C LYS D 46 -30.21 27.55 -19.96
N PRO D 47 -29.72 26.79 -20.95
CA PRO D 47 -28.62 25.85 -20.69
C PRO D 47 -27.29 26.50 -20.83
N TYR D 48 -27.25 27.78 -21.15
CA TYR D 48 -25.98 28.41 -21.44
C TYR D 48 -24.97 28.49 -20.34
N THR D 49 -23.72 28.20 -20.67
CA THR D 49 -22.69 28.31 -19.70
C THR D 49 -21.85 29.46 -20.16
N PHE D 50 -21.75 30.50 -19.34
CA PHE D 50 -20.98 31.67 -19.72
C PHE D 50 -21.46 32.23 -21.02
N HIS D 51 -20.51 32.52 -21.91
CA HIS D 51 -20.86 33.12 -23.19
C HIS D 51 -20.00 32.52 -24.29
N TYR D 52 -20.42 32.67 -25.54
CA TYR D 52 -19.66 32.06 -26.61
C TYR D 52 -18.52 32.99 -26.99
N LYS D 53 -17.35 32.78 -26.39
CA LYS D 53 -16.18 33.64 -26.59
C LYS D 53 -16.27 35.00 -25.88
N THR D 54 -17.29 35.22 -25.04
CA THR D 54 -17.36 36.47 -24.26
C THR D 54 -16.86 36.36 -22.80
N ASN D 55 -16.80 35.15 -22.27
CA ASN D 55 -16.35 34.93 -20.89
C ASN D 55 -17.11 35.74 -19.86
N LYS D 56 -18.40 35.91 -20.07
CA LYS D 56 -19.20 36.57 -19.08
C LYS D 56 -20.30 35.56 -18.90
N PRO D 57 -20.77 35.40 -17.68
CA PRO D 57 -21.89 34.50 -17.50
C PRO D 57 -23.12 34.97 -18.24
N GLU D 58 -23.86 34.07 -18.89
CA GLU D 58 -25.12 34.44 -19.52
C GLU D 58 -26.22 34.53 -18.47
N LYS D 59 -27.32 35.18 -18.79
CA LYS D 59 -28.44 35.23 -17.86
C LYS D 59 -29.20 33.94 -17.92
N ASP D 60 -29.86 33.57 -16.83
CA ASP D 60 -30.63 32.35 -16.78
C ASP D 60 -29.74 31.22 -17.19
N GLY D 61 -28.49 31.27 -16.76
CA GLY D 61 -27.53 30.30 -17.19
C GLY D 61 -26.98 29.58 -16.01
N LEU D 62 -26.29 28.48 -16.25
CA LEU D 62 -25.78 27.67 -15.17
C LEU D 62 -24.79 28.43 -14.31
N PHE D 63 -24.21 29.51 -14.82
CA PHE D 63 -23.29 30.33 -14.03
C PHE D 63 -23.75 31.74 -13.79
N CYS D 64 -25.04 32.02 -13.93
CA CYS D 64 -25.55 33.39 -13.83
C CYS D 64 -25.32 34.07 -12.54
N GLU D 65 -24.80 35.29 -12.63
CA GLU D 65 -24.51 36.06 -11.44
C GLU D 65 -25.71 36.36 -10.62
N ARG D 66 -26.81 36.74 -11.26
CA ARG D 66 -27.95 37.15 -10.47
C ARG D 66 -28.50 36.05 -9.61
N ILE D 67 -28.68 34.86 -10.15
CA ILE D 67 -29.13 33.74 -9.32
C ILE D 67 -28.09 33.21 -8.35
N PHE D 68 -26.84 33.12 -8.78
CA PHE D 68 -25.82 32.52 -7.94
C PHE D 68 -24.85 33.44 -7.21
N GLY D 69 -25.05 34.74 -7.30
CA GLY D 69 -24.13 35.68 -6.67
C GLY D 69 -23.07 36.27 -7.58
N PRO D 70 -22.48 37.39 -7.18
CA PRO D 70 -21.50 38.07 -8.05
C PRO D 70 -20.15 37.35 -8.19
N ILE D 71 -19.51 37.48 -9.35
CA ILE D 71 -18.21 36.84 -9.60
C ILE D 71 -17.00 37.54 -9.03
N LYS D 72 -17.03 38.87 -9.03
CA LYS D 72 -15.94 39.67 -8.48
C LYS D 72 -16.63 40.51 -7.45
N SER D 73 -15.99 40.74 -6.32
CA SER D 73 -16.66 41.47 -5.26
C SER D 73 -16.96 42.90 -5.65
N GLY D 74 -18.14 43.40 -5.30
CA GLY D 74 -18.48 44.78 -5.56
C GLY D 74 -18.71 45.25 -6.98
N ILE D 75 -18.38 44.42 -7.97
CA ILE D 75 -18.51 44.84 -9.35
C ILE D 75 -19.75 44.16 -9.80
N CYS D 76 -20.74 44.94 -10.16
CA CYS D 76 -22.03 44.40 -10.52
C CYS D 76 -22.09 43.99 -11.96
N ALA D 77 -23.28 43.65 -12.40
CA ALA D 77 -23.45 43.24 -13.76
C ALA D 77 -23.02 44.37 -14.66
N CYS D 78 -23.39 45.60 -14.29
CA CYS D 78 -23.07 46.75 -15.14
C CYS D 78 -21.57 46.98 -15.27
N GLY D 79 -20.82 46.81 -14.20
CA GLY D 79 -19.41 47.12 -14.24
C GLY D 79 -18.96 48.25 -13.32
N ASN D 80 -19.87 48.88 -12.59
CA ASN D 80 -19.44 49.87 -11.59
C ASN D 80 -19.05 49.19 -10.28
N TYR D 81 -18.26 49.85 -9.42
CA TYR D 81 -17.88 49.28 -8.12
C TYR D 81 -18.30 50.04 -6.86
N ARG D 82 -19.16 49.44 -6.04
CA ARG D 82 -19.56 50.07 -4.79
C ARG D 82 -18.91 49.27 -3.69
N VAL D 83 -18.31 49.96 -2.72
CA VAL D 83 -17.57 49.27 -1.65
C VAL D 83 -18.41 48.46 -0.68
N ILE D 84 -18.28 47.14 -0.73
CA ILE D 84 -18.97 46.29 0.24
C ILE D 84 -18.30 46.47 1.59
N GLY D 85 -19.03 46.26 2.68
CA GLY D 85 -18.49 46.51 4.00
C GLY D 85 -19.31 47.67 4.48
N ASP D 86 -20.07 48.25 3.56
CA ASP D 86 -20.94 49.36 3.90
C ASP D 86 -22.30 49.07 3.28
N GLU D 87 -23.33 48.97 4.10
CA GLU D 87 -24.68 48.77 3.57
C GLU D 87 -25.48 50.03 3.82
N LYS D 88 -24.82 51.08 4.28
CA LYS D 88 -25.55 52.29 4.64
C LYS D 88 -26.27 52.93 3.47
N GLU D 89 -25.61 53.04 2.33
CA GLU D 89 -26.28 53.56 1.14
C GLU D 89 -25.88 52.73 -0.06
N ASP D 90 -26.12 51.43 0.01
CA ASP D 90 -25.80 50.56 -1.10
C ASP D 90 -27.04 49.77 -1.48
N PRO D 91 -27.44 49.86 -2.75
CA PRO D 91 -28.58 49.02 -3.14
C PRO D 91 -28.15 47.57 -3.09
N LYS D 92 -28.85 46.76 -2.30
CA LYS D 92 -28.54 45.35 -2.22
C LYS D 92 -28.73 44.80 -3.62
N PHE D 93 -29.78 45.21 -4.29
CA PHE D 93 -29.98 44.82 -5.68
C PHE D 93 -30.05 46.13 -6.46
N CYS D 94 -29.23 46.27 -7.48
CA CYS D 94 -29.23 47.49 -8.28
C CYS D 94 -30.50 47.53 -9.12
N GLU D 95 -30.92 48.72 -9.50
CA GLU D 95 -32.09 48.83 -10.34
C GLU D 95 -31.84 48.15 -11.67
N GLN D 96 -30.67 48.38 -12.26
CA GLN D 96 -30.35 47.76 -13.53
C GLN D 96 -30.23 46.24 -13.45
N CYS D 97 -29.61 45.73 -12.39
CA CYS D 97 -29.39 44.28 -12.29
C CYS D 97 -29.44 43.77 -10.86
N GLY D 98 -29.66 42.47 -10.68
CA GLY D 98 -29.63 41.94 -9.34
C GLY D 98 -28.16 41.80 -9.03
N VAL D 99 -27.69 42.58 -8.08
CA VAL D 99 -26.26 42.59 -7.82
C VAL D 99 -25.76 41.80 -6.63
N GLU D 100 -26.48 41.83 -5.50
CA GLU D 100 -26.00 41.15 -4.30
C GLU D 100 -24.55 41.57 -4.12
N PHE D 101 -24.30 42.84 -3.89
CA PHE D 101 -22.92 43.35 -3.85
C PHE D 101 -21.89 42.75 -2.89
N VAL D 102 -22.29 42.12 -1.80
CA VAL D 102 -21.30 41.72 -0.78
C VAL D 102 -20.09 40.79 -1.00
N ASP D 103 -20.23 39.63 -1.62
CA ASP D 103 -19.07 38.75 -1.74
C ASP D 103 -19.12 37.72 -2.83
N SER D 104 -17.96 37.24 -3.26
CA SER D 104 -17.92 36.19 -4.26
C SER D 104 -18.04 34.85 -3.58
N ARG D 105 -17.97 34.85 -2.26
CA ARG D 105 -18.04 33.60 -1.53
C ARG D 105 -19.37 32.92 -1.77
N ILE D 106 -20.43 33.70 -1.88
CA ILE D 106 -21.72 33.13 -2.12
C ILE D 106 -21.74 32.10 -3.27
N ARG D 107 -20.95 32.29 -4.32
CA ARG D 107 -20.99 31.36 -5.44
C ARG D 107 -20.61 29.97 -4.99
N ARG D 108 -19.95 29.87 -3.85
CA ARG D 108 -19.65 28.59 -3.25
C ARG D 108 -20.84 27.98 -2.56
N TYR D 109 -21.64 28.78 -1.90
CA TYR D 109 -22.74 28.27 -1.11
C TYR D 109 -24.15 28.41 -1.64
N GLN D 110 -24.38 29.36 -2.55
CA GLN D 110 -25.71 29.62 -3.10
C GLN D 110 -26.27 28.52 -3.96
N MET D 111 -27.56 28.27 -3.88
CA MET D 111 -28.14 27.16 -4.60
C MET D 111 -29.17 27.65 -5.59
N GLY D 112 -29.45 26.85 -6.62
CA GLY D 112 -30.45 27.20 -7.61
C GLY D 112 -31.29 25.99 -7.93
N TYR D 113 -32.52 26.19 -8.39
CA TYR D 113 -33.44 25.07 -8.64
C TYR D 113 -34.00 25.07 -10.03
N ILE D 114 -34.30 23.91 -10.59
CA ILE D 114 -34.89 23.79 -11.95
C ILE D 114 -36.28 23.17 -11.93
N LYS D 115 -37.24 23.84 -12.54
CA LYS D 115 -38.60 23.34 -12.57
C LYS D 115 -38.79 22.34 -13.66
N LEU D 116 -39.50 21.27 -13.35
CA LEU D 116 -39.66 20.24 -14.30
C LEU D 116 -41.12 20.14 -14.61
N ALA D 117 -41.47 20.07 -15.88
CA ALA D 117 -42.86 19.88 -16.27
C ALA D 117 -43.39 18.53 -15.83
N CYS D 118 -42.58 17.50 -15.96
CA CYS D 118 -43.05 16.14 -15.65
C CYS D 118 -42.56 15.59 -14.31
N PRO D 119 -43.45 14.96 -13.57
CA PRO D 119 -42.95 14.35 -12.36
C PRO D 119 -41.95 13.26 -12.69
N VAL D 120 -40.86 13.15 -11.92
CA VAL D 120 -39.89 12.08 -12.13
C VAL D 120 -39.64 11.30 -10.87
N THR D 121 -39.01 10.14 -10.98
CA THR D 121 -38.76 9.29 -9.84
C THR D 121 -37.30 9.12 -9.45
N HIS D 122 -36.97 9.16 -8.15
CA HIS D 122 -35.60 8.93 -7.68
C HIS D 122 -35.24 7.51 -7.89
N VAL D 123 -33.97 7.26 -8.24
CA VAL D 123 -33.47 5.90 -8.44
C VAL D 123 -33.35 5.00 -7.22
N TRP D 124 -32.85 5.51 -6.09
CA TRP D 124 -32.56 4.62 -4.97
C TRP D 124 -33.75 3.85 -4.42
N TYR D 125 -34.88 4.50 -4.26
CA TYR D 125 -36.02 3.82 -3.70
C TYR D 125 -36.45 2.70 -4.63
N LEU D 126 -36.51 2.97 -5.92
CA LEU D 126 -36.84 1.93 -6.91
C LEU D 126 -35.79 0.84 -7.11
N LYS D 127 -34.52 1.21 -7.13
CA LYS D 127 -33.46 0.23 -7.43
C LYS D 127 -33.25 -0.94 -6.48
N ARG D 128 -33.35 -0.71 -5.18
CA ARG D 128 -33.08 -1.78 -4.23
C ARG D 128 -34.09 -2.91 -4.46
N LEU D 129 -33.66 -4.15 -4.25
CA LEU D 129 -34.58 -5.27 -4.43
C LEU D 129 -35.75 -5.13 -3.46
N PRO D 130 -35.48 -4.78 -2.18
CA PRO D 130 -36.65 -4.49 -1.34
C PRO D 130 -36.97 -3.03 -1.58
N SER D 131 -37.55 -2.70 -2.72
CA SER D 131 -37.77 -1.30 -3.06
C SER D 131 -38.68 -0.65 -2.04
N TYR D 132 -38.29 0.53 -1.56
CA TYR D 132 -39.08 1.22 -0.56
C TYR D 132 -40.44 1.58 -1.12
N ILE D 133 -40.47 2.06 -2.36
CA ILE D 133 -41.74 2.39 -3.00
C ILE D 133 -42.58 1.13 -3.16
N ALA D 134 -41.96 0.04 -3.60
CA ALA D 134 -42.68 -1.22 -3.76
C ALA D 134 -43.20 -1.74 -2.45
N ASN D 135 -42.41 -1.60 -1.39
CA ASN D 135 -42.84 -2.09 -0.08
C ASN D 135 -44.07 -1.34 0.34
N LEU D 136 -44.11 -0.03 0.11
CA LEU D 136 -45.32 0.75 0.39
C LEU D 136 -46.49 0.40 -0.52
N LEU D 137 -46.22 0.19 -1.80
CA LEU D 137 -47.28 -0.08 -2.78
C LEU D 137 -48.09 -1.37 -2.64
N ASP D 138 -47.44 -2.47 -2.23
CA ASP D 138 -48.11 -3.78 -2.15
C ASP D 138 -48.63 -4.20 -3.52
N LYS D 139 -47.88 -3.90 -4.57
CA LYS D 139 -48.27 -4.29 -5.92
C LYS D 139 -47.02 -4.89 -6.56
N PRO D 140 -47.19 -5.67 -7.64
CA PRO D 140 -46.00 -6.31 -8.19
C PRO D 140 -44.95 -5.29 -8.61
N LEU D 141 -43.68 -5.61 -8.35
CA LEU D 141 -42.61 -4.68 -8.67
C LEU D 141 -42.57 -4.41 -10.16
N LYS D 142 -42.79 -5.44 -10.96
CA LYS D 142 -42.77 -5.28 -12.41
C LYS D 142 -43.83 -4.31 -12.87
N GLU D 143 -45.02 -4.40 -12.29
CA GLU D 143 -46.13 -3.53 -12.71
C GLU D 143 -45.84 -2.05 -12.46
N LEU D 144 -45.34 -1.71 -11.28
CA LEU D 144 -45.00 -0.33 -10.99
C LEU D 144 -43.85 0.13 -11.88
N GLU D 145 -42.90 -0.75 -12.16
CA GLU D 145 -41.76 -0.36 -12.97
C GLU D 145 -42.12 -0.22 -14.42
N GLY D 146 -43.00 -1.08 -14.90
CA GLY D 146 -43.33 -1.06 -16.31
C GLY D 146 -43.94 0.25 -16.69
N LEU D 147 -44.82 0.73 -15.82
CA LEU D 147 -45.47 2.00 -16.09
C LEU D 147 -44.40 3.06 -16.14
N VAL D 148 -43.45 2.97 -15.23
CA VAL D 148 -42.43 3.99 -15.15
C VAL D 148 -41.50 4.11 -16.35
N TYR D 149 -41.06 3.00 -16.93
CA TYR D 149 -40.09 3.08 -18.01
C TYR D 149 -40.66 2.82 -19.40
N CYS D 150 -41.89 2.33 -19.49
CA CYS D 150 -42.46 1.98 -20.78
C CYS D 150 -43.86 2.53 -20.80
N ASP D 151 -44.45 2.62 -21.98
CA ASP D 151 -45.76 3.22 -22.06
C ASP D 151 -46.82 2.20 -21.73
N PHE D 152 -47.39 2.32 -20.54
CA PHE D 152 -48.47 1.44 -20.13
C PHE D 152 -49.28 2.40 -19.30
N SER D 153 -50.59 2.20 -19.23
CA SER D 153 -51.40 3.18 -18.52
C SER D 153 -52.26 2.59 -17.42
N PHE D 154 -52.19 3.17 -16.23
CA PHE D 154 -53.03 2.70 -15.14
C PHE D 154 -54.44 3.16 -15.39
N ALA D 155 -55.41 2.50 -14.77
CA ALA D 155 -56.79 2.83 -15.06
C ALA D 155 -57.50 3.36 -13.85
N ARG D 156 -57.09 2.91 -12.67
CA ARG D 156 -57.70 3.44 -11.44
C ARG D 156 -56.67 4.09 -10.53
N PRO D 157 -56.21 5.28 -10.91
CA PRO D 157 -55.16 5.97 -10.14
C PRO D 157 -55.50 6.39 -8.70
N ILE D 158 -56.68 6.95 -8.45
CA ILE D 158 -56.99 7.45 -7.11
C ILE D 158 -58.19 6.80 -6.48
N THR D 159 -58.02 6.25 -5.28
CA THR D 159 -59.12 5.66 -4.57
C THR D 159 -59.71 6.71 -3.68
N LYS D 160 -59.11 7.87 -3.68
CA LYS D 160 -59.62 8.99 -2.89
C LYS D 160 -60.96 9.52 -3.35
N LYS D 161 -61.18 9.63 -4.65
CA LYS D 161 -62.42 10.25 -5.15
C LYS D 161 -63.25 9.38 -6.12
N PRO D 162 -64.59 9.47 -6.01
CA PRO D 162 -65.43 8.61 -6.86
C PRO D 162 -65.33 8.95 -8.35
N THR D 163 -65.38 7.92 -9.20
CA THR D 163 -65.29 8.13 -10.64
C THR D 163 -66.38 7.39 -11.41
N PHE D 164 -66.99 8.06 -12.40
CA PHE D 164 -68.06 7.44 -13.20
C PHE D 164 -67.64 6.23 -14.01
N LEU D 165 -66.54 6.30 -14.73
CA LEU D 165 -66.07 5.12 -15.45
C LEU D 165 -65.65 4.04 -14.44
N ARG D 166 -65.93 2.77 -14.71
CA ARG D 166 -65.60 1.76 -13.69
C ARG D 166 -64.89 0.44 -14.02
N LEU D 167 -63.92 0.47 -14.92
CA LEU D 167 -63.15 -0.74 -15.20
C LEU D 167 -62.29 -1.07 -13.99
N ARG D 168 -61.80 -0.05 -13.29
CA ARG D 168 -60.95 -0.24 -12.11
C ARG D 168 -59.74 -1.08 -12.46
N GLY D 169 -59.16 -0.85 -13.63
CA GLY D 169 -58.04 -1.67 -14.06
C GLY D 169 -56.65 -1.24 -13.65
N LEU D 170 -55.68 -2.08 -13.93
CA LEU D 170 -54.29 -1.74 -13.65
C LEU D 170 -53.68 -1.12 -14.89
N PHE D 171 -52.37 -1.14 -14.98
CA PHE D 171 -51.74 -0.63 -16.17
C PHE D 171 -52.20 -1.49 -17.34
N GLU D 172 -52.68 -0.85 -18.40
CA GLU D 172 -53.14 -1.57 -19.56
C GLU D 172 -52.48 -0.98 -20.79
N TYR D 173 -51.90 -1.83 -21.62
CA TYR D 173 -51.24 -1.37 -22.83
C TYR D 173 -52.19 -0.74 -23.83
N GLU D 174 -53.39 -1.30 -23.96
CA GLU D 174 -54.29 -0.81 -25.00
C GLU D 174 -55.16 0.37 -24.65
N ILE D 175 -55.01 1.45 -25.42
CA ILE D 175 -55.87 2.61 -25.22
C ILE D 175 -56.87 2.54 -26.36
N GLN D 176 -56.88 1.42 -27.08
CA GLN D 176 -57.81 1.23 -28.21
C GLN D 176 -59.26 1.39 -27.81
N SER D 177 -59.55 1.29 -26.52
CA SER D 177 -60.89 1.50 -26.04
C SER D 177 -61.30 2.85 -26.55
N TRP D 178 -62.58 3.01 -26.90
CA TRP D 178 -62.98 4.26 -27.51
C TRP D 178 -62.55 5.36 -26.61
N LYS D 179 -61.83 6.31 -27.16
CA LYS D 179 -61.30 7.39 -26.36
C LYS D 179 -61.71 8.66 -27.04
N TYR D 180 -61.71 8.66 -28.37
CA TYR D 180 -62.20 9.86 -29.07
C TYR D 180 -63.69 10.18 -28.93
N SER D 181 -64.53 9.17 -29.11
CA SER D 181 -65.95 9.38 -28.95
C SER D 181 -66.21 9.80 -27.53
N ILE D 182 -65.44 9.24 -26.60
CA ILE D 182 -65.63 9.57 -25.20
C ILE D 182 -65.35 11.03 -25.00
N PRO D 183 -64.26 11.52 -25.60
CA PRO D 183 -63.93 12.95 -25.50
C PRO D 183 -64.96 13.82 -26.18
N LEU D 184 -65.46 13.40 -27.33
CA LEU D 184 -66.49 14.17 -28.03
C LEU D 184 -67.76 14.25 -27.21
N PHE D 185 -68.15 13.14 -26.59
CA PHE D 185 -69.34 13.13 -25.75
C PHE D 185 -69.12 14.02 -24.57
N PHE D 186 -67.94 13.95 -23.99
CA PHE D 186 -67.63 14.75 -22.83
C PHE D 186 -67.34 16.19 -23.19
N THR D 187 -67.46 17.08 -22.22
CA THR D 187 -67.15 18.48 -22.46
C THR D 187 -65.66 18.67 -22.58
N THR D 188 -65.25 19.85 -23.06
CA THR D 188 -63.82 20.16 -23.12
C THR D 188 -63.34 20.19 -21.69
N GLN D 189 -62.46 19.26 -21.33
CA GLN D 189 -61.90 19.16 -19.97
C GLN D 189 -62.80 18.41 -19.03
N GLY D 190 -63.99 18.05 -19.48
CA GLY D 190 -64.84 17.20 -18.68
C GLY D 190 -64.07 15.90 -18.73
N PHE D 191 -63.53 15.61 -19.91
CA PHE D 191 -62.73 14.41 -20.07
C PHE D 191 -61.53 14.53 -19.16
N ASP D 192 -60.97 15.73 -19.04
CA ASP D 192 -59.77 15.90 -18.25
C ASP D 192 -60.02 15.55 -16.79
N THR D 193 -61.16 15.99 -16.25
CA THR D 193 -61.47 15.65 -14.88
C THR D 193 -61.63 14.15 -14.72
N PHE D 194 -62.33 13.53 -15.67
CA PHE D 194 -62.48 12.08 -15.63
C PHE D 194 -61.16 11.34 -15.84
N ARG D 195 -60.36 11.80 -16.79
CA ARG D 195 -59.11 11.12 -17.10
C ARG D 195 -58.15 11.20 -15.94
N ASN D 196 -58.10 12.36 -15.30
CA ASN D 196 -57.19 12.53 -14.19
C ASN D 196 -57.61 11.55 -13.11
N ARG D 197 -58.91 11.44 -12.88
CA ARG D 197 -59.41 10.50 -11.89
C ARG D 197 -59.11 9.07 -12.28
N GLU D 198 -59.21 8.77 -13.57
CA GLU D 198 -59.02 7.40 -14.00
C GLU D 198 -57.71 7.09 -14.71
N ILE D 199 -57.58 7.49 -15.97
CA ILE D 199 -56.38 7.12 -16.73
C ILE D 199 -55.10 7.67 -16.12
N SER D 200 -54.06 6.85 -16.08
CA SER D 200 -52.83 7.29 -15.45
C SER D 200 -51.59 6.96 -16.26
N THR D 201 -50.59 7.84 -16.24
CA THR D 201 -49.36 7.63 -17.01
C THR D 201 -48.11 8.17 -16.35
N GLY D 202 -46.95 7.79 -16.86
CA GLY D 202 -45.70 8.30 -16.32
C GLY D 202 -45.50 8.03 -14.86
N ALA D 203 -45.10 9.05 -14.11
CA ALA D 203 -44.94 8.89 -12.68
C ALA D 203 -45.82 9.83 -11.92
N GLY D 204 -46.62 10.59 -12.62
CA GLY D 204 -47.59 11.45 -11.95
C GLY D 204 -48.49 10.47 -11.25
N ALA D 205 -48.75 9.33 -11.87
CA ALA D 205 -49.60 8.32 -11.27
C ALA D 205 -49.05 7.78 -9.97
N ILE D 206 -47.74 7.49 -9.94
CA ILE D 206 -47.14 6.99 -8.73
C ILE D 206 -47.21 8.03 -7.68
N ARG D 207 -46.97 9.28 -8.04
CA ARG D 207 -46.97 10.31 -7.06
C ARG D 207 -48.34 10.41 -6.46
N GLU D 208 -49.36 10.43 -7.31
CA GLU D 208 -50.70 10.49 -6.80
C GLU D 208 -51.17 9.28 -6.00
N GLN D 209 -50.83 8.07 -6.44
CA GLN D 209 -51.21 6.89 -5.69
C GLN D 209 -50.53 6.89 -4.34
N LEU D 210 -49.26 7.27 -4.29
CA LEU D 210 -48.57 7.36 -3.01
C LEU D 210 -49.20 8.43 -2.16
N ALA D 211 -49.58 9.55 -2.78
CA ALA D 211 -50.10 10.66 -2.00
C ALA D 211 -51.38 10.44 -1.24
N ASP D 212 -52.36 9.75 -1.82
CA ASP D 212 -53.58 9.42 -1.06
C ASP D 212 -53.60 7.96 -0.68
N LEU D 213 -52.97 7.61 0.44
CA LEU D 213 -52.86 6.21 0.84
C LEU D 213 -53.16 6.12 2.31
N ASP D 214 -53.81 5.07 2.80
CA ASP D 214 -54.06 5.07 4.23
C ASP D 214 -53.14 4.18 5.00
N LEU D 215 -52.18 4.78 5.67
CA LEU D 215 -51.18 4.00 6.38
C LEU D 215 -51.73 3.17 7.51
N ARG D 216 -52.61 3.73 8.32
CA ARG D 216 -53.14 3.02 9.45
C ARG D 216 -53.89 1.83 8.92
N ILE D 217 -54.59 2.01 7.81
CA ILE D 217 -55.29 0.90 7.18
C ILE D 217 -54.29 -0.11 6.65
N ILE D 218 -53.19 0.35 6.08
CA ILE D 218 -52.22 -0.55 5.48
C ILE D 218 -51.70 -1.53 6.51
N ILE D 219 -51.48 -1.04 7.72
CA ILE D 219 -51.03 -1.92 8.75
C ILE D 219 -52.06 -2.98 9.06
N GLU D 220 -53.32 -2.62 9.07
CA GLU D 220 -54.35 -3.55 9.42
C GLU D 220 -54.46 -4.69 8.44
N ASN D 221 -54.46 -4.38 7.16
CA ASN D 221 -54.52 -5.41 6.19
C ASN D 221 -53.35 -6.30 6.30
N SER D 222 -52.18 -5.72 6.48
CA SER D 222 -50.98 -6.52 6.47
C SER D 222 -50.90 -7.49 7.58
N LEU D 223 -51.28 -7.08 8.75
CA LEU D 223 -51.14 -7.98 9.86
C LEU D 223 -52.04 -9.14 9.66
N VAL D 224 -53.26 -8.88 9.19
CA VAL D 224 -54.23 -9.95 8.97
C VAL D 224 -53.69 -10.93 7.93
N GLU D 225 -53.18 -10.41 6.82
CA GLU D 225 -52.63 -11.27 5.78
C GLU D 225 -51.44 -12.04 6.32
N TRP D 226 -50.61 -11.38 7.11
CA TRP D 226 -49.45 -12.05 7.69
C TRP D 226 -49.90 -13.17 8.61
N GLU D 227 -50.93 -12.92 9.40
CA GLU D 227 -51.45 -13.95 10.28
C GLU D 227 -52.01 -15.12 9.52
N GLU D 228 -52.78 -14.84 8.46
CA GLU D 228 -53.35 -15.92 7.65
C GLU D 228 -52.27 -16.73 6.95
N LEU D 229 -51.26 -16.06 6.46
CA LEU D 229 -50.17 -16.80 5.85
C LEU D 229 -49.55 -17.59 6.96
N GLY D 230 -48.84 -18.64 6.62
CA GLY D 230 -48.28 -19.49 7.64
C GLY D 230 -49.25 -20.61 7.93
N GLU D 231 -50.42 -20.56 7.29
CA GLU D 231 -51.35 -21.67 7.45
C GLU D 231 -50.66 -22.79 6.72
N GLU D 232 -50.60 -23.96 7.32
CA GLU D 232 -49.92 -25.10 6.71
C GLU D 232 -48.49 -24.71 6.39
N GLY D 233 -47.89 -23.89 7.24
CA GLY D 233 -46.51 -23.50 7.04
C GLY D 233 -45.59 -24.63 7.46
N HIS D 234 -44.37 -24.65 6.95
CA HIS D 234 -43.39 -25.65 7.36
C HIS D 234 -43.91 -27.07 7.19
N THR D 235 -44.58 -27.33 6.08
CA THR D 235 -45.16 -28.64 5.88
C THR D 235 -45.33 -28.95 4.42
N GLY D 236 -44.36 -28.62 3.58
CA GLY D 236 -44.56 -28.84 2.17
C GLY D 236 -43.26 -29.04 1.44
N ASN D 237 -43.32 -29.10 0.11
CA ASN D 237 -42.12 -29.27 -0.70
C ASN D 237 -41.18 -28.09 -0.57
N GLU D 238 -39.89 -28.36 -0.61
CA GLU D 238 -38.90 -27.30 -0.48
C GLU D 238 -39.26 -26.05 -1.27
N TRP D 239 -39.65 -26.20 -2.52
CA TRP D 239 -39.92 -25.04 -3.34
C TRP D 239 -41.00 -24.19 -2.74
N GLU D 240 -42.05 -24.81 -2.24
CA GLU D 240 -43.15 -24.04 -1.73
C GLU D 240 -42.87 -23.20 -0.51
N ASP D 241 -42.16 -23.76 0.48
CA ASP D 241 -41.92 -23.03 1.74
C ASP D 241 -41.12 -21.79 1.51
N ARG D 242 -40.21 -21.88 0.58
CA ARG D 242 -39.39 -20.77 0.30
C ARG D 242 -40.31 -19.64 -0.11
N LYS D 243 -41.31 -19.93 -0.92
CA LYS D 243 -42.14 -18.85 -1.41
C LYS D 243 -42.99 -18.34 -0.31
N VAL D 244 -43.42 -19.22 0.55
CA VAL D 244 -44.31 -18.79 1.58
C VAL D 244 -43.58 -17.79 2.42
N GLY D 245 -42.33 -18.07 2.74
CA GLY D 245 -41.54 -17.14 3.54
C GLY D 245 -41.23 -15.81 2.93
N ARG D 246 -40.92 -15.77 1.66
CA ARG D 246 -40.52 -14.54 1.06
C ARG D 246 -41.66 -13.58 1.17
N ARG D 247 -42.88 -14.04 0.96
CA ARG D 247 -44.02 -13.17 1.17
C ARG D 247 -44.12 -12.83 2.61
N LYS D 248 -43.79 -13.77 3.47
CA LYS D 248 -43.97 -13.53 4.87
C LYS D 248 -43.16 -12.37 5.34
N ASP D 249 -41.96 -12.24 4.83
CA ASP D 249 -41.15 -11.14 5.21
C ASP D 249 -41.57 -9.82 4.60
N PHE D 250 -41.86 -9.82 3.30
CA PHE D 250 -42.24 -8.60 2.61
C PHE D 250 -43.28 -7.99 3.44
N LEU D 251 -43.97 -8.81 4.16
CA LEU D 251 -45.06 -8.23 4.87
C LEU D 251 -44.58 -7.46 6.05
N VAL D 252 -43.63 -8.00 6.81
CA VAL D 252 -43.08 -7.31 7.99
C VAL D 252 -42.38 -6.07 7.58
N ARG D 253 -41.65 -6.15 6.49
CA ARG D 253 -40.86 -5.03 6.06
C ARG D 253 -41.77 -3.90 5.73
N ARG D 254 -42.86 -4.19 5.07
CA ARG D 254 -43.79 -3.15 4.70
C ARG D 254 -44.48 -2.50 5.90
N VAL D 255 -44.83 -3.27 6.91
CA VAL D 255 -45.48 -2.71 8.09
C VAL D 255 -44.54 -1.74 8.73
N GLU D 256 -43.26 -2.11 8.79
CA GLU D 256 -42.29 -1.26 9.42
C GLU D 256 -42.14 0.06 8.71
N LEU D 257 -42.11 0.07 7.39
CA LEU D 257 -41.89 1.31 6.69
C LEU D 257 -42.99 2.26 6.97
N ALA D 258 -44.20 1.76 6.96
CA ALA D 258 -45.35 2.59 7.18
C ALA D 258 -45.41 3.17 8.57
N LYS D 259 -45.07 2.37 9.57
CA LYS D 259 -45.12 2.84 10.93
C LYS D 259 -44.21 4.02 11.08
N HIS D 260 -43.04 3.94 10.48
CA HIS D 260 -42.08 5.01 10.60
C HIS D 260 -42.68 6.25 9.99
N PHE D 261 -43.34 6.09 8.87
CA PHE D 261 -43.92 7.24 8.19
C PHE D 261 -44.95 7.93 9.06
N ILE D 262 -45.67 7.17 9.86
CA ILE D 262 -46.72 7.77 10.69
C ILE D 262 -46.10 8.72 11.71
N ARG D 263 -44.99 8.32 12.31
CA ARG D 263 -44.38 9.14 13.36
C ARG D 263 -43.12 9.89 12.96
N THR D 264 -42.83 10.04 11.66
CA THR D 264 -41.55 10.66 11.31
C THR D 264 -41.52 12.02 10.63
N ASN D 265 -42.66 12.58 10.28
CA ASN D 265 -42.72 13.92 9.66
C ASN D 265 -42.17 14.01 8.22
N ILE D 266 -41.91 12.87 7.60
CA ILE D 266 -41.45 12.86 6.22
C ILE D 266 -42.62 12.38 5.38
N GLU D 267 -42.98 13.10 4.33
CA GLU D 267 -44.15 12.74 3.55
C GLU D 267 -43.86 11.73 2.42
N PRO D 268 -44.61 10.60 2.34
CA PRO D 268 -44.24 9.60 1.33
C PRO D 268 -44.15 10.05 -0.12
N GLU D 269 -44.95 11.02 -0.54
CA GLU D 269 -44.92 11.54 -1.93
C GLU D 269 -43.65 12.23 -2.36
N TRP D 270 -42.83 12.66 -1.44
CA TRP D 270 -41.64 13.39 -1.78
C TRP D 270 -40.66 12.56 -2.59
N MET D 271 -40.82 11.25 -2.62
CA MET D 271 -39.94 10.40 -3.41
C MET D 271 -40.00 10.70 -4.88
N VAL D 272 -41.15 11.01 -5.44
CA VAL D 272 -41.18 11.44 -6.85
C VAL D 272 -40.95 12.93 -6.79
N LEU D 273 -40.14 13.46 -7.68
CA LEU D 273 -39.72 14.83 -7.54
C LEU D 273 -40.24 15.89 -8.43
N CYS D 274 -40.81 16.92 -7.85
CA CYS D 274 -41.32 18.03 -8.64
C CYS D 274 -40.22 19.01 -9.04
N LEU D 275 -39.65 19.77 -8.12
CA LEU D 275 -38.48 20.62 -8.45
C LEU D 275 -37.17 19.85 -8.42
N LEU D 276 -36.13 20.31 -9.11
CA LEU D 276 -34.82 19.64 -9.01
C LEU D 276 -33.73 20.61 -8.56
N PRO D 277 -32.89 20.21 -7.57
CA PRO D 277 -31.81 21.06 -7.05
C PRO D 277 -30.56 21.24 -7.92
N VAL D 278 -29.85 22.36 -7.82
CA VAL D 278 -28.58 22.54 -8.55
C VAL D 278 -27.41 22.95 -7.67
N LEU D 279 -26.26 22.31 -7.85
CA LEU D 279 -25.07 22.59 -7.04
C LEU D 279 -24.56 24.00 -7.24
N PRO D 280 -23.95 24.57 -6.22
CA PRO D 280 -23.53 25.93 -6.39
C PRO D 280 -22.51 26.01 -7.48
N PRO D 281 -22.44 27.13 -8.19
CA PRO D 281 -21.60 27.21 -9.37
C PRO D 281 -20.10 26.94 -9.21
N GLU D 282 -19.47 27.37 -8.13
CA GLU D 282 -18.05 27.06 -7.95
C GLU D 282 -17.71 25.59 -7.83
N LEU D 283 -18.53 24.84 -7.12
CA LEU D 283 -18.24 23.43 -6.87
C LEU D 283 -18.21 22.68 -8.17
N ARG D 284 -18.63 23.31 -9.25
CA ARG D 284 -18.54 22.69 -10.56
C ARG D 284 -17.80 23.76 -11.27
N PRO D 285 -16.47 23.77 -11.15
CA PRO D 285 -15.73 24.91 -11.68
C PRO D 285 -15.94 25.13 -13.15
N ILE D 286 -15.98 24.06 -13.92
CA ILE D 286 -16.13 24.19 -15.37
C ILE D 286 -15.39 25.40 -15.85
N ILE D 287 -14.13 25.52 -15.43
CA ILE D 287 -13.31 26.62 -15.88
C ILE D 287 -13.05 26.35 -17.32
N GLN D 288 -12.64 27.37 -18.05
CA GLN D 288 -12.45 27.18 -19.46
C GLN D 288 -11.43 26.05 -19.54
N ILE D 289 -11.67 25.12 -20.44
CA ILE D 289 -10.75 24.02 -20.60
C ILE D 289 -9.66 24.59 -21.47
N ASP D 290 -8.83 25.46 -20.90
CA ASP D 290 -7.78 26.11 -21.66
C ASP D 290 -6.59 25.20 -21.72
N GLY D 291 -6.75 24.08 -22.41
CA GLY D 291 -5.68 23.11 -22.51
C GLY D 291 -5.80 22.07 -21.42
N GLY D 292 -6.56 22.35 -20.37
CA GLY D 292 -6.79 21.35 -19.35
C GLY D 292 -7.60 20.28 -20.02
N LYS D 293 -8.62 20.67 -20.78
CA LYS D 293 -9.45 19.73 -21.56
C LYS D 293 -10.43 18.92 -20.73
N LEU D 294 -10.37 19.04 -19.41
CA LEU D 294 -11.33 18.38 -18.54
C LEU D 294 -11.80 19.39 -17.52
N MET D 295 -11.44 20.65 -17.73
CA MET D 295 -11.78 21.70 -16.79
C MET D 295 -13.28 21.85 -16.68
N SER D 296 -13.97 21.76 -17.81
CA SER D 296 -15.41 21.79 -17.77
C SER D 296 -15.90 20.53 -17.07
N SER D 297 -16.82 20.68 -16.12
CA SER D 297 -17.30 19.54 -15.36
C SER D 297 -18.29 18.64 -16.08
N ASP D 298 -18.28 17.35 -15.77
CA ASP D 298 -19.26 16.46 -16.36
C ASP D 298 -20.54 16.79 -15.66
N ILE D 299 -20.43 17.34 -14.45
CA ILE D 299 -21.62 17.79 -13.77
C ILE D 299 -22.35 18.71 -14.72
N ASN D 300 -21.62 19.64 -15.30
CA ASN D 300 -22.24 20.57 -16.19
C ASN D 300 -22.79 19.90 -17.43
N GLU D 301 -22.08 18.90 -17.93
CA GLU D 301 -22.50 18.22 -19.12
C GLU D 301 -23.81 17.49 -18.90
N LEU D 302 -23.94 16.82 -17.78
CA LEU D 302 -25.15 16.11 -17.46
C LEU D 302 -26.28 17.08 -17.21
N TYR D 303 -25.98 18.21 -16.58
CA TYR D 303 -27.00 19.16 -16.27
C TYR D 303 -27.66 19.70 -17.49
N ARG D 304 -26.89 19.97 -18.53
CA ARG D 304 -27.48 20.56 -19.70
C ARG D 304 -28.54 19.66 -20.29
N ARG D 305 -28.31 18.35 -20.30
CA ARG D 305 -29.24 17.46 -20.96
C ARG D 305 -30.61 17.49 -20.34
N VAL D 306 -30.66 17.47 -19.02
CA VAL D 306 -31.93 17.53 -18.33
C VAL D 306 -32.57 18.87 -18.63
N ILE D 307 -31.75 19.91 -18.66
CA ILE D 307 -32.31 21.21 -18.88
C ILE D 307 -32.95 21.18 -20.23
N TYR D 308 -32.28 20.61 -21.23
CA TYR D 308 -32.82 20.66 -22.58
C TYR D 308 -34.10 19.92 -22.84
N ARG D 309 -34.18 18.67 -22.41
CA ARG D 309 -35.35 17.90 -22.69
C ARG D 309 -36.50 18.51 -22.01
N ASN D 310 -36.29 19.04 -20.84
CA ASN D 310 -37.37 19.69 -20.12
C ASN D 310 -37.83 20.90 -20.89
N ASN D 311 -36.93 21.69 -21.43
CA ASN D 311 -37.46 22.82 -22.15
C ASN D 311 -38.25 22.39 -23.39
N THR D 312 -37.80 21.33 -24.06
CA THR D 312 -38.51 20.87 -25.23
C THR D 312 -39.92 20.47 -24.84
N LEU D 313 -40.08 19.78 -23.73
CA LEU D 313 -41.43 19.45 -23.30
C LEU D 313 -42.29 20.63 -22.92
N THR D 314 -41.74 21.60 -22.22
CA THR D 314 -42.59 22.68 -21.76
C THR D 314 -43.13 23.37 -22.98
N ASP D 315 -42.27 23.58 -23.96
CA ASP D 315 -42.75 24.16 -25.19
C ASP D 315 -43.70 23.26 -25.92
N LEU D 316 -43.43 21.97 -25.97
CA LEU D 316 -44.25 21.10 -26.78
C LEU D 316 -45.65 21.19 -26.26
N LEU D 317 -45.83 21.17 -24.97
CA LEU D 317 -47.18 21.20 -24.51
C LEU D 317 -47.80 22.53 -24.87
N THR D 318 -47.09 23.62 -24.64
CA THR D 318 -47.64 24.95 -24.92
C THR D 318 -47.88 25.13 -26.41
N THR D 319 -46.90 24.74 -27.22
CA THR D 319 -47.03 24.87 -28.65
C THR D 319 -48.09 24.01 -29.27
N SER D 320 -48.16 22.74 -28.86
CA SER D 320 -49.06 21.82 -29.53
C SER D 320 -50.00 21.05 -28.67
N ARG D 321 -51.08 21.67 -28.23
CA ARG D 321 -52.08 20.92 -27.49
C ARG D 321 -52.60 19.90 -28.47
N SER D 322 -52.72 20.29 -29.73
CA SER D 322 -53.23 19.41 -30.77
C SER D 322 -52.42 18.15 -30.93
N THR D 323 -51.09 18.25 -30.84
CA THR D 323 -50.25 17.09 -31.04
C THR D 323 -50.63 16.04 -29.99
N PRO D 324 -50.59 14.77 -30.36
CA PRO D 324 -51.07 13.73 -29.45
C PRO D 324 -50.18 13.44 -28.28
N GLY D 325 -50.67 12.59 -27.39
CA GLY D 325 -49.90 12.20 -26.24
C GLY D 325 -48.66 11.48 -26.71
N GLU D 326 -48.66 10.94 -27.92
CA GLU D 326 -47.46 10.31 -28.45
C GLU D 326 -46.27 11.28 -28.48
N LEU D 327 -46.47 12.53 -28.88
CA LEU D 327 -45.34 13.47 -28.82
C LEU D 327 -44.84 13.74 -27.42
N VAL D 328 -45.76 13.95 -26.49
CA VAL D 328 -45.37 14.13 -25.10
C VAL D 328 -44.78 12.86 -24.50
N MET D 329 -45.33 11.70 -24.84
CA MET D 329 -44.87 10.43 -24.27
C MET D 329 -43.46 10.15 -24.67
N CYS D 330 -43.13 10.51 -25.90
CA CYS D 330 -41.80 10.29 -26.37
C CYS D 330 -40.78 11.02 -25.53
N GLN D 331 -41.05 12.28 -25.23
CA GLN D 331 -40.03 13.04 -24.52
C GLN D 331 -40.13 12.94 -23.03
N GLU D 332 -41.21 12.37 -22.51
CA GLU D 332 -41.25 12.20 -21.07
C GLU D 332 -40.19 11.26 -20.66
N LYS D 333 -40.04 10.19 -21.40
CA LYS D 333 -39.08 9.21 -21.00
C LYS D 333 -37.69 9.82 -21.10
N LEU D 334 -37.50 10.66 -22.09
CA LEU D 334 -36.20 11.24 -22.24
C LEU D 334 -35.79 12.06 -21.03
N VAL D 335 -36.70 12.86 -20.50
CA VAL D 335 -36.37 13.69 -19.35
C VAL D 335 -36.04 12.81 -18.20
N GLN D 336 -36.80 11.74 -17.99
CA GLN D 336 -36.55 10.95 -16.82
C GLN D 336 -35.17 10.38 -16.88
N GLU D 337 -34.77 9.90 -18.03
CA GLU D 337 -33.47 9.26 -18.10
C GLU D 337 -32.29 10.18 -17.82
N ALA D 338 -32.35 11.43 -18.23
CA ALA D 338 -31.26 12.33 -17.88
C ALA D 338 -31.10 12.50 -16.39
N VAL D 339 -32.19 12.65 -15.67
CA VAL D 339 -32.15 12.84 -14.24
C VAL D 339 -31.55 11.62 -13.60
N ASP D 340 -31.91 10.46 -14.11
CA ASP D 340 -31.43 9.23 -13.55
C ASP D 340 -29.94 9.11 -13.60
N THR D 341 -29.35 9.58 -14.66
CA THR D 341 -27.93 9.40 -14.77
C THR D 341 -27.27 10.39 -13.89
N LEU D 342 -27.86 11.58 -13.75
CA LEU D 342 -27.29 12.57 -12.90
C LEU D 342 -27.31 12.09 -11.46
N LEU D 343 -28.42 11.55 -10.99
CA LEU D 343 -28.47 11.01 -9.63
C LEU D 343 -27.67 9.73 -9.30
N ASP D 344 -27.81 8.68 -10.10
CA ASP D 344 -27.04 7.44 -9.86
C ASP D 344 -26.92 6.60 -11.11
N ASN D 345 -26.07 7.00 -12.04
CA ASN D 345 -25.85 6.23 -13.24
C ASN D 345 -25.16 4.93 -12.90
N GLY D 346 -25.47 3.88 -13.64
CA GLY D 346 -24.88 2.58 -13.37
C GLY D 346 -25.71 1.78 -12.41
N ILE D 347 -26.73 2.40 -11.82
CA ILE D 347 -27.63 1.66 -10.94
C ILE D 347 -28.39 0.64 -11.77
N ARG D 348 -28.86 1.05 -12.93
CA ARG D 348 -29.56 0.12 -13.82
C ARG D 348 -28.56 -0.53 -14.74
N GLY D 349 -27.30 -0.11 -14.66
CA GLY D 349 -26.26 -0.68 -15.49
C GLY D 349 -26.16 -0.10 -16.88
N GLN D 350 -26.96 0.92 -17.16
CA GLN D 350 -26.89 1.56 -18.45
C GLN D 350 -25.53 2.21 -18.56
N PRO D 351 -24.86 2.03 -19.71
CA PRO D 351 -23.58 2.72 -19.75
C PRO D 351 -23.74 4.24 -19.72
N MET D 352 -24.67 4.77 -20.52
CA MET D 352 -24.93 6.20 -20.52
C MET D 352 -23.64 6.99 -20.67
N ARG D 353 -22.79 6.59 -21.60
CA ARG D 353 -21.51 7.25 -21.77
C ARG D 353 -21.29 7.79 -23.14
N ASP D 354 -20.63 8.93 -23.26
CA ASP D 354 -20.29 9.43 -24.58
C ASP D 354 -19.24 8.45 -25.08
N GLY D 355 -19.16 8.23 -26.39
CA GLY D 355 -18.25 7.21 -26.87
C GLY D 355 -16.81 7.49 -26.52
N HIS D 356 -16.36 8.72 -26.72
CA HIS D 356 -15.01 9.10 -26.32
C HIS D 356 -14.88 9.04 -24.82
N ASN D 357 -15.91 9.49 -24.13
CA ASN D 357 -15.87 9.54 -22.67
C ASN D 357 -16.05 8.24 -21.92
N LYS D 358 -15.62 8.23 -20.66
CA LYS D 358 -15.83 7.06 -19.83
C LYS D 358 -17.28 7.15 -19.39
N VAL D 359 -17.80 6.11 -18.76
CA VAL D 359 -19.16 6.19 -18.27
C VAL D 359 -19.17 7.40 -17.35
N TYR D 360 -20.19 8.24 -17.48
CA TYR D 360 -20.20 9.48 -16.71
C TYR D 360 -20.34 9.39 -15.21
N LYS D 361 -19.80 10.37 -14.50
CA LYS D 361 -19.83 10.36 -13.04
C LYS D 361 -21.14 10.76 -12.36
N SER D 362 -21.90 9.79 -11.87
CA SER D 362 -23.11 10.10 -11.11
C SER D 362 -22.75 10.64 -9.77
N PHE D 363 -23.65 11.39 -9.17
CA PHE D 363 -23.38 12.02 -7.90
C PHE D 363 -23.09 10.97 -6.83
N SER D 364 -23.71 9.82 -6.93
CA SER D 364 -23.40 8.75 -5.99
C SER D 364 -21.93 8.37 -6.05
N ASP D 365 -21.34 8.35 -7.24
CA ASP D 365 -19.93 8.04 -7.41
C ASP D 365 -19.08 9.06 -6.68
N VAL D 366 -19.50 10.31 -6.69
CA VAL D 366 -18.72 11.33 -6.04
C VAL D 366 -18.59 11.02 -4.58
N ILE D 367 -19.69 10.66 -3.93
CA ILE D 367 -19.63 10.25 -2.53
C ILE D 367 -18.96 8.92 -2.18
N GLU D 368 -19.13 7.91 -3.01
CA GLU D 368 -18.61 6.56 -2.71
C GLU D 368 -17.13 6.24 -2.75
N GLY D 369 -16.66 5.39 -1.82
CA GLY D 369 -15.29 4.93 -1.85
C GLY D 369 -14.13 5.64 -1.19
N LYS D 370 -12.92 5.21 -1.53
CA LYS D 370 -11.71 5.84 -0.99
C LYS D 370 -11.63 7.25 -1.43
N GLU D 371 -11.95 7.52 -2.70
CA GLU D 371 -11.83 8.87 -3.24
C GLU D 371 -13.15 9.56 -3.10
N GLY D 372 -14.08 8.89 -2.48
CA GLY D 372 -15.35 9.49 -2.22
C GLY D 372 -15.13 10.56 -1.20
N ARG D 373 -16.03 11.53 -1.17
CA ARG D 373 -15.84 12.66 -0.28
C ARG D 373 -15.45 12.25 1.12
N PHE D 374 -16.21 11.35 1.72
CA PHE D 374 -15.93 11.05 3.11
C PHE D 374 -14.55 10.46 3.40
N ARG D 375 -14.12 9.45 2.68
CA ARG D 375 -12.79 8.95 2.94
C ARG D 375 -11.66 9.86 2.50
N GLU D 376 -11.75 10.38 1.29
CA GLU D 376 -10.69 11.22 0.77
C GLU D 376 -10.50 12.55 1.44
N THR D 377 -11.59 13.25 1.71
CA THR D 377 -11.44 14.59 2.25
C THR D 377 -11.75 14.71 3.73
N LEU D 378 -12.84 14.10 4.15
CA LEU D 378 -13.26 14.26 5.54
C LEU D 378 -12.33 13.66 6.59
N LEU D 379 -11.77 12.48 6.34
CA LEU D 379 -10.96 11.80 7.35
C LEU D 379 -9.53 12.29 7.41
N GLY D 380 -9.00 12.74 6.28
CA GLY D 380 -7.66 13.28 6.23
C GLY D 380 -7.46 14.37 5.21
N LYS D 381 -6.58 15.31 5.52
CA LYS D 381 -6.38 16.43 4.64
C LYS D 381 -4.96 16.94 4.64
N ARG D 382 -4.58 17.66 3.60
CA ARG D 382 -3.25 18.24 3.54
C ARG D 382 -3.19 19.39 4.52
N VAL D 383 -2.02 19.68 5.08
CA VAL D 383 -1.87 20.72 6.08
C VAL D 383 -0.71 21.65 5.81
N ASP D 384 -0.69 22.81 6.46
CA ASP D 384 0.41 23.76 6.29
C ASP D 384 1.39 23.53 7.39
N TYR D 385 2.45 24.34 7.42
CA TYR D 385 3.47 24.20 8.43
C TYR D 385 4.02 22.79 8.48
N SER D 386 4.31 22.22 7.32
CA SER D 386 4.80 20.86 7.25
C SER D 386 5.99 20.73 6.30
N GLY D 387 6.83 19.71 6.47
CA GLY D 387 7.95 19.52 5.57
C GLY D 387 8.41 18.07 5.43
N ARG D 388 9.24 17.74 4.47
CA ARG D 388 9.77 16.38 4.34
C ARG D 388 11.23 16.32 3.94
N SER D 389 11.96 15.28 4.34
CA SER D 389 13.36 15.08 3.90
C SER D 389 13.82 13.69 4.25
N VAL D 390 15.00 13.29 3.78
CA VAL D 390 15.55 11.98 4.11
C VAL D 390 16.12 11.94 5.51
N ILE D 391 16.28 10.76 6.09
CA ILE D 391 16.79 10.64 7.45
C ILE D 391 18.20 10.05 7.59
N VAL D 392 18.96 10.46 8.59
CA VAL D 392 20.34 9.97 8.81
C VAL D 392 20.57 9.57 10.26
N VAL D 393 21.63 8.83 10.54
CA VAL D 393 21.86 8.26 11.89
C VAL D 393 22.03 9.09 13.14
N GLY D 394 22.72 10.21 13.13
CA GLY D 394 22.77 11.03 14.35
C GLY D 394 23.13 10.43 15.69
N PRO D 395 24.27 9.75 15.81
CA PRO D 395 24.58 9.05 17.07
C PRO D 395 24.73 9.89 18.33
N SER D 396 25.33 11.06 18.26
CA SER D 396 25.58 11.88 19.44
C SER D 396 24.37 12.55 20.08
N LEU D 397 23.24 12.59 19.41
CA LEU D 397 22.05 13.28 19.92
C LEU D 397 21.48 12.62 21.14
N SER D 398 20.78 13.37 21.97
CA SER D 398 20.11 12.79 23.13
C SER D 398 18.74 12.33 22.76
N LEU D 399 18.08 11.61 23.64
CA LEU D 399 16.77 11.05 23.32
C LEU D 399 15.67 12.07 23.05
N HIS D 400 15.73 13.22 23.69
CA HIS D 400 14.71 14.24 23.52
C HIS D 400 14.97 15.18 22.39
N ARG D 401 16.02 14.99 21.62
CA ARG D 401 16.38 15.93 20.58
C ARG D 401 16.42 15.38 19.18
N CYS D 402 16.24 16.23 18.18
CA CYS D 402 16.33 15.82 16.79
C CYS D 402 17.04 16.92 16.04
N GLY D 403 17.60 16.62 14.88
CA GLY D 403 18.31 17.62 14.12
C GLY D 403 17.55 17.99 12.90
N LEU D 404 17.28 19.27 12.71
CA LEU D 404 16.45 19.69 11.60
C LEU D 404 17.22 20.53 10.60
N PRO D 405 17.18 20.17 9.29
CA PRO D 405 17.95 21.04 8.41
C PRO D 405 17.49 22.54 8.43
N ARG D 406 18.42 23.48 8.33
CA ARG D 406 18.07 24.89 8.45
C ARG D 406 17.15 25.44 7.40
N GLU D 407 17.28 24.97 6.19
CA GLU D 407 16.41 25.41 5.15
C GLU D 407 14.97 25.01 5.41
N ILE D 408 14.74 23.82 5.93
CA ILE D 408 13.40 23.42 6.27
C ILE D 408 12.88 24.29 7.36
N ALA D 409 13.70 24.59 8.34
CA ALA D 409 13.22 25.34 9.48
C ALA D 409 12.78 26.73 9.15
N ILE D 410 13.52 27.43 8.33
CA ILE D 410 13.22 28.80 8.04
C ILE D 410 11.84 28.83 7.44
N GLU D 411 11.48 27.85 6.63
CA GLU D 411 10.12 27.80 6.13
C GLU D 411 9.08 27.58 7.17
N LEU D 412 9.26 26.62 8.06
CA LEU D 412 8.28 26.30 9.07
C LEU D 412 8.11 27.28 10.18
N PHE D 413 9.16 28.02 10.53
CA PHE D 413 9.10 28.97 11.63
C PHE D 413 9.15 30.40 11.18
N GLN D 414 8.80 30.69 9.94
CA GLN D 414 8.93 32.05 9.41
C GLN D 414 8.11 33.10 10.12
N THR D 415 6.88 32.79 10.42
CA THR D 415 6.03 33.78 11.03
C THR D 415 6.63 34.17 12.32
N PHE D 416 7.13 33.18 13.04
CA PHE D 416 7.71 33.45 14.33
C PHE D 416 8.94 34.33 14.23
N VAL D 417 9.75 34.14 13.20
CA VAL D 417 10.91 35.00 13.05
C VAL D 417 10.57 36.43 12.66
N ILE D 418 9.54 36.63 11.85
CA ILE D 418 9.19 37.96 11.45
C ILE D 418 8.81 38.75 12.67
N ARG D 419 8.03 38.15 13.55
CA ARG D 419 7.68 38.84 14.77
C ARG D 419 8.92 39.29 15.46
N GLY D 420 9.89 38.41 15.56
CA GLY D 420 11.09 38.73 16.29
C GLY D 420 11.86 39.87 15.70
N LEU D 421 11.94 39.93 14.38
CA LEU D 421 12.69 40.98 13.75
C LEU D 421 12.03 42.30 14.09
N ILE D 422 10.72 42.36 14.01
CA ILE D 422 9.98 43.57 14.35
C ILE D 422 10.06 43.94 15.82
N ARG D 423 9.97 42.96 16.70
CA ARG D 423 10.00 43.22 18.13
C ARG D 423 11.31 43.80 18.54
N GLN D 424 12.38 43.35 17.91
CA GLN D 424 13.71 43.86 18.23
C GLN D 424 13.98 45.10 17.43
N HIS D 425 13.02 45.53 16.63
CA HIS D 425 13.15 46.74 15.84
C HIS D 425 14.32 46.69 14.88
N LEU D 426 14.57 45.53 14.30
CA LEU D 426 15.61 45.42 13.30
C LEU D 426 14.98 45.55 11.94
N ALA D 427 13.66 45.77 11.90
CA ALA D 427 12.97 45.99 10.63
C ALA D 427 11.68 46.75 10.91
N SER D 428 11.28 47.60 9.97
CA SER D 428 10.07 48.42 10.14
C SER D 428 8.73 47.77 9.87
N ASN D 429 8.63 46.99 8.81
CA ASN D 429 7.34 46.42 8.42
C ASN D 429 7.44 44.96 8.02
N ILE D 430 6.30 44.30 7.84
CA ILE D 430 6.33 42.89 7.50
C ILE D 430 7.04 42.69 6.19
N GLY D 431 6.78 43.56 5.22
CA GLY D 431 7.47 43.47 3.95
C GLY D 431 8.94 43.70 4.13
N VAL D 432 9.28 44.65 4.98
CA VAL D 432 10.68 44.95 5.21
C VAL D 432 11.39 43.70 5.68
N ALA D 433 10.78 42.96 6.60
CA ALA D 433 11.41 41.76 7.15
C ALA D 433 11.53 40.66 6.16
N LYS D 434 10.56 40.46 5.31
CA LYS D 434 10.63 39.32 4.44
C LYS D 434 11.84 39.45 3.57
N SER D 435 12.24 40.68 3.28
CA SER D 435 13.46 40.89 2.50
C SER D 435 14.71 40.46 3.21
N LYS D 436 14.75 40.75 4.50
CA LYS D 436 15.92 40.37 5.28
C LYS D 436 16.04 38.84 5.29
N ILE D 437 14.92 38.13 5.34
CA ILE D 437 14.97 36.68 5.35
C ILE D 437 15.60 36.15 4.07
N ARG D 438 15.34 36.77 2.93
CA ARG D 438 15.90 36.31 1.66
C ARG D 438 17.42 36.51 1.41
N GLU D 439 17.97 37.53 2.02
CA GLU D 439 19.34 37.83 1.73
C GLU D 439 20.18 36.98 2.64
N LYS D 440 19.53 36.15 3.44
CA LYS D 440 20.24 35.23 4.30
C LYS D 440 21.21 35.95 5.18
N GLU D 441 20.81 37.09 5.72
CA GLU D 441 21.72 37.87 6.52
C GLU D 441 22.00 37.11 7.78
N PRO D 442 23.17 37.30 8.38
CA PRO D 442 23.49 36.46 9.55
C PRO D 442 22.55 36.59 10.75
N ILE D 443 21.96 37.76 10.97
CA ILE D 443 21.07 37.98 12.10
C ILE D 443 19.84 37.07 12.05
N VAL D 444 19.37 36.72 10.87
CA VAL D 444 18.17 35.93 10.77
C VAL D 444 18.40 34.63 11.48
N TRP D 445 19.63 34.20 11.50
CA TRP D 445 19.97 32.95 12.12
C TRP D 445 19.99 32.98 13.60
N GLU D 446 20.40 34.07 14.20
CA GLU D 446 20.32 34.20 15.64
C GLU D 446 18.89 34.25 16.14
N ILE D 447 18.04 34.93 15.42
CA ILE D 447 16.65 34.96 15.78
C ILE D 447 16.00 33.58 15.63
N LEU D 448 16.28 32.83 14.57
CA LEU D 448 15.69 31.53 14.40
C LEU D 448 16.03 30.62 15.53
N GLN D 449 17.25 30.68 16.00
CA GLN D 449 17.67 29.83 17.06
C GLN D 449 16.95 30.11 18.32
N GLU D 450 16.71 31.37 18.60
CA GLU D 450 15.99 31.75 19.79
C GLU D 450 14.57 31.31 19.83
N VAL D 451 13.86 31.45 18.74
CA VAL D 451 12.49 31.06 18.62
C VAL D 451 12.20 29.58 18.80
N MET D 452 13.09 28.70 18.35
CA MET D 452 12.83 27.28 18.43
C MET D 452 13.30 26.58 19.68
N GLN D 453 13.82 27.30 20.63
CA GLN D 453 14.38 26.70 21.81
C GLN D 453 13.49 25.93 22.72
N GLY D 454 12.29 26.34 22.94
CA GLY D 454 11.47 25.48 23.76
C GLY D 454 10.30 24.98 23.01
N HIS D 455 10.29 25.03 21.69
CA HIS D 455 9.14 24.66 20.90
C HIS D 455 9.37 23.31 20.32
N PRO D 456 8.39 22.39 20.53
CA PRO D 456 8.64 21.06 20.03
C PRO D 456 8.23 20.91 18.58
N VAL D 457 8.41 19.73 18.01
CA VAL D 457 8.05 19.48 16.63
C VAL D 457 7.64 18.04 16.54
N LEU D 458 6.88 17.65 15.54
CA LEU D 458 6.38 16.29 15.43
C LEU D 458 6.89 15.60 14.19
N LEU D 459 7.29 14.33 14.29
CA LEU D 459 7.85 13.61 13.16
C LEU D 459 7.09 12.34 12.89
N ASN D 460 6.80 12.03 11.63
CA ASN D 460 6.14 10.76 11.30
C ASN D 460 6.67 10.03 10.09
N ARG D 461 6.66 8.71 10.11
CA ARG D 461 7.08 7.93 8.96
C ARG D 461 5.84 7.52 8.21
N ALA D 462 5.97 7.20 6.94
CA ALA D 462 4.77 6.97 6.11
C ALA D 462 3.77 5.88 6.44
N PRO D 463 4.23 4.62 6.60
CA PRO D 463 3.16 3.68 6.97
C PRO D 463 3.01 3.70 8.48
N THR D 464 2.10 4.50 9.00
CA THR D 464 2.00 4.64 10.45
C THR D 464 1.19 3.52 11.04
N LEU D 465 1.84 2.38 11.25
CA LEU D 465 1.15 1.23 11.80
C LEU D 465 0.64 1.39 13.22
N HIS D 466 1.44 1.99 14.09
CA HIS D 466 1.06 2.11 15.48
C HIS D 466 1.44 3.43 16.07
N ARG D 467 0.83 3.78 17.18
CA ARG D 467 1.09 5.07 17.83
C ARG D 467 2.50 5.57 17.74
N LEU D 468 3.48 4.71 17.94
CA LEU D 468 4.85 5.14 17.98
C LEU D 468 5.31 5.70 16.66
N GLY D 469 4.48 5.59 15.64
CA GLY D 469 4.79 6.17 14.36
C GLY D 469 4.93 7.67 14.44
N ILE D 470 4.24 8.35 15.34
CA ILE D 470 4.44 9.78 15.53
C ILE D 470 4.99 10.07 16.91
N GLN D 471 6.11 10.78 17.01
CA GLN D 471 6.70 11.12 18.29
C GLN D 471 7.18 12.54 18.21
N ALA D 472 7.41 13.18 19.35
CA ALA D 472 7.81 14.58 19.37
C ALA D 472 9.18 14.85 19.90
N PHE D 473 9.88 15.83 19.34
CA PHE D 473 11.25 16.10 19.73
C PHE D 473 11.54 17.58 19.81
N GLN D 474 12.65 17.95 20.42
CA GLN D 474 13.05 19.36 20.49
C GLN D 474 14.03 19.55 19.38
N PRO D 475 13.75 20.48 18.48
CA PRO D 475 14.61 20.60 17.33
C PRO D 475 15.95 21.28 17.54
N VAL D 476 17.01 20.79 16.92
CA VAL D 476 18.32 21.43 17.00
C VAL D 476 18.74 21.75 15.59
N LEU D 477 19.16 22.98 15.33
CA LEU D 477 19.51 23.37 13.97
C LEU D 477 20.74 22.68 13.50
N VAL D 478 20.73 22.23 12.26
CA VAL D 478 21.87 21.53 11.71
C VAL D 478 22.07 22.07 10.31
N GLU D 479 23.27 21.96 9.78
CA GLU D 479 23.54 22.42 8.42
C GLU D 479 23.64 21.18 7.60
N GLY D 480 23.09 21.20 6.40
CA GLY D 480 23.04 19.98 5.62
C GLY D 480 21.58 19.81 5.34
N ARG D 481 21.21 18.84 4.52
CA ARG D 481 19.82 18.73 4.14
C ARG D 481 19.09 17.48 4.60
N ALA D 482 19.58 16.80 5.63
CA ALA D 482 18.88 15.63 6.14
C ALA D 482 18.54 15.72 7.61
N ILE D 483 17.53 14.99 8.05
CA ILE D 483 17.11 15.02 9.44
C ILE D 483 17.84 13.96 10.22
N CYS D 484 18.44 14.33 11.33
CA CYS D 484 19.17 13.38 12.14
C CYS D 484 18.30 12.81 13.24
N LEU D 485 18.32 11.50 13.42
CA LEU D 485 17.48 10.86 14.41
C LEU D 485 18.27 10.00 15.36
N HIS D 486 17.87 9.90 16.62
CA HIS D 486 18.56 9.12 17.63
C HIS D 486 18.53 7.66 17.25
N PRO D 487 19.59 6.94 17.57
CA PRO D 487 19.63 5.54 17.18
C PRO D 487 18.53 4.67 17.79
N LEU D 488 18.14 4.88 19.04
CA LEU D 488 17.16 4.02 19.70
C LEU D 488 15.68 4.21 19.42
N VAL D 489 15.30 5.20 18.63
CA VAL D 489 13.92 5.48 18.30
C VAL D 489 13.50 4.83 17.00
N CYS D 490 14.44 4.17 16.34
CA CYS D 490 14.17 3.57 15.07
C CYS D 490 13.28 2.34 15.06
N LYS D 491 13.25 1.56 16.13
CA LYS D 491 12.35 0.43 16.14
C LYS D 491 10.90 0.84 16.09
N GLY D 492 10.54 1.88 16.82
CA GLY D 492 9.15 2.29 16.89
C GLY D 492 8.73 2.78 15.55
N PHE D 493 9.57 3.58 14.92
CA PHE D 493 9.25 4.12 13.61
C PHE D 493 9.49 3.08 12.53
N ASN D 494 10.09 1.95 12.87
CA ASN D 494 10.44 0.93 11.87
C ASN D 494 11.29 1.53 10.78
N ALA D 495 12.30 2.29 11.17
CA ALA D 495 13.12 3.00 10.20
C ALA D 495 14.52 2.47 10.03
N ASP D 496 15.03 2.54 8.81
CA ASP D 496 16.38 2.12 8.52
C ASP D 496 16.96 3.25 7.73
N PHE D 497 18.26 3.25 7.54
CA PHE D 497 18.86 4.38 6.86
C PHE D 497 19.27 4.09 5.44
N ASP D 498 18.35 3.55 4.67
CA ASP D 498 18.61 3.29 3.27
C ASP D 498 17.50 3.82 2.41
N GLY D 499 17.35 5.12 2.36
CA GLY D 499 16.30 5.75 1.57
C GLY D 499 14.98 6.11 2.18
N ASP D 500 14.80 5.87 3.47
CA ASP D 500 13.55 6.24 4.14
C ASP D 500 13.43 7.74 4.32
N GLN D 501 12.21 8.27 4.29
CA GLN D 501 11.98 9.71 4.44
C GLN D 501 10.96 9.97 5.52
N MET D 502 10.96 11.16 6.09
CA MET D 502 10.05 11.50 7.17
C MET D 502 9.43 12.85 7.02
N ALA D 503 8.35 13.11 7.73
CA ALA D 503 7.66 14.38 7.65
C ALA D 503 7.60 15.14 8.96
N VAL D 504 7.68 16.48 8.91
CA VAL D 504 7.70 17.30 10.11
C VAL D 504 6.51 18.23 10.23
N HIS D 505 5.89 18.34 11.39
CA HIS D 505 4.79 19.26 11.60
C HIS D 505 5.07 20.10 12.84
N VAL D 506 4.66 21.37 12.86
CA VAL D 506 4.90 22.26 14.00
C VAL D 506 3.60 22.57 14.70
N PRO D 507 3.58 22.43 16.04
CA PRO D 507 2.36 22.68 16.80
C PRO D 507 2.16 24.15 17.14
N LEU D 508 1.20 24.82 16.51
CA LEU D 508 0.94 26.25 16.72
C LEU D 508 0.36 26.82 18.02
N SER D 509 -0.67 26.19 18.58
CA SER D 509 -1.34 26.71 19.78
C SER D 509 -0.65 26.37 21.07
N LEU D 510 -0.93 27.13 22.11
CA LEU D 510 -0.37 26.79 23.41
C LEU D 510 -0.89 25.45 23.86
N GLU D 511 -2.17 25.20 23.65
CA GLU D 511 -2.75 23.96 24.11
C GLU D 511 -2.08 22.82 23.41
N ALA D 512 -1.86 22.94 22.13
CA ALA D 512 -1.18 21.90 21.39
C ALA D 512 0.23 21.70 21.85
N GLN D 513 0.94 22.77 22.13
CA GLN D 513 2.29 22.67 22.58
C GLN D 513 2.43 21.96 23.92
N VAL D 514 1.50 22.17 24.84
CA VAL D 514 1.56 21.45 26.10
C VAL D 514 1.41 19.95 25.88
N GLU D 515 0.46 19.53 25.09
CA GLU D 515 0.24 18.15 24.83
C GLU D 515 1.43 17.43 24.26
N ALA D 516 2.14 18.00 23.35
CA ALA D 516 3.32 17.40 22.84
C ALA D 516 4.45 17.19 23.80
N ARG D 517 4.82 18.16 24.61
CA ARG D 517 5.84 17.95 25.62
C ARG D 517 5.48 17.00 26.70
N LEU D 518 4.26 17.08 27.17
CA LEU D 518 3.82 16.23 28.23
C LEU D 518 3.30 14.82 27.91
N LEU D 519 2.82 14.57 26.73
CA LEU D 519 2.31 13.28 26.35
C LEU D 519 2.84 12.58 25.10
N MET D 520 3.83 13.11 24.42
CA MET D 520 4.29 12.55 23.18
C MET D 520 5.77 12.58 22.99
N PHE D 521 6.53 12.42 24.04
CA PHE D 521 7.95 12.49 23.97
C PHE D 521 8.41 11.13 24.34
N SER D 522 9.57 10.72 23.89
CA SER D 522 10.08 9.37 24.06
C SER D 522 10.33 8.86 25.42
N HIS D 523 10.81 9.69 26.29
CA HIS D 523 11.01 9.31 27.64
C HIS D 523 9.76 8.83 28.29
N MET D 524 8.62 9.38 27.95
CA MET D 524 7.35 8.99 28.50
C MET D 524 6.73 7.78 27.90
N ASN D 525 7.25 7.31 26.80
CA ASN D 525 6.66 6.22 26.09
C ASN D 525 7.73 5.21 25.80
N LEU D 526 8.23 4.51 26.81
CA LEU D 526 9.26 3.52 26.64
C LEU D 526 8.76 2.11 26.65
N LEU D 527 7.47 1.90 26.83
CA LEU D 527 6.87 0.58 26.81
C LEU D 527 5.79 0.44 25.78
N SER D 528 5.86 -0.61 24.98
CA SER D 528 4.92 -0.88 23.91
C SER D 528 3.57 -1.30 24.34
N PRO D 529 2.55 -0.93 23.59
CA PRO D 529 1.18 -1.24 23.95
C PRO D 529 0.75 -2.70 24.04
N ALA D 530 1.23 -3.61 23.21
CA ALA D 530 0.76 -5.00 23.21
C ALA D 530 0.92 -5.96 24.38
N ILE D 531 2.08 -6.11 24.97
CA ILE D 531 2.24 -6.95 26.17
C ILE D 531 3.00 -6.27 27.29
N GLY D 532 3.53 -5.08 27.05
CA GLY D 532 4.30 -4.40 28.05
C GLY D 532 5.79 -4.40 27.91
N ASP D 533 6.30 -4.77 26.78
CA ASP D 533 7.72 -4.88 26.61
C ASP D 533 8.45 -3.65 26.28
N PRO D 534 9.73 -3.63 26.59
CA PRO D 534 10.55 -2.50 26.26
C PRO D 534 10.66 -2.30 24.75
N ILE D 535 10.53 -1.09 24.22
CA ILE D 535 10.61 -0.82 22.79
C ILE D 535 11.92 -0.21 22.36
N SER D 536 12.63 0.38 23.31
CA SER D 536 13.89 1.00 23.01
C SER D 536 15.00 0.33 23.78
N VAL D 537 15.63 -0.67 23.20
CA VAL D 537 16.65 -1.40 23.89
C VAL D 537 17.86 -1.44 22.98
N PRO D 538 19.06 -1.62 23.53
CA PRO D 538 20.20 -1.59 22.63
C PRO D 538 20.04 -2.68 21.60
N THR D 539 20.31 -2.40 20.33
CA THR D 539 20.01 -3.41 19.30
C THR D 539 21.05 -4.08 18.42
N GLN D 540 21.95 -3.36 17.78
CA GLN D 540 22.87 -4.05 16.88
C GLN D 540 24.32 -3.93 17.27
N ASP D 541 24.97 -2.88 16.80
CA ASP D 541 26.36 -2.68 17.14
C ASP D 541 26.50 -2.47 18.62
N MET D 542 25.53 -1.79 19.22
CA MET D 542 25.61 -1.54 20.62
C MET D 542 25.62 -2.84 21.35
N LEU D 543 24.79 -3.78 20.93
CA LEU D 543 24.78 -5.08 21.57
C LEU D 543 26.09 -5.80 21.41
N ILE D 544 26.73 -5.67 20.27
CA ILE D 544 28.01 -6.31 20.04
C ILE D 544 28.99 -5.83 21.09
N GLY D 545 29.03 -4.53 21.34
CA GLY D 545 29.95 -3.99 22.30
C GLY D 545 29.72 -4.45 23.70
N LEU D 546 28.47 -4.52 24.13
CA LEU D 546 28.17 -5.01 25.46
C LEU D 546 28.53 -6.45 25.63
N TYR D 547 28.31 -7.27 24.62
CA TYR D 547 28.68 -8.66 24.69
C TYR D 547 30.17 -8.82 24.83
N VAL D 548 30.94 -8.06 24.08
CA VAL D 548 32.38 -8.18 24.12
C VAL D 548 32.92 -7.82 25.48
N LEU D 549 32.38 -6.78 26.09
CA LEU D 549 32.85 -6.36 27.38
C LEU D 549 32.62 -7.43 28.41
N THR D 550 31.48 -8.09 28.36
CA THR D 550 31.15 -9.09 29.35
C THR D 550 31.45 -10.51 28.95
N SER D 551 32.06 -10.71 27.79
CA SER D 551 32.26 -12.06 27.29
C SER D 551 33.13 -12.94 28.13
N GLY D 552 34.23 -12.40 28.63
CA GLY D 552 35.05 -13.19 29.52
C GLY D 552 36.46 -13.51 29.09
N ASN D 553 37.00 -14.62 29.55
CA ASN D 553 38.40 -14.97 29.26
C ASN D 553 38.56 -16.48 29.10
N HIS D 554 39.62 -16.92 28.44
CA HIS D 554 39.89 -18.35 28.32
C HIS D 554 40.16 -18.91 29.70
N ARG D 555 39.60 -20.08 30.01
CA ARG D 555 39.73 -20.60 31.37
C ARG D 555 40.79 -21.68 31.68
N GLY D 556 40.90 -22.72 30.87
CA GLY D 556 41.82 -23.80 31.22
C GLY D 556 42.88 -24.19 30.21
N ILE D 557 42.54 -25.11 29.32
CA ILE D 557 43.47 -25.55 28.29
C ILE D 557 43.81 -24.39 27.37
N CYS D 558 42.84 -23.53 27.11
CA CYS D 558 43.05 -22.38 26.24
C CYS D 558 44.09 -21.38 26.75
N VAL D 559 44.20 -21.20 28.07
CA VAL D 559 45.13 -20.22 28.62
C VAL D 559 46.51 -20.78 29.01
N ASN D 560 46.59 -22.04 29.45
CA ASN D 560 47.83 -22.66 29.82
C ASN D 560 48.08 -23.91 29.02
N ARG D 561 49.26 -24.09 28.43
CA ARG D 561 49.59 -25.30 27.72
C ARG D 561 49.72 -26.53 28.52
N TYR D 562 50.32 -26.47 29.68
CA TYR D 562 50.60 -27.63 30.47
C TYR D 562 49.88 -27.50 31.77
N ASN D 563 49.64 -28.57 32.49
CA ASN D 563 48.82 -28.54 33.69
C ASN D 563 49.40 -27.64 34.64
N PRO D 564 48.57 -26.85 35.24
CA PRO D 564 49.04 -25.89 36.19
C PRO D 564 49.65 -26.55 37.41
N CYS D 565 49.42 -27.83 37.62
CA CYS D 565 49.90 -28.56 38.80
C CYS D 565 51.35 -28.62 39.03
N ASN D 566 52.13 -28.86 38.00
CA ASN D 566 53.55 -29.03 38.19
C ASN D 566 54.18 -27.78 38.78
N ARG D 567 53.73 -26.61 38.31
CA ARG D 567 54.25 -25.36 38.84
C ARG D 567 53.68 -25.10 40.23
N LYS D 585 44.20 -14.05 38.31
CA LYS D 585 45.57 -13.85 37.89
C LYS D 585 46.25 -12.90 38.83
N GLU D 586 47.46 -12.48 38.52
CA GLU D 586 48.23 -11.67 39.45
C GLU D 586 47.80 -10.29 39.89
N PRO D 587 47.30 -9.48 38.98
CA PRO D 587 47.04 -8.14 39.48
C PRO D 587 46.02 -8.05 40.60
N PHE D 588 46.32 -7.28 41.64
CA PHE D 588 45.38 -7.07 42.73
C PHE D 588 45.16 -5.58 42.76
N PHE D 589 43.92 -5.14 42.77
CA PHE D 589 43.63 -3.71 42.74
C PHE D 589 42.73 -3.39 43.90
N SER D 590 42.87 -2.21 44.48
CA SER D 590 42.09 -1.85 45.66
C SER D 590 40.81 -1.11 45.39
N ASN D 591 40.76 -0.32 44.33
CA ASN D 591 39.58 0.41 44.00
C ASN D 591 39.37 0.20 42.54
N SER D 592 38.15 0.39 42.07
CA SER D 592 37.85 0.12 40.68
C SER D 592 38.48 1.13 39.76
N TYR D 593 38.72 2.32 40.24
CA TYR D 593 39.26 3.36 39.39
C TYR D 593 40.63 3.01 38.90
N ASP D 594 41.42 2.43 39.79
CA ASP D 594 42.77 2.08 39.43
C ASP D 594 42.76 1.10 38.29
N ALA D 595 41.85 0.15 38.34
CA ALA D 595 41.78 -0.86 37.32
C ALA D 595 41.46 -0.33 35.98
N ILE D 596 40.50 0.58 35.93
CA ILE D 596 40.12 1.17 34.68
C ILE D 596 41.30 1.91 34.15
N GLY D 597 42.05 2.54 35.02
CA GLY D 597 43.25 3.23 34.63
C GLY D 597 44.32 2.39 34.01
N ALA D 598 44.50 1.18 34.50
CA ALA D 598 45.57 0.37 33.98
C ALA D 598 45.24 -0.02 32.58
N TYR D 599 43.95 -0.15 32.28
CA TYR D 599 43.54 -0.54 30.95
C TYR D 599 43.98 0.52 29.98
N ARG D 600 43.85 1.77 30.39
CA ARG D 600 44.22 2.85 29.50
C ARG D 600 45.71 2.91 29.30
N GLN D 601 46.48 2.75 30.37
CA GLN D 601 47.90 2.84 30.28
C GLN D 601 48.47 1.59 29.67
N LYS D 602 47.59 0.70 29.21
CA LYS D 602 47.99 -0.56 28.56
C LYS D 602 48.72 -1.54 29.46
N ARG D 603 48.62 -1.34 30.77
CA ARG D 603 49.20 -2.30 31.70
C ARG D 603 48.52 -3.65 31.59
N ILE D 604 47.19 -3.65 31.45
CA ILE D 604 46.45 -4.91 31.31
C ILE D 604 45.56 -4.89 30.07
N ASN D 605 45.01 -6.04 29.70
CA ASN D 605 44.10 -6.10 28.58
C ASN D 605 42.69 -6.27 29.08
N LEU D 606 41.71 -6.18 28.19
CA LEU D 606 40.32 -6.30 28.59
C LEU D 606 39.99 -7.64 29.20
N ASP D 607 40.59 -8.69 28.69
CA ASP D 607 40.26 -10.01 29.19
C ASP D 607 41.12 -10.55 30.31
N SER D 608 42.21 -9.88 30.64
CA SER D 608 43.10 -10.40 31.66
C SER D 608 42.39 -10.44 32.98
N PRO D 609 42.53 -11.56 33.71
CA PRO D 609 41.91 -11.69 35.03
C PRO D 609 42.55 -10.83 36.10
N LEU D 610 41.77 -10.34 37.05
CA LEU D 610 42.27 -9.47 38.10
C LEU D 610 41.50 -9.67 39.39
N TRP D 611 42.04 -9.21 40.52
CA TRP D 611 41.35 -9.33 41.78
C TRP D 611 40.99 -7.96 42.32
N LEU D 612 39.76 -7.77 42.74
CA LEU D 612 39.32 -6.47 43.23
C LEU D 612 38.77 -6.58 44.62
N ARG D 613 39.20 -5.71 45.52
CA ARG D 613 38.64 -5.72 46.85
C ARG D 613 37.21 -5.24 46.86
N TRP D 614 36.35 -5.95 47.57
CA TRP D 614 34.97 -5.54 47.66
C TRP D 614 34.63 -5.24 49.08
N ARG D 615 34.09 -4.06 49.31
CA ARG D 615 33.72 -3.67 50.65
C ARG D 615 32.25 -3.88 50.91
N LEU D 616 31.48 -4.14 49.86
CA LEU D 616 30.03 -4.26 50.02
C LEU D 616 29.54 -5.67 50.34
N ASP D 617 28.25 -5.94 50.14
CA ASP D 617 27.70 -7.23 50.54
C ASP D 617 27.40 -8.34 49.54
N GLN D 618 28.39 -9.13 49.13
CA GLN D 618 28.16 -10.31 48.27
C GLN D 618 27.05 -10.31 47.23
N ARG D 619 27.03 -9.33 46.36
CA ARG D 619 26.01 -9.25 45.33
C ARG D 619 26.33 -10.03 44.05
N VAL D 620 27.50 -10.65 43.96
CA VAL D 620 27.91 -11.33 42.74
C VAL D 620 27.09 -12.57 42.36
N ILE D 621 26.49 -12.54 41.18
CA ILE D 621 25.69 -13.65 40.72
C ILE D 621 26.64 -14.74 40.35
N ALA D 622 26.47 -15.88 40.99
CA ALA D 622 27.37 -16.99 40.77
C ALA D 622 26.57 -18.17 41.16
N SER D 623 27.06 -19.34 40.82
CA SER D 623 26.35 -20.55 41.13
C SER D 623 26.40 -20.89 42.57
N ARG D 624 25.56 -21.79 42.96
CA ARG D 624 25.55 -22.22 44.31
C ARG D 624 26.60 -23.28 44.40
N GLU D 625 27.85 -22.89 44.58
CA GLU D 625 28.93 -23.83 44.70
C GLU D 625 29.70 -23.74 45.97
N THR D 626 29.91 -24.83 46.65
CA THR D 626 30.67 -24.85 47.87
C THR D 626 32.14 -24.59 47.60
N PRO D 627 32.88 -24.21 48.61
CA PRO D 627 34.26 -23.84 48.35
C PRO D 627 35.14 -24.90 47.75
N ILE D 628 36.01 -24.57 46.80
CA ILE D 628 36.96 -25.53 46.26
C ILE D 628 37.96 -26.00 47.27
N GLU D 629 38.51 -25.10 48.07
CA GLU D 629 39.45 -25.43 49.10
C GLU D 629 39.29 -24.49 50.25
N VAL D 630 39.32 -24.96 51.48
CA VAL D 630 39.30 -24.08 52.61
C VAL D 630 40.62 -24.36 53.19
N HIS D 631 41.39 -23.35 53.50
CA HIS D 631 42.68 -23.49 54.11
C HIS D 631 42.54 -22.89 55.50
N TYR D 632 42.85 -23.60 56.58
CA TYR D 632 42.63 -23.12 57.95
C TYR D 632 43.90 -23.15 58.74
N GLU D 633 44.26 -22.07 59.39
CA GLU D 633 45.52 -21.99 60.10
C GLU D 633 45.36 -22.08 61.61
N SER D 634 46.40 -22.48 62.33
CA SER D 634 46.32 -22.69 63.79
C SER D 634 45.99 -21.55 64.68
N LEU D 635 46.52 -20.38 64.44
CA LEU D 635 46.11 -19.25 65.21
C LEU D 635 44.64 -18.89 64.99
N GLY D 636 44.02 -19.31 63.90
CA GLY D 636 42.59 -19.09 63.71
C GLY D 636 41.96 -18.51 62.47
N THR D 637 42.73 -17.98 61.54
CA THR D 637 42.18 -17.45 60.33
C THR D 637 41.90 -18.46 59.27
N PHE D 638 40.75 -18.38 58.66
CA PHE D 638 40.45 -19.26 57.56
C PHE D 638 40.22 -18.61 56.22
N TYR D 639 40.85 -19.14 55.18
CA TYR D 639 40.72 -18.58 53.85
C TYR D 639 39.86 -19.53 53.05
N GLU D 640 38.82 -19.04 52.41
CA GLU D 640 37.94 -19.84 51.59
C GLU D 640 37.98 -19.52 50.11
N ILE D 641 38.40 -20.44 49.26
CA ILE D 641 38.56 -20.19 47.84
C ILE D 641 37.43 -20.76 47.07
N TYR D 642 36.64 -19.92 46.46
CA TYR D 642 35.54 -20.34 45.66
C TYR D 642 36.04 -19.92 44.33
N GLY D 643 35.34 -20.25 43.28
CA GLY D 643 35.78 -19.95 41.95
C GLY D 643 35.92 -18.54 41.54
N HIS D 644 34.99 -17.71 41.92
CA HIS D 644 35.06 -16.33 41.59
C HIS D 644 35.37 -15.43 42.77
N TYR D 645 35.52 -15.96 43.97
CA TYR D 645 35.79 -15.17 45.17
C TYR D 645 36.60 -15.75 46.34
N LEU D 646 37.32 -14.93 47.11
CA LEU D 646 38.08 -15.37 48.30
C LEU D 646 37.56 -14.63 49.51
N ILE D 647 37.07 -15.32 50.52
CA ILE D 647 36.56 -14.71 51.75
C ILE D 647 37.47 -15.07 52.90
N VAL D 648 38.05 -14.10 53.57
CA VAL D 648 38.95 -14.34 54.68
C VAL D 648 38.25 -14.05 55.95
N ARG D 649 38.23 -14.99 56.87
CA ARG D 649 37.50 -14.86 58.11
C ARG D 649 38.39 -15.19 59.30
N SER D 650 38.01 -14.79 60.51
CA SER D 650 38.82 -14.97 61.70
C SER D 650 38.12 -15.65 62.83
N LEU D 651 38.78 -15.86 63.94
CA LEU D 651 38.20 -16.63 65.04
C LEU D 651 36.96 -16.04 65.61
N LYS D 652 36.89 -14.74 65.66
CA LYS D 652 35.71 -14.09 66.11
C LYS D 652 34.58 -14.25 65.08
N LYS D 653 34.83 -14.94 63.95
CA LYS D 653 33.83 -15.12 62.86
C LYS D 653 33.40 -13.85 62.18
N GLN D 654 34.37 -13.03 61.86
CA GLN D 654 34.09 -11.78 61.22
C GLN D 654 34.79 -11.84 59.88
N ILE D 655 34.22 -11.23 58.85
CA ILE D 655 34.81 -11.31 57.53
C ILE D 655 35.78 -10.18 57.40
N LEU D 656 37.06 -10.49 57.49
CA LEU D 656 38.06 -9.47 57.33
C LEU D 656 38.15 -8.88 55.92
N PHE D 657 38.12 -9.73 54.88
CA PHE D 657 38.23 -9.25 53.50
C PHE D 657 37.47 -10.08 52.51
N ILE D 658 37.04 -9.50 51.40
CA ILE D 658 36.41 -10.24 50.32
C ILE D 658 37.13 -9.77 49.08
N TYR D 659 37.48 -10.67 48.17
CA TYR D 659 38.12 -10.27 46.93
C TYR D 659 37.40 -10.97 45.80
N ILE D 660 37.18 -10.29 44.68
CA ILE D 660 36.43 -10.86 43.57
C ILE D 660 37.34 -11.07 42.38
N ARG D 661 37.23 -12.20 41.68
CA ARG D 661 38.03 -12.41 40.48
C ARG D 661 37.21 -11.97 39.31
N THR D 662 37.72 -11.06 38.51
CA THR D 662 36.93 -10.50 37.43
C THR D 662 37.78 -9.98 36.28
N THR D 663 37.20 -9.20 35.39
CA THR D 663 37.93 -8.64 34.28
C THR D 663 37.55 -7.18 34.22
N VAL D 664 38.35 -6.38 33.54
CA VAL D 664 38.10 -4.94 33.49
C VAL D 664 36.77 -4.66 32.84
N GLY D 665 36.39 -5.46 31.88
CA GLY D 665 35.16 -5.19 31.18
C GLY D 665 33.95 -5.23 32.07
N HIS D 666 33.90 -6.17 32.98
CA HIS D 666 32.79 -6.26 33.89
C HIS D 666 32.67 -5.03 34.78
N ILE D 667 33.79 -4.50 35.24
CA ILE D 667 33.73 -3.36 36.12
C ILE D 667 33.27 -2.11 35.41
N ALA D 668 33.60 -1.96 34.13
CA ALA D 668 33.15 -0.85 33.34
C ALA D 668 31.67 -0.71 33.14
N LEU D 669 30.96 -1.79 32.89
CA LEU D 669 29.52 -1.72 32.84
C LEU D 669 28.85 -1.36 34.16
N TYR D 670 29.31 -1.88 35.25
CA TYR D 670 28.77 -1.57 36.53
C TYR D 670 28.96 -0.15 36.87
N ARG D 671 30.13 0.36 36.66
CA ARG D 671 30.39 1.74 36.92
C ARG D 671 29.52 2.69 36.14
N GLU D 672 29.28 2.49 34.86
CA GLU D 672 28.38 3.34 34.14
C GLU D 672 26.96 3.34 34.59
N ILE D 673 26.42 2.22 34.94
CA ILE D 673 25.09 2.20 35.46
C ILE D 673 25.01 2.90 36.79
N GLU D 674 25.97 2.71 37.66
CA GLU D 674 25.98 3.37 38.95
C GLU D 674 26.16 4.84 38.91
N GLU D 675 27.06 5.32 38.12
CA GLU D 675 27.31 6.72 37.99
C GLU D 675 26.18 7.49 37.38
N ALA D 676 25.46 6.94 36.45
CA ALA D 676 24.33 7.56 35.89
C ALA D 676 23.24 7.78 36.91
N ILE D 677 22.99 6.83 37.80
CA ILE D 677 22.01 6.99 38.83
C ILE D 677 22.39 8.09 39.77
N GLN D 678 23.64 8.14 40.17
CA GLN D 678 24.07 9.14 41.12
C GLN D 678 24.11 10.50 40.50
N GLY D 679 24.49 10.58 39.25
CA GLY D 679 24.51 11.86 38.56
C GLY D 679 23.16 12.50 38.39
N PHE D 680 22.15 11.72 38.06
CA PHE D 680 20.82 12.24 37.91
C PHE D 680 20.36 12.77 39.24
N SER D 681 20.68 12.07 40.32
CA SER D 681 20.32 12.52 41.66
C SER D 681 20.97 13.83 42.05
N ARG D 682 22.24 14.00 41.72
CA ARG D 682 22.93 15.20 42.13
C ARG D 682 22.53 16.37 41.30
N ALA D 683 22.06 16.13 40.10
CA ALA D 683 21.55 17.21 39.26
C ALA D 683 20.26 17.81 39.75
N TYR D 684 19.35 16.98 40.22
CA TYR D 684 18.06 17.46 40.65
C TYR D 684 18.28 18.52 41.70
N SER D 685 19.20 18.30 42.60
CA SER D 685 19.51 19.22 43.65
C SER D 685 20.18 20.49 43.19
N ASN E 6 22.05 0.23 44.19
CA ASN E 6 21.93 -1.12 44.69
C ASN E 6 21.64 -2.04 43.55
N LEU E 7 22.68 -2.61 42.99
CA LEU E 7 22.51 -3.43 41.84
C LEU E 7 23.33 -4.68 41.90
N VAL E 8 22.95 -5.68 41.15
CA VAL E 8 23.66 -6.94 41.10
C VAL E 8 24.94 -6.82 40.32
N PHE E 9 25.92 -7.63 40.64
CA PHE E 9 27.15 -7.63 39.87
C PHE E 9 27.05 -8.84 39.01
N HIS E 10 27.26 -8.69 37.73
CA HIS E 10 27.08 -9.78 36.82
C HIS E 10 28.43 -10.24 36.36
N ASN E 11 28.70 -11.52 36.45
CA ASN E 11 29.96 -12.03 35.93
C ASN E 11 29.81 -12.93 34.71
N LYS E 12 28.69 -12.87 34.00
CA LYS E 12 28.48 -13.66 32.79
C LYS E 12 27.95 -12.80 31.67
N ALA E 13 28.01 -13.28 30.42
CA ALA E 13 27.66 -12.46 29.27
C ALA E 13 26.28 -11.87 29.13
N ILE E 14 26.20 -10.79 28.35
CA ILE E 14 24.93 -10.13 28.14
C ILE E 14 24.54 -10.30 26.69
N ASN E 15 23.35 -10.81 26.46
CA ASN E 15 22.86 -11.03 25.12
C ASN E 15 21.58 -10.25 25.07
N GLY E 16 20.92 -10.23 23.94
CA GLY E 16 19.74 -9.40 23.82
C GLY E 16 18.62 -9.70 24.78
N THR E 17 18.34 -10.96 25.06
CA THR E 17 17.32 -11.30 26.02
C THR E 17 17.63 -10.69 27.38
N ALA E 18 18.85 -10.82 27.84
CA ALA E 18 19.22 -10.23 29.07
C ALA E 18 19.09 -8.74 29.19
N MET E 19 19.41 -7.96 28.18
CA MET E 19 19.17 -6.52 28.21
C MET E 19 17.72 -6.14 28.29
N LYS E 20 16.80 -6.81 27.63
CA LYS E 20 15.39 -6.55 27.77
C LYS E 20 14.90 -6.80 29.16
N ARG E 21 15.35 -7.86 29.80
CA ARG E 21 14.99 -8.13 31.16
C ARG E 21 15.48 -7.07 32.08
N LEU E 22 16.69 -6.60 31.94
CA LEU E 22 17.20 -5.51 32.74
C LEU E 22 16.54 -4.18 32.56
N ILE E 23 16.24 -3.79 31.36
CA ILE E 23 15.57 -2.53 31.12
C ILE E 23 14.22 -2.65 31.73
N SER E 24 13.57 -3.77 31.65
CA SER E 24 12.31 -3.94 32.33
C SER E 24 12.39 -3.83 33.80
N ARG E 25 13.36 -4.45 34.42
CA ARG E 25 13.56 -4.39 35.82
C ARG E 25 13.94 -3.04 36.32
N LEU E 26 14.77 -2.32 35.60
CA LEU E 26 15.06 -0.95 35.93
C LEU E 26 13.89 0.00 35.79
N ILE E 27 12.94 -0.22 34.92
CA ILE E 27 11.81 0.66 34.76
C ILE E 27 10.93 0.54 35.95
N ASP E 28 10.69 -0.64 36.41
CA ASP E 28 9.93 -0.84 37.61
C ASP E 28 10.52 -0.32 38.88
N HIS E 29 11.78 -0.53 39.18
CA HIS E 29 12.44 0.06 40.33
C HIS E 29 12.71 1.52 40.30
N PHE E 30 13.16 2.11 39.21
CA PHE E 30 13.56 3.51 39.26
C PHE E 30 12.67 4.43 38.52
N GLY E 31 11.86 3.94 37.63
CA GLY E 31 11.05 4.77 36.82
C GLY E 31 11.55 5.16 35.48
N MET E 32 10.71 5.67 34.60
CA MET E 32 11.10 5.99 33.25
C MET E 32 12.12 7.08 33.06
N ALA E 33 12.15 8.08 33.90
CA ALA E 33 13.17 9.09 33.82
C ALA E 33 14.57 8.68 34.08
N TYR E 34 14.81 7.95 35.13
CA TYR E 34 16.12 7.46 35.39
C TYR E 34 16.53 6.52 34.31
N THR E 35 15.65 5.65 33.86
CA THR E 35 16.00 4.67 32.86
C THR E 35 16.41 5.29 31.57
N SER E 36 15.80 6.37 31.16
CA SER E 36 16.24 7.04 29.98
C SER E 36 17.69 7.50 30.02
N HIS E 37 18.16 8.06 31.12
CA HIS E 37 19.55 8.41 31.25
C HIS E 37 20.48 7.21 31.26
N ILE E 38 20.09 6.15 31.94
CA ILE E 38 20.88 4.97 31.94
C ILE E 38 21.03 4.49 30.51
N LEU E 39 19.98 4.52 29.74
CA LEU E 39 20.02 4.04 28.38
C LEU E 39 20.95 4.79 27.46
N ASP E 40 20.99 6.10 27.56
CA ASP E 40 21.88 6.90 26.74
C ASP E 40 23.32 6.64 27.07
N GLN E 41 23.63 6.45 28.34
CA GLN E 41 24.97 6.12 28.76
C GLN E 41 25.46 4.76 28.33
N VAL E 42 24.65 3.73 28.40
CA VAL E 42 24.99 2.40 27.91
C VAL E 42 25.23 2.43 26.41
N LYS E 43 24.48 3.21 25.67
CA LYS E 43 24.68 3.34 24.24
C LYS E 43 26.04 3.83 23.90
N THR E 44 26.50 4.84 24.61
CA THR E 44 27.79 5.39 24.35
C THR E 44 28.85 4.35 24.60
N LEU E 45 28.75 3.62 25.69
CA LEU E 45 29.74 2.61 26.00
C LEU E 45 29.76 1.53 24.96
N GLY E 46 28.61 1.12 24.46
CA GLY E 46 28.54 0.09 23.46
C GLY E 46 29.16 0.48 22.17
N PHE E 47 28.90 1.67 21.69
CA PHE E 47 29.48 2.16 20.46
C PHE E 47 30.98 2.30 20.56
N GLN E 48 31.47 2.72 21.71
CA GLN E 48 32.89 2.93 21.87
C GLN E 48 33.66 1.64 21.85
N GLN E 49 33.22 0.66 22.61
CA GLN E 49 33.89 -0.62 22.63
C GLN E 49 33.85 -1.34 21.30
N ALA E 50 32.73 -1.28 20.61
CA ALA E 50 32.60 -1.95 19.36
C ALA E 50 33.57 -1.42 18.37
N THR E 51 33.85 -0.13 18.42
CA THR E 51 34.80 0.45 17.52
C THR E 51 36.18 -0.05 17.86
N ALA E 52 36.52 -0.09 19.14
CA ALA E 52 37.84 -0.53 19.56
C ALA E 52 38.17 -1.96 19.26
N THR E 53 37.26 -2.88 19.54
CA THR E 53 37.47 -4.27 19.18
C THR E 53 37.44 -4.51 17.69
N SER E 54 36.60 -3.78 16.97
CA SER E 54 36.51 -3.88 15.51
C SER E 54 36.19 -5.18 14.79
N ILE E 55 35.11 -5.85 15.14
CA ILE E 55 34.71 -7.06 14.42
C ILE E 55 34.57 -6.91 12.90
N SER E 56 34.98 -7.90 12.12
CA SER E 56 34.85 -7.91 10.67
C SER E 56 34.69 -9.34 10.23
N LEU E 57 34.19 -9.61 9.04
CA LEU E 57 33.99 -10.96 8.50
C LEU E 57 34.79 -11.24 7.24
N GLY E 58 35.45 -12.39 7.17
CA GLY E 58 36.30 -12.76 6.04
C GLY E 58 35.99 -14.15 5.51
N ILE E 59 36.54 -14.53 4.38
CA ILE E 59 36.22 -15.83 3.74
C ILE E 59 36.54 -17.02 4.59
N ASP E 60 37.61 -16.96 5.35
CA ASP E 60 38.02 -18.10 6.12
C ASP E 60 37.51 -18.10 7.52
N ASP E 61 36.58 -17.23 7.83
CA ASP E 61 35.98 -17.17 9.13
C ASP E 61 34.65 -17.80 9.05
N LEU E 62 34.28 -18.19 7.85
CA LEU E 62 33.04 -18.91 7.69
C LEU E 62 33.37 -20.37 7.79
N LEU E 63 33.57 -20.86 9.00
CA LEU E 63 33.95 -22.25 9.21
C LEU E 63 32.85 -23.25 8.95
N THR E 64 33.22 -24.46 8.57
CA THR E 64 32.25 -25.51 8.32
C THR E 64 32.61 -26.66 9.21
N ILE E 65 31.63 -27.45 9.63
CA ILE E 65 31.89 -28.51 10.56
C ILE E 65 32.89 -29.48 10.01
N PRO E 66 33.74 -30.02 10.86
CA PRO E 66 34.80 -30.90 10.39
C PRO E 66 34.29 -32.12 9.64
N SER E 67 33.17 -32.69 10.06
CA SER E 67 32.67 -33.90 9.46
C SER E 67 31.81 -33.82 8.19
N LYS E 68 31.71 -32.68 7.53
CA LYS E 68 30.83 -32.58 6.38
C LYS E 68 31.19 -33.45 5.20
N GLY E 69 32.46 -33.56 4.88
CA GLY E 69 32.83 -34.33 3.72
C GLY E 69 32.46 -35.78 3.85
N TRP E 70 32.73 -36.36 4.99
CA TRP E 70 32.41 -37.72 5.23
C TRP E 70 30.95 -37.98 5.12
N LEU E 71 30.12 -37.13 5.67
CA LEU E 71 28.69 -37.25 5.60
C LEU E 71 28.07 -37.10 4.22
N VAL E 72 28.51 -36.15 3.42
CA VAL E 72 28.04 -35.98 2.05
C VAL E 72 28.50 -37.09 1.17
N GLN E 73 29.71 -37.57 1.37
CA GLN E 73 30.19 -38.69 0.61
C GLN E 73 29.43 -39.97 0.87
N ASP E 74 29.05 -40.24 2.09
CA ASP E 74 28.24 -41.39 2.36
C ASP E 74 26.83 -41.35 1.86
N ALA E 75 26.18 -40.23 1.93
CA ALA E 75 24.87 -40.09 1.39
C ALA E 75 24.86 -40.28 -0.07
N GLU E 76 25.85 -39.77 -0.77
CA GLU E 76 25.95 -40.02 -2.17
C GLU E 76 26.16 -41.47 -2.55
N GLN E 77 26.89 -42.23 -1.77
CA GLN E 77 27.00 -43.65 -2.02
C GLN E 77 25.67 -44.37 -1.91
N GLN E 78 24.87 -44.06 -0.93
CA GLN E 78 23.60 -44.69 -0.74
C GLN E 78 22.70 -44.41 -1.87
N SER E 79 22.69 -43.19 -2.37
CA SER E 79 21.89 -42.86 -3.50
C SER E 79 22.27 -43.56 -4.81
N LEU E 80 23.54 -43.75 -5.12
CA LEU E 80 23.93 -44.52 -6.29
C LEU E 80 23.50 -45.96 -6.25
N ILE E 81 23.63 -46.61 -5.11
CA ILE E 81 23.27 -47.99 -4.96
C ILE E 81 21.80 -48.14 -5.16
N LEU E 82 20.98 -47.28 -4.65
CA LEU E 82 19.57 -47.37 -4.90
C LEU E 82 19.21 -47.16 -6.34
N GLU E 83 19.97 -46.44 -7.13
CA GLU E 83 19.64 -46.32 -8.52
C GLU E 83 19.93 -47.52 -9.34
N LYS E 84 20.97 -48.25 -9.04
CA LYS E 84 21.26 -49.47 -9.72
C LYS E 84 20.20 -50.47 -9.46
N HIS E 85 19.71 -50.53 -8.25
CA HIS E 85 18.65 -51.41 -7.88
C HIS E 85 17.26 -51.13 -8.40
N HIS E 86 16.90 -49.89 -8.68
CA HIS E 86 15.62 -49.58 -9.29
C HIS E 86 15.68 -50.19 -10.62
N HIS E 87 16.81 -50.07 -11.27
CA HIS E 87 16.97 -50.62 -12.60
C HIS E 87 16.90 -52.10 -12.71
N TYR E 88 17.41 -52.78 -11.72
CA TYR E 88 17.45 -54.18 -11.76
C TYR E 88 16.17 -54.78 -11.26
N GLY E 89 15.21 -53.97 -10.87
CA GLY E 89 13.94 -54.46 -10.33
C GLY E 89 13.71 -54.74 -8.87
N ASN E 90 14.64 -54.46 -7.98
CA ASN E 90 14.51 -54.73 -6.59
C ASN E 90 13.85 -53.66 -5.75
N VAL E 91 13.56 -52.47 -6.29
CA VAL E 91 12.85 -51.40 -5.58
C VAL E 91 11.87 -50.70 -6.49
N HIS E 92 10.75 -50.21 -6.01
CA HIS E 92 9.81 -49.43 -6.82
C HIS E 92 10.04 -47.95 -6.79
N ALA E 93 9.35 -47.22 -7.65
CA ALA E 93 9.50 -45.80 -7.71
C ALA E 93 9.09 -44.94 -6.55
N VAL E 94 7.98 -45.18 -5.88
CA VAL E 94 7.65 -44.36 -4.75
C VAL E 94 8.73 -44.50 -3.72
N GLU E 95 9.27 -45.67 -3.57
CA GLU E 95 10.38 -45.87 -2.70
C GLU E 95 11.67 -45.15 -3.02
N LYS E 96 12.05 -45.02 -4.26
CA LYS E 96 13.21 -44.23 -4.61
C LYS E 96 13.01 -42.80 -4.24
N LEU E 97 11.83 -42.27 -4.48
CA LEU E 97 11.58 -40.90 -4.20
C LEU E 97 11.72 -40.59 -2.77
N ARG E 98 11.17 -41.43 -1.95
CA ARG E 98 11.21 -41.22 -0.54
C ARG E 98 12.59 -41.25 0.06
N GLN E 99 13.46 -42.16 -0.33
CA GLN E 99 14.78 -42.23 0.21
C GLN E 99 15.56 -41.02 -0.07
N SER E 100 15.42 -40.50 -1.27
CA SER E 100 16.13 -39.33 -1.65
C SER E 100 15.75 -38.08 -0.87
N ILE E 101 14.49 -37.83 -0.63
CA ILE E 101 14.08 -36.71 0.20
C ILE E 101 14.50 -36.90 1.63
N GLU E 102 14.32 -38.07 2.14
CA GLU E 102 14.73 -38.34 3.47
C GLU E 102 16.20 -38.39 3.83
N ILE E 103 17.04 -38.97 3.02
CA ILE E 103 18.46 -38.95 3.32
C ILE E 103 19.01 -37.54 3.34
N TRP E 104 18.60 -36.72 2.43
CA TRP E 104 19.05 -35.37 2.39
C TRP E 104 18.57 -34.48 3.50
N TYR E 105 17.35 -34.61 3.97
CA TYR E 105 16.88 -33.87 5.12
C TYR E 105 17.59 -34.23 6.38
N ALA E 106 17.87 -35.47 6.61
CA ALA E 106 18.62 -35.82 7.77
C ALA E 106 20.00 -35.29 7.76
N THR E 107 20.67 -35.35 6.65
CA THR E 107 21.99 -34.83 6.59
C THR E 107 22.01 -33.34 6.88
N SER E 108 21.11 -32.56 6.31
CA SER E 108 21.08 -31.14 6.56
C SER E 108 20.79 -30.78 7.97
N GLU E 109 19.84 -31.42 8.55
CA GLU E 109 19.50 -31.19 9.91
C GLU E 109 20.50 -31.56 10.95
N TYR E 110 21.25 -32.62 10.74
CA TYR E 110 22.28 -32.98 11.68
C TYR E 110 23.34 -31.94 11.63
N LEU E 111 23.65 -31.45 10.46
CA LEU E 111 24.70 -30.47 10.31
C LEU E 111 24.36 -29.18 11.01
N ARG E 112 23.11 -28.76 10.93
CA ARG E 112 22.70 -27.56 11.62
C ARG E 112 22.81 -27.71 13.10
N GLN E 113 22.42 -28.87 13.59
CA GLN E 113 22.45 -29.11 15.01
C GLN E 113 23.86 -29.03 15.51
N GLU E 114 24.80 -29.52 14.74
CA GLU E 114 26.17 -29.55 15.19
C GLU E 114 27.00 -28.29 15.01
N MET E 115 26.46 -27.29 14.36
CA MET E 115 27.18 -26.06 14.15
C MET E 115 27.54 -25.30 15.40
N ASN E 116 26.59 -25.12 16.30
CA ASN E 116 26.84 -24.38 17.53
C ASN E 116 27.81 -25.05 18.46
N PRO E 117 27.71 -26.37 18.60
CA PRO E 117 28.74 -26.97 19.42
C PRO E 117 30.13 -26.74 18.85
N ASN E 118 30.31 -26.79 17.55
CA ASN E 118 31.62 -26.60 16.98
C ASN E 118 32.16 -25.23 17.29
N PHE E 119 31.35 -24.21 17.15
CA PHE E 119 31.77 -22.85 17.45
C PHE E 119 32.08 -22.64 18.91
N ARG E 120 31.28 -23.19 19.81
CA ARG E 120 31.52 -22.91 21.22
C ARG E 120 32.72 -23.65 21.74
N MET E 121 32.92 -24.89 21.30
CA MET E 121 34.13 -25.62 21.68
C MET E 121 35.44 -25.30 21.01
N THR E 122 35.46 -25.10 19.72
CA THR E 122 36.70 -24.88 18.99
C THR E 122 37.07 -23.46 18.56
N ASP E 123 36.11 -22.61 18.31
CA ASP E 123 36.40 -21.21 18.02
C ASP E 123 35.40 -20.29 18.66
N PRO E 124 35.55 -20.01 19.94
CA PRO E 124 34.58 -19.18 20.66
C PRO E 124 34.42 -17.74 20.20
N PHE E 125 35.47 -17.09 19.76
CA PHE E 125 35.42 -15.68 19.41
C PHE E 125 35.33 -15.35 17.94
N ASN E 126 34.93 -16.27 17.10
CA ASN E 126 34.75 -16.05 15.71
C ASN E 126 33.73 -15.00 15.48
N PRO E 127 33.91 -14.20 14.48
CA PRO E 127 32.96 -13.18 14.18
C PRO E 127 31.55 -13.65 13.93
N VAL E 128 31.32 -14.74 13.22
CA VAL E 128 30.00 -15.23 12.93
C VAL E 128 29.26 -15.68 14.16
N HIS E 129 29.93 -16.30 15.11
CA HIS E 129 29.35 -16.65 16.37
C HIS E 129 28.99 -15.42 17.19
N ILE E 130 29.85 -14.44 17.27
CA ILE E 130 29.57 -13.31 18.09
C ILE E 130 28.35 -12.67 17.59
N MET E 131 28.23 -12.50 16.30
CA MET E 131 27.10 -11.79 15.80
C MET E 131 25.79 -12.51 16.09
N SER E 132 25.69 -13.80 15.87
CA SER E 132 24.50 -14.55 16.20
C SER E 132 24.13 -14.80 17.64
N PHE E 133 25.06 -15.19 18.47
CA PHE E 133 24.83 -15.44 19.87
C PHE E 133 24.43 -14.22 20.63
N SER E 134 25.02 -13.10 20.31
CA SER E 134 24.72 -11.86 20.94
C SER E 134 23.31 -11.48 20.77
N GLY E 135 22.75 -11.79 19.62
CA GLY E 135 21.40 -11.40 19.33
C GLY E 135 21.44 -10.25 18.38
N ALA E 136 22.64 -9.80 18.03
CA ALA E 136 22.76 -8.62 17.18
C ALA E 136 22.20 -8.77 15.79
N ARG E 137 22.57 -9.82 15.09
CA ARG E 137 22.02 -10.07 13.76
C ARG E 137 22.31 -11.49 13.36
N GLY E 138 21.52 -12.03 12.44
CA GLY E 138 21.68 -13.41 12.06
C GLY E 138 20.74 -14.32 12.80
N ASN E 139 20.45 -15.47 12.23
CA ASN E 139 19.56 -16.42 12.84
C ASN E 139 20.26 -17.69 12.47
N ALA E 140 19.98 -18.77 13.18
CA ALA E 140 20.69 -19.99 12.91
C ALA E 140 20.45 -20.46 11.49
N SER E 141 19.24 -20.31 11.00
CA SER E 141 18.93 -20.72 9.66
C SER E 141 19.73 -19.93 8.64
N GLN E 142 19.87 -18.64 8.86
CA GLN E 142 20.63 -17.82 7.95
C GLN E 142 22.07 -18.23 7.92
N VAL E 143 22.64 -18.50 9.07
CA VAL E 143 24.02 -18.96 9.09
C VAL E 143 24.18 -20.32 8.42
N HIS E 144 23.25 -21.22 8.64
CA HIS E 144 23.37 -22.55 8.10
C HIS E 144 23.58 -22.46 6.62
N GLN E 145 22.90 -21.53 5.99
CA GLN E 145 23.05 -21.37 4.56
C GLN E 145 24.40 -20.88 4.13
N LEU E 146 25.00 -19.94 4.84
CA LEU E 146 26.36 -19.51 4.54
C LEU E 146 27.42 -20.57 4.82
N VAL E 147 27.30 -21.32 5.92
CA VAL E 147 28.33 -22.30 6.30
C VAL E 147 28.04 -23.80 6.29
N GLY E 148 26.86 -24.22 5.87
CA GLY E 148 26.53 -25.63 5.85
C GLY E 148 26.01 -26.10 4.52
N MET E 149 24.76 -26.50 4.46
CA MET E 149 24.15 -26.86 3.20
C MET E 149 22.80 -26.22 3.07
N ARG E 150 22.49 -25.66 1.92
CA ARG E 150 21.19 -25.03 1.66
C ARG E 150 20.00 -25.96 1.67
N GLY E 151 20.15 -27.16 1.14
CA GLY E 151 19.10 -28.16 1.23
C GLY E 151 18.04 -28.35 0.22
N LEU E 152 17.12 -29.24 0.51
CA LEU E 152 16.04 -29.52 -0.38
C LEU E 152 15.07 -28.38 -0.52
N MET E 153 14.66 -28.09 -1.76
CA MET E 153 13.77 -26.96 -1.99
C MET E 153 12.40 -27.41 -2.43
N SER E 154 11.42 -26.53 -2.29
CA SER E 154 10.06 -26.90 -2.65
C SER E 154 9.66 -26.18 -3.92
N ASP E 155 9.19 -26.94 -4.90
CA ASP E 155 8.74 -26.36 -6.15
C ASP E 155 7.38 -25.72 -5.96
N PRO E 156 6.96 -24.91 -6.94
CA PRO E 156 5.60 -24.37 -6.83
C PRO E 156 4.64 -25.55 -6.80
N GLN E 157 3.53 -25.46 -6.07
CA GLN E 157 2.60 -26.60 -5.88
C GLN E 157 3.08 -27.56 -4.80
N GLY E 158 4.03 -27.13 -3.98
CA GLY E 158 4.51 -27.94 -2.87
C GLY E 158 5.12 -29.32 -3.07
N GLN E 159 5.95 -29.48 -4.10
CA GLN E 159 6.63 -30.76 -4.29
C GLN E 159 8.15 -30.57 -4.22
N MET E 160 8.83 -31.40 -3.43
CA MET E 160 10.29 -31.32 -3.33
C MET E 160 10.93 -31.62 -4.68
N ILE E 161 12.04 -30.97 -5.00
CA ILE E 161 12.63 -31.13 -6.32
C ILE E 161 13.52 -32.30 -6.65
N ASP E 162 14.00 -33.04 -5.67
CA ASP E 162 14.77 -34.28 -5.89
C ASP E 162 16.19 -34.15 -6.26
N LEU E 163 16.67 -32.94 -6.34
CA LEU E 163 18.07 -32.79 -6.54
C LEU E 163 18.43 -31.97 -5.34
N PRO E 164 19.27 -32.51 -4.48
CA PRO E 164 19.68 -31.78 -3.30
C PRO E 164 20.65 -30.67 -3.54
N ILE E 165 20.62 -29.65 -2.70
CA ILE E 165 21.63 -28.64 -2.80
C ILE E 165 22.67 -29.01 -1.77
N GLN E 166 23.87 -29.36 -2.18
CA GLN E 166 24.94 -29.77 -1.32
C GLN E 166 25.92 -28.67 -1.05
N SER E 167 25.58 -27.45 -1.37
CA SER E 167 26.49 -26.36 -1.27
C SER E 167 26.06 -25.17 -0.50
N ASN E 168 27.02 -24.37 -0.09
CA ASN E 168 26.72 -23.20 0.69
C ASN E 168 27.26 -22.05 -0.06
N LEU E 169 26.93 -20.86 0.37
CA LEU E 169 27.32 -19.69 -0.36
C LEU E 169 28.82 -19.48 -0.44
N ARG E 170 29.57 -19.80 0.59
CA ARG E 170 31.02 -19.69 0.49
C ARG E 170 31.58 -20.55 -0.61
N GLU E 171 31.25 -21.82 -0.63
CA GLU E 171 31.72 -22.72 -1.64
C GLU E 171 31.24 -22.42 -3.00
N GLY E 172 29.99 -22.03 -3.13
CA GLY E 172 29.46 -21.63 -4.42
C GLY E 172 28.47 -22.58 -5.00
N LEU E 173 27.27 -22.10 -5.26
CA LEU E 173 26.24 -22.93 -5.87
C LEU E 173 26.46 -23.17 -7.35
N SER E 174 26.11 -24.35 -7.85
CA SER E 174 26.22 -24.68 -9.26
C SER E 174 25.09 -24.09 -10.04
N LEU E 175 25.17 -24.09 -11.36
CA LEU E 175 24.12 -23.45 -12.14
C LEU E 175 22.80 -24.11 -11.90
N THR E 176 22.78 -25.42 -11.85
CA THR E 176 21.54 -26.12 -11.66
C THR E 176 20.96 -25.80 -10.32
N GLU E 177 21.78 -25.79 -9.29
CA GLU E 177 21.33 -25.49 -7.96
C GLU E 177 20.82 -24.08 -7.83
N TYR E 178 21.48 -23.15 -8.49
CA TYR E 178 21.07 -21.77 -8.43
C TYR E 178 19.69 -21.59 -8.99
N ILE E 179 19.39 -22.24 -10.08
CA ILE E 179 18.09 -22.14 -10.68
C ILE E 179 17.01 -22.67 -9.76
N ILE E 180 17.26 -23.80 -9.12
CA ILE E 180 16.31 -24.37 -8.21
C ILE E 180 16.09 -23.39 -7.07
N SER E 181 17.15 -22.75 -6.63
CA SER E 181 17.05 -21.80 -5.53
C SER E 181 16.17 -20.63 -5.86
N CYS E 182 16.14 -20.24 -7.11
CA CYS E 182 15.36 -19.09 -7.51
C CYS E 182 13.90 -19.30 -7.23
N TYR E 183 13.42 -20.52 -7.38
CA TYR E 183 12.04 -20.81 -7.02
C TYR E 183 11.64 -20.18 -5.72
N GLY E 184 12.36 -20.47 -4.65
CA GLY E 184 12.02 -19.93 -3.37
C GLY E 184 11.95 -18.44 -3.30
N ALA E 185 12.83 -17.78 -3.96
CA ALA E 185 12.89 -16.35 -3.95
C ALA E 185 11.68 -15.66 -4.53
N ARG E 186 11.09 -16.16 -5.58
CA ARG E 186 9.87 -15.61 -6.11
C ARG E 186 8.77 -15.79 -5.11
N LYS E 187 8.76 -16.88 -4.36
CA LYS E 187 7.75 -17.03 -3.30
C LYS E 187 7.85 -16.00 -2.24
N GLY E 188 9.04 -15.64 -1.83
CA GLY E 188 9.20 -14.59 -0.89
C GLY E 188 8.77 -13.25 -1.33
N VAL E 189 9.10 -12.88 -2.53
CA VAL E 189 8.71 -11.61 -3.01
C VAL E 189 7.24 -11.50 -3.21
N VAL E 190 6.60 -12.54 -3.69
CA VAL E 190 5.17 -12.51 -3.80
C VAL E 190 4.49 -12.43 -2.46
N ASP E 191 4.98 -13.14 -1.47
CA ASP E 191 4.42 -13.03 -0.13
C ASP E 191 4.57 -11.70 0.57
N THR E 192 5.68 -11.04 0.44
CA THR E 192 5.83 -9.78 1.05
C THR E 192 4.84 -8.78 0.50
N ALA E 193 4.67 -8.73 -0.80
CA ALA E 193 3.73 -7.79 -1.39
C ALA E 193 2.33 -8.06 -0.96
N VAL E 194 1.96 -9.31 -0.98
CA VAL E 194 0.66 -9.65 -0.54
C VAL E 194 0.44 -9.35 0.93
N ARG E 195 1.39 -9.69 1.79
CA ARG E 195 1.19 -9.52 3.22
C ARG E 195 1.04 -8.10 3.63
N THR E 196 1.79 -7.21 3.01
CA THR E 196 1.60 -5.85 3.33
C THR E 196 0.15 -5.39 3.09
N SER E 197 -0.43 -5.75 1.97
CA SER E 197 -1.82 -5.40 1.70
C SER E 197 -2.86 -5.99 2.60
N ASP E 198 -2.74 -7.27 2.89
CA ASP E 198 -3.75 -7.94 3.67
C ASP E 198 -3.82 -7.35 5.05
N ALA E 199 -2.68 -6.98 5.60
CA ALA E 199 -2.65 -6.45 6.94
C ALA E 199 -3.43 -5.19 7.09
N GLY E 200 -3.33 -4.30 6.13
CA GLY E 200 -4.04 -3.06 6.18
C GLY E 200 -5.53 -3.21 6.15
N TYR E 201 -6.06 -4.12 5.36
CA TYR E 201 -7.48 -4.36 5.38
C TYR E 201 -7.87 -4.88 6.72
N LEU E 202 -7.12 -5.79 7.31
CA LEU E 202 -7.58 -6.27 8.59
C LEU E 202 -7.56 -5.16 9.61
N THR E 203 -6.56 -4.32 9.63
CA THR E 203 -6.58 -3.26 10.56
C THR E 203 -7.66 -2.27 10.35
N ARG E 204 -7.95 -1.79 9.17
CA ARG E 204 -9.01 -0.84 9.02
C ARG E 204 -10.27 -1.33 9.57
N ARG E 205 -10.65 -2.52 9.22
CA ARG E 205 -11.85 -3.09 9.72
C ARG E 205 -11.89 -3.35 11.21
N LEU E 206 -10.82 -3.77 11.84
CA LEU E 206 -10.81 -3.92 13.28
C LEU E 206 -10.98 -2.61 14.03
N VAL E 207 -10.40 -1.54 13.58
CA VAL E 207 -10.60 -0.25 14.19
C VAL E 207 -12.03 0.21 14.11
N GLU E 208 -12.71 -0.01 13.02
CA GLU E 208 -14.08 0.36 12.92
C GLU E 208 -15.07 -0.29 13.87
N VAL E 209 -14.94 -1.55 14.14
CA VAL E 209 -15.80 -2.22 15.09
C VAL E 209 -15.63 -1.66 16.47
N VAL E 210 -14.42 -1.28 16.86
CA VAL E 210 -14.15 -0.82 18.21
C VAL E 210 -13.45 0.51 18.25
N GLN E 211 -14.13 1.56 17.91
CA GLN E 211 -13.54 2.86 17.87
C GLN E 211 -14.20 3.62 18.96
N HIS E 212 -15.47 3.36 19.19
CA HIS E 212 -16.24 4.05 20.17
C HIS E 212 -15.97 3.77 21.63
N ILE E 213 -15.24 2.73 21.95
CA ILE E 213 -15.00 2.36 23.31
C ILE E 213 -13.96 3.21 23.94
N VAL E 214 -14.32 3.93 24.99
CA VAL E 214 -13.41 4.79 25.73
C VAL E 214 -13.72 4.42 27.18
N VAL E 215 -12.82 4.66 28.12
CA VAL E 215 -13.12 4.38 29.51
C VAL E 215 -13.89 5.57 30.03
N ARG E 216 -15.12 5.38 30.43
CA ARG E 216 -15.95 6.50 30.85
C ARG E 216 -16.34 6.54 32.31
N ARG E 217 -16.22 5.44 33.04
CA ARG E 217 -16.66 5.42 34.42
C ARG E 217 -15.72 4.62 35.29
N THR E 218 -15.73 4.87 36.59
CA THR E 218 -14.85 4.15 37.48
C THR E 218 -15.33 2.75 37.80
N ASP E 219 -16.55 2.59 38.27
CA ASP E 219 -17.09 1.26 38.49
C ASP E 219 -18.45 1.01 37.87
N CYS E 220 -18.58 -0.03 37.06
CA CYS E 220 -19.87 -0.40 36.48
C CYS E 220 -20.81 -0.88 37.54
N GLY E 221 -20.30 -1.58 38.55
CA GLY E 221 -21.14 -2.14 39.57
C GLY E 221 -21.44 -3.62 39.45
N THR E 222 -20.81 -4.30 38.52
CA THR E 222 -21.03 -5.72 38.35
C THR E 222 -20.48 -6.51 39.50
N ALA E 223 -21.05 -7.69 39.75
CA ALA E 223 -20.54 -8.56 40.81
C ALA E 223 -20.27 -9.90 40.19
N ARG E 224 -19.94 -9.91 38.92
CA ARG E 224 -19.68 -11.10 38.19
C ARG E 224 -18.30 -11.14 37.66
N GLY E 225 -17.69 -12.30 37.63
CA GLY E 225 -16.42 -12.40 37.03
C GLY E 225 -16.13 -13.70 36.42
N ILE E 226 -15.29 -13.73 35.41
CA ILE E 226 -14.90 -14.97 34.86
C ILE E 226 -13.98 -15.74 35.80
N SER E 227 -13.98 -17.05 35.75
CA SER E 227 -13.17 -17.91 36.61
C SER E 227 -12.09 -18.58 35.86
N VAL E 228 -10.86 -18.41 36.31
CA VAL E 228 -9.73 -19.00 35.64
C VAL E 228 -9.15 -20.10 36.50
N SER E 229 -9.00 -21.29 35.95
CA SER E 229 -8.39 -22.39 36.67
C SER E 229 -7.16 -22.84 35.92
N PRO E 230 -6.16 -23.36 36.64
CA PRO E 230 -5.00 -23.90 35.92
C PRO E 230 -5.48 -25.06 35.11
N ARG E 231 -6.39 -25.84 35.67
CA ARG E 231 -6.99 -26.93 34.93
C ARG E 231 -8.15 -26.35 34.15
N ASN E 232 -9.01 -27.19 33.58
CA ASN E 232 -10.18 -26.74 32.78
C ASN E 232 -9.70 -26.51 31.38
N GLY E 233 -8.40 -26.58 31.19
CA GLY E 233 -7.82 -26.49 29.86
C GLY E 233 -6.51 -27.04 30.34
N MET E 234 -5.67 -27.57 29.47
CA MET E 234 -4.37 -27.98 29.97
C MET E 234 -3.58 -26.72 29.77
N MET E 235 -3.27 -26.02 30.85
CA MET E 235 -2.61 -24.75 30.67
C MET E 235 -1.19 -24.77 31.18
N PRO E 236 -0.25 -24.47 30.29
CA PRO E 236 1.13 -24.36 30.77
C PRO E 236 1.12 -23.19 31.73
N GLU E 237 1.94 -23.24 32.77
CA GLU E 237 1.89 -22.19 33.77
C GLU E 237 2.03 -20.84 33.09
N ARG E 238 2.87 -20.74 32.07
CA ARG E 238 2.99 -19.49 31.35
C ARG E 238 1.64 -18.89 31.00
N ILE E 239 0.78 -19.67 30.37
CA ILE E 239 -0.51 -19.17 29.96
C ILE E 239 -1.30 -18.69 31.16
N PHE E 240 -1.23 -19.44 32.26
CA PHE E 240 -1.99 -19.06 33.43
C PHE E 240 -1.51 -17.72 33.92
N ILE E 241 -0.22 -17.49 33.91
CA ILE E 241 0.30 -16.24 34.43
C ILE E 241 -0.13 -15.09 33.55
N GLN E 242 0.14 -15.19 32.26
CA GLN E 242 -0.23 -14.13 31.34
C GLN E 242 -1.68 -13.68 31.29
N THR E 243 -2.62 -14.57 31.44
CA THR E 243 -3.99 -14.19 31.50
C THR E 243 -4.22 -13.34 32.70
N LEU E 244 -3.79 -13.79 33.86
CA LEU E 244 -4.04 -13.08 35.09
C LEU E 244 -3.35 -11.72 35.37
N ILE E 245 -2.16 -11.44 34.87
CA ILE E 245 -1.48 -10.19 35.16
C ILE E 245 -2.24 -8.99 34.68
N GLY E 246 -2.43 -8.00 35.53
CA GLY E 246 -3.21 -6.85 35.17
C GLY E 246 -4.68 -6.78 35.38
N ARG E 247 -5.26 -7.71 36.09
CA ARG E 247 -6.67 -7.79 36.23
C ARG E 247 -7.08 -7.59 37.64
N VAL E 248 -8.30 -7.16 37.85
CA VAL E 248 -8.78 -6.89 39.17
C VAL E 248 -9.65 -8.02 39.64
N LEU E 249 -9.43 -8.50 40.84
CA LEU E 249 -10.16 -9.61 41.40
C LEU E 249 -11.57 -9.32 41.74
N ALA E 250 -12.46 -10.25 41.46
CA ALA E 250 -13.83 -10.08 41.79
C ALA E 250 -14.31 -10.74 43.03
N ASP E 251 -13.45 -11.47 43.71
CA ASP E 251 -13.80 -12.10 44.98
C ASP E 251 -12.57 -12.40 45.81
N ASP E 252 -12.74 -12.51 47.12
CA ASP E 252 -11.61 -12.77 48.00
C ASP E 252 -11.03 -14.16 47.87
N ILE E 253 -9.72 -14.29 48.00
CA ILE E 253 -9.10 -15.61 47.96
C ILE E 253 -8.53 -15.84 49.34
N TYR E 254 -8.78 -17.01 49.92
CA TYR E 254 -8.34 -17.27 51.25
C TYR E 254 -7.60 -18.53 51.38
N MET E 255 -6.54 -18.57 52.16
CA MET E 255 -5.87 -19.80 52.49
C MET E 255 -6.11 -19.94 53.96
N GLY E 256 -6.89 -20.91 54.35
CA GLY E 256 -7.27 -21.04 55.73
C GLY E 256 -8.07 -19.87 56.17
N PRO E 257 -7.82 -19.38 57.36
CA PRO E 257 -8.50 -18.16 57.78
C PRO E 257 -7.84 -16.85 57.35
N ARG E 258 -6.84 -16.84 56.49
CA ARG E 258 -6.14 -15.65 56.05
C ARG E 258 -6.42 -15.29 54.65
N CYS E 259 -6.52 -14.01 54.38
CA CYS E 259 -6.80 -13.58 53.05
C CYS E 259 -5.61 -13.22 52.24
N ILE E 260 -5.36 -13.95 51.19
CA ILE E 260 -4.31 -13.63 50.28
C ILE E 260 -4.62 -12.36 49.48
N ALA E 261 -5.86 -12.20 49.06
CA ALA E 261 -6.22 -11.06 48.23
C ALA E 261 -7.65 -10.67 48.41
N THR E 262 -7.96 -9.39 48.25
CA THR E 262 -9.29 -8.92 48.48
C THR E 262 -9.87 -8.41 47.22
N ARG E 263 -11.18 -8.33 47.16
CA ARG E 263 -11.82 -7.79 45.99
C ARG E 263 -11.29 -6.42 45.68
N ASN E 264 -11.18 -6.08 44.41
CA ASN E 264 -10.73 -4.80 43.98
C ASN E 264 -9.28 -4.61 44.07
N GLN E 265 -8.52 -5.67 44.10
CA GLN E 265 -7.10 -5.61 44.13
C GLN E 265 -6.52 -6.10 42.84
N ASP E 266 -5.56 -5.40 42.29
CA ASP E 266 -4.87 -5.76 41.08
C ASP E 266 -3.92 -6.93 41.27
N ILE E 267 -3.66 -7.71 40.23
CA ILE E 267 -2.81 -8.86 40.37
C ILE E 267 -1.51 -8.62 39.67
N GLY E 268 -0.40 -8.84 40.35
CA GLY E 268 0.88 -8.72 39.72
C GLY E 268 1.65 -10.01 39.82
N ILE E 269 2.86 -10.07 39.29
CA ILE E 269 3.63 -11.31 39.27
C ILE E 269 3.85 -11.93 40.64
N GLY E 270 4.08 -11.15 41.68
CA GLY E 270 4.19 -11.68 43.01
C GLY E 270 2.95 -12.35 43.53
N LEU E 271 1.78 -11.79 43.32
CA LEU E 271 0.58 -12.47 43.71
C LEU E 271 0.33 -13.70 42.93
N VAL E 272 0.61 -13.69 41.67
CA VAL E 272 0.33 -14.82 40.86
C VAL E 272 1.13 -15.96 41.39
N ASN E 273 2.36 -15.71 41.77
CA ASN E 273 3.21 -16.75 42.29
C ASN E 273 2.73 -17.32 43.57
N ARG E 274 2.18 -16.53 44.45
CA ARG E 274 1.61 -17.06 45.65
C ARG E 274 0.46 -17.95 45.37
N PHE E 275 -0.36 -17.61 44.42
CA PHE E 275 -1.44 -18.46 44.05
C PHE E 275 -0.92 -19.78 43.55
N ILE E 276 0.16 -19.81 42.79
CA ILE E 276 0.76 -21.06 42.34
C ILE E 276 1.34 -21.94 43.46
N THR E 277 2.02 -21.37 44.44
CA THR E 277 2.53 -22.11 45.57
C THR E 277 1.46 -22.68 46.42
N PHE E 278 0.43 -21.92 46.64
CA PHE E 278 -0.61 -22.33 47.52
C PHE E 278 -1.73 -23.03 46.81
N ARG E 279 -1.62 -23.17 45.51
CA ARG E 279 -2.62 -23.89 44.73
C ARG E 279 -4.01 -23.44 44.92
N ALA E 280 -4.26 -22.16 44.73
CA ALA E 280 -5.60 -21.65 44.83
C ALA E 280 -6.22 -21.72 43.46
N GLN E 281 -7.02 -22.74 43.20
CA GLN E 281 -7.56 -22.98 41.88
C GLN E 281 -8.62 -22.12 41.23
N PRO E 282 -9.69 -21.79 41.96
CA PRO E 282 -10.62 -20.94 41.21
C PRO E 282 -10.46 -19.45 41.50
N ILE E 283 -10.01 -18.66 40.54
CA ILE E 283 -9.74 -17.24 40.76
C ILE E 283 -10.75 -16.51 39.93
N SER E 284 -11.51 -15.57 40.49
CA SER E 284 -12.42 -14.81 39.67
C SER E 284 -12.00 -13.43 39.27
N ILE E 285 -11.90 -13.16 37.98
CA ILE E 285 -11.40 -11.88 37.53
C ILE E 285 -12.37 -11.04 36.72
N ARG E 286 -12.40 -9.75 36.99
CA ARG E 286 -13.23 -8.87 36.20
C ARG E 286 -12.59 -8.77 34.85
N THR E 287 -13.36 -8.81 33.80
CA THR E 287 -12.79 -8.83 32.47
C THR E 287 -13.67 -8.03 31.51
N PRO E 288 -13.15 -7.65 30.33
CA PRO E 288 -14.04 -6.94 29.45
C PRO E 288 -15.39 -7.58 29.18
N PHE E 289 -15.53 -8.89 29.22
CA PHE E 289 -16.79 -9.61 29.06
C PHE E 289 -17.73 -9.54 30.25
N THR E 290 -17.28 -8.96 31.36
CA THR E 290 -18.09 -8.89 32.55
C THR E 290 -18.74 -7.53 32.79
N CYS E 291 -18.41 -6.55 31.97
CA CYS E 291 -18.95 -5.21 32.14
C CYS E 291 -20.40 -5.09 31.75
N ARG E 292 -21.08 -4.06 32.23
CA ARG E 292 -22.50 -3.90 31.98
C ARG E 292 -22.92 -3.09 30.76
N SER E 293 -21.99 -2.65 29.94
CA SER E 293 -22.36 -1.94 28.71
C SER E 293 -21.51 -2.29 27.51
N THR E 294 -21.95 -1.90 26.33
CA THR E 294 -21.20 -2.16 25.15
C THR E 294 -20.78 -0.91 24.44
N SER E 295 -21.17 0.24 24.92
CA SER E 295 -20.70 1.45 24.35
C SER E 295 -19.51 2.05 25.07
N TRP E 296 -19.10 1.50 26.21
CA TRP E 296 -18.01 1.99 27.02
C TRP E 296 -17.47 0.95 27.96
N ILE E 297 -16.39 1.19 28.68
CA ILE E 297 -15.94 0.25 29.71
C ILE E 297 -15.62 1.01 30.97
N CYS E 298 -15.36 0.30 32.06
CA CYS E 298 -15.05 0.94 33.31
C CYS E 298 -13.61 0.64 33.65
N ARG E 299 -13.01 1.42 34.52
CA ARG E 299 -11.61 1.23 34.80
C ARG E 299 -11.31 -0.12 35.37
N LEU E 300 -12.11 -0.57 36.33
CA LEU E 300 -11.84 -1.82 36.99
C LEU E 300 -11.93 -3.04 36.11
N CYS E 301 -12.89 -3.07 35.21
CA CYS E 301 -12.97 -4.18 34.29
C CYS E 301 -11.79 -4.28 33.33
N TYR E 302 -11.37 -3.17 32.74
CA TYR E 302 -10.20 -3.19 31.87
C TYR E 302 -8.91 -3.52 32.58
N GLY E 303 -8.69 -2.94 33.74
CA GLY E 303 -7.46 -3.18 34.47
C GLY E 303 -6.26 -2.30 34.21
N ARG E 304 -5.09 -2.76 34.62
CA ARG E 304 -3.87 -1.98 34.47
C ARG E 304 -3.50 -1.70 33.04
N SER E 305 -2.95 -0.52 32.79
CA SER E 305 -2.56 -0.16 31.44
C SER E 305 -1.24 -0.82 30.99
N PRO E 306 -1.10 -1.20 29.69
CA PRO E 306 0.19 -1.75 29.27
C PRO E 306 1.28 -0.72 29.28
N THR E 307 0.94 0.51 28.91
CA THR E 307 1.91 1.58 28.87
C THR E 307 2.48 1.96 30.23
N HIS E 308 1.66 2.56 31.09
CA HIS E 308 2.19 3.07 32.35
C HIS E 308 2.14 2.23 33.63
N GLY E 309 1.71 0.99 33.56
CA GLY E 309 1.72 0.16 34.74
C GLY E 309 0.88 0.58 35.93
N ASP E 310 -0.29 1.15 35.68
CA ASP E 310 -1.18 1.57 36.75
C ASP E 310 -2.59 1.50 36.17
N LEU E 311 -3.62 1.63 36.98
CA LEU E 311 -4.98 1.49 36.48
C LEU E 311 -5.24 2.51 35.40
N VAL E 312 -5.97 2.12 34.36
CA VAL E 312 -6.20 3.01 33.24
C VAL E 312 -6.91 4.25 33.68
N GLU E 313 -6.60 5.37 33.04
CA GLU E 313 -7.20 6.62 33.40
C GLU E 313 -8.48 6.83 32.63
N LEU E 314 -9.37 7.63 33.17
CA LEU E 314 -10.58 7.93 32.47
C LEU E 314 -10.22 8.69 31.23
N GLY E 315 -10.93 8.43 30.14
CA GLY E 315 -10.62 9.08 28.89
C GLY E 315 -9.69 8.42 27.91
N GLU E 316 -9.31 7.18 28.12
CA GLU E 316 -8.38 6.52 27.23
C GLU E 316 -9.06 5.70 26.15
N ALA E 317 -8.51 5.69 24.94
CA ALA E 317 -9.06 4.95 23.85
C ALA E 317 -8.60 3.54 23.79
N VAL E 318 -9.25 2.69 24.51
CA VAL E 318 -8.92 1.32 24.56
C VAL E 318 -9.13 0.64 23.24
N GLY E 319 -10.16 0.97 22.53
CA GLY E 319 -10.42 0.40 21.25
C GLY E 319 -9.48 0.61 20.11
N ILE E 320 -8.97 1.80 19.92
CA ILE E 320 -8.02 2.06 18.91
C ILE E 320 -6.76 1.30 19.22
N ILE E 321 -6.37 1.20 20.46
CA ILE E 321 -5.22 0.43 20.86
C ILE E 321 -5.36 -1.03 20.61
N ALA E 322 -6.51 -1.61 20.84
CA ALA E 322 -6.74 -2.99 20.48
C ALA E 322 -6.67 -3.32 19.02
N GLY E 323 -7.23 -2.50 18.17
CA GLY E 323 -7.14 -2.75 16.78
C GLY E 323 -5.75 -2.71 16.29
N GLN E 324 -5.02 -1.76 16.73
CA GLN E 324 -3.67 -1.62 16.34
C GLN E 324 -2.80 -2.69 16.85
N SER E 325 -2.99 -3.12 18.06
CA SER E 325 -2.24 -4.21 18.60
C SER E 325 -2.43 -5.55 17.95
N ILE E 326 -3.62 -5.94 17.59
CA ILE E 326 -3.81 -7.17 16.85
C ILE E 326 -3.25 -7.07 15.45
N GLY E 327 -3.46 -5.97 14.78
CA GLY E 327 -2.91 -5.75 13.46
C GLY E 327 -1.45 -5.59 13.16
N GLU E 328 -0.72 -4.86 13.98
CA GLU E 328 0.72 -4.67 13.76
C GLU E 328 1.55 -5.90 13.84
N PRO E 329 1.24 -6.84 14.72
CA PRO E 329 1.98 -8.07 14.67
C PRO E 329 1.70 -8.83 13.39
N GLY E 330 0.72 -8.42 12.63
CA GLY E 330 0.36 -9.06 11.38
C GLY E 330 1.38 -9.10 10.27
N THR E 331 2.24 -8.11 10.20
CA THR E 331 3.27 -8.08 9.19
C THR E 331 4.16 -9.28 9.33
N GLN E 332 4.46 -9.67 10.56
CA GLN E 332 5.25 -10.88 10.81
C GLN E 332 4.53 -12.21 10.59
N ALA E 349 11.10 -40.19 14.34
CA ALA E 349 11.65 -39.05 13.69
C ALA E 349 13.00 -38.74 14.25
N GLU E 350 13.56 -39.66 15.02
CA GLU E 350 14.89 -39.43 15.49
C GLU E 350 15.75 -40.56 15.14
N HIS E 351 16.97 -40.27 14.80
CA HIS E 351 17.80 -41.26 14.33
C HIS E 351 18.87 -41.51 15.27
N VAL E 352 18.98 -42.73 15.71
CA VAL E 352 20.00 -43.09 16.61
C VAL E 352 21.18 -43.25 15.75
N ARG E 353 22.28 -42.62 16.06
CA ARG E 353 23.48 -42.72 15.31
C ARG E 353 24.48 -43.46 16.11
N ALA E 354 25.65 -43.70 15.61
CA ALA E 354 26.62 -44.49 16.28
C ALA E 354 27.59 -43.73 17.05
N PRO E 355 27.80 -44.14 18.28
CA PRO E 355 28.75 -43.49 19.15
C PRO E 355 30.17 -43.55 18.71
N SER E 356 30.63 -44.67 18.19
CA SER E 356 32.01 -44.86 17.80
C SER E 356 32.12 -45.96 16.81
N ASN E 357 33.30 -46.16 16.27
CA ASN E 357 33.53 -47.21 15.32
C ASN E 357 33.56 -48.60 15.92
N GLY E 358 32.87 -49.59 15.36
CA GLY E 358 32.92 -50.95 15.85
C GLY E 358 31.85 -51.94 15.53
N LYS E 359 31.98 -53.19 15.99
CA LYS E 359 31.01 -54.23 15.76
C LYS E 359 29.79 -54.13 16.60
N ILE E 360 28.62 -54.35 16.01
CA ILE E 360 27.37 -54.18 16.72
C ILE E 360 26.84 -55.50 17.16
N LYS E 361 26.64 -55.71 18.45
CA LYS E 361 26.16 -56.97 18.93
C LYS E 361 24.80 -56.95 19.58
N PHE E 362 23.88 -57.79 19.13
CA PHE E 362 22.56 -57.93 19.72
C PHE E 362 21.97 -59.31 19.43
N ASN E 363 20.97 -59.75 20.19
CA ASN E 363 20.34 -61.05 19.98
C ASN E 363 19.26 -60.94 19.00
N GLU E 364 19.23 -61.79 18.00
CA GLU E 364 18.23 -61.58 16.98
C GLU E 364 16.90 -62.29 17.17
N ASP E 365 16.80 -63.16 18.16
CA ASP E 365 15.54 -63.82 18.42
C ASP E 365 14.48 -62.87 18.87
N LEU E 366 14.86 -61.90 19.67
CA LEU E 366 13.92 -60.92 20.17
C LEU E 366 13.27 -60.05 19.10
N VAL E 367 14.01 -59.62 18.09
CA VAL E 367 13.49 -58.78 17.03
C VAL E 367 12.77 -59.54 15.92
N HIS E 368 11.88 -58.87 15.21
CA HIS E 368 11.09 -59.51 14.17
C HIS E 368 11.34 -58.90 12.79
N PRO E 369 11.45 -59.70 11.73
CA PRO E 369 11.73 -59.25 10.36
C PRO E 369 10.77 -58.32 9.57
N THR E 370 11.24 -57.37 8.76
CA THR E 370 10.41 -56.39 8.00
C THR E 370 11.05 -55.75 6.77
N ARG E 371 10.29 -55.05 5.93
CA ARG E 371 10.83 -54.26 4.82
C ARG E 371 10.48 -52.81 4.99
N THR E 372 11.46 -51.94 4.93
CA THR E 372 11.27 -50.52 5.15
C THR E 372 10.63 -49.73 4.05
N ARG E 373 10.23 -48.51 4.33
CA ARG E 373 9.58 -47.65 3.36
C ARG E 373 10.40 -47.23 2.20
N HIS E 374 11.69 -47.38 2.28
CA HIS E 374 12.60 -47.04 1.26
C HIS E 374 13.12 -48.27 0.61
N GLY E 375 12.57 -49.42 0.92
CA GLY E 375 12.96 -50.64 0.30
C GLY E 375 13.99 -51.56 0.82
N HIS E 376 14.46 -51.36 2.02
CA HIS E 376 15.54 -52.11 2.52
C HIS E 376 15.16 -53.14 3.50
N PRO E 377 15.97 -54.15 3.66
CA PRO E 377 15.70 -55.12 4.68
C PRO E 377 15.95 -54.55 6.08
N ALA E 378 15.17 -54.88 7.10
CA ALA E 378 15.31 -54.36 8.45
C ALA E 378 14.62 -55.17 9.50
N PHE E 379 14.81 -54.88 10.77
CA PHE E 379 14.21 -55.61 11.89
C PHE E 379 13.37 -54.68 12.74
N LEU E 380 12.21 -55.09 13.19
CA LEU E 380 11.30 -54.25 13.99
C LEU E 380 11.26 -54.66 15.43
N CYS E 381 11.36 -53.69 16.34
CA CYS E 381 11.41 -54.01 17.75
C CYS E 381 10.16 -53.65 18.49
N SER E 382 9.58 -54.61 19.21
CA SER E 382 8.41 -54.37 20.02
C SER E 382 8.70 -54.66 21.48
N ILE E 383 9.96 -54.85 21.84
CA ILE E 383 10.35 -55.02 23.22
C ILE E 383 11.58 -54.18 23.35
N ASP E 384 11.95 -53.77 24.54
CA ASP E 384 13.17 -53.00 24.73
C ASP E 384 14.40 -53.82 24.46
N LEU E 385 15.45 -53.21 23.94
CA LEU E 385 16.61 -53.97 23.58
C LEU E 385 17.85 -53.23 23.97
N TYR E 386 18.96 -53.93 24.14
CA TYR E 386 20.22 -53.30 24.42
C TYR E 386 21.15 -53.66 23.31
N VAL E 387 21.74 -52.67 22.66
CA VAL E 387 22.66 -52.93 21.61
C VAL E 387 24.00 -52.40 22.02
N THR E 388 25.03 -53.17 21.81
CA THR E 388 26.33 -52.76 22.19
C THR E 388 27.24 -52.61 21.01
N ILE E 389 28.08 -51.60 21.00
CA ILE E 389 29.06 -51.45 19.98
C ILE E 389 30.39 -51.65 20.64
N GLU E 390 31.19 -52.57 20.12
CA GLU E 390 32.48 -52.89 20.73
C GLU E 390 33.64 -52.15 20.10
N SER E 391 33.84 -50.90 20.47
CA SER E 391 35.02 -50.18 19.98
C SER E 391 36.19 -50.76 20.74
N GLU E 392 37.39 -50.66 20.19
CA GLU E 392 38.52 -51.31 20.84
C GLU E 392 38.73 -50.73 22.23
N ASP E 393 38.68 -49.41 22.37
CA ASP E 393 38.83 -48.79 23.68
C ASP E 393 37.68 -49.05 24.66
N ILE E 394 36.43 -48.96 24.22
CA ILE E 394 35.29 -49.07 25.14
C ILE E 394 34.02 -49.69 24.58
N LEU E 395 33.11 -50.09 25.46
CA LEU E 395 31.83 -50.65 25.00
C LEU E 395 30.73 -49.60 25.17
N HIS E 396 29.95 -49.39 24.13
CA HIS E 396 28.92 -48.38 24.17
C HIS E 396 27.54 -49.01 24.21
N ASN E 397 26.71 -48.59 25.14
CA ASN E 397 25.40 -49.20 25.28
C ASN E 397 24.32 -48.24 24.83
N VAL E 398 23.48 -48.68 23.91
CA VAL E 398 22.38 -47.84 23.43
C VAL E 398 21.09 -48.64 23.55
N ASN E 399 19.97 -47.95 23.73
CA ASN E 399 18.70 -48.65 23.90
C ASN E 399 17.61 -48.20 22.95
N ILE E 400 16.74 -49.11 22.55
CA ILE E 400 15.63 -48.76 21.66
C ILE E 400 14.27 -49.28 22.15
N PRO E 401 13.74 -48.71 23.24
CA PRO E 401 12.45 -49.17 23.78
C PRO E 401 11.16 -49.01 22.93
N PRO E 402 10.98 -47.87 22.22
CA PRO E 402 9.73 -47.77 21.46
C PRO E 402 9.76 -48.63 20.21
N LYS E 403 8.64 -48.79 19.52
CA LYS E 403 8.68 -49.55 18.29
C LYS E 403 9.74 -48.87 17.46
N SER E 404 10.72 -49.62 16.99
CA SER E 404 11.82 -49.01 16.27
C SER E 404 12.29 -49.92 15.17
N LEU E 405 12.93 -49.34 14.16
CA LEU E 405 13.46 -50.14 13.09
C LEU E 405 14.95 -50.22 13.25
N LEU E 406 15.48 -51.42 13.37
CA LEU E 406 16.92 -51.60 13.52
C LEU E 406 17.41 -51.95 12.14
N LEU E 407 18.38 -51.20 11.64
CA LEU E 407 18.82 -51.41 10.27
C LEU E 407 20.15 -52.14 10.12
N VAL E 408 20.62 -52.78 11.19
CA VAL E 408 21.91 -53.42 11.13
C VAL E 408 21.80 -54.89 11.51
N GLN E 409 22.83 -55.69 11.33
CA GLN E 409 22.82 -57.11 11.60
C GLN E 409 23.96 -57.42 12.51
N ASN E 410 23.90 -58.48 13.30
CA ASN E 410 24.94 -58.75 14.27
C ASN E 410 26.26 -58.99 13.60
N ASP E 411 27.33 -58.43 14.14
CA ASP E 411 28.67 -58.52 13.59
C ASP E 411 29.02 -57.54 12.44
N GLN E 412 28.21 -56.52 12.21
CA GLN E 412 28.51 -55.53 11.21
C GLN E 412 29.34 -54.43 11.79
N TYR E 413 30.40 -54.02 11.12
CA TYR E 413 31.17 -52.90 11.58
C TYR E 413 30.50 -51.63 11.18
N VAL E 414 30.25 -50.76 12.13
CA VAL E 414 29.62 -49.50 11.84
C VAL E 414 30.46 -48.35 12.23
N GLU E 415 30.61 -47.40 11.35
CA GLU E 415 31.41 -46.24 11.61
C GLU E 415 30.70 -45.15 12.34
N SER E 416 31.41 -44.18 12.85
CA SER E 416 30.81 -43.15 13.65
C SER E 416 29.89 -42.28 12.89
N GLU E 417 28.88 -41.79 13.54
CA GLU E 417 27.86 -40.99 12.92
C GLU E 417 27.11 -41.59 11.78
N GLN E 418 26.82 -42.87 11.83
CA GLN E 418 26.04 -43.55 10.84
C GLN E 418 24.76 -43.95 11.47
N VAL E 419 23.65 -43.74 10.81
CA VAL E 419 22.35 -44.12 11.33
C VAL E 419 22.15 -45.60 11.47
N ILE E 420 22.12 -46.10 12.70
CA ILE E 420 21.96 -47.48 12.98
C ILE E 420 20.50 -47.90 13.20
N ALA E 421 19.63 -47.03 13.68
CA ALA E 421 18.24 -47.34 13.97
C ALA E 421 17.34 -46.14 13.95
N GLU E 422 16.04 -46.34 13.87
CA GLU E 422 15.09 -45.24 13.82
C GLU E 422 13.97 -45.37 14.83
N ILE E 423 13.87 -44.39 15.72
CA ILE E 423 12.88 -44.45 16.81
C ILE E 423 11.41 -44.40 16.41
N ARG E 424 11.03 -43.46 15.56
CA ARG E 424 9.64 -43.39 15.09
C ARG E 424 8.68 -43.29 16.27
N ALA E 425 9.03 -42.49 17.27
CA ALA E 425 8.21 -42.41 18.48
C ALA E 425 6.79 -41.91 18.25
N GLY E 426 6.63 -40.89 17.41
CA GLY E 426 5.32 -40.32 17.19
C GLY E 426 4.34 -41.26 16.54
N ILE E 427 3.13 -41.35 17.10
CA ILE E 427 2.08 -42.18 16.50
C ILE E 427 0.78 -41.40 16.44
N SER E 428 0.72 -40.41 15.56
CA SER E 428 -0.47 -39.57 15.50
C SER E 428 -1.21 -39.66 14.18
N THR E 429 -2.53 -39.86 14.24
CA THR E 429 -3.33 -39.90 13.02
C THR E 429 -3.30 -38.53 12.35
N LEU E 430 -3.23 -38.51 11.03
CA LEU E 430 -3.12 -37.24 10.33
C LEU E 430 -4.36 -36.88 9.52
N ASN E 431 -4.88 -35.68 9.75
CA ASN E 431 -6.03 -35.21 8.97
C ASN E 431 -5.50 -34.51 7.74
N PHE E 432 -4.18 -34.41 7.64
CA PHE E 432 -3.55 -33.76 6.49
C PHE E 432 -3.22 -34.78 5.43
N LYS E 433 -3.65 -36.02 5.63
CA LYS E 433 -3.31 -37.08 4.68
C LYS E 433 -3.83 -36.75 3.29
N GLU E 434 -3.00 -36.96 2.28
CA GLU E 434 -3.39 -36.66 0.91
C GLU E 434 -2.85 -37.74 0.01
N LYS E 435 -3.69 -38.27 -0.88
CA LYS E 435 -3.26 -39.34 -1.71
C LYS E 435 -2.80 -38.73 -3.01
N VAL E 436 -1.62 -39.11 -3.48
CA VAL E 436 -1.07 -38.48 -4.65
C VAL E 436 -0.67 -39.49 -5.70
N ARG E 437 -0.67 -39.10 -6.97
CA ARG E 437 -0.38 -40.03 -8.03
C ARG E 437 0.90 -39.76 -8.77
N LYS E 438 1.76 -40.75 -8.87
CA LYS E 438 2.98 -40.60 -9.62
C LYS E 438 2.90 -41.45 -10.85
N HIS E 439 3.54 -41.03 -11.92
CA HIS E 439 3.46 -41.72 -13.15
C HIS E 439 4.82 -42.17 -13.52
N ILE E 440 4.99 -43.41 -13.91
CA ILE E 440 6.25 -43.86 -14.37
C ILE E 440 6.21 -43.76 -15.85
N TYR E 441 7.32 -43.50 -16.48
CA TYR E 441 7.38 -43.30 -17.90
C TYR E 441 8.41 -44.23 -18.44
N SER E 442 8.37 -44.50 -19.72
CA SER E 442 9.23 -45.46 -20.32
C SER E 442 10.42 -44.94 -21.01
N ASP E 443 11.54 -45.57 -20.79
CA ASP E 443 12.76 -45.08 -21.35
C ASP E 443 13.17 -45.65 -22.65
N SER E 444 12.44 -46.62 -23.16
CA SER E 444 12.73 -47.11 -24.48
C SER E 444 11.49 -47.54 -25.14
N ASP E 445 11.49 -47.61 -26.44
CA ASP E 445 10.36 -48.08 -27.19
C ASP E 445 10.26 -49.60 -27.30
N GLY E 446 9.07 -50.15 -27.24
CA GLY E 446 8.92 -51.58 -27.29
C GLY E 446 7.57 -52.13 -26.94
N GLU E 447 7.50 -53.42 -26.58
CA GLU E 447 6.23 -54.06 -26.29
C GLU E 447 6.02 -54.21 -24.80
N MET E 448 4.97 -54.89 -24.39
CA MET E 448 4.73 -55.12 -22.98
C MET E 448 4.54 -56.59 -22.70
N HIS E 449 5.07 -57.11 -21.61
CA HIS E 449 4.81 -58.49 -21.25
C HIS E 449 4.56 -58.70 -19.79
N TRP E 450 3.50 -59.41 -19.44
CA TRP E 450 3.31 -59.77 -18.06
C TRP E 450 3.10 -61.26 -18.04
N SER E 451 3.96 -62.00 -17.35
CA SER E 451 3.72 -63.43 -17.23
C SER E 451 2.55 -63.75 -16.34
N THR E 452 2.42 -63.06 -15.22
CA THR E 452 1.37 -63.36 -14.25
C THR E 452 1.01 -62.20 -13.38
N ASP E 453 -0.05 -62.34 -12.59
CA ASP E 453 -0.46 -61.31 -11.63
C ASP E 453 -1.02 -60.01 -12.11
N VAL E 454 -1.57 -59.97 -13.30
CA VAL E 454 -2.24 -58.77 -13.76
C VAL E 454 -3.58 -59.33 -14.19
N TYR E 455 -4.66 -58.64 -13.89
CA TYR E 455 -5.96 -59.12 -14.30
C TYR E 455 -6.06 -59.09 -15.79
N HIS E 456 -6.51 -60.20 -16.36
CA HIS E 456 -6.68 -60.26 -17.80
C HIS E 456 -7.77 -59.34 -18.29
N ALA E 457 -8.83 -59.18 -17.53
CA ALA E 457 -9.95 -58.34 -17.95
C ALA E 457 -9.78 -56.81 -17.84
N PRO E 458 -9.99 -56.05 -18.95
CA PRO E 458 -9.91 -54.62 -18.82
C PRO E 458 -10.79 -54.10 -17.74
N GLU E 459 -10.38 -53.11 -16.99
CA GLU E 459 -11.13 -52.65 -15.82
C GLU E 459 -12.49 -52.12 -16.06
N PHE E 460 -12.66 -51.40 -17.14
CA PHE E 460 -13.92 -50.77 -17.44
C PHE E 460 -14.14 -51.18 -18.85
N THR E 461 -15.32 -50.95 -19.38
CA THR E 461 -15.62 -51.46 -20.71
C THR E 461 -14.80 -51.02 -21.89
N TYR E 462 -14.45 -49.76 -21.97
CA TYR E 462 -13.76 -49.26 -23.15
C TYR E 462 -12.47 -48.48 -22.86
N GLY E 463 -11.39 -49.17 -22.48
CA GLY E 463 -10.13 -48.52 -22.16
C GLY E 463 -8.98 -49.49 -22.07
N ASN E 464 -7.80 -49.01 -21.73
CA ASN E 464 -6.64 -49.83 -21.65
C ASN E 464 -6.10 -50.05 -20.24
N VAL E 465 -6.88 -49.80 -19.21
CA VAL E 465 -6.38 -49.92 -17.86
C VAL E 465 -6.62 -51.29 -17.29
N HIS E 466 -5.56 -51.95 -16.82
CA HIS E 466 -5.70 -53.25 -16.22
C HIS E 466 -5.18 -53.11 -14.81
N LEU E 467 -5.83 -53.72 -13.84
CA LEU E 467 -5.41 -53.60 -12.46
C LEU E 467 -4.60 -54.79 -12.01
N LEU E 468 -4.02 -54.73 -10.81
CA LEU E 468 -3.17 -55.80 -10.35
C LEU E 468 -3.54 -56.38 -9.00
N PRO E 469 -3.81 -57.67 -8.91
CA PRO E 469 -4.08 -58.36 -7.65
C PRO E 469 -2.96 -58.55 -6.63
N LYS E 470 -1.75 -58.85 -7.05
CA LYS E 470 -0.62 -59.11 -6.18
C LYS E 470 0.57 -58.48 -6.89
N THR E 471 1.74 -58.43 -6.31
CA THR E 471 2.86 -57.74 -6.90
C THR E 471 3.49 -58.36 -8.12
N SER E 472 3.72 -57.58 -9.17
CA SER E 472 4.26 -58.07 -10.39
C SER E 472 5.24 -57.21 -11.07
N HIS E 473 5.95 -57.80 -12.04
CA HIS E 473 6.93 -57.08 -12.81
C HIS E 473 6.39 -57.01 -14.20
N LEU E 474 6.51 -55.86 -14.84
CA LEU E 474 6.08 -55.71 -16.20
C LEU E 474 7.31 -55.52 -17.02
N TRP E 475 7.46 -56.26 -18.10
CA TRP E 475 8.67 -56.17 -18.88
C TRP E 475 8.45 -55.48 -20.19
N ILE E 476 9.36 -54.60 -20.59
CA ILE E 476 9.25 -53.92 -21.83
C ILE E 476 10.31 -54.50 -22.66
N LEU E 477 9.94 -55.15 -23.75
CA LEU E 477 10.87 -55.80 -24.60
C LEU E 477 11.27 -54.85 -25.68
N LEU E 478 12.53 -54.79 -26.04
CA LEU E 478 13.00 -53.77 -26.94
C LEU E 478 13.00 -54.00 -28.42
N GLY E 479 12.44 -53.06 -29.17
CA GLY E 479 12.40 -53.11 -30.60
C GLY E 479 12.06 -51.73 -31.09
N ARG E 480 12.18 -51.44 -32.37
CA ARG E 480 11.89 -50.11 -32.93
C ARG E 480 10.54 -50.02 -33.53
N PRO E 481 9.72 -49.11 -33.08
CA PRO E 481 8.38 -49.13 -33.63
C PRO E 481 8.22 -48.30 -34.89
N CYS E 482 7.84 -48.91 -36.00
CA CYS E 482 7.68 -48.21 -37.27
C CYS E 482 6.24 -48.25 -37.64
N ARG E 483 5.80 -47.33 -38.46
CA ARG E 483 4.41 -47.25 -38.85
C ARG E 483 4.14 -47.62 -40.28
N SER E 484 3.09 -48.40 -40.55
CA SER E 484 2.87 -48.91 -41.91
C SER E 484 1.59 -48.63 -42.68
N SER E 485 1.72 -48.36 -43.97
CA SER E 485 0.56 -48.14 -44.85
C SER E 485 -0.02 -49.47 -45.28
N LEU E 486 -1.23 -49.47 -45.79
CA LEU E 486 -1.85 -50.70 -46.26
C LEU E 486 -1.01 -51.14 -47.40
N VAL E 487 -0.48 -50.17 -48.12
CA VAL E 487 0.37 -50.48 -49.23
C VAL E 487 1.56 -51.28 -48.79
N TYR E 488 2.19 -50.86 -47.71
CA TYR E 488 3.34 -51.56 -47.20
C TYR E 488 3.02 -52.92 -46.70
N LEU E 489 1.90 -53.08 -46.05
CA LEU E 489 1.60 -54.35 -45.43
C LEU E 489 1.57 -55.47 -46.40
N SER E 490 1.18 -55.24 -47.62
CA SER E 490 1.29 -56.30 -48.59
C SER E 490 2.69 -56.77 -48.86
N ILE E 491 3.69 -55.92 -48.96
CA ILE E 491 5.02 -56.47 -49.18
C ILE E 491 5.97 -56.50 -48.02
N HIS E 492 5.52 -56.13 -46.84
CA HIS E 492 6.36 -56.26 -45.68
C HIS E 492 5.59 -57.26 -44.90
N LYS E 493 6.14 -58.46 -44.78
CA LYS E 493 5.48 -59.52 -44.07
C LYS E 493 6.35 -59.96 -42.91
N ASP E 494 5.90 -60.91 -42.11
CA ASP E 494 6.65 -61.30 -40.93
C ASP E 494 7.94 -62.01 -41.22
N GLN E 495 8.97 -61.75 -40.43
CA GLN E 495 10.25 -62.42 -40.56
C GLN E 495 11.04 -62.13 -41.80
N ASP E 496 10.69 -61.10 -42.53
CA ASP E 496 11.46 -60.69 -43.65
C ASP E 496 12.66 -59.91 -43.18
N GLN E 497 13.72 -59.81 -43.96
CA GLN E 497 14.83 -59.04 -43.58
C GLN E 497 15.06 -57.90 -44.44
N MET E 498 15.16 -56.72 -43.86
CA MET E 498 15.45 -55.56 -44.61
C MET E 498 16.93 -55.44 -44.66
N ASN E 499 17.50 -55.52 -45.85
CA ASN E 499 18.93 -55.48 -46.10
C ASN E 499 19.58 -56.79 -45.77
N SER E 557 10.56 -13.48 -90.09
CA SER E 557 9.52 -12.53 -89.73
C SER E 557 8.17 -12.96 -90.29
N PRO E 558 7.28 -12.00 -90.54
CA PRO E 558 5.95 -12.33 -91.05
C PRO E 558 5.98 -12.68 -92.53
N ILE E 559 4.81 -13.05 -93.04
CA ILE E 559 4.63 -13.41 -94.44
C ILE E 559 3.41 -12.70 -94.98
N LEU E 560 3.28 -12.71 -96.31
CA LEU E 560 2.11 -12.11 -96.95
C LEU E 560 0.86 -12.94 -96.66
N HIS E 561 0.98 -14.26 -96.69
CA HIS E 561 -0.14 -15.17 -96.42
C HIS E 561 -0.09 -15.54 -94.94
N GLU E 562 -0.78 -14.76 -94.11
CA GLU E 562 -0.81 -14.98 -92.67
C GLU E 562 -2.08 -15.75 -92.32
N ASN E 563 -1.96 -17.07 -92.16
CA ASN E 563 -3.06 -17.94 -91.74
C ASN E 563 -2.59 -18.69 -90.50
N SER E 564 -2.83 -18.10 -89.33
CA SER E 564 -2.37 -18.68 -88.07
C SER E 564 -3.10 -19.98 -87.72
N ASP E 565 -4.25 -20.25 -88.35
CA ASP E 565 -4.94 -21.50 -88.10
C ASP E 565 -4.11 -22.69 -88.56
N LEU E 566 -3.43 -22.55 -89.69
CA LEU E 566 -2.59 -23.62 -90.23
C LEU E 566 -1.31 -23.78 -89.42
N LEU E 567 -1.07 -22.89 -88.47
CA LEU E 567 0.14 -22.93 -87.64
C LEU E 567 -0.19 -23.16 -86.16
N SER E 568 -1.44 -23.50 -85.85
CA SER E 568 -1.86 -23.76 -84.47
C SER E 568 -2.61 -25.08 -84.42
N LYS E 569 -2.29 -25.89 -83.41
CA LYS E 569 -2.90 -27.19 -83.22
C LYS E 569 -3.47 -27.29 -81.81
N ARG E 570 -4.61 -27.95 -81.67
CA ARG E 570 -5.28 -28.14 -80.39
C ARG E 570 -5.24 -29.61 -80.01
N ARG E 571 -4.80 -29.89 -78.78
CA ARG E 571 -4.75 -31.24 -78.25
C ARG E 571 -5.55 -31.32 -76.96
N ARG E 572 -5.67 -32.53 -76.44
CA ARG E 572 -6.41 -32.75 -75.20
C ARG E 572 -5.78 -31.99 -74.04
N ASN E 573 -6.56 -31.10 -73.44
CA ASN E 573 -6.12 -30.29 -72.30
C ASN E 573 -4.86 -29.50 -72.64
N LYS E 574 -4.76 -29.04 -73.89
CA LYS E 574 -3.61 -28.27 -74.33
C LYS E 574 -3.94 -27.46 -75.58
N PHE E 575 -3.91 -26.13 -75.47
CA PHE E 575 -4.20 -25.24 -76.59
C PHE E 575 -2.95 -24.43 -76.89
N ILE E 576 -2.42 -24.58 -78.10
CA ILE E 576 -1.22 -23.88 -78.54
C ILE E 576 -1.63 -22.86 -79.58
N ILE E 577 -1.47 -21.57 -79.27
CA ILE E 577 -1.83 -20.49 -80.18
C ILE E 577 -0.57 -19.71 -80.55
N PRO E 578 -0.35 -19.43 -81.84
CA PRO E 578 0.86 -18.69 -82.22
C PRO E 578 0.68 -17.19 -82.07
N LEU E 579 1.51 -16.58 -81.21
CA LEU E 579 1.42 -15.14 -80.99
C LEU E 579 1.92 -14.39 -82.22
N HIS E 580 1.15 -13.39 -82.65
CA HIS E 580 1.52 -12.58 -83.80
C HIS E 580 1.14 -11.12 -83.60
N ILE E 595 -7.89 -10.60 -83.40
CA ILE E 595 -8.21 -10.39 -81.99
C ILE E 595 -6.94 -10.49 -81.14
N SER E 596 -7.02 -10.01 -79.90
CA SER E 596 -5.90 -10.03 -78.98
C SER E 596 -6.34 -10.66 -77.67
N ILE E 597 -5.35 -11.19 -76.93
CA ILE E 597 -5.60 -11.86 -75.66
C ILE E 597 -4.58 -11.38 -74.64
N GLU E 598 -4.97 -11.39 -73.38
CA GLU E 598 -4.11 -10.96 -72.28
C GLU E 598 -4.10 -12.04 -71.21
N ILE E 599 -2.97 -12.14 -70.50
CA ILE E 599 -2.79 -13.14 -69.45
C ILE E 599 -2.57 -12.46 -68.12
N PRO E 600 -3.13 -13.01 -67.04
CA PRO E 600 -2.83 -12.37 -65.76
C PRO E 600 -1.36 -12.46 -65.43
N VAL E 601 -0.89 -11.72 -64.43
CA VAL E 601 0.53 -11.71 -64.11
C VAL E 601 1.01 -13.11 -63.73
N ASN E 602 0.20 -13.82 -62.96
CA ASN E 602 0.54 -15.18 -62.61
C ASN E 602 0.57 -16.04 -63.86
N GLY E 603 -0.28 -15.73 -64.82
CA GLY E 603 -0.39 -16.57 -66.01
C GLY E 603 -1.52 -17.49 -65.66
N ILE E 604 -2.09 -17.28 -64.49
CA ILE E 604 -3.19 -18.10 -64.04
C ILE E 604 -4.44 -17.80 -64.80
N PHE E 605 -5.25 -18.82 -65.02
CA PHE E 605 -6.52 -18.61 -65.65
C PHE E 605 -7.48 -19.31 -64.74
N ARG E 606 -8.72 -18.90 -64.73
CA ARG E 606 -9.66 -19.45 -63.80
C ARG E 606 -10.92 -19.85 -64.52
N ARG E 607 -11.87 -20.39 -63.78
CA ARG E 607 -13.15 -20.74 -64.39
C ARG E 607 -13.81 -19.49 -64.88
N ASN E 608 -14.48 -19.59 -66.02
CA ASN E 608 -15.18 -18.46 -66.58
C ASN E 608 -14.24 -17.27 -66.76
N SER E 609 -13.03 -17.51 -67.25
CA SER E 609 -12.07 -16.42 -67.36
C SER E 609 -11.85 -15.95 -68.77
N ILE E 610 -12.07 -14.66 -69.00
CA ILE E 610 -11.86 -14.10 -70.31
C ILE E 610 -10.38 -14.08 -70.60
N LEU E 611 -10.02 -14.42 -71.83
CA LEU E 611 -8.62 -14.37 -72.22
C LEU E 611 -8.59 -13.51 -73.45
N ALA E 612 -9.47 -13.79 -74.41
CA ALA E 612 -9.41 -13.07 -75.67
C ALA E 612 -10.54 -12.07 -75.78
N TYR E 613 -10.25 -10.94 -76.43
CA TYR E 613 -11.24 -9.91 -76.72
C TYR E 613 -11.33 -9.75 -78.24
N PHE E 614 -12.55 -9.76 -78.76
CA PHE E 614 -12.77 -9.77 -80.20
C PHE E 614 -13.74 -8.65 -80.58
N ASP E 615 -13.49 -7.46 -80.07
CA ASP E 615 -14.29 -6.29 -80.46
C ASP E 615 -14.13 -6.04 -81.95
N ASP E 616 -15.25 -6.04 -82.66
CA ASP E 616 -15.24 -5.94 -84.12
C ASP E 616 -15.62 -4.55 -84.57
N PRO E 617 -14.82 -3.92 -85.43
CA PRO E 617 -15.20 -2.60 -85.96
C PRO E 617 -16.39 -2.64 -86.90
N ARG E 618 -16.75 -3.82 -87.42
CA ARG E 618 -17.90 -3.91 -88.33
C ARG E 618 -19.18 -3.46 -87.64
N TYR E 619 -19.33 -3.78 -86.36
CA TYR E 619 -20.48 -3.37 -85.58
C TYR E 619 -20.33 -1.98 -84.97
N ARG E 620 -19.16 -1.36 -85.12
CA ARG E 620 -18.93 -0.04 -84.56
C ARG E 620 -19.66 1.03 -85.37
N ARG E 621 -20.01 2.12 -84.70
CA ARG E 621 -20.76 3.21 -85.32
C ARG E 621 -20.14 4.54 -84.91
N LYS E 622 -20.01 5.45 -85.88
CA LYS E 622 -19.45 6.77 -85.59
C LYS E 622 -20.48 7.68 -84.93
N SER E 623 -21.74 7.57 -85.35
CA SER E 623 -22.78 8.46 -84.83
C SER E 623 -22.92 8.33 -83.32
N SER E 624 -23.21 9.46 -82.67
CA SER E 624 -23.34 9.48 -81.22
C SER E 624 -24.55 8.67 -80.73
N GLY E 625 -25.59 8.56 -81.55
CA GLY E 625 -26.74 7.75 -81.16
C GLY E 625 -26.37 6.28 -81.12
N ILE E 626 -26.79 5.61 -80.04
CA ILE E 626 -26.43 4.22 -79.79
C ILE E 626 -27.69 3.37 -79.84
N ILE E 627 -27.49 2.10 -80.19
CA ILE E 627 -28.61 1.16 -80.25
C ILE E 627 -29.08 0.82 -78.84
N LYS E 628 -30.38 0.75 -78.66
CA LYS E 628 -30.96 0.44 -77.36
C LYS E 628 -32.27 -0.33 -77.49
N ASP E 661 -33.40 -9.64 -80.12
CA ASP E 661 -33.14 -10.14 -81.46
C ASP E 661 -32.51 -9.06 -82.34
N ARG E 662 -32.98 -7.83 -82.18
CA ARG E 662 -32.48 -6.70 -82.97
C ARG E 662 -32.56 -5.44 -82.13
N PHE E 663 -31.66 -4.52 -82.40
CA PHE E 663 -31.60 -3.23 -81.70
C PHE E 663 -31.78 -2.09 -82.68
N PHE E 664 -32.31 -0.98 -82.18
CA PHE E 664 -32.59 0.20 -82.99
C PHE E 664 -31.70 1.34 -82.51
N PHE E 665 -30.96 1.95 -83.44
CA PHE E 665 -30.05 3.04 -83.15
C PHE E 665 -30.53 4.30 -83.85
N ILE E 666 -30.85 5.32 -83.08
CA ILE E 666 -31.33 6.60 -83.60
C ILE E 666 -30.18 7.61 -83.49
N PRO E 667 -29.55 7.99 -84.60
CA PRO E 667 -28.43 8.95 -84.52
C PRO E 667 -28.95 10.34 -84.19
N GLU E 668 -28.26 11.02 -83.27
CA GLU E 668 -28.63 12.36 -82.85
C GLU E 668 -27.36 13.20 -82.73
N GLU E 669 -27.42 14.42 -83.27
CA GLU E 669 -26.28 15.33 -83.23
C GLU E 669 -26.24 16.03 -81.87
N VAL E 670 -25.24 15.69 -81.05
CA VAL E 670 -25.08 16.28 -79.73
C VAL E 670 -23.76 17.04 -79.70
N HIS E 671 -23.81 18.28 -79.24
CA HIS E 671 -22.64 19.15 -79.16
C HIS E 671 -22.46 19.60 -77.72
N ILE E 672 -21.31 19.29 -77.13
CA ILE E 672 -20.99 19.65 -75.76
C ILE E 672 -20.12 20.89 -75.80
N LEU E 673 -20.71 22.04 -75.45
CA LEU E 673 -20.00 23.30 -75.45
C LEU E 673 -19.84 23.83 -74.03
N PRO E 674 -18.86 24.70 -73.80
CA PRO E 674 -18.66 25.25 -72.45
C PRO E 674 -19.78 26.19 -72.05
N GLY E 675 -19.83 26.48 -70.75
CA GLY E 675 -20.85 27.38 -70.23
C GLY E 675 -20.71 28.79 -70.74
N SER E 676 -19.48 29.25 -70.98
CA SER E 676 -19.22 30.59 -71.47
C SER E 676 -19.23 30.68 -72.98
N SER E 677 -19.75 29.67 -73.67
CA SER E 677 -19.81 29.68 -75.13
C SER E 677 -21.10 30.32 -75.59
N SER E 678 -20.98 31.23 -76.57
CA SER E 678 -22.15 31.92 -77.11
C SER E 678 -22.85 31.02 -78.13
N ILE E 679 -24.12 30.72 -77.88
CA ILE E 679 -24.90 29.88 -78.77
C ILE E 679 -25.69 30.76 -79.73
N MET E 680 -25.61 30.45 -81.02
CA MET E 680 -26.31 31.20 -82.05
C MET E 680 -27.66 30.59 -82.41
N VAL E 681 -28.12 29.60 -81.64
CA VAL E 681 -29.40 28.95 -81.89
C VAL E 681 -30.25 29.02 -80.64
N ARG E 682 -31.57 29.07 -80.83
CA ARG E 682 -32.52 29.15 -79.75
C ARG E 682 -33.03 27.76 -79.37
N ASN E 683 -33.49 27.64 -78.13
CA ASN E 683 -34.00 26.37 -77.64
C ASN E 683 -35.32 26.03 -78.32
N ASN E 684 -35.52 24.74 -78.60
CA ASN E 684 -36.73 24.22 -79.23
C ASN E 684 -36.98 24.82 -80.62
N SER E 685 -35.93 25.32 -81.26
CA SER E 685 -36.04 25.92 -82.59
C SER E 685 -35.64 24.90 -83.65
N ILE E 686 -36.28 25.00 -84.81
CA ILE E 686 -36.00 24.12 -85.93
C ILE E 686 -34.92 24.76 -86.81
N VAL E 687 -33.76 24.11 -86.87
CA VAL E 687 -32.64 24.59 -87.67
C VAL E 687 -32.40 23.62 -88.81
N GLY E 688 -32.08 24.17 -89.99
CA GLY E 688 -31.84 23.38 -91.17
C GLY E 688 -30.41 22.89 -91.26
N VAL E 689 -30.05 22.39 -92.44
CA VAL E 689 -28.70 21.91 -92.68
C VAL E 689 -27.73 23.09 -92.73
N ASP E 690 -26.49 22.85 -92.30
CA ASP E 690 -25.43 23.85 -92.30
C ASP E 690 -25.78 25.06 -91.46
N THR E 691 -26.59 24.87 -90.43
CA THR E 691 -26.99 25.96 -89.55
C THR E 691 -25.86 26.29 -88.59
N GLN E 692 -25.49 27.56 -88.53
CA GLN E 692 -24.42 28.01 -87.65
C GLN E 692 -24.90 28.02 -86.20
N ILE E 693 -24.49 27.02 -85.43
CA ILE E 693 -24.87 26.95 -84.02
C ILE E 693 -23.91 27.76 -83.16
N THR E 694 -22.62 27.76 -83.50
CA THR E 694 -21.64 28.54 -82.75
C THR E 694 -20.81 29.40 -83.71
N LEU E 695 -19.75 30.02 -83.19
CA LEU E 695 -18.91 30.86 -84.03
C LEU E 695 -18.15 30.03 -85.05
N ASN E 696 -17.74 28.82 -84.67
CA ASN E 696 -16.98 27.94 -85.56
C ASN E 696 -17.58 26.54 -85.64
N LEU E 697 -18.84 26.38 -85.23
CA LEU E 697 -19.51 25.09 -85.25
C LEU E 697 -20.79 25.22 -86.07
N ARG E 698 -20.94 24.35 -87.06
CA ARG E 698 -22.10 24.33 -87.93
C ARG E 698 -22.86 23.02 -87.75
N SER E 699 -24.19 23.10 -87.86
CA SER E 699 -25.02 21.91 -87.71
C SER E 699 -24.86 20.99 -88.91
N ARG E 700 -24.65 19.70 -88.64
CA ARG E 700 -24.48 18.73 -89.71
C ARG E 700 -25.80 18.15 -90.21
N VAL E 701 -26.81 18.08 -89.35
CA VAL E 701 -28.12 17.55 -89.72
C VAL E 701 -29.18 18.55 -89.29
N GLY E 702 -30.29 18.58 -90.06
CA GLY E 702 -31.38 19.48 -89.77
C GLY E 702 -32.44 18.81 -88.91
N GLY E 703 -32.92 19.55 -87.92
CA GLY E 703 -33.94 19.02 -87.03
C GLY E 703 -34.23 19.97 -85.90
N LEU E 704 -34.82 19.43 -84.84
CA LEU E 704 -35.14 20.23 -83.66
C LEU E 704 -33.92 20.36 -82.77
N VAL E 705 -33.59 21.59 -82.40
CA VAL E 705 -32.42 21.88 -81.57
C VAL E 705 -32.87 21.96 -80.11
N ARG E 706 -32.23 21.15 -79.26
CA ARG E 706 -32.50 21.15 -77.82
C ARG E 706 -31.25 21.59 -77.09
N VAL E 707 -31.36 22.65 -76.30
CA VAL E 707 -30.24 23.22 -75.57
C VAL E 707 -30.45 22.93 -74.08
N GLU E 708 -29.60 22.07 -73.52
CA GLU E 708 -29.65 21.74 -72.10
C GLU E 708 -28.49 22.45 -71.41
N ARG E 709 -28.81 23.47 -70.60
CA ARG E 709 -27.81 24.27 -69.92
C ARG E 709 -27.58 23.67 -68.53
N LYS E 710 -26.43 23.03 -68.35
CA LYS E 710 -26.05 22.44 -67.08
C LYS E 710 -25.29 23.48 -66.25
N LYS E 711 -24.68 23.02 -65.15
CA LYS E 711 -23.96 23.95 -64.27
C LYS E 711 -22.72 24.51 -64.95
N LYS E 712 -21.85 23.63 -65.45
CA LYS E 712 -20.60 24.05 -66.06
C LYS E 712 -20.45 23.59 -67.51
N ARG E 713 -21.54 23.15 -68.15
CA ARG E 713 -21.48 22.69 -69.52
C ARG E 713 -22.80 22.99 -70.22
N ILE E 714 -22.70 23.32 -71.51
CA ILE E 714 -23.88 23.59 -72.34
C ILE E 714 -24.05 22.41 -73.28
N GLU E 715 -25.16 21.70 -73.15
CA GLU E 715 -25.46 20.52 -73.95
C GLU E 715 -26.47 20.91 -75.03
N LEU E 716 -26.02 20.87 -76.29
CA LEU E 716 -26.86 21.18 -77.45
C LEU E 716 -27.11 19.89 -78.21
N LYS E 717 -28.38 19.52 -78.35
CA LYS E 717 -28.77 18.30 -79.04
C LYS E 717 -29.64 18.65 -80.24
N ILE E 718 -29.34 18.06 -81.39
CA ILE E 718 -30.08 18.29 -82.62
C ILE E 718 -30.74 16.97 -83.00
N PHE E 719 -32.05 16.87 -82.79
CA PHE E 719 -32.81 15.67 -83.10
C PHE E 719 -33.29 15.77 -84.55
N SER E 720 -32.60 15.07 -85.45
CA SER E 720 -32.95 15.10 -86.86
C SER E 720 -34.18 14.25 -87.12
N GLY E 721 -35.09 14.77 -87.94
CA GLY E 721 -36.30 14.05 -88.28
C GLY E 721 -37.31 14.98 -88.91
N ASP E 722 -38.36 14.37 -89.46
CA ASP E 722 -39.44 15.10 -90.11
C ASP E 722 -40.49 15.49 -89.08
N ILE E 723 -40.83 16.78 -89.05
CA ILE E 723 -41.82 17.29 -88.11
C ILE E 723 -43.20 17.08 -88.69
N HIS E 724 -44.04 16.33 -87.98
CA HIS E 724 -45.40 16.03 -88.41
C HIS E 724 -46.39 16.49 -87.35
N PHE E 725 -47.51 17.04 -87.80
CA PHE E 725 -48.54 17.52 -86.90
C PHE E 725 -49.62 16.46 -86.70
N PRO E 726 -49.63 15.80 -85.54
CA PRO E 726 -50.65 14.77 -85.31
C PRO E 726 -52.03 15.37 -85.15
N GLY E 727 -53.03 14.64 -85.65
CA GLY E 727 -54.40 15.08 -85.59
C GLY E 727 -55.03 14.84 -84.23
N GLU E 728 -56.34 15.08 -84.16
CA GLU E 728 -57.08 14.89 -82.92
C GLU E 728 -57.18 13.42 -82.57
N THR E 729 -57.51 12.58 -83.56
CA THR E 729 -57.63 11.15 -83.33
C THR E 729 -56.29 10.47 -83.10
N ASP E 730 -55.18 11.14 -83.42
CA ASP E 730 -53.85 10.57 -83.23
C ASP E 730 -53.48 10.69 -81.76
N LYS E 731 -53.97 9.73 -80.97
CA LYS E 731 -53.70 9.70 -79.53
C LYS E 731 -52.41 8.93 -79.25
N ILE E 732 -51.31 9.46 -79.78
CA ILE E 732 -50.01 8.83 -79.58
C ILE E 732 -49.51 9.12 -78.18
N SER E 733 -48.74 8.17 -77.63
CA SER E 733 -48.14 8.35 -76.30
C SER E 733 -47.22 9.55 -76.28
N ARG E 734 -47.48 10.47 -75.35
CA ARG E 734 -46.69 11.70 -75.26
C ARG E 734 -45.25 11.41 -74.86
N HIS E 735 -45.06 10.78 -73.70
CA HIS E 735 -43.72 10.56 -73.17
C HIS E 735 -43.09 9.25 -73.65
N THR E 736 -43.91 8.30 -74.08
CA THR E 736 -43.41 6.98 -74.50
C THR E 736 -43.28 6.96 -76.03
N GLY E 737 -42.05 7.03 -76.51
CA GLY E 737 -41.83 6.94 -77.95
C GLY E 737 -42.02 5.52 -78.45
N VAL E 738 -42.61 5.41 -79.63
CA VAL E 738 -42.93 4.12 -80.25
C VAL E 738 -42.18 4.04 -81.59
N LEU E 739 -41.56 2.89 -81.84
CA LEU E 739 -40.86 2.65 -83.09
C LEU E 739 -41.76 1.85 -84.02
N ILE E 740 -41.84 2.30 -85.27
CA ILE E 740 -42.70 1.69 -86.28
C ILE E 740 -41.83 0.88 -87.23
N PRO E 741 -42.14 -0.39 -87.46
CA PRO E 741 -41.33 -1.19 -88.39
C PRO E 741 -41.81 -0.99 -89.82
N PRO E 742 -41.21 -1.70 -90.78
CA PRO E 742 -41.65 -1.54 -92.18
C PRO E 742 -43.00 -2.19 -92.44
N GLY E 743 -44.02 -1.36 -92.68
CA GLY E 743 -45.35 -1.89 -92.93
C GLY E 743 -45.43 -2.54 -94.29
N THR E 744 -46.07 -3.72 -94.34
CA THR E 744 -46.23 -4.47 -95.58
C THR E 744 -47.35 -3.82 -96.40
N GLY E 745 -46.99 -2.79 -97.15
CA GLY E 745 -47.94 -2.08 -97.99
C GLY E 745 -48.53 -2.93 -99.09
N LYS E 746 -49.83 -2.79 -99.32
CA LYS E 746 -50.49 -3.55 -100.36
C LYS E 746 -50.00 -3.13 -101.74
N ARG E 747 -49.71 -4.12 -102.59
CA ARG E 747 -49.23 -3.84 -103.93
C ARG E 747 -50.30 -3.23 -104.82
N ASN E 748 -51.56 -3.25 -104.39
CA ASN E 748 -52.62 -2.68 -105.20
C ASN E 748 -52.43 -1.18 -105.39
N SER E 749 -52.17 -0.46 -104.31
CA SER E 749 -51.94 0.98 -104.40
C SER E 749 -50.63 1.26 -105.12
N LYS E 750 -50.71 2.02 -106.21
CA LYS E 750 -49.52 2.33 -107.00
C LYS E 750 -48.68 3.40 -106.34
N GLU E 751 -49.30 4.53 -105.99
CA GLU E 751 -48.59 5.67 -105.42
C GLU E 751 -48.20 5.47 -103.96
N SER E 752 -48.39 4.28 -103.41
CA SER E 752 -48.06 4.00 -102.01
C SER E 752 -46.56 3.72 -101.91
N LYS E 753 -45.80 4.75 -101.51
CA LYS E 753 -44.36 4.61 -101.34
C LYS E 753 -44.04 3.69 -100.17
N LYS E 754 -43.46 2.54 -100.47
CA LYS E 754 -43.13 1.56 -99.43
C LYS E 754 -41.97 2.06 -98.57
N VAL E 755 -42.20 2.14 -97.27
CA VAL E 755 -41.17 2.57 -96.32
C VAL E 755 -40.36 1.33 -95.96
N LYS E 756 -39.17 1.18 -96.56
CA LYS E 756 -38.33 0.01 -96.31
C LYS E 756 -37.50 0.14 -95.04
N ASN E 757 -37.38 1.35 -94.50
CA ASN E 757 -36.57 1.58 -93.31
C ASN E 757 -37.47 1.89 -92.12
N TRP E 758 -37.10 1.35 -90.96
CA TRP E 758 -37.86 1.60 -89.74
C TRP E 758 -37.64 3.02 -89.26
N ILE E 759 -38.71 3.63 -88.74
CA ILE E 759 -38.67 5.01 -88.27
C ILE E 759 -39.07 5.04 -86.80
N TYR E 760 -38.44 5.94 -86.06
CA TYR E 760 -38.72 6.14 -84.64
C TYR E 760 -39.50 7.44 -84.46
N VAL E 761 -40.74 7.32 -84.00
CA VAL E 761 -41.62 8.46 -83.82
C VAL E 761 -41.55 8.91 -82.37
N GLN E 762 -41.12 10.15 -82.14
CA GLN E 762 -41.01 10.72 -80.82
C GLN E 762 -41.90 11.96 -80.73
N ARG E 763 -42.68 12.06 -79.66
CA ARG E 763 -43.59 13.18 -79.47
C ARG E 763 -42.85 14.29 -78.72
N ILE E 764 -42.72 15.45 -79.35
CA ILE E 764 -42.06 16.60 -78.76
C ILE E 764 -43.12 17.60 -78.33
N THR E 765 -43.16 17.89 -77.04
CA THR E 765 -44.15 18.83 -76.51
C THR E 765 -43.46 20.10 -76.01
N PRO E 766 -43.12 21.02 -76.91
CA PRO E 766 -42.50 22.27 -76.44
C PRO E 766 -43.46 23.17 -75.68
N SER E 767 -44.74 23.15 -76.04
CA SER E 767 -45.76 23.93 -75.36
C SER E 767 -46.78 23.01 -74.71
N LYS E 768 -47.44 23.53 -73.67
CA LYS E 768 -48.43 22.73 -72.96
C LYS E 768 -49.65 22.46 -73.81
N LYS E 769 -49.96 23.34 -74.76
CA LYS E 769 -51.13 23.18 -75.61
C LYS E 769 -50.80 22.66 -77.00
N LYS E 770 -49.57 22.85 -77.48
CA LYS E 770 -49.17 22.43 -78.82
C LYS E 770 -48.08 21.37 -78.70
N PHE E 771 -48.29 20.24 -79.38
CA PHE E 771 -47.33 19.15 -79.38
C PHE E 771 -47.11 18.68 -80.81
N PHE E 772 -45.88 18.28 -81.11
CA PHE E 772 -45.49 17.82 -82.43
C PHE E 772 -44.90 16.42 -82.34
N VAL E 773 -44.89 15.72 -83.47
CA VAL E 773 -44.36 14.37 -83.59
C VAL E 773 -43.17 14.40 -84.53
N LEU E 774 -42.04 13.91 -84.06
CA LEU E 774 -40.80 13.87 -84.85
C LEU E 774 -40.48 12.42 -85.20
N VAL E 775 -40.28 12.17 -86.50
CA VAL E 775 -39.98 10.82 -86.99
C VAL E 775 -38.46 10.76 -87.18
N ARG E 776 -37.77 10.30 -86.14
CA ARG E 776 -36.32 10.19 -86.20
C ARG E 776 -35.91 8.93 -86.95
N PRO E 777 -34.68 8.90 -87.46
CA PRO E 777 -34.21 7.70 -88.18
C PRO E 777 -33.80 6.61 -87.22
N VAL E 778 -33.60 5.41 -87.77
CA VAL E 778 -33.23 4.24 -87.00
C VAL E 778 -32.17 3.46 -87.76
N VAL E 779 -31.40 2.66 -87.00
CA VAL E 779 -30.39 1.79 -87.56
C VAL E 779 -30.62 0.38 -87.03
N THR E 780 -30.00 -0.59 -87.70
CA THR E 780 -30.22 -2.00 -87.41
C THR E 780 -28.97 -2.60 -86.78
N TYR E 781 -29.13 -3.16 -85.59
CA TYR E 781 -28.09 -3.93 -84.91
C TYR E 781 -28.68 -5.25 -84.45
N GLU E 782 -28.27 -6.33 -85.11
CA GLU E 782 -28.87 -7.64 -84.90
C GLU E 782 -27.92 -8.53 -84.09
N ILE E 783 -28.43 -9.09 -82.99
CA ILE E 783 -27.62 -9.99 -82.17
C ILE E 783 -27.42 -11.32 -82.87
N THR E 784 -28.52 -11.92 -83.36
CA THR E 784 -28.43 -13.23 -84.00
C THR E 784 -27.65 -13.15 -85.31
N ASP E 785 -27.89 -12.11 -86.10
CA ASP E 785 -27.21 -11.96 -87.38
C ASP E 785 -25.83 -11.36 -87.17
N GLY E 786 -24.80 -12.03 -87.70
CA GLY E 786 -23.44 -11.56 -87.58
C GLY E 786 -22.61 -12.33 -86.58
N ILE E 787 -21.77 -13.23 -87.08
CA ILE E 787 -20.84 -14.00 -86.27
C ILE E 787 -19.53 -14.08 -87.03
N ASN E 788 -18.52 -13.33 -86.57
CA ASN E 788 -17.24 -13.27 -87.24
C ASN E 788 -16.13 -13.48 -86.22
N LEU E 789 -15.32 -14.52 -86.42
CA LEU E 789 -14.20 -14.81 -85.56
C LEU E 789 -13.13 -15.52 -86.37
N ALA E 790 -11.89 -15.07 -86.21
CA ALA E 790 -10.78 -15.67 -86.94
C ALA E 790 -10.50 -17.07 -86.43
N THR E 791 -10.23 -17.99 -87.35
CA THR E 791 -9.93 -19.37 -86.97
C THR E 791 -8.64 -19.41 -86.15
N LEU E 792 -8.74 -19.91 -84.92
CA LEU E 792 -7.62 -19.99 -84.01
C LEU E 792 -6.95 -21.35 -84.02
N PHE E 793 -7.72 -22.43 -84.02
CA PHE E 793 -7.18 -23.77 -84.06
C PHE E 793 -7.55 -24.44 -85.37
N PRO E 794 -6.62 -25.18 -86.00
CA PRO E 794 -6.99 -25.73 -87.33
C PRO E 794 -7.98 -26.88 -87.26
N PRO E 795 -8.90 -26.98 -88.22
CA PRO E 795 -9.90 -28.05 -88.20
C PRO E 795 -9.32 -29.34 -88.75
N ASP E 796 -9.51 -30.45 -88.04
CA ASP E 796 -8.97 -31.74 -88.48
C ASP E 796 -10.05 -32.82 -88.48
N PRO E 797 -9.90 -33.79 -89.39
CA PRO E 797 -10.91 -34.84 -89.51
C PRO E 797 -11.06 -35.65 -88.23
N LEU E 798 -9.93 -35.97 -87.59
CA LEU E 798 -10.02 -36.70 -86.34
C LEU E 798 -9.67 -35.84 -85.12
N GLN E 799 -10.60 -35.74 -84.18
CA GLN E 799 -10.37 -34.97 -82.96
C GLN E 799 -10.93 -35.81 -81.83
N GLU E 800 -10.39 -35.65 -80.63
CA GLU E 800 -10.84 -36.46 -79.51
C GLU E 800 -11.48 -35.60 -78.45
N ARG E 801 -12.50 -36.12 -77.76
CA ARG E 801 -13.22 -35.31 -76.78
C ARG E 801 -12.29 -34.84 -75.67
N ASP E 802 -12.43 -33.58 -75.27
CA ASP E 802 -11.54 -33.02 -74.26
C ASP E 802 -12.31 -32.23 -73.22
N ASN E 803 -11.75 -32.11 -72.03
CA ASN E 803 -12.41 -31.40 -70.94
C ASN E 803 -12.61 -29.91 -71.18
N VAL E 804 -11.62 -29.25 -71.79
CA VAL E 804 -11.71 -27.80 -71.94
C VAL E 804 -12.92 -27.32 -72.74
N GLN E 805 -13.55 -26.24 -72.28
CA GLN E 805 -14.73 -25.71 -72.96
C GLN E 805 -14.58 -24.24 -73.34
N LEU E 806 -14.15 -23.98 -74.58
CA LEU E 806 -13.99 -22.61 -75.07
C LEU E 806 -15.32 -22.03 -75.50
N ARG E 807 -15.68 -20.89 -74.93
CA ARG E 807 -16.95 -20.24 -75.28
C ARG E 807 -16.71 -18.75 -75.49
N ILE E 808 -17.52 -18.15 -76.33
CA ILE E 808 -17.36 -16.72 -76.63
C ILE E 808 -18.56 -15.93 -76.14
N VAL E 809 -18.31 -14.87 -75.37
CA VAL E 809 -19.40 -14.05 -74.86
C VAL E 809 -19.40 -12.64 -75.43
N ASN E 810 -20.47 -12.28 -76.14
CA ASN E 810 -20.58 -10.95 -76.72
C ASN E 810 -21.67 -10.19 -76.00
N TYR E 811 -21.29 -9.10 -75.34
CA TYR E 811 -22.22 -8.29 -74.54
C TYR E 811 -22.19 -6.84 -75.02
N ILE E 812 -23.30 -6.14 -74.81
CA ILE E 812 -23.37 -4.74 -75.22
C ILE E 812 -22.41 -3.90 -74.38
N LEU E 813 -21.79 -2.91 -75.01
CA LEU E 813 -20.83 -2.04 -74.34
C LEU E 813 -21.47 -1.24 -73.21
N TYR E 814 -22.44 -0.40 -73.55
CA TYR E 814 -23.07 0.45 -72.55
C TYR E 814 -24.40 -0.13 -72.10
N GLY E 815 -24.93 0.43 -71.01
CA GLY E 815 -26.22 -0.01 -70.52
C GLY E 815 -27.36 0.52 -71.37
N ASN E 816 -28.47 -0.22 -71.39
CA ASN E 816 -29.62 0.19 -72.18
C ASN E 816 -30.28 1.42 -71.57
N GLY E 817 -30.67 2.35 -72.44
CA GLY E 817 -31.36 3.55 -72.02
C GLY E 817 -30.48 4.72 -71.63
N LYS E 818 -29.17 4.52 -71.51
CA LYS E 818 -28.25 5.58 -71.15
C LYS E 818 -27.19 5.74 -72.23
N PRO E 819 -27.24 6.81 -73.03
CA PRO E 819 -26.21 6.99 -74.05
C PRO E 819 -25.01 7.79 -73.53
N ILE E 820 -23.81 7.25 -73.71
CA ILE E 820 -22.60 7.94 -73.27
C ILE E 820 -22.15 8.91 -74.35
N ARG E 821 -21.33 9.89 -73.93
CA ARG E 821 -20.79 10.86 -74.86
C ARG E 821 -19.82 10.19 -75.83
N GLY E 822 -19.91 10.59 -77.10
CA GLY E 822 -19.09 10.02 -78.16
C GLY E 822 -17.98 10.98 -78.55
N ILE E 823 -16.74 10.47 -78.50
CA ILE E 823 -15.59 11.29 -78.85
C ILE E 823 -15.57 11.53 -80.36
N SER E 824 -15.14 12.73 -80.76
CA SER E 824 -15.07 13.05 -82.17
C SER E 824 -13.97 12.27 -82.87
N ASP E 825 -12.86 12.02 -82.17
CA ASP E 825 -11.72 11.34 -82.80
C ASP E 825 -11.98 9.84 -82.93
N THR E 826 -12.54 9.22 -81.90
CA THR E 826 -12.72 7.77 -81.85
C THR E 826 -14.20 7.43 -81.87
N SER E 827 -14.58 6.54 -82.79
CA SER E 827 -15.97 6.11 -82.89
C SER E 827 -16.31 5.13 -81.78
N ILE E 828 -17.59 5.10 -81.39
CA ILE E 828 -18.04 4.21 -80.34
C ILE E 828 -18.19 2.79 -80.88
N GLN E 829 -18.02 1.82 -79.99
CA GLN E 829 -18.15 0.39 -80.34
C GLN E 829 -19.50 -0.08 -79.81
N LEU E 830 -20.48 -0.18 -80.72
CA LEU E 830 -21.82 -0.59 -80.32
C LEU E 830 -21.83 -2.00 -79.76
N VAL E 831 -21.32 -2.97 -80.52
CA VAL E 831 -21.30 -4.37 -80.14
C VAL E 831 -19.86 -4.84 -80.06
N ARG E 832 -19.54 -5.61 -79.01
CA ARG E 832 -18.21 -6.16 -78.82
C ARG E 832 -18.32 -7.65 -78.52
N THR E 833 -17.21 -8.36 -78.68
CA THR E 833 -17.17 -9.79 -78.46
C THR E 833 -15.91 -10.17 -77.69
N CYS E 834 -15.99 -11.27 -76.95
CA CYS E 834 -14.86 -11.77 -76.17
C CYS E 834 -14.94 -13.28 -76.08
N LEU E 835 -13.79 -13.89 -75.81
CA LEU E 835 -13.68 -15.34 -75.65
C LEU E 835 -13.21 -15.66 -74.24
N VAL E 836 -13.83 -16.68 -73.64
CA VAL E 836 -13.52 -17.08 -72.28
C VAL E 836 -13.21 -18.58 -72.26
N LEU E 837 -12.35 -18.96 -71.33
CA LEU E 837 -11.93 -20.35 -71.15
C LEU E 837 -12.37 -20.83 -69.78
N ASN E 838 -13.33 -21.76 -69.73
CA ASN E 838 -13.86 -22.31 -68.50
C ASN E 838 -13.80 -23.83 -68.57
N TRP E 839 -13.28 -24.47 -67.53
CA TRP E 839 -13.26 -25.92 -67.48
C TRP E 839 -14.67 -26.48 -67.43
N ASN E 840 -14.89 -27.62 -68.04
CA ASN E 840 -16.19 -28.25 -67.98
C ASN E 840 -16.45 -28.61 -66.53
N GLN E 841 -17.68 -28.40 -66.08
CA GLN E 841 -17.99 -28.65 -64.68
C GLN E 841 -19.02 -29.75 -64.51
N ASP E 842 -18.74 -30.72 -63.63
CA ASP E 842 -19.71 -31.78 -63.36
C ASP E 842 -20.92 -31.21 -62.65
N LYS E 843 -22.09 -31.78 -62.92
CA LYS E 843 -23.29 -31.32 -62.23
C LYS E 843 -23.17 -31.55 -60.74
N LYS E 844 -22.66 -32.71 -60.34
CA LYS E 844 -22.50 -33.02 -58.92
C LYS E 844 -21.49 -32.11 -58.23
N SER E 845 -20.35 -31.85 -58.86
CA SER E 845 -19.33 -31.00 -58.26
C SER E 845 -18.88 -29.87 -59.17
N SER E 846 -18.92 -28.64 -58.67
CA SER E 846 -18.47 -27.50 -59.46
C SER E 846 -16.98 -27.58 -59.75
N SER E 847 -16.58 -27.22 -60.97
CA SER E 847 -15.17 -27.26 -61.32
C SER E 847 -14.66 -25.89 -61.73
N CYS E 848 -13.53 -25.48 -61.17
CA CYS E 848 -12.95 -24.18 -61.52
C CYS E 848 -11.69 -24.40 -62.33
N GLU E 849 -11.56 -23.69 -63.45
CA GLU E 849 -10.40 -23.92 -64.31
C GLU E 849 -9.10 -23.57 -63.63
N GLU E 850 -8.09 -24.42 -63.81
CA GLU E 850 -6.77 -24.13 -63.26
C GLU E 850 -5.90 -24.09 -64.48
N ALA E 851 -5.78 -22.92 -65.11
CA ALA E 851 -5.05 -22.90 -66.38
C ALA E 851 -3.93 -21.89 -66.48
N ARG E 852 -2.77 -22.34 -66.92
CA ARG E 852 -1.62 -21.48 -67.05
C ARG E 852 -1.03 -21.56 -68.44
N ALA E 853 -0.47 -20.46 -68.91
CA ALA E 853 0.15 -20.44 -70.24
C ALA E 853 1.63 -20.10 -70.13
N SER E 854 2.48 -20.84 -70.82
CA SER E 854 3.89 -20.59 -70.77
C SER E 854 4.36 -20.54 -72.19
N PHE E 855 5.29 -19.64 -72.49
CA PHE E 855 5.83 -19.58 -73.83
C PHE E 855 6.65 -20.80 -74.25
N VAL E 856 6.45 -21.25 -75.48
CA VAL E 856 7.26 -22.34 -76.00
C VAL E 856 7.73 -21.89 -77.38
N GLU E 857 8.89 -22.35 -77.82
CA GLU E 857 9.42 -21.89 -79.10
C GLU E 857 10.01 -22.99 -79.95
N ILE E 858 9.89 -22.86 -81.26
CA ILE E 858 10.52 -23.83 -82.13
C ILE E 858 11.75 -23.09 -82.59
N ARG E 859 12.92 -23.60 -82.27
CA ARG E 859 14.13 -22.89 -82.61
C ARG E 859 14.86 -23.54 -83.76
N THR E 860 15.08 -22.77 -84.81
CA THR E 860 15.79 -23.30 -85.97
C THR E 860 16.57 -22.11 -86.50
N ASN E 861 17.90 -22.19 -86.42
CA ASN E 861 18.74 -21.08 -86.88
C ASN E 861 18.33 -19.81 -86.17
N GLY E 862 18.06 -19.91 -84.88
CA GLY E 862 17.63 -18.76 -84.10
C GLY E 862 16.39 -18.04 -84.59
N LEU E 863 15.40 -18.78 -85.06
CA LEU E 863 14.13 -18.17 -85.47
C LEU E 863 13.10 -18.62 -84.46
N ILE E 864 12.31 -17.70 -83.91
CA ILE E 864 11.40 -18.07 -82.84
C ILE E 864 9.96 -18.19 -83.21
N ARG E 865 9.33 -19.30 -82.85
CA ARG E 865 7.91 -19.42 -83.07
C ARG E 865 7.27 -19.08 -81.73
N HIS E 866 6.55 -17.98 -81.68
CA HIS E 866 6.00 -17.57 -80.41
C HIS E 866 4.66 -18.21 -80.14
N PHE E 867 4.58 -19.53 -80.09
CA PHE E 867 3.32 -20.13 -79.72
C PHE E 867 3.50 -20.59 -78.30
N LEU E 868 2.82 -19.92 -77.38
CA LEU E 868 2.90 -20.30 -76.00
C LEU E 868 1.69 -21.15 -75.83
N ARG E 869 1.90 -22.42 -75.54
CA ARG E 869 0.77 -23.27 -75.28
C ARG E 869 0.16 -22.94 -73.94
N ILE E 870 -1.14 -23.14 -73.80
CA ILE E 870 -1.79 -22.95 -72.52
C ILE E 870 -2.34 -24.31 -72.16
N ASN E 871 -2.04 -24.81 -70.96
CA ASN E 871 -2.48 -26.15 -70.61
C ASN E 871 -3.27 -26.14 -69.32
N LEU E 872 -4.24 -27.04 -69.22
CA LEU E 872 -5.06 -27.08 -68.01
C LEU E 872 -4.64 -28.23 -67.13
N VAL E 873 -4.32 -27.93 -65.87
CA VAL E 873 -3.87 -28.98 -64.96
C VAL E 873 -5.06 -29.54 -64.24
N LYS E 874 -5.31 -30.83 -64.42
CA LYS E 874 -6.51 -31.40 -63.82
C LYS E 874 -6.44 -31.47 -62.32
N SER E 875 -7.57 -31.25 -61.66
CA SER E 875 -7.60 -31.34 -60.20
C SER E 875 -7.25 -32.76 -59.78
N PRO E 876 -7.74 -33.76 -60.53
CA PRO E 876 -7.32 -35.12 -60.16
C PRO E 876 -5.82 -35.26 -60.30
N ILE E 877 -5.17 -35.80 -59.27
CA ILE E 877 -3.72 -35.91 -59.28
C ILE E 877 -3.09 -36.83 -60.30
N SER E 878 -3.70 -38.00 -60.51
CA SER E 878 -3.06 -38.99 -61.39
C SER E 878 -3.94 -39.67 -62.42
N TYR E 879 -3.30 -40.28 -63.41
CA TYR E 879 -4.03 -40.97 -64.45
C TYR E 879 -4.83 -42.10 -63.92
N ILE E 880 -6.05 -42.25 -64.40
CA ILE E 880 -6.82 -43.39 -64.01
C ILE E 880 -6.05 -44.56 -64.61
N GLY E 881 -5.54 -44.38 -65.82
CA GLY E 881 -4.86 -45.46 -66.50
C GLY E 881 -3.71 -44.90 -67.23
N LYS E 882 -2.69 -45.71 -67.46
CA LYS E 882 -1.49 -45.20 -68.09
C LYS E 882 -1.78 -44.68 -69.48
N ARG E 883 -2.72 -45.31 -70.18
CA ARG E 883 -3.06 -44.85 -71.51
C ARG E 883 -3.56 -43.44 -71.45
N ASN E 884 -4.34 -43.09 -70.45
CA ASN E 884 -4.94 -41.77 -70.40
C ASN E 884 -4.03 -40.82 -69.70
N ASP E 885 -2.85 -41.28 -69.34
CA ASP E 885 -1.92 -40.47 -68.58
C ASP E 885 -1.30 -39.27 -69.22
N PRO E 886 -1.08 -38.24 -68.41
CA PRO E 886 -0.33 -37.13 -68.98
C PRO E 886 1.03 -37.64 -69.31
N SER E 887 1.59 -37.21 -70.42
CA SER E 887 2.87 -37.73 -70.84
C SER E 887 3.95 -37.37 -69.86
N GLY E 888 3.87 -36.16 -69.32
CA GLY E 888 4.90 -35.73 -68.40
C GLY E 888 4.41 -35.61 -66.98
N SER E 889 5.05 -36.33 -66.06
CA SER E 889 4.69 -36.23 -64.65
C SER E 889 5.95 -36.09 -63.81
N GLY E 890 6.64 -34.96 -63.92
CA GLY E 890 7.86 -34.76 -63.17
C GLY E 890 7.97 -33.34 -62.64
N LEU E 891 8.66 -33.17 -61.52
CA LEU E 891 8.87 -31.83 -60.97
C LEU E 891 9.67 -30.99 -61.96
N LEU E 892 10.72 -31.58 -62.53
CA LEU E 892 11.51 -30.87 -63.53
C LEU E 892 11.59 -31.66 -64.82
N SER E 893 11.22 -31.04 -65.94
CA SER E 893 11.33 -31.70 -67.22
C SER E 893 12.79 -31.96 -67.55
N ASP E 894 13.65 -31.01 -67.23
CA ASP E 894 15.07 -31.13 -67.53
C ASP E 894 15.75 -32.29 -66.80
N ASN E 895 15.39 -32.52 -65.54
CA ASN E 895 16.07 -33.56 -64.76
C ASN E 895 15.89 -34.95 -65.35
N GLY E 896 16.98 -35.70 -65.42
CA GLY E 896 16.92 -37.06 -65.94
C GLY E 896 17.05 -38.10 -64.85
N SER E 897 16.98 -37.67 -63.60
CA SER E 897 17.17 -38.60 -62.48
C SER E 897 16.13 -39.71 -62.44
N ASP E 898 14.87 -39.37 -62.73
CA ASP E 898 13.80 -40.36 -62.73
C ASP E 898 14.03 -41.41 -63.80
N CYS E 899 13.70 -42.67 -63.51
CA CYS E 899 13.87 -43.74 -64.48
C CYS E 899 12.99 -43.49 -65.69
N THR E 900 11.77 -43.02 -65.46
CA THR E 900 10.86 -42.70 -66.56
C THR E 900 11.44 -41.59 -67.42
N ASN E 901 12.06 -40.61 -66.79
CA ASN E 901 12.65 -39.49 -67.51
C ASN E 901 13.78 -39.97 -68.44
N ILE E 902 14.58 -40.91 -67.98
CA ILE E 902 15.66 -41.41 -68.81
C ILE E 902 15.06 -42.08 -70.04
N ASN E 903 15.63 -41.81 -71.21
CA ASN E 903 15.09 -42.36 -72.44
C ASN E 903 15.29 -43.82 -72.53
N PRO E 904 14.34 -44.50 -73.13
CA PRO E 904 14.67 -45.90 -73.26
C PRO E 904 15.88 -46.01 -74.13
N PHE E 905 15.93 -45.24 -75.23
CA PHE E 905 17.04 -45.32 -76.19
C PHE E 905 18.40 -44.93 -75.63
N SER E 906 18.44 -43.86 -74.85
CA SER E 906 19.69 -43.50 -74.21
C SER E 906 19.47 -43.71 -72.73
N SER E 907 20.27 -44.57 -72.11
CA SER E 907 20.07 -44.90 -70.69
C SER E 907 21.07 -44.28 -69.73
N ILE E 908 21.82 -43.28 -70.16
CA ILE E 908 22.85 -42.71 -69.30
C ILE E 908 22.28 -42.11 -68.01
N TYR E 909 21.15 -41.42 -68.12
CA TYR E 909 20.51 -40.85 -66.93
C TYR E 909 20.05 -41.95 -65.98
N SER E 910 19.52 -43.04 -66.53
CA SER E 910 19.08 -44.16 -65.70
C SER E 910 20.27 -44.78 -64.97
N TYR E 911 21.40 -44.88 -65.65
CA TYR E 911 22.60 -45.43 -65.02
C TYR E 911 23.03 -44.57 -63.85
N SER E 912 22.94 -43.25 -64.00
CA SER E 912 23.30 -42.34 -62.91
C SER E 912 22.38 -42.54 -61.71
N LYS E 913 21.09 -42.72 -61.96
CA LYS E 913 20.15 -42.97 -60.87
C LYS E 913 20.47 -44.27 -60.16
N ALA E 914 20.84 -45.30 -60.92
CA ALA E 914 21.20 -46.59 -60.33
C ALA E 914 22.44 -46.45 -59.45
N LYS E 915 23.38 -45.62 -59.86
CA LYS E 915 24.62 -45.45 -59.10
C LYS E 915 24.39 -44.92 -57.70
N ILE E 916 23.42 -44.01 -57.53
CA ILE E 916 23.20 -43.40 -56.22
C ILE E 916 22.84 -44.44 -55.17
N GLN E 917 23.44 -44.32 -53.98
CA GLN E 917 23.20 -45.30 -52.91
C GLN E 917 21.83 -45.22 -52.25
N GLN E 918 21.37 -46.34 -51.70
CA GLN E 918 20.08 -46.37 -51.00
C GLN E 918 20.16 -45.63 -49.67
N SER E 919 19.03 -45.10 -49.20
CA SER E 919 19.01 -44.35 -47.95
C SER E 919 19.37 -45.16 -46.72
N ILE E 920 20.10 -44.56 -45.79
CA ILE E 920 20.51 -45.24 -44.57
C ILE E 920 19.51 -45.02 -43.44
N ASN E 921 18.42 -44.32 -43.73
CA ASN E 921 17.41 -44.02 -42.70
C ASN E 921 16.77 -45.29 -42.15
N GLN E 922 16.59 -46.30 -43.00
CA GLN E 922 15.96 -47.56 -42.57
C GLN E 922 16.67 -48.28 -41.43
N PRO E 923 15.97 -49.21 -40.76
CA PRO E 923 16.57 -49.90 -39.59
C PRO E 923 17.37 -51.24 -39.73
N GLN E 924 17.51 -51.82 -40.91
CA GLN E 924 18.28 -53.07 -41.08
C GLN E 924 17.96 -54.29 -40.21
N GLY E 925 16.72 -54.72 -40.13
CA GLY E 925 16.44 -55.91 -39.38
C GLY E 925 15.22 -56.68 -39.72
N THR E 926 15.01 -57.79 -39.05
CA THR E 926 13.81 -58.55 -39.22
C THR E 926 12.55 -57.86 -38.86
N ILE E 927 11.52 -57.97 -39.71
CA ILE E 927 10.25 -57.35 -39.44
C ILE E 927 9.44 -58.25 -38.55
N HIS E 928 9.00 -57.73 -37.43
CA HIS E 928 8.24 -58.52 -36.50
C HIS E 928 6.89 -57.87 -36.55
N THR E 929 5.86 -58.65 -36.82
CA THR E 929 4.53 -58.09 -36.98
C THR E 929 3.72 -58.36 -35.76
N LEU E 930 2.91 -57.40 -35.37
CA LEU E 930 2.18 -57.57 -34.14
C LEU E 930 0.93 -58.37 -34.37
N LEU E 931 0.88 -59.55 -33.77
CA LEU E 931 -0.29 -60.41 -33.89
C LEU E 931 -1.47 -59.72 -33.23
N ASN E 932 -1.20 -59.06 -32.11
CA ASN E 932 -2.25 -58.36 -31.39
C ASN E 932 -3.03 -57.40 -32.25
N ARG E 933 -2.32 -56.63 -33.06
CA ARG E 933 -2.98 -55.59 -33.85
C ARG E 933 -3.58 -56.10 -35.15
N ASN E 934 -3.62 -57.41 -35.36
CA ASN E 934 -4.10 -57.93 -36.63
C ASN E 934 -5.55 -57.54 -36.94
N LYS E 935 -6.43 -57.58 -35.94
CA LYS E 935 -7.81 -57.12 -36.16
C LYS E 935 -7.86 -55.64 -36.48
N GLU E 936 -7.09 -54.85 -35.76
CA GLU E 936 -7.05 -53.42 -35.98
C GLU E 936 -5.98 -53.09 -37.01
N CYS E 937 -5.58 -51.83 -37.10
CA CYS E 937 -4.48 -51.50 -38.00
C CYS E 937 -3.22 -52.11 -37.42
N GLN E 938 -2.51 -52.90 -38.21
CA GLN E 938 -1.29 -53.53 -37.74
C GLN E 938 -0.11 -52.55 -37.69
N SER E 939 0.86 -52.83 -36.84
CA SER E 939 2.01 -51.96 -36.72
C SER E 939 3.22 -52.85 -36.73
N LEU E 940 4.38 -52.30 -37.01
CA LEU E 940 5.54 -53.13 -37.12
C LEU E 940 6.63 -52.80 -36.13
N ILE E 941 7.37 -53.80 -35.68
CA ILE E 941 8.52 -53.58 -34.83
C ILE E 941 9.66 -54.16 -35.64
N ILE E 942 10.75 -53.46 -35.82
CA ILE E 942 11.88 -53.96 -36.54
C ILE E 942 12.99 -54.29 -35.57
N LEU E 943 13.45 -55.53 -35.53
CA LEU E 943 14.44 -55.98 -34.57
C LEU E 943 15.79 -56.11 -35.16
N SER E 944 16.83 -55.76 -34.41
CA SER E 944 18.17 -55.76 -34.93
C SER E 944 19.19 -56.11 -33.92
N ALA E 945 20.43 -55.93 -34.26
CA ALA E 945 21.52 -56.19 -33.36
C ALA E 945 21.57 -55.37 -32.12
N ALA E 946 21.15 -54.14 -32.18
CA ALA E 946 21.10 -53.30 -31.04
C ALA E 946 20.22 -53.90 -30.01
N ASN E 947 19.16 -54.53 -30.42
CA ASN E 947 18.27 -55.20 -29.52
C ASN E 947 18.65 -56.60 -29.04
N CYS E 948 19.23 -57.45 -29.88
CA CYS E 948 19.53 -58.87 -29.54
C CYS E 948 21.01 -59.24 -29.49
N SER E 949 21.46 -60.04 -28.53
CA SER E 949 22.89 -60.33 -28.34
C SER E 949 23.25 -61.75 -28.02
N ARG E 950 24.46 -62.21 -28.33
CA ARG E 950 24.83 -63.60 -28.12
C ARG E 950 25.44 -63.88 -26.79
N MET E 951 24.64 -64.32 -25.84
CA MET E 951 25.10 -64.52 -24.47
C MET E 951 26.11 -65.53 -24.23
N GLY E 952 26.06 -66.63 -24.90
CA GLY E 952 27.01 -67.62 -24.53
C GLY E 952 28.07 -68.03 -25.50
N PRO E 953 29.31 -67.67 -25.21
CA PRO E 953 30.39 -68.20 -26.06
C PRO E 953 30.57 -69.68 -25.80
N PHE E 954 30.50 -70.10 -24.54
CA PHE E 954 30.63 -71.51 -24.17
C PHE E 954 31.90 -72.15 -24.69
N LYS E 955 31.76 -73.32 -25.32
CA LYS E 955 32.92 -74.02 -25.86
C LYS E 955 33.25 -73.53 -27.26
N SER E 978 25.08 -90.53 -43.40
CA SER E 978 24.21 -90.94 -42.34
C SER E 978 22.89 -90.23 -42.42
N LEU E 979 22.89 -88.99 -42.87
CA LEU E 979 21.67 -88.20 -42.89
C LEU E 979 21.38 -87.69 -44.28
N GLY E 980 20.15 -87.77 -44.72
CA GLY E 980 19.83 -87.37 -46.08
C GLY E 980 18.48 -87.78 -46.58
N PRO E 981 18.29 -87.79 -47.89
CA PRO E 981 17.01 -88.32 -48.34
C PRO E 981 16.86 -89.83 -48.47
N LEU E 982 16.04 -90.48 -47.63
CA LEU E 982 15.76 -91.91 -47.68
C LEU E 982 15.00 -92.35 -48.92
N GLY E 983 14.09 -91.55 -49.45
CA GLY E 983 13.41 -91.85 -50.71
C GLY E 983 12.08 -91.13 -50.86
N THR E 984 11.25 -91.48 -51.84
CA THR E 984 9.93 -90.90 -52.00
C THR E 984 8.84 -91.94 -52.00
N SER E 985 7.76 -91.73 -51.24
CA SER E 985 6.72 -92.74 -51.09
C SER E 985 5.95 -93.15 -52.29
N LEU E 986 5.59 -94.42 -52.33
CA LEU E 986 4.91 -94.97 -53.50
C LEU E 986 3.45 -94.99 -53.32
N PRO E 987 2.70 -94.71 -54.39
CA PRO E 987 1.26 -94.57 -54.28
C PRO E 987 0.59 -95.84 -53.87
N ILE E 988 -0.64 -95.85 -53.39
CA ILE E 988 -1.20 -97.09 -52.85
C ILE E 988 -2.35 -97.81 -53.54
N GLU E 989 -2.22 -99.13 -53.71
CA GLU E 989 -3.29 -99.93 -54.30
C GLU E 989 -4.53 -99.92 -53.45
N ASN E 990 -4.40 -100.09 -52.14
CA ASN E 990 -5.55 -100.04 -51.23
C ASN E 990 -5.80 -98.68 -50.68
N PHE E 991 -6.43 -97.82 -51.44
CA PHE E 991 -6.57 -96.45 -50.97
C PHE E 991 -7.37 -96.33 -49.69
N TYR E 992 -8.32 -97.23 -49.49
CA TYR E 992 -9.20 -97.10 -48.34
C TYR E 992 -8.46 -97.22 -47.01
N SER E 993 -7.26 -97.78 -47.03
CA SER E 993 -6.47 -97.85 -45.83
C SER E 993 -6.02 -96.48 -45.39
N SER E 994 -5.74 -96.32 -44.10
CA SER E 994 -5.29 -95.04 -43.56
C SER E 994 -3.78 -95.10 -43.58
N TYR E 995 -3.26 -96.06 -44.33
CA TYR E 995 -1.83 -96.19 -44.49
C TYR E 995 -1.21 -95.01 -45.18
N HIS E 996 -1.98 -94.24 -45.93
CA HIS E 996 -1.39 -93.14 -46.70
C HIS E 996 -0.71 -92.08 -45.81
N LEU E 997 -1.28 -91.70 -44.67
CA LEU E 997 -0.61 -90.77 -43.76
C LEU E 997 0.53 -91.60 -43.31
N ILE E 998 1.74 -91.13 -43.35
CA ILE E 998 2.86 -91.97 -42.99
C ILE E 998 2.93 -92.35 -41.52
N THR E 999 2.59 -91.45 -40.63
CA THR E 999 2.56 -91.75 -39.22
C THR E 999 1.35 -91.13 -38.58
N HIS E 1000 0.87 -91.69 -37.50
CA HIS E 1000 -0.33 -91.22 -36.85
C HIS E 1000 -0.08 -90.20 -35.77
N ASN E 1001 -1.14 -89.60 -35.24
CA ASN E 1001 -1.01 -88.63 -34.18
C ASN E 1001 -1.59 -89.17 -32.95
N GLN E 1002 -0.86 -89.15 -31.87
CA GLN E 1002 -1.34 -89.76 -30.64
C GLN E 1002 -2.64 -89.17 -30.12
N ILE E 1003 -2.89 -87.91 -30.32
CA ILE E 1003 -4.07 -87.31 -29.78
C ILE E 1003 -5.17 -87.26 -30.79
N LEU E 1004 -4.81 -87.13 -32.04
CA LEU E 1004 -5.83 -86.99 -33.00
C LEU E 1004 -6.22 -88.26 -33.76
N VAL E 1005 -5.63 -89.41 -33.41
CA VAL E 1005 -5.91 -90.67 -34.11
C VAL E 1005 -7.34 -91.08 -33.95
N THR E 1006 -7.92 -90.82 -32.80
CA THR E 1006 -9.24 -91.28 -32.55
C THR E 1006 -10.24 -90.78 -33.55
N ASN E 1007 -10.18 -89.53 -33.93
CA ASN E 1007 -11.19 -89.08 -34.86
C ASN E 1007 -11.13 -89.77 -36.20
N TYR E 1008 -9.96 -89.96 -36.76
CA TYR E 1008 -9.92 -90.72 -37.98
C TYR E 1008 -10.20 -92.22 -37.90
N LEU E 1009 -9.65 -92.90 -36.90
CA LEU E 1009 -9.79 -94.36 -36.86
C LEU E 1009 -9.85 -94.98 -35.49
N GLN E 1010 -10.67 -96.01 -35.33
CA GLN E 1010 -10.73 -96.73 -34.05
C GLN E 1010 -9.40 -97.46 -33.87
N LEU E 1011 -8.92 -97.55 -32.64
CA LEU E 1011 -7.59 -98.13 -32.42
C LEU E 1011 -7.51 -99.66 -32.31
N ASP E 1012 -7.73 -100.36 -33.41
CA ASP E 1012 -7.58 -101.81 -33.43
C ASP E 1012 -6.14 -102.30 -33.24
N ASN E 1013 -5.18 -101.62 -33.86
CA ASN E 1013 -3.78 -102.07 -33.80
C ASN E 1013 -3.00 -101.41 -32.68
N LEU E 1014 -3.68 -100.62 -31.85
CA LEU E 1014 -3.03 -100.00 -30.72
C LEU E 1014 -2.52 -101.08 -29.79
N LYS E 1015 -3.29 -102.15 -29.65
CA LYS E 1015 -2.89 -103.25 -28.79
C LYS E 1015 -1.58 -103.83 -29.28
N GLN E 1016 -1.41 -103.91 -30.59
CA GLN E 1016 -0.20 -104.50 -31.16
C GLN E 1016 1.07 -103.73 -30.80
N THR E 1017 2.16 -104.45 -30.59
CA THR E 1017 3.43 -103.82 -30.22
C THR E 1017 3.95 -102.93 -31.34
N PHE E 1018 4.59 -101.82 -30.97
CA PHE E 1018 5.09 -100.87 -31.96
C PHE E 1018 3.93 -100.40 -32.81
N GLN E 1019 2.77 -100.21 -32.19
CA GLN E 1019 1.58 -99.82 -32.92
C GLN E 1019 1.36 -100.85 -34.01
N VAL E 1020 1.09 -100.40 -35.23
CA VAL E 1020 0.96 -101.36 -36.29
C VAL E 1020 2.29 -102.05 -36.53
N ILE E 1021 3.35 -101.27 -36.62
CA ILE E 1021 4.69 -101.82 -36.86
C ILE E 1021 5.74 -100.81 -36.51
N LYS E 1022 6.98 -101.25 -36.35
CA LYS E 1022 8.07 -100.30 -36.15
C LYS E 1022 8.50 -99.90 -37.55
N PHE E 1023 9.57 -99.14 -37.68
CA PHE E 1023 9.97 -98.71 -39.00
C PHE E 1023 10.19 -99.94 -39.86
N LYS E 1024 9.62 -99.97 -41.05
CA LYS E 1024 9.77 -101.10 -41.96
C LYS E 1024 10.07 -100.51 -43.31
N TYR E 1025 11.28 -100.75 -43.83
CA TYR E 1025 11.70 -100.11 -45.06
C TYR E 1025 12.00 -101.01 -46.17
N TYR E 1026 11.37 -100.78 -47.32
CA TYR E 1026 11.57 -101.61 -48.46
C TYR E 1026 11.79 -100.79 -49.74
N LEU E 1027 12.90 -101.00 -50.44
CA LEU E 1027 13.24 -100.25 -51.66
C LEU E 1027 12.85 -100.94 -52.94
N MET E 1028 12.17 -100.24 -53.84
CA MET E 1028 11.75 -100.82 -55.11
C MET E 1028 12.55 -100.36 -56.30
N ASP E 1029 13.08 -101.29 -57.08
CA ASP E 1029 13.91 -100.95 -58.22
C ASP E 1029 13.12 -100.52 -59.40
N GLU E 1030 13.77 -100.04 -60.42
CA GLU E 1030 13.05 -99.53 -61.56
C GLU E 1030 12.24 -100.66 -62.18
N ASN E 1031 12.80 -101.86 -62.21
CA ASN E 1031 12.11 -103.00 -62.79
C ASN E 1031 10.82 -103.35 -62.07
N GLY E 1032 10.81 -103.23 -60.76
CA GLY E 1032 9.59 -103.50 -60.00
C GLY E 1032 9.64 -104.48 -58.86
N LYS E 1033 10.81 -104.96 -58.51
CA LYS E 1033 10.94 -105.91 -57.43
C LYS E 1033 11.48 -105.30 -56.15
N ILE E 1034 10.93 -105.70 -55.02
CA ILE E 1034 11.34 -105.11 -53.77
C ILE E 1034 12.54 -105.74 -53.11
N PHE E 1035 13.67 -105.04 -53.03
CA PHE E 1035 14.88 -105.59 -52.42
C PHE E 1035 15.29 -104.95 -51.10
N ASN E 1036 15.13 -105.66 -49.98
CA ASN E 1036 15.57 -105.15 -48.69
C ASN E 1036 16.54 -106.16 -48.11
N PRO E 1037 17.70 -105.73 -47.63
CA PRO E 1037 18.63 -106.76 -47.17
C PRO E 1037 18.07 -107.59 -46.05
N ASP E 1038 17.41 -106.98 -45.08
CA ASP E 1038 16.75 -107.77 -44.06
C ASP E 1038 15.33 -107.25 -43.95
N PRO E 1039 14.32 -108.08 -44.26
CA PRO E 1039 12.97 -107.52 -44.26
C PRO E 1039 12.48 -107.06 -42.90
N CYS E 1040 12.68 -107.87 -41.88
CA CYS E 1040 12.25 -107.51 -40.54
C CYS E 1040 13.07 -106.35 -40.03
N ARG E 1041 14.35 -106.39 -40.30
CA ARG E 1041 15.24 -105.36 -39.80
C ARG E 1041 15.13 -104.04 -40.55
N ASN E 1042 15.57 -102.97 -39.91
CA ASN E 1042 15.56 -101.69 -40.57
C ASN E 1042 16.95 -101.33 -41.04
N ILE E 1043 17.12 -101.19 -42.35
CA ILE E 1043 18.41 -100.80 -42.91
C ILE E 1043 18.04 -99.76 -43.94
N ILE E 1044 18.97 -98.87 -44.29
CA ILE E 1044 18.66 -97.81 -45.25
C ILE E 1044 19.71 -97.71 -46.34
N LEU E 1045 19.35 -97.16 -47.49
CA LEU E 1045 20.32 -96.97 -48.57
C LEU E 1045 20.75 -95.53 -48.79
N ASN E 1046 22.02 -95.23 -48.59
CA ASN E 1046 22.47 -93.87 -48.71
C ASN E 1046 22.70 -93.62 -50.12
N PRO E 1047 22.13 -92.55 -50.59
CA PRO E 1047 22.23 -92.43 -52.01
C PRO E 1047 23.58 -92.29 -52.63
N PHE E 1048 24.47 -91.49 -52.14
CA PHE E 1048 25.71 -91.30 -52.87
C PHE E 1048 26.52 -92.56 -52.94
N ASN E 1049 26.73 -93.21 -51.81
CA ASN E 1049 27.53 -94.41 -51.76
C ASN E 1049 26.89 -95.56 -52.43
N LEU E 1050 25.59 -95.69 -52.24
CA LEU E 1050 24.87 -96.81 -52.75
C LEU E 1050 25.15 -98.05 -51.94
N ASN E 1051 25.77 -97.91 -50.77
CA ASN E 1051 25.94 -99.06 -49.88
C ASN E 1051 24.72 -99.07 -48.99
N TRP E 1052 24.71 -99.89 -47.97
CA TRP E 1052 23.61 -99.87 -47.05
C TRP E 1052 24.07 -99.60 -45.64
N TYR E 1053 23.42 -98.66 -44.95
CA TYR E 1053 23.78 -98.31 -43.59
C TYR E 1053 22.56 -98.17 -42.65
N PHE E 1054 22.68 -98.47 -41.36
CA PHE E 1054 21.58 -98.27 -40.40
C PHE E 1054 21.40 -96.77 -40.02
N LEU E 1055 20.25 -96.39 -39.43
CA LEU E 1055 19.98 -94.96 -39.13
C LEU E 1055 20.24 -94.36 -37.77
N HIS E 1056 20.83 -95.09 -36.83
CA HIS E 1056 20.99 -94.56 -35.46
C HIS E 1056 19.67 -94.06 -34.95
N HIS E 1057 18.66 -94.91 -35.00
CA HIS E 1057 17.32 -94.53 -34.58
C HIS E 1057 17.28 -94.15 -33.12
N ASN E 1058 18.04 -94.84 -32.29
CA ASN E 1058 18.02 -94.56 -30.87
C ASN E 1058 18.49 -93.13 -30.68
N TYR E 1059 19.51 -92.72 -31.44
CA TYR E 1059 20.01 -91.35 -31.43
C TYR E 1059 20.98 -91.00 -30.30
N CYS E 1060 21.16 -91.88 -29.34
CA CYS E 1060 22.16 -91.67 -28.29
C CYS E 1060 22.03 -90.28 -27.67
N GLU E 1061 20.82 -89.86 -27.33
CA GLU E 1061 20.66 -88.50 -26.84
C GLU E 1061 20.61 -88.37 -25.33
N GLU E 1062 21.54 -87.59 -24.76
CA GLU E 1062 21.53 -87.35 -23.33
C GLU E 1062 21.71 -85.86 -23.10
N THR E 1063 20.66 -85.09 -23.39
CA THR E 1063 20.77 -83.63 -23.28
C THR E 1063 19.88 -83.03 -22.22
N SER E 1064 20.45 -82.20 -21.36
CA SER E 1064 19.66 -81.52 -20.35
C SER E 1064 19.74 -80.02 -20.62
N LYS E 1065 18.61 -79.34 -20.62
CA LYS E 1065 18.62 -77.93 -20.97
C LYS E 1065 18.69 -77.04 -19.75
N ILE E 1066 19.82 -76.39 -19.55
CA ILE E 1066 19.95 -75.48 -18.46
C ILE E 1066 19.03 -74.27 -18.73
N ILE E 1067 19.02 -73.75 -19.96
CA ILE E 1067 18.14 -72.63 -20.31
C ILE E 1067 17.23 -73.04 -21.43
N SER E 1068 15.94 -72.80 -21.29
CA SER E 1068 14.99 -73.21 -22.30
C SER E 1068 14.43 -72.01 -23.02
N LEU E 1069 13.89 -72.22 -24.21
CA LEU E 1069 13.41 -71.11 -24.99
C LEU E 1069 12.28 -70.39 -24.32
N GLY E 1070 12.27 -69.08 -24.41
CA GLY E 1070 11.18 -68.31 -23.85
C GLY E 1070 11.22 -67.92 -22.39
N GLN E 1071 12.27 -68.27 -21.68
CA GLN E 1071 12.37 -67.91 -20.29
C GLN E 1071 12.93 -66.52 -20.16
N PHE E 1072 12.53 -65.79 -19.14
CA PHE E 1072 12.96 -64.43 -18.95
C PHE E 1072 13.99 -64.41 -17.85
N ILE E 1073 15.18 -63.90 -18.08
CA ILE E 1073 16.23 -63.87 -17.12
C ILE E 1073 16.57 -62.49 -16.58
N CYS E 1074 16.55 -62.27 -15.26
CA CYS E 1074 16.94 -61.00 -14.62
C CYS E 1074 18.41 -60.84 -14.49
N GLU E 1075 18.86 -59.65 -14.21
CA GLU E 1075 20.29 -59.39 -14.09
C GLU E 1075 20.85 -59.99 -12.87
N ASN E 1076 22.15 -60.20 -12.85
CA ASN E 1076 22.82 -60.71 -11.67
C ASN E 1076 22.40 -62.10 -11.26
N VAL E 1077 22.03 -62.93 -12.23
CA VAL E 1077 21.73 -64.30 -11.90
C VAL E 1077 22.78 -65.07 -12.64
N CYS E 1078 23.23 -66.19 -12.10
CA CYS E 1078 24.31 -66.93 -12.73
C CYS E 1078 23.90 -68.34 -13.13
N ILE E 1079 24.08 -68.69 -14.39
CA ILE E 1079 23.77 -70.05 -14.84
C ILE E 1079 24.73 -71.01 -14.18
N ALA E 1080 25.96 -70.60 -14.00
CA ALA E 1080 26.98 -71.44 -13.39
C ALA E 1080 27.89 -70.37 -12.89
N LYS E 1081 28.94 -70.70 -12.15
CA LYS E 1081 29.76 -69.61 -11.62
C LYS E 1081 30.72 -69.07 -12.67
N ASN E 1082 30.22 -68.68 -13.84
CA ASN E 1082 31.05 -68.08 -14.88
C ASN E 1082 30.14 -67.35 -15.85
N GLY E 1083 30.64 -66.37 -16.57
CA GLY E 1083 29.83 -65.74 -17.61
C GLY E 1083 28.42 -65.29 -17.29
N PRO E 1084 28.22 -64.46 -16.25
CA PRO E 1084 26.81 -64.15 -15.93
C PRO E 1084 26.06 -63.50 -17.09
N PRO E 1085 24.84 -63.98 -17.36
CA PRO E 1085 24.03 -63.43 -18.46
C PRO E 1085 23.51 -62.10 -18.02
N LEU E 1086 24.37 -61.10 -18.04
CA LEU E 1086 23.99 -59.80 -17.53
C LEU E 1086 23.19 -59.02 -18.53
N LYS E 1087 21.94 -59.39 -18.70
CA LYS E 1087 21.07 -58.67 -19.59
C LYS E 1087 19.74 -59.27 -19.31
N SER E 1088 18.74 -58.45 -19.03
CA SER E 1088 17.46 -59.09 -18.85
C SER E 1088 16.85 -59.38 -20.21
N GLY E 1089 16.09 -60.45 -20.32
CA GLY E 1089 15.43 -60.68 -21.56
C GLY E 1089 14.94 -62.06 -21.77
N GLN E 1090 14.44 -62.32 -22.97
CA GLN E 1090 13.86 -63.59 -23.23
C GLN E 1090 14.78 -64.30 -24.15
N VAL E 1091 15.09 -65.54 -23.85
CA VAL E 1091 15.90 -66.29 -24.75
C VAL E 1091 15.08 -66.45 -25.99
N ILE E 1092 15.63 -66.09 -27.14
CA ILE E 1092 14.90 -66.21 -28.40
C ILE E 1092 15.55 -67.17 -29.36
N LEU E 1093 16.74 -67.64 -29.06
CA LEU E 1093 17.43 -68.59 -29.92
C LEU E 1093 18.38 -69.46 -29.15
N VAL E 1094 18.15 -70.75 -29.16
CA VAL E 1094 18.95 -71.73 -28.46
C VAL E 1094 19.64 -72.57 -29.48
N GLN E 1095 20.95 -72.59 -29.48
CA GLN E 1095 21.74 -73.32 -30.42
C GLN E 1095 22.65 -74.16 -29.58
N VAL E 1096 23.48 -74.97 -30.20
CA VAL E 1096 24.29 -75.91 -29.44
C VAL E 1096 25.29 -75.32 -28.45
N ASP E 1097 26.02 -74.27 -28.83
CA ASP E 1097 26.97 -73.61 -27.95
C ASP E 1097 26.65 -72.14 -27.70
N SER E 1098 25.40 -71.71 -27.91
CA SER E 1098 25.03 -70.35 -27.68
C SER E 1098 23.57 -70.10 -27.41
N ILE E 1099 23.23 -68.95 -26.85
CA ILE E 1099 21.87 -68.59 -26.66
C ILE E 1099 21.80 -67.13 -27.06
N VAL E 1100 20.72 -66.64 -27.65
CA VAL E 1100 20.54 -65.21 -27.95
C VAL E 1100 19.42 -64.63 -27.13
N ILE E 1101 19.62 -63.48 -26.52
CA ILE E 1101 18.64 -62.85 -25.66
C ILE E 1101 18.15 -61.50 -26.16
N ARG E 1102 16.84 -61.24 -26.18
CA ARG E 1102 16.29 -59.96 -26.59
C ARG E 1102 16.13 -59.17 -25.35
N SER E 1103 16.57 -57.94 -25.34
CA SER E 1103 16.57 -57.17 -24.15
C SER E 1103 15.28 -56.72 -23.57
N ALA E 1104 15.18 -56.71 -22.27
CA ALA E 1104 14.03 -56.20 -21.62
C ALA E 1104 14.42 -55.53 -20.36
N LYS E 1105 13.63 -54.62 -19.86
CA LYS E 1105 13.90 -54.02 -18.62
C LYS E 1105 12.73 -54.26 -17.71
N PRO E 1106 12.99 -54.81 -16.49
CA PRO E 1106 11.89 -55.00 -15.55
C PRO E 1106 11.32 -53.83 -14.83
N TYR E 1107 10.05 -53.82 -14.52
CA TYR E 1107 9.46 -52.75 -13.76
C TYR E 1107 8.53 -53.32 -12.72
N LEU E 1108 8.58 -52.88 -11.47
CA LEU E 1108 7.77 -53.40 -10.39
C LEU E 1108 6.52 -52.63 -10.05
N ALA E 1109 5.40 -53.29 -9.89
CA ALA E 1109 4.18 -52.65 -9.54
C ALA E 1109 3.51 -53.27 -8.38
N THR E 1110 3.13 -52.48 -7.40
CA THR E 1110 2.54 -52.99 -6.21
C THR E 1110 1.05 -53.07 -6.33
N PRO E 1111 0.40 -53.88 -5.51
CA PRO E 1111 -1.03 -54.03 -5.69
C PRO E 1111 -1.68 -52.71 -5.51
N GLY E 1112 -2.66 -52.37 -6.31
CA GLY E 1112 -3.24 -51.06 -6.22
C GLY E 1112 -2.87 -50.06 -7.28
N ALA E 1113 -2.36 -50.52 -8.41
CA ALA E 1113 -1.90 -49.62 -9.41
C ALA E 1113 -2.51 -49.91 -10.71
N THR E 1114 -2.16 -49.16 -11.72
CA THR E 1114 -2.74 -49.32 -13.04
C THR E 1114 -1.75 -49.50 -14.16
N VAL E 1115 -1.90 -50.51 -14.99
CA VAL E 1115 -1.04 -50.65 -16.15
C VAL E 1115 -1.76 -50.16 -17.34
N HIS E 1116 -1.22 -49.17 -17.99
CA HIS E 1116 -1.84 -48.59 -19.13
C HIS E 1116 -1.40 -49.21 -20.39
N GLY E 1117 -2.06 -50.31 -20.77
CA GLY E 1117 -1.77 -50.95 -22.02
C GLY E 1117 -2.29 -52.37 -22.15
N HIS E 1118 -2.56 -52.81 -23.36
CA HIS E 1118 -2.97 -54.20 -23.57
C HIS E 1118 -1.72 -55.03 -23.67
N TYR E 1119 -1.84 -56.34 -23.79
CA TYR E 1119 -0.65 -57.16 -23.75
C TYR E 1119 0.43 -56.92 -24.79
N GLY E 1120 0.11 -56.71 -26.04
CA GLY E 1120 1.17 -56.55 -27.01
C GLY E 1120 1.34 -55.15 -27.52
N GLU E 1121 1.07 -54.16 -26.69
CA GLU E 1121 1.13 -52.81 -27.10
C GLU E 1121 2.47 -52.24 -27.26
N THR E 1122 2.59 -51.33 -28.21
CA THR E 1122 3.82 -50.72 -28.44
C THR E 1122 3.86 -49.47 -27.66
N LEU E 1123 4.88 -49.32 -26.86
CA LEU E 1123 5.02 -48.18 -26.04
C LEU E 1123 6.19 -47.44 -26.58
N TYR E 1124 6.01 -46.16 -26.87
CA TYR E 1124 7.07 -45.31 -27.34
C TYR E 1124 7.59 -44.62 -26.13
N GLU E 1125 8.78 -44.09 -26.20
CA GLU E 1125 9.39 -43.42 -25.06
C GLU E 1125 8.59 -42.25 -24.59
N GLY E 1126 8.50 -42.06 -23.30
CA GLY E 1126 7.69 -41.01 -22.76
C GLY E 1126 6.29 -41.37 -22.46
N ASP E 1127 5.91 -42.59 -22.68
CA ASP E 1127 4.54 -42.95 -22.50
C ASP E 1127 4.36 -43.56 -21.16
N THR E 1128 3.27 -43.21 -20.49
CA THR E 1128 3.08 -43.69 -19.17
C THR E 1128 2.84 -45.17 -19.11
N LEU E 1129 3.50 -45.85 -18.20
CA LEU E 1129 3.36 -47.29 -18.07
C LEU E 1129 2.53 -47.63 -16.87
N VAL E 1130 2.83 -47.07 -15.72
CA VAL E 1130 2.11 -47.37 -14.51
C VAL E 1130 1.82 -46.16 -13.65
N THR E 1131 0.74 -46.15 -12.89
CA THR E 1131 0.49 -45.07 -11.96
C THR E 1131 0.30 -45.59 -10.61
N PHE E 1132 0.98 -45.01 -9.64
CA PHE E 1132 0.98 -45.50 -8.30
C PHE E 1132 0.36 -44.46 -7.45
N ILE E 1133 -0.43 -44.83 -6.46
CA ILE E 1133 -0.93 -43.80 -5.55
C ILE E 1133 -0.21 -43.80 -4.17
N TYR E 1134 0.43 -42.69 -3.78
CA TYR E 1134 1.19 -42.61 -2.51
C TYR E 1134 0.64 -41.57 -1.54
N GLU E 1135 0.65 -41.88 -0.25
CA GLU E 1135 0.09 -40.95 0.75
C GLU E 1135 1.05 -40.01 1.44
N LYS E 1136 1.02 -38.74 1.08
CA LYS E 1136 1.94 -37.76 1.63
C LYS E 1136 1.76 -37.44 3.09
N GLY E 1145 -1.82 -18.59 9.66
CA GLY E 1145 -1.46 -17.24 9.30
C GLY E 1145 -2.59 -16.24 9.28
N LEU E 1146 -2.42 -15.15 8.55
CA LEU E 1146 -3.44 -14.13 8.48
C LEU E 1146 -4.74 -14.58 7.87
N PRO E 1147 -4.70 -15.45 6.87
CA PRO E 1147 -6.01 -15.80 6.35
C PRO E 1147 -6.88 -16.41 7.40
N LYS E 1148 -6.32 -17.23 8.24
CA LYS E 1148 -7.13 -17.87 9.22
C LYS E 1148 -7.74 -16.86 10.18
N VAL E 1149 -7.01 -15.84 10.56
CA VAL E 1149 -7.55 -14.83 11.44
C VAL E 1149 -8.71 -14.11 10.79
N GLU E 1150 -8.64 -13.81 9.51
CA GLU E 1150 -9.77 -13.18 8.86
C GLU E 1150 -10.94 -14.08 8.83
N GLN E 1151 -10.71 -15.35 8.59
CA GLN E 1151 -11.80 -16.27 8.65
C GLN E 1151 -12.42 -16.35 10.05
N VAL E 1152 -11.64 -16.40 11.10
CA VAL E 1152 -12.22 -16.54 12.39
C VAL E 1152 -13.02 -15.34 12.78
N LEU E 1153 -12.49 -14.18 12.55
CA LEU E 1153 -13.16 -12.95 12.88
C LEU E 1153 -14.37 -12.67 12.06
N GLU E 1154 -14.31 -12.91 10.76
CA GLU E 1154 -15.46 -12.72 9.94
C GLU E 1154 -16.09 -14.07 9.94
N VAL E 1155 -17.11 -14.22 10.76
CA VAL E 1155 -17.71 -15.51 10.92
C VAL E 1155 -18.69 -15.70 9.84
N ARG E 1156 -18.23 -16.15 8.68
CA ARG E 1156 -19.18 -16.48 7.63
C ARG E 1156 -20.01 -17.71 7.99
N SER E 1157 -19.37 -18.74 8.54
CA SER E 1157 -20.09 -19.95 8.93
C SER E 1157 -19.70 -20.32 10.30
N VAL E 1158 -20.67 -20.57 11.15
CA VAL E 1158 -20.37 -20.86 12.53
C VAL E 1158 -19.57 -22.12 12.68
N ASP E 1159 -19.89 -23.11 11.90
CA ASP E 1159 -19.16 -24.37 11.94
C ASP E 1159 -17.78 -24.25 11.39
N SER E 1160 -17.57 -23.27 10.53
CA SER E 1160 -16.29 -23.19 9.89
C SER E 1160 -15.17 -23.05 10.86
N ILE E 1161 -15.33 -22.22 11.87
CA ILE E 1161 -14.29 -22.16 12.85
C ILE E 1161 -14.10 -23.45 13.66
N SER E 1162 -15.14 -24.03 14.23
CA SER E 1162 -14.99 -25.31 14.91
C SER E 1162 -16.17 -26.23 14.71
N MET E 1163 -15.92 -27.45 14.30
CA MET E 1163 -16.98 -28.40 14.11
C MET E 1163 -17.60 -28.81 15.39
N ASN E 1164 -16.78 -28.96 16.40
CA ASN E 1164 -17.27 -29.36 17.67
C ASN E 1164 -18.25 -28.32 18.14
N LEU E 1165 -18.00 -27.07 17.87
CA LEU E 1165 -18.89 -26.00 18.26
C LEU E 1165 -20.26 -25.95 17.63
N GLU E 1166 -20.36 -26.20 16.34
CA GLU E 1166 -21.64 -26.13 15.69
C GLU E 1166 -22.46 -27.19 16.29
N LYS E 1167 -21.86 -28.32 16.53
CA LYS E 1167 -22.56 -29.41 17.10
C LYS E 1167 -23.24 -28.96 18.34
N ARG E 1168 -22.48 -28.38 19.23
CA ARG E 1168 -23.05 -28.02 20.46
C ARG E 1168 -24.16 -27.01 20.35
N ILE E 1169 -24.00 -25.98 19.57
CA ILE E 1169 -25.00 -24.96 19.49
C ILE E 1169 -26.31 -25.43 18.90
N GLU E 1170 -26.31 -26.16 17.80
CA GLU E 1170 -27.57 -26.70 17.25
C GLU E 1170 -28.18 -27.65 18.20
N GLY E 1171 -27.36 -28.46 18.81
CA GLY E 1171 -27.88 -29.39 19.77
C GLY E 1171 -28.51 -28.76 20.97
N TRP E 1172 -27.82 -27.79 21.57
CA TRP E 1172 -28.32 -27.15 22.76
C TRP E 1172 -29.68 -26.60 22.49
N ASN E 1173 -29.82 -25.88 21.38
CA ASN E 1173 -31.08 -25.21 21.16
C ASN E 1173 -32.28 -26.11 21.03
N LYS E 1174 -32.14 -27.22 20.33
CA LYS E 1174 -33.23 -28.14 20.22
C LYS E 1174 -33.59 -28.73 21.57
N CYS E 1175 -32.59 -29.18 22.30
CA CYS E 1175 -32.83 -29.81 23.59
C CYS E 1175 -33.34 -28.91 24.69
N ILE E 1176 -32.85 -27.68 24.73
CA ILE E 1176 -33.19 -26.81 25.86
C ILE E 1176 -34.67 -26.51 25.99
N THR E 1177 -35.36 -26.37 24.88
CA THR E 1177 -36.74 -25.96 24.96
C THR E 1177 -37.61 -26.93 25.73
N ARG E 1178 -37.40 -28.22 25.51
CA ARG E 1178 -38.22 -29.20 26.19
C ARG E 1178 -37.99 -29.13 27.67
N ILE E 1179 -36.73 -29.05 28.07
CA ILE E 1179 -36.41 -29.05 29.49
C ILE E 1179 -36.91 -27.83 30.25
N LEU E 1180 -36.85 -26.66 29.64
CA LEU E 1180 -37.20 -25.45 30.40
C LEU E 1180 -38.26 -24.54 29.82
N GLY E 1181 -38.89 -23.74 30.69
CA GLY E 1181 -39.97 -22.86 30.27
C GLY E 1181 -39.65 -21.61 29.52
N ILE E 1182 -40.68 -20.95 29.01
CA ILE E 1182 -40.47 -19.78 28.18
C ILE E 1182 -39.75 -18.62 28.83
N PRO E 1183 -40.11 -18.25 30.07
CA PRO E 1183 -39.32 -17.12 30.58
C PRO E 1183 -37.87 -17.46 30.74
N TRP E 1184 -37.55 -18.67 31.18
CA TRP E 1184 -36.17 -18.99 31.48
C TRP E 1184 -35.30 -19.74 30.48
N GLY E 1185 -35.91 -20.42 29.53
CA GLY E 1185 -35.14 -21.22 28.58
C GLY E 1185 -34.33 -20.47 27.54
N PHE E 1186 -34.89 -19.44 26.94
CA PHE E 1186 -34.13 -18.64 25.99
C PHE E 1186 -32.96 -17.98 26.70
N LEU E 1187 -33.21 -17.45 27.88
CA LEU E 1187 -32.16 -16.76 28.61
C LEU E 1187 -30.98 -17.66 28.99
N ILE E 1188 -31.28 -18.84 29.52
CA ILE E 1188 -30.21 -19.77 29.87
C ILE E 1188 -29.48 -20.29 28.64
N GLY E 1189 -30.22 -20.55 27.56
CA GLY E 1189 -29.62 -21.03 26.34
C GLY E 1189 -28.67 -19.98 25.78
N ALA E 1190 -29.09 -18.73 25.84
CA ALA E 1190 -28.23 -17.66 25.35
C ALA E 1190 -26.96 -17.58 26.17
N GLU E 1191 -27.07 -17.68 27.49
CA GLU E 1191 -25.89 -17.56 28.33
C GLU E 1191 -24.90 -18.67 28.04
N LEU E 1192 -25.39 -19.88 27.86
CA LEU E 1192 -24.50 -20.98 27.49
C LEU E 1192 -23.90 -20.82 26.11
N THR E 1193 -24.65 -20.39 25.10
CA THR E 1193 -24.01 -20.25 23.83
C THR E 1193 -22.97 -19.20 23.89
N ILE E 1194 -23.26 -18.10 24.57
CA ILE E 1194 -22.35 -16.99 24.64
C ILE E 1194 -21.09 -17.37 25.32
N ALA E 1195 -21.16 -18.08 26.42
CA ALA E 1195 -19.96 -18.55 27.04
C ALA E 1195 -19.03 -19.49 26.24
N GLN E 1196 -19.54 -20.51 25.57
CA GLN E 1196 -18.65 -21.34 24.81
C GLN E 1196 -18.06 -20.62 23.63
N SER E 1197 -18.85 -19.81 22.98
CA SER E 1197 -18.39 -19.14 21.82
C SER E 1197 -17.26 -18.26 22.14
N ARG E 1198 -17.37 -17.55 23.23
CA ARG E 1198 -16.36 -16.64 23.61
C ARG E 1198 -15.04 -17.31 23.89
N ILE E 1199 -15.04 -18.43 24.60
CA ILE E 1199 -13.82 -19.13 24.85
C ILE E 1199 -13.17 -19.64 23.59
N SER E 1200 -13.93 -20.23 22.72
CA SER E 1200 -13.37 -20.78 21.52
C SER E 1200 -12.76 -19.76 20.58
N LEU E 1201 -13.43 -18.65 20.36
CA LEU E 1201 -12.92 -17.67 19.45
C LEU E 1201 -11.64 -17.04 19.91
N VAL E 1202 -11.52 -16.70 21.18
CA VAL E 1202 -10.27 -16.18 21.68
C VAL E 1202 -9.18 -17.20 21.59
N ASN E 1203 -9.47 -18.42 21.96
CA ASN E 1203 -8.50 -19.48 21.88
C ASN E 1203 -8.03 -19.82 20.49
N LYS E 1204 -8.90 -19.84 19.53
CA LYS E 1204 -8.47 -20.05 18.16
C LYS E 1204 -7.58 -18.97 17.56
N ILE E 1205 -7.89 -17.70 17.77
CA ILE E 1205 -7.03 -16.67 17.28
C ILE E 1205 -5.70 -16.76 17.96
N GLN E 1206 -5.73 -17.02 19.25
CA GLN E 1206 -4.50 -17.05 20.00
C GLN E 1206 -3.55 -18.13 19.66
N GLN E 1207 -4.05 -19.30 19.33
CA GLN E 1207 -3.17 -20.35 18.93
C GLN E 1207 -2.38 -19.98 17.72
N VAL E 1208 -3.00 -19.31 16.76
CA VAL E 1208 -2.28 -18.89 15.61
C VAL E 1208 -1.18 -17.91 15.94
N TYR E 1209 -1.40 -16.97 16.83
CA TYR E 1209 -0.33 -16.08 17.19
C TYR E 1209 0.80 -16.74 17.97
N ARG E 1210 0.49 -17.61 18.90
CA ARG E 1210 1.50 -18.31 19.69
C ARG E 1210 2.40 -19.26 18.94
N SER E 1211 1.93 -19.80 17.84
CA SER E 1211 2.74 -20.64 17.00
C SER E 1211 3.92 -19.94 16.45
N GLN E 1212 3.76 -18.69 16.08
CA GLN E 1212 4.83 -17.93 15.51
C GLN E 1212 5.57 -17.02 16.44
N GLY E 1213 5.35 -17.12 17.74
CA GLY E 1213 6.09 -16.31 18.67
C GLY E 1213 5.67 -14.88 18.90
N VAL E 1214 4.45 -14.54 18.53
CA VAL E 1214 3.93 -13.22 18.72
C VAL E 1214 3.05 -13.26 19.92
N GLN E 1215 3.33 -12.41 20.88
CA GLN E 1215 2.57 -12.39 22.09
C GLN E 1215 1.75 -11.13 22.26
N ILE E 1216 0.43 -11.25 22.27
CA ILE E 1216 -0.48 -10.15 22.44
C ILE E 1216 -1.33 -10.50 23.63
N HIS E 1217 -1.66 -9.54 24.48
CA HIS E 1217 -2.48 -9.75 25.65
C HIS E 1217 -3.92 -10.00 25.33
N ASN E 1218 -4.57 -10.73 26.18
CA ASN E 1218 -5.96 -11.08 25.99
C ASN E 1218 -7.00 -10.02 26.05
N ARG E 1219 -6.79 -9.01 26.84
CA ARG E 1219 -7.77 -8.00 27.01
C ARG E 1219 -8.10 -7.38 25.72
N HIS E 1220 -7.13 -7.17 24.89
CA HIS E 1220 -7.35 -6.63 23.61
C HIS E 1220 -8.24 -7.47 22.70
N LEU E 1221 -8.05 -8.76 22.62
CA LEU E 1221 -8.93 -9.61 21.85
C LEU E 1221 -10.32 -9.64 22.39
N GLU E 1222 -10.47 -9.62 23.68
CA GLU E 1222 -11.76 -9.59 24.29
C GLU E 1222 -12.63 -8.37 23.98
N ILE E 1223 -12.10 -7.18 23.85
CA ILE E 1223 -12.88 -6.03 23.45
C ILE E 1223 -13.48 -6.29 22.08
N ILE E 1224 -12.71 -6.79 21.13
CA ILE E 1224 -13.22 -7.18 19.82
C ILE E 1224 -14.17 -8.34 19.78
N VAL E 1225 -13.90 -9.38 20.54
CA VAL E 1225 -14.79 -10.51 20.57
C VAL E 1225 -16.17 -10.16 21.09
N ARG E 1226 -16.27 -9.28 22.05
CA ARG E 1226 -17.54 -8.94 22.62
C ARG E 1226 -18.48 -8.37 21.61
N GLN E 1227 -17.96 -7.56 20.71
CA GLN E 1227 -18.83 -6.91 19.76
C GLN E 1227 -19.38 -7.94 18.81
N ILE E 1228 -18.59 -8.93 18.47
CA ILE E 1228 -19.04 -10.00 17.60
C ILE E 1228 -20.14 -10.76 18.28
N THR E 1229 -20.02 -10.96 19.57
CA THR E 1229 -20.97 -11.79 20.27
C THR E 1229 -22.05 -11.09 21.11
N SER E 1230 -22.32 -9.83 20.87
CA SER E 1230 -23.29 -9.10 21.70
C SER E 1230 -24.74 -8.97 21.29
N LYS E 1231 -25.16 -9.53 20.16
CA LYS E 1231 -26.55 -9.32 19.72
C LYS E 1231 -27.39 -10.56 19.50
N VAL E 1232 -28.71 -10.41 19.57
CA VAL E 1232 -29.61 -11.55 19.45
C VAL E 1232 -30.65 -11.32 18.35
N LEU E 1233 -31.22 -12.39 17.79
CA LEU E 1233 -32.25 -12.27 16.73
C LEU E 1233 -33.61 -12.74 17.10
N VAL E 1234 -34.60 -11.87 17.05
CA VAL E 1234 -35.95 -12.22 17.42
C VAL E 1234 -36.47 -13.08 16.32
N SER E 1235 -37.27 -14.07 16.63
CA SER E 1235 -37.67 -15.04 15.62
C SER E 1235 -38.92 -14.81 14.83
N GLU E 1236 -39.20 -15.67 13.87
CA GLU E 1236 -40.36 -15.56 13.01
C GLU E 1236 -41.65 -15.61 13.72
N ASP E 1237 -41.70 -16.42 14.75
CA ASP E 1237 -42.92 -16.58 15.51
C ASP E 1237 -43.27 -15.37 16.33
N GLY E 1238 -42.32 -14.47 16.51
CA GLY E 1238 -42.58 -13.35 17.38
C GLY E 1238 -43.05 -12.06 16.79
N MET E 1239 -44.33 -11.74 16.97
CA MET E 1239 -44.82 -10.46 16.53
C MET E 1239 -45.57 -9.85 17.67
N SER E 1240 -45.30 -8.60 17.97
CA SER E 1240 -45.98 -7.90 19.03
C SER E 1240 -45.78 -6.48 18.64
N ASN E 1241 -46.49 -5.58 19.26
CA ASN E 1241 -46.25 -4.18 18.96
C ASN E 1241 -44.81 -3.88 19.35
N VAL E 1242 -44.37 -4.43 20.47
CA VAL E 1242 -43.02 -4.16 20.94
C VAL E 1242 -41.90 -4.65 20.02
N PHE E 1243 -42.00 -5.86 19.50
CA PHE E 1243 -40.91 -6.39 18.70
C PHE E 1243 -41.33 -6.98 17.35
N SER E 1244 -40.62 -6.64 16.30
CA SER E 1244 -40.95 -7.15 14.98
C SER E 1244 -40.29 -8.50 14.70
N PRO E 1245 -40.79 -9.28 13.70
CA PRO E 1245 -40.20 -10.60 13.58
C PRO E 1245 -38.77 -10.78 13.32
N GLY E 1246 -38.11 -10.08 12.44
CA GLY E 1246 -36.67 -10.28 12.34
C GLY E 1246 -35.93 -9.02 12.66
N GLU E 1247 -35.34 -8.91 13.84
CA GLU E 1247 -34.66 -7.69 14.24
C GLU E 1247 -33.45 -8.04 15.04
N LEU E 1248 -32.52 -7.10 15.16
CA LEU E 1248 -31.37 -7.34 15.97
C LEU E 1248 -31.46 -6.49 17.20
N ILE E 1249 -31.48 -7.12 18.36
CA ILE E 1249 -31.51 -6.39 19.61
C ILE E 1249 -30.36 -6.89 20.43
N GLY E 1250 -29.90 -6.09 21.37
CA GLY E 1250 -28.79 -6.48 22.20
C GLY E 1250 -29.07 -7.42 23.31
N LEU E 1251 -28.11 -8.20 23.74
CA LEU E 1251 -28.39 -9.21 24.71
C LEU E 1251 -28.87 -8.73 26.03
N LEU E 1252 -28.25 -7.71 26.59
CA LEU E 1252 -28.64 -7.22 27.88
C LEU E 1252 -30.02 -6.68 27.79
N ARG E 1253 -30.36 -6.02 26.71
CA ARG E 1253 -31.71 -5.54 26.53
C ARG E 1253 -32.73 -6.60 26.50
N ALA E 1254 -32.53 -7.61 25.72
CA ALA E 1254 -33.49 -8.64 25.59
C ALA E 1254 -33.71 -9.34 26.86
N GLU E 1255 -32.66 -9.60 27.58
CA GLU E 1255 -32.78 -10.26 28.84
C GLU E 1255 -33.58 -9.51 29.83
N ARG E 1256 -33.42 -8.22 29.89
CA ARG E 1256 -34.19 -7.41 30.77
C ARG E 1256 -35.64 -7.36 30.47
N MET E 1257 -35.99 -7.25 29.23
CA MET E 1257 -37.34 -7.22 28.83
C MET E 1257 -38.02 -8.51 29.11
N GLY E 1258 -37.34 -9.61 28.93
CA GLY E 1258 -37.91 -10.90 29.17
C GLY E 1258 -38.36 -11.12 30.60
N ARG E 1259 -37.61 -10.64 31.57
CA ARG E 1259 -38.07 -10.73 32.93
C ARG E 1259 -39.29 -9.94 33.11
N ALA E 1260 -39.31 -8.77 32.58
CA ALA E 1260 -40.43 -7.91 32.70
C ALA E 1260 -41.68 -8.26 31.99
N LEU E 1261 -41.53 -8.71 30.78
CA LEU E 1261 -42.69 -8.90 29.99
C LEU E 1261 -43.08 -10.33 29.80
N GLU E 1262 -44.34 -10.64 30.07
CA GLU E 1262 -44.85 -11.99 29.90
C GLU E 1262 -44.99 -12.32 28.43
N GLU E 1263 -45.02 -11.30 27.59
CA GLU E 1263 -45.14 -11.53 26.17
C GLU E 1263 -43.94 -12.32 25.77
N ALA E 1264 -44.13 -13.29 24.90
CA ALA E 1264 -43.03 -14.14 24.53
C ALA E 1264 -42.06 -13.46 23.60
N ILE E 1265 -40.78 -13.42 23.98
CA ILE E 1265 -39.83 -12.86 23.10
C ILE E 1265 -39.06 -14.13 22.81
N CYS E 1266 -38.86 -14.44 21.54
CA CYS E 1266 -38.10 -15.60 21.18
C CYS E 1266 -36.88 -15.16 20.51
N TYR E 1267 -35.73 -15.60 20.98
CA TYR E 1267 -34.51 -15.13 20.44
C TYR E 1267 -33.43 -16.12 20.43
N ARG E 1268 -32.47 -15.95 19.56
CA ARG E 1268 -31.33 -16.79 19.55
C ARG E 1268 -30.11 -15.99 19.13
N VAL E 1269 -28.95 -16.34 19.69
CA VAL E 1269 -27.73 -15.59 19.44
C VAL E 1269 -27.23 -15.71 18.03
N VAL E 1270 -26.84 -14.59 17.45
CA VAL E 1270 -26.26 -14.61 16.12
C VAL E 1270 -24.84 -14.13 16.22
N LEU E 1271 -23.90 -14.89 15.69
CA LEU E 1271 -22.53 -14.42 15.68
C LEU E 1271 -22.42 -13.51 14.48
N LEU E 1272 -21.92 -12.30 14.68
CA LEU E 1272 -21.86 -11.35 13.60
C LEU E 1272 -20.43 -11.15 13.20
N GLY E 1273 -20.20 -11.09 11.90
CA GLY E 1273 -18.86 -10.91 11.41
C GLY E 1273 -18.40 -9.49 11.63
N ILE E 1274 -17.11 -9.28 11.49
CA ILE E 1274 -16.57 -7.96 11.74
C ILE E 1274 -17.22 -6.96 10.80
N THR E 1275 -17.38 -7.32 9.54
CA THR E 1275 -18.02 -6.43 8.60
C THR E 1275 -19.49 -6.13 8.89
N ARG E 1276 -20.26 -7.16 9.22
CA ARG E 1276 -21.66 -6.94 9.47
C ARG E 1276 -21.86 -6.07 10.67
N ALA E 1277 -21.04 -6.27 11.69
CA ALA E 1277 -21.18 -5.53 12.91
C ALA E 1277 -21.22 -4.04 12.69
N SER E 1278 -20.30 -3.52 11.88
CA SER E 1278 -20.24 -2.11 11.65
C SER E 1278 -21.47 -1.57 11.04
N LEU E 1279 -22.08 -2.34 10.16
CA LEU E 1279 -23.23 -1.83 9.45
C LEU E 1279 -24.41 -1.68 10.36
N ASN E 1280 -24.44 -2.43 11.44
CA ASN E 1280 -25.53 -2.24 12.40
C ASN E 1280 -24.98 -1.50 13.59
N THR E 1281 -25.24 -0.19 13.68
CA THR E 1281 -24.68 0.61 14.76
C THR E 1281 -25.53 1.83 15.02
N GLN E 1282 -25.16 2.61 16.02
CA GLN E 1282 -25.86 3.85 16.30
C GLN E 1282 -25.60 5.08 15.43
N SER E 1283 -24.51 5.10 14.69
CA SER E 1283 -24.18 6.29 13.90
C SER E 1283 -24.20 6.08 12.41
N PHE E 1284 -25.16 6.68 11.73
CA PHE E 1284 -25.19 6.58 10.30
C PHE E 1284 -23.99 7.24 9.70
N ILE E 1285 -23.58 8.37 10.26
CA ILE E 1285 -22.51 9.14 9.64
C ILE E 1285 -21.26 8.42 9.32
N SER E 1286 -20.69 7.74 10.29
CA SER E 1286 -19.42 7.18 10.04
C SER E 1286 -19.44 5.77 10.32
N GLU E 1287 -20.00 5.44 11.45
CA GLU E 1287 -19.91 4.07 11.81
C GLU E 1287 -20.53 3.24 10.69
N ALA E 1288 -21.58 3.74 10.06
CA ALA E 1288 -22.14 2.97 9.00
C ALA E 1288 -21.79 3.38 7.59
N SER E 1289 -21.43 4.62 7.33
CA SER E 1289 -21.00 4.96 5.98
C SER E 1289 -19.49 4.74 5.77
N PHE E 1290 -19.07 3.47 5.82
CA PHE E 1290 -17.68 3.10 5.56
C PHE E 1290 -17.63 2.15 4.40
N GLN E 1291 -18.78 1.62 4.01
CA GLN E 1291 -18.84 0.75 2.88
C GLN E 1291 -19.98 1.05 1.96
N GLU E 1292 -21.21 0.78 2.34
CA GLU E 1292 -22.31 0.99 1.42
C GLU E 1292 -22.93 2.35 1.54
N THR E 1293 -22.30 3.38 1.02
CA THR E 1293 -22.78 4.72 1.25
C THR E 1293 -24.11 5.15 0.75
N ALA E 1294 -24.45 4.75 -0.44
CA ALA E 1294 -25.74 5.06 -0.95
C ALA E 1294 -26.82 4.35 -0.22
N ARG E 1295 -26.64 3.08 0.05
CA ARG E 1295 -27.71 2.33 0.64
C ARG E 1295 -28.07 2.82 2.02
N VAL E 1296 -27.08 3.12 2.85
CA VAL E 1296 -27.33 3.60 4.19
C VAL E 1296 -27.97 4.94 4.20
N LEU E 1297 -27.51 5.82 3.36
CA LEU E 1297 -28.00 7.14 3.37
C LEU E 1297 -29.45 7.19 3.00
N ALA E 1298 -29.87 6.39 2.05
CA ALA E 1298 -31.26 6.32 1.69
C ALA E 1298 -32.17 5.83 2.74
N LYS E 1299 -31.80 4.77 3.43
CA LYS E 1299 -32.67 4.21 4.42
C LYS E 1299 -32.88 5.23 5.49
N ALA E 1300 -31.84 5.93 5.85
CA ALA E 1300 -31.90 6.95 6.84
C ALA E 1300 -32.70 8.14 6.55
N ALA E 1301 -32.66 8.61 5.31
CA ALA E 1301 -33.36 9.83 4.98
C ALA E 1301 -34.80 9.56 5.13
N LEU E 1302 -35.19 8.36 4.78
CA LEU E 1302 -36.56 7.97 4.91
C LEU E 1302 -36.99 7.95 6.36
N ARG E 1303 -36.14 7.46 7.25
CA ARG E 1303 -36.52 7.32 8.65
C ARG E 1303 -36.23 8.51 9.52
N GLY E 1304 -35.66 9.55 8.95
CA GLY E 1304 -35.32 10.74 9.71
C GLY E 1304 -34.35 10.52 10.84
N ARG E 1305 -33.40 9.61 10.66
CA ARG E 1305 -32.47 9.26 11.73
C ARG E 1305 -31.75 10.40 12.40
N ILE E 1306 -31.62 10.32 13.70
CA ILE E 1306 -30.92 11.35 14.44
C ILE E 1306 -29.72 10.69 15.04
N ASP E 1307 -28.55 11.29 14.88
CA ASP E 1307 -27.35 10.73 15.44
C ASP E 1307 -26.84 11.63 16.52
N TRP E 1308 -26.67 11.09 17.71
CA TRP E 1308 -26.10 11.87 18.78
C TRP E 1308 -24.67 11.56 18.54
N LEU E 1309 -23.83 12.56 18.48
CA LEU E 1309 -22.46 12.32 18.10
C LEU E 1309 -21.63 11.86 19.24
N LYS E 1310 -21.69 10.57 19.55
CA LYS E 1310 -20.99 10.05 20.71
C LYS E 1310 -19.70 9.26 20.44
N GLY E 1311 -19.24 9.19 19.20
CA GLY E 1311 -18.05 8.43 18.89
C GLY E 1311 -16.95 9.27 18.32
N LEU E 1312 -15.79 8.67 18.08
CA LEU E 1312 -14.69 9.39 17.54
C LEU E 1312 -14.71 9.83 16.10
N LYS E 1313 -15.00 8.92 15.18
CA LYS E 1313 -14.97 9.24 13.76
C LYS E 1313 -15.97 10.29 13.40
N GLU E 1314 -17.13 10.25 14.02
CA GLU E 1314 -18.16 11.19 13.70
C GLU E 1314 -17.75 12.62 14.00
N ASN E 1315 -17.08 12.85 15.12
CA ASN E 1315 -16.72 14.20 15.50
C ASN E 1315 -15.57 14.71 14.67
N VAL E 1316 -14.80 13.81 14.09
CA VAL E 1316 -13.73 14.21 13.19
C VAL E 1316 -14.27 14.85 11.93
N VAL E 1317 -15.35 14.30 11.38
CA VAL E 1317 -15.94 14.83 10.17
C VAL E 1317 -16.43 16.23 10.42
N LEU E 1318 -16.96 16.47 11.60
CA LEU E 1318 -17.53 17.76 11.92
C LEU E 1318 -16.47 18.76 12.33
N GLY E 1319 -15.22 18.33 12.38
CA GLY E 1319 -14.14 19.21 12.77
C GLY E 1319 -14.28 19.77 14.16
N GLY E 1320 -14.65 18.93 15.11
CA GLY E 1320 -14.85 19.37 16.48
C GLY E 1320 -14.04 18.52 17.41
N VAL E 1321 -13.82 18.97 18.64
CA VAL E 1321 -12.95 18.21 19.54
C VAL E 1321 -13.49 16.84 19.82
N ILE E 1322 -12.67 15.82 19.64
CA ILE E 1322 -13.09 14.43 19.82
C ILE E 1322 -13.27 14.16 21.30
N PRO E 1323 -14.27 13.35 21.67
CA PRO E 1323 -14.41 13.18 23.11
C PRO E 1323 -13.50 12.13 23.72
N VAL E 1324 -12.18 12.28 23.59
CA VAL E 1324 -11.22 11.34 24.16
C VAL E 1324 -10.09 12.17 24.72
N GLY E 1325 -9.42 11.70 25.75
CA GLY E 1325 -8.27 12.39 26.27
C GLY E 1325 -8.52 13.77 26.79
N THR E 1326 -7.77 14.72 26.29
CA THR E 1326 -7.90 16.08 26.74
C THR E 1326 -9.29 16.53 26.43
N GLY E 1327 -9.83 16.08 25.33
CA GLY E 1327 -11.20 16.39 24.98
C GLY E 1327 -12.29 15.89 25.90
N PHE E 1328 -12.15 14.69 26.44
CA PHE E 1328 -13.13 14.17 27.38
C PHE E 1328 -13.12 15.18 28.47
N LYS E 1329 -14.27 15.61 28.93
CA LYS E 1329 -14.26 16.68 29.92
C LYS E 1329 -14.60 16.15 31.27
N GLY E 1330 -13.74 16.42 32.24
CA GLY E 1330 -13.97 15.92 33.58
C GLY E 1330 -13.36 16.82 34.61
N GLY F 64 -16.18 55.96 88.46
CA GLY F 64 -17.06 55.43 89.48
C GLY F 64 -18.42 56.07 89.38
N THR F 65 -18.46 57.38 89.52
CA THR F 65 -19.73 58.09 89.38
C THR F 65 -20.24 57.94 87.95
N GLU F 66 -19.35 58.01 86.98
CA GLU F 66 -19.75 57.90 85.59
C GLU F 66 -20.40 56.58 85.44
N LYS F 67 -19.87 55.58 86.11
CA LYS F 67 -20.40 54.27 85.94
C LYS F 67 -21.81 54.21 86.40
N VAL F 68 -22.10 54.81 87.53
CA VAL F 68 -23.44 54.66 88.04
C VAL F 68 -24.38 55.31 87.09
N LEU F 69 -24.03 56.50 86.65
CA LEU F 69 -24.88 57.21 85.68
C LEU F 69 -24.97 56.58 84.31
N ARG F 70 -23.86 56.08 83.78
CA ARG F 70 -23.91 55.53 82.47
C ARG F 70 -24.84 54.37 82.59
N LEU F 71 -24.70 53.62 83.66
CA LEU F 71 -25.52 52.46 83.85
C LEU F 71 -26.98 52.79 83.97
N VAL F 72 -27.29 53.83 84.73
CA VAL F 72 -28.69 54.24 84.87
C VAL F 72 -29.30 54.73 83.57
N PHE F 73 -28.55 55.48 82.78
CA PHE F 73 -29.16 56.01 81.58
C PHE F 73 -29.53 54.89 80.66
N MET F 74 -28.63 53.94 80.50
CA MET F 74 -28.85 52.90 79.52
C MET F 74 -30.06 52.06 79.73
N GLU F 75 -30.42 51.81 80.98
CA GLU F 75 -31.52 50.92 81.21
C GLU F 75 -32.70 51.52 80.52
N GLU F 76 -32.78 52.84 80.55
CA GLU F 76 -33.86 53.51 79.88
C GLU F 76 -33.88 53.33 78.38
N LEU F 77 -32.73 53.42 77.73
CA LEU F 77 -32.75 53.39 76.29
C LEU F 77 -33.33 52.10 75.92
N MET F 78 -32.88 51.10 76.61
CA MET F 78 -33.33 49.78 76.29
C MET F 78 -34.80 49.65 76.51
N GLU F 79 -35.31 50.29 77.54
CA GLU F 79 -36.69 50.08 77.85
C GLU F 79 -37.50 50.51 76.65
N ARG F 80 -37.13 51.63 76.08
CA ARG F 80 -37.81 52.13 74.91
C ARG F 80 -37.63 51.25 73.70
N ALA F 81 -36.38 50.87 73.44
CA ALA F 81 -36.08 50.12 72.23
C ALA F 81 -36.91 48.89 72.09
N ARG F 82 -37.08 48.18 73.19
CA ARG F 82 -37.87 46.97 73.16
C ARG F 82 -39.35 47.25 72.82
N ASN F 83 -39.91 48.33 73.34
CA ASN F 83 -41.28 48.70 72.98
C ASN F 83 -41.30 49.50 71.68
N ALA F 84 -40.13 49.68 71.06
CA ALA F 84 -40.01 50.37 69.78
C ALA F 84 -40.39 51.83 69.59
N ASP F 85 -40.13 52.69 70.55
CA ASP F 85 -40.41 54.09 70.29
C ASP F 85 -39.11 54.69 69.91
N SER F 86 -38.93 54.94 68.63
CA SER F 86 -37.71 55.54 68.16
C SER F 86 -37.57 56.94 68.72
N LYS F 87 -38.68 57.65 68.81
CA LYS F 87 -38.67 59.01 69.31
C LYS F 87 -38.20 59.07 70.71
N GLY F 88 -38.60 58.12 71.54
CA GLY F 88 -38.22 58.25 72.91
C GLY F 88 -36.73 58.27 72.96
N VAL F 89 -36.13 57.39 72.18
CA VAL F 89 -34.69 57.27 72.20
C VAL F 89 -34.07 58.54 71.77
N SER F 90 -34.68 59.19 70.83
CA SER F 90 -34.04 60.37 70.29
C SER F 90 -33.86 61.39 71.37
N GLN F 91 -34.87 61.56 72.23
CA GLN F 91 -34.72 62.50 73.32
C GLN F 91 -33.58 62.03 74.21
N VAL F 92 -33.53 60.74 74.53
CA VAL F 92 -32.51 60.24 75.40
C VAL F 92 -31.20 60.46 74.75
N ILE F 93 -31.18 60.36 73.43
CA ILE F 93 -29.95 60.61 72.68
C ILE F 93 -29.53 62.06 72.85
N TYR F 94 -30.46 62.99 72.69
CA TYR F 94 -30.12 64.39 72.94
C TYR F 94 -29.75 64.53 74.41
N ASP F 95 -30.49 63.86 75.28
CA ASP F 95 -30.19 63.90 76.69
C ASP F 95 -28.76 63.53 76.87
N MET F 96 -28.26 62.67 75.98
CA MET F 96 -26.93 62.21 76.21
C MET F 96 -25.96 63.34 76.02
N ILE F 97 -26.20 64.19 75.05
CA ILE F 97 -25.20 65.19 74.81
C ILE F 97 -25.21 66.21 75.91
N ALA F 98 -26.32 66.24 76.65
CA ALA F 98 -26.48 67.26 77.68
C ALA F 98 -25.78 66.89 78.92
N ALA F 99 -26.00 65.68 79.36
CA ALA F 99 -25.34 65.20 80.54
C ALA F 99 -23.88 65.21 80.23
N GLY F 100 -23.55 65.14 78.94
CA GLY F 100 -22.17 65.07 78.53
C GLY F 100 -21.74 63.64 78.53
N LEU F 101 -22.70 62.75 78.68
CA LEU F 101 -22.39 61.37 78.64
C LEU F 101 -21.87 61.19 77.24
N SER F 102 -20.77 60.46 77.11
CA SER F 102 -20.15 60.30 75.80
C SER F 102 -21.03 59.53 74.84
N PRO F 103 -21.07 59.97 73.56
CA PRO F 103 -21.81 59.16 72.60
C PRO F 103 -21.15 57.80 72.46
N GLY F 104 -21.94 56.73 72.40
CA GLY F 104 -21.38 55.40 72.32
C GLY F 104 -21.91 54.58 71.17
N PRO F 105 -21.08 53.69 70.66
CA PRO F 105 -21.56 52.85 69.60
C PRO F 105 -22.68 52.03 70.15
N ARG F 106 -22.53 51.57 71.36
CA ARG F 106 -23.56 50.77 71.94
C ARG F 106 -24.84 51.55 72.07
N SER F 107 -24.72 52.82 72.42
CA SER F 107 -25.89 53.66 72.58
C SER F 107 -26.64 53.87 71.30
N PHE F 108 -25.93 54.06 70.21
CA PHE F 108 -26.56 54.22 68.94
C PHE F 108 -27.30 52.97 68.59
N HIS F 109 -26.88 51.85 69.10
CA HIS F 109 -27.44 50.60 68.70
C HIS F 109 -28.87 50.58 68.98
N GLY F 110 -29.26 51.12 70.09
CA GLY F 110 -30.66 50.99 70.45
C GLY F 110 -31.50 51.69 69.43
N PHE F 111 -31.04 52.82 68.95
CA PHE F 111 -31.78 53.60 67.98
C PHE F 111 -31.98 52.83 66.71
N VAL F 112 -30.94 52.14 66.27
CA VAL F 112 -31.04 51.46 65.01
C VAL F 112 -32.11 50.45 65.13
N VAL F 113 -32.14 49.77 66.24
CA VAL F 113 -33.13 48.73 66.44
C VAL F 113 -34.51 49.32 66.46
N SER F 114 -34.67 50.51 67.00
CA SER F 114 -36.00 51.02 67.09
C SER F 114 -36.66 51.22 65.73
N HIS F 115 -35.95 51.81 64.78
CA HIS F 115 -36.50 51.92 63.46
C HIS F 115 -36.64 50.53 62.93
N VAL F 116 -35.66 49.68 63.23
CA VAL F 116 -35.64 48.34 62.68
C VAL F 116 -36.83 47.58 63.10
N LEU F 117 -37.29 47.81 64.31
CA LEU F 117 -38.39 47.04 64.79
C LEU F 117 -39.56 47.38 63.93
N ASN F 118 -39.57 48.60 63.45
CA ASN F 118 -40.78 49.07 62.76
C ASN F 118 -40.65 49.37 61.31
N ARG F 119 -39.82 48.63 60.61
CA ARG F 119 -39.71 48.79 59.19
C ARG F 119 -39.46 50.18 58.66
N ASP F 120 -38.64 50.98 59.32
CA ASP F 120 -38.33 52.28 58.76
C ASP F 120 -36.96 52.24 58.17
N ASN F 121 -36.89 52.10 56.87
CA ASN F 121 -35.61 52.07 56.21
C ASN F 121 -34.91 53.37 56.34
N ASP F 122 -35.65 54.45 56.15
CA ASP F 122 -35.04 55.75 56.18
C ASP F 122 -34.54 55.96 57.54
N GLY F 123 -35.34 55.57 58.50
CA GLY F 123 -34.96 55.83 59.86
C GLY F 123 -33.73 55.09 60.29
N ALA F 124 -33.65 53.82 59.92
CA ALA F 124 -32.52 53.04 60.35
C ALA F 124 -31.31 53.66 59.73
N MET F 125 -31.43 54.00 58.47
CA MET F 125 -30.32 54.60 57.79
C MET F 125 -30.01 55.93 58.39
N HIS F 126 -31.02 56.64 58.79
CA HIS F 126 -30.81 57.94 59.31
C HIS F 126 -29.93 57.85 60.51
N ALA F 127 -30.22 56.89 61.37
CA ALA F 127 -29.45 56.80 62.59
C ALA F 127 -28.06 56.53 62.20
N LEU F 128 -27.91 55.63 61.27
CA LEU F 128 -26.59 55.22 60.92
C LEU F 128 -25.85 56.38 60.41
N ARG F 129 -26.51 57.23 59.65
CA ARG F 129 -25.75 58.28 59.07
C ARG F 129 -25.10 59.12 60.14
N ARG F 130 -25.83 59.38 61.22
CA ARG F 130 -25.29 60.18 62.31
C ARG F 130 -24.11 59.56 62.99
N GLU F 131 -24.21 58.29 63.29
CA GLU F 131 -23.15 57.60 63.98
C GLU F 131 -21.93 57.60 63.11
N LEU F 132 -22.16 57.42 61.83
CA LEU F 132 -21.05 57.32 60.93
C LEU F 132 -20.35 58.62 60.97
N SER F 133 -21.12 59.70 60.97
CA SER F 133 -20.53 61.02 61.01
C SER F 133 -19.77 61.28 62.31
N GLU F 134 -20.26 60.75 63.42
CA GLU F 134 -19.60 60.94 64.69
C GLU F 134 -18.20 60.37 64.58
N GLY F 135 -18.04 59.27 63.87
CA GLY F 135 -16.73 58.63 63.68
C GLY F 135 -16.52 57.29 64.35
N LEU F 136 -17.50 56.82 65.08
CA LEU F 136 -17.41 55.51 65.67
C LEU F 136 -17.58 54.44 64.57
N ARG F 137 -16.85 53.32 64.62
CA ARG F 137 -17.05 52.23 63.64
C ARG F 137 -18.16 51.38 64.16
N PRO F 138 -19.23 51.28 63.40
CA PRO F 138 -20.39 50.63 63.98
C PRO F 138 -20.29 49.18 64.45
N LEU F 139 -21.02 48.84 65.51
CA LEU F 139 -21.01 47.48 66.04
C LEU F 139 -21.59 46.52 65.04
N HIS F 140 -21.14 45.27 65.07
CA HIS F 140 -21.56 44.33 64.06
C HIS F 140 -23.03 44.03 64.02
N GLU F 141 -23.68 43.92 65.15
CA GLU F 141 -25.06 43.53 65.14
C GLU F 141 -25.94 44.50 64.43
N THR F 142 -25.61 45.77 64.53
CA THR F 142 -26.46 46.76 63.94
C THR F 142 -26.52 46.59 62.46
N PHE F 143 -25.39 46.36 61.84
CA PHE F 143 -25.37 46.25 60.43
C PHE F 143 -26.24 45.07 60.12
N LEU F 144 -26.18 44.05 60.93
CA LEU F 144 -26.91 42.89 60.59
C LEU F 144 -28.38 43.08 60.54
N ALA F 145 -28.94 43.82 61.47
CA ALA F 145 -30.39 43.91 61.50
C ALA F 145 -30.79 44.63 60.27
N LEU F 146 -29.95 45.53 59.81
CA LEU F 146 -30.29 46.30 58.66
C LEU F 146 -30.45 45.37 57.50
N VAL F 147 -29.54 44.43 57.37
CA VAL F 147 -29.61 43.52 56.27
C VAL F 147 -30.87 42.72 56.38
N ARG F 148 -31.23 42.31 57.58
CA ARG F 148 -32.39 41.49 57.65
C ARG F 148 -33.59 42.23 57.16
N LEU F 149 -33.72 43.47 57.58
CA LEU F 149 -34.85 44.28 57.15
C LEU F 149 -34.83 44.58 55.70
N PHE F 150 -33.68 44.95 55.19
CA PHE F 150 -33.61 45.33 53.81
C PHE F 150 -33.99 44.14 52.99
N GLY F 151 -33.60 42.97 53.43
CA GLY F 151 -33.89 41.74 52.73
C GLY F 151 -35.32 41.40 52.60
N ALA F 152 -36.09 41.67 53.62
CA ALA F 152 -37.48 41.35 53.61
C ALA F 152 -38.01 42.11 52.45
N LYS F 153 -37.64 43.37 52.40
CA LYS F 153 -38.20 44.27 51.41
C LYS F 153 -37.65 44.27 50.03
N GLY F 154 -36.85 43.29 49.69
CA GLY F 154 -36.42 43.17 48.33
C GLY F 154 -35.42 44.16 47.93
N LEU F 155 -34.85 44.86 48.87
CA LEU F 155 -33.95 45.91 48.50
C LEU F 155 -32.62 45.30 48.27
N ALA F 156 -32.51 44.53 47.22
CA ALA F 156 -31.30 43.80 47.05
C ALA F 156 -30.11 44.64 46.84
N THR F 157 -30.20 45.63 46.02
CA THR F 157 -29.01 46.38 45.74
C THR F 157 -28.55 47.09 46.96
N ARG F 158 -29.49 47.64 47.71
CA ARG F 158 -29.15 48.40 48.87
C ARG F 158 -28.52 47.54 49.90
N GLY F 159 -29.04 46.33 50.04
CA GLY F 159 -28.47 45.39 50.97
C GLY F 159 -27.07 45.04 50.58
N LEU F 160 -26.86 44.89 49.29
CA LEU F 160 -25.56 44.54 48.81
C LEU F 160 -24.61 45.64 49.15
N GLU F 161 -25.08 46.86 49.07
CA GLU F 161 -24.25 48.01 49.37
C GLU F 161 -23.78 48.00 50.82
N ILE F 162 -24.65 47.62 51.74
CA ILE F 162 -24.25 47.60 53.12
C ILE F 162 -23.08 46.66 53.27
N LEU F 163 -23.11 45.53 52.57
CA LEU F 163 -22.08 44.55 52.72
C LEU F 163 -20.75 45.10 52.36
N ALA F 164 -20.68 45.92 51.34
CA ALA F 164 -19.38 46.38 50.90
C ALA F 164 -18.74 47.19 51.97
N ALA F 165 -19.54 48.00 52.62
CA ALA F 165 -19.03 48.80 53.73
C ALA F 165 -18.57 47.92 54.88
N MET F 166 -19.28 46.84 55.15
CA MET F 166 -18.92 46.04 56.27
C MET F 166 -17.54 45.55 56.01
N GLU F 167 -17.24 45.22 54.78
CA GLU F 167 -15.91 44.78 54.45
C GLU F 167 -14.84 45.81 54.64
N LYS F 168 -15.13 47.03 54.28
CA LYS F 168 -14.13 48.06 54.37
C LYS F 168 -13.73 48.26 55.78
N LEU F 169 -14.68 48.19 56.67
CA LEU F 169 -14.34 48.27 58.06
C LEU F 169 -13.93 46.91 58.58
N LYS F 170 -13.09 46.19 57.85
CA LYS F 170 -12.53 44.96 58.35
C LYS F 170 -13.42 43.96 59.09
N TYR F 171 -14.51 43.52 58.48
CA TYR F 171 -15.40 42.59 59.15
C TYR F 171 -15.53 41.32 58.31
N ASP F 172 -15.87 40.17 58.91
CA ASP F 172 -16.12 38.95 58.12
C ASP F 172 -17.54 38.97 57.60
N ILE F 173 -17.73 38.94 56.28
CA ILE F 173 -19.07 39.09 55.74
C ILE F 173 -19.81 37.82 55.49
N ARG F 174 -19.20 36.68 55.78
CA ARG F 174 -19.86 35.43 55.48
C ARG F 174 -21.15 35.28 56.20
N GLN F 175 -21.21 35.60 57.48
CA GLN F 175 -22.45 35.35 58.20
C GLN F 175 -23.59 36.15 57.65
N ALA F 176 -23.33 37.40 57.31
CA ALA F 176 -24.35 38.28 56.76
C ALA F 176 -24.87 37.92 55.43
N TRP F 177 -24.02 37.47 54.55
CA TRP F 177 -24.41 37.14 53.22
C TRP F 177 -25.46 36.07 53.27
N LEU F 178 -25.30 35.11 54.14
CA LEU F 178 -26.24 34.05 54.24
C LEU F 178 -27.59 34.56 54.66
N VAL F 179 -27.61 35.51 55.55
CA VAL F 179 -28.86 36.07 55.99
C VAL F 179 -29.65 36.75 54.87
N LEU F 180 -29.01 37.52 54.03
CA LEU F 180 -29.72 38.19 52.98
C LEU F 180 -30.33 37.18 52.08
N VAL F 181 -29.57 36.17 51.70
CA VAL F 181 -30.08 35.18 50.77
C VAL F 181 -31.23 34.40 51.35
N GLU F 182 -31.14 34.07 52.61
CA GLU F 182 -32.16 33.27 53.20
C GLU F 182 -33.44 33.97 53.21
N GLU F 183 -33.45 35.20 53.68
CA GLU F 183 -34.70 35.93 53.81
C GLU F 183 -35.39 36.20 52.50
N LEU F 184 -34.62 36.49 51.47
CA LEU F 184 -35.21 36.84 50.22
C LEU F 184 -36.09 35.74 49.74
N VAL F 185 -35.72 34.50 49.94
CA VAL F 185 -36.57 33.39 49.54
C VAL F 185 -37.90 33.32 50.29
N ARG F 186 -37.89 33.55 51.59
CA ARG F 186 -39.12 33.59 52.37
C ARG F 186 -39.97 34.74 51.94
N SER F 187 -39.35 35.83 51.54
CA SER F 187 -40.06 37.02 51.13
C SER F 187 -40.38 37.04 49.66
N ASN F 188 -40.24 35.91 48.99
CA ASN F 188 -40.61 35.79 47.60
C ASN F 188 -39.97 36.64 46.58
N HIS F 189 -38.68 36.76 46.65
CA HIS F 189 -37.96 37.43 45.61
C HIS F 189 -36.81 36.50 45.22
N LEU F 190 -37.10 35.35 44.64
CA LEU F 190 -36.06 34.38 44.30
C LEU F 190 -35.06 34.85 43.34
N GLU F 191 -35.45 35.63 42.35
CA GLU F 191 -34.52 35.98 41.31
C GLU F 191 -33.34 36.70 41.87
N ASP F 192 -33.58 37.63 42.74
CA ASP F 192 -32.48 38.31 43.36
C ASP F 192 -31.66 37.41 44.27
N ALA F 193 -32.29 36.48 44.97
CA ALA F 193 -31.57 35.63 45.87
C ALA F 193 -30.52 34.85 45.11
N ASN F 194 -30.86 34.34 43.95
CA ASN F 194 -29.93 33.59 43.17
C ASN F 194 -28.80 34.46 42.76
N LYS F 195 -29.09 35.67 42.38
CA LYS F 195 -28.08 36.61 41.99
C LYS F 195 -27.17 37.02 43.10
N VAL F 196 -27.70 37.16 44.31
CA VAL F 196 -26.81 37.44 45.39
C VAL F 196 -25.87 36.26 45.65
N PHE F 197 -26.36 35.02 45.61
CA PHE F 197 -25.50 33.89 45.92
C PHE F 197 -24.41 33.76 44.93
N LEU F 198 -24.71 33.91 43.67
CA LEU F 198 -23.70 33.68 42.68
C LEU F 198 -22.58 34.67 42.79
N LYS F 199 -22.90 35.92 43.07
CA LYS F 199 -21.88 36.91 43.23
C LYS F 199 -21.02 36.52 44.37
N GLY F 200 -21.63 36.07 45.43
CA GLY F 200 -20.88 35.69 46.59
C GLY F 200 -19.99 34.52 46.35
N ALA F 201 -20.47 33.56 45.61
CA ALA F 201 -19.71 32.39 45.34
C ALA F 201 -18.44 32.73 44.61
N GLU F 202 -18.51 33.65 43.68
CA GLU F 202 -17.35 34.00 42.89
C GLU F 202 -16.27 34.50 43.75
N GLY F 203 -16.63 35.25 44.75
CA GLY F 203 -15.67 35.79 45.68
C GLY F 203 -14.94 34.69 46.39
N GLY F 204 -15.64 33.60 46.68
CA GLY F 204 -15.03 32.51 47.41
C GLY F 204 -15.71 32.20 48.68
N LEU F 205 -16.77 32.93 48.97
CA LEU F 205 -17.43 32.73 50.20
C LEU F 205 -18.11 31.39 50.18
N ARG F 206 -17.92 30.58 51.22
CA ARG F 206 -18.52 29.27 51.32
C ARG F 206 -19.92 29.33 51.87
N ALA F 207 -20.70 28.29 51.71
CA ALA F 207 -22.08 28.32 52.15
C ALA F 207 -22.51 27.16 52.95
N THR F 208 -23.55 27.31 53.72
CA THR F 208 -24.06 26.25 54.53
C THR F 208 -24.79 25.24 53.72
N ASP F 209 -24.90 24.03 54.20
CA ASP F 209 -25.56 22.97 53.50
C ASP F 209 -27.01 23.21 53.30
N GLU F 210 -27.66 23.76 54.30
CA GLU F 210 -29.07 24.06 54.20
C GLU F 210 -29.43 25.08 53.16
N ILE F 211 -28.62 26.10 53.01
CA ILE F 211 -28.88 27.08 51.99
C ILE F 211 -28.80 26.51 50.59
N TYR F 212 -27.83 25.67 50.33
CA TYR F 212 -27.66 25.15 49.01
C TYR F 212 -28.87 24.39 48.68
N ASP F 213 -29.33 23.62 49.61
CA ASP F 213 -30.46 22.81 49.36
C ASP F 213 -31.71 23.58 49.09
N LEU F 214 -31.94 24.66 49.82
CA LEU F 214 -33.13 25.44 49.64
C LEU F 214 -33.15 26.00 48.26
N LEU F 215 -32.06 26.54 47.81
CA LEU F 215 -32.09 27.18 46.53
C LEU F 215 -32.33 26.22 45.40
N ILE F 216 -31.74 25.04 45.43
CA ILE F 216 -31.95 24.05 44.39
C ILE F 216 -33.37 23.55 44.38
N GLU F 217 -33.95 23.29 45.52
CA GLU F 217 -35.33 22.87 45.55
C GLU F 217 -36.30 23.91 45.11
N GLN F 218 -36.14 25.11 45.58
CA GLN F 218 -37.08 26.12 45.27
C GLN F 218 -37.10 26.44 43.81
N ASP F 219 -35.94 26.53 43.20
CA ASP F 219 -35.83 26.87 41.81
C ASP F 219 -36.46 25.85 40.93
N CYS F 220 -36.28 24.60 41.23
CA CYS F 220 -36.87 23.56 40.47
C CYS F 220 -38.35 23.52 40.56
N LYS F 221 -38.91 23.82 41.72
CA LYS F 221 -40.36 23.93 41.80
C LYS F 221 -40.94 25.03 40.93
N VAL F 222 -40.36 26.20 40.90
CA VAL F 222 -40.79 27.25 39.98
C VAL F 222 -40.55 26.86 38.55
N GLY F 223 -39.44 26.19 38.28
CA GLY F 223 -39.11 25.79 36.93
C GLY F 223 -37.76 26.18 36.37
N ASP F 224 -36.90 26.83 37.13
CA ASP F 224 -35.63 27.30 36.59
C ASP F 224 -34.52 26.32 36.62
N HIS F 225 -34.31 25.60 35.54
CA HIS F 225 -33.21 24.71 35.46
C HIS F 225 -31.90 25.41 35.42
N SER F 226 -31.82 26.55 34.79
CA SER F 226 -30.53 27.16 34.63
C SER F 226 -29.86 27.55 35.87
N ASN F 227 -30.56 28.19 36.75
CA ASN F 227 -29.99 28.62 37.99
C ASN F 227 -29.63 27.45 38.84
N ALA F 228 -30.44 26.42 38.83
CA ALA F 228 -30.20 25.27 39.65
C ALA F 228 -28.95 24.51 39.36
N LEU F 229 -28.67 24.26 38.10
CA LEU F 229 -27.45 23.59 37.73
C LEU F 229 -26.25 24.44 38.05
N THR F 230 -26.33 25.74 37.87
CA THR F 230 -25.17 26.51 38.20
C THR F 230 -24.84 26.38 39.68
N ILE F 231 -25.85 26.38 40.54
CA ILE F 231 -25.65 26.19 41.95
C ILE F 231 -25.13 24.81 42.32
N ALA F 232 -25.63 23.76 41.69
CA ALA F 232 -25.14 22.46 41.97
C ALA F 232 -23.69 22.35 41.63
N TYR F 233 -23.28 22.93 40.54
CA TYR F 233 -21.92 22.83 40.13
C TYR F 233 -21.05 23.50 41.12
N GLU F 234 -21.47 24.62 41.62
CA GLU F 234 -20.72 25.29 42.67
C GLU F 234 -20.65 24.57 44.00
N MET F 235 -21.67 23.84 44.41
CA MET F 235 -21.59 23.07 45.63
C MET F 235 -20.48 22.12 45.46
N GLU F 236 -20.38 21.55 44.30
CA GLU F 236 -19.37 20.58 44.04
C GLU F 236 -17.99 21.08 44.07
N ALA F 237 -17.78 22.21 43.47
CA ALA F 237 -16.46 22.77 43.43
C ALA F 237 -16.01 23.14 44.83
N ALA F 238 -16.88 23.68 45.64
CA ALA F 238 -16.58 23.99 47.01
C ALA F 238 -16.26 22.75 47.80
N GLY F 239 -16.91 21.65 47.52
CA GLY F 239 -16.61 20.41 48.16
C GLY F 239 -17.70 19.39 48.38
N ARG F 240 -18.91 19.80 48.69
CA ARG F 240 -20.01 18.90 48.89
C ARG F 240 -20.42 18.30 47.60
N MET F 241 -20.78 17.04 47.60
CA MET F 241 -21.08 16.36 46.38
C MET F 241 -22.50 15.96 46.40
N ALA F 242 -23.08 15.75 45.24
CA ALA F 242 -24.47 15.51 45.17
C ALA F 242 -24.98 14.23 45.63
N THR F 243 -26.25 14.20 45.97
CA THR F 243 -26.87 13.04 46.49
C THR F 243 -28.13 12.90 45.71
N THR F 244 -28.91 11.88 45.97
CA THR F 244 -30.08 11.63 45.16
C THR F 244 -31.09 12.71 45.26
N PHE F 245 -31.08 13.46 46.34
CA PHE F 245 -32.01 14.53 46.49
C PHE F 245 -31.84 15.58 45.44
N HIS F 246 -30.62 15.99 45.21
CA HIS F 246 -30.36 17.02 44.26
C HIS F 246 -30.70 16.62 42.85
N PHE F 247 -30.39 15.41 42.47
CA PHE F 247 -30.70 14.93 41.14
C PHE F 247 -32.17 14.84 40.89
N ASN F 248 -32.93 14.41 41.87
CA ASN F 248 -34.33 14.21 41.68
C ASN F 248 -35.03 15.49 41.39
N CYS F 249 -34.64 16.55 42.04
CA CYS F 249 -35.18 17.84 41.78
C CYS F 249 -34.86 18.31 40.38
N LEU F 250 -33.65 18.10 39.94
CA LEU F 250 -33.25 18.51 38.62
C LEU F 250 -34.01 17.79 37.56
N LEU F 251 -34.27 16.53 37.77
CA LEU F 251 -34.99 15.72 36.81
C LEU F 251 -36.40 16.15 36.62
N SER F 252 -36.98 16.78 37.61
CA SER F 252 -38.35 17.25 37.51
C SER F 252 -38.54 18.25 36.42
N VAL F 253 -37.65 19.21 36.30
CA VAL F 253 -37.68 20.14 35.24
C VAL F 253 -37.32 19.51 33.92
N GLN F 254 -36.40 18.57 33.91
CA GLN F 254 -35.97 17.88 32.70
C GLN F 254 -36.95 16.99 32.01
N ALA F 255 -37.77 16.29 32.73
CA ALA F 255 -38.70 15.35 32.14
C ALA F 255 -39.82 16.06 31.45
N THR F 256 -39.92 17.35 31.62
CA THR F 256 -40.89 18.13 30.93
C THR F 256 -40.39 18.77 29.63
N CYS F 257 -39.14 18.56 29.23
CA CYS F 257 -38.51 19.12 28.02
C CYS F 257 -38.98 18.76 26.64
N GLY F 258 -39.26 17.48 26.43
CA GLY F 258 -39.73 17.04 25.13
C GLY F 258 -38.71 16.14 24.50
N ILE F 259 -37.48 16.23 24.96
CA ILE F 259 -36.43 15.38 24.45
C ILE F 259 -36.15 14.37 25.53
N PRO F 260 -36.50 13.12 25.27
CA PRO F 260 -36.35 12.09 26.29
C PRO F 260 -34.94 11.88 26.75
N GLU F 261 -33.96 11.98 25.87
CA GLU F 261 -32.59 11.67 26.24
C GLU F 261 -31.96 12.52 27.35
N ILE F 262 -32.23 13.81 27.40
CA ILE F 262 -31.57 14.62 28.43
C ILE F 262 -31.76 14.00 29.80
N ALA F 263 -32.90 13.42 30.11
CA ALA F 263 -33.11 12.73 31.35
C ALA F 263 -32.35 11.44 31.53
N PHE F 264 -32.18 10.64 30.51
CA PHE F 264 -31.42 9.42 30.56
C PHE F 264 -30.00 9.69 30.88
N ALA F 265 -29.45 10.76 30.36
CA ALA F 265 -28.12 11.12 30.71
C ALA F 265 -27.96 11.38 32.19
N THR F 266 -28.87 12.06 32.84
CA THR F 266 -28.82 12.24 34.27
C THR F 266 -29.00 10.94 35.00
N PHE F 267 -29.86 10.07 34.52
CA PHE F 267 -30.01 8.75 35.14
C PHE F 267 -28.75 7.96 35.09
N GLU F 268 -28.04 8.00 34.00
CA GLU F 268 -26.84 7.25 33.83
C GLU F 268 -25.74 7.69 34.73
N ASN F 269 -25.66 8.95 35.06
CA ASN F 269 -24.72 9.44 36.00
C ASN F 269 -25.00 8.80 37.31
N MET F 270 -26.25 8.68 37.68
CA MET F 270 -26.63 8.01 38.89
C MET F 270 -26.48 6.49 39.03
N GLU F 271 -26.87 5.75 38.02
CA GLU F 271 -26.87 4.29 38.06
C GLU F 271 -25.49 3.69 38.12
N TYR F 272 -24.51 4.38 37.59
CA TYR F 272 -23.19 3.83 37.55
C TYR F 272 -22.39 4.86 38.27
N GLY F 273 -22.63 4.96 39.56
CA GLY F 273 -21.94 5.93 40.36
C GLY F 273 -21.82 5.37 41.75
N GLU F 274 -21.55 6.22 42.73
CA GLU F 274 -21.40 5.79 44.09
C GLU F 274 -22.67 5.66 44.80
N ASP F 275 -22.65 5.10 45.98
CA ASP F 275 -23.88 4.80 46.67
C ASP F 275 -24.75 5.93 47.05
N HIS F 276 -24.16 7.03 47.40
CA HIS F 276 -24.93 8.16 47.78
C HIS F 276 -25.80 8.60 46.66
N MET F 277 -25.35 8.49 45.44
CA MET F 277 -26.06 8.99 44.31
C MET F 277 -26.95 8.01 43.59
N LYS F 278 -27.20 6.86 44.15
CA LYS F 278 -27.95 5.85 43.47
C LYS F 278 -29.39 6.15 43.28
N PRO F 279 -30.00 5.59 42.25
CA PRO F 279 -31.39 5.82 41.96
C PRO F 279 -32.42 5.36 42.99
N ASP F 280 -33.55 6.05 43.14
CA ASP F 280 -34.63 5.71 44.10
C ASP F 280 -35.88 5.63 43.27
N THR F 281 -37.03 5.29 43.87
CA THR F 281 -38.26 5.08 43.12
C THR F 281 -38.78 6.31 42.48
N GLU F 282 -38.57 7.42 43.09
CA GLU F 282 -38.94 8.62 42.45
C GLU F 282 -38.19 8.80 41.14
N THR F 283 -36.91 8.46 41.08
CA THR F 283 -36.12 8.65 39.88
C THR F 283 -36.56 7.83 38.71
N TYR F 284 -36.89 6.59 38.93
CA TYR F 284 -37.23 5.77 37.83
C TYR F 284 -38.44 6.33 37.25
N ASN F 285 -39.33 6.79 38.10
CA ASN F 285 -40.57 7.34 37.65
C ASN F 285 -40.45 8.58 36.82
N TRP F 286 -39.55 9.47 37.14
CA TRP F 286 -39.36 10.61 36.29
C TRP F 286 -38.88 10.26 34.87
N VAL F 287 -37.97 9.32 34.72
CA VAL F 287 -37.51 8.93 33.40
C VAL F 287 -38.59 8.27 32.57
N ILE F 288 -39.45 7.48 33.18
CA ILE F 288 -40.55 6.84 32.49
C ILE F 288 -41.49 7.87 31.93
N GLN F 289 -41.71 8.95 32.64
CA GLN F 289 -42.55 10.01 32.14
C GLN F 289 -42.03 10.59 30.86
N ALA F 290 -40.73 10.81 30.79
CA ALA F 290 -40.16 11.43 29.63
C ALA F 290 -40.44 10.57 28.42
N TYR F 291 -40.13 9.30 28.53
CA TYR F 291 -40.36 8.41 27.42
C TYR F 291 -41.84 8.24 27.06
N THR F 292 -42.71 8.17 28.06
CA THR F 292 -44.14 8.00 27.82
C THR F 292 -44.76 9.20 27.19
N ARG F 293 -44.45 10.38 27.72
CA ARG F 293 -45.00 11.60 27.18
C ARG F 293 -44.03 12.25 26.23
N ALA F 294 -43.71 11.57 25.14
CA ALA F 294 -42.81 12.12 24.14
C ALA F 294 -43.50 12.07 22.81
N GLU F 295 -43.29 13.06 21.97
CA GLU F 295 -44.03 13.12 20.71
C GLU F 295 -43.39 12.67 19.40
N SER F 296 -42.17 12.15 19.41
CA SER F 296 -41.56 11.85 18.11
C SER F 296 -41.17 10.46 17.62
N TYR F 297 -40.98 9.47 18.46
CA TYR F 297 -40.50 8.17 17.98
C TYR F 297 -41.09 7.02 18.75
N ASP F 298 -40.76 5.78 18.42
CA ASP F 298 -41.42 4.63 19.07
C ASP F 298 -41.27 4.53 20.57
N ARG F 299 -40.10 4.77 21.12
CA ARG F 299 -39.96 4.82 22.58
C ARG F 299 -40.78 3.85 23.42
N VAL F 300 -40.84 2.58 23.06
CA VAL F 300 -41.56 1.62 23.88
C VAL F 300 -40.62 0.53 24.30
N GLN F 301 -39.72 0.13 23.42
CA GLN F 301 -38.72 -0.83 23.81
C GLN F 301 -37.95 -0.22 24.94
N ASP F 302 -37.72 1.07 24.87
CA ASP F 302 -36.96 1.75 25.89
C ASP F 302 -37.59 1.67 27.25
N VAL F 303 -38.89 1.84 27.32
CA VAL F 303 -39.59 1.77 28.59
C VAL F 303 -39.46 0.39 29.16
N ALA F 304 -39.57 -0.60 28.30
CA ALA F 304 -39.50 -1.97 28.77
C ALA F 304 -38.15 -2.29 29.36
N GLU F 305 -37.09 -1.80 28.75
CA GLU F 305 -35.76 -2.04 29.26
C GLU F 305 -35.58 -1.38 30.61
N LEU F 306 -36.10 -0.17 30.76
CA LEU F 306 -35.96 0.54 32.02
C LEU F 306 -36.68 -0.23 33.11
N LEU F 307 -37.83 -0.79 32.79
CA LEU F 307 -38.58 -1.53 33.77
C LEU F 307 -37.74 -2.68 34.21
N GLY F 308 -37.05 -3.28 33.26
CA GLY F 308 -36.25 -4.44 33.56
C GLY F 308 -35.19 -4.11 34.59
N MET F 309 -34.57 -2.95 34.46
CA MET F 309 -33.56 -2.55 35.41
C MET F 309 -34.14 -2.41 36.79
N MET F 310 -35.33 -1.85 36.89
CA MET F 310 -35.95 -1.66 38.19
C MET F 310 -36.22 -2.98 38.85
N VAL F 311 -36.69 -3.96 38.08
CA VAL F 311 -36.97 -5.26 38.61
C VAL F 311 -35.70 -5.91 39.11
N GLU F 312 -34.61 -5.70 38.39
CA GLU F 312 -33.34 -6.25 38.81
C GLU F 312 -32.91 -5.70 40.15
N ASP F 313 -33.15 -4.42 40.40
CA ASP F 313 -32.84 -3.88 41.72
C ASP F 313 -34.00 -4.01 42.69
N HIS F 314 -34.61 -5.18 42.74
CA HIS F 314 -35.79 -5.36 43.58
C HIS F 314 -35.55 -5.22 45.05
N LYS F 315 -34.45 -5.75 45.53
CA LYS F 315 -34.26 -5.72 46.97
C LYS F 315 -34.21 -4.30 47.46
N ARG F 316 -33.45 -3.45 46.78
CA ARG F 316 -33.40 -2.04 47.14
C ARG F 316 -34.62 -1.19 46.83
N VAL F 317 -35.25 -1.40 45.68
CA VAL F 317 -36.35 -0.53 45.25
C VAL F 317 -37.66 -1.26 44.97
N GLN F 318 -38.77 -0.74 45.48
CA GLN F 318 -40.07 -1.34 45.21
C GLN F 318 -41.02 -0.29 44.65
N PRO F 319 -42.02 -0.69 43.85
CA PRO F 319 -42.91 0.27 43.18
C PRO F 319 -43.86 1.08 44.04
N ASN F 320 -44.27 2.25 43.57
CA ASN F 320 -45.24 3.05 44.28
C ASN F 320 -46.41 3.25 43.31
N VAL F 321 -47.37 4.08 43.67
CA VAL F 321 -48.52 4.28 42.82
C VAL F 321 -48.22 4.92 41.49
N ARG F 322 -47.38 5.91 41.44
CA ARG F 322 -47.17 6.56 40.17
C ARG F 322 -46.55 5.58 39.22
N THR F 323 -45.85 4.60 39.75
CA THR F 323 -45.17 3.66 38.90
C THR F 323 -46.24 2.95 38.14
N TYR F 324 -47.21 2.41 38.86
CA TYR F 324 -48.25 1.65 38.21
C TYR F 324 -49.05 2.52 37.27
N ALA F 325 -49.28 3.76 37.66
CA ALA F 325 -49.97 4.68 36.80
C ALA F 325 -49.25 4.90 35.50
N LEU F 326 -47.99 5.31 35.56
CA LEU F 326 -47.24 5.62 34.37
C LEU F 326 -47.15 4.45 33.45
N LEU F 327 -46.99 3.30 34.01
CA LEU F 327 -46.86 2.16 33.19
C LEU F 327 -48.07 1.87 32.37
N VAL F 328 -49.25 2.00 32.95
CA VAL F 328 -50.49 1.73 32.26
C VAL F 328 -50.70 2.69 31.10
N GLU F 329 -50.35 3.96 31.23
CA GLU F 329 -50.48 4.85 30.11
C GLU F 329 -49.66 4.39 28.95
N CYS F 330 -48.41 4.00 29.16
CA CYS F 330 -47.54 3.65 28.06
C CYS F 330 -48.03 2.45 27.33
N PHE F 331 -48.36 1.41 28.03
CA PHE F 331 -48.74 0.22 27.35
C PHE F 331 -50.06 0.41 26.62
N THR F 332 -51.00 1.12 27.20
CA THR F 332 -52.22 1.39 26.51
C THR F 332 -52.06 2.20 25.29
N LYS F 333 -51.40 3.34 25.38
CA LYS F 333 -51.29 4.22 24.23
C LYS F 333 -50.63 3.51 23.08
N TYR F 334 -49.80 2.54 23.40
CA TYR F 334 -49.06 1.83 22.36
C TYR F 334 -49.77 0.57 21.96
N CYS F 335 -50.95 0.34 22.51
CA CYS F 335 -51.75 -0.82 22.15
C CYS F 335 -51.21 -2.17 22.50
N VAL F 336 -50.46 -2.26 23.60
CA VAL F 336 -50.04 -3.57 24.02
C VAL F 336 -50.90 -3.69 25.22
N VAL F 337 -52.17 -4.01 25.04
CA VAL F 337 -53.11 -4.04 26.16
C VAL F 337 -52.93 -5.15 27.19
N ARG F 338 -52.38 -6.28 26.77
CA ARG F 338 -52.24 -7.40 27.68
C ARG F 338 -51.38 -7.09 28.89
N GLU F 339 -50.33 -6.32 28.70
CA GLU F 339 -49.49 -5.97 29.83
C GLU F 339 -50.13 -4.89 30.66
N ALA F 340 -50.89 -4.01 30.02
CA ALA F 340 -51.54 -2.96 30.73
C ALA F 340 -52.42 -3.52 31.81
N ILE F 341 -53.13 -4.62 31.51
CA ILE F 341 -54.07 -5.16 32.48
C ILE F 341 -53.32 -5.74 33.68
N ARG F 342 -52.16 -6.33 33.45
CA ARG F 342 -51.40 -6.93 34.54
C ARG F 342 -51.04 -5.86 35.53
N HIS F 343 -50.61 -4.73 35.03
CA HIS F 343 -50.28 -3.62 35.92
C HIS F 343 -51.45 -3.05 36.66
N PHE F 344 -52.59 -2.94 36.01
CA PHE F 344 -53.76 -2.36 36.65
C PHE F 344 -54.06 -3.07 37.94
N ARG F 345 -53.89 -4.39 37.95
CA ARG F 345 -54.17 -5.16 39.14
C ARG F 345 -53.55 -4.53 40.34
N GLY F 346 -52.36 -4.02 40.20
CA GLY F 346 -51.75 -3.27 41.27
C GLY F 346 -52.23 -1.89 41.67
N LEU F 347 -52.57 -1.04 40.72
CA LEU F 347 -52.96 0.30 41.04
C LEU F 347 -54.19 0.21 41.84
N LYS F 348 -55.05 -0.74 41.51
CA LYS F 348 -56.33 -0.93 42.22
C LYS F 348 -56.14 -1.26 43.67
N ASN F 349 -55.14 -2.04 44.00
CA ASN F 349 -54.94 -2.37 45.36
C ASN F 349 -54.67 -1.14 46.15
N PHE F 350 -53.99 -0.17 45.57
CA PHE F 350 -53.75 1.09 46.25
C PHE F 350 -55.00 1.88 46.29
N GLU F 351 -55.08 2.80 47.21
CA GLU F 351 -56.25 3.64 47.32
C GLU F 351 -55.99 5.02 46.86
N GLY F 352 -56.84 5.51 46.01
CA GLY F 352 -56.70 6.84 45.48
C GLY F 352 -56.09 6.71 44.13
N GLY F 353 -55.95 5.50 43.70
CA GLY F 353 -55.29 5.27 42.45
C GLY F 353 -55.90 5.82 41.23
N THR F 354 -57.20 5.75 41.11
CA THR F 354 -57.81 6.15 39.89
C THR F 354 -57.57 7.60 39.68
N GLN F 355 -57.58 8.35 40.77
CA GLN F 355 -57.28 9.75 40.67
C GLN F 355 -55.95 10.05 39.99
N VAL F 356 -54.91 9.28 40.25
CA VAL F 356 -53.64 9.47 39.61
C VAL F 356 -53.69 9.16 38.17
N LEU F 357 -54.31 8.07 37.77
CA LEU F 357 -54.26 7.72 36.37
C LEU F 357 -54.94 8.79 35.54
N TYR F 358 -55.99 9.40 36.02
CA TYR F 358 -56.60 10.49 35.29
C TYR F 358 -55.97 11.72 35.82
N ASN F 359 -55.01 12.28 35.13
CA ASN F 359 -54.32 13.41 35.71
C ASN F 359 -55.04 14.67 35.38
N ASP F 360 -56.25 14.82 35.92
CA ASP F 360 -57.09 15.96 35.60
C ASP F 360 -57.41 15.95 34.11
N GLY F 361 -57.20 14.82 33.46
CA GLY F 361 -57.51 14.70 32.04
C GLY F 361 -56.50 15.43 31.22
N LYS F 362 -55.38 15.79 31.82
CA LYS F 362 -54.39 16.60 31.13
C LYS F 362 -53.73 16.00 29.92
N TYR F 363 -53.44 14.72 29.94
CA TYR F 363 -52.67 14.18 28.83
C TYR F 363 -53.37 13.04 28.17
N GLY F 364 -54.42 13.37 27.44
CA GLY F 364 -55.13 12.35 26.69
C GLY F 364 -56.05 11.48 27.51
N ASP F 365 -56.28 11.84 28.76
CA ASP F 365 -57.21 11.07 29.59
C ASP F 365 -56.82 9.61 29.60
N PRO F 366 -55.69 9.27 30.22
CA PRO F 366 -55.25 7.88 30.16
C PRO F 366 -56.29 6.92 30.71
N LEU F 367 -57.01 7.30 31.75
CA LEU F 367 -58.00 6.43 32.33
C LEU F 367 -59.03 6.09 31.28
N SER F 368 -59.47 7.08 30.52
CA SER F 368 -60.43 6.83 29.48
C SER F 368 -59.89 5.90 28.44
N LEU F 369 -58.64 6.11 28.05
CA LEU F 369 -58.10 5.31 26.97
C LEU F 369 -58.09 3.84 27.32
N TYR F 370 -57.92 3.54 28.59
CA TYR F 370 -57.87 2.17 28.98
C TYR F 370 -59.14 1.53 28.74
N LEU F 371 -60.22 2.16 29.19
CA LEU F 371 -61.53 1.56 29.07
C LEU F 371 -61.93 1.37 27.64
N ARG F 372 -61.65 2.37 26.81
CA ARG F 372 -62.08 2.28 25.43
C ARG F 372 -61.38 1.11 24.80
N ALA F 373 -60.13 0.91 25.12
CA ALA F 373 -59.39 -0.17 24.48
C ALA F 373 -59.89 -1.53 24.93
N LEU F 374 -60.04 -1.71 26.24
CA LEU F 374 -60.48 -2.98 26.77
C LEU F 374 -61.71 -3.46 26.05
N CYS F 375 -62.63 -2.56 25.78
CA CYS F 375 -63.80 -2.93 25.04
C CYS F 375 -63.58 -3.37 23.64
N ARG F 376 -62.75 -2.68 22.89
CA ARG F 376 -62.62 -2.98 21.48
C ARG F 376 -62.02 -4.30 21.38
N GLU F 377 -61.32 -4.69 22.42
CA GLU F 377 -60.62 -5.94 22.37
C GLU F 377 -61.49 -7.04 22.86
N GLY F 378 -62.68 -6.69 23.33
CA GLY F 378 -63.60 -7.70 23.79
C GLY F 378 -63.19 -8.28 25.10
N ARG F 379 -62.34 -7.58 25.80
CA ARG F 379 -61.96 -8.05 27.10
C ARG F 379 -62.87 -7.50 28.19
N ILE F 380 -64.14 -7.88 28.12
CA ILE F 380 -65.09 -7.31 29.04
C ILE F 380 -65.11 -7.90 30.40
N VAL F 381 -64.58 -9.07 30.58
CA VAL F 381 -64.53 -9.56 31.92
C VAL F 381 -63.66 -8.58 32.62
N GLU F 382 -62.57 -8.17 31.97
CA GLU F 382 -61.66 -7.17 32.52
C GLU F 382 -62.35 -5.82 32.65
N LEU F 383 -63.20 -5.47 31.70
CA LEU F 383 -63.93 -4.22 31.77
C LEU F 383 -64.73 -4.35 32.99
N LEU F 384 -65.24 -5.52 33.24
CA LEU F 384 -66.11 -5.60 34.37
C LEU F 384 -65.31 -5.24 35.57
N GLU F 385 -64.12 -5.78 35.66
CA GLU F 385 -63.36 -5.56 36.86
C GLU F 385 -63.05 -4.11 37.00
N ALA F 386 -62.66 -3.48 35.91
CA ALA F 386 -62.25 -2.10 35.98
C ALA F 386 -63.31 -1.14 36.29
N LEU F 387 -64.44 -1.31 35.65
CA LEU F 387 -65.51 -0.35 35.83
C LEU F 387 -65.92 -0.45 37.26
N GLU F 388 -65.92 -1.66 37.78
CA GLU F 388 -66.24 -1.84 39.16
C GLU F 388 -65.26 -1.16 40.04
N ALA F 389 -64.00 -1.23 39.68
CA ALA F 389 -62.98 -0.67 40.52
C ALA F 389 -63.13 0.79 40.68
N MET F 390 -63.50 1.46 39.61
CA MET F 390 -63.55 2.89 39.66
C MET F 390 -64.51 3.30 40.72
N ALA F 391 -65.57 2.54 40.89
CA ALA F 391 -66.61 2.97 41.80
C ALA F 391 -66.12 3.19 43.17
N LYS F 392 -65.31 2.27 43.65
CA LYS F 392 -64.86 2.35 45.03
C LYS F 392 -64.20 3.66 45.23
N ASP F 393 -63.89 4.35 44.15
CA ASP F 393 -63.13 5.57 44.27
C ASP F 393 -63.85 6.86 43.98
N ASN F 394 -65.13 6.77 43.70
CA ASN F 394 -65.87 7.99 43.50
C ASN F 394 -65.31 8.90 42.42
N GLN F 395 -64.90 8.32 41.31
CA GLN F 395 -64.42 9.13 40.21
C GLN F 395 -65.34 8.88 39.05
N PRO F 396 -65.95 9.93 38.51
CA PRO F 396 -66.89 9.80 37.40
C PRO F 396 -66.27 9.37 36.11
N ILE F 397 -67.02 8.60 35.31
CA ILE F 397 -66.52 8.18 34.02
C ILE F 397 -66.34 9.43 33.20
N PRO F 398 -65.16 9.56 32.59
CA PRO F 398 -64.86 10.78 31.84
C PRO F 398 -65.64 10.94 30.57
N PRO F 399 -65.73 12.17 30.06
CA PRO F 399 -66.55 12.44 28.87
C PRO F 399 -66.08 11.76 27.62
N ARG F 400 -64.88 11.21 27.61
CA ARG F 400 -64.34 10.62 26.38
C ARG F 400 -65.18 9.48 25.84
N ALA F 401 -65.99 8.82 26.66
CA ALA F 401 -66.87 7.80 26.11
C ALA F 401 -67.74 8.54 25.13
N MET F 402 -67.81 8.04 23.90
CA MET F 402 -68.55 8.77 22.89
C MET F 402 -69.25 7.92 21.86
N ILE F 403 -70.30 8.48 21.26
CA ILE F 403 -71.07 7.74 20.27
C ILE F 403 -70.36 7.62 18.95
N LEU F 404 -70.61 6.53 18.24
CA LEU F 404 -70.03 6.34 16.93
C LEU F 404 -70.86 7.03 15.87
N SER F 405 -70.52 6.84 14.61
CA SER F 405 -71.31 7.41 13.55
C SER F 405 -72.67 6.79 13.72
N ARG F 406 -72.71 5.49 14.02
CA ARG F 406 -73.98 4.89 14.36
C ARG F 406 -74.00 5.26 15.81
N LYS F 407 -75.02 5.97 16.26
CA LYS F 407 -75.02 6.46 17.65
C LYS F 407 -75.09 5.31 18.62
N TYR F 408 -75.42 4.12 18.12
CA TYR F 408 -75.58 2.97 18.98
C TYR F 408 -74.34 2.64 19.75
N ARG F 409 -73.19 2.80 19.14
CA ARG F 409 -72.00 2.39 19.85
C ARG F 409 -71.81 3.15 21.13
N THR F 410 -71.55 2.45 22.23
CA THR F 410 -71.27 3.08 23.50
C THR F 410 -70.65 1.92 24.19
N LEU F 411 -69.85 2.17 25.21
CA LEU F 411 -69.12 1.09 25.86
C LEU F 411 -70.09 0.00 26.29
N VAL F 412 -71.26 0.39 26.78
CA VAL F 412 -72.24 -0.58 27.25
C VAL F 412 -72.75 -1.52 26.16
N SER F 413 -72.95 -1.01 24.95
CA SER F 413 -73.55 -1.85 23.91
C SER F 413 -72.60 -2.40 22.86
N SER F 414 -71.40 -1.88 22.76
CA SER F 414 -70.51 -2.29 21.69
C SER F 414 -70.04 -3.74 21.67
N TRP F 415 -69.73 -4.29 22.84
CA TRP F 415 -69.16 -5.64 22.87
C TRP F 415 -70.06 -6.72 22.36
N ILE F 416 -71.34 -6.42 22.20
CA ILE F 416 -72.28 -7.40 21.67
C ILE F 416 -71.90 -7.81 20.26
N GLU F 417 -72.37 -8.98 19.85
CA GLU F 417 -71.99 -9.53 18.53
C GLU F 417 -72.39 -8.82 17.25
N PRO F 418 -73.65 -8.39 17.14
CA PRO F 418 -73.91 -7.67 15.91
C PRO F 418 -73.06 -6.44 16.05
N LEU F 419 -72.27 -6.12 15.04
CA LEU F 419 -71.35 -5.00 15.21
C LEU F 419 -71.61 -3.85 14.25
N GLN F 420 -71.45 -2.63 14.74
CA GLN F 420 -71.61 -1.45 13.89
C GLN F 420 -72.98 -1.44 13.23
N GLU F 421 -73.99 -1.93 13.94
CA GLU F 421 -75.32 -1.99 13.35
C GLU F 421 -76.31 -1.24 14.21
N GLU F 422 -77.04 -0.32 13.59
CA GLU F 422 -77.99 0.48 14.35
C GLU F 422 -79.05 -0.44 14.92
N ALA F 423 -79.43 -0.19 16.16
CA ALA F 423 -80.41 -1.05 16.81
C ALA F 423 -81.83 -0.69 16.41
N GLU F 424 -82.68 -1.71 16.27
CA GLU F 424 -84.06 -1.48 15.82
C GLU F 424 -84.95 -0.95 16.92
N LEU F 425 -85.47 0.26 16.74
CA LEU F 425 -86.30 0.88 17.76
C LEU F 425 -87.79 0.91 17.41
N GLY F 426 -88.21 0.13 16.41
CA GLY F 426 -89.60 0.23 16.01
C GLY F 426 -89.65 1.36 15.01
N TYR F 427 -89.91 2.57 15.49
CA TYR F 427 -89.93 3.72 14.61
C TYR F 427 -88.55 3.84 14.00
N GLU F 428 -88.51 4.16 12.72
CA GLU F 428 -87.24 4.30 12.04
C GLU F 428 -86.54 5.55 12.58
N ILE F 429 -85.24 5.45 12.83
CA ILE F 429 -84.51 6.58 13.40
C ILE F 429 -84.68 7.82 12.55
N ASP F 430 -84.82 8.98 13.20
CA ASP F 430 -85.08 10.19 12.44
C ASP F 430 -83.76 10.75 11.98
N TYR F 431 -83.46 10.50 10.72
CA TYR F 431 -82.19 10.90 10.24
C TYR F 431 -81.97 12.40 10.28
N ILE F 432 -82.98 13.17 9.88
CA ILE F 432 -82.86 14.62 9.89
C ILE F 432 -82.69 15.13 11.30
N ALA F 433 -83.39 14.50 12.22
CA ALA F 433 -83.27 14.91 13.62
C ALA F 433 -81.86 14.75 14.17
N ARG F 434 -81.18 13.65 13.82
CA ARG F 434 -79.81 13.50 14.27
C ARG F 434 -78.97 14.62 13.71
N TYR F 435 -79.18 14.97 12.44
CA TYR F 435 -78.33 16.01 11.90
C TYR F 435 -78.53 17.30 12.63
N VAL F 436 -79.77 17.64 12.89
CA VAL F 436 -79.97 18.92 13.49
C VAL F 436 -79.29 18.94 14.83
N ALA F 437 -79.31 17.82 15.53
CA ALA F 437 -78.73 17.82 16.85
C ALA F 437 -77.23 18.10 16.85
N GLU F 438 -76.49 17.41 16.00
CA GLU F 438 -75.04 17.58 16.01
C GLU F 438 -74.60 18.93 15.52
N GLY F 439 -75.09 19.35 14.37
CA GLY F 439 -74.82 20.69 13.86
C GLY F 439 -75.89 20.95 12.86
N GLY F 440 -76.56 22.09 12.91
CA GLY F 440 -77.54 22.42 11.90
C GLY F 440 -77.59 23.92 11.84
N LEU F 441 -77.68 24.51 10.64
CA LEU F 441 -77.69 25.97 10.47
C LEU F 441 -76.33 26.58 10.79
N THR F 442 -75.83 26.38 12.00
CA THR F 442 -74.52 26.86 12.38
C THR F 442 -73.97 25.78 13.27
N GLY F 443 -72.66 25.71 13.44
CA GLY F 443 -72.08 24.75 14.35
C GLY F 443 -71.12 23.76 13.73
N ASP F 444 -70.48 22.94 14.57
CA ASP F 444 -69.47 22.03 14.05
C ASP F 444 -69.85 20.57 14.13
N ARG F 445 -69.70 19.86 13.03
CA ARG F 445 -69.98 18.44 13.01
C ARG F 445 -68.73 17.86 12.39
N LYS F 446 -68.36 16.66 12.78
CA LYS F 446 -67.16 16.08 12.26
C LYS F 446 -67.59 15.50 10.97
N ARG F 447 -67.63 16.32 9.94
CA ARG F 447 -68.15 15.80 8.70
C ARG F 447 -67.21 14.69 8.30
N TRP F 448 -67.73 13.50 8.04
CA TRP F 448 -66.85 12.37 7.75
C TRP F 448 -66.46 12.24 6.29
N VAL F 449 -65.69 13.20 5.77
CA VAL F 449 -65.18 13.11 4.40
C VAL F 449 -63.68 12.84 4.44
N PRO F 450 -63.21 11.83 3.70
CA PRO F 450 -61.79 11.50 3.77
C PRO F 450 -60.87 12.57 3.22
N ARG F 451 -59.73 12.78 3.88
CA ARG F 451 -58.78 13.82 3.46
C ARG F 451 -57.38 13.26 3.39
N ARG F 452 -56.52 13.89 2.59
CA ARG F 452 -55.14 13.42 2.41
C ARG F 452 -54.28 13.45 3.69
N GLY F 453 -54.42 14.47 4.52
CA GLY F 453 -53.56 14.61 5.70
C GLY F 453 -53.65 13.46 6.68
N LYS F 454 -52.52 13.09 7.28
CA LYS F 454 -52.51 11.92 8.17
C LYS F 454 -52.94 12.17 9.61
N THR F 455 -54.21 12.49 9.81
CA THR F 455 -54.75 12.64 11.15
C THR F 455 -55.86 11.65 11.08
N PRO F 456 -55.94 10.75 12.06
CA PRO F 456 -56.98 9.72 11.89
C PRO F 456 -58.42 10.26 11.86
N LEU F 457 -59.25 9.76 10.94
CA LEU F 457 -60.65 10.21 10.82
C LEU F 457 -61.52 9.91 12.00
N ASP F 458 -61.38 8.72 12.58
CA ASP F 458 -62.13 8.42 13.79
C ASP F 458 -61.63 9.36 14.82
N PRO F 459 -62.54 10.01 15.54
CA PRO F 459 -62.07 10.83 16.64
C PRO F 459 -61.61 9.87 17.68
N ASP F 460 -62.01 8.64 17.55
CA ASP F 460 -61.66 7.65 18.53
C ASP F 460 -60.15 7.44 18.59
N ALA F 461 -59.47 7.49 17.46
CA ALA F 461 -58.05 7.22 17.43
C ALA F 461 -57.20 8.18 18.19
N GLU F 462 -57.69 9.37 18.40
CA GLU F 462 -56.88 10.35 19.04
C GLU F 462 -56.36 9.84 20.37
N GLY F 463 -55.09 10.05 20.65
CA GLY F 463 -54.48 9.58 21.87
C GLY F 463 -53.83 8.24 21.83
N PHE F 464 -53.93 7.58 20.72
CA PHE F 464 -53.27 6.33 20.58
C PHE F 464 -52.19 6.68 19.61
N ILE F 465 -50.98 6.23 19.85
CA ILE F 465 -49.87 6.65 19.04
C ILE F 465 -49.97 6.31 17.60
N TYR F 466 -50.33 5.09 17.30
CA TYR F 466 -50.34 4.70 15.93
C TYR F 466 -51.76 4.58 15.45
N SER F 467 -52.62 3.82 16.18
CA SER F 467 -54.05 3.61 15.83
C SER F 467 -54.85 2.90 16.95
N ASN F 468 -56.18 2.89 16.91
CA ASN F 468 -57.05 2.23 17.92
C ASN F 468 -57.02 0.73 17.79
N PRO F 469 -57.32 0.01 18.86
CA PRO F 469 -57.19 -1.43 18.66
C PRO F 469 -58.24 -2.00 17.70
N ARG F 470 -57.93 -3.06 16.94
CA ARG F 470 -58.90 -3.69 16.02
C ARG F 470 -60.13 -4.25 16.71
N GLU F 471 -61.30 -4.14 16.08
CA GLU F 471 -62.54 -4.55 16.75
C GLU F 471 -62.83 -6.03 16.81
N THR F 472 -63.12 -6.55 17.99
CA THR F 472 -63.48 -7.94 18.13
C THR F 472 -64.63 -8.05 19.12
N SER F 473 -65.57 -8.94 18.88
CA SER F 473 -66.70 -9.14 19.78
C SER F 473 -66.34 -10.05 20.94
N PHE F 474 -67.17 -10.10 21.96
CA PHE F 474 -66.88 -10.93 23.09
C PHE F 474 -66.84 -12.32 22.56
N LYS F 475 -67.67 -12.59 21.61
CA LYS F 475 -67.75 -13.92 21.09
C LYS F 475 -66.49 -14.33 20.40
N GLN F 476 -66.04 -13.51 19.47
CA GLN F 476 -64.90 -13.89 18.71
C GLN F 476 -63.72 -14.03 19.61
N ARG F 477 -63.60 -13.14 20.56
CA ARG F 477 -62.52 -13.20 21.49
C ARG F 477 -62.54 -14.47 22.29
N CYS F 478 -63.71 -14.87 22.73
CA CYS F 478 -63.83 -16.05 23.52
C CYS F 478 -63.44 -17.29 22.78
N LEU F 479 -63.82 -17.38 21.52
CA LEU F 479 -63.37 -18.54 20.80
C LEU F 479 -61.87 -18.53 20.70
N GLU F 480 -61.31 -17.35 20.44
CA GLU F 480 -59.88 -17.23 20.30
C GLU F 480 -59.12 -17.57 21.58
N GLU F 481 -59.60 -17.12 22.70
CA GLU F 481 -58.88 -17.35 23.90
C GLU F 481 -58.88 -18.81 24.10
N TRP F 482 -59.98 -19.44 23.78
CA TRP F 482 -60.12 -20.84 24.04
C TRP F 482 -59.11 -21.64 23.30
N ARG F 483 -58.86 -21.29 22.06
CA ARG F 483 -57.99 -22.14 21.33
C ARG F 483 -56.63 -22.22 21.96
N LEU F 484 -56.14 -21.11 22.45
CA LEU F 484 -54.80 -21.08 22.96
C LEU F 484 -54.54 -21.97 24.15
N HIS F 485 -55.45 -22.03 25.10
CA HIS F 485 -55.16 -22.79 26.30
C HIS F 485 -54.98 -24.16 25.79
N HIS F 486 -55.87 -24.52 24.89
CA HIS F 486 -55.81 -25.85 24.37
C HIS F 486 -54.53 -26.06 23.64
N ARG F 487 -54.09 -25.05 22.92
CA ARG F 487 -52.91 -25.23 22.13
C ARG F 487 -51.74 -25.54 23.05
N LYS F 488 -51.70 -24.88 24.20
CA LYS F 488 -50.59 -25.07 25.11
C LYS F 488 -50.55 -26.48 25.62
N LEU F 489 -51.71 -27.04 25.91
CA LEU F 489 -51.75 -28.42 26.34
C LEU F 489 -51.25 -29.27 25.21
N LEU F 490 -51.66 -28.94 24.00
CA LEU F 490 -51.17 -29.65 22.83
C LEU F 490 -49.68 -29.43 22.69
N LYS F 491 -49.21 -28.23 22.97
CA LYS F 491 -47.79 -27.92 22.86
C LYS F 491 -46.98 -28.75 23.83
N THR F 492 -47.48 -28.88 25.06
CA THR F 492 -46.76 -29.66 26.04
C THR F 492 -46.72 -31.03 25.48
N LEU F 493 -47.82 -31.45 24.88
CA LEU F 493 -47.87 -32.76 24.27
C LEU F 493 -46.86 -32.88 23.15
N HIS F 494 -46.72 -31.84 22.36
CA HIS F 494 -45.84 -31.95 21.22
C HIS F 494 -44.39 -32.21 21.62
N ASN F 495 -43.91 -31.48 22.61
CA ASN F 495 -42.50 -31.62 22.96
C ASN F 495 -42.22 -32.49 24.20
N GLU F 496 -42.96 -32.26 25.28
CA GLU F 496 -42.75 -33.03 26.49
C GLU F 496 -43.79 -34.11 26.65
N GLY F 497 -44.81 -34.11 25.81
CA GLY F 497 -45.90 -35.06 25.96
C GLY F 497 -45.99 -36.40 25.25
N PRO F 498 -45.02 -36.77 24.40
CA PRO F 498 -45.20 -38.10 23.79
C PRO F 498 -45.25 -39.16 24.86
N SER F 499 -44.45 -39.02 25.91
CA SER F 499 -44.54 -39.95 27.02
C SER F 499 -45.30 -39.28 28.15
N ILE F 500 -46.08 -40.04 28.90
CA ILE F 500 -46.90 -39.49 29.98
C ILE F 500 -47.09 -40.55 31.06
N LEU F 501 -47.48 -40.14 32.27
CA LEU F 501 -47.61 -41.08 33.38
C LEU F 501 -48.62 -42.20 33.17
N GLY F 502 -49.77 -41.91 32.56
CA GLY F 502 -50.81 -42.93 32.40
C GLY F 502 -50.42 -44.13 31.55
N LYS F 503 -50.86 -45.32 31.98
CA LYS F 503 -50.54 -46.55 31.24
C LYS F 503 -51.55 -46.87 30.14
N ILE F 504 -52.64 -46.10 30.09
CA ILE F 504 -53.66 -46.29 29.06
C ILE F 504 -53.35 -45.32 27.95
N SER F 505 -52.19 -44.69 28.03
CA SER F 505 -51.82 -43.66 27.05
C SER F 505 -51.70 -44.07 25.60
N GLU F 506 -51.22 -45.27 25.29
CA GLU F 506 -51.01 -45.61 23.87
C GLU F 506 -52.31 -45.53 23.07
N SER F 507 -53.39 -46.09 23.59
CA SER F 507 -54.68 -45.95 22.91
C SER F 507 -55.10 -44.50 22.93
N ASP F 508 -54.92 -43.83 24.05
CA ASP F 508 -55.39 -42.45 24.17
C ASP F 508 -54.63 -41.45 23.31
N TYR F 509 -53.37 -41.72 23.03
CA TYR F 509 -52.57 -40.76 22.28
C TYR F 509 -53.14 -40.54 20.92
N ILE F 510 -53.52 -41.63 20.27
CA ILE F 510 -54.05 -41.53 18.93
C ILE F 510 -55.28 -40.63 18.98
N ARG F 511 -56.07 -40.76 20.03
CA ARG F 511 -57.30 -40.01 20.10
C ARG F 511 -57.03 -38.55 20.41
N LEU F 512 -56.17 -38.29 21.39
CA LEU F 512 -55.97 -36.91 21.78
C LEU F 512 -55.38 -36.09 20.67
N VAL F 513 -54.40 -36.64 19.97
CA VAL F 513 -53.74 -35.81 18.97
C VAL F 513 -54.67 -35.38 17.84
N GLU F 514 -55.46 -36.32 17.34
CA GLU F 514 -56.34 -35.95 16.26
C GLU F 514 -57.35 -34.94 16.79
N ARG F 515 -57.86 -35.17 17.98
CA ARG F 515 -58.86 -34.29 18.54
C ARG F 515 -58.38 -32.90 18.83
N LEU F 516 -57.17 -32.80 19.33
CA LEU F 516 -56.71 -31.51 19.71
C LEU F 516 -56.63 -30.69 18.47
N ARG F 517 -56.18 -31.32 17.39
CA ARG F 517 -56.08 -30.61 16.13
C ARG F 517 -57.47 -30.16 15.73
N LYS F 518 -58.43 -31.02 15.96
CA LYS F 518 -59.78 -30.69 15.62
C LYS F 518 -60.27 -29.51 16.42
N ILE F 519 -59.89 -29.40 17.68
CA ILE F 519 -60.45 -28.33 18.49
C ILE F 519 -60.11 -27.01 17.88
N ILE F 520 -58.85 -26.83 17.51
CA ILE F 520 -58.47 -25.57 16.96
C ILE F 520 -59.18 -25.36 15.63
N LYS F 521 -59.30 -26.41 14.85
CA LYS F 521 -59.88 -26.28 13.53
C LYS F 521 -60.57 -27.55 13.07
N GLU F 592 -62.35 -42.67 26.69
CA GLU F 592 -62.67 -41.26 26.54
C GLU F 592 -61.45 -40.40 26.74
N LEU F 593 -60.89 -40.39 27.95
CA LEU F 593 -59.68 -39.62 28.27
C LEU F 593 -59.88 -38.13 28.34
N ASP F 594 -61.13 -37.68 28.35
CA ASP F 594 -61.41 -36.26 28.51
C ASP F 594 -60.92 -35.89 29.90
N GLU F 595 -61.11 -36.82 30.85
CA GLU F 595 -60.63 -36.59 32.21
C GLU F 595 -59.11 -36.47 32.23
N LEU F 596 -58.42 -37.26 31.43
CA LEU F 596 -56.96 -37.16 31.35
C LEU F 596 -56.54 -35.79 30.82
N ILE F 597 -57.27 -35.27 29.85
CA ILE F 597 -56.97 -33.94 29.34
C ILE F 597 -57.16 -32.98 30.50
N SER F 598 -58.22 -33.19 31.26
CA SER F 598 -58.49 -32.30 32.37
C SER F 598 -57.35 -32.40 33.35
N ARG F 599 -56.83 -33.60 33.53
CA ARG F 599 -55.70 -33.79 34.42
C ARG F 599 -54.43 -33.06 33.98
N ILE F 600 -54.12 -33.09 32.68
CA ILE F 600 -52.88 -32.48 32.19
C ILE F 600 -52.82 -30.98 32.43
N LYS F 601 -51.68 -30.51 32.93
CA LYS F 601 -51.50 -29.09 33.17
C LYS F 601 -50.06 -28.67 32.90
N LEU F 602 -49.84 -27.41 32.55
CA LEU F 602 -48.50 -26.93 32.37
C LEU F 602 -48.24 -25.97 33.52
N HIS F 603 -47.08 -26.05 34.16
CA HIS F 603 -46.86 -25.11 35.21
C HIS F 603 -46.13 -23.92 34.61
N GLU F 604 -46.86 -22.82 34.39
CA GLU F 604 -46.29 -21.62 33.78
C GLU F 604 -46.45 -20.52 34.77
N GLY F 605 -45.42 -19.73 34.95
CA GLY F 605 -45.46 -18.70 35.96
C GLY F 605 -44.97 -19.29 37.26
N ASN F 606 -44.63 -20.57 37.24
CA ASN F 606 -44.12 -21.17 38.43
C ASN F 606 -42.65 -21.16 38.25
N THR F 607 -42.01 -20.23 38.93
CA THR F 607 -40.57 -20.18 38.86
C THR F 607 -40.04 -21.40 39.47
N GLU F 608 -40.65 -21.84 40.55
CA GLU F 608 -40.10 -22.94 41.26
C GLU F 608 -40.01 -24.18 40.47
N PHE F 609 -40.98 -24.45 39.67
CA PHE F 609 -40.96 -25.71 38.98
C PHE F 609 -39.76 -25.73 38.12
N TRP F 610 -39.54 -24.62 37.45
CA TRP F 610 -38.44 -24.55 36.56
C TRP F 610 -37.14 -24.62 37.32
N LYS F 611 -37.12 -24.08 38.52
CA LYS F 611 -35.90 -24.06 39.27
C LYS F 611 -35.46 -25.45 39.51
N ARG F 612 -36.38 -26.32 39.81
CA ARG F 612 -36.00 -27.66 40.16
C ARG F 612 -35.40 -28.26 38.98
N ARG F 613 -35.96 -27.96 37.85
CA ARG F 613 -35.48 -28.58 36.66
C ARG F 613 -34.05 -28.21 36.42
N PHE F 614 -33.69 -26.96 36.66
CA PHE F 614 -32.32 -26.48 36.44
C PHE F 614 -31.38 -27.19 37.36
N LEU F 615 -31.77 -27.34 38.59
CA LEU F 615 -30.91 -27.97 39.56
C LEU F 615 -30.72 -29.38 39.13
N GLY F 616 -31.73 -29.95 38.50
CA GLY F 616 -31.67 -31.34 38.07
C GLY F 616 -32.33 -32.25 39.06
N GLU F 617 -32.68 -31.73 40.22
CA GLU F 617 -33.41 -32.53 41.18
C GLU F 617 -34.75 -32.89 40.58
N GLY F 618 -35.37 -31.94 39.90
CA GLY F 618 -36.65 -32.19 39.27
C GLY F 618 -36.57 -32.05 37.76
N ASP F 726 -9.49 -29.88 18.60
CA ASP F 726 -10.16 -30.65 19.63
C ASP F 726 -9.40 -30.61 20.94
N ASP F 727 -9.94 -31.22 21.98
CA ASP F 727 -9.29 -31.25 23.31
C ASP F 727 -9.02 -29.89 23.95
N ASP F 728 -9.90 -28.92 23.76
CA ASP F 728 -9.77 -27.63 24.43
C ASP F 728 -10.77 -27.62 25.57
N ASP F 729 -11.11 -26.44 26.08
CA ASP F 729 -12.13 -26.37 27.11
C ASP F 729 -13.50 -26.43 26.45
N TRP F 730 -14.13 -27.60 26.45
CA TRP F 730 -15.42 -27.74 25.84
C TRP F 730 -16.43 -28.05 26.91
N PHE F 731 -17.57 -27.38 26.85
CA PHE F 731 -18.61 -27.65 27.81
C PHE F 731 -19.20 -29.06 27.60
N PRO F 732 -19.65 -29.77 28.66
CA PRO F 732 -20.22 -31.10 28.43
C PRO F 732 -21.44 -31.10 27.50
N LEU F 733 -21.50 -31.98 26.49
CA LEU F 733 -22.58 -31.98 25.48
C LEU F 733 -24.06 -32.15 25.93
N ASP F 734 -24.34 -32.94 26.95
CA ASP F 734 -25.71 -33.07 27.44
C ASP F 734 -26.16 -31.84 28.14
N ILE F 735 -27.42 -31.49 28.00
CA ILE F 735 -27.88 -30.28 28.58
C ILE F 735 -27.76 -30.29 30.07
N GLN F 736 -28.10 -31.38 30.68
CA GLN F 736 -28.11 -31.40 32.10
C GLN F 736 -26.74 -31.29 32.70
N GLU F 737 -25.76 -31.93 32.10
CA GLU F 737 -24.39 -31.76 32.60
C GLU F 737 -23.85 -30.37 32.39
N ALA F 738 -24.30 -29.67 31.36
CA ALA F 738 -23.90 -28.30 31.16
C ALA F 738 -24.36 -27.50 32.33
N PHE F 739 -25.54 -27.79 32.83
CA PHE F 739 -26.06 -27.06 33.93
C PHE F 739 -25.14 -27.21 35.12
N VAL F 740 -24.57 -28.37 35.36
CA VAL F 740 -23.62 -28.48 36.45
C VAL F 740 -22.38 -27.63 36.19
N GLU F 741 -21.91 -27.59 34.95
CA GLU F 741 -20.78 -26.75 34.62
C GLU F 741 -21.11 -25.27 34.75
N MET F 742 -22.31 -24.86 34.39
CA MET F 742 -22.66 -23.48 34.48
C MET F 742 -22.57 -23.06 35.90
N ARG F 743 -23.02 -23.89 36.81
CA ARG F 743 -22.88 -23.56 38.19
C ARG F 743 -21.49 -23.54 38.76
N LYS F 744 -20.66 -24.47 38.39
CA LYS F 744 -19.34 -24.54 38.97
C LYS F 744 -18.53 -23.35 38.58
N ARG F 745 -18.68 -22.93 37.34
CA ARG F 745 -17.95 -21.81 36.87
C ARG F 745 -18.60 -20.48 37.26
N ASN F 746 -19.79 -20.50 37.81
CA ASN F 746 -20.48 -19.32 38.27
C ASN F 746 -21.16 -18.50 37.23
N ILE F 747 -21.37 -19.06 36.05
CA ILE F 747 -22.09 -18.39 35.02
C ILE F 747 -23.57 -18.08 35.31
N PHE F 748 -24.32 -18.97 35.92
CA PHE F 748 -25.71 -18.75 36.28
C PHE F 748 -25.95 -19.52 37.54
N ASP F 749 -26.93 -19.16 38.31
CA ASP F 749 -27.15 -19.81 39.57
C ASP F 749 -28.59 -19.60 39.90
N VAL F 750 -29.10 -20.31 40.88
CA VAL F 750 -30.50 -20.25 41.17
C VAL F 750 -31.01 -18.91 41.62
N SER F 751 -30.17 -18.13 42.25
CA SER F 751 -30.58 -16.85 42.74
C SER F 751 -31.04 -15.99 41.61
N ASP F 752 -30.47 -16.19 40.45
CA ASP F 752 -30.78 -15.38 39.30
C ASP F 752 -32.16 -15.52 38.71
N MET F 753 -32.94 -16.52 39.11
CA MET F 753 -34.25 -16.70 38.51
C MET F 753 -35.34 -15.96 39.25
N TYR F 754 -35.84 -14.89 38.67
CA TYR F 754 -36.89 -14.08 39.25
C TYR F 754 -37.55 -13.40 38.09
N THR F 755 -38.75 -12.87 38.28
CA THR F 755 -39.43 -12.12 37.23
C THR F 755 -40.17 -11.09 38.01
N ILE F 756 -41.05 -10.34 37.38
CA ILE F 756 -41.72 -9.25 38.08
C ILE F 756 -42.54 -9.80 39.21
N THR F 757 -43.18 -10.94 38.96
CA THR F 757 -44.07 -11.48 39.97
C THR F 757 -43.34 -11.79 41.25
N ASP F 758 -42.20 -12.44 41.14
CA ASP F 758 -41.43 -12.71 42.32
C ASP F 758 -40.88 -11.45 42.93
N ALA F 759 -40.34 -10.58 42.10
CA ALA F 759 -39.70 -9.35 42.59
C ALA F 759 -40.59 -8.33 43.24
N TRP F 760 -41.73 -8.09 42.64
CA TRP F 760 -42.60 -7.06 43.15
C TRP F 760 -43.56 -7.70 44.14
N GLY F 761 -43.40 -9.00 44.35
CA GLY F 761 -44.23 -9.68 45.33
C GLY F 761 -45.71 -9.63 45.13
N TRP F 762 -46.18 -9.82 43.91
CA TRP F 762 -47.61 -9.88 43.73
C TRP F 762 -48.13 -11.31 43.72
N THR F 763 -48.98 -11.66 44.68
CA THR F 763 -49.48 -13.03 44.78
C THR F 763 -50.77 -13.31 44.07
N TRP F 764 -51.43 -12.29 43.56
CA TRP F 764 -52.73 -12.50 42.94
C TRP F 764 -52.71 -13.37 41.70
N GLU F 765 -51.68 -13.23 40.88
CA GLU F 765 -51.65 -13.95 39.60
C GLU F 765 -51.66 -15.47 39.60
N LYS F 766 -50.94 -16.11 40.53
CA LYS F 766 -50.84 -17.57 40.49
C LYS F 766 -52.15 -18.27 40.18
N GLU F 767 -53.23 -17.82 40.79
CA GLU F 767 -54.50 -18.44 40.57
C GLU F 767 -54.98 -18.34 39.15
N ILE F 768 -54.83 -17.18 38.54
CA ILE F 768 -55.40 -16.97 37.20
C ILE F 768 -54.87 -17.83 36.07
N LYS F 769 -53.58 -18.07 36.04
CA LYS F 769 -53.02 -18.78 34.91
C LYS F 769 -53.46 -20.20 34.70
N ASN F 770 -53.56 -20.99 35.75
CA ASN F 770 -53.87 -22.41 35.58
C ASN F 770 -55.24 -22.71 34.98
N LYS F 771 -56.25 -21.96 35.37
CA LYS F 771 -57.60 -22.26 34.91
C LYS F 771 -57.85 -22.11 33.41
N ALA F 772 -58.59 -23.05 32.83
CA ALA F 772 -58.95 -22.96 31.44
C ALA F 772 -60.09 -22.01 31.38
N PRO F 773 -60.43 -21.51 30.19
CA PRO F 773 -61.47 -20.48 30.16
C PRO F 773 -62.91 -20.98 30.31
N GLN F 774 -63.91 -20.10 30.28
CA GLN F 774 -65.31 -20.54 30.31
C GLN F 774 -65.83 -20.32 28.92
N ARG F 775 -66.50 -21.30 28.34
CA ARG F 775 -66.90 -21.15 26.95
C ARG F 775 -67.99 -20.14 26.71
N TRP F 776 -68.09 -19.63 25.49
CA TRP F 776 -69.07 -18.60 25.19
C TRP F 776 -70.52 -19.05 25.18
N SER F 777 -71.42 -18.22 25.68
CA SER F 777 -72.85 -18.54 25.61
C SER F 777 -73.59 -17.25 25.48
N GLN F 778 -74.75 -17.30 24.83
CA GLN F 778 -75.55 -16.10 24.64
C GLN F 778 -76.02 -15.61 25.98
N GLU F 779 -76.31 -16.54 26.85
CA GLU F 779 -76.72 -16.17 28.17
C GLU F 779 -75.60 -15.55 28.94
N TRP F 780 -74.37 -15.95 28.67
CA TRP F 780 -73.29 -15.44 29.48
C TRP F 780 -73.35 -13.96 29.29
N GLU F 781 -73.60 -13.56 28.06
CA GLU F 781 -73.64 -12.17 27.75
C GLU F 781 -74.69 -11.43 28.47
N VAL F 782 -75.86 -12.01 28.62
CA VAL F 782 -76.93 -11.22 29.20
C VAL F 782 -76.57 -10.76 30.59
N GLU F 783 -75.97 -11.63 31.38
CA GLU F 783 -75.71 -11.24 32.74
C GLU F 783 -74.76 -10.08 32.75
N LEU F 784 -73.73 -10.19 31.92
CA LEU F 784 -72.74 -9.15 31.89
C LEU F 784 -73.29 -7.84 31.38
N GLY F 785 -74.15 -7.86 30.37
CA GLY F 785 -74.60 -6.60 29.87
C GLY F 785 -75.32 -5.87 30.97
N ILE F 786 -76.17 -6.58 31.68
CA ILE F 786 -76.95 -5.91 32.67
C ILE F 786 -76.07 -5.35 33.75
N LYS F 787 -75.08 -6.11 34.18
CA LYS F 787 -74.31 -5.59 35.30
C LYS F 787 -73.66 -4.32 34.85
N VAL F 788 -73.23 -4.31 33.60
CA VAL F 788 -72.54 -3.14 33.16
C VAL F 788 -73.45 -1.97 33.15
N MET F 789 -74.68 -2.17 32.74
CA MET F 789 -75.52 -1.00 32.59
C MET F 789 -75.75 -0.30 33.88
N THR F 790 -75.95 -1.01 34.95
CA THR F 790 -76.13 -0.26 36.17
C THR F 790 -74.90 0.51 36.62
N LYS F 791 -73.71 -0.05 36.48
CA LYS F 791 -72.52 0.65 37.00
C LYS F 791 -72.25 1.89 36.23
N VAL F 792 -72.41 1.85 34.92
CA VAL F 792 -72.26 3.04 34.13
C VAL F 792 -73.34 4.00 34.54
N ILE F 793 -74.54 3.47 34.77
CA ILE F 793 -75.65 4.29 35.23
C ILE F 793 -75.28 4.87 36.58
N GLU F 794 -74.64 4.06 37.41
CA GLU F 794 -74.24 4.52 38.70
C GLU F 794 -73.27 5.60 38.63
N LEU F 795 -72.35 5.51 37.69
CA LEU F 795 -71.27 6.47 37.69
C LEU F 795 -71.47 7.70 36.86
N GLY F 796 -72.65 7.89 36.31
CA GLY F 796 -72.89 9.12 35.61
C GLY F 796 -72.97 9.02 34.12
N GLY F 797 -73.00 7.81 33.61
CA GLY F 797 -73.16 7.66 32.19
C GLY F 797 -74.55 7.95 31.66
N THR F 798 -74.68 8.23 30.36
CA THR F 798 -75.99 8.44 29.78
C THR F 798 -76.17 7.55 28.57
N PRO F 799 -76.36 6.21 28.80
CA PRO F 799 -76.45 5.40 27.58
C PRO F 799 -77.63 5.78 26.71
N THR F 800 -77.44 5.74 25.40
CA THR F 800 -78.53 6.06 24.48
C THR F 800 -79.55 4.93 24.42
N ILE F 801 -80.74 5.23 23.93
CA ILE F 801 -81.80 4.23 23.81
C ILE F 801 -81.31 3.14 22.89
N GLY F 802 -80.57 3.52 21.86
CA GLY F 802 -80.10 2.57 20.89
C GLY F 802 -79.24 1.54 21.58
N ASP F 803 -78.47 1.96 22.58
CA ASP F 803 -77.64 1.02 23.32
C ASP F 803 -78.50 -0.01 24.02
N CYS F 804 -79.59 0.42 24.64
CA CYS F 804 -80.43 -0.49 25.37
C CYS F 804 -81.08 -1.41 24.38
N ALA F 805 -81.37 -0.89 23.21
CA ALA F 805 -82.02 -1.66 22.21
C ALA F 805 -81.12 -2.76 21.81
N VAL F 806 -79.83 -2.46 21.80
CA VAL F 806 -78.89 -3.53 21.49
C VAL F 806 -78.96 -4.67 22.51
N ILE F 807 -79.03 -4.36 23.80
CA ILE F 807 -79.12 -5.41 24.77
C ILE F 807 -80.44 -6.10 24.56
N LEU F 808 -81.48 -5.34 24.25
CA LEU F 808 -82.80 -5.94 24.15
C LEU F 808 -82.86 -6.97 23.07
N ARG F 809 -82.33 -6.67 21.91
CA ARG F 809 -82.43 -7.60 20.83
C ARG F 809 -81.70 -8.86 21.18
N ALA F 810 -80.55 -8.71 21.81
CA ALA F 810 -79.74 -9.86 22.14
C ALA F 810 -80.46 -10.80 23.06
N ALA F 811 -81.20 -10.25 24.01
CA ALA F 811 -81.93 -11.08 24.94
C ALA F 811 -82.92 -11.93 24.19
N VAL F 812 -83.54 -11.37 23.16
CA VAL F 812 -84.54 -12.10 22.41
C VAL F 812 -83.97 -13.30 21.67
N ARG F 813 -82.71 -13.22 21.24
CA ARG F 813 -82.16 -14.31 20.42
C ARG F 813 -82.16 -15.67 21.12
N ALA F 814 -81.78 -15.72 22.38
CA ALA F 814 -81.88 -16.97 23.13
C ALA F 814 -82.83 -16.54 24.19
N PRO F 815 -83.92 -17.29 24.40
CA PRO F 815 -84.91 -16.75 25.34
C PRO F 815 -84.39 -16.40 26.71
N MET F 816 -84.64 -15.16 27.14
CA MET F 816 -84.22 -14.71 28.45
C MET F 816 -85.31 -13.77 28.93
N PRO F 817 -86.44 -14.31 29.35
CA PRO F 817 -87.55 -13.42 29.69
C PRO F 817 -87.34 -12.48 30.86
N SER F 818 -86.67 -12.92 31.90
CA SER F 818 -86.58 -12.10 33.10
C SER F 818 -85.94 -10.77 32.82
N ALA F 819 -84.96 -10.78 31.96
CA ALA F 819 -84.22 -9.57 31.68
C ALA F 819 -85.16 -8.51 31.16
N PHE F 820 -86.21 -8.91 30.46
CA PHE F 820 -87.04 -7.92 29.83
C PHE F 820 -87.59 -6.95 30.86
N LEU F 821 -87.98 -7.44 32.02
CA LEU F 821 -88.57 -6.51 32.96
C LEU F 821 -87.61 -5.43 33.42
N ASN F 822 -86.41 -5.82 33.80
CA ASN F 822 -85.50 -4.82 34.31
C ASN F 822 -85.08 -3.85 33.23
N ILE F 823 -84.78 -4.36 32.05
CA ILE F 823 -84.29 -3.50 31.00
C ILE F 823 -85.28 -2.46 30.49
N LEU F 824 -86.54 -2.84 30.29
CA LEU F 824 -87.54 -1.85 29.89
C LEU F 824 -87.72 -0.85 31.01
N GLN F 825 -87.63 -1.34 32.24
CA GLN F 825 -87.74 -0.46 33.36
C GLN F 825 -86.65 0.57 33.27
N THR F 826 -85.43 0.13 32.99
CA THR F 826 -84.32 1.05 32.93
C THR F 826 -84.45 2.06 31.82
N THR F 827 -84.92 1.65 30.66
CA THR F 827 -84.94 2.61 29.56
C THR F 827 -85.84 3.78 29.85
N HIS F 828 -87.03 3.50 30.36
CA HIS F 828 -87.92 4.58 30.73
C HIS F 828 -87.33 5.33 31.89
N SER F 829 -86.56 4.64 32.71
CA SER F 829 -85.91 5.29 33.83
C SER F 829 -85.03 6.33 33.22
N LEU F 830 -84.46 6.00 32.07
CA LEU F 830 -83.54 6.93 31.43
C LEU F 830 -84.33 7.95 30.64
N GLY F 831 -85.62 8.05 30.94
CA GLY F 831 -86.47 8.98 30.23
C GLY F 831 -86.55 8.72 28.75
N TYR F 832 -86.53 7.45 28.36
CA TYR F 832 -86.66 7.11 26.96
C TYR F 832 -87.82 6.14 26.73
N VAL F 833 -88.62 6.36 25.69
CA VAL F 833 -89.69 5.42 25.37
C VAL F 833 -89.53 4.73 24.02
N PHE F 834 -89.56 3.41 24.02
CA PHE F 834 -89.41 2.64 22.79
C PHE F 834 -90.65 2.55 21.93
N GLY F 835 -90.49 2.15 20.67
CA GLY F 835 -91.64 1.95 19.80
C GLY F 835 -92.48 0.75 20.24
N SER F 836 -93.77 0.77 19.94
CA SER F 836 -94.66 -0.31 20.36
C SER F 836 -94.45 -1.75 19.82
N PRO F 837 -94.09 -1.92 18.55
CA PRO F 837 -93.99 -3.30 18.08
C PRO F 837 -92.97 -4.15 18.82
N LEU F 838 -91.83 -3.58 19.13
CA LEU F 838 -90.81 -4.31 19.87
C LEU F 838 -91.36 -4.72 21.24
N TYR F 839 -92.14 -3.85 21.85
CA TYR F 839 -92.71 -4.17 23.15
C TYR F 839 -93.60 -5.37 23.04
N ASP F 840 -94.47 -5.39 22.03
CA ASP F 840 -95.43 -6.48 21.95
C ASP F 840 -94.82 -7.84 21.69
N GLU F 841 -93.80 -7.91 20.85
CA GLU F 841 -93.23 -9.19 20.52
C GLU F 841 -92.63 -9.87 21.74
N ILE F 842 -91.97 -9.11 22.61
CA ILE F 842 -91.43 -9.69 23.84
C ILE F 842 -92.56 -10.18 24.76
N ILE F 843 -93.68 -9.45 24.81
CA ILE F 843 -94.82 -9.87 25.60
C ILE F 843 -95.29 -11.19 25.03
N THR F 844 -95.32 -11.29 23.71
CA THR F 844 -95.73 -12.51 23.06
C THR F 844 -94.80 -13.65 23.43
N LEU F 845 -93.50 -13.36 23.48
CA LEU F 845 -92.53 -14.37 23.84
C LEU F 845 -92.79 -14.87 25.24
N CYS F 846 -93.09 -13.96 26.17
CA CYS F 846 -93.38 -14.34 27.54
C CYS F 846 -94.61 -15.22 27.59
N LEU F 847 -95.64 -14.86 26.83
CA LEU F 847 -96.85 -15.67 26.78
C LEU F 847 -96.52 -17.04 26.22
N ASP F 848 -95.66 -17.09 25.20
CA ASP F 848 -95.30 -18.35 24.58
C ASP F 848 -94.59 -19.27 25.57
N LEU F 849 -93.72 -18.70 26.39
CA LEU F 849 -92.97 -19.52 27.35
C LEU F 849 -93.71 -19.67 28.67
N GLY F 850 -94.90 -19.07 28.77
CA GLY F 850 -95.68 -19.19 29.99
C GLY F 850 -95.41 -18.18 31.08
N GLU F 851 -94.60 -17.17 30.79
CA GLU F 851 -94.37 -16.11 31.78
C GLU F 851 -95.47 -15.07 31.68
N LEU F 852 -96.70 -15.49 31.99
CA LEU F 852 -97.83 -14.58 31.96
C LEU F 852 -97.67 -13.51 33.02
N ASP F 853 -97.14 -13.90 34.17
CA ASP F 853 -97.01 -12.96 35.27
C ASP F 853 -96.11 -11.80 34.90
N ALA F 854 -95.03 -12.10 34.18
CA ALA F 854 -94.13 -11.04 33.74
C ALA F 854 -94.87 -10.09 32.83
N ALA F 855 -95.72 -10.64 31.96
CA ALA F 855 -96.41 -9.78 31.01
C ALA F 855 -97.29 -8.78 31.71
N ILE F 856 -97.98 -9.23 32.75
CA ILE F 856 -98.83 -8.34 33.50
C ILE F 856 -97.98 -7.27 34.16
N ALA F 857 -96.83 -7.66 34.67
CA ALA F 857 -96.01 -6.69 35.36
C ALA F 857 -95.65 -5.62 34.36
N ILE F 858 -95.35 -6.03 33.14
CA ILE F 858 -94.95 -5.06 32.12
C ILE F 858 -96.08 -4.10 31.85
N VAL F 859 -97.31 -4.61 31.74
CA VAL F 859 -98.43 -3.75 31.48
C VAL F 859 -98.65 -2.76 32.62
N ALA F 860 -98.48 -3.22 33.86
CA ALA F 860 -98.68 -2.33 35.00
C ALA F 860 -97.67 -1.20 34.97
N ASP F 861 -96.41 -1.53 34.72
CA ASP F 861 -95.42 -0.48 34.62
C ASP F 861 -95.67 0.38 33.40
N LEU F 862 -96.16 -0.22 32.32
CA LEU F 862 -96.37 0.53 31.10
C LEU F 862 -97.37 1.61 31.39
N GLU F 863 -98.37 1.28 32.19
CA GLU F 863 -99.37 2.27 32.57
C GLU F 863 -98.71 3.38 33.37
N THR F 864 -97.81 3.02 34.27
CA THR F 864 -97.13 4.02 35.08
C THR F 864 -96.31 4.94 34.19
N SER F 865 -95.62 4.38 33.21
CA SER F 865 -94.87 5.19 32.26
C SER F 865 -95.83 6.06 31.46
N GLY F 866 -97.01 5.53 31.15
CA GLY F 866 -97.98 6.26 30.36
C GLY F 866 -97.98 5.85 28.90
N ILE F 867 -97.05 4.99 28.51
CA ILE F 867 -97.06 4.48 27.14
C ILE F 867 -98.23 3.50 27.02
N LYS F 868 -98.81 3.38 25.84
CA LYS F 868 -100.00 2.54 25.69
C LYS F 868 -99.72 1.13 25.18
N VAL F 869 -100.16 0.12 25.91
CA VAL F 869 -100.00 -1.26 25.49
C VAL F 869 -100.86 -1.48 24.25
N PRO F 870 -100.37 -2.27 23.28
CA PRO F 870 -101.26 -2.53 22.15
C PRO F 870 -102.51 -3.25 22.63
N ASP F 871 -103.68 -2.83 22.14
CA ASP F 871 -104.93 -3.41 22.61
C ASP F 871 -105.09 -4.90 22.33
N GLU F 872 -104.68 -5.33 21.15
CA GLU F 872 -104.85 -6.73 20.78
C GLU F 872 -104.05 -7.62 21.71
N THR F 873 -102.81 -7.23 22.01
CA THR F 873 -102.02 -7.99 22.95
C THR F 873 -102.66 -7.94 24.32
N LEU F 874 -103.20 -6.79 24.69
CA LEU F 874 -103.76 -6.63 26.02
C LEU F 874 -104.94 -7.55 26.29
N ASP F 875 -105.85 -7.67 25.32
CA ASP F 875 -106.97 -8.60 25.50
C ASP F 875 -106.45 -10.03 25.57
N ARG F 876 -105.45 -10.34 24.76
CA ARG F 876 -104.87 -11.67 24.78
C ARG F 876 -104.25 -11.95 26.13
N VAL F 877 -103.61 -10.96 26.72
CA VAL F 877 -102.98 -11.13 28.03
C VAL F 877 -104.04 -11.47 29.08
N ILE F 878 -105.18 -10.79 29.00
CA ILE F 878 -106.27 -11.07 29.93
C ILE F 878 -106.76 -12.50 29.75
N SER F 879 -106.87 -12.94 28.51
CA SER F 879 -107.31 -14.31 28.22
C SER F 879 -106.32 -15.32 28.79
N ALA F 880 -105.03 -15.03 28.65
CA ALA F 880 -104.01 -15.92 29.19
C ALA F 880 -104.13 -16.00 30.71
N ARG F 881 -104.40 -14.87 31.34
CA ARG F 881 -104.57 -14.84 32.78
C ARG F 881 -105.76 -15.70 33.19
N GLN F 882 -106.83 -15.62 32.41
CA GLN F 882 -108.02 -16.43 32.71
C GLN F 882 -107.67 -17.91 32.62
N SER F 883 -106.87 -18.27 31.63
CA SER F 883 -106.46 -19.67 31.49
C SER F 883 -105.66 -20.14 32.69
N SER F 884 -104.74 -19.30 33.17
CA SER F 884 -103.94 -19.66 34.34
C SER F 884 -104.81 -19.83 35.57
N ASP F 885 -105.79 -18.96 35.75
CA ASP F 885 -106.67 -19.03 36.92
C ASP F 885 -107.55 -20.27 36.87
N ASP G 102 -64.83 59.64 -5.08
CA ASP G 102 -64.15 58.71 -4.17
C ASP G 102 -62.65 58.96 -4.18
N PHE G 103 -62.09 59.28 -5.34
CA PHE G 103 -60.66 59.60 -5.41
C PHE G 103 -60.33 60.85 -4.61
N SER G 104 -61.17 61.88 -4.71
CA SER G 104 -60.93 63.10 -3.94
C SER G 104 -61.09 62.85 -2.45
N HIS G 105 -62.05 62.02 -2.05
CA HIS G 105 -62.21 61.68 -0.65
C HIS G 105 -60.99 60.92 -0.12
N VAL G 106 -60.48 59.97 -0.92
CA VAL G 106 -59.29 59.22 -0.51
C VAL G 106 -58.08 60.15 -0.41
N PHE G 107 -57.98 61.11 -1.34
CA PHE G 107 -56.87 62.06 -1.28
C PHE G 107 -56.97 62.94 -0.05
N LYS G 108 -58.18 63.38 0.30
CA LYS G 108 -58.35 64.18 1.52
C LYS G 108 -58.02 63.37 2.76
N GLU G 109 -58.44 62.10 2.79
CA GLU G 109 -58.14 61.26 3.94
C GLU G 109 -56.65 61.00 4.07
N PHE G 110 -55.95 60.86 2.94
CA PHE G 110 -54.51 60.68 2.98
C PHE G 110 -53.80 61.95 3.41
N ALA G 111 -54.29 63.12 2.96
CA ALA G 111 -53.72 64.38 3.40
C ALA G 111 -53.96 64.63 4.89
N ALA G 112 -55.06 64.09 5.43
CA ALA G 112 -55.31 64.20 6.86
C ALA G 112 -54.31 63.37 7.68
N ARG G 113 -53.82 62.28 7.11
CA ARG G 113 -52.85 61.42 7.78
C ARG G 113 -51.41 61.69 7.36
N GLY G 114 -51.20 62.55 6.35
CA GLY G 114 -49.85 62.84 5.92
C GLY G 114 -49.23 61.83 4.99
N ASP G 115 -50.04 61.00 4.32
CA ASP G 115 -49.53 60.01 3.40
C ASP G 115 -49.29 60.60 2.02
N TRP G 116 -48.32 61.52 1.92
CA TRP G 116 -48.05 62.19 0.66
C TRP G 116 -47.50 61.23 -0.39
N GLN G 117 -46.74 60.21 0.03
CA GLN G 117 -46.14 59.29 -0.92
C GLN G 117 -47.21 58.43 -1.59
N ARG G 118 -48.12 57.87 -0.81
CA ARG G 118 -49.20 57.05 -1.38
C ARG G 118 -50.12 57.90 -2.26
N SER G 119 -50.40 59.13 -1.84
CA SER G 119 -51.23 60.02 -2.64
C SER G 119 -50.57 60.34 -3.97
N LEU G 120 -49.26 60.64 -3.95
CA LEU G 120 -48.56 60.93 -5.19
C LEU G 120 -48.50 59.71 -6.10
N ARG G 121 -48.32 58.52 -5.52
CA ARG G 121 -48.31 57.30 -6.34
C ARG G 121 -49.67 57.05 -6.96
N LEU G 122 -50.75 57.24 -6.20
CA LEU G 122 -52.09 57.06 -6.73
C LEU G 122 -52.37 58.07 -7.83
N PHE G 123 -51.91 59.31 -7.65
CA PHE G 123 -52.10 60.34 -8.68
C PHE G 123 -51.35 59.98 -9.95
N LYS G 124 -50.09 59.55 -9.82
CA LYS G 124 -49.30 59.17 -10.98
C LYS G 124 -49.87 57.93 -11.68
N TYR G 125 -50.50 57.03 -10.94
CA TYR G 125 -51.14 55.87 -11.56
C TYR G 125 -52.43 56.26 -12.28
N MET G 126 -53.23 57.13 -11.66
CA MET G 126 -54.47 57.57 -12.29
C MET G 126 -54.20 58.42 -13.53
N GLN G 127 -53.06 59.13 -13.55
CA GLN G 127 -52.72 59.95 -14.71
C GLN G 127 -52.59 59.12 -15.98
N ARG G 128 -52.23 57.85 -15.85
CA ARG G 128 -52.09 56.94 -16.99
C ARG G 128 -53.36 56.13 -17.24
N GLN G 129 -54.41 56.34 -16.46
CA GLN G 129 -55.67 55.62 -16.62
C GLN G 129 -56.70 56.51 -17.31
N ILE G 130 -57.38 55.95 -18.31
CA ILE G 130 -58.39 56.72 -19.04
C ILE G 130 -59.68 56.81 -18.23
N TRP G 131 -60.04 55.73 -17.52
CA TRP G 131 -61.26 55.71 -16.72
C TRP G 131 -61.13 56.47 -15.40
N CYS G 132 -59.91 56.88 -15.03
CA CYS G 132 -59.70 57.58 -13.76
C CYS G 132 -58.80 58.79 -13.95
N LYS G 133 -59.01 59.55 -15.02
CA LYS G 133 -58.20 60.74 -15.27
C LYS G 133 -58.42 61.75 -14.15
N PRO G 134 -57.35 62.23 -13.51
CA PRO G 134 -57.53 63.21 -12.43
C PRO G 134 -58.00 64.56 -12.97
N ASN G 135 -58.90 65.19 -12.22
CA ASN G 135 -59.44 66.49 -12.59
C ASN G 135 -58.68 67.61 -11.88
N GLU G 136 -59.17 68.83 -12.07
CA GLU G 136 -58.55 70.00 -11.44
C GLU G 136 -58.60 69.90 -9.91
N HIS G 137 -59.68 69.34 -9.38
CA HIS G 137 -59.81 69.21 -7.93
C HIS G 137 -58.76 68.26 -7.37
N ILE G 138 -58.53 67.13 -8.05
CA ILE G 138 -57.52 66.18 -7.59
C ILE G 138 -56.13 66.80 -7.69
N TYR G 139 -55.87 67.57 -8.76
CA TYR G 139 -54.59 68.24 -8.91
C TYR G 139 -54.37 69.25 -7.78
N THR G 140 -55.40 70.02 -7.44
CA THR G 140 -55.28 70.98 -6.35
C THR G 140 -55.08 70.28 -5.02
N LEU G 141 -55.76 69.16 -4.80
CA LEU G 141 -55.58 68.40 -3.57
C LEU G 141 -54.16 67.86 -3.46
N MET G 142 -53.62 67.34 -4.57
CA MET G 142 -52.25 66.85 -4.56
C MET G 142 -51.24 67.98 -4.33
N ILE G 143 -51.49 69.14 -4.94
CA ILE G 143 -50.60 70.29 -4.74
C ILE G 143 -50.63 70.71 -3.27
N GLY G 144 -51.82 70.75 -2.67
CA GLY G 144 -51.91 71.10 -1.26
C GLY G 144 -51.23 70.09 -0.35
N ILE G 145 -51.38 68.80 -0.68
CA ILE G 145 -50.73 67.75 0.11
C ILE G 145 -49.21 67.87 0.01
N LEU G 146 -48.71 68.17 -1.19
CA LEU G 146 -47.28 68.34 -1.37
C LEU G 146 -46.77 69.59 -0.63
N GLY G 147 -47.54 70.67 -0.66
CA GLY G 147 -47.13 71.88 0.04
C GLY G 147 -47.15 71.70 1.55
N ARG G 148 -48.09 70.89 2.06
CA ARG G 148 -48.16 70.65 3.50
C ARG G 148 -46.92 69.92 4.00
N GLU G 149 -46.31 69.09 3.16
CA GLU G 149 -45.11 68.36 3.54
C GLU G 149 -43.82 69.08 3.14
N GLY G 150 -43.92 70.25 2.51
CA GLY G 150 -42.73 70.97 2.09
C GLY G 150 -42.17 70.55 0.76
N LEU G 151 -42.91 69.79 -0.04
CA LEU G 151 -42.46 69.36 -1.36
C LEU G 151 -42.83 70.39 -2.42
N LEU G 152 -42.15 71.53 -2.37
CA LEU G 152 -42.42 72.62 -3.32
C LEU G 152 -42.09 72.20 -4.74
N ASP G 153 -41.00 71.45 -4.93
CA ASP G 153 -40.60 71.02 -6.27
C ASP G 153 -41.65 70.09 -6.89
N LYS G 154 -42.13 69.12 -6.11
CA LYS G 154 -43.12 68.19 -6.63
C LYS G 154 -44.44 68.89 -6.91
N ALA G 155 -44.83 69.84 -6.05
CA ALA G 155 -46.06 70.60 -6.29
C ALA G 155 -45.94 71.45 -7.54
N PHE G 156 -44.78 72.07 -7.75
CA PHE G 156 -44.58 72.87 -8.96
C PHE G 156 -44.59 71.99 -10.21
N GLU G 157 -43.97 70.81 -10.14
CA GLU G 157 -44.00 69.89 -11.27
C GLU G 157 -45.42 69.44 -11.57
N ILE G 158 -46.21 69.15 -10.54
CA ILE G 158 -47.59 68.72 -10.74
C ILE G 158 -48.43 69.84 -11.32
N PHE G 159 -48.16 71.08 -10.90
CA PHE G 159 -48.91 72.21 -11.43
C PHE G 159 -48.53 72.50 -12.88
N ASP G 160 -47.26 72.28 -13.23
CA ASP G 160 -46.83 72.52 -14.61
C ASP G 160 -47.30 71.41 -15.54
N GLU G 161 -47.39 70.17 -15.04
CA GLU G 161 -47.84 69.07 -15.87
C GLU G 161 -49.33 69.15 -16.21
N MET G 162 -50.06 70.08 -15.61
CA MET G 162 -51.48 70.23 -15.89
C MET G 162 -51.78 70.54 -17.35
N PRO G 163 -51.08 71.46 -18.01
CA PRO G 163 -51.39 71.73 -19.42
C PRO G 163 -51.07 70.57 -20.34
N SER G 164 -50.09 69.74 -19.98
CA SER G 164 -49.78 68.55 -20.78
C SER G 164 -50.89 67.54 -20.55
N HIS G 165 -51.54 67.62 -19.40
CA HIS G 165 -52.64 66.69 -19.08
C HIS G 165 -53.98 67.31 -19.42
N SER G 166 -53.99 68.48 -20.04
CA SER G 166 -55.22 69.18 -20.38
C SER G 166 -56.11 69.44 -19.16
N VAL G 167 -55.50 69.85 -18.06
CA VAL G 167 -56.26 70.11 -16.84
C VAL G 167 -56.42 71.62 -16.62
N ALA G 168 -57.64 72.05 -16.33
CA ALA G 168 -57.91 73.49 -16.16
C ALA G 168 -57.20 74.11 -14.98
N ARG G 169 -56.80 75.38 -15.13
CA ARG G 169 -56.12 76.09 -14.05
C ARG G 169 -57.02 77.18 -13.49
N THR G 170 -57.13 77.25 -12.17
CA THR G 170 -58.03 78.23 -11.55
C THR G 170 -57.33 79.04 -10.47
N VAL G 171 -57.89 80.19 -10.12
CA VAL G 171 -57.31 81.01 -9.06
C VAL G 171 -57.01 80.17 -7.82
N PHE G 172 -57.75 79.09 -7.62
CA PHE G 172 -57.47 78.17 -6.51
C PHE G 172 -56.00 77.77 -6.48
N SER G 173 -55.46 77.33 -7.62
CA SER G 173 -54.06 76.92 -7.66
C SER G 173 -53.13 78.10 -7.40
N TYR G 174 -53.47 79.28 -7.93
CA TYR G 174 -52.65 80.46 -7.71
C TYR G 174 -52.64 80.84 -6.23
N THR G 175 -53.81 80.81 -5.58
CA THR G 175 -53.87 81.12 -4.16
C THR G 175 -53.13 80.09 -3.34
N ALA G 176 -53.21 78.81 -3.73
CA ALA G 176 -52.47 77.78 -3.01
C ALA G 176 -50.98 77.98 -3.13
N ILE G 177 -50.49 78.32 -4.33
CA ILE G 177 -49.06 78.56 -4.52
C ILE G 177 -48.63 79.80 -3.74
N ILE G 178 -49.46 80.84 -3.72
CA ILE G 178 -49.13 82.05 -2.99
C ILE G 178 -49.04 81.76 -1.50
N ASN G 179 -49.98 80.96 -0.98
CA ASN G 179 -49.96 80.60 0.43
C ASN G 179 -48.74 79.74 0.77
N ALA G 180 -48.39 78.80 -0.12
CA ALA G 180 -47.22 77.97 0.10
C ALA G 180 -45.94 78.81 0.12
N TYR G 181 -45.86 79.80 -0.77
CA TYR G 181 -44.70 80.69 -0.79
C TYR G 181 -44.66 81.57 0.45
N GLY G 182 -45.82 82.06 0.89
CA GLY G 182 -45.85 82.93 2.06
C GLY G 182 -45.53 82.19 3.35
N ARG G 183 -45.91 80.91 3.43
CA ARG G 183 -45.63 80.13 4.63
C ARG G 183 -44.15 79.97 4.89
N ASN G 184 -43.30 80.13 3.87
CA ASN G 184 -41.86 80.03 4.01
C ASN G 184 -41.18 81.39 4.01
N GLY G 185 -41.95 82.47 4.15
CA GLY G 185 -41.41 83.81 4.17
C GLY G 185 -41.08 84.41 2.82
N GLN G 186 -41.52 83.79 1.72
CA GLN G 186 -41.23 84.30 0.37
C GLN G 186 -42.34 85.26 -0.06
N TYR G 187 -42.28 86.48 0.49
CA TYR G 187 -43.24 87.51 0.14
C TYR G 187 -43.03 88.00 -1.29
N GLY G 188 -41.77 88.13 -1.71
CA GLY G 188 -41.49 88.54 -3.08
C GLY G 188 -41.99 87.53 -4.09
N THR G 189 -41.86 86.24 -3.78
CA THR G 189 -42.38 85.22 -4.68
C THR G 189 -43.90 85.26 -4.75
N SER G 190 -44.56 85.53 -3.62
CA SER G 190 -46.02 85.67 -3.64
C SER G 190 -46.44 86.89 -4.47
N LEU G 191 -45.72 87.99 -4.35
CA LEU G 191 -46.03 89.18 -5.14
C LEU G 191 -45.82 88.91 -6.63
N GLN G 192 -44.73 88.20 -6.97
CA GLN G 192 -44.50 87.84 -8.37
C GLN G 192 -45.58 86.92 -8.90
N LEU G 193 -46.05 85.97 -8.08
CA LEU G 193 -47.11 85.07 -8.52
C LEU G 193 -48.42 85.82 -8.71
N LEU G 194 -48.70 86.79 -7.83
CA LEU G 194 -49.90 87.61 -7.98
C LEU G 194 -49.83 88.44 -9.25
N GLU G 195 -48.66 89.02 -9.54
CA GLU G 195 -48.49 89.79 -10.77
C GLU G 195 -48.64 88.90 -12.00
N LYS G 196 -48.13 87.68 -11.94
CA LYS G 196 -48.26 86.77 -13.06
C LYS G 196 -49.72 86.36 -13.26
N MET G 197 -50.45 86.11 -12.18
CA MET G 197 -51.86 85.79 -12.29
C MET G 197 -52.64 86.96 -12.86
N LYS G 198 -52.30 88.19 -12.46
CA LYS G 198 -52.95 89.36 -13.02
C LYS G 198 -52.64 89.51 -14.51
N GLN G 199 -51.41 89.19 -14.92
CA GLN G 199 -51.06 89.23 -16.33
C GLN G 199 -51.80 88.13 -17.10
N GLU G 200 -52.05 87.00 -16.47
CA GLU G 200 -52.74 85.87 -17.09
C GLU G 200 -54.25 86.07 -17.15
N LYS G 201 -54.75 87.28 -16.91
CA LYS G 201 -56.18 87.58 -16.95
C LYS G 201 -56.96 86.78 -15.92
N ILE G 202 -56.33 86.43 -14.82
CA ILE G 202 -56.98 85.71 -13.72
C ILE G 202 -57.36 86.71 -12.64
N ILE G 203 -58.66 86.88 -12.42
CA ILE G 203 -59.17 87.84 -11.44
C ILE G 203 -58.86 87.32 -10.03
N PRO G 204 -58.06 88.04 -9.24
CA PRO G 204 -57.76 87.57 -7.89
C PRO G 204 -58.98 87.67 -6.99
N SER G 205 -59.02 86.82 -5.97
CA SER G 205 -60.13 86.77 -5.03
C SER G 205 -59.74 87.42 -3.71
N ILE G 206 -60.73 87.56 -2.83
CA ILE G 206 -60.48 88.12 -1.51
C ILE G 206 -59.52 87.24 -0.72
N LEU G 207 -59.63 85.93 -0.87
CA LEU G 207 -58.74 85.01 -0.17
C LEU G 207 -57.31 85.17 -0.66
N THR G 208 -57.11 85.32 -1.97
CA THR G 208 -55.77 85.49 -2.51
C THR G 208 -55.15 86.80 -2.01
N TYR G 209 -55.95 87.88 -1.99
CA TYR G 209 -55.45 89.16 -1.50
C TYR G 209 -55.10 89.08 -0.01
N ASN G 210 -55.94 88.40 0.78
CA ASN G 210 -55.64 88.24 2.19
C ASN G 210 -54.37 87.42 2.41
N THR G 211 -54.19 86.36 1.61
CA THR G 211 -52.98 85.55 1.72
C THR G 211 -51.74 86.35 1.33
N VAL G 212 -51.85 87.19 0.29
CA VAL G 212 -50.72 88.01 -0.11
C VAL G 212 -50.38 89.04 0.97
N ILE G 213 -51.41 89.64 1.58
CA ILE G 213 -51.19 90.60 2.65
C ILE G 213 -50.53 89.93 3.85
N ASN G 214 -50.98 88.72 4.20
CA ASN G 214 -50.39 87.99 5.31
C ASN G 214 -48.94 87.61 5.01
N SER G 215 -48.65 87.20 3.78
CA SER G 215 -47.28 86.87 3.40
C SER G 215 -46.38 88.10 3.47
N CYS G 216 -46.88 89.24 3.01
CA CYS G 216 -46.09 90.47 3.08
C CYS G 216 -45.85 90.88 4.52
N ALA G 217 -46.85 90.71 5.39
CA ALA G 217 -46.69 91.06 6.79
C ALA G 217 -45.67 90.15 7.47
N ARG G 218 -45.76 88.84 7.22
CA ARG G 218 -44.85 87.90 7.85
C ARG G 218 -43.44 88.03 7.31
N GLY G 219 -43.28 88.39 6.04
CA GLY G 219 -41.97 88.49 5.44
C GLY G 219 -41.21 89.75 5.79
N GLY G 220 -41.84 90.69 6.50
CA GLY G 220 -41.18 91.92 6.87
C GLY G 220 -41.29 93.05 5.88
N HIS G 221 -42.29 93.02 5.01
CA HIS G 221 -42.46 94.09 4.04
C HIS G 221 -42.90 95.38 4.73
N GLU G 222 -42.59 96.52 4.10
CA GLU G 222 -42.95 97.81 4.66
C GLU G 222 -44.47 97.95 4.76
N TRP G 223 -44.91 98.77 5.72
CA TRP G 223 -46.34 99.03 5.89
C TRP G 223 -46.91 99.74 4.67
N GLU G 224 -46.08 100.53 3.97
CA GLU G 224 -46.53 101.18 2.76
C GLU G 224 -46.92 100.17 1.70
N GLY G 225 -46.19 99.06 1.61
CA GLY G 225 -46.55 98.01 0.67
C GLY G 225 -47.89 97.38 0.99
N LEU G 226 -48.16 97.13 2.27
CA LEU G 226 -49.45 96.57 2.66
C LEU G 226 -50.57 97.57 2.39
N LEU G 227 -50.33 98.85 2.63
CA LEU G 227 -51.35 99.86 2.34
C LEU G 227 -51.63 99.94 0.85
N SER G 228 -50.57 99.85 0.03
CA SER G 228 -50.76 99.87 -1.43
C SER G 228 -51.52 98.63 -1.89
N LEU G 229 -51.21 97.47 -1.31
CA LEU G 229 -51.93 96.25 -1.66
C LEU G 229 -53.39 96.36 -1.29
N PHE G 230 -53.69 96.91 -0.11
CA PHE G 230 -55.09 97.09 0.30
C PHE G 230 -55.81 98.08 -0.63
N ALA G 231 -55.13 99.16 -1.01
CA ALA G 231 -55.74 100.12 -1.91
C ALA G 231 -56.00 99.52 -3.28
N GLU G 232 -55.07 98.67 -3.77
CA GLU G 232 -55.28 98.00 -5.05
C GLU G 232 -56.44 97.02 -4.98
N MET G 233 -56.52 96.26 -3.88
CA MET G 233 -57.64 95.34 -3.69
C MET G 233 -58.96 96.08 -3.65
N ARG G 234 -58.99 97.25 -2.99
CA ARG G 234 -60.21 98.04 -2.92
C ARG G 234 -60.57 98.64 -4.27
N HIS G 235 -59.57 99.00 -5.07
CA HIS G 235 -59.84 99.57 -6.38
C HIS G 235 -60.35 98.52 -7.36
N GLU G 236 -60.00 97.26 -7.12
CA GLU G 236 -60.50 96.16 -7.95
C GLU G 236 -61.70 95.49 -7.30
N GLY G 237 -62.39 96.20 -6.41
CA GLY G 237 -63.59 95.66 -5.77
C GLY G 237 -63.55 94.37 -4.98
N ILE G 238 -62.52 94.18 -4.15
CA ILE G 238 -62.46 92.99 -3.30
C ILE G 238 -63.56 93.01 -2.25
N GLN G 239 -63.92 91.85 -1.72
CA GLN G 239 -65.02 91.77 -0.75
C GLN G 239 -64.51 91.48 0.65
N PRO G 240 -64.92 92.31 1.62
CA PRO G 240 -64.48 92.12 3.01
C PRO G 240 -65.06 90.87 3.66
N ASP G 241 -64.26 90.20 4.49
CA ASP G 241 -64.74 89.01 5.20
C ASP G 241 -64.36 89.16 6.66
N LEU G 242 -65.09 88.50 7.55
CA LEU G 242 -64.79 88.62 8.98
C LEU G 242 -63.40 88.08 9.32
N VAL G 243 -63.04 86.94 8.74
CA VAL G 243 -61.71 86.39 8.96
C VAL G 243 -60.66 87.33 8.39
N THR G 244 -60.94 87.90 7.21
CA THR G 244 -60.01 88.84 6.60
C THR G 244 -59.86 90.07 7.48
N TYR G 245 -60.96 90.53 8.07
CA TYR G 245 -60.93 91.72 8.92
C TYR G 245 -60.05 91.52 10.14
N ASN G 246 -60.10 90.34 10.74
CA ASN G 246 -59.24 90.06 11.89
C ASN G 246 -57.78 90.13 11.47
N THR G 247 -57.45 89.53 10.33
CA THR G 247 -56.08 89.56 9.83
C THR G 247 -55.72 90.96 9.36
N LEU G 248 -56.72 91.75 9.00
CA LEU G 248 -56.49 93.12 8.54
C LEU G 248 -56.18 94.02 9.71
N LEU G 249 -56.85 93.78 10.83
CA LEU G 249 -56.57 94.56 12.01
C LEU G 249 -55.11 94.31 12.34
N SER G 250 -54.68 93.06 12.20
CA SER G 250 -53.26 92.75 12.44
C SER G 250 -52.35 93.47 11.45
N ALA G 251 -52.74 93.59 10.18
CA ALA G 251 -51.84 94.18 9.17
C ALA G 251 -51.09 95.40 9.71
N CYS G 252 -51.81 96.38 10.24
CA CYS G 252 -51.17 97.55 10.82
C CYS G 252 -50.32 97.20 12.03
N SER G 253 -50.78 96.25 12.84
CA SER G 253 -50.01 95.80 14.00
C SER G 253 -48.68 95.20 13.58
N SER G 254 -48.69 94.45 12.48
CA SER G 254 -47.47 93.80 11.99
C SER G 254 -46.44 94.87 11.64
N ARG G 255 -46.90 95.98 11.08
CA ARG G 255 -45.98 97.07 10.76
C ARG G 255 -45.33 97.60 12.02
N GLY G 256 -46.11 97.75 13.09
CA GLY G 256 -45.54 98.18 14.36
C GLY G 256 -45.35 99.68 14.52
N LEU G 257 -45.76 100.45 13.52
CA LEU G 257 -45.68 101.90 13.63
C LEU G 257 -46.69 102.38 14.65
N GLY G 258 -46.37 103.44 15.38
CA GLY G 258 -47.29 103.95 16.38
C GLY G 258 -48.59 104.41 15.75
N ASP G 259 -48.50 105.11 14.63
CA ASP G 259 -49.71 105.54 13.92
C ASP G 259 -50.48 104.32 13.42
N GLU G 260 -49.76 103.33 12.92
CA GLU G 260 -50.40 102.11 12.43
C GLU G 260 -51.09 101.38 13.58
N ALA G 261 -50.46 101.33 14.74
CA ALA G 261 -51.04 100.65 15.89
C ALA G 261 -52.35 101.31 16.28
N GLU G 262 -52.38 102.64 16.27
CA GLU G 262 -53.62 103.35 16.57
C GLU G 262 -54.68 103.03 15.52
N MET G 263 -54.27 103.00 14.25
CA MET G 263 -55.20 102.71 13.17
C MET G 263 -55.70 101.28 13.24
N VAL G 264 -54.83 100.35 13.60
CA VAL G 264 -55.22 98.96 13.72
C VAL G 264 -56.40 98.80 14.66
N PHE G 265 -56.35 99.44 15.83
CA PHE G 265 -57.46 99.38 16.78
C PHE G 265 -58.70 100.12 16.31
N ARG G 266 -58.50 101.31 15.76
CA ARG G 266 -59.61 102.12 15.32
C ARG G 266 -60.22 101.60 14.06
N THR G 267 -59.55 100.69 13.38
CA THR G 267 -60.08 100.26 12.11
C THR G 267 -61.42 99.64 12.38
N MET G 268 -61.50 98.80 13.39
CA MET G 268 -62.79 98.25 13.76
C MET G 268 -63.76 99.26 14.38
N ASN G 269 -63.29 100.08 15.34
CA ASN G 269 -64.17 101.02 16.03
C ASN G 269 -64.71 102.16 15.21
N GLU G 270 -63.85 102.82 14.44
CA GLU G 270 -64.27 103.98 13.66
C GLU G 270 -65.23 103.70 12.51
N ALA G 271 -64.99 102.62 11.79
CA ALA G 271 -65.90 102.22 10.71
C ALA G 271 -67.14 101.59 11.31
N GLY G 272 -67.08 101.23 12.59
CA GLY G 272 -68.24 100.66 13.26
C GLY G 272 -68.46 99.17 13.11
N ILE G 273 -67.57 98.46 12.42
CA ILE G 273 -67.71 97.01 12.34
C ILE G 273 -66.54 96.35 13.04
N LEU G 274 -66.81 95.56 14.08
CA LEU G 274 -65.73 94.95 14.85
C LEU G 274 -65.92 93.47 15.13
N PRO G 275 -64.87 92.67 14.92
CA PRO G 275 -65.01 91.27 15.31
C PRO G 275 -65.06 91.22 16.83
N ASP G 276 -65.86 90.34 17.41
CA ASP G 276 -66.02 90.34 18.85
C ASP G 276 -64.74 90.05 19.65
N VAL G 277 -63.95 89.08 19.23
CA VAL G 277 -62.77 88.72 20.01
C VAL G 277 -61.42 88.86 19.32
N THR G 278 -61.28 88.31 18.13
CA THR G 278 -59.97 88.32 17.46
C THR G 278 -59.43 89.71 17.12
N THR G 279 -60.28 90.59 16.59
CA THR G 279 -59.83 91.92 16.24
C THR G 279 -59.38 92.68 17.47
N TYR G 280 -60.12 92.54 18.56
CA TYR G 280 -59.78 93.24 19.79
C TYR G 280 -58.43 92.80 20.34
N SER G 281 -58.16 91.50 20.30
CA SER G 281 -56.90 90.99 20.87
C SER G 281 -55.68 91.49 20.12
N TYR G 282 -55.67 91.33 18.81
CA TYR G 282 -54.53 91.76 17.99
C TYR G 282 -54.31 93.26 18.05
N LEU G 283 -55.38 94.02 18.00
CA LEU G 283 -55.28 95.49 18.07
C LEU G 283 -54.74 95.88 19.43
N VAL G 284 -55.20 95.20 20.47
CA VAL G 284 -54.72 95.49 21.80
C VAL G 284 -53.22 95.21 21.85
N ASP G 285 -52.79 94.14 21.19
CA ASP G 285 -51.37 93.80 21.19
C ASP G 285 -50.56 94.91 20.53
N THR G 286 -51.04 95.39 19.40
CA THR G 286 -50.36 96.48 18.72
C THR G 286 -50.41 97.75 19.54
N PHE G 287 -51.54 97.98 20.19
CA PHE G 287 -51.71 99.19 20.98
C PHE G 287 -50.67 99.17 22.08
N GLY G 288 -50.42 98.01 22.65
CA GLY G 288 -49.48 97.92 23.74
C GLY G 288 -48.02 98.31 23.49
N LYS G 289 -47.42 97.90 22.38
CA LYS G 289 -46.00 98.21 22.15
C LYS G 289 -45.80 99.70 22.05
N LEU G 290 -46.65 100.36 21.27
CA LEU G 290 -46.60 101.80 21.18
C LEU G 290 -46.99 102.40 22.51
N GLY G 291 -47.99 101.80 23.16
CA GLY G 291 -48.51 102.32 24.42
C GLY G 291 -49.99 102.64 24.27
N LYS G 292 -50.87 101.75 24.76
CA LYS G 292 -52.31 101.97 24.68
C LYS G 292 -52.64 102.77 25.89
N LEU G 293 -52.56 104.08 25.81
CA LEU G 293 -52.70 104.88 27.01
C LEU G 293 -54.00 104.70 27.67
N GLU G 294 -55.06 104.74 26.90
CA GLU G 294 -56.35 104.47 27.47
C GLU G 294 -56.84 103.39 26.59
N LYS G 295 -56.00 102.99 25.66
CA LYS G 295 -56.48 102.03 24.72
C LYS G 295 -56.65 100.75 25.45
N VAL G 296 -55.94 100.60 26.55
CA VAL G 296 -56.16 99.40 27.36
C VAL G 296 -57.59 99.25 27.94
N SER G 297 -58.16 100.31 28.52
CA SER G 297 -59.54 100.24 29.04
C SER G 297 -60.43 100.00 27.89
N GLU G 298 -60.13 100.69 26.81
CA GLU G 298 -60.96 100.59 25.66
C GLU G 298 -60.98 99.23 25.09
N LEU G 299 -59.85 98.56 25.07
CA LEU G 299 -59.88 97.28 24.38
C LEU G 299 -60.84 96.29 25.03
N LEU G 300 -60.85 96.22 26.37
CA LEU G 300 -61.82 95.35 27.05
C LEU G 300 -63.25 95.83 26.86
N MET G 301 -63.47 97.13 26.94
CA MET G 301 -64.80 97.68 26.81
C MET G 301 -65.31 97.37 25.45
N GLU G 302 -64.45 97.53 24.45
CA GLU G 302 -64.91 97.34 23.08
C GLU G 302 -65.35 95.92 22.83
N MET G 303 -64.56 94.96 23.29
CA MET G 303 -65.00 93.58 23.17
C MET G 303 -66.21 93.23 24.04
N GLU G 304 -66.24 93.68 25.30
CA GLU G 304 -67.32 93.30 26.23
C GLU G 304 -68.76 93.75 26.01
N ALA G 305 -68.97 95.01 25.66
CA ALA G 305 -70.34 95.50 25.54
C ALA G 305 -70.77 95.36 24.12
N GLY G 306 -69.93 94.75 23.31
CA GLY G 306 -70.23 94.57 21.91
C GLY G 306 -71.45 93.70 21.71
N GLY G 307 -71.72 92.82 22.67
CA GLY G 307 -72.83 91.89 22.52
C GLY G 307 -72.24 90.55 22.81
N THR G 308 -70.92 90.52 22.92
CA THR G 308 -70.27 89.28 23.30
C THR G 308 -69.50 89.61 24.56
N SER G 309 -69.63 88.77 25.59
CA SER G 309 -68.85 89.00 26.81
C SER G 309 -67.37 88.83 26.51
N PRO G 310 -66.53 89.70 27.11
CA PRO G 310 -65.11 89.63 26.80
C PRO G 310 -64.51 88.31 27.26
N GLU G 311 -63.61 87.74 26.47
CA GLU G 311 -62.99 86.45 26.82
C GLU G 311 -62.06 86.55 28.02
N VAL G 312 -61.94 85.47 28.77
CA VAL G 312 -61.08 85.48 29.93
C VAL G 312 -59.62 85.52 29.50
N THR G 313 -59.21 84.64 28.60
CA THR G 313 -57.85 84.63 28.09
C THR G 313 -57.55 86.00 27.54
N SER G 314 -58.53 86.61 26.89
CA SER G 314 -58.32 87.93 26.35
C SER G 314 -58.08 88.88 27.47
N TYR G 315 -58.87 88.76 28.53
CA TYR G 315 -58.73 89.71 29.61
C TYR G 315 -57.34 89.56 30.15
N ASN G 316 -56.89 88.31 30.30
CA ASN G 316 -55.54 88.05 30.82
C ASN G 316 -54.35 88.54 29.99
N VAL G 317 -54.41 88.41 28.67
CA VAL G 317 -53.27 88.80 27.85
C VAL G 317 -53.03 90.27 27.98
N LEU G 318 -54.10 91.02 27.93
CA LEU G 318 -53.97 92.44 28.13
C LEU G 318 -53.56 92.66 29.55
N LEU G 319 -54.14 91.90 30.48
CA LEU G 319 -53.85 92.12 31.88
C LEU G 319 -52.39 91.91 32.21
N GLU G 320 -51.77 90.89 31.63
CA GLU G 320 -50.36 90.60 31.93
C GLU G 320 -49.43 91.71 31.47
N ALA G 321 -49.66 92.21 30.28
CA ALA G 321 -48.88 93.33 29.82
C ALA G 321 -49.27 94.47 30.69
N TYR G 322 -50.52 94.50 31.15
CA TYR G 322 -50.95 95.65 31.91
C TYR G 322 -50.07 95.68 33.13
N ALA G 323 -49.73 94.52 33.68
CA ALA G 323 -48.81 94.49 34.80
C ALA G 323 -47.43 95.03 34.42
N HIS G 324 -46.96 94.70 33.22
CA HIS G 324 -45.66 95.16 32.78
C HIS G 324 -45.76 96.63 32.74
N SER G 325 -46.92 97.11 32.38
CA SER G 325 -47.10 98.53 32.24
C SER G 325 -46.93 99.22 33.57
N GLY G 326 -47.05 98.49 34.68
CA GLY G 326 -47.00 99.16 35.96
C GLY G 326 -48.41 99.61 36.16
N SER G 327 -49.33 99.05 35.38
CA SER G 327 -50.72 99.37 35.59
C SER G 327 -51.11 98.49 36.75
N MET G 328 -51.50 99.12 37.86
CA MET G 328 -51.87 98.39 39.03
C MET G 328 -53.26 98.76 39.40
N LYS G 329 -53.49 100.03 39.62
CA LYS G 329 -54.84 100.44 39.87
C LYS G 329 -55.59 100.15 38.59
N GLU G 330 -54.99 100.42 37.44
CA GLU G 330 -55.62 100.13 36.14
C GLU G 330 -55.82 98.66 35.94
N ALA G 331 -54.82 97.88 36.26
CA ALA G 331 -54.99 96.46 36.20
C ALA G 331 -55.94 95.95 37.29
N MET G 332 -55.95 96.55 38.49
CA MET G 332 -56.89 96.15 39.54
C MET G 332 -58.25 96.47 39.08
N ASP G 333 -58.38 97.63 38.50
CA ASP G 333 -59.64 98.01 37.96
C ASP G 333 -59.91 97.05 36.85
N VAL G 334 -58.89 96.69 36.06
CA VAL G 334 -59.05 95.71 34.99
C VAL G 334 -59.42 94.38 35.59
N PHE G 335 -58.87 94.02 36.75
CA PHE G 335 -59.27 92.78 37.45
C PHE G 335 -60.71 92.83 37.96
N ARG G 336 -61.13 93.94 38.55
CA ARG G 336 -62.52 94.09 38.94
C ARG G 336 -63.30 94.08 37.64
N GLN G 337 -62.74 94.69 36.58
CA GLN G 337 -63.36 94.69 35.23
C GLN G 337 -63.42 93.32 34.60
N MET G 338 -62.38 92.54 34.75
CA MET G 338 -62.41 91.20 34.29
C MET G 338 -63.47 90.51 35.11
N GLN G 339 -63.55 90.87 36.39
CA GLN G 339 -64.58 90.31 37.27
C GLN G 339 -65.92 90.70 36.72
N THR G 340 -66.03 91.92 36.24
CA THR G 340 -67.28 92.34 35.62
C THR G 340 -67.53 91.48 34.40
N ALA G 341 -66.50 91.20 33.61
CA ALA G 341 -66.70 90.44 32.36
C ALA G 341 -67.55 89.21 32.59
N GLY G 342 -67.27 88.47 33.66
CA GLY G 342 -68.08 87.31 33.99
C GLY G 342 -67.74 86.06 33.22
N CYS G 343 -66.72 86.12 32.37
CA CYS G 343 -66.30 84.93 31.66
C CYS G 343 -65.67 83.98 32.66
N VAL G 344 -65.90 82.68 32.49
CA VAL G 344 -65.32 81.71 33.40
C VAL G 344 -63.81 81.83 33.27
N ALA G 345 -63.12 81.91 34.40
CA ALA G 345 -61.68 82.11 34.35
C ALA G 345 -60.89 81.10 35.16
N ASN G 346 -59.84 80.55 34.56
CA ASN G 346 -58.99 79.64 35.31
C ASN G 346 -58.23 80.47 36.35
N ALA G 347 -57.90 79.86 37.48
CA ALA G 347 -57.15 80.58 38.52
C ALA G 347 -55.89 81.21 37.94
N GLU G 348 -55.47 80.77 36.76
CA GLU G 348 -54.24 81.30 36.17
C GLU G 348 -54.31 82.81 35.93
N THR G 349 -55.47 83.31 35.54
CA THR G 349 -55.61 84.75 35.35
C THR G 349 -55.36 85.49 36.67
N TYR G 350 -55.89 84.97 37.77
CA TYR G 350 -55.65 85.59 39.07
C TYR G 350 -54.19 85.44 39.42
N SER G 351 -53.65 84.24 39.25
CA SER G 351 -52.25 84.01 39.50
C SER G 351 -51.36 85.07 38.92
N VAL G 352 -51.59 85.45 37.67
CA VAL G 352 -50.66 86.39 37.07
C VAL G 352 -50.71 87.73 37.75
N LEU G 353 -51.90 88.20 38.00
CA LEU G 353 -52.07 89.48 38.64
C LEU G 353 -51.50 89.48 40.04
N LEU G 354 -51.72 88.38 40.77
CA LEU G 354 -51.27 88.29 42.14
C LEU G 354 -49.80 88.41 42.20
N ASN G 355 -49.13 87.85 41.22
CA ASN G 355 -47.70 87.85 41.24
C ASN G 355 -47.19 89.28 41.24
N LEU G 356 -47.78 90.14 40.43
CA LEU G 356 -47.39 91.57 40.46
C LEU G 356 -47.75 92.13 41.82
N TYR G 357 -48.87 91.69 42.37
CA TYR G 357 -49.34 92.19 43.65
C TYR G 357 -48.43 91.78 44.75
N GLY G 358 -47.54 90.85 44.47
CA GLY G 358 -46.57 90.46 45.46
C GLY G 358 -45.68 91.63 45.84
N LYS G 359 -45.23 92.40 44.86
CA LYS G 359 -44.45 93.59 45.18
C LYS G 359 -45.36 94.54 45.93
N ASN G 360 -46.64 94.60 45.54
CA ASN G 360 -47.59 95.47 46.21
C ASN G 360 -47.69 95.00 47.63
N GLY G 361 -47.76 93.71 47.83
CA GLY G 361 -47.71 93.20 49.16
C GLY G 361 -48.71 93.77 50.11
N ARG G 362 -49.96 93.89 49.70
CA ARG G 362 -50.98 94.31 50.65
C ARG G 362 -50.98 93.19 51.66
N TYR G 363 -50.88 91.95 51.19
CA TYR G 363 -50.76 90.78 52.04
C TYR G 363 -52.08 90.29 52.61
N ASP G 364 -53.13 91.07 52.46
CA ASP G 364 -54.43 90.61 52.86
C ASP G 364 -55.18 90.72 51.58
N GLN G 365 -54.64 91.48 50.63
CA GLN G 365 -55.26 91.52 49.33
C GLN G 365 -55.01 90.15 48.87
N VAL G 366 -53.82 89.66 49.19
CA VAL G 366 -53.47 88.33 48.79
C VAL G 366 -54.42 87.39 49.47
N ARG G 367 -54.71 87.65 50.73
CA ARG G 367 -55.57 86.71 51.43
C ARG G 367 -56.95 86.65 50.82
N ASP G 368 -57.51 87.80 50.50
CA ASP G 368 -58.88 87.81 50.03
C ASP G 368 -59.05 87.12 48.71
N LEU G 369 -58.14 87.36 47.79
CA LEU G 369 -58.33 86.80 46.45
C LEU G 369 -58.31 85.31 46.57
N PHE G 370 -57.47 84.83 47.46
CA PHE G 370 -57.32 83.40 47.54
C PHE G 370 -58.60 82.70 47.87
N LEU G 371 -59.38 83.21 48.81
CA LEU G 371 -60.56 82.46 49.20
C LEU G 371 -61.50 82.31 48.07
N GLU G 372 -61.72 83.40 47.36
CA GLU G 372 -62.68 83.36 46.24
C GLU G 372 -62.31 82.47 45.06
N MET G 373 -61.07 82.52 44.59
CA MET G 373 -60.66 81.61 43.52
C MET G 373 -60.66 80.19 44.06
N LYS G 374 -60.28 80.03 45.32
CA LYS G 374 -60.24 78.71 45.92
C LYS G 374 -61.58 78.03 45.99
N MET G 375 -62.61 78.78 46.34
CA MET G 375 -63.95 78.20 46.47
C MET G 375 -64.67 78.21 45.13
N SER G 376 -64.00 78.70 44.09
CA SER G 376 -64.64 78.82 42.78
C SER G 376 -64.32 77.64 41.88
N ASN G 377 -63.89 76.54 42.48
CA ASN G 377 -63.51 75.35 41.71
C ASN G 377 -62.36 75.66 40.78
N THR G 378 -61.45 76.51 41.23
CA THR G 378 -60.27 76.81 40.45
C THR G 378 -59.15 76.63 41.45
N GLU G 379 -58.81 75.38 41.76
CA GLU G 379 -57.79 75.10 42.76
C GLU G 379 -56.46 75.67 42.35
N PRO G 380 -55.70 76.19 43.32
CA PRO G 380 -54.47 76.85 42.92
C PRO G 380 -53.55 75.92 42.20
N ASP G 381 -52.95 76.40 41.14
CA ASP G 381 -52.08 75.56 40.34
C ASP G 381 -50.72 75.35 40.93
N ALA G 382 -50.00 74.39 40.40
CA ALA G 382 -48.66 74.17 40.85
C ALA G 382 -47.99 75.51 40.74
N ASP G 383 -48.33 76.27 39.69
CA ASP G 383 -47.74 77.59 39.50
C ASP G 383 -48.23 78.55 40.57
N THR G 384 -49.54 78.59 40.79
CA THR G 384 -50.11 79.49 41.78
C THR G 384 -49.62 79.22 43.19
N TYR G 385 -49.50 77.94 43.55
CA TYR G 385 -49.00 77.59 44.87
C TYR G 385 -47.58 78.09 45.06
N ASN G 386 -46.75 77.92 44.03
CA ASN G 386 -45.37 78.39 44.10
C ASN G 386 -45.34 79.90 44.24
N ILE G 387 -46.18 80.57 43.47
CA ILE G 387 -46.23 82.03 43.54
C ILE G 387 -46.70 82.47 44.90
N LEU G 388 -47.70 81.79 45.44
CA LEU G 388 -48.24 82.16 46.75
C LEU G 388 -47.18 82.00 47.82
N ILE G 389 -46.44 80.89 47.75
CA ILE G 389 -45.41 80.65 48.75
C ILE G 389 -44.35 81.73 48.68
N GLN G 390 -43.95 82.09 47.47
CA GLN G 390 -42.95 83.13 47.31
C GLN G 390 -43.47 84.46 47.82
N VAL G 391 -44.71 84.78 47.48
CA VAL G 391 -45.28 86.05 47.90
C VAL G 391 -45.39 86.14 49.41
N PHE G 392 -45.88 85.08 50.03
CA PHE G 392 -45.94 85.06 51.49
C PHE G 392 -44.55 85.08 52.09
N GLY G 393 -43.64 84.29 51.55
CA GLY G 393 -42.33 84.16 52.15
C GLY G 393 -41.50 85.42 52.24
N GLU G 394 -41.58 86.25 51.20
CA GLU G 394 -40.81 87.49 51.21
C GLU G 394 -41.27 88.35 52.37
N GLY G 395 -42.58 88.36 52.63
CA GLY G 395 -43.10 89.15 53.72
C GLY G 395 -43.35 88.39 55.01
N GLY G 396 -42.71 87.23 55.20
CA GLY G 396 -42.88 86.53 56.43
C GLY G 396 -43.98 85.53 56.41
N TYR G 397 -44.64 85.36 57.55
CA TYR G 397 -45.70 84.35 57.70
C TYR G 397 -45.23 82.95 57.45
N PHE G 398 -44.08 82.60 57.98
CA PHE G 398 -43.50 81.30 57.71
C PHE G 398 -44.30 80.16 58.26
N LYS G 399 -44.97 80.39 59.37
CA LYS G 399 -45.83 79.36 59.91
C LYS G 399 -46.90 79.10 58.89
N GLU G 400 -47.38 80.14 58.24
CA GLU G 400 -48.37 79.99 57.21
C GLU G 400 -47.79 79.18 56.07
N VAL G 401 -46.52 79.35 55.79
CA VAL G 401 -45.96 78.60 54.73
C VAL G 401 -46.04 77.12 55.00
N VAL G 402 -45.84 76.73 56.24
CA VAL G 402 -46.02 75.34 56.61
C VAL G 402 -47.44 74.93 56.41
N THR G 403 -48.34 75.81 56.74
CA THR G 403 -49.72 75.49 56.65
C THR G 403 -50.00 75.15 55.23
N LEU G 404 -49.41 75.85 54.28
CA LEU G 404 -49.77 75.59 52.88
C LEU G 404 -49.41 74.17 52.50
N PHE G 405 -48.41 73.61 53.15
CA PHE G 405 -48.12 72.21 52.88
C PHE G 405 -49.25 71.28 53.28
N HIS G 406 -49.86 71.51 54.44
CA HIS G 406 -50.95 70.67 54.90
C HIS G 406 -52.01 70.84 53.89
N ASP G 407 -52.21 72.08 53.49
CA ASP G 407 -53.24 72.36 52.50
C ASP G 407 -53.00 71.72 51.14
N MET G 408 -51.78 71.78 50.61
CA MET G 408 -51.60 71.26 49.27
C MET G 408 -51.86 69.79 49.27
N VAL G 409 -51.44 69.11 50.32
CA VAL G 409 -51.60 67.69 50.36
C VAL G 409 -53.07 67.32 50.34
N GLU G 410 -53.87 68.05 51.11
CA GLU G 410 -55.30 67.75 51.18
C GLU G 410 -55.93 67.93 49.81
N GLU G 411 -55.53 68.97 49.10
CA GLU G 411 -56.03 69.23 47.77
C GLU G 411 -55.64 68.10 46.84
N LYS G 412 -54.45 67.54 47.04
CA LYS G 412 -53.94 66.45 46.21
C LYS G 412 -53.28 66.90 44.93
N VAL G 413 -53.13 68.21 44.75
CA VAL G 413 -52.40 68.67 43.62
C VAL G 413 -50.96 68.46 44.01
N GLU G 414 -50.16 67.80 43.19
CA GLU G 414 -48.77 67.47 43.55
C GLU G 414 -47.77 68.61 43.55
N PRO G 415 -46.73 68.51 44.41
CA PRO G 415 -45.69 69.54 44.44
C PRO G 415 -44.68 69.44 43.30
N ASN G 416 -43.90 70.48 43.08
CA ASN G 416 -42.97 70.49 41.98
C ASN G 416 -41.62 70.92 42.48
N MET G 417 -40.60 70.88 41.66
CA MET G 417 -39.26 71.20 42.12
C MET G 417 -39.16 72.51 42.86
N GLU G 418 -39.49 73.61 42.24
CA GLU G 418 -39.48 74.92 42.83
C GLU G 418 -40.40 74.91 44.02
N THR G 419 -41.49 74.17 43.93
CA THR G 419 -42.42 74.16 44.99
C THR G 419 -41.89 73.63 46.25
N TYR G 420 -41.24 72.48 46.17
CA TYR G 420 -40.75 71.86 47.37
C TYR G 420 -39.73 72.80 47.87
N GLU G 421 -39.00 73.41 46.96
CA GLU G 421 -37.89 74.21 47.39
C GLU G 421 -38.13 75.38 48.26
N GLY G 422 -39.09 76.15 47.93
CA GLY G 422 -39.33 77.33 48.68
C GLY G 422 -39.85 76.94 49.99
N LEU G 423 -40.55 75.83 50.02
CA LEU G 423 -41.16 75.41 51.22
C LEU G 423 -40.03 75.18 52.22
N ILE G 424 -38.93 74.58 51.79
CA ILE G 424 -37.79 74.41 52.66
C ILE G 424 -37.12 75.71 53.04
N TYR G 425 -37.04 76.68 52.15
CA TYR G 425 -36.48 77.96 52.55
C TYR G 425 -37.32 78.52 53.64
N ALA G 426 -38.61 78.30 53.57
CA ALA G 426 -39.46 78.89 54.54
C ALA G 426 -39.10 78.33 55.85
N CYS G 427 -39.07 77.00 55.92
CA CYS G 427 -38.82 76.35 57.19
C CYS G 427 -37.49 76.79 57.79
N GLY G 428 -36.51 77.09 56.94
CA GLY G 428 -35.22 77.51 57.43
C GLY G 428 -35.27 78.82 58.18
N LYS G 429 -35.97 79.81 57.63
CA LYS G 429 -36.08 81.10 58.30
C LYS G 429 -36.85 80.99 59.57
N GLY G 430 -37.96 80.26 59.54
CA GLY G 430 -38.73 80.02 60.75
C GLY G 430 -37.90 79.22 61.72
N GLY G 431 -37.13 78.27 61.20
CA GLY G 431 -36.33 77.40 62.04
C GLY G 431 -36.97 76.09 62.41
N LEU G 432 -38.21 75.87 61.98
CA LEU G 432 -38.84 74.58 62.23
C LEU G 432 -38.08 73.54 61.42
N HIS G 433 -37.70 72.45 62.08
CA HIS G 433 -36.97 71.43 61.38
C HIS G 433 -37.78 70.15 61.34
N ASP G 434 -38.79 70.05 62.20
CA ASP G 434 -39.66 68.88 62.17
C ASP G 434 -40.32 68.91 60.83
N ASP G 435 -40.74 70.09 60.40
CA ASP G 435 -41.41 70.28 59.12
C ASP G 435 -40.44 70.05 57.96
N ALA G 436 -39.17 70.42 58.15
CA ALA G 436 -38.17 70.16 57.13
C ALA G 436 -37.98 68.66 56.93
N LYS G 437 -37.95 67.90 58.03
CA LYS G 437 -37.83 66.45 57.92
C LYS G 437 -39.04 65.84 57.24
N ARG G 438 -40.24 66.33 57.56
CA ARG G 438 -41.44 65.84 56.91
C ARG G 438 -41.42 66.14 55.42
N ILE G 439 -40.96 67.34 55.04
CA ILE G 439 -40.88 67.71 53.64
C ILE G 439 -39.87 66.83 52.91
N LEU G 440 -38.72 66.55 53.55
CA LEU G 440 -37.74 65.68 52.94
C LEU G 440 -38.28 64.26 52.77
N LEU G 441 -39.01 63.76 53.77
CA LEU G 441 -39.59 62.44 53.66
C LEU G 441 -40.61 62.37 52.53
N HIS G 442 -41.46 63.40 52.41
CA HIS G 442 -42.45 63.41 51.34
C HIS G 442 -41.79 63.52 49.97
N MET G 443 -40.71 64.31 49.87
CA MET G 443 -39.99 64.43 48.62
C MET G 443 -39.32 63.13 48.22
N ASN G 444 -38.72 62.42 49.19
CA ASN G 444 -38.14 61.12 48.91
C ASN G 444 -39.21 60.11 48.50
N GLY G 445 -40.37 60.16 49.13
CA GLY G 445 -41.47 59.29 48.74
C GLY G 445 -41.97 59.60 47.34
N GLN G 446 -41.93 60.87 46.95
CA GLN G 446 -42.34 61.26 45.59
C GLN G 446 -41.43 60.61 44.56
N GLY G 447 -40.13 60.91 44.62
CA GLY G 447 -39.18 60.31 43.71
C GLY G 447 -38.14 61.30 43.20
N LEU G 448 -38.45 62.59 43.28
CA LEU G 448 -37.53 63.60 42.78
C LEU G 448 -36.34 63.75 43.73
N VAL G 449 -35.14 63.77 43.16
CA VAL G 449 -33.93 63.96 43.97
C VAL G 449 -33.89 65.41 44.47
N PRO G 450 -33.62 65.63 45.76
CA PRO G 450 -33.57 67.01 46.27
C PRO G 450 -32.46 67.81 45.59
N SER G 451 -32.74 69.08 45.36
CA SER G 451 -31.81 69.96 44.67
C SER G 451 -30.84 70.60 45.66
N SER G 452 -29.92 71.45 45.18
CA SER G 452 -28.87 72.01 46.07
C SER G 452 -29.26 72.95 47.23
N LYS G 453 -30.08 73.95 46.94
CA LYS G 453 -30.43 74.96 47.95
C LYS G 453 -31.15 74.40 49.16
N VAL G 454 -31.89 73.32 48.97
CA VAL G 454 -32.72 72.82 50.04
C VAL G 454 -31.87 72.57 51.27
N TYR G 455 -30.70 71.99 51.07
CA TYR G 455 -29.82 71.69 52.17
C TYR G 455 -29.38 72.96 52.90
N THR G 456 -29.15 74.05 52.16
CA THR G 456 -28.65 75.26 52.79
C THR G 456 -29.60 75.73 53.85
N GLY G 457 -30.88 75.72 53.53
CA GLY G 457 -31.84 76.21 54.48
C GLY G 457 -31.94 75.39 55.72
N VAL G 458 -31.92 74.09 55.55
CA VAL G 458 -32.14 73.23 56.68
C VAL G 458 -31.06 73.42 57.69
N ILE G 459 -29.83 73.50 57.21
CA ILE G 459 -28.73 73.61 58.15
C ILE G 459 -28.87 74.93 58.89
N GLU G 460 -29.35 75.96 58.21
CA GLU G 460 -29.61 77.22 58.89
C GLU G 460 -30.72 77.04 59.95
N ALA G 461 -31.75 76.26 59.65
CA ALA G 461 -32.83 76.03 60.61
C ALA G 461 -32.27 75.31 61.81
N TYR G 462 -31.56 74.22 61.57
CA TYR G 462 -30.96 73.45 62.65
C TYR G 462 -29.92 74.24 63.41
N GLY G 463 -29.26 75.16 62.74
CA GLY G 463 -28.19 75.91 63.39
C GLY G 463 -28.75 76.65 64.57
N GLN G 464 -29.96 77.18 64.42
CA GLN G 464 -30.58 77.93 65.50
C GLN G 464 -30.80 77.07 66.73
N ALA G 465 -31.19 75.82 66.55
CA ALA G 465 -31.44 74.94 67.68
C ALA G 465 -30.21 74.15 68.14
N ALA G 466 -29.07 74.32 67.45
CA ALA G 466 -27.84 73.59 67.79
C ALA G 466 -27.92 72.09 67.66
N LEU G 467 -28.78 71.62 66.77
CA LEU G 467 -28.80 70.20 66.54
C LEU G 467 -27.79 70.00 65.45
N TYR G 468 -26.51 70.07 65.80
CA TYR G 468 -25.45 69.98 64.80
C TYR G 468 -25.45 68.66 64.08
N GLU G 469 -25.67 67.60 64.82
CA GLU G 469 -25.68 66.29 64.21
C GLU G 469 -26.79 66.21 63.21
N GLU G 470 -27.95 66.74 63.57
CA GLU G 470 -29.07 66.74 62.65
C GLU G 470 -28.70 67.57 61.43
N ALA G 471 -28.04 68.70 61.64
CA ALA G 471 -27.60 69.52 60.52
C ALA G 471 -26.57 68.78 59.71
N VAL G 472 -25.66 68.09 60.38
CA VAL G 472 -24.59 67.40 59.69
C VAL G 472 -25.16 66.38 58.70
N VAL G 473 -26.17 65.62 59.12
CA VAL G 473 -26.71 64.62 58.23
C VAL G 473 -27.31 65.27 57.00
N ALA G 474 -27.92 66.44 57.17
CA ALA G 474 -28.45 67.15 56.01
C ALA G 474 -27.36 67.54 55.02
N PHE G 475 -26.24 68.06 55.51
CA PHE G 475 -25.17 68.39 54.60
C PHE G 475 -24.71 67.13 53.95
N ASN G 476 -24.63 66.06 54.72
CA ASN G 476 -24.10 64.85 54.19
C ASN G 476 -24.99 64.32 53.13
N THR G 477 -26.28 64.47 53.32
CA THR G 477 -27.17 64.04 52.23
C THR G 477 -26.86 64.85 50.98
N MET G 478 -26.49 66.11 51.14
CA MET G 478 -26.06 66.90 49.98
C MET G 478 -24.84 66.24 49.40
N ASN G 479 -23.93 65.80 50.25
CA ASN G 479 -22.75 65.09 49.77
C ASN G 479 -23.09 63.76 49.13
N GLU G 480 -24.03 63.03 49.72
CA GLU G 480 -24.40 61.71 49.20
C GLU G 480 -25.00 61.82 47.81
N VAL G 481 -25.81 62.84 47.57
CA VAL G 481 -26.38 63.06 46.25
C VAL G 481 -25.25 63.29 45.26
N GLY G 482 -24.24 64.04 45.68
CA GLY G 482 -23.11 64.33 44.80
C GLY G 482 -23.36 65.55 43.95
N SER G 483 -24.48 66.22 44.17
CA SER G 483 -24.75 67.45 43.44
C SER G 483 -23.70 68.47 43.84
N ARG G 484 -23.23 69.26 42.88
CA ARG G 484 -22.18 70.23 43.18
C ARG G 484 -22.72 71.24 44.18
N PRO G 485 -21.91 71.57 45.20
CA PRO G 485 -22.43 72.48 46.22
C PRO G 485 -22.05 73.92 45.93
N MET G 486 -23.05 74.79 45.83
CA MET G 486 -22.80 76.20 45.57
C MET G 486 -22.21 76.86 46.81
N VAL G 487 -21.50 77.97 46.62
CA VAL G 487 -20.95 78.69 47.76
C VAL G 487 -22.03 78.94 48.80
N GLU G 488 -23.28 79.06 48.38
CA GLU G 488 -24.38 79.30 49.30
C GLU G 488 -24.42 78.24 50.39
N THR G 489 -24.23 76.98 50.01
CA THR G 489 -24.17 75.91 51.00
C THR G 489 -23.04 76.13 51.99
N PHE G 490 -21.89 76.62 51.51
CA PHE G 490 -20.74 76.81 52.38
C PHE G 490 -20.95 77.97 53.35
N ASN G 491 -21.49 79.09 52.85
CA ASN G 491 -21.76 80.20 53.76
C ASN G 491 -22.96 79.94 54.66
N SER G 492 -23.80 78.95 54.35
CA SER G 492 -24.79 78.51 55.31
C SER G 492 -24.19 77.60 56.36
N LEU G 493 -23.27 76.71 55.95
CA LEU G 493 -22.64 75.79 56.89
C LEU G 493 -21.76 76.51 57.88
N ILE G 494 -21.03 77.54 57.43
CA ILE G 494 -20.18 78.28 58.36
C ILE G 494 -21.02 78.99 59.42
N HIS G 495 -22.18 79.50 59.03
CA HIS G 495 -23.06 80.13 60.02
C HIS G 495 -23.71 79.10 60.93
N ALA G 496 -24.06 77.93 60.40
CA ALA G 496 -24.66 76.89 61.21
C ALA G 496 -23.67 76.35 62.24
N PHE G 497 -22.40 76.25 61.86
CA PHE G 497 -21.37 75.78 62.79
C PHE G 497 -20.86 76.90 63.70
N ALA G 498 -21.07 78.16 63.32
CA ALA G 498 -20.67 79.28 64.16
C ALA G 498 -21.72 79.62 65.21
N LYS G 499 -22.94 79.06 65.08
CA LYS G 499 -23.98 79.35 66.07
C LYS G 499 -23.61 78.78 67.43
N GLY G 500 -22.95 77.63 67.46
CA GLY G 500 -22.53 77.02 68.70
C GLY G 500 -21.22 77.55 69.22
N GLY G 501 -20.22 77.64 68.35
CA GLY G 501 -18.92 78.15 68.74
C GLY G 501 -17.79 77.15 68.53
N LEU G 502 -18.02 76.18 67.65
CA LEU G 502 -16.99 75.18 67.33
C LEU G 502 -16.00 75.82 66.36
N TYR G 503 -14.86 76.26 66.87
CA TYR G 503 -13.86 76.90 66.02
C TYR G 503 -13.08 75.90 65.20
N LYS G 504 -12.88 74.68 65.72
CA LYS G 504 -12.14 73.68 64.96
C LYS G 504 -12.92 73.23 63.73
N GLU G 505 -14.23 73.05 63.86
CA GLU G 505 -15.05 72.70 62.71
C GLU G 505 -15.05 73.83 61.68
N SER G 506 -15.07 75.09 62.15
CA SER G 506 -14.99 76.21 61.24
C SER G 506 -13.67 76.25 60.49
N GLU G 507 -12.57 75.99 61.19
CA GLU G 507 -11.27 75.94 60.52
C GLU G 507 -11.22 74.81 59.51
N ALA G 508 -11.79 73.64 59.87
CA ALA G 508 -11.78 72.51 58.95
C ALA G 508 -12.58 72.80 57.69
N ILE G 509 -13.78 73.37 57.84
CA ILE G 509 -14.59 73.66 56.66
C ILE G 509 -13.96 74.79 55.85
N TRP G 510 -13.31 75.74 56.50
CA TRP G 510 -12.63 76.81 55.77
C TRP G 510 -11.45 76.27 54.97
N PHE G 511 -10.72 75.30 55.54
CA PHE G 511 -9.62 74.69 54.80
C PHE G 511 -10.14 73.83 53.65
N ARG G 512 -11.27 73.16 53.85
CA ARG G 512 -11.83 72.34 52.78
C ARG G 512 -12.41 73.19 51.66
N MET G 513 -12.90 74.39 51.98
CA MET G 513 -13.40 75.29 50.94
C MET G 513 -12.28 75.77 50.03
N GLY G 514 -11.05 75.84 50.54
CA GLY G 514 -9.93 76.25 49.70
C GLY G 514 -9.57 75.23 48.65
N GLU G 515 -9.72 73.94 48.97
CA GLU G 515 -9.40 72.88 48.03
C GLU G 515 -10.59 72.45 47.19
N VAL G 516 -11.83 72.72 47.63
CA VAL G 516 -12.98 72.34 46.82
C VAL G 516 -13.08 73.20 45.57
N GLY G 517 -12.53 74.41 45.60
CA GLY G 517 -12.50 75.26 44.43
C GLY G 517 -13.54 76.37 44.42
N VAL G 518 -13.76 76.99 45.57
CA VAL G 518 -14.72 78.09 45.67
C VAL G 518 -14.04 79.29 46.33
N PRO G 519 -14.48 80.51 46.03
CA PRO G 519 -13.93 81.68 46.71
C PRO G 519 -14.56 81.89 48.08
N ARG G 520 -13.90 82.71 48.89
CA ARG G 520 -14.36 83.04 50.23
C ARG G 520 -14.96 84.44 50.20
N ASN G 521 -16.29 84.51 50.27
CA ASN G 521 -17.00 85.78 50.17
C ASN G 521 -17.08 86.46 51.53
N ARG G 522 -17.89 87.52 51.62
CA ARG G 522 -17.93 88.34 52.82
C ARG G 522 -18.62 87.62 53.97
N ASP G 523 -19.77 87.00 53.69
CA ASP G 523 -20.52 86.33 54.75
C ASP G 523 -19.74 85.16 55.35
N SER G 524 -18.83 84.57 54.58
CA SER G 524 -18.00 83.50 55.12
C SER G 524 -17.09 84.01 56.23
N PHE G 525 -16.37 85.10 55.96
CA PHE G 525 -15.54 85.74 56.99
C PHE G 525 -16.41 86.23 58.15
N ASN G 526 -17.60 86.74 57.84
CA ASN G 526 -18.49 87.21 58.89
C ASN G 526 -18.87 86.07 59.84
N GLY G 527 -19.24 84.92 59.28
CA GLY G 527 -19.57 83.78 60.11
C GLY G 527 -18.38 83.24 60.88
N MET G 528 -17.21 83.25 60.25
CA MET G 528 -15.99 82.81 60.95
C MET G 528 -15.73 83.68 62.18
N ILE G 529 -15.80 85.00 62.00
CA ILE G 529 -15.51 85.90 63.12
C ILE G 529 -16.62 85.81 64.17
N GLU G 530 -17.87 85.61 63.74
CA GLU G 530 -18.96 85.45 64.69
C GLU G 530 -18.75 84.20 65.54
N GLY G 531 -18.30 83.10 64.92
CA GLY G 531 -18.00 81.90 65.68
C GLY G 531 -16.81 82.09 66.61
N TYR G 532 -15.80 82.82 66.16
CA TYR G 532 -14.64 83.09 67.01
C TYR G 532 -14.99 84.02 68.17
N ARG G 533 -16.05 84.82 68.04
CA ARG G 533 -16.40 85.76 69.11
C ARG G 533 -16.86 85.04 70.36
N GLN G 534 -17.91 84.23 70.24
CA GLN G 534 -18.39 83.49 71.41
C GLN G 534 -17.37 82.49 71.92
N GLY G 535 -16.43 82.07 71.08
CA GLY G 535 -15.35 81.21 71.48
C GLY G 535 -14.10 81.99 71.83
N GLY G 536 -13.01 81.24 72.03
CA GLY G 536 -11.72 81.84 72.33
C GLY G 536 -11.00 82.30 71.08
N GLN G 537 -9.67 82.39 71.20
CA GLN G 537 -8.80 82.78 70.10
C GLN G 537 -9.19 84.17 69.56
N PHE G 538 -9.04 85.17 70.42
CA PHE G 538 -9.34 86.54 70.03
C PHE G 538 -8.28 87.12 69.11
N GLU G 539 -7.12 86.47 69.00
CA GLU G 539 -6.04 86.98 68.16
C GLU G 539 -6.31 86.74 66.68
N GLU G 540 -6.99 85.63 66.33
CA GLU G 540 -7.20 85.30 64.93
C GLU G 540 -8.19 86.25 64.25
N ALA G 541 -8.99 86.98 65.03
CA ALA G 541 -10.02 87.84 64.42
C ALA G 541 -9.38 88.99 63.65
N ILE G 542 -8.41 89.68 64.26
CA ILE G 542 -7.77 90.80 63.58
C ILE G 542 -6.96 90.31 62.38
N LYS G 543 -6.38 89.11 62.47
CA LYS G 543 -5.66 88.55 61.33
C LYS G 543 -6.62 88.23 60.18
N ALA G 544 -7.78 87.65 60.50
CA ALA G 544 -8.76 87.39 59.46
C ALA G 544 -9.28 88.68 58.85
N TYR G 545 -9.42 89.75 59.65
CA TYR G 545 -9.88 91.01 59.11
C TYR G 545 -8.83 91.65 58.21
N VAL G 546 -7.55 91.54 58.59
CA VAL G 546 -6.50 92.08 57.71
C VAL G 546 -6.39 91.23 56.46
N GLU G 547 -6.77 89.95 56.53
CA GLU G 547 -6.84 89.13 55.32
C GLU G 547 -7.98 89.57 54.43
N MET G 548 -9.14 89.91 55.03
CA MET G 548 -10.22 90.52 54.27
C MET G 548 -9.75 91.78 53.56
N GLU G 549 -9.01 92.62 54.27
CA GLU G 549 -8.48 93.84 53.68
C GLU G 549 -7.50 93.53 52.55
N LYS G 550 -6.71 92.47 52.71
CA LYS G 550 -5.79 92.08 51.64
C LYS G 550 -6.54 91.56 50.42
N ALA G 551 -7.60 90.79 50.64
CA ALA G 551 -8.38 90.24 49.53
C ALA G 551 -9.43 91.21 49.00
N ARG G 552 -9.45 92.45 49.48
CA ARG G 552 -10.44 93.44 49.07
C ARG G 552 -11.86 92.92 49.28
N CYS G 553 -12.13 92.46 50.50
CA CYS G 553 -13.42 91.85 50.81
C CYS G 553 -14.56 92.85 50.83
N ASP G 554 -14.27 94.16 50.76
CA ASP G 554 -15.28 95.20 50.86
C ASP G 554 -16.11 95.01 52.13
N PRO G 555 -15.53 95.24 53.31
CA PRO G 555 -16.25 94.95 54.56
C PRO G 555 -17.57 95.70 54.64
N ASP G 556 -18.63 94.97 54.99
CA ASP G 556 -19.98 95.51 55.06
C ASP G 556 -20.30 95.94 56.49
N GLU G 557 -21.57 96.28 56.75
CA GLU G 557 -21.98 96.73 58.07
C GLU G 557 -21.86 95.61 59.10
N ARG G 558 -22.25 94.38 58.72
CA ARG G 558 -22.10 93.25 59.64
C ARG G 558 -20.64 92.99 59.97
N THR G 559 -19.76 93.16 58.98
CA THR G 559 -18.33 92.97 59.21
C THR G 559 -17.79 94.01 60.19
N LEU G 560 -18.21 95.27 60.04
CA LEU G 560 -17.76 96.30 60.97
C LEU G 560 -18.34 96.09 62.36
N GLU G 561 -19.57 95.61 62.44
CA GLU G 561 -20.14 95.26 63.74
C GLU G 561 -19.35 94.14 64.40
N ALA G 562 -18.93 93.15 63.61
CA ALA G 562 -18.13 92.06 64.15
C ALA G 562 -16.76 92.54 64.59
N VAL G 563 -16.15 93.46 63.83
CA VAL G 563 -14.86 94.01 64.21
C VAL G 563 -14.98 94.81 65.51
N LEU G 564 -16.10 95.53 65.67
CA LEU G 564 -16.32 96.25 66.93
C LEU G 564 -16.53 95.28 68.08
N SER G 565 -17.25 94.18 67.84
CA SER G 565 -17.46 93.18 68.88
C SER G 565 -16.19 92.40 69.21
N VAL G 566 -15.20 92.42 68.31
CA VAL G 566 -13.92 91.77 68.61
C VAL G 566 -13.34 92.32 69.91
N TYR G 567 -13.42 93.63 70.11
CA TYR G 567 -12.92 94.29 71.31
C TYR G 567 -13.97 94.39 72.41
N CYS G 568 -15.06 93.63 72.32
CA CYS G 568 -16.14 93.73 73.29
C CYS G 568 -15.97 92.75 74.46
N PHE G 569 -15.81 91.46 74.14
CA PHE G 569 -15.69 90.45 75.19
C PHE G 569 -14.41 90.59 76.00
N ALA G 570 -13.39 91.25 75.46
CA ALA G 570 -12.12 91.41 76.15
C ALA G 570 -12.12 92.70 76.97
N GLY G 571 -11.14 92.80 77.87
CA GLY G 571 -11.00 93.98 78.71
C GLY G 571 -10.40 95.15 77.97
N LEU G 572 -11.10 95.62 76.94
CA LEU G 572 -10.65 96.72 76.08
C LEU G 572 -11.77 97.74 75.90
N VAL G 573 -12.36 98.16 77.02
CA VAL G 573 -13.51 99.06 76.98
C VAL G 573 -13.19 100.32 76.19
N ASP G 574 -12.17 101.07 76.63
CA ASP G 574 -11.82 102.32 75.97
C ASP G 574 -11.24 102.10 74.57
N GLU G 575 -10.77 100.89 74.26
CA GLU G 575 -10.24 100.62 72.93
C GLU G 575 -11.33 100.42 71.90
N SER G 576 -12.53 100.02 72.33
CA SER G 576 -13.64 99.77 71.42
C SER G 576 -14.43 101.04 71.13
N GLU G 577 -13.74 102.08 70.66
CA GLU G 577 -14.37 103.34 70.32
C GLU G 577 -14.04 103.86 68.93
N GLU G 578 -12.94 103.43 68.32
CA GLU G 578 -12.64 103.88 66.96
C GLU G 578 -13.62 103.29 65.95
N GLN G 579 -14.03 102.03 66.15
CA GLN G 579 -15.04 101.45 65.29
C GLN G 579 -16.40 102.12 65.47
N PHE G 580 -16.71 102.54 66.70
CA PHE G 580 -17.94 103.28 66.93
C PHE G 580 -17.94 104.59 66.14
N GLN G 581 -16.80 105.30 66.14
CA GLN G 581 -16.70 106.53 65.37
C GLN G 581 -16.77 106.26 63.88
N GLU G 582 -16.17 105.15 63.42
CA GLU G 582 -16.26 104.80 62.00
C GLU G 582 -17.70 104.52 61.61
N ILE G 583 -18.46 103.84 62.48
CA ILE G 583 -19.86 103.57 62.19
C ILE G 583 -20.66 104.87 62.17
N LYS G 584 -20.41 105.77 63.12
CA LYS G 584 -21.13 107.02 63.17
C LYS G 584 -20.80 107.93 61.99
N SER G 585 -19.60 107.80 61.43
CA SER G 585 -19.18 108.66 60.34
C SER G 585 -19.61 108.11 58.98
N LEU G 586 -19.23 106.86 58.68
CA LEU G 586 -19.54 106.29 57.37
C LEU G 586 -21.03 106.07 57.19
N GLY G 587 -21.78 105.92 58.29
CA GLY G 587 -23.21 105.71 58.19
C GLY G 587 -23.98 106.24 59.38
N ILE G 588 -25.21 105.76 59.56
CA ILE G 588 -26.05 106.16 60.68
C ILE G 588 -25.48 105.56 61.96
N GLN G 589 -25.97 106.03 63.10
CA GLN G 589 -25.56 105.47 64.38
C GLN G 589 -25.84 103.97 64.42
N PRO G 590 -25.01 103.19 65.12
CA PRO G 590 -25.19 101.74 65.12
C PRO G 590 -26.51 101.34 65.77
N SER G 591 -26.95 100.12 65.44
CA SER G 591 -28.21 99.61 65.94
C SER G 591 -28.14 99.36 67.45
N ILE G 592 -29.29 98.97 68.02
CA ILE G 592 -29.38 98.78 69.46
C ILE G 592 -28.53 97.62 69.92
N ILE G 593 -28.33 96.60 69.07
CA ILE G 593 -27.51 95.46 69.44
C ILE G 593 -26.07 95.86 69.73
N CYS G 594 -25.65 97.03 69.24
CA CYS G 594 -24.34 97.58 69.56
C CYS G 594 -24.40 98.59 70.71
N CYS G 595 -25.46 99.39 70.78
CA CYS G 595 -25.58 100.39 71.84
C CYS G 595 -25.70 99.72 73.20
N CYS G 596 -26.61 98.75 73.33
CA CYS G 596 -26.76 98.05 74.60
C CYS G 596 -25.52 97.22 74.92
N MET G 597 -24.84 96.70 73.90
CA MET G 597 -23.60 95.97 74.14
C MET G 597 -22.54 96.89 74.74
N MET G 598 -22.35 98.07 74.15
CA MET G 598 -21.41 99.03 74.70
C MET G 598 -21.83 99.50 76.08
N LEU G 599 -23.14 99.61 76.33
CA LEU G 599 -23.62 99.98 77.66
C LEU G 599 -23.26 98.92 78.69
N ALA G 600 -23.46 97.64 78.36
CA ALA G 600 -23.07 96.57 79.25
C ALA G 600 -21.56 96.53 79.45
N ILE G 601 -20.79 96.87 78.41
CA ILE G 601 -19.33 96.92 78.53
C ILE G 601 -18.93 98.01 79.51
N TYR G 602 -19.54 99.21 79.39
CA TYR G 602 -19.25 100.30 80.31
C TYR G 602 -19.66 99.93 81.72
N ALA G 603 -20.80 99.25 81.87
CA ALA G 603 -21.28 98.86 83.19
C ALA G 603 -20.42 97.75 83.82
N LYS G 604 -19.71 96.97 82.99
CA LYS G 604 -18.85 95.93 83.53
C LYS G 604 -17.64 96.51 84.25
N SER G 605 -17.16 97.67 83.79
CA SER G 605 -16.03 98.33 84.41
C SER G 605 -16.52 99.27 85.52
N GLU G 606 -15.63 100.10 86.04
CA GLU G 606 -15.95 101.04 87.12
C GLU G 606 -16.48 102.36 86.58
N ARG G 607 -17.50 102.29 85.72
CA ARG G 607 -18.15 103.47 85.14
C ARG G 607 -19.65 103.23 85.14
N TRP G 608 -20.31 103.68 86.21
CA TRP G 608 -21.75 103.48 86.38
C TRP G 608 -22.55 104.72 86.01
N ASN G 609 -22.22 105.87 86.61
CA ASN G 609 -22.99 107.09 86.39
C ASN G 609 -22.57 107.85 85.14
N MET G 610 -21.32 107.71 84.70
CA MET G 610 -20.90 108.37 83.47
C MET G 610 -21.52 107.74 82.24
N ALA G 611 -22.05 106.52 82.35
CA ALA G 611 -22.70 105.85 81.23
C ALA G 611 -24.18 106.20 81.10
N HIS G 612 -24.75 106.92 82.08
CA HIS G 612 -26.17 107.27 81.99
C HIS G 612 -26.43 108.28 80.89
N GLU G 613 -25.48 109.17 80.60
CA GLU G 613 -25.66 110.12 79.51
C GLU G 613 -25.65 109.40 78.16
N LEU G 614 -24.76 108.42 78.01
CA LEU G 614 -24.78 107.61 76.79
C LEU G 614 -26.05 106.77 76.71
N LEU G 615 -26.64 106.42 77.85
CA LEU G 615 -27.93 105.73 77.84
C LEU G 615 -29.04 106.65 77.37
N ASN G 616 -29.06 107.89 77.86
CA ASN G 616 -30.06 108.86 77.42
C ASN G 616 -29.85 109.26 75.96
N ASP G 617 -28.61 109.13 75.47
CA ASP G 617 -28.34 109.45 74.06
C ASP G 617 -29.18 108.58 73.13
N VAL G 618 -29.17 107.27 73.35
CA VAL G 618 -29.94 106.37 72.50
C VAL G 618 -31.44 106.55 72.70
N MET G 619 -31.86 107.19 73.79
CA MET G 619 -33.26 107.42 74.06
C MET G 619 -33.73 108.82 73.68
N THR G 620 -32.81 109.71 73.29
CA THR G 620 -33.15 111.08 72.94
C THR G 620 -32.52 111.49 71.60
N ASN G 621 -32.38 110.53 70.68
CA ASN G 621 -31.80 110.78 69.38
C ASN G 621 -32.86 110.63 68.30
N LYS G 622 -32.44 110.74 67.05
CA LYS G 622 -33.32 110.70 65.89
C LYS G 622 -33.23 109.38 65.13
N THR G 623 -33.10 108.26 65.85
CA THR G 623 -33.01 106.95 65.21
C THR G 623 -34.40 106.46 64.83
N SER G 624 -34.51 105.19 64.45
CA SER G 624 -35.78 104.63 64.00
C SER G 624 -36.85 104.72 65.08
N ASP G 625 -38.10 104.51 64.67
CA ASP G 625 -39.23 104.67 65.58
C ASP G 625 -39.19 103.63 66.70
N MET G 626 -38.95 102.36 66.35
CA MET G 626 -38.89 101.32 67.36
C MET G 626 -37.64 101.43 68.22
N HIS G 627 -36.60 102.11 67.74
CA HIS G 627 -35.40 102.32 68.55
C HIS G 627 -35.63 103.32 69.67
N GLN G 628 -36.72 104.08 69.62
CA GLN G 628 -37.00 105.05 70.68
C GLN G 628 -37.70 104.39 71.86
N VAL G 629 -38.68 103.52 71.59
CA VAL G 629 -39.39 102.85 72.67
C VAL G 629 -38.47 101.86 73.39
N ILE G 630 -37.46 101.36 72.69
CA ILE G 630 -36.47 100.48 73.31
C ILE G 630 -35.47 101.33 74.07
N GLY G 631 -35.40 101.13 75.38
CA GLY G 631 -34.61 101.98 76.25
C GLY G 631 -35.44 102.43 77.44
N GLN G 632 -36.73 102.68 77.20
CA GLN G 632 -37.68 102.94 78.28
C GLN G 632 -38.25 101.66 78.86
N MET G 633 -38.06 100.51 78.19
CA MET G 633 -38.49 99.24 78.74
C MET G 633 -37.58 98.78 79.87
N ILE G 634 -36.34 99.24 79.91
CA ILE G 634 -35.43 98.93 81.00
C ILE G 634 -35.47 100.02 82.07
N HIS G 635 -35.47 101.28 81.68
CA HIS G 635 -35.51 102.38 82.63
C HIS G 635 -36.92 102.54 83.20
N GLY G 636 -36.98 103.01 84.44
CA GLY G 636 -38.27 103.14 85.09
C GLY G 636 -38.88 101.79 85.41
N ASP G 637 -40.20 101.80 85.65
CA ASP G 637 -40.92 100.57 85.98
C ASP G 637 -41.46 99.92 84.71
N PHE G 638 -42.39 100.60 84.02
CA PHE G 638 -42.79 100.26 82.66
C PHE G 638 -43.40 98.87 82.50
N ASP G 639 -43.59 98.13 83.60
CA ASP G 639 -44.07 96.76 83.54
C ASP G 639 -45.32 96.60 84.38
N ASP G 640 -46.45 96.36 83.72
CA ASP G 640 -47.71 96.01 84.40
C ASP G 640 -48.60 95.31 83.36
N GLU G 641 -49.88 95.20 83.68
CA GLU G 641 -50.82 94.53 82.78
C GLU G 641 -51.03 95.30 81.49
N ASN G 642 -50.66 96.58 81.45
CA ASN G 642 -50.86 97.40 80.26
C ASN G 642 -49.57 98.04 79.74
N ASN G 643 -48.69 98.48 80.64
CA ASN G 643 -47.47 99.14 80.19
C ASN G 643 -46.51 98.15 79.53
N TRP G 644 -46.36 96.96 80.11
CA TRP G 644 -45.54 95.93 79.50
C TRP G 644 -46.20 95.30 78.28
N GLN G 645 -47.48 95.59 78.03
CA GLN G 645 -48.14 95.11 76.82
C GLN G 645 -47.72 95.91 75.59
N MET G 646 -47.17 97.11 75.79
CA MET G 646 -46.73 97.93 74.66
C MET G 646 -45.53 97.32 73.96
N VAL G 647 -44.61 96.73 74.73
CA VAL G 647 -43.43 96.10 74.12
C VAL G 647 -43.73 94.77 73.47
N GLU G 648 -44.94 94.24 73.66
CA GLU G 648 -45.31 93.00 72.98
C GLU G 648 -45.32 93.18 71.46
N TYR G 649 -45.76 94.35 71.00
CA TYR G 649 -45.75 94.63 69.56
C TYR G 649 -44.32 94.66 69.02
N VAL G 650 -43.41 95.30 69.76
CA VAL G 650 -42.01 95.32 69.35
C VAL G 650 -41.42 93.92 69.38
N PHE G 651 -41.87 93.08 70.32
CA PHE G 651 -41.34 91.72 70.39
C PHE G 651 -41.85 90.86 69.24
N ASP G 652 -43.09 91.08 68.80
CA ASP G 652 -43.63 90.26 67.72
C ASP G 652 -43.31 90.80 66.33
N LYS G 653 -42.94 92.08 66.20
CA LYS G 653 -42.66 92.64 64.88
C LYS G 653 -41.30 92.25 64.34
N LEU G 654 -40.38 91.80 65.19
CA LEU G 654 -39.02 91.48 64.77
C LEU G 654 -38.88 90.07 64.19
N ASN G 655 -39.98 89.46 63.75
CA ASN G 655 -39.93 88.15 63.11
C ASN G 655 -39.49 88.22 61.65
N SER G 656 -39.34 89.42 61.09
CA SER G 656 -38.95 89.56 59.69
C SER G 656 -37.48 89.23 59.47
N GLU G 657 -36.65 89.29 60.52
CA GLU G 657 -35.24 88.97 60.36
C GLU G 657 -35.04 87.51 60.00
N GLY G 658 -35.82 86.62 60.59
CA GLY G 658 -35.72 85.20 60.30
C GLY G 658 -34.71 84.48 61.15
N CYS G 659 -34.74 84.73 62.45
CA CYS G 659 -33.87 84.15 63.47
C CYS G 659 -32.41 84.54 63.29
N GLY G 660 -32.08 85.43 62.36
CA GLY G 660 -30.72 85.84 62.16
C GLY G 660 -30.22 86.78 63.25
N LEU G 661 -30.89 87.93 63.38
CA LEU G 661 -30.53 88.92 64.40
C LEU G 661 -31.53 88.99 65.54
N SER G 662 -32.63 88.24 65.46
CA SER G 662 -33.61 88.25 66.54
C SER G 662 -33.04 87.63 67.81
N MET G 663 -32.45 86.44 67.68
CA MET G 663 -31.77 85.82 68.81
C MET G 663 -30.59 86.66 69.28
N ARG G 664 -29.85 87.26 68.35
CA ARG G 664 -28.79 88.19 68.74
C ARG G 664 -29.35 89.37 69.52
N PHE G 665 -30.49 89.91 69.08
CA PHE G 665 -31.07 91.04 69.79
C PHE G 665 -31.51 90.66 71.19
N TYR G 666 -32.17 89.51 71.34
CA TYR G 666 -32.59 89.07 72.67
C TYR G 666 -31.38 88.78 73.56
N ASN G 667 -30.33 88.18 73.01
CA ASN G 667 -29.14 87.90 73.81
C ASN G 667 -28.49 89.19 74.29
N THR G 668 -28.32 90.16 73.38
CA THR G 668 -27.73 91.44 73.78
C THR G 668 -28.61 92.18 74.77
N LEU G 669 -29.94 92.10 74.62
CA LEU G 669 -30.84 92.73 75.57
C LEU G 669 -30.67 92.13 76.96
N ILE G 670 -30.62 90.80 77.05
CA ILE G 670 -30.45 90.15 78.34
C ILE G 670 -29.08 90.49 78.93
N GLU G 671 -28.04 90.56 78.08
CA GLU G 671 -26.71 90.91 78.55
C GLU G 671 -26.69 92.30 79.16
N ALA G 672 -27.27 93.27 78.46
CA ALA G 672 -27.28 94.65 78.96
C ALA G 672 -28.26 94.85 80.11
N LEU G 673 -29.23 93.96 80.28
CA LEU G 673 -30.24 94.12 81.32
C LEU G 673 -29.83 93.47 82.64
N TRP G 674 -29.20 92.29 82.60
CA TRP G 674 -28.97 91.56 83.84
C TRP G 674 -27.73 92.04 84.59
N TRP G 675 -26.68 92.44 83.87
CA TRP G 675 -25.43 92.78 84.52
C TRP G 675 -25.59 93.99 85.43
N LEU G 676 -26.20 95.06 84.91
CA LEU G 676 -26.49 96.26 85.70
C LEU G 676 -27.97 96.58 85.55
N GLY G 677 -28.75 96.24 86.56
CA GLY G 677 -30.19 96.45 86.53
C GLY G 677 -30.89 95.53 87.51
N GLN G 678 -32.14 95.21 87.19
CA GLN G 678 -32.96 94.33 88.02
C GLN G 678 -32.93 92.93 87.42
N LYS G 679 -32.61 91.93 88.25
CA LYS G 679 -32.52 90.57 87.76
C LYS G 679 -33.90 90.00 87.44
N GLU G 680 -34.91 90.32 88.26
CA GLU G 680 -36.26 89.86 87.96
C GLU G 680 -36.82 90.52 86.71
N ARG G 681 -36.35 91.72 86.38
CA ARG G 681 -36.78 92.41 85.18
C ARG G 681 -36.03 91.96 83.93
N ALA G 682 -34.81 91.44 84.09
CA ALA G 682 -33.98 91.10 82.95
C ALA G 682 -34.30 89.71 82.40
N ALA G 683 -34.29 88.69 83.27
CA ALA G 683 -34.43 87.31 82.85
C ALA G 683 -35.88 86.90 82.61
N ARG G 684 -36.80 87.85 82.47
CA ARG G 684 -38.19 87.53 82.18
C ARG G 684 -38.50 87.50 80.70
N VAL G 685 -37.62 88.05 79.85
CA VAL G 685 -37.83 88.00 78.41
C VAL G 685 -37.69 86.58 77.87
N LEU G 686 -36.95 85.73 78.59
CA LEU G 686 -36.78 84.35 78.14
C LEU G 686 -38.11 83.60 78.10
N ASN G 687 -39.05 83.96 78.97
CA ASN G 687 -40.35 83.30 78.97
C ASN G 687 -41.08 83.55 77.65
N GLU G 688 -41.24 84.82 77.27
CA GLU G 688 -41.90 85.12 76.00
C GLU G 688 -41.07 84.67 74.81
N ALA G 689 -39.75 84.59 74.97
CA ALA G 689 -38.91 84.08 73.88
C ALA G 689 -39.15 82.61 73.64
N THR G 690 -39.28 81.81 74.72
CA THR G 690 -39.59 80.40 74.57
C THR G 690 -41.01 80.19 74.09
N LYS G 691 -41.94 81.04 74.53
CA LYS G 691 -43.30 80.98 74.00
C LYS G 691 -43.34 81.35 72.52
N ARG G 692 -42.38 82.15 72.07
CA ARG G 692 -42.28 82.51 70.66
C ARG G 692 -41.69 81.37 69.84
N GLY G 693 -40.73 80.65 70.40
CA GLY G 693 -40.06 79.57 69.70
C GLY G 693 -38.71 79.90 69.13
N LEU G 694 -38.02 80.91 69.66
CA LEU G 694 -36.72 81.33 69.15
C LEU G 694 -35.56 80.87 70.00
N PHE G 695 -35.81 80.37 71.22
CA PHE G 695 -34.77 79.90 72.13
C PHE G 695 -35.06 78.45 72.50
N PRO G 696 -34.70 77.49 71.59
CA PRO G 696 -35.09 76.14 72.02
C PRO G 696 -34.06 75.43 72.87
N GLU G 697 -34.47 74.37 73.56
CA GLU G 697 -33.54 73.57 74.34
C GLU G 697 -32.71 74.37 75.32
N LEU G 698 -33.34 75.35 75.98
CA LEU G 698 -32.61 76.07 76.99
C LEU G 698 -32.60 75.19 78.21
N PHE G 699 -33.40 74.12 78.18
CA PHE G 699 -33.51 73.29 79.36
C PHE G 699 -33.96 71.89 78.94
N ARG G 700 -33.31 70.89 79.51
CA ARG G 700 -33.64 69.49 79.24
C ARG G 700 -34.22 68.87 80.50
N ARG G 701 -35.40 68.26 80.37
CA ARG G 701 -36.09 67.64 81.50
C ARG G 701 -36.50 66.24 81.12
N ASN G 702 -36.06 65.26 81.91
CA ASN G 702 -36.38 63.86 81.66
C ASN G 702 -36.20 63.10 82.96
N LYS G 703 -36.61 61.83 82.93
CA LYS G 703 -36.47 60.98 84.12
C LYS G 703 -35.01 60.73 84.46
N LEU G 704 -34.18 60.51 83.43
CA LEU G 704 -32.77 60.19 83.68
C LEU G 704 -31.92 61.45 83.80
N VAL G 705 -32.18 62.46 82.98
CA VAL G 705 -31.32 63.64 82.91
C VAL G 705 -32.17 64.88 83.12
N TRP G 706 -31.53 65.92 83.65
CA TRP G 706 -32.16 67.22 83.86
C TRP G 706 -31.06 68.27 83.78
N SER G 707 -30.94 68.92 82.62
CA SER G 707 -29.82 69.80 82.37
C SER G 707 -30.24 71.13 81.75
N VAL G 708 -29.26 71.95 81.37
CA VAL G 708 -29.50 73.24 80.75
C VAL G 708 -28.40 73.48 79.73
N ASP G 709 -28.78 73.82 78.50
CA ASP G 709 -27.85 74.06 77.41
C ASP G 709 -27.71 75.55 77.17
N VAL G 710 -26.51 76.07 77.38
CA VAL G 710 -26.23 77.49 77.16
C VAL G 710 -25.05 77.61 76.19
N HIS G 711 -24.89 76.62 75.33
CA HIS G 711 -23.76 76.62 74.40
C HIS G 711 -23.84 77.76 73.41
N ARG G 712 -25.05 78.24 73.10
CA ARG G 712 -25.25 79.34 72.16
C ARG G 712 -25.64 80.62 72.88
N MET G 713 -25.12 80.84 74.08
CA MET G 713 -25.47 81.99 74.88
C MET G 713 -24.21 82.66 75.41
N TRP G 714 -24.32 83.95 75.72
CA TRP G 714 -23.19 84.68 76.29
C TRP G 714 -23.26 84.59 77.82
N PRO G 715 -22.24 85.10 78.54
CA PRO G 715 -22.22 84.89 80.01
C PRO G 715 -23.29 85.41 80.96
N GLY G 716 -23.74 86.64 80.85
CA GLY G 716 -24.67 87.14 81.87
C GLY G 716 -26.02 86.49 82.08
N GLY G 717 -26.72 86.20 81.02
CA GLY G 717 -28.04 85.65 81.13
C GLY G 717 -28.02 84.28 81.70
N ALA G 718 -26.89 83.59 81.58
CA ALA G 718 -26.85 82.21 82.02
C ALA G 718 -27.12 82.25 83.49
N CYS G 719 -26.57 83.25 84.13
CA CYS G 719 -26.74 83.39 85.54
C CYS G 719 -28.18 83.52 85.94
N THR G 720 -28.92 84.28 85.19
CA THR G 720 -30.31 84.49 85.47
C THR G 720 -31.26 83.35 85.41
N ALA G 721 -31.09 82.52 84.40
CA ALA G 721 -32.02 81.44 84.21
C ALA G 721 -31.84 80.57 85.37
N ILE G 722 -30.59 80.46 85.78
CA ILE G 722 -30.26 79.57 86.88
C ILE G 722 -31.01 80.01 88.10
N SER G 723 -31.13 81.32 88.26
CA SER G 723 -31.80 81.79 89.41
C SER G 723 -33.18 81.22 89.36
N VAL G 724 -33.81 81.31 88.20
CA VAL G 724 -35.13 80.73 88.04
C VAL G 724 -35.07 79.24 88.17
N TRP G 725 -34.04 78.66 87.63
CA TRP G 725 -34.01 77.23 87.63
C TRP G 725 -34.04 76.72 89.04
N LEU G 726 -33.27 77.33 89.92
CA LEU G 726 -33.19 76.78 91.25
C LEU G 726 -34.54 76.87 91.84
N ASN G 727 -35.15 78.02 91.64
CA ASN G 727 -36.49 78.24 92.19
C ASN G 727 -37.57 77.40 91.55
N ASP G 728 -37.45 77.14 90.25
CA ASP G 728 -38.44 76.35 89.60
C ASP G 728 -38.42 75.03 90.29
N MET G 729 -37.23 74.56 90.58
CA MET G 729 -37.11 73.30 91.29
C MET G 729 -37.69 73.39 92.67
N GLU G 730 -37.43 74.49 93.35
CA GLU G 730 -37.90 74.62 94.68
C GLU G 730 -39.38 74.58 94.67
N GLU G 731 -39.96 75.15 93.63
CA GLU G 731 -41.40 75.13 93.52
C GLU G 731 -41.83 73.68 93.48
N LEU G 732 -41.12 72.88 92.72
CA LEU G 732 -41.43 71.46 92.72
C LEU G 732 -40.99 70.79 93.99
N PHE G 733 -40.03 71.36 94.69
CA PHE G 733 -39.46 70.66 95.84
C PHE G 733 -40.45 70.33 96.94
N HIS G 734 -41.31 71.25 97.32
CA HIS G 734 -42.32 70.92 98.31
C HIS G 734 -43.26 69.90 97.70
N LYS G 735 -43.54 70.05 96.41
CA LYS G 735 -44.48 69.15 95.75
C LYS G 735 -44.00 67.70 95.74
N GLY G 736 -42.71 67.47 95.51
CA GLY G 736 -42.16 66.11 95.54
C GLY G 736 -41.95 65.50 94.17
N GLU G 737 -40.72 65.06 93.87
CA GLU G 737 -40.41 64.51 92.57
C GLU G 737 -39.02 63.89 92.61
N GLU G 738 -38.86 62.79 91.88
CA GLU G 738 -37.59 62.08 91.84
C GLU G 738 -36.51 62.95 91.20
N LEU G 739 -35.37 63.06 91.87
CA LEU G 739 -34.27 63.86 91.36
C LEU G 739 -33.53 63.11 90.25
N PRO G 740 -32.93 63.83 89.31
CA PRO G 740 -32.22 63.17 88.21
C PRO G 740 -30.94 62.52 88.70
N GLN G 741 -30.45 61.57 87.89
CA GLN G 741 -29.20 60.89 88.22
C GLN G 741 -28.00 61.79 87.99
N LEU G 742 -28.10 62.74 87.06
CA LEU G 742 -26.99 63.64 86.77
C LEU G 742 -27.57 64.94 86.21
N ALA G 743 -27.26 66.06 86.86
CA ALA G 743 -27.68 67.37 86.42
C ALA G 743 -26.48 68.09 85.80
N SER G 744 -26.54 68.36 84.51
CA SER G 744 -25.44 68.93 83.76
C SER G 744 -25.76 70.36 83.35
N VAL G 745 -24.71 71.07 82.93
CA VAL G 745 -24.82 72.44 82.42
C VAL G 745 -24.00 72.48 81.14
N VAL G 746 -24.68 72.37 80.00
CA VAL G 746 -24.02 72.32 78.70
C VAL G 746 -23.56 73.74 78.37
N VAL G 747 -22.27 74.01 78.56
CA VAL G 747 -21.70 75.33 78.32
C VAL G 747 -20.92 75.38 77.01
N VAL G 748 -20.11 74.36 76.75
CA VAL G 748 -19.28 74.31 75.54
C VAL G 748 -19.36 72.90 74.96
N ARG G 749 -19.65 72.79 73.67
CA ARG G 749 -19.77 71.53 72.92
C ARG G 749 -18.73 71.43 71.87
N GLY G 750 -18.86 70.45 70.99
CA GLY G 750 -17.90 70.25 69.93
C GLY G 750 -16.70 69.36 70.15
N GLN G 751 -15.84 69.22 69.16
CA GLN G 751 -14.67 68.37 69.23
C GLN G 751 -13.72 68.84 70.27
N THR G 752 -13.73 70.12 70.52
CA THR G 752 -12.89 70.66 71.53
C THR G 752 -13.26 70.24 72.93
N GLU G 753 -14.38 69.55 73.15
CA GLU G 753 -14.85 69.22 74.49
C GLU G 753 -13.90 68.45 75.34
N LYS G 754 -13.20 67.50 74.75
CA LYS G 754 -12.19 66.80 75.45
C LYS G 754 -10.93 67.56 75.33
N SER G 755 -10.79 68.62 76.11
CA SER G 755 -9.57 69.38 76.12
C SER G 755 -9.39 70.13 77.41
N SER G 756 -8.16 70.46 77.74
CA SER G 756 -7.89 71.27 78.92
C SER G 756 -7.89 72.74 78.53
N ILE G 757 -8.12 73.04 77.26
CA ILE G 757 -8.18 74.42 76.80
C ILE G 757 -9.60 74.98 76.94
N THR G 758 -10.53 74.14 77.39
CA THR G 758 -11.93 74.55 77.53
C THR G 758 -12.19 75.69 78.53
N ARG G 759 -11.45 75.71 79.63
CA ARG G 759 -11.66 76.72 80.67
C ARG G 759 -11.40 78.13 80.16
N ASP G 760 -10.58 78.26 79.12
CA ASP G 760 -10.23 79.57 78.56
C ASP G 760 -11.40 80.28 77.88
N PHE G 761 -12.51 79.58 77.65
CA PHE G 761 -13.64 80.15 76.93
C PHE G 761 -14.27 81.38 77.59
N PRO G 762 -14.83 82.29 76.77
CA PRO G 762 -15.40 83.55 77.28
C PRO G 762 -16.52 83.36 78.28
N VAL G 763 -17.45 82.48 77.98
CA VAL G 763 -18.53 82.19 78.89
C VAL G 763 -18.00 81.58 80.16
N ALA G 764 -16.95 80.76 80.06
CA ALA G 764 -16.45 80.03 81.21
C ALA G 764 -16.00 80.91 82.35
N LYS G 765 -15.39 82.04 82.03
CA LYS G 765 -14.90 82.92 83.08
C LYS G 765 -16.01 83.41 83.99
N ALA G 766 -17.18 83.71 83.44
CA ALA G 766 -18.26 84.29 84.25
C ALA G 766 -19.45 83.41 84.72
N ALA G 767 -19.83 82.39 83.97
CA ALA G 767 -20.92 81.56 84.45
C ALA G 767 -20.50 80.90 85.74
N TYR G 768 -19.26 80.45 85.76
CA TYR G 768 -18.76 79.78 86.94
C TYR G 768 -18.83 80.80 88.02
N SER G 769 -18.44 82.02 87.73
CA SER G 769 -18.37 83.05 88.77
C SER G 769 -19.69 83.22 89.50
N PHE G 770 -20.79 83.31 88.76
CA PHE G 770 -22.08 83.54 89.39
C PHE G 770 -22.38 82.39 90.31
N LEU G 771 -22.14 81.18 89.82
CA LEU G 771 -22.41 80.00 90.61
C LEU G 771 -21.55 79.97 91.84
N LYS G 772 -20.30 80.40 91.69
CA LYS G 772 -19.38 80.33 92.81
C LYS G 772 -19.91 81.18 93.95
N ASP G 773 -20.39 82.38 93.64
CA ASP G 773 -21.00 83.20 94.68
C ASP G 773 -22.31 82.62 95.21
N THR G 774 -23.21 82.23 94.33
CA THR G 774 -24.53 81.80 94.78
C THR G 774 -24.67 80.48 95.51
N VAL G 775 -24.04 79.43 95.03
CA VAL G 775 -24.27 78.11 95.64
C VAL G 775 -23.03 77.31 96.01
N SER G 776 -23.18 76.41 96.99
CA SER G 776 -22.05 75.57 97.40
C SER G 776 -21.64 74.74 96.20
N SER G 777 -20.35 74.74 95.88
CA SER G 777 -19.91 74.11 94.63
C SER G 777 -19.53 72.65 94.57
N SER G 778 -20.50 71.75 94.79
CA SER G 778 -20.21 70.33 94.61
C SER G 778 -19.94 70.16 93.13
N PHE G 779 -20.71 70.86 92.30
CA PHE G 779 -20.55 70.77 90.85
C PHE G 779 -19.26 71.36 90.28
N CYS G 780 -18.65 70.67 89.32
CA CYS G 780 -17.42 71.13 88.70
C CYS G 780 -17.24 70.31 87.43
N PHE G 781 -16.18 70.55 86.66
CA PHE G 781 -16.02 69.85 85.38
C PHE G 781 -15.93 68.34 85.54
N PRO G 782 -16.63 67.60 84.67
CA PRO G 782 -16.60 66.14 84.73
C PRO G 782 -15.25 65.59 84.37
N GLY G 783 -14.90 64.41 84.88
CA GLY G 783 -13.63 63.83 84.49
C GLY G 783 -13.66 63.16 83.13
N TRP G 784 -14.83 62.71 82.69
CA TRP G 784 -14.95 62.07 81.39
C TRP G 784 -14.98 63.08 80.25
N ASN G 785 -15.63 64.22 80.47
CA ASN G 785 -15.71 65.27 79.46
C ASN G 785 -15.58 66.62 80.17
N LYS G 786 -14.52 67.35 79.84
CA LYS G 786 -14.27 68.65 80.47
C LYS G 786 -14.87 69.78 79.63
N GLY G 787 -16.19 69.69 79.45
CA GLY G 787 -16.89 70.68 78.65
C GLY G 787 -18.24 71.07 79.18
N ARG G 788 -18.48 70.81 80.47
CA ARG G 788 -19.76 71.13 81.09
C ARG G 788 -19.57 71.15 82.61
N ILE G 789 -20.67 71.33 83.33
CA ILE G 789 -20.68 71.36 84.78
C ILE G 789 -21.76 70.38 85.23
N VAL G 790 -21.37 69.35 85.98
CA VAL G 790 -22.32 68.35 86.46
C VAL G 790 -22.43 68.26 87.98
N CYS G 791 -23.57 67.78 88.47
CA CYS G 791 -23.76 67.58 89.90
C CYS G 791 -24.35 66.20 90.14
N GLN G 792 -23.81 65.47 91.09
CA GLN G 792 -24.33 64.14 91.40
C GLN G 792 -25.65 64.21 92.14
N LYS G 793 -26.42 63.13 92.10
CA LYS G 793 -27.74 63.10 92.75
C LYS G 793 -27.76 63.47 94.22
N THR G 794 -26.95 62.77 95.02
CA THR G 794 -26.92 63.05 96.45
C THR G 794 -26.43 64.47 96.70
N GLN G 795 -25.45 64.90 95.92
CA GLN G 795 -24.89 66.24 96.09
C GLN G 795 -25.92 67.34 95.83
N LEU G 796 -26.76 67.16 94.82
CA LEU G 796 -27.79 68.15 94.51
C LEU G 796 -28.77 68.32 95.65
N LYS G 797 -29.10 67.21 96.32
CA LYS G 797 -30.06 67.26 97.41
C LYS G 797 -29.59 68.15 98.56
N ARG G 798 -28.29 68.11 98.86
CA ARG G 798 -27.76 68.87 99.99
C ARG G 798 -27.90 70.40 99.89
N ILE G 799 -27.63 70.96 98.71
CA ILE G 799 -27.77 72.40 98.54
C ILE G 799 -29.25 72.76 98.49
N PHE G 800 -30.06 71.89 97.89
CA PHE G 800 -31.51 72.11 97.81
C PHE G 800 -32.16 72.28 99.17
N SER G 801 -31.76 71.46 100.11
CA SER G 801 -32.30 71.57 101.46
C SER G 801 -31.81 72.83 102.18
N GLU H 72 -16.36 -59.07 -18.82
CA GLU H 72 -15.84 -60.34 -19.30
C GLU H 72 -15.24 -61.15 -18.18
N SER H 73 -15.48 -62.43 -18.20
CA SER H 73 -14.98 -63.28 -17.15
C SER H 73 -13.54 -63.45 -17.38
N GLU H 74 -12.83 -63.79 -16.35
CA GLU H 74 -11.43 -63.87 -16.55
C GLU H 74 -11.18 -64.99 -17.50
N GLU H 75 -11.96 -66.05 -17.45
CA GLU H 75 -11.67 -67.19 -18.29
C GLU H 75 -11.74 -66.83 -19.73
N GLU H 76 -12.70 -66.02 -20.10
CA GLU H 76 -12.79 -65.56 -21.45
C GLU H 76 -11.65 -64.70 -21.85
N ALA H 77 -11.26 -63.79 -20.98
CA ALA H 77 -10.17 -62.90 -21.29
C ALA H 77 -8.86 -63.59 -21.43
N ARG H 78 -8.62 -64.61 -20.64
CA ARG H 78 -7.41 -65.36 -20.78
C ARG H 78 -7.39 -65.98 -22.13
N ARG H 79 -8.51 -66.43 -22.66
CA ARG H 79 -8.55 -66.90 -24.02
C ARG H 79 -8.25 -65.92 -25.09
N LYS H 80 -8.79 -64.76 -24.98
CA LYS H 80 -8.55 -63.82 -25.99
C LYS H 80 -7.11 -63.45 -26.05
N ASN H 81 -6.50 -63.28 -24.92
CA ASN H 81 -5.13 -62.91 -24.89
C ASN H 81 -4.26 -64.01 -25.48
N TRP H 82 -4.53 -65.28 -25.22
CA TRP H 82 -3.74 -66.33 -25.86
C TRP H 82 -3.93 -66.44 -27.34
N VAL H 83 -5.17 -66.46 -27.82
CA VAL H 83 -5.45 -66.58 -29.24
C VAL H 83 -5.13 -65.37 -30.03
N ASP H 84 -5.43 -64.23 -29.51
CA ASP H 84 -5.18 -63.02 -30.22
C ASP H 84 -3.90 -62.29 -29.94
N ARG H 85 -3.66 -61.82 -28.74
CA ARG H 85 -2.52 -61.02 -28.42
C ARG H 85 -1.23 -61.71 -28.02
N GLY H 86 -1.20 -63.03 -28.00
CA GLY H 86 0.04 -63.75 -27.74
C GLY H 86 0.51 -64.08 -26.34
N TRP H 87 -0.33 -63.92 -25.34
CA TRP H 87 0.10 -64.13 -23.97
C TRP H 87 0.51 -65.52 -23.70
N ALA H 88 1.52 -65.70 -22.86
CA ALA H 88 1.92 -67.02 -22.43
C ALA H 88 2.58 -66.81 -21.09
N PRO H 89 2.28 -67.66 -20.09
CA PRO H 89 2.92 -67.37 -18.82
C PRO H 89 4.32 -67.91 -18.74
N TRP H 90 5.27 -67.25 -19.36
CA TRP H 90 6.63 -67.72 -19.39
C TRP H 90 7.29 -67.60 -18.04
N GLU H 91 8.33 -68.38 -17.80
CA GLU H 91 9.02 -68.36 -16.51
C GLU H 91 9.92 -67.18 -16.29
N GLU H 92 10.02 -66.73 -15.05
CA GLU H 92 10.88 -65.63 -14.70
C GLU H 92 11.88 -66.05 -13.70
N ILE H 93 13.14 -65.94 -14.02
CA ILE H 93 14.21 -66.32 -13.14
C ILE H 93 14.67 -65.09 -12.45
N LEU H 94 14.59 -65.06 -11.14
CA LEU H 94 14.83 -63.87 -10.38
C LEU H 94 15.93 -63.95 -9.36
N SER H 95 16.51 -62.81 -9.01
CA SER H 95 17.57 -62.73 -8.04
C SER H 95 17.09 -62.95 -6.62
N PRO H 96 17.98 -63.28 -5.69
CA PRO H 96 17.57 -63.40 -4.30
C PRO H 96 16.83 -62.20 -3.78
N GLU H 97 17.15 -61.00 -4.24
CA GLU H 97 16.49 -59.78 -3.88
C GLU H 97 15.17 -59.51 -4.51
N ALA H 98 14.98 -59.79 -5.78
CA ALA H 98 13.69 -59.63 -6.46
C ALA H 98 12.64 -60.53 -5.93
N ASN H 99 13.00 -61.74 -5.55
CA ASN H 99 12.03 -62.62 -4.96
C ASN H 99 11.51 -62.04 -3.70
N PHE H 100 12.37 -61.41 -2.92
CA PHE H 100 11.97 -60.81 -1.68
C PHE H 100 11.00 -59.73 -1.97
N ALA H 101 11.27 -58.98 -2.99
CA ALA H 101 10.39 -57.92 -3.35
C ALA H 101 9.03 -58.35 -3.75
N ARG H 102 8.90 -59.42 -4.49
CA ARG H 102 7.61 -59.83 -4.96
C ARG H 102 6.80 -60.40 -3.84
N LYS H 103 7.36 -61.27 -3.04
CA LYS H 103 6.67 -61.78 -1.86
C LYS H 103 6.34 -60.85 -0.72
N SER H 104 7.24 -59.97 -0.37
CA SER H 104 7.07 -59.03 0.71
C SER H 104 6.07 -57.94 0.58
N LEU H 105 5.96 -57.36 -0.58
CA LEU H 105 5.09 -56.23 -0.78
C LEU H 105 3.64 -56.56 -0.66
N ASN H 106 3.30 -57.81 -0.78
CA ASN H 106 1.94 -58.22 -0.66
C ASN H 106 1.45 -57.91 0.72
N GLU H 107 2.25 -58.14 1.76
CA GLU H 107 1.84 -57.95 3.14
C GLU H 107 1.47 -56.59 3.64
N GLY H 108 2.23 -55.57 3.31
CA GLY H 108 1.97 -54.27 3.87
C GLY H 108 3.27 -53.54 4.07
N GLU H 109 3.26 -52.43 4.78
CA GLU H 109 4.46 -51.64 4.92
C GLU H 109 4.88 -51.48 6.33
N GLU H 110 6.14 -51.71 6.58
CA GLU H 110 6.67 -51.61 7.91
C GLU H 110 5.91 -52.46 8.90
N VAL H 111 5.67 -53.71 8.55
CA VAL H 111 4.91 -54.59 9.40
C VAL H 111 5.66 -55.88 9.47
N ALA H 112 5.53 -56.59 10.57
CA ALA H 112 6.27 -57.79 10.74
C ALA H 112 5.80 -58.73 9.72
N LEU H 113 6.71 -59.43 9.11
CA LEU H 113 6.34 -60.25 8.02
C LEU H 113 5.82 -61.52 8.58
N GLN H 114 4.61 -61.88 8.23
CA GLN H 114 4.00 -63.07 8.76
C GLN H 114 3.92 -64.26 7.82
N SER H 115 3.79 -64.03 6.53
CA SER H 115 3.64 -65.12 5.59
C SER H 115 4.87 -65.95 5.53
N PRO H 116 4.72 -67.25 5.42
CA PRO H 116 5.90 -68.12 5.46
C PRO H 116 6.87 -67.89 4.34
N GLU H 117 6.37 -67.65 3.14
CA GLU H 117 7.23 -67.46 2.00
C GLU H 117 8.10 -66.24 2.15
N ALA H 118 7.56 -65.18 2.71
CA ALA H 118 8.35 -64.00 2.94
C ALA H 118 9.48 -64.25 3.88
N ILE H 119 9.25 -65.00 4.94
CA ILE H 119 10.30 -65.20 5.91
C ILE H 119 11.45 -65.95 5.29
N GLU H 120 11.17 -66.92 4.48
CA GLU H 120 12.27 -67.60 3.81
C GLU H 120 13.01 -66.71 2.86
N ALA H 121 12.31 -65.85 2.16
CA ALA H 121 12.98 -64.90 1.30
C ALA H 121 13.88 -63.96 2.06
N PHE H 122 13.53 -63.55 3.27
CA PHE H 122 14.41 -62.74 4.08
C PHE H 122 15.64 -63.46 4.45
N LYS H 123 15.54 -64.72 4.79
CA LYS H 123 16.67 -65.47 5.23
C LYS H 123 17.64 -65.77 4.13
N MET H 124 17.18 -65.73 2.90
CA MET H 124 18.01 -66.07 1.78
C MET H 124 18.72 -64.94 1.12
N LEU H 125 18.65 -63.78 1.72
CA LEU H 125 19.31 -62.65 1.19
C LEU H 125 20.71 -62.76 1.70
N SER H 126 20.99 -63.80 2.47
CA SER H 126 22.30 -64.02 3.02
C SER H 126 22.98 -65.17 2.36
N PRO H 127 24.21 -64.98 1.92
CA PRO H 127 24.87 -66.04 1.16
C PRO H 127 25.08 -67.34 1.91
N ASN H 128 25.42 -67.27 3.17
CA ASN H 128 25.63 -68.47 3.96
C ASN H 128 24.40 -69.32 4.12
N TYR H 129 23.23 -68.73 4.28
CA TYR H 129 22.06 -69.52 4.49
C TYR H 129 21.87 -70.33 3.26
N ARG H 130 22.12 -69.76 2.11
CA ARG H 130 21.87 -70.51 0.92
C ARG H 130 22.73 -71.75 0.81
N LYS H 131 24.01 -71.62 1.09
CA LYS H 131 24.90 -72.77 1.04
C LYS H 131 24.61 -73.79 2.09
N LYS H 132 24.29 -73.37 3.29
CA LYS H 132 23.92 -74.31 4.29
C LYS H 132 22.66 -75.06 3.90
N LYS H 133 21.67 -74.36 3.40
CA LYS H 133 20.45 -75.01 3.04
C LYS H 133 20.63 -75.99 1.90
N ILE H 134 21.44 -75.65 0.93
CA ILE H 134 21.69 -76.55 -0.20
C ILE H 134 22.34 -77.85 0.23
N SER H 135 23.25 -77.79 1.18
CA SER H 135 23.88 -78.97 1.67
C SER H 135 22.86 -79.89 2.29
N ASP H 136 21.89 -79.32 3.00
CA ASP H 136 20.83 -80.12 3.60
C ASP H 136 20.03 -80.83 2.53
N MET H 137 19.79 -80.16 1.42
CA MET H 137 19.05 -80.75 0.30
C MET H 137 19.89 -81.82 -0.38
N GLY H 138 21.17 -81.89 -0.03
CA GLY H 138 22.06 -82.88 -0.60
C GLY H 138 22.34 -82.79 -2.08
N ILE H 139 22.52 -81.58 -2.59
CA ILE H 139 22.86 -81.41 -3.97
C ILE H 139 24.14 -80.60 -4.12
N THR H 140 24.85 -80.75 -5.23
CA THR H 140 26.07 -79.99 -5.48
C THR H 140 25.72 -78.58 -5.80
N GLU H 141 26.70 -77.68 -5.78
CA GLU H 141 26.43 -76.28 -6.01
C GLU H 141 25.83 -76.10 -7.38
N ASP H 142 26.31 -76.86 -8.35
CA ASP H 142 25.78 -76.79 -9.69
C ASP H 142 24.30 -77.14 -9.79
N GLU H 143 23.84 -78.09 -9.00
CA GLU H 143 22.44 -78.45 -9.02
C GLU H 143 21.44 -77.35 -8.63
N TYR H 144 21.82 -76.50 -7.68
CA TYR H 144 20.94 -75.43 -7.26
C TYR H 144 20.71 -74.55 -8.44
N TYR H 145 21.77 -74.27 -9.18
CA TYR H 145 21.65 -73.37 -10.29
C TYR H 145 20.68 -73.93 -11.31
N ALA H 146 20.76 -75.22 -11.55
CA ALA H 146 19.90 -75.82 -12.55
C ALA H 146 18.42 -75.82 -12.17
N LYS H 147 18.09 -75.94 -10.90
CA LYS H 147 16.71 -76.01 -10.53
C LYS H 147 16.06 -74.68 -10.67
N GLN H 148 16.84 -73.63 -10.68
CA GLN H 148 16.28 -72.32 -10.89
C GLN H 148 15.67 -72.25 -12.26
N PHE H 149 16.34 -72.78 -13.25
CA PHE H 149 15.84 -72.78 -14.59
C PHE H 149 15.00 -74.01 -14.89
N GLU H 150 13.83 -74.14 -14.29
CA GLU H 150 13.00 -75.34 -14.41
C GLU H 150 11.65 -74.91 -14.78
N ILE H 151 10.87 -75.82 -15.32
CA ILE H 151 9.62 -75.38 -15.84
C ILE H 151 8.44 -75.62 -14.96
N LYS H 152 7.85 -74.55 -14.50
CA LYS H 152 6.73 -74.63 -13.62
C LYS H 152 5.47 -74.93 -14.36
N GLY H 153 4.42 -75.30 -13.65
CA GLY H 153 3.19 -75.67 -14.29
C GLY H 153 3.13 -77.13 -14.65
N GLU H 154 2.04 -77.52 -15.30
CA GLU H 154 1.83 -78.89 -15.71
C GLU H 154 2.90 -79.28 -16.66
N ILE H 155 3.49 -80.43 -16.45
CA ILE H 155 4.48 -80.89 -17.37
C ILE H 155 3.86 -81.94 -18.23
N PRO H 156 3.89 -81.74 -19.53
CA PRO H 156 3.21 -82.64 -20.44
C PRO H 156 3.77 -84.03 -20.55
N GLU H 157 2.92 -85.00 -20.87
CA GLU H 157 3.32 -86.38 -21.04
C GLU H 157 4.17 -86.60 -22.23
N PRO H 158 5.01 -87.61 -22.21
CA PRO H 158 5.80 -87.74 -23.43
C PRO H 158 5.03 -88.21 -24.65
N LEU H 159 5.52 -87.95 -25.83
CA LEU H 159 4.80 -88.28 -27.05
C LEU H 159 5.37 -89.55 -27.65
N SER H 160 4.50 -90.50 -28.02
CA SER H 160 4.95 -91.79 -28.53
C SER H 160 4.71 -91.96 -30.00
N THR H 161 5.67 -92.52 -30.71
CA THR H 161 5.55 -92.59 -32.16
C THR H 161 4.77 -93.74 -32.69
N MET H 162 3.76 -93.45 -33.47
CA MET H 162 2.95 -94.49 -34.01
C MET H 162 3.07 -94.53 -35.47
N TRP H 163 3.53 -95.63 -36.01
CA TRP H 163 3.73 -95.70 -37.42
C TRP H 163 2.55 -96.35 -37.99
N ALA H 164 2.09 -95.90 -39.12
CA ALA H 164 0.88 -96.41 -39.74
C ALA H 164 0.91 -97.69 -40.52
N GLY H 165 1.89 -97.85 -41.36
CA GLY H 165 1.91 -99.00 -42.21
C GLY H 165 3.29 -98.98 -42.73
N PRO H 166 3.60 -99.89 -43.65
CA PRO H 166 5.01 -99.88 -44.01
C PRO H 166 5.40 -98.74 -44.88
N LEU H 167 6.68 -98.57 -45.08
CA LEU H 167 7.13 -97.54 -45.94
C LEU H 167 7.72 -98.17 -47.14
N VAL H 168 7.22 -97.83 -48.31
CA VAL H 168 7.82 -98.34 -49.52
C VAL H 168 8.34 -97.21 -50.36
N VAL H 169 9.61 -97.21 -50.71
CA VAL H 169 10.17 -96.07 -51.40
C VAL H 169 11.08 -96.37 -52.56
N ARG H 170 11.30 -95.42 -53.46
CA ARG H 170 12.19 -95.60 -54.58
C ARG H 170 12.97 -94.34 -54.72
N HIS H 171 14.22 -94.38 -55.13
CA HIS H 171 15.03 -93.17 -55.17
C HIS H 171 14.87 -92.45 -56.45
N VAL H 172 13.75 -91.76 -56.63
CA VAL H 172 13.45 -91.09 -57.88
C VAL H 172 14.30 -89.89 -58.12
N PRO H 173 14.83 -89.74 -59.32
CA PRO H 173 15.73 -88.63 -59.60
C PRO H 173 14.98 -87.37 -59.47
N PRO H 174 15.63 -86.29 -59.02
CA PRO H 174 14.98 -84.99 -58.90
C PRO H 174 14.38 -84.50 -60.19
N ARG H 175 13.14 -84.05 -60.18
CA ARG H 175 12.48 -83.69 -61.40
C ARG H 175 13.07 -82.59 -62.17
N ASP H 176 13.44 -81.53 -61.54
CA ASP H 176 14.11 -80.52 -62.23
C ASP H 176 15.57 -80.71 -62.18
N TRP H 177 16.12 -81.76 -62.77
CA TRP H 177 17.53 -81.91 -62.58
C TRP H 177 18.28 -80.79 -63.13
N PRO H 178 18.00 -80.41 -64.40
CA PRO H 178 18.95 -79.43 -64.87
C PRO H 178 18.96 -78.19 -64.05
N PRO H 179 20.13 -77.82 -63.54
CA PRO H 179 20.21 -76.54 -62.86
C PRO H 179 20.16 -75.63 -64.04
N ARG H 180 19.48 -74.51 -64.01
CA ARG H 180 19.36 -73.76 -65.24
C ARG H 180 20.73 -73.44 -65.77
N GLY H 181 20.94 -73.69 -67.05
CA GLY H 181 22.25 -73.46 -67.66
C GLY H 181 23.36 -74.48 -67.74
N TRP H 182 23.15 -75.72 -67.36
CA TRP H 182 24.19 -76.70 -67.56
C TRP H 182 23.63 -77.52 -68.65
N GLU H 183 24.45 -77.82 -69.64
CA GLU H 183 24.01 -78.65 -70.73
C GLU H 183 24.67 -79.99 -70.68
N VAL H 184 23.87 -81.03 -70.77
CA VAL H 184 24.38 -82.37 -70.74
C VAL H 184 23.72 -83.09 -71.92
N ASP H 185 24.26 -84.24 -72.36
CA ASP H 185 23.72 -84.91 -73.54
C ASP H 185 22.30 -85.28 -73.43
N LYS H 186 21.54 -84.99 -74.44
CA LYS H 186 20.13 -85.21 -74.39
C LYS H 186 19.66 -86.63 -74.25
N LYS H 187 20.29 -87.54 -74.92
CA LYS H 187 19.80 -88.89 -74.89
C LYS H 187 19.88 -89.39 -73.48
N GLU H 188 20.93 -89.04 -72.78
CA GLU H 188 21.06 -89.45 -71.42
C GLU H 188 19.92 -88.89 -70.62
N LEU H 189 19.57 -87.64 -70.87
CA LEU H 189 18.53 -87.01 -70.10
C LEU H 189 17.25 -87.71 -70.33
N GLU H 190 17.00 -88.11 -71.55
CA GLU H 190 15.75 -88.76 -71.85
C GLU H 190 15.68 -90.01 -71.07
N PHE H 191 16.80 -90.68 -70.95
CA PHE H 191 16.82 -91.89 -70.22
C PHE H 191 16.46 -91.59 -68.78
N ILE H 192 16.98 -90.50 -68.25
CA ILE H 192 16.74 -90.18 -66.87
C ILE H 192 15.31 -89.94 -66.62
N ARG H 193 14.65 -89.26 -67.49
CA ARG H 193 13.31 -88.87 -67.24
C ARG H 193 12.30 -89.92 -67.46
N GLU H 194 12.73 -91.10 -67.86
CA GLU H 194 11.81 -92.20 -68.02
C GLU H 194 11.22 -92.55 -66.71
N THR H 195 12.00 -92.46 -65.67
CA THR H 195 11.51 -92.87 -64.38
C THR H 195 10.34 -92.08 -63.95
N HIS H 196 10.24 -90.84 -64.40
CA HIS H 196 9.21 -90.01 -63.90
C HIS H 196 7.91 -90.67 -64.21
N LYS H 197 7.82 -91.32 -65.36
CA LYS H 197 6.59 -92.03 -65.75
C LYS H 197 6.22 -93.20 -64.89
N LEU H 198 7.22 -93.90 -64.38
CA LEU H 198 6.96 -95.13 -63.62
C LEU H 198 6.18 -95.00 -62.30
N GLN H 199 6.09 -93.81 -61.75
CA GLN H 199 5.43 -93.62 -60.45
C GLN H 199 3.92 -93.81 -60.43
N SER H 200 3.28 -93.86 -61.59
CA SER H 200 1.84 -94.11 -61.67
C SER H 200 1.37 -95.47 -61.14
N VAL H 201 2.19 -96.49 -61.25
CA VAL H 201 1.86 -97.81 -60.75
C VAL H 201 1.36 -97.82 -59.33
N ARG H 202 0.50 -98.76 -59.02
CA ARG H 202 0.02 -98.89 -57.67
C ARG H 202 0.42 -100.22 -57.08
N VAL H 203 1.03 -100.25 -55.90
CA VAL H 203 1.37 -101.50 -55.24
C VAL H 203 0.55 -101.68 -53.96
N ASP H 204 0.34 -102.90 -53.50
CA ASP H 204 -0.48 -103.17 -52.32
C ASP H 204 0.38 -103.52 -51.17
N TYR H 205 0.17 -102.84 -50.07
CA TYR H 205 1.02 -103.04 -48.92
C TYR H 205 0.97 -104.41 -48.31
N ASP H 206 -0.20 -105.03 -48.28
CA ASP H 206 -0.32 -106.30 -47.58
C ASP H 206 0.56 -107.41 -48.11
N LYS H 207 0.75 -107.47 -49.41
CA LYS H 207 1.50 -108.57 -49.97
C LYS H 207 2.96 -108.28 -50.04
N VAL H 208 3.36 -107.10 -49.58
CA VAL H 208 4.74 -106.72 -49.76
C VAL H 208 5.67 -107.65 -49.10
N GLU H 209 5.30 -108.15 -47.95
CA GLU H 209 6.27 -108.95 -47.23
C GLU H 209 6.67 -110.14 -48.04
N GLU H 210 5.70 -110.74 -48.71
CA GLU H 210 5.98 -111.94 -49.46
C GLU H 210 6.99 -111.70 -50.55
N MET H 211 6.86 -110.60 -51.27
CA MET H 211 7.73 -110.35 -52.40
C MET H 211 9.14 -110.01 -51.99
N VAL H 212 9.31 -109.64 -50.73
CA VAL H 212 10.61 -109.17 -50.28
C VAL H 212 11.69 -110.20 -50.47
N LYS H 213 12.70 -109.84 -51.24
CA LYS H 213 13.81 -110.73 -51.41
C LYS H 213 14.84 -110.10 -50.52
N MET H 214 15.31 -110.85 -49.54
CA MET H 214 16.35 -110.34 -48.66
C MET H 214 17.63 -110.35 -49.46
N GLU H 215 17.62 -111.03 -50.60
CA GLU H 215 18.79 -111.08 -51.46
C GLU H 215 19.12 -109.75 -52.09
N THR H 216 20.37 -109.56 -52.46
CA THR H 216 20.78 -108.31 -53.05
C THR H 216 21.47 -108.53 -54.38
N ASP H 217 21.96 -107.47 -55.03
CA ASP H 217 22.71 -107.56 -56.28
C ASP H 217 21.88 -107.76 -57.56
N ASP H 218 20.56 -107.80 -57.42
CA ASP H 218 19.70 -107.91 -58.58
C ASP H 218 19.00 -106.60 -58.89
N MET H 219 19.36 -105.54 -58.18
CA MET H 219 18.66 -104.26 -58.34
C MET H 219 19.39 -103.31 -59.23
N GLY H 220 18.74 -102.84 -60.29
CA GLY H 220 19.38 -101.88 -61.15
C GLY H 220 18.69 -100.54 -61.20
N LEU H 221 19.22 -99.57 -60.48
CA LEU H 221 18.68 -98.23 -60.56
C LEU H 221 19.49 -97.55 -61.62
N ASP H 222 19.37 -97.99 -62.86
CA ASP H 222 20.23 -97.42 -63.88
C ASP H 222 19.98 -95.96 -64.07
N ARG H 223 18.71 -95.57 -64.07
CA ARG H 223 18.40 -94.19 -64.32
C ARG H 223 18.97 -93.33 -63.21
N TYR H 224 18.80 -93.77 -61.97
CA TYR H 224 19.30 -93.01 -60.85
C TYR H 224 20.80 -92.92 -60.93
N LYS H 225 21.43 -94.03 -61.28
CA LYS H 225 22.88 -94.06 -61.31
C LYS H 225 23.40 -93.07 -62.34
N MET H 226 22.73 -93.00 -63.48
CA MET H 226 23.16 -92.07 -64.51
C MET H 226 23.06 -90.65 -63.99
N PHE H 227 21.99 -90.36 -63.29
CA PHE H 227 21.82 -89.04 -62.71
C PHE H 227 22.92 -88.79 -61.72
N LEU H 228 23.27 -89.81 -60.96
CA LEU H 228 24.28 -89.63 -59.94
C LEU H 228 25.60 -89.25 -60.55
N LYS H 229 25.96 -89.88 -61.65
CA LYS H 229 27.19 -89.48 -62.31
C LYS H 229 27.06 -88.07 -62.81
N GLN H 230 25.91 -87.75 -63.37
CA GLN H 230 25.70 -86.42 -63.92
C GLN H 230 25.91 -85.35 -62.88
N TYR H 231 25.35 -85.55 -61.70
CA TYR H 231 25.49 -84.59 -60.63
C TYR H 231 26.90 -84.46 -60.22
N ASN H 232 27.62 -85.54 -60.21
CA ASN H 232 28.95 -85.47 -59.69
C ASN H 232 29.76 -84.52 -60.49
N GLU H 233 29.58 -84.52 -61.79
CA GLU H 233 30.29 -83.56 -62.56
C GLU H 233 29.88 -82.19 -62.20
N TRP H 234 28.60 -81.96 -61.96
CA TRP H 234 28.14 -80.60 -61.74
C TRP H 234 28.77 -80.00 -60.54
N VAL H 235 28.92 -80.78 -59.51
CA VAL H 235 29.42 -80.21 -58.31
C VAL H 235 30.79 -79.73 -58.60
N ALA H 236 31.53 -80.50 -59.36
CA ALA H 236 32.89 -80.15 -59.54
C ALA H 236 33.00 -78.83 -60.19
N ALA H 237 32.20 -78.59 -61.18
CA ALA H 237 32.33 -77.37 -61.89
C ALA H 237 32.05 -76.11 -61.13
N ASN H 238 31.03 -76.10 -60.29
CA ASN H 238 30.64 -74.87 -59.63
C ASN H 238 30.83 -74.74 -58.13
N LYS H 239 31.62 -75.59 -57.50
CA LYS H 239 31.72 -75.52 -56.07
C LYS H 239 32.31 -74.21 -55.72
N ASP H 240 33.34 -73.84 -56.42
CA ASP H 240 34.01 -72.59 -56.16
C ASP H 240 33.18 -71.38 -56.46
N ARG H 241 32.47 -71.41 -57.56
CA ARG H 241 31.72 -70.26 -57.93
C ARG H 241 30.72 -70.05 -56.86
N LEU H 242 30.13 -71.12 -56.40
CA LEU H 242 29.10 -70.96 -55.45
C LEU H 242 29.55 -70.35 -54.12
N GLU H 243 30.74 -70.65 -53.63
CA GLU H 243 31.21 -70.00 -52.41
C GLU H 243 31.48 -68.53 -52.57
N LYS H 244 32.07 -68.14 -53.68
CA LYS H 244 32.30 -66.73 -53.95
C LYS H 244 31.03 -65.93 -54.02
N GLU H 245 30.01 -66.49 -54.62
CA GLU H 245 28.75 -65.82 -54.68
C GLU H 245 28.11 -65.60 -53.35
N SER H 246 28.21 -66.56 -52.44
CA SER H 246 27.66 -66.40 -51.12
C SER H 246 28.30 -65.28 -50.41
N TYR H 247 29.61 -65.17 -50.51
CA TYR H 247 30.29 -64.18 -49.74
C TYR H 247 29.86 -62.83 -50.15
N LYS H 248 29.67 -62.64 -51.43
CA LYS H 248 29.26 -61.37 -51.91
C LYS H 248 27.90 -60.95 -51.47
N TYR H 249 26.95 -61.85 -51.50
CA TYR H 249 25.59 -61.46 -51.17
C TYR H 249 25.15 -61.75 -49.75
N ASP H 250 25.85 -62.60 -49.03
CA ASP H 250 25.48 -62.87 -47.67
C ASP H 250 26.64 -62.65 -46.72
N GLN H 251 26.56 -61.59 -45.93
CA GLN H 251 27.62 -61.27 -45.00
C GLN H 251 27.83 -62.17 -43.80
N ASP H 252 26.78 -62.54 -43.10
CA ASP H 252 26.93 -63.33 -41.91
C ASP H 252 26.05 -64.54 -41.95
N TYR H 253 26.53 -65.68 -41.50
CA TYR H 253 25.75 -66.88 -41.49
C TYR H 253 24.65 -66.90 -40.49
N TYR H 254 23.49 -67.39 -40.86
CA TYR H 254 22.37 -67.52 -39.97
C TYR H 254 21.89 -68.86 -40.35
N PRO H 255 21.13 -69.50 -39.50
CA PRO H 255 20.70 -70.78 -39.97
C PRO H 255 19.93 -70.71 -41.27
N GLY H 256 20.17 -71.62 -42.19
CA GLY H 256 19.56 -71.60 -43.49
C GLY H 256 20.31 -71.00 -44.64
N ARG H 257 21.56 -70.65 -44.48
CA ARG H 257 22.28 -70.00 -45.49
C ARG H 257 23.47 -70.87 -45.71
N ARG H 258 24.18 -70.72 -46.81
CA ARG H 258 25.28 -71.61 -47.14
C ARG H 258 26.41 -71.71 -46.20
N LYS H 259 26.78 -72.90 -45.82
CA LYS H 259 27.90 -73.14 -44.97
C LYS H 259 29.12 -72.95 -45.76
N ARG H 260 30.07 -72.27 -45.18
CA ARG H 260 31.25 -71.94 -45.88
C ARG H 260 32.38 -72.01 -44.92
N GLY H 261 33.62 -71.92 -45.38
CA GLY H 261 34.75 -71.84 -44.45
C GLY H 261 35.05 -73.06 -43.64
N LYS H 262 35.25 -72.86 -42.36
CA LYS H 262 35.54 -73.96 -41.49
C LYS H 262 34.38 -74.90 -41.56
N ASP H 263 33.20 -74.36 -41.78
CA ASP H 263 31.99 -75.17 -41.91
C ASP H 263 31.92 -76.11 -43.06
N TYR H 264 32.51 -75.79 -44.20
CA TYR H 264 32.29 -76.63 -45.35
C TYR H 264 33.07 -77.89 -45.45
N GLN H 265 32.62 -78.94 -44.79
CA GLN H 265 33.22 -80.22 -44.96
C GLN H 265 32.79 -80.68 -46.31
N ASP H 266 33.60 -81.44 -47.02
CA ASP H 266 33.19 -81.98 -48.30
C ASP H 266 32.22 -83.10 -48.09
N GLY H 267 31.40 -83.41 -49.07
CA GLY H 267 30.39 -84.42 -48.89
C GLY H 267 29.08 -83.86 -48.44
N MET H 268 28.99 -82.56 -48.33
CA MET H 268 27.76 -81.93 -47.95
C MET H 268 26.97 -81.80 -49.23
N TYR H 269 25.75 -82.32 -49.26
CA TYR H 269 24.93 -82.35 -50.47
C TYR H 269 24.50 -81.00 -50.95
N GLU H 270 24.44 -80.77 -52.25
CA GLU H 270 23.94 -79.49 -52.71
C GLU H 270 22.49 -79.46 -53.08
N LEU H 271 22.00 -78.32 -53.52
CA LEU H 271 20.57 -78.15 -53.79
C LEU H 271 19.87 -78.87 -54.90
N PRO H 272 20.52 -79.12 -56.03
CA PRO H 272 19.78 -79.88 -57.00
C PRO H 272 19.36 -81.23 -56.51
N PHE H 273 20.01 -81.81 -55.53
CA PHE H 273 19.68 -83.11 -54.97
C PHE H 273 18.32 -83.27 -54.37
N TYR H 274 17.78 -82.25 -53.72
CA TYR H 274 16.54 -82.41 -53.01
C TYR H 274 15.31 -81.99 -53.73
N TYR H 275 14.28 -82.80 -53.69
CA TYR H 275 13.02 -82.44 -54.32
C TYR H 275 11.93 -82.69 -53.36
N PRO H 276 10.87 -81.96 -53.49
CA PRO H 276 9.75 -82.16 -52.62
C PRO H 276 9.18 -83.53 -52.60
N GLY H 277 8.74 -83.96 -51.43
CA GLY H 277 8.21 -85.27 -51.27
C GLY H 277 9.15 -86.30 -50.75
N GLN H 278 10.41 -85.98 -50.64
CA GLN H 278 11.38 -86.90 -50.13
C GLN H 278 11.26 -87.08 -48.66
N ILE H 279 11.57 -88.25 -48.13
CA ILE H 279 11.56 -88.44 -46.70
C ILE H 279 13.00 -88.48 -46.27
N CYS H 280 13.36 -87.66 -45.28
CA CYS H 280 14.74 -87.52 -44.90
C CYS H 280 15.02 -87.61 -43.42
N ALA H 281 16.27 -87.82 -43.06
CA ALA H 281 16.68 -87.97 -41.68
C ALA H 281 17.55 -86.85 -41.19
N GLY H 282 17.33 -86.36 -39.98
CA GLY H 282 18.07 -85.19 -39.50
C GLY H 282 18.20 -84.91 -38.01
N LYS H 283 18.99 -83.93 -37.62
CA LYS H 283 19.08 -83.59 -36.25
C LYS H 283 18.87 -82.16 -36.05
N VAL H 284 18.17 -81.78 -35.02
CA VAL H 284 17.89 -80.41 -34.77
C VAL H 284 19.12 -79.68 -34.37
N THR H 285 19.43 -78.58 -35.02
CA THR H 285 20.55 -77.77 -34.64
C THR H 285 20.15 -76.44 -34.01
N ALA H 286 18.86 -76.09 -34.02
CA ALA H 286 18.44 -74.80 -33.49
C ALA H 286 16.96 -74.65 -33.27
N ILE H 287 16.59 -73.80 -32.34
CA ILE H 287 15.20 -73.51 -32.09
C ILE H 287 15.08 -72.00 -31.98
N HIS H 288 14.17 -71.36 -32.71
CA HIS H 288 13.96 -69.92 -32.64
C HIS H 288 12.52 -69.62 -32.32
N LEU H 289 12.25 -68.76 -31.35
CA LEU H 289 10.89 -68.50 -30.92
C LEU H 289 10.01 -67.91 -31.97
N TYR H 290 10.52 -66.99 -32.75
CA TYR H 290 9.70 -66.32 -33.72
C TYR H 290 9.75 -66.91 -35.12
N GLN H 291 10.52 -67.97 -35.33
CA GLN H 291 10.67 -68.51 -36.67
C GLN H 291 10.41 -70.01 -36.76
N GLY H 292 11.11 -70.82 -35.99
CA GLY H 292 10.84 -72.24 -36.02
C GLY H 292 12.04 -73.10 -35.77
N ALA H 293 11.90 -74.41 -35.89
CA ALA H 293 13.03 -75.31 -35.74
C ALA H 293 13.93 -75.39 -36.95
N PHE H 294 15.22 -75.66 -36.75
CA PHE H 294 16.13 -75.83 -37.88
C PHE H 294 16.76 -77.20 -37.82
N VAL H 295 16.76 -77.93 -38.93
CA VAL H 295 17.25 -79.30 -38.93
C VAL H 295 18.34 -79.53 -39.94
N ASP H 296 19.31 -80.38 -39.61
CA ASP H 296 20.39 -80.68 -40.53
C ASP H 296 20.11 -81.95 -41.30
N ILE H 297 20.13 -81.87 -42.63
CA ILE H 297 19.80 -83.01 -43.46
C ILE H 297 20.94 -83.51 -44.32
N GLY H 298 22.15 -83.09 -44.01
CA GLY H 298 23.31 -83.56 -44.74
C GLY H 298 23.69 -82.67 -45.89
N GLY H 299 23.27 -81.42 -45.85
CA GLY H 299 23.49 -80.55 -46.98
C GLY H 299 24.01 -79.20 -46.61
N VAL H 300 24.46 -78.44 -47.61
CA VAL H 300 24.99 -77.11 -47.36
C VAL H 300 23.99 -76.18 -46.71
N HIS H 301 22.71 -76.37 -47.00
CA HIS H 301 21.69 -75.55 -46.38
C HIS H 301 20.86 -76.35 -45.40
N ASP H 302 20.41 -75.73 -44.33
CA ASP H 302 19.57 -76.43 -43.36
C ASP H 302 18.10 -76.39 -43.73
N GLY H 303 17.25 -77.03 -42.94
CA GLY H 303 15.84 -77.10 -43.26
C GLY H 303 14.96 -76.49 -42.21
N TRP H 304 13.83 -75.93 -42.59
CA TRP H 304 13.01 -75.21 -41.65
C TRP H 304 11.66 -75.80 -41.46
N VAL H 305 11.26 -76.03 -40.23
CA VAL H 305 9.92 -76.49 -39.96
C VAL H 305 9.34 -75.30 -39.28
N PRO H 306 8.21 -74.80 -39.76
CA PRO H 306 7.71 -73.56 -39.18
C PRO H 306 6.84 -73.64 -37.95
N ILE H 307 7.32 -73.20 -36.79
CA ILE H 307 6.55 -73.18 -35.54
C ILE H 307 6.76 -71.79 -34.96
N LYS H 308 5.73 -71.15 -34.45
CA LYS H 308 5.90 -69.77 -34.01
C LYS H 308 5.23 -69.29 -32.73
N ARG H 309 5.92 -68.49 -31.93
CA ARG H 309 5.32 -67.85 -30.74
C ARG H 309 4.70 -68.65 -29.61
N ASN H 310 3.44 -68.39 -29.31
CA ASN H 310 2.77 -69.01 -28.17
C ASN H 310 2.78 -70.50 -28.21
N ASP H 311 2.80 -71.09 -29.39
CA ASP H 311 2.76 -72.52 -29.54
C ASP H 311 3.92 -73.22 -28.89
N TRP H 312 5.06 -72.54 -28.83
CA TRP H 312 6.26 -73.15 -28.30
C TRP H 312 6.14 -73.44 -26.84
N TYR H 313 5.11 -72.93 -26.19
CA TYR H 313 5.01 -73.11 -24.76
C TYR H 313 4.89 -74.57 -24.47
N TRP H 314 4.09 -75.27 -25.24
CA TRP H 314 3.93 -76.69 -25.07
C TRP H 314 4.88 -77.50 -25.90
N ILE H 315 5.21 -77.02 -27.08
CA ILE H 315 6.06 -77.77 -27.99
C ILE H 315 7.46 -77.98 -27.46
N ARG H 316 7.92 -77.10 -26.60
CA ARG H 316 9.29 -77.19 -26.12
C ARG H 316 9.53 -78.50 -25.42
N HIS H 317 8.54 -78.99 -24.69
CA HIS H 317 8.68 -80.24 -23.99
C HIS H 317 8.89 -81.41 -24.94
N HIS H 318 8.52 -81.26 -26.21
CA HIS H 318 8.69 -82.31 -27.21
C HIS H 318 9.74 -82.11 -28.32
N ILE H 319 10.17 -80.90 -28.63
CA ILE H 319 11.25 -80.70 -29.61
C ILE H 319 12.43 -80.05 -28.94
N LYS H 320 13.59 -80.66 -29.01
CA LYS H 320 14.72 -80.18 -28.29
C LYS H 320 15.94 -80.31 -29.16
N VAL H 321 16.97 -79.52 -28.91
CA VAL H 321 18.15 -79.53 -29.70
C VAL H 321 18.88 -80.83 -29.52
N GLY H 322 19.45 -81.37 -30.59
CA GLY H 322 20.11 -82.65 -30.55
C GLY H 322 19.27 -83.90 -30.74
N MET H 323 18.00 -83.76 -30.99
CA MET H 323 17.13 -84.87 -31.17
C MET H 323 17.26 -85.36 -32.56
N HIS H 324 17.01 -86.63 -32.77
CA HIS H 324 17.05 -87.19 -34.10
C HIS H 324 15.66 -87.32 -34.60
N VAL H 325 15.37 -86.71 -35.72
CA VAL H 325 14.05 -86.65 -36.22
C VAL H 325 13.93 -87.08 -37.67
N ILE H 326 12.71 -87.41 -38.11
CA ILE H 326 12.49 -87.76 -39.50
C ILE H 326 11.60 -86.70 -40.11
N VAL H 327 11.97 -86.15 -41.27
CA VAL H 327 11.23 -85.04 -41.86
C VAL H 327 10.91 -85.17 -43.35
N GLU H 328 9.92 -84.43 -43.83
CA GLU H 328 9.53 -84.50 -45.23
C GLU H 328 9.50 -83.15 -45.92
N ILE H 329 10.10 -83.04 -47.10
CA ILE H 329 10.18 -81.78 -47.78
C ILE H 329 8.91 -81.38 -48.47
N LEU H 330 8.47 -80.17 -48.26
CA LEU H 330 7.27 -79.67 -48.85
C LEU H 330 7.55 -78.51 -49.76
N ALA H 331 8.78 -78.00 -49.84
CA ALA H 331 9.14 -76.97 -50.82
C ALA H 331 10.57 -76.77 -51.04
N LYS H 332 10.97 -76.40 -52.24
CA LYS H 332 12.34 -76.05 -52.46
C LYS H 332 12.28 -74.75 -53.13
N ARG H 333 13.05 -73.79 -52.69
CA ARG H 333 13.00 -72.47 -53.22
C ARG H 333 14.40 -71.89 -53.39
N ASP H 334 14.54 -70.79 -54.12
CA ASP H 334 15.82 -70.14 -54.37
C ASP H 334 16.50 -69.52 -53.18
N PRO H 335 17.80 -69.68 -53.08
CA PRO H 335 18.48 -69.02 -51.99
C PRO H 335 18.47 -67.53 -51.96
N TYR H 336 18.65 -66.84 -53.06
CA TYR H 336 18.72 -65.40 -53.04
C TYR H 336 17.45 -64.67 -52.58
N ARG H 337 16.29 -65.04 -53.02
CA ARG H 337 15.08 -64.37 -52.60
C ARG H 337 14.48 -64.91 -51.36
N PHE H 338 14.64 -66.17 -51.09
CA PHE H 338 13.97 -66.74 -49.96
C PHE H 338 14.90 -67.08 -48.83
N ARG H 339 14.58 -66.61 -47.64
CA ARG H 339 15.48 -66.80 -46.51
C ARG H 339 15.76 -68.24 -46.16
N PHE H 340 14.72 -68.99 -45.88
CA PHE H 340 14.89 -70.38 -45.55
C PHE H 340 14.56 -71.17 -46.78
N PRO H 341 15.57 -71.72 -47.46
CA PRO H 341 15.35 -72.41 -48.73
C PRO H 341 14.50 -73.68 -48.76
N ILE H 342 14.66 -74.59 -47.81
CA ILE H 342 13.93 -75.86 -47.85
C ILE H 342 12.95 -75.94 -46.70
N GLU H 343 11.66 -76.10 -46.98
CA GLU H 343 10.66 -76.18 -45.93
C GLU H 343 10.31 -77.61 -45.69
N MET H 344 9.99 -77.98 -44.47
CA MET H 344 9.75 -79.36 -44.15
C MET H 344 8.70 -79.53 -43.07
N ARG H 345 8.23 -80.76 -42.84
CA ARG H 345 7.31 -81.00 -41.74
C ARG H 345 7.81 -82.18 -40.94
N PHE H 346 7.58 -82.16 -39.64
CA PHE H 346 8.03 -83.26 -38.80
C PHE H 346 7.17 -84.46 -39.04
N ILE H 347 7.79 -85.60 -39.25
CA ILE H 347 7.07 -86.82 -39.50
C ILE H 347 7.13 -87.65 -38.24
N ASP H 348 8.33 -87.89 -37.73
CA ASP H 348 8.46 -88.75 -36.57
C ASP H 348 7.80 -88.28 -35.32
N PRO H 349 8.06 -87.04 -34.89
CA PRO H 349 7.29 -86.70 -33.71
C PRO H 349 6.16 -85.93 -34.25
N ASN H 350 4.92 -86.38 -34.09
CA ASN H 350 3.82 -85.70 -34.73
C ASN H 350 3.35 -84.71 -33.77
N ILE H 351 3.46 -83.45 -34.13
CA ILE H 351 3.14 -82.42 -33.23
C ILE H 351 2.02 -81.60 -33.76
N ASP H 352 1.26 -82.14 -34.68
CA ASP H 352 0.25 -81.37 -35.34
C ASP H 352 -0.90 -80.86 -34.54
N HIS H 353 -1.17 -81.49 -33.44
CA HIS H 353 -2.21 -80.99 -32.60
C HIS H 353 -1.86 -79.66 -32.09
N LEU H 354 -0.60 -79.44 -31.84
CA LEU H 354 -0.15 -78.22 -31.23
C LEU H 354 0.12 -76.98 -32.10
N ILE H 355 0.23 -77.11 -33.42
CA ILE H 355 0.57 -75.96 -34.24
C ILE H 355 -0.66 -75.21 -34.68
N PHE H 356 -1.03 -74.17 -33.95
CA PHE H 356 -2.18 -73.36 -34.34
C PHE H 356 -1.87 -72.08 -35.12
N ASN H 357 -0.67 -71.53 -35.00
CA ASN H 357 -0.36 -70.26 -35.66
C ASN H 357 0.52 -70.52 -36.86
N ARG H 358 0.18 -69.97 -38.02
CA ARG H 358 0.95 -70.33 -39.21
C ARG H 358 1.39 -69.17 -40.06
N PHE H 359 2.34 -69.43 -40.96
CA PHE H 359 2.87 -68.38 -41.81
C PHE H 359 2.06 -68.38 -43.07
N ASP H 360 1.60 -67.21 -43.47
CA ASP H 360 0.85 -67.10 -44.71
C ASP H 360 1.73 -67.19 -45.94
N PHE H 361 2.74 -66.35 -46.03
CA PHE H 361 3.62 -66.35 -47.16
C PHE H 361 4.98 -66.52 -46.57
N ALA H 362 5.90 -67.18 -47.27
CA ALA H 362 7.24 -67.44 -46.76
C ALA H 362 8.13 -66.22 -46.69
N PRO H 363 9.04 -66.15 -45.72
CA PRO H 363 9.90 -65.00 -45.57
C PRO H 363 10.90 -64.76 -46.70
N ILE H 364 11.10 -63.50 -47.11
CA ILE H 364 12.01 -63.17 -48.22
C ILE H 364 13.05 -62.14 -47.83
N PHE H 365 14.05 -61.89 -48.68
CA PHE H 365 15.05 -60.89 -48.41
C PHE H 365 14.79 -59.70 -49.28
N HIS H 366 14.64 -58.52 -48.74
CA HIS H 366 14.44 -57.33 -49.51
C HIS H 366 15.83 -56.84 -49.69
N ARG H 367 16.47 -57.19 -50.80
CA ARG H 367 17.88 -56.90 -50.99
C ARG H 367 18.18 -55.55 -51.44
N ASP H 368 19.46 -55.20 -51.45
CA ASP H 368 19.85 -53.85 -51.78
C ASP H 368 19.49 -53.37 -53.15
N GLU H 369 19.67 -54.22 -54.15
CA GLU H 369 19.39 -53.87 -55.53
C GLU H 369 17.98 -53.55 -56.00
N ASP H 370 16.97 -54.27 -55.55
CA ASP H 370 15.65 -54.07 -56.10
C ASP H 370 15.05 -52.73 -55.91
N THR H 371 14.49 -52.17 -56.97
CA THR H 371 13.88 -50.86 -56.91
C THR H 371 12.40 -50.94 -57.21
N ASN H 372 12.01 -51.93 -58.00
CA ASN H 372 10.62 -52.02 -58.37
C ASN H 372 9.91 -52.98 -57.47
N LEU H 373 8.93 -52.48 -56.74
CA LEU H 373 8.15 -53.33 -55.87
C LEU H 373 7.39 -54.32 -56.71
N ASP H 374 6.90 -53.89 -57.85
CA ASP H 374 6.11 -54.76 -58.71
C ASP H 374 6.91 -55.95 -59.23
N GLU H 375 8.16 -55.73 -59.58
CA GLU H 375 8.99 -56.82 -60.02
C GLU H 375 9.15 -57.81 -58.88
N LEU H 376 9.34 -57.29 -57.68
CA LEU H 376 9.53 -58.14 -56.53
C LEU H 376 8.32 -59.01 -56.26
N ARG H 377 7.13 -58.46 -56.41
CA ARG H 377 5.94 -59.21 -56.06
C ARG H 377 5.89 -60.45 -56.90
N ARG H 378 6.24 -60.32 -58.16
CA ARG H 378 6.21 -61.46 -59.06
C ARG H 378 7.17 -62.59 -58.70
N ASP H 379 8.40 -62.27 -58.31
CA ASP H 379 9.38 -63.31 -58.02
C ASP H 379 8.96 -64.09 -56.79
N CYS H 380 8.51 -63.40 -55.76
CA CYS H 380 8.03 -64.01 -54.56
C CYS H 380 6.76 -64.78 -54.57
N GLY H 381 5.74 -64.31 -55.26
CA GLY H 381 4.46 -64.97 -55.18
C GLY H 381 3.40 -64.23 -54.44
N ARG H 382 3.62 -62.97 -54.24
CA ARG H 382 2.74 -62.25 -53.41
C ARG H 382 1.75 -61.48 -54.18
N GLN H 383 0.67 -61.08 -53.55
CA GLN H 383 -0.39 -60.40 -54.22
C GLN H 383 -0.02 -59.05 -54.61
N PRO H 384 -0.76 -58.50 -55.54
CA PRO H 384 -0.45 -57.20 -56.07
C PRO H 384 -0.61 -56.05 -55.12
N LEU H 385 0.20 -55.01 -55.28
CA LEU H 385 0.12 -53.88 -54.42
C LEU H 385 -1.17 -53.21 -54.65
N PRO H 386 -1.85 -52.75 -53.59
CA PRO H 386 -3.17 -52.23 -53.86
C PRO H 386 -3.24 -50.81 -54.33
N ARG H 387 -4.29 -50.47 -55.08
CA ARG H 387 -4.51 -49.12 -55.58
C ARG H 387 -5.96 -48.86 -55.31
N LYS H 388 -6.35 -47.61 -55.15
CA LYS H 388 -7.73 -47.27 -54.90
C LYS H 388 -8.62 -47.62 -56.06
N ASP H 389 -9.81 -48.13 -55.78
CA ASP H 389 -10.70 -48.57 -56.84
C ASP H 389 -11.21 -47.41 -57.64
N PRO H 390 -11.36 -47.62 -58.94
CA PRO H 390 -11.81 -46.51 -59.79
C PRO H 390 -13.27 -46.66 -60.04
N GLY H 391 -13.99 -45.56 -59.90
CA GLY H 391 -15.42 -45.62 -60.08
C GLY H 391 -15.90 -46.02 -61.45
N VAL H 392 -15.24 -45.57 -62.49
CA VAL H 392 -15.70 -45.83 -63.83
C VAL H 392 -15.59 -47.26 -64.32
N LYS H 393 -16.51 -47.66 -65.20
CA LYS H 393 -16.42 -48.98 -65.81
C LYS H 393 -15.94 -48.64 -67.17
N VAL H 394 -14.94 -49.34 -67.64
CA VAL H 394 -14.34 -49.00 -68.91
C VAL H 394 -15.02 -49.79 -69.97
N GLU H 395 -16.09 -50.45 -69.60
CA GLU H 395 -16.84 -51.15 -70.59
C GLU H 395 -17.29 -50.07 -71.53
N GLU H 396 -17.72 -48.94 -70.98
CA GLU H 396 -18.07 -47.84 -71.83
C GLU H 396 -17.22 -46.66 -71.48
N GLU H 397 -16.41 -46.19 -72.42
CA GLU H 397 -15.60 -45.02 -72.20
C GLU H 397 -15.20 -44.45 -73.55
N PRO H 398 -14.83 -43.15 -73.63
CA PRO H 398 -14.55 -42.66 -74.98
C PRO H 398 -13.32 -43.27 -75.63
N LEU H 399 -13.36 -43.40 -76.95
CA LEU H 399 -12.22 -43.94 -77.68
C LEU H 399 -11.12 -42.92 -77.74
N LEU H 400 -9.89 -43.39 -77.91
CA LEU H 400 -8.76 -42.48 -77.96
C LEU H 400 -8.34 -42.32 -79.40
N SER H 401 -8.33 -41.09 -79.89
CA SER H 401 -7.99 -40.86 -81.29
C SER H 401 -6.96 -39.76 -81.42
N ASN H 402 -5.74 -40.02 -80.97
CA ASN H 402 -4.68 -39.04 -81.06
C ASN H 402 -3.42 -39.83 -81.33
N HIS H 403 -2.39 -39.18 -81.86
CA HIS H 403 -1.21 -39.95 -82.20
C HIS H 403 0.11 -39.42 -81.61
N PRO H 404 0.94 -40.29 -80.98
CA PRO H 404 2.23 -39.81 -80.51
C PRO H 404 3.16 -39.18 -81.54
N TYR H 405 3.29 -39.76 -82.72
CA TYR H 405 4.24 -39.24 -83.70
C TYR H 405 3.75 -37.90 -84.21
N VAL H 406 2.50 -37.59 -83.95
CA VAL H 406 1.94 -36.35 -84.44
C VAL H 406 2.69 -35.21 -83.89
N ASP H 407 3.16 -35.33 -82.68
CA ASP H 407 3.81 -34.21 -82.07
C ASP H 407 4.99 -33.81 -82.88
N LYS H 408 5.77 -34.78 -83.31
CA LYS H 408 6.94 -34.47 -84.04
C LYS H 408 6.50 -33.80 -85.30
N LEU H 409 5.45 -34.30 -85.96
CA LEU H 409 5.05 -33.74 -87.25
C LEU H 409 4.56 -32.31 -87.23
N TRP H 410 3.69 -31.96 -86.30
CA TRP H 410 3.17 -30.63 -86.28
C TRP H 410 4.35 -29.77 -86.01
N GLN H 411 5.22 -30.23 -85.15
CA GLN H 411 6.43 -29.51 -84.95
C GLN H 411 7.24 -29.53 -86.23
N ILE H 412 7.37 -30.67 -86.91
CA ILE H 412 8.09 -30.65 -88.19
C ILE H 412 7.50 -29.95 -89.44
N HIS H 413 6.19 -30.07 -89.71
CA HIS H 413 5.66 -29.47 -90.93
C HIS H 413 5.82 -27.98 -90.84
N ASN H 414 5.53 -27.42 -89.69
CA ASN H 414 5.77 -26.02 -89.50
C ASN H 414 7.24 -25.76 -89.60
N ALA H 415 8.07 -26.59 -89.00
CA ALA H 415 9.52 -26.30 -88.98
C ALA H 415 10.08 -26.23 -90.37
N GLU H 416 9.71 -27.20 -91.21
CA GLU H 416 10.21 -27.20 -92.56
C GLU H 416 9.72 -25.97 -93.26
N GLN H 417 8.45 -25.65 -93.09
CA GLN H 417 7.89 -24.48 -93.75
C GLN H 417 8.55 -23.21 -93.28
N MET H 418 8.81 -23.09 -91.99
CA MET H 418 9.36 -21.84 -91.46
C MET H 418 10.72 -21.55 -92.05
N ILE H 419 11.59 -22.55 -92.13
CA ILE H 419 12.88 -22.35 -92.78
C ILE H 419 12.72 -22.05 -94.27
N LEU H 420 11.84 -22.79 -94.92
CA LEU H 420 11.60 -22.57 -96.35
C LEU H 420 11.03 -21.18 -96.57
N ASP H 421 10.10 -20.77 -95.72
CA ASP H 421 9.48 -19.46 -95.87
C ASP H 421 10.50 -18.36 -95.73
N ASP H 422 11.46 -18.53 -94.83
CA ASP H 422 12.44 -17.47 -94.64
C ASP H 422 13.17 -17.25 -95.95
N MET H 423 13.61 -18.34 -96.58
CA MET H 423 14.25 -18.21 -97.87
C MET H 423 13.27 -17.70 -98.92
N GLU H 424 12.06 -18.22 -98.92
CA GLU H 424 11.07 -17.84 -99.92
C GLU H 424 10.66 -16.38 -99.82
N ALA H 425 10.47 -15.88 -98.61
CA ALA H 425 10.00 -14.52 -98.44
C ALA H 425 11.08 -13.53 -98.79
N ASN H 426 12.34 -13.87 -98.55
CA ASN H 426 13.38 -12.89 -98.78
C ASN H 426 14.31 -13.27 -99.91
N PRO H 427 14.47 -12.36 -100.88
CA PRO H 427 15.37 -12.63 -102.01
C PRO H 427 16.81 -12.80 -101.54
N VAL H 428 17.26 -11.99 -100.59
CA VAL H 428 18.61 -12.12 -100.05
C VAL H 428 18.75 -13.47 -99.37
N LYS H 429 17.73 -13.87 -98.64
CA LYS H 429 17.76 -15.18 -98.01
C LYS H 429 17.78 -16.27 -99.08
N TYR H 430 16.99 -16.09 -100.13
CA TYR H 430 16.94 -17.08 -101.21
C TYR H 430 18.29 -17.21 -101.90
N LYS H 431 18.96 -16.09 -102.11
CA LYS H 431 20.27 -16.12 -102.75
C LYS H 431 21.27 -16.82 -101.86
N GLY H 432 22.11 -17.64 -102.46
CA GLY H 432 23.13 -18.35 -101.69
C GLY H 432 22.56 -19.49 -100.86
N LYS H 433 21.32 -19.88 -101.15
CA LYS H 433 20.68 -20.95 -100.38
C LYS H 433 20.31 -22.14 -101.28
N ASN H 434 20.65 -23.34 -100.82
CA ASN H 434 20.31 -24.54 -101.58
C ASN H 434 19.20 -25.29 -100.88
N LEU H 435 18.13 -25.60 -101.61
CA LEU H 435 16.99 -26.29 -101.00
C LEU H 435 17.38 -27.68 -100.49
N THR H 436 18.18 -28.41 -101.27
CA THR H 436 18.54 -29.76 -100.88
C THR H 436 19.35 -29.82 -99.60
N GLU H 437 20.32 -28.92 -99.46
CA GLU H 437 21.16 -28.93 -98.27
C GLU H 437 21.26 -27.59 -97.58
N LEU H 438 20.94 -27.55 -96.29
CA LEU H 438 21.07 -26.31 -95.53
C LEU H 438 21.43 -26.65 -94.09
N THR H 439 22.11 -25.75 -93.40
CA THR H 439 22.42 -25.99 -91.99
C THR H 439 21.85 -24.87 -91.12
N ASP H 440 21.03 -25.22 -90.12
CA ASP H 440 20.51 -24.21 -89.22
C ASP H 440 21.66 -23.61 -88.43
N ASP H 441 22.57 -24.47 -87.95
CA ASP H 441 23.75 -24.00 -87.25
C ASP H 441 24.82 -25.07 -87.38
N GLU H 442 26.09 -24.67 -87.35
CA GLU H 442 27.18 -25.63 -87.42
C GLU H 442 27.24 -26.58 -86.23
N ASP H 443 27.05 -26.05 -85.03
CA ASP H 443 27.18 -26.87 -83.81
C ASP H 443 25.89 -27.16 -83.05
N PHE H 444 24.73 -26.90 -83.64
CA PHE H 444 23.48 -27.06 -82.89
C PHE H 444 23.21 -28.49 -82.44
N ASP H 445 22.74 -28.64 -81.20
CA ASP H 445 22.36 -29.97 -80.72
C ASP H 445 20.93 -29.86 -80.22
N GLU H 446 20.06 -30.76 -80.64
CA GLU H 446 18.67 -30.75 -80.20
C GLU H 446 18.58 -30.97 -78.69
N GLU H 447 19.38 -31.90 -78.19
CA GLU H 447 19.37 -32.19 -76.76
C GLU H 447 19.81 -30.96 -75.98
N ASN H 448 20.84 -30.26 -76.48
CA ASN H 448 21.32 -29.05 -75.81
C ASN H 448 20.28 -27.95 -75.82
N ARG H 449 19.55 -27.83 -76.93
CA ARG H 449 18.56 -26.76 -77.06
C ARG H 449 17.44 -26.84 -76.05
N ILE H 450 17.01 -28.03 -75.67
CA ILE H 450 15.86 -28.11 -74.78
C ILE H 450 16.15 -27.25 -73.57
N GLU H 451 15.24 -26.34 -73.24
CA GLU H 451 15.46 -25.41 -72.13
C GLU H 451 14.16 -24.77 -71.68
N TYR H 452 14.19 -24.03 -70.57
CA TYR H 452 13.00 -23.30 -70.13
C TYR H 452 13.43 -21.90 -69.67
N SER H 453 12.98 -20.85 -70.35
CA SER H 453 13.44 -19.49 -70.01
C SER H 453 12.35 -18.47 -69.66
N LYS H 454 12.45 -17.87 -68.49
CA LYS H 454 11.43 -16.91 -68.05
C LYS H 454 11.80 -15.46 -68.27
N ALA H 455 12.93 -15.21 -68.93
CA ALA H 455 13.42 -13.84 -69.08
C ALA H 455 12.49 -12.88 -69.81
N TYR H 456 11.86 -13.34 -70.89
CA TYR H 456 11.03 -12.42 -71.67
C TYR H 456 9.85 -11.94 -70.84
N TYR H 457 9.64 -10.63 -70.82
CA TYR H 457 8.52 -10.07 -70.08
C TYR H 457 7.60 -9.28 -70.98
N LYS H 458 7.67 -9.53 -72.28
CA LYS H 458 6.90 -8.69 -73.21
C LYS H 458 5.42 -8.76 -72.94
N LYS H 459 4.88 -9.94 -72.73
CA LYS H 459 3.50 -10.01 -72.33
C LYS H 459 3.54 -10.31 -70.84
N ALA H 460 4.34 -11.30 -70.44
CA ALA H 460 4.49 -11.66 -69.03
C ALA H 460 5.79 -12.44 -68.87
N LEU H 461 6.30 -12.56 -67.64
CA LEU H 461 7.51 -13.34 -67.42
C LEU H 461 7.17 -14.78 -67.11
N LEU H 462 7.51 -15.70 -68.01
CA LEU H 462 7.17 -17.10 -67.83
C LEU H 462 8.09 -17.95 -68.65
N PRO H 463 8.08 -19.26 -68.40
CA PRO H 463 9.04 -20.11 -69.10
C PRO H 463 8.87 -20.13 -70.58
N LYS H 464 9.99 -20.20 -71.30
CA LYS H 464 9.97 -20.22 -72.76
C LYS H 464 10.84 -21.37 -73.25
N MET H 465 10.22 -22.46 -73.67
CA MET H 465 10.97 -23.63 -74.13
C MET H 465 11.64 -23.42 -75.48
N ILE H 466 12.76 -24.07 -75.71
CA ILE H 466 13.43 -23.99 -77.00
C ILE H 466 13.57 -25.38 -77.57
N THR H 467 13.12 -25.58 -78.80
CA THR H 467 13.24 -26.89 -79.43
C THR H 467 14.07 -26.79 -80.70
N LYS H 468 15.10 -27.61 -80.84
CA LYS H 468 15.96 -27.50 -82.00
C LYS H 468 15.54 -28.47 -83.09
N VAL H 469 15.32 -27.96 -84.29
CA VAL H 469 14.98 -28.85 -85.37
C VAL H 469 16.25 -29.10 -86.14
N SER H 470 16.66 -30.36 -86.21
CA SER H 470 17.87 -30.71 -86.93
C SER H 470 17.66 -30.32 -88.38
N VAL H 471 18.60 -29.57 -88.92
CA VAL H 471 18.48 -29.14 -90.30
C VAL H 471 18.41 -30.37 -91.17
N LYS H 472 19.17 -31.39 -90.81
CA LYS H 472 19.21 -32.60 -91.60
C LYS H 472 17.83 -33.21 -91.62
N GLU H 473 17.15 -33.15 -90.49
CA GLU H 473 15.83 -33.73 -90.41
C GLU H 473 14.84 -33.05 -91.34
N LEU H 474 14.91 -31.73 -91.46
CA LEU H 474 13.91 -31.04 -92.27
C LEU H 474 13.98 -31.40 -93.74
N ASP H 475 12.82 -31.65 -94.34
CA ASP H 475 12.76 -31.96 -95.76
C ASP H 475 12.60 -30.65 -96.51
N LEU H 476 13.64 -29.83 -96.53
CA LEU H 476 13.54 -28.52 -97.16
C LEU H 476 13.28 -28.50 -98.67
N GLU H 477 13.96 -29.35 -99.42
CA GLU H 477 13.81 -29.33 -100.87
C GLU H 477 12.40 -29.66 -101.30
N ALA H 478 11.80 -30.64 -100.64
CA ALA H 478 10.44 -31.02 -100.96
C ALA H 478 9.51 -29.87 -100.66
N ALA H 479 9.74 -29.20 -99.53
CA ALA H 479 8.91 -28.06 -99.16
C ALA H 479 9.03 -26.92 -100.15
N PHE H 480 10.24 -26.66 -100.62
CA PHE H 480 10.45 -25.56 -101.56
C PHE H 480 9.70 -25.84 -102.84
N ALA H 481 9.76 -27.08 -103.29
CA ALA H 481 9.06 -27.45 -104.51
C ALA H 481 7.56 -27.25 -104.33
N GLU H 482 7.05 -27.67 -103.17
CA GLU H 482 5.63 -27.53 -102.90
C GLU H 482 5.27 -26.07 -102.84
N ARG H 483 6.13 -25.26 -102.24
CA ARG H 483 5.82 -23.85 -102.06
C ARG H 483 5.63 -23.16 -103.39
N GLN H 484 6.46 -23.51 -104.36
CA GLN H 484 6.35 -22.88 -105.67
C GLN H 484 4.96 -23.03 -106.25
N HIS H 485 4.45 -24.25 -106.25
CA HIS H 485 3.13 -24.51 -106.79
C HIS H 485 2.17 -23.70 -105.99
N HIS H 486 2.37 -23.67 -104.67
CA HIS H 486 1.51 -22.87 -103.82
C HIS H 486 1.59 -21.37 -104.09
N ASN H 487 2.79 -20.82 -104.29
CA ASN H 487 2.90 -19.40 -104.62
C ASN H 487 2.33 -19.08 -105.98
N LYS H 488 2.46 -19.98 -106.94
CA LYS H 488 1.84 -19.78 -108.24
C LYS H 488 0.33 -19.74 -108.07
N LEU H 489 -0.18 -20.61 -107.22
CA LEU H 489 -1.60 -20.58 -106.95
C LEU H 489 -1.92 -19.24 -106.31
N ARG H 490 -1.04 -18.79 -105.43
CA ARG H 490 -1.25 -17.52 -104.78
C ARG H 490 -1.24 -16.41 -105.81
N MET H 491 -0.33 -16.49 -106.78
CA MET H 491 -0.24 -15.46 -107.81
C MET H 491 -1.50 -15.39 -108.66
N GLU H 492 -2.07 -16.53 -109.02
CA GLU H 492 -3.33 -16.55 -109.78
C GLU H 492 -4.42 -15.95 -108.90
N ALA H 493 -4.40 -16.25 -107.61
CA ALA H 493 -5.35 -15.67 -106.68
C ALA H 493 -5.17 -14.17 -106.62
N GLN H 494 -3.92 -13.70 -106.68
CA GLN H 494 -3.67 -12.27 -106.69
C GLN H 494 -4.27 -11.66 -107.94
N GLU H 495 -4.16 -12.36 -109.07
CA GLU H 495 -4.78 -11.89 -110.31
C GLU H 495 -6.29 -11.87 -110.09
N ARG H 496 -6.81 -12.88 -109.41
CA ARG H 496 -8.23 -12.90 -109.08
C ARG H 496 -8.56 -11.72 -108.19
N GLY H 497 -7.65 -11.35 -107.30
CA GLY H 497 -7.90 -10.26 -106.38
C GLY H 497 -8.51 -10.77 -105.10
N GLU H 498 -8.61 -12.09 -104.98
CA GLU H 498 -9.16 -12.70 -103.78
C GLU H 498 -8.02 -13.34 -103.04
N VAL H 499 -7.93 -13.13 -101.73
CA VAL H 499 -6.80 -13.64 -100.98
C VAL H 499 -6.75 -15.16 -101.08
N TYR H 500 -5.56 -15.70 -101.33
CA TYR H 500 -5.42 -17.14 -101.49
C TYR H 500 -5.59 -17.86 -100.18
N LYS H 501 -6.41 -18.89 -100.16
CA LYS H 501 -6.57 -19.69 -98.95
C LYS H 501 -6.33 -21.13 -99.32
N ILE H 502 -5.48 -21.82 -98.57
CA ILE H 502 -5.26 -23.23 -98.84
C ILE H 502 -5.81 -24.07 -97.69
N PRO H 503 -6.78 -24.94 -97.98
CA PRO H 503 -7.39 -25.77 -96.94
C PRO H 503 -6.43 -26.77 -96.30
N LYS H 504 -5.62 -27.45 -97.10
CA LYS H 504 -4.77 -28.50 -96.56
C LYS H 504 -3.44 -28.60 -97.28
N LEU H 505 -2.43 -29.14 -96.62
CA LEU H 505 -1.12 -29.36 -97.26
C LEU H 505 -0.89 -30.83 -97.07
N ARG H 506 0.01 -31.42 -97.83
CA ARG H 506 0.20 -32.86 -97.76
C ARG H 506 0.60 -33.19 -96.35
N ARG H 507 1.40 -32.32 -95.76
CA ARG H 507 1.82 -32.54 -94.41
C ARG H 507 0.61 -32.57 -93.53
N ASN H 508 -0.34 -31.69 -93.77
CA ASN H 508 -1.57 -31.76 -92.99
C ASN H 508 -2.33 -33.04 -93.24
N ILE H 509 -2.34 -33.50 -94.47
CA ILE H 509 -3.00 -34.75 -94.76
C ILE H 509 -2.33 -35.90 -94.03
N GLU H 510 -1.00 -35.89 -93.96
CA GLU H 510 -0.26 -36.97 -93.30
C GLU H 510 -0.67 -37.03 -91.86
N MET H 511 -0.95 -35.89 -91.28
CA MET H 511 -1.26 -35.88 -89.89
C MET H 511 -2.45 -36.74 -89.70
N ASP H 512 -3.44 -36.59 -90.54
CA ASP H 512 -4.59 -37.48 -90.45
C ASP H 512 -4.23 -38.93 -90.75
N GLU H 513 -3.33 -39.15 -91.69
CA GLU H 513 -2.93 -40.51 -92.02
C GLU H 513 -2.22 -41.29 -90.90
N TYR H 514 -1.25 -40.65 -90.24
CA TYR H 514 -0.59 -41.31 -89.12
C TYR H 514 -1.64 -41.48 -88.08
N ASP H 515 -2.47 -40.46 -87.94
CA ASP H 515 -3.51 -40.53 -86.95
C ASP H 515 -4.47 -41.63 -87.23
N PHE H 516 -4.71 -41.90 -88.49
CA PHE H 516 -5.74 -42.84 -88.79
C PHE H 516 -5.54 -44.20 -88.21
N ILE H 517 -4.31 -44.67 -88.17
CA ILE H 517 -4.13 -46.03 -87.72
C ILE H 517 -4.66 -46.20 -86.32
N HIS H 518 -4.51 -45.18 -85.49
CA HIS H 518 -4.94 -45.24 -84.12
C HIS H 518 -6.41 -45.47 -83.98
N TRP H 519 -7.25 -44.92 -84.85
CA TRP H 519 -8.67 -45.14 -84.62
C TRP H 519 -8.94 -46.61 -84.69
N ARG H 520 -8.30 -47.26 -85.64
CA ARG H 520 -8.45 -48.69 -85.78
C ARG H 520 -7.94 -49.43 -84.53
N ARG H 521 -6.86 -48.94 -83.92
CA ARG H 521 -6.34 -49.61 -82.77
C ARG H 521 -7.35 -49.65 -81.68
N SER H 522 -7.99 -48.53 -81.41
CA SER H 522 -8.92 -48.53 -80.31
C SER H 522 -9.99 -49.45 -80.65
N LEU H 523 -10.42 -49.41 -81.88
CA LEU H 523 -11.55 -50.18 -82.26
C LEU H 523 -11.28 -51.62 -82.14
N GLU H 524 -10.11 -52.02 -82.57
CA GLU H 524 -9.88 -53.44 -82.57
C GLU H 524 -9.97 -53.91 -81.14
N GLU H 525 -9.31 -53.18 -80.26
CA GLU H 525 -9.32 -53.57 -78.89
C GLU H 525 -10.64 -53.54 -78.26
N ARG H 526 -11.40 -52.49 -78.48
CA ARG H 526 -12.63 -52.37 -77.76
C ARG H 526 -13.55 -53.47 -78.14
N GLU H 527 -13.51 -53.84 -79.39
CA GLU H 527 -14.39 -54.85 -79.85
C GLU H 527 -14.04 -56.13 -79.17
N ALA H 528 -12.76 -56.39 -79.05
CA ALA H 528 -12.32 -57.60 -78.43
C ALA H 528 -12.70 -57.57 -77.01
N MET H 529 -12.61 -56.42 -76.40
CA MET H 529 -12.86 -56.34 -75.03
C MET H 529 -14.25 -56.78 -74.84
N LEU H 530 -15.12 -56.36 -75.73
CA LEU H 530 -16.52 -56.66 -75.54
C LEU H 530 -16.70 -58.11 -75.60
N ARG H 531 -15.97 -58.71 -76.49
CA ARG H 531 -16.06 -60.12 -76.62
C ARG H 531 -15.58 -60.82 -75.34
N ASP H 532 -14.50 -60.36 -74.73
CA ASP H 532 -14.00 -60.90 -73.47
C ASP H 532 -14.91 -60.72 -72.33
N ILE H 533 -15.57 -59.59 -72.23
CA ILE H 533 -16.35 -59.31 -71.06
C ILE H 533 -17.30 -60.38 -70.99
N SER H 534 -17.91 -60.68 -72.13
CA SER H 534 -18.96 -61.67 -72.14
C SER H 534 -18.41 -63.05 -71.93
N CYS H 535 -17.27 -63.33 -72.54
CA CYS H 535 -16.69 -64.65 -72.42
C CYS H 535 -16.39 -64.92 -70.97
N ARG H 536 -15.82 -63.94 -70.29
CA ARG H 536 -15.46 -64.12 -68.91
C ARG H 536 -16.68 -64.19 -68.05
N ARG H 537 -17.66 -63.33 -68.31
CA ARG H 537 -18.83 -63.30 -67.49
C ARG H 537 -19.60 -64.58 -67.44
N ALA H 538 -19.43 -65.41 -68.45
CA ALA H 538 -20.15 -66.68 -68.51
C ALA H 538 -19.27 -67.82 -68.07
N LEU H 539 -17.97 -67.61 -68.15
CA LEU H 539 -17.03 -68.65 -67.77
C LEU H 539 -16.65 -68.58 -66.30
N GLY H 540 -17.22 -67.63 -65.56
CA GLY H 540 -16.95 -67.53 -64.14
C GLY H 540 -15.49 -67.23 -63.88
N LEU H 541 -14.95 -66.22 -64.56
CA LEU H 541 -13.57 -65.87 -64.40
C LEU H 541 -13.42 -64.45 -63.93
N PRO H 542 -12.21 -64.04 -63.54
CA PRO H 542 -12.04 -62.72 -62.95
C PRO H 542 -12.01 -61.52 -63.84
N LEU H 543 -12.86 -60.56 -63.54
CA LEU H 543 -12.94 -59.36 -64.33
C LEU H 543 -11.81 -58.38 -64.26
N GLU H 544 -11.32 -58.10 -63.07
CA GLU H 544 -10.27 -57.12 -62.87
C GLU H 544 -9.25 -57.86 -62.05
N GLU H 545 -8.02 -57.37 -61.91
CA GLU H 545 -6.98 -58.14 -61.26
C GLU H 545 -7.39 -58.53 -59.97
N PRO H 546 -7.23 -59.83 -59.65
CA PRO H 546 -7.57 -60.10 -58.27
C PRO H 546 -6.56 -59.37 -57.37
N GLY H 547 -7.01 -58.37 -56.63
CA GLY H 547 -6.15 -57.63 -55.73
C GLY H 547 -5.53 -56.30 -56.13
N ARG H 548 -5.54 -55.94 -57.41
CA ARG H 548 -5.03 -54.61 -57.77
C ARG H 548 -5.86 -53.50 -57.18
N TYR H 549 -7.17 -53.69 -57.16
CA TYR H 549 -8.03 -52.62 -56.70
C TYR H 549 -8.75 -52.95 -55.42
N VAL H 550 -8.71 -52.01 -54.48
CA VAL H 550 -9.32 -52.25 -53.19
C VAL H 550 -10.34 -51.18 -52.90
N ASP H 551 -11.26 -51.47 -52.00
CA ASP H 551 -12.32 -50.54 -51.72
C ASP H 551 -11.77 -49.22 -51.25
N PRO H 552 -12.32 -48.13 -51.76
CA PRO H 552 -11.85 -46.80 -51.37
C PRO H 552 -12.07 -46.59 -49.89
N SER H 553 -13.19 -47.08 -49.38
CA SER H 553 -13.51 -46.92 -47.97
C SER H 553 -12.52 -47.59 -47.04
N ALA H 554 -11.98 -48.74 -47.44
CA ALA H 554 -11.11 -49.48 -46.53
C ALA H 554 -9.89 -48.69 -46.11
N PHE H 555 -9.24 -48.01 -47.05
CA PHE H 555 -8.16 -47.14 -46.63
C PHE H 555 -8.95 -46.04 -45.96
N GLY H 556 -8.55 -45.60 -44.78
CA GLY H 556 -9.38 -44.64 -44.05
C GLY H 556 -8.76 -43.43 -43.40
N LYS H 557 -9.58 -42.44 -43.05
CA LYS H 557 -9.11 -41.23 -42.35
C LYS H 557 -8.31 -40.26 -43.21
N ASP H 558 -8.36 -40.42 -44.52
CA ASP H 558 -7.68 -39.47 -45.41
C ASP H 558 -8.44 -38.15 -45.36
N GLN H 559 -7.70 -37.05 -45.49
CA GLN H 559 -8.34 -35.75 -45.44
C GLN H 559 -9.31 -35.67 -46.59
N TYR H 560 -10.49 -35.15 -46.35
CA TYR H 560 -11.49 -35.11 -47.40
C TYR H 560 -11.90 -33.71 -47.80
N ASP H 561 -11.81 -33.41 -49.09
CA ASP H 561 -12.27 -32.12 -49.57
C ASP H 561 -13.78 -31.99 -49.36
N PRO H 562 -14.51 -33.09 -49.53
CA PRO H 562 -15.98 -33.07 -49.38
C PRO H 562 -16.48 -32.89 -47.95
N ASP H 563 -17.75 -32.52 -47.80
CA ASP H 563 -18.34 -32.29 -46.47
C ASP H 563 -19.02 -33.51 -45.86
N SER H 564 -19.01 -34.62 -46.57
CA SER H 564 -19.61 -35.84 -46.07
C SER H 564 -18.93 -36.42 -44.83
N PRO H 565 -17.59 -36.43 -44.79
CA PRO H 565 -16.94 -36.89 -43.55
C PRO H 565 -16.82 -35.71 -42.63
N LEU H 566 -17.33 -34.53 -43.03
CA LEU H 566 -17.34 -33.33 -42.20
C LEU H 566 -16.00 -32.70 -42.26
N TYR H 567 -15.11 -33.25 -43.06
CA TYR H 567 -13.76 -32.72 -43.04
C TYR H 567 -13.87 -31.29 -43.52
N ARG H 568 -14.68 -31.06 -44.53
CA ARG H 568 -14.90 -29.71 -45.01
C ARG H 568 -15.96 -29.06 -44.16
N TYR H 569 -16.03 -27.74 -44.23
CA TYR H 569 -16.99 -27.05 -43.40
C TYR H 569 -18.16 -26.56 -44.21
N ASP H 570 -19.37 -26.89 -43.78
CA ASP H 570 -20.54 -26.31 -44.44
C ASP H 570 -20.73 -24.97 -43.75
N TYR H 571 -21.58 -24.11 -44.28
CA TYR H 571 -21.68 -22.78 -43.70
C TYR H 571 -22.97 -22.48 -42.95
N TRP H 572 -22.86 -22.13 -41.68
CA TRP H 572 -24.05 -21.73 -40.92
C TRP H 572 -23.76 -20.38 -40.31
N GLY H 573 -24.56 -19.37 -40.63
CA GLY H 573 -24.30 -18.01 -40.16
C GLY H 573 -22.92 -17.59 -40.60
N GLU H 574 -22.51 -18.01 -41.80
CA GLU H 574 -21.15 -17.74 -42.26
C GLU H 574 -20.95 -16.92 -43.51
N PRO H 575 -20.18 -15.85 -43.41
CA PRO H 575 -19.87 -15.06 -44.61
C PRO H 575 -19.02 -15.81 -45.62
N LYS H 576 -18.05 -16.62 -45.18
CA LYS H 576 -17.12 -17.27 -46.12
C LYS H 576 -16.49 -16.16 -46.94
N ASN H 577 -16.04 -15.11 -46.27
CA ASN H 577 -15.43 -13.99 -46.97
C ASN H 577 -14.13 -14.41 -47.62
N SER H 578 -13.69 -15.62 -47.34
CA SER H 578 -12.48 -16.12 -48.00
C SER H 578 -12.82 -16.71 -49.34
N GLU H 579 -13.24 -15.88 -50.28
CA GLU H 579 -13.47 -16.33 -51.64
C GLU H 579 -12.13 -16.75 -52.14
N LYS H 580 -11.08 -16.03 -51.70
CA LYS H 580 -9.70 -16.30 -52.14
C LYS H 580 -9.56 -15.76 -53.52
N SER H 581 -10.48 -14.86 -53.88
CA SER H 581 -10.47 -14.27 -55.20
C SER H 581 -10.60 -15.38 -56.23
N LYS H 582 -11.29 -16.45 -55.85
CA LYS H 582 -11.46 -17.56 -56.77
C LYS H 582 -12.26 -17.04 -57.92
N GLN H 583 -13.31 -16.29 -57.60
CA GLN H 583 -14.08 -15.67 -58.66
C GLN H 583 -13.77 -14.20 -58.65
N GLU H 584 -13.39 -13.68 -57.49
CA GLU H 584 -13.16 -12.24 -57.39
C GLU H 584 -11.99 -11.75 -58.25
N ARG H 585 -10.87 -12.46 -58.24
CA ARG H 585 -9.74 -12.08 -59.10
C ARG H 585 -10.12 -12.22 -60.55
N MET H 586 -10.84 -13.29 -60.86
CA MET H 586 -11.31 -13.48 -62.21
C MET H 586 -12.23 -12.34 -62.59
N THR H 587 -13.13 -11.96 -61.68
CA THR H 587 -14.05 -10.87 -61.95
C THR H 587 -13.28 -9.59 -62.18
N ASP H 588 -12.21 -9.38 -61.43
CA ASP H 588 -11.41 -8.19 -61.63
C ASP H 588 -10.86 -8.16 -63.03
N VAL H 589 -10.35 -9.30 -63.52
CA VAL H 589 -9.90 -9.33 -64.91
C VAL H 589 -11.08 -9.12 -65.87
N HIS H 590 -12.24 -9.67 -65.54
CA HIS H 590 -13.40 -9.53 -66.40
C HIS H 590 -13.75 -8.07 -66.51
N ASN H 591 -13.81 -7.38 -65.37
CA ASN H 591 -14.22 -5.99 -65.41
C ASN H 591 -13.33 -5.20 -66.35
N LYS H 592 -12.03 -5.48 -66.35
CA LYS H 592 -11.12 -4.74 -67.19
C LYS H 592 -11.45 -4.93 -68.65
N SER H 593 -11.71 -6.17 -69.03
CA SER H 593 -12.10 -6.43 -70.40
C SER H 593 -13.45 -5.87 -70.73
N ILE H 594 -14.40 -6.00 -69.82
CA ILE H 594 -15.76 -5.57 -70.09
C ILE H 594 -16.21 -4.65 -68.98
N VAL H 595 -15.84 -3.37 -69.04
CA VAL H 595 -16.16 -2.47 -67.94
C VAL H 595 -17.65 -2.32 -67.71
N GLY H 596 -18.42 -2.14 -68.79
CA GLY H 596 -19.86 -2.08 -68.65
C GLY H 596 -20.34 -3.49 -68.40
N LYS H 597 -21.29 -3.66 -67.48
CA LYS H 597 -21.85 -4.98 -67.26
C LYS H 597 -22.96 -5.22 -68.25
N GLY H 598 -22.60 -5.34 -69.53
CA GLY H 598 -23.60 -5.54 -70.56
C GLY H 598 -24.22 -6.91 -70.57
N THR H 599 -25.48 -6.99 -70.97
CA THR H 599 -26.12 -8.29 -71.12
C THR H 599 -25.45 -8.93 -72.31
N VAL H 600 -25.31 -10.25 -72.32
CA VAL H 600 -24.56 -10.87 -73.40
C VAL H 600 -25.45 -11.02 -74.62
N TRP H 601 -25.17 -10.19 -75.63
CA TRP H 601 -25.93 -10.24 -76.86
C TRP H 601 -25.77 -11.58 -77.57
N TYR H 602 -24.54 -12.05 -77.66
CA TYR H 602 -24.29 -13.31 -78.36
C TYR H 602 -23.35 -14.24 -77.61
N GLU H 603 -23.73 -15.50 -77.46
CA GLU H 603 -22.83 -16.45 -76.83
C GLU H 603 -22.60 -17.62 -77.78
N MET H 604 -21.35 -17.98 -78.04
CA MET H 604 -21.15 -19.16 -78.88
C MET H 604 -19.94 -20.04 -78.61
N ALA H 605 -20.06 -21.33 -78.85
CA ALA H 605 -18.91 -22.22 -78.72
C ALA H 605 -18.07 -22.06 -79.97
N TYR H 606 -16.76 -22.25 -79.87
CA TYR H 606 -15.90 -22.06 -81.02
C TYR H 606 -16.26 -23.03 -82.10
N GLU H 607 -16.54 -24.27 -81.72
CA GLU H 607 -16.91 -25.28 -82.69
C GLU H 607 -18.21 -24.91 -83.38
N ASP H 608 -19.17 -24.39 -82.62
CA ASP H 608 -20.42 -23.97 -83.21
C ASP H 608 -20.13 -22.85 -84.21
N ALA H 609 -19.29 -21.90 -83.83
CA ALA H 609 -18.96 -20.79 -84.71
C ALA H 609 -18.29 -21.26 -85.99
N VAL H 610 -17.39 -22.23 -85.88
CA VAL H 610 -16.74 -22.77 -87.06
C VAL H 610 -17.80 -23.41 -87.95
N LYS H 611 -18.74 -24.12 -87.34
CA LYS H 611 -19.81 -24.75 -88.12
C LYS H 611 -20.64 -23.69 -88.82
N GLU H 612 -20.93 -22.58 -88.15
CA GLU H 612 -21.70 -21.52 -88.76
C GLU H 612 -20.96 -20.94 -89.96
N ARG H 613 -19.65 -20.76 -89.84
CA ARG H 613 -18.87 -20.26 -90.96
C ARG H 613 -18.90 -21.25 -92.13
N MET H 614 -18.77 -22.54 -91.83
CA MET H 614 -18.81 -23.55 -92.88
C MET H 614 -20.17 -23.61 -93.57
N GLN H 615 -21.24 -23.49 -92.80
CA GLN H 615 -22.58 -23.56 -93.36
C GLN H 615 -23.21 -22.19 -93.50
N VAL I 49 10.38 -87.22 -70.88
CA VAL I 49 9.65 -86.18 -71.56
C VAL I 49 8.40 -85.92 -70.82
N PHE I 50 7.99 -86.85 -69.99
CA PHE I 50 6.72 -86.68 -69.31
C PHE I 50 6.69 -86.93 -67.85
N ALA I 51 6.14 -85.98 -67.13
CA ALA I 51 6.09 -86.05 -65.69
C ALA I 51 4.67 -85.67 -65.41
N TYR I 52 4.14 -86.04 -64.24
CA TYR I 52 2.73 -85.82 -63.96
C TYR I 52 2.16 -86.56 -65.12
N TYR I 53 2.86 -87.61 -65.49
CA TYR I 53 2.44 -88.36 -66.61
C TYR I 53 2.01 -89.69 -66.14
N GLY I 54 1.64 -90.54 -67.06
CA GLY I 54 1.24 -91.86 -66.72
C GLY I 54 -0.23 -91.90 -66.53
N LEU I 55 -0.81 -93.06 -66.73
CA LEU I 55 -2.19 -93.20 -66.48
C LEU I 55 -2.13 -94.08 -65.29
N LYS I 56 -2.84 -93.70 -64.26
CA LYS I 56 -2.83 -94.46 -63.08
C LYS I 56 -4.19 -95.08 -63.11
N THR I 57 -4.26 -96.37 -62.95
CA THR I 57 -5.51 -97.03 -63.08
C THR I 57 -6.38 -96.64 -62.01
N PRO I 58 -7.66 -96.68 -62.25
CA PRO I 58 -8.44 -96.36 -61.08
C PRO I 58 -8.17 -97.47 -60.09
N PRO I 59 -8.29 -97.18 -58.80
CA PRO I 59 -8.04 -98.17 -57.75
C PRO I 59 -8.92 -99.38 -57.87
N TYR I 60 -10.16 -99.18 -58.26
CA TYR I 60 -11.09 -100.30 -58.38
C TYR I 60 -11.02 -100.93 -59.75
N LYS I 61 -11.64 -102.10 -59.90
CA LYS I 61 -11.69 -102.75 -61.21
C LYS I 61 -12.51 -101.88 -62.13
N LEU I 62 -12.21 -101.88 -63.42
CA LEU I 62 -12.92 -100.97 -64.32
C LEU I 62 -14.43 -101.23 -64.36
N ASP I 63 -14.81 -102.50 -64.31
CA ASP I 63 -16.23 -102.85 -64.31
C ASP I 63 -16.77 -103.12 -62.91
N ALA I 64 -16.00 -102.79 -61.87
CA ALA I 64 -16.42 -103.15 -60.53
C ALA I 64 -17.73 -102.53 -60.04
N LEU I 65 -17.98 -101.27 -60.33
CA LEU I 65 -19.18 -100.65 -59.83
C LEU I 65 -20.29 -100.88 -60.82
N GLU I 66 -20.59 -102.14 -61.11
CA GLU I 66 -21.57 -102.44 -62.16
C GLU I 66 -23.04 -102.05 -62.02
N PRO I 67 -23.63 -102.27 -60.83
CA PRO I 67 -25.06 -101.94 -60.84
C PRO I 67 -25.31 -100.49 -61.08
N TYR I 68 -24.59 -99.64 -60.38
CA TYR I 68 -24.73 -98.20 -60.56
C TYR I 68 -24.17 -97.60 -61.85
N MET I 69 -23.00 -98.05 -62.29
CA MET I 69 -22.40 -97.54 -63.51
C MET I 69 -22.01 -98.62 -64.49
N SER I 70 -22.30 -98.40 -65.76
CA SER I 70 -21.97 -99.40 -66.76
C SER I 70 -20.49 -99.50 -66.98
N GLN I 71 -20.03 -100.68 -67.39
CA GLN I 71 -18.63 -100.85 -67.68
C GLN I 71 -18.32 -99.91 -68.79
N LYS I 72 -19.25 -99.78 -69.72
CA LYS I 72 -19.04 -98.93 -70.88
C LYS I 72 -18.71 -97.52 -70.48
N MET I 73 -19.52 -96.94 -69.60
CA MET I 73 -19.30 -95.54 -69.28
C MET I 73 -17.93 -95.38 -68.67
N LEU I 74 -17.58 -96.26 -67.75
CA LEU I 74 -16.27 -96.19 -67.13
C LEU I 74 -15.14 -96.43 -68.11
N GLU I 75 -15.31 -97.42 -68.98
CA GLU I 75 -14.22 -97.76 -69.86
C GLU I 75 -13.91 -96.58 -70.74
N VAL I 76 -14.94 -95.97 -71.28
CA VAL I 76 -14.71 -94.86 -72.18
C VAL I 76 -14.09 -93.68 -71.46
N HIS I 77 -14.56 -93.38 -70.26
CA HIS I 77 -14.07 -92.20 -69.59
C HIS I 77 -12.58 -92.29 -69.32
N TRP I 78 -12.15 -93.39 -68.73
CA TRP I 78 -10.73 -93.57 -68.50
C TRP I 78 -9.98 -93.83 -69.77
N GLY I 79 -10.54 -94.68 -70.63
CA GLY I 79 -9.85 -95.08 -71.83
C GLY I 79 -9.58 -94.00 -72.82
N GLU I 80 -10.54 -93.11 -73.02
CA GLU I 80 -10.35 -92.13 -74.05
C GLU I 80 -10.07 -90.74 -73.53
N HIS I 81 -11.01 -90.15 -72.81
CA HIS I 81 -10.80 -88.76 -72.42
C HIS I 81 -9.59 -88.63 -71.51
N HIS I 82 -9.49 -89.49 -70.50
CA HIS I 82 -8.40 -89.36 -69.56
C HIS I 82 -7.07 -89.60 -70.21
N ARG I 83 -6.99 -90.61 -71.06
CA ARG I 83 -5.73 -90.94 -71.68
C ARG I 83 -5.31 -89.79 -72.56
N SER I 84 -6.28 -89.21 -73.26
CA SER I 84 -5.98 -88.12 -74.14
C SER I 84 -5.45 -86.97 -73.34
N TYR I 85 -6.07 -86.71 -72.21
CA TYR I 85 -5.64 -85.62 -71.39
C TYR I 85 -4.18 -85.76 -71.00
N VAL I 86 -3.77 -86.96 -70.62
CA VAL I 86 -2.40 -87.13 -70.16
C VAL I 86 -1.39 -86.93 -71.23
N GLU I 87 -1.64 -87.49 -72.39
CA GLU I 87 -0.69 -87.41 -73.47
C GLU I 87 -0.49 -86.00 -73.89
N ALA I 88 -1.55 -85.26 -73.94
CA ALA I 88 -1.44 -83.92 -74.34
C ALA I 88 -0.47 -83.21 -73.48
N LEU I 89 -0.60 -83.35 -72.17
CA LEU I 89 0.25 -82.57 -71.27
C LEU I 89 1.66 -82.90 -71.48
N ASN I 90 1.96 -84.15 -71.70
CA ASN I 90 3.33 -84.49 -71.76
C ASN I 90 4.04 -83.79 -72.86
N LYS I 91 3.42 -83.72 -74.02
CA LYS I 91 4.02 -83.06 -75.15
C LYS I 91 4.14 -81.60 -74.93
N GLN I 92 3.13 -81.03 -74.30
CA GLN I 92 3.16 -79.62 -74.10
C GLN I 92 4.34 -79.38 -73.20
N LEU I 93 4.57 -80.27 -72.24
CA LEU I 93 5.66 -80.11 -71.29
C LEU I 93 7.01 -80.20 -71.86
N GLU I 94 7.19 -80.99 -72.88
CA GLU I 94 8.51 -81.23 -73.37
C GLU I 94 9.17 -79.95 -73.77
N LYS I 95 8.38 -79.03 -74.27
CA LYS I 95 8.96 -77.80 -74.73
C LYS I 95 9.63 -76.94 -73.67
N ASN I 96 9.05 -76.80 -72.49
CA ASN I 96 9.63 -75.89 -71.51
C ASN I 96 10.13 -76.62 -70.31
N ASP I 97 11.41 -76.47 -70.04
CA ASP I 97 11.99 -77.15 -68.90
C ASP I 97 11.48 -76.63 -67.60
N ILE I 98 11.29 -75.34 -67.51
CA ILE I 98 10.92 -74.75 -66.27
C ILE I 98 9.62 -75.29 -65.75
N LEU I 99 8.66 -75.53 -66.60
CA LEU I 99 7.43 -76.01 -66.07
C LEU I 99 7.44 -77.50 -65.87
N TYR I 100 8.43 -78.20 -66.37
CA TYR I 100 8.54 -79.64 -66.09
C TYR I 100 8.76 -79.82 -64.64
N GLY I 101 9.62 -78.99 -64.08
CA GLY I 101 9.93 -79.07 -62.67
C GLY I 101 9.05 -78.27 -61.78
N CYS I 102 7.82 -78.71 -61.56
CA CYS I 102 6.93 -78.04 -60.69
C CYS I 102 6.07 -79.01 -59.94
N THR I 103 5.67 -78.68 -58.72
CA THR I 103 4.76 -79.54 -57.97
C THR I 103 3.44 -79.54 -58.75
N MET I 104 2.63 -80.59 -58.68
CA MET I 104 1.44 -80.68 -59.48
C MET I 104 0.62 -79.59 -59.02
N GLU I 105 0.60 -79.45 -57.73
CA GLU I 105 -0.19 -78.44 -57.20
C GLU I 105 0.40 -77.19 -57.74
N GLU I 106 1.69 -77.10 -57.76
CA GLU I 106 2.28 -75.87 -58.21
C GLU I 106 1.99 -75.60 -59.65
N LEU I 107 2.00 -76.63 -60.47
CA LEU I 107 1.74 -76.47 -61.88
C LEU I 107 0.36 -75.97 -62.14
N ILE I 108 -0.64 -76.49 -61.47
CA ILE I 108 -1.92 -75.95 -61.69
C ILE I 108 -1.95 -74.50 -61.30
N LYS I 109 -1.42 -74.17 -60.14
CA LYS I 109 -1.39 -72.79 -59.66
C LYS I 109 -0.54 -71.81 -60.44
N VAL I 110 0.59 -72.23 -60.93
CA VAL I 110 1.42 -71.37 -61.74
C VAL I 110 0.75 -71.02 -63.02
N THR I 111 0.15 -72.00 -63.63
CA THR I 111 -0.50 -71.80 -64.89
C THR I 111 -1.70 -70.87 -64.88
N TYR I 112 -2.49 -70.82 -63.83
CA TYR I 112 -3.65 -69.97 -63.75
C TYR I 112 -3.30 -68.51 -63.90
N ASN I 113 -2.17 -68.06 -63.45
CA ASN I 113 -1.74 -66.68 -63.68
C ASN I 113 -2.78 -65.67 -63.29
N ASN I 114 -3.39 -65.87 -62.14
CA ASN I 114 -4.35 -64.95 -61.63
C ASN I 114 -5.39 -64.56 -62.61
N GLY I 115 -6.03 -65.55 -63.20
CA GLY I 115 -7.06 -65.29 -64.16
C GLY I 115 -6.77 -65.21 -65.63
N ASN I 116 -5.55 -65.48 -66.05
CA ASN I 116 -5.26 -65.52 -67.46
C ASN I 116 -4.56 -66.78 -67.73
N PRO I 117 -5.31 -67.86 -67.74
CA PRO I 117 -4.57 -69.06 -67.88
C PRO I 117 -3.62 -69.16 -69.00
N LEU I 118 -2.47 -69.70 -68.70
CA LEU I 118 -1.43 -69.87 -69.64
C LEU I 118 -1.83 -71.01 -70.49
N PRO I 119 -1.09 -71.24 -71.61
CA PRO I 119 -1.59 -72.29 -72.48
C PRO I 119 -1.72 -73.67 -71.93
N GLU I 120 -0.91 -74.04 -70.96
CA GLU I 120 -0.91 -75.40 -70.47
C GLU I 120 -1.86 -75.69 -69.37
N PHE I 121 -2.68 -74.76 -68.94
CA PHE I 121 -3.52 -75.00 -67.77
C PHE I 121 -4.47 -76.18 -67.85
N SER I 122 -5.19 -76.22 -68.95
CA SER I 122 -6.26 -77.19 -69.04
C SER I 122 -5.87 -78.62 -68.89
N ASP I 123 -4.81 -79.03 -69.54
CA ASP I 123 -4.50 -80.44 -69.49
C ASP I 123 -4.23 -80.86 -68.08
N ALA I 124 -3.43 -80.08 -67.37
CA ALA I 124 -3.06 -80.46 -66.03
C ALA I 124 -4.26 -80.48 -65.15
N ALA I 125 -5.07 -79.44 -65.29
CA ALA I 125 -6.17 -79.38 -64.35
C ALA I 125 -7.01 -80.60 -64.55
N GLN I 126 -7.29 -80.93 -65.80
CA GLN I 126 -8.17 -82.05 -66.04
C GLN I 126 -7.59 -83.37 -65.58
N VAL I 127 -6.30 -83.61 -65.81
CA VAL I 127 -5.81 -84.88 -65.33
C VAL I 127 -5.93 -84.96 -63.81
N TRP I 128 -5.58 -83.88 -63.12
CA TRP I 128 -5.63 -84.01 -61.68
C TRP I 128 -7.05 -84.25 -61.25
N ASN I 129 -7.98 -83.54 -61.88
CA ASN I 129 -9.35 -83.64 -61.47
C ASN I 129 -9.87 -85.04 -61.67
N HIS I 130 -9.52 -85.63 -62.79
CA HIS I 130 -9.98 -86.97 -63.08
C HIS I 130 -9.42 -87.97 -62.10
N ASP I 131 -8.15 -87.81 -61.77
CA ASP I 131 -7.58 -88.73 -60.79
C ASP I 131 -8.32 -88.60 -59.47
N PHE I 132 -8.64 -87.37 -59.08
CA PHE I 132 -9.36 -87.15 -57.83
C PHE I 132 -10.74 -87.79 -57.86
N PHE I 133 -11.44 -87.64 -58.97
CA PHE I 133 -12.77 -88.21 -59.10
C PHE I 133 -12.74 -89.68 -58.80
N TRP I 134 -11.74 -90.38 -59.28
CA TRP I 134 -11.61 -91.78 -58.99
C TRP I 134 -11.46 -92.06 -57.51
N GLU I 135 -10.74 -91.24 -56.74
CA GLU I 135 -10.67 -91.60 -55.34
C GLU I 135 -12.03 -91.41 -54.69
N SER I 136 -12.81 -90.47 -55.20
CA SER I 136 -14.10 -90.17 -54.60
C SER I 136 -15.13 -91.28 -54.64
N MET I 137 -15.24 -91.99 -55.75
CA MET I 137 -16.20 -93.09 -55.86
C MET I 137 -15.60 -94.36 -55.28
N GLN I 138 -16.44 -95.30 -54.87
CA GLN I 138 -15.94 -96.49 -54.26
C GLN I 138 -16.78 -97.68 -54.60
N PRO I 139 -16.27 -98.89 -54.29
CA PRO I 139 -17.01 -100.14 -54.48
C PRO I 139 -18.11 -100.21 -53.46
N GLY I 140 -19.03 -99.27 -53.52
CA GLY I 140 -20.10 -99.23 -52.56
C GLY I 140 -20.46 -97.76 -52.40
N GLY I 141 -21.36 -97.48 -51.48
CA GLY I 141 -21.73 -96.10 -51.25
C GLY I 141 -21.81 -95.89 -49.77
N GLY I 142 -22.07 -94.67 -49.35
CA GLY I 142 -22.07 -94.40 -47.95
C GLY I 142 -23.40 -93.94 -47.45
N ASP I 143 -23.90 -94.60 -46.42
CA ASP I 143 -25.14 -94.15 -45.83
C ASP I 143 -24.91 -92.79 -45.21
N MET I 144 -23.79 -92.63 -44.49
CA MET I 144 -23.48 -91.36 -43.86
C MET I 144 -21.99 -91.27 -43.52
N PRO I 145 -21.49 -90.06 -43.29
CA PRO I 145 -20.10 -89.93 -42.84
C PRO I 145 -19.95 -90.57 -41.48
N LYS I 146 -18.86 -91.28 -41.24
CA LYS I 146 -18.63 -91.87 -39.93
C LYS I 146 -17.73 -91.01 -39.09
N LEU I 147 -17.73 -91.22 -37.79
CA LEU I 147 -16.77 -90.53 -36.92
C LEU I 147 -16.67 -89.01 -37.00
N GLY I 148 -15.46 -88.51 -37.19
CA GLY I 148 -15.23 -87.07 -37.18
C GLY I 148 -15.91 -86.19 -38.20
N LEU I 149 -16.01 -86.63 -39.44
CA LEU I 149 -16.59 -85.80 -40.49
C LEU I 149 -18.03 -85.50 -40.16
N LEU I 150 -18.69 -86.43 -39.50
CA LEU I 150 -20.06 -86.19 -39.10
C LEU I 150 -20.11 -85.01 -38.17
N GLN I 151 -19.20 -84.96 -37.21
CA GLN I 151 -19.23 -83.89 -36.24
C GLN I 151 -19.01 -82.58 -36.94
N GLN I 152 -18.14 -82.58 -37.95
CA GLN I 152 -17.89 -81.37 -38.70
C GLN I 152 -19.05 -80.97 -39.59
N ILE I 153 -19.65 -81.94 -40.29
CA ILE I 153 -20.72 -81.61 -41.24
C ILE I 153 -21.87 -81.02 -40.48
N GLU I 154 -22.14 -81.60 -39.33
CA GLU I 154 -23.23 -81.11 -38.52
C GLU I 154 -22.95 -79.68 -38.12
N LYS I 155 -21.71 -79.39 -37.77
CA LYS I 155 -21.39 -78.06 -37.29
C LYS I 155 -21.38 -77.00 -38.37
N ASP I 156 -20.81 -77.30 -39.52
CA ASP I 156 -20.68 -76.28 -40.53
C ASP I 156 -21.92 -76.14 -41.40
N PHE I 157 -22.57 -77.26 -41.74
CA PHE I 157 -23.73 -77.20 -42.60
C PHE I 157 -24.92 -77.98 -42.07
N GLY I 158 -25.62 -77.52 -41.05
CA GLY I 158 -26.83 -78.24 -40.62
C GLY I 158 -26.76 -79.69 -40.11
N SER I 159 -27.45 -80.63 -40.77
CA SER I 159 -27.38 -82.07 -40.41
C SER I 159 -27.05 -82.69 -41.72
N PHE I 160 -26.77 -83.97 -41.78
CA PHE I 160 -26.28 -84.50 -43.03
C PHE I 160 -27.23 -84.23 -44.14
N THR I 161 -28.51 -84.41 -43.90
CA THR I 161 -29.52 -84.14 -44.89
C THR I 161 -29.53 -82.71 -45.22
N ASN I 162 -29.33 -81.88 -44.23
CA ASN I 162 -29.42 -80.48 -44.46
C ASN I 162 -28.32 -80.18 -45.46
N PHE I 163 -27.19 -80.80 -45.27
CA PHE I 163 -26.10 -80.63 -46.19
C PHE I 163 -26.45 -81.17 -47.54
N ARG I 164 -27.07 -82.34 -47.60
CA ARG I 164 -27.35 -82.96 -48.88
C ARG I 164 -28.21 -82.08 -49.66
N GLU I 165 -29.15 -81.47 -48.99
CA GLU I 165 -30.08 -80.64 -49.69
C GLU I 165 -29.35 -79.49 -50.36
N LYS I 166 -28.43 -78.85 -49.63
CA LYS I 166 -27.65 -77.77 -50.21
C LYS I 166 -26.83 -78.33 -51.32
N PHE I 167 -26.29 -79.52 -51.09
CA PHE I 167 -25.49 -80.11 -52.10
C PHE I 167 -26.26 -80.42 -53.37
N THR I 168 -27.42 -81.04 -53.25
CA THR I 168 -28.16 -81.40 -54.43
C THR I 168 -28.58 -80.14 -55.17
N GLU I 169 -29.02 -79.15 -54.43
CA GLU I 169 -29.51 -77.95 -55.06
C GLU I 169 -28.45 -77.23 -55.82
N ALA I 170 -27.29 -77.12 -55.22
CA ALA I 170 -26.21 -76.41 -55.83
C ALA I 170 -25.87 -77.16 -57.07
N ALA I 171 -25.96 -78.47 -56.95
CA ALA I 171 -25.57 -79.26 -58.06
C ALA I 171 -26.39 -79.00 -59.28
N LEU I 172 -27.68 -78.78 -59.10
CA LEU I 172 -28.59 -78.55 -60.21
C LEU I 172 -28.21 -77.34 -60.98
N ALA I 173 -27.77 -76.33 -60.30
CA ALA I 173 -27.52 -75.10 -60.96
C ALA I 173 -26.49 -75.03 -61.99
N LEU I 174 -25.39 -75.75 -61.84
CA LEU I 174 -24.32 -75.53 -62.79
C LEU I 174 -24.76 -75.68 -64.20
N PHE I 175 -24.43 -74.69 -65.00
CA PHE I 175 -24.84 -74.66 -66.36
C PHE I 175 -23.60 -74.87 -67.13
N GLY I 176 -23.57 -75.88 -67.95
CA GLY I 176 -22.37 -76.19 -68.66
C GLY I 176 -21.56 -77.25 -68.07
N SER I 177 -20.31 -77.38 -68.52
CA SER I 177 -19.46 -78.47 -68.05
C SER I 177 -18.60 -77.99 -66.91
N GLY I 178 -18.71 -78.64 -65.76
CA GLY I 178 -17.99 -78.17 -64.59
C GLY I 178 -17.92 -79.28 -63.58
N TRP I 179 -17.30 -79.01 -62.44
CA TRP I 179 -17.23 -80.00 -61.39
C TRP I 179 -17.77 -79.34 -60.13
N ILE I 180 -18.28 -80.12 -59.18
CA ILE I 180 -18.72 -79.55 -57.90
C ILE I 180 -17.85 -80.17 -56.80
N TRP I 181 -17.52 -79.41 -55.74
CA TRP I 181 -16.62 -79.96 -54.74
C TRP I 181 -16.98 -79.65 -53.29
N LEU I 182 -16.51 -80.45 -52.34
CA LEU I 182 -16.68 -80.14 -50.92
C LEU I 182 -15.27 -79.88 -50.43
N VAL I 183 -15.02 -78.74 -49.80
CA VAL I 183 -13.65 -78.40 -49.43
C VAL I 183 -13.43 -77.89 -48.02
N LEU I 184 -12.18 -77.66 -47.65
CA LEU I 184 -11.83 -77.04 -46.34
C LEU I 184 -11.13 -75.72 -46.60
N LYS I 185 -11.50 -74.67 -45.93
CA LYS I 185 -10.89 -73.43 -46.22
C LYS I 185 -9.89 -73.12 -45.17
N ARG I 186 -8.65 -72.85 -45.56
CA ARG I 186 -7.60 -72.68 -44.61
C ARG I 186 -7.78 -71.52 -43.68
N GLU I 187 -8.14 -70.38 -44.20
CA GLU I 187 -8.28 -69.22 -43.37
C GLU I 187 -9.43 -69.22 -42.44
N GLU I 188 -10.57 -69.66 -42.92
CA GLU I 188 -11.74 -69.59 -42.10
C GLU I 188 -12.07 -70.86 -41.41
N LYS I 189 -11.31 -71.89 -41.66
CA LYS I 189 -11.47 -73.11 -40.91
C LYS I 189 -12.86 -73.68 -40.88
N ARG I 190 -13.54 -73.72 -42.03
CA ARG I 190 -14.86 -74.30 -42.12
C ARG I 190 -14.92 -75.09 -43.39
N LEU I 191 -15.81 -76.07 -43.47
CA LEU I 191 -16.02 -76.83 -44.69
C LEU I 191 -16.89 -75.98 -45.59
N ALA I 192 -16.87 -76.18 -46.90
CA ALA I 192 -17.71 -75.43 -47.84
C ALA I 192 -18.10 -76.19 -49.11
N ILE I 193 -19.16 -75.79 -49.80
CA ILE I 193 -19.50 -76.42 -51.06
C ILE I 193 -19.19 -75.44 -52.14
N VAL I 194 -18.34 -75.82 -53.08
CA VAL I 194 -17.92 -74.89 -54.11
C VAL I 194 -18.09 -75.43 -55.50
N LYS I 195 -18.43 -74.58 -56.47
CA LYS I 195 -18.68 -75.02 -57.84
C LYS I 195 -17.84 -74.26 -58.82
N THR I 196 -17.13 -74.96 -59.68
CA THR I 196 -16.25 -74.30 -60.62
C THR I 196 -16.60 -74.67 -62.01
N SER I 197 -16.77 -73.69 -62.86
CA SER I 197 -17.05 -73.95 -64.24
C SER I 197 -15.84 -74.46 -64.90
N ASN I 198 -16.02 -75.36 -65.82
CA ASN I 198 -14.93 -75.86 -66.59
C ASN I 198 -13.82 -76.53 -65.78
N ALA I 199 -12.59 -76.39 -66.22
CA ALA I 199 -11.44 -77.01 -65.56
C ALA I 199 -11.04 -76.65 -64.16
N VAL I 200 -11.20 -75.40 -63.76
CA VAL I 200 -10.67 -74.97 -62.51
C VAL I 200 -11.00 -75.87 -61.32
N ASN I 201 -9.98 -76.22 -60.52
CA ASN I 201 -10.14 -77.05 -59.35
C ASN I 201 -10.14 -76.16 -58.14
N PRO I 202 -10.42 -76.65 -56.93
CA PRO I 202 -10.45 -75.69 -55.86
C PRO I 202 -9.07 -75.39 -55.33
N LEU I 203 -8.05 -76.06 -55.84
CA LEU I 203 -6.65 -75.79 -55.48
C LEU I 203 -6.19 -74.41 -55.84
N VAL I 204 -6.70 -73.82 -56.90
CA VAL I 204 -6.24 -72.53 -57.36
C VAL I 204 -6.47 -71.38 -56.37
N TRP I 205 -7.43 -71.51 -55.47
CA TRP I 205 -7.69 -70.49 -54.48
C TRP I 205 -7.27 -70.96 -53.08
N ASN I 206 -6.33 -71.89 -53.00
CA ASN I 206 -5.84 -72.40 -51.71
C ASN I 206 -6.89 -72.92 -50.77
N ASP I 207 -7.60 -73.94 -51.22
CA ASP I 207 -8.55 -74.62 -50.38
C ASP I 207 -8.11 -76.04 -50.50
N ILE I 208 -8.60 -76.92 -49.65
CA ILE I 208 -8.21 -78.32 -49.68
C ILE I 208 -9.40 -79.20 -50.01
N PRO I 209 -9.43 -79.75 -51.22
CA PRO I 209 -10.60 -80.52 -51.62
C PRO I 209 -10.77 -81.83 -50.88
N LEU I 210 -11.99 -82.16 -50.46
CA LEU I 210 -12.25 -83.46 -49.83
C LEU I 210 -12.91 -84.43 -50.80
N ILE I 211 -13.93 -84.00 -51.52
CA ILE I 211 -14.57 -84.85 -52.55
C ILE I 211 -14.90 -84.05 -53.80
N GLY I 212 -15.02 -84.72 -54.94
CA GLY I 212 -15.35 -84.03 -56.18
C GLY I 212 -16.12 -84.83 -57.21
N LEU I 213 -17.02 -84.18 -57.95
CA LEU I 213 -17.87 -84.88 -58.93
C LEU I 213 -17.76 -84.26 -60.31
N ASP I 214 -17.93 -85.06 -61.36
CA ASP I 214 -17.81 -84.55 -62.71
C ASP I 214 -19.19 -84.28 -63.27
N LEU I 215 -19.49 -83.03 -63.58
CA LEU I 215 -20.78 -82.70 -64.15
C LEU I 215 -20.64 -82.50 -65.64
N TRP I 216 -19.48 -82.84 -66.17
CA TRP I 216 -19.30 -82.78 -67.61
C TRP I 216 -20.22 -83.82 -68.23
N GLU I 217 -20.79 -83.52 -69.38
CA GLU I 217 -21.78 -84.43 -69.97
C GLU I 217 -21.27 -85.81 -70.27
N HIS I 218 -20.02 -85.93 -70.69
CA HIS I 218 -19.52 -87.23 -71.10
C HIS I 218 -19.65 -88.19 -69.94
N ALA I 219 -19.48 -87.69 -68.74
CA ALA I 219 -19.53 -88.54 -67.57
C ALA I 219 -20.84 -89.26 -67.34
N TYR I 220 -21.97 -88.60 -67.52
CA TYR I 220 -23.24 -89.25 -67.21
C TYR I 220 -24.13 -89.60 -68.39
N TYR I 221 -23.68 -89.28 -69.60
CA TYR I 221 -24.53 -89.49 -70.77
C TYR I 221 -24.84 -90.91 -71.14
N LEU I 222 -23.82 -91.72 -71.33
CA LEU I 222 -24.05 -93.07 -71.81
C LEU I 222 -25.26 -93.69 -71.15
N ASP I 223 -25.30 -93.72 -69.82
CA ASP I 223 -26.41 -94.38 -69.18
C ASP I 223 -27.68 -93.59 -69.13
N TYR I 224 -27.58 -92.31 -68.84
CA TYR I 224 -28.75 -91.48 -68.70
C TYR I 224 -28.43 -90.30 -69.49
N LYS I 225 -28.70 -90.32 -70.78
CA LYS I 225 -28.30 -89.25 -71.64
C LYS I 225 -28.87 -87.99 -71.18
N ASN I 226 -30.14 -87.96 -70.83
CA ASN I 226 -30.61 -86.73 -70.30
C ASN I 226 -31.17 -86.75 -68.94
N ASP I 227 -30.88 -87.78 -68.18
CA ASP I 227 -31.33 -87.72 -66.80
C ASP I 227 -30.22 -87.18 -65.88
N LYS I 228 -30.14 -85.86 -65.69
CA LYS I 228 -29.12 -85.26 -64.81
C LYS I 228 -29.31 -85.64 -63.40
N ALA I 229 -30.54 -85.61 -62.96
CA ALA I 229 -30.79 -85.84 -61.56
C ALA I 229 -30.35 -87.20 -61.15
N LYS I 230 -30.38 -88.15 -62.07
CA LYS I 230 -30.09 -89.54 -61.71
C LYS I 230 -28.66 -89.72 -61.32
N TYR I 231 -27.76 -89.17 -62.11
CA TYR I 231 -26.35 -89.37 -61.84
C TYR I 231 -26.05 -88.80 -60.49
N VAL I 232 -26.62 -87.65 -60.19
CA VAL I 232 -26.40 -87.02 -58.90
C VAL I 232 -26.96 -87.84 -57.76
N ASN I 233 -28.23 -88.23 -57.86
CA ASN I 233 -28.85 -88.95 -56.78
C ASN I 233 -28.21 -90.26 -56.50
N VAL I 234 -27.84 -90.97 -57.53
CA VAL I 234 -27.26 -92.25 -57.32
C VAL I 234 -25.98 -92.11 -56.60
N PHE I 235 -25.18 -91.16 -57.01
CA PHE I 235 -23.88 -91.03 -56.45
C PHE I 235 -23.97 -90.75 -55.02
N MET I 236 -24.82 -89.83 -54.67
CA MET I 236 -24.79 -89.48 -53.29
C MET I 236 -25.27 -90.62 -52.42
N ASN I 237 -26.39 -91.20 -52.80
CA ASN I 237 -26.95 -92.28 -52.01
C ASN I 237 -26.16 -93.51 -52.08
N HIS I 238 -25.69 -93.84 -53.26
CA HIS I 238 -25.05 -95.10 -53.43
C HIS I 238 -23.64 -95.26 -53.95
N LEU I 239 -23.00 -94.19 -54.43
CA LEU I 239 -21.67 -94.35 -55.03
C LEU I 239 -20.60 -93.33 -54.63
N VAL I 240 -20.49 -93.03 -53.34
CA VAL I 240 -19.45 -92.12 -52.89
C VAL I 240 -18.74 -92.77 -51.71
N SER I 241 -17.44 -92.52 -51.54
CA SER I 241 -16.77 -93.07 -50.39
C SER I 241 -16.58 -92.07 -49.29
N TRP I 242 -17.32 -92.23 -48.20
CA TRP I 242 -17.11 -91.36 -47.06
C TRP I 242 -15.76 -91.65 -46.46
N ASP I 243 -15.32 -92.90 -46.54
CA ASP I 243 -14.05 -93.27 -45.96
C ASP I 243 -12.92 -92.50 -46.59
N ALA I 244 -12.99 -92.31 -47.91
CA ALA I 244 -11.93 -91.62 -48.60
C ALA I 244 -11.84 -90.21 -48.09
N ALA I 245 -12.99 -89.60 -47.89
CA ALA I 245 -13.00 -88.23 -47.40
C ALA I 245 -12.38 -88.11 -46.04
N LEU I 246 -12.70 -89.05 -45.15
CA LEU I 246 -12.18 -88.97 -43.81
C LEU I 246 -10.68 -89.07 -43.90
N GLY I 247 -10.19 -90.00 -44.71
CA GLY I 247 -8.78 -90.09 -44.93
C GLY I 247 -8.13 -88.84 -45.46
N ARG I 248 -8.77 -88.17 -46.38
CA ARG I 248 -8.26 -86.91 -46.86
C ARG I 248 -8.29 -85.80 -45.83
N MET I 249 -9.24 -85.85 -44.92
CA MET I 249 -9.29 -84.88 -43.81
C MET I 249 -8.06 -85.08 -42.98
N ALA I 250 -7.62 -86.30 -42.84
CA ALA I 250 -6.50 -86.54 -42.02
C ALA I 250 -5.24 -85.84 -42.43
N ARG I 251 -4.88 -85.86 -43.70
CA ARG I 251 -3.73 -85.10 -44.13
C ARG I 251 -4.01 -83.64 -43.99
N ALA I 252 -5.24 -83.25 -44.22
CA ALA I 252 -5.59 -81.85 -44.17
C ALA I 252 -5.34 -81.30 -42.80
N GLN I 253 -5.55 -82.10 -41.77
CA GLN I 253 -5.36 -81.66 -40.41
C GLN I 253 -3.95 -81.24 -40.11
N ALA I 254 -2.98 -81.74 -40.83
CA ALA I 254 -1.67 -81.16 -40.65
C ALA I 254 -1.65 -79.72 -41.10
N PHE I 255 -2.21 -79.40 -42.25
CA PHE I 255 -2.30 -78.03 -42.70
C PHE I 255 -3.29 -77.07 -42.05
N VAL I 256 -4.49 -77.52 -41.68
CA VAL I 256 -5.39 -76.65 -40.96
C VAL I 256 -5.82 -77.39 -39.71
N ASN I 257 -5.67 -76.77 -38.56
CA ASN I 257 -5.98 -77.44 -37.32
C ASN I 257 -7.29 -76.94 -36.79
N LEU I 258 -8.21 -77.84 -36.55
CA LEU I 258 -9.50 -77.46 -36.06
C LEU I 258 -9.51 -78.01 -34.67
N GLY I 259 -9.77 -77.15 -33.69
CA GLY I 259 -9.68 -77.59 -32.32
C GLY I 259 -9.34 -76.38 -31.48
N GLU I 260 -9.17 -76.57 -30.17
CA GLU I 260 -8.92 -75.45 -29.30
C GLU I 260 -7.67 -75.64 -28.48
N PRO I 261 -6.88 -74.57 -28.34
CA PRO I 261 -5.65 -74.66 -27.55
C PRO I 261 -5.86 -74.82 -26.05
N LYS I 262 -4.94 -75.50 -25.37
CA LYS I 262 -5.03 -75.65 -23.92
C LYS I 262 -4.43 -74.41 -23.30
N ILE I 263 -5.23 -73.61 -22.62
CA ILE I 263 -4.76 -72.35 -22.12
C ILE I 263 -4.42 -72.46 -20.69
N PRO I 264 -3.17 -72.20 -20.33
CA PRO I 264 -2.76 -72.39 -18.97
C PRO I 264 -3.37 -71.40 -18.07
N VAL I 265 -3.70 -71.78 -16.86
CA VAL I 265 -4.39 -70.87 -15.97
C VAL I 265 -3.39 -70.14 -15.14
N ALA I 266 -3.28 -68.83 -15.35
CA ALA I 266 -2.33 -68.02 -14.64
C ALA I 266 -2.61 -66.60 -15.03
N LEU J 187 47.10 -47.32 69.55
CA LEU J 187 47.00 -45.96 70.06
C LEU J 187 46.11 -45.11 69.17
N SER J 188 46.56 -44.85 67.95
CA SER J 188 45.79 -44.02 67.03
C SER J 188 44.49 -44.70 66.63
N SER J 189 43.43 -43.92 66.51
CA SER J 189 42.16 -44.48 66.10
C SER J 189 42.11 -44.56 64.61
N GLU J 190 41.03 -45.10 64.07
CA GLU J 190 40.89 -45.11 62.62
C GLU J 190 40.84 -43.67 62.21
N TYR J 191 40.43 -42.82 63.12
CA TYR J 191 40.27 -41.42 62.84
C TYR J 191 41.47 -40.64 62.44
N VAL J 192 42.64 -40.87 62.99
CA VAL J 192 43.81 -40.21 62.47
C VAL J 192 44.79 -41.15 61.80
N ILE J 193 45.19 -40.88 60.56
CA ILE J 193 46.12 -41.73 59.82
C ILE J 193 47.41 -40.99 59.41
N TYR J 194 48.59 -41.54 59.69
CA TYR J 194 49.85 -40.88 59.35
C TYR J 194 50.50 -41.38 58.08
N GLN J 195 50.76 -40.50 57.12
CA GLN J 195 51.43 -40.88 55.87
C GLN J 195 52.56 -39.90 55.74
N PRO J 196 53.66 -40.15 56.44
CA PRO J 196 54.74 -39.16 56.49
C PRO J 196 55.38 -38.84 55.17
N GLU J 197 55.63 -39.82 54.32
CA GLU J 197 56.16 -39.49 53.03
C GLU J 197 55.04 -39.58 52.03
N GLN J 198 54.78 -38.52 51.29
CA GLN J 198 53.78 -38.63 50.27
C GLN J 198 54.47 -39.20 49.06
N GLU J 199 54.10 -40.42 48.67
CA GLU J 199 54.79 -41.08 47.56
C GLU J 199 53.89 -41.71 46.52
N GLU J 200 53.24 -40.89 45.70
CA GLU J 200 52.42 -41.44 44.61
C GLU J 200 53.15 -41.14 43.33
N GLU J 201 53.44 -42.17 42.52
CA GLU J 201 54.25 -41.93 41.32
C GLU J 201 53.71 -42.41 39.97
N GLU J 202 53.29 -41.49 39.11
CA GLU J 202 52.87 -41.86 37.77
C GLU J 202 54.09 -41.55 36.97
N LEU J 203 54.84 -42.57 36.60
CA LEU J 203 56.11 -42.31 35.93
C LEU J 203 56.16 -42.94 34.58
N THR J 204 55.13 -43.70 34.28
CA THR J 204 55.09 -44.31 32.98
C THR J 204 54.99 -43.15 32.03
N GLY J 205 55.59 -43.28 30.87
CA GLY J 205 55.58 -42.16 29.99
C GLY J 205 54.17 -41.77 29.66
N TYR J 206 53.30 -42.72 29.39
CA TYR J 206 51.99 -42.31 28.98
C TYR J 206 51.28 -41.60 30.08
N GLU J 207 51.34 -42.13 31.27
CA GLU J 207 50.62 -41.51 32.35
C GLU J 207 51.18 -40.18 32.73
N LEU J 208 52.50 -40.05 32.75
CA LEU J 208 53.11 -38.78 33.05
C LEU J 208 52.77 -37.75 32.01
N ASP J 209 52.83 -38.12 30.75
CA ASP J 209 52.52 -37.20 29.70
C ASP J 209 51.13 -36.75 29.71
N LYS J 210 50.21 -37.63 29.97
CA LYS J 210 48.84 -37.27 30.08
C LYS J 210 48.56 -36.34 31.21
N ARG J 211 49.13 -36.54 32.37
CA ARG J 211 48.95 -35.60 33.44
C ARG J 211 49.52 -34.24 33.20
N LEU J 212 50.76 -34.17 32.76
CA LEU J 212 51.40 -32.92 32.47
C LEU J 212 50.80 -32.17 31.29
N GLY J 213 50.37 -32.87 30.26
CA GLY J 213 49.80 -32.24 29.10
C GLY J 213 50.67 -32.25 27.89
N ARG J 214 51.78 -32.95 27.93
CA ARG J 214 52.70 -32.96 26.83
C ARG J 214 52.17 -33.78 25.70
N PRO J 215 52.72 -33.66 24.51
CA PRO J 215 52.13 -34.41 23.43
C PRO J 215 52.08 -35.89 23.61
N HIS J 216 50.95 -36.53 23.38
CA HIS J 216 50.77 -37.95 23.56
C HIS J 216 49.65 -38.54 22.71
N PRO J 217 49.67 -39.84 22.45
CA PRO J 217 48.59 -40.48 21.71
C PRO J 217 47.29 -40.54 22.44
N PHE J 218 46.15 -40.25 21.85
CA PHE J 218 44.89 -40.23 22.59
C PHE J 218 44.46 -41.54 23.18
N ILE J 219 44.58 -42.64 22.43
CA ILE J 219 44.25 -43.99 22.92
C ILE J 219 45.55 -44.68 23.27
N ASP J 220 45.67 -45.26 24.46
CA ASP J 220 46.94 -45.85 24.93
C ASP J 220 47.43 -46.93 24.06
N PRO J 221 48.72 -46.91 23.76
CA PRO J 221 49.13 -47.96 22.83
C PRO J 221 48.93 -49.34 23.40
N LYS J 222 49.16 -49.53 24.69
CA LYS J 222 49.04 -50.84 25.32
C LYS J 222 47.65 -51.38 25.37
N THR J 223 46.69 -50.56 25.77
CA THR J 223 45.33 -51.01 25.93
C THR J 223 44.54 -51.16 24.65
N LYS J 224 45.14 -50.83 23.51
CA LYS J 224 44.43 -51.05 22.26
C LYS J 224 44.21 -52.53 22.18
N LYS J 225 43.00 -52.96 21.80
CA LYS J 225 42.69 -54.38 21.80
C LYS J 225 42.10 -54.84 20.49
N LYS J 226 42.49 -56.04 20.07
CA LYS J 226 42.02 -56.56 18.78
C LYS J 226 40.55 -56.94 18.77
N ILE J 227 39.95 -56.92 17.59
CA ILE J 227 38.54 -57.26 17.47
C ILE J 227 38.33 -58.47 16.57
N GLU J 228 37.36 -59.31 16.91
CA GLU J 228 37.05 -60.48 16.09
C GLU J 228 36.56 -59.99 14.75
N LYS J 229 36.82 -60.75 13.70
CA LYS J 229 36.49 -60.28 12.37
C LYS J 229 35.03 -60.03 12.24
N PRO J 230 34.70 -58.93 11.61
CA PRO J 230 33.32 -58.58 11.42
C PRO J 230 32.78 -59.33 10.25
N LEU J 231 31.50 -59.15 9.93
CA LEU J 231 30.94 -59.80 8.76
C LEU J 231 31.64 -59.34 7.52
N THR J 232 31.83 -60.26 6.58
CA THR J 232 32.49 -59.97 5.32
C THR J 232 31.58 -59.20 4.44
N SER J 233 32.09 -58.61 3.38
CA SER J 233 31.24 -57.76 2.57
C SER J 233 30.09 -58.50 2.00
N GLU J 234 30.32 -59.72 1.59
CA GLU J 234 29.29 -60.50 1.00
C GLU J 234 28.14 -60.78 1.91
N GLU J 235 28.39 -61.06 3.17
CA GLU J 235 27.31 -61.43 4.06
C GLU J 235 26.35 -60.32 4.32
N LEU J 236 26.79 -59.10 4.17
CA LEU J 236 25.96 -57.96 4.45
C LEU J 236 24.89 -57.78 3.46
N TRP J 237 23.83 -57.13 3.85
CA TRP J 237 22.72 -56.90 3.01
C TRP J 237 23.11 -55.92 1.97
N TRP J 238 22.37 -55.83 0.90
CA TRP J 238 22.74 -55.02 -0.26
C TRP J 238 22.91 -53.58 -0.01
N ASN J 239 22.10 -53.02 0.83
CA ASN J 239 22.13 -51.63 1.09
C ASN J 239 23.46 -51.24 1.63
N TRP J 240 24.13 -52.14 2.32
CA TRP J 240 25.33 -51.82 3.02
C TRP J 240 26.56 -52.36 2.41
N ARG J 241 26.52 -52.70 1.16
CA ARG J 241 27.63 -53.35 0.56
C ARG J 241 28.39 -52.40 -0.28
N LYS J 242 29.68 -52.34 -0.08
CA LYS J 242 30.55 -51.44 -0.78
C LYS J 242 30.72 -51.80 -2.18
N PRO J 243 30.80 -50.81 -3.04
CA PRO J 243 30.86 -51.15 -4.43
C PRO J 243 32.18 -51.77 -4.81
N GLU J 244 32.21 -52.60 -5.83
CA GLU J 244 33.42 -53.30 -6.20
C GLU J 244 34.46 -52.41 -6.81
N LYS J 245 34.02 -51.40 -7.53
CA LYS J 245 34.95 -50.47 -8.14
C LYS J 245 34.73 -49.14 -7.49
N GLU J 246 35.81 -48.45 -7.17
CA GLU J 246 35.70 -47.19 -6.47
C GLU J 246 34.97 -46.21 -7.32
N GLN J 247 34.15 -45.36 -6.71
CA GLN J 247 33.35 -44.42 -7.45
C GLN J 247 33.82 -42.99 -7.29
N TRP J 248 33.79 -42.21 -8.36
CA TRP J 248 34.24 -40.83 -8.32
C TRP J 248 33.38 -39.92 -7.51
N SER J 249 33.98 -38.94 -6.85
CA SER J 249 33.23 -37.97 -6.09
C SER J 249 33.93 -36.65 -6.09
N ARG J 250 33.20 -35.57 -5.88
CA ARG J 250 33.78 -34.26 -5.80
C ARG J 250 34.46 -34.04 -4.49
N TRP J 251 34.27 -34.94 -3.55
CA TRP J 251 34.78 -34.82 -2.24
C TRP J 251 35.90 -35.74 -1.92
N GLN J 252 36.54 -36.32 -2.90
CA GLN J 252 37.63 -37.23 -2.76
C GLN J 252 38.90 -36.66 -2.23
N ARG J 253 39.12 -35.38 -2.37
CA ARG J 253 40.32 -34.76 -1.93
C ARG J 253 40.06 -33.89 -0.74
N ARG J 254 40.90 -33.95 0.26
CA ARG J 254 40.78 -33.15 1.46
C ARG J 254 40.93 -31.67 1.26
N ARG J 255 40.16 -30.86 1.97
CA ARG J 255 40.18 -29.42 1.76
C ARG J 255 41.42 -28.73 2.21
N PRO J 256 41.95 -27.83 1.41
CA PRO J 256 43.10 -27.06 1.82
C PRO J 256 42.80 -26.03 2.92
N ASP J 257 43.67 -25.83 3.91
CA ASP J 257 43.42 -24.89 5.01
C ASP J 257 44.64 -24.38 5.73
N VAL J 258 44.51 -23.28 6.44
CA VAL J 258 45.60 -22.65 7.19
C VAL J 258 46.09 -23.50 8.33
N GLU J 259 45.22 -24.21 9.00
CA GLU J 259 45.58 -25.06 10.10
C GLU J 259 46.47 -26.19 9.76
N THR J 260 46.25 -26.86 8.66
CA THR J 260 47.13 -27.91 8.21
C THR J 260 48.52 -27.42 7.89
N VAL J 261 48.66 -26.26 7.25
CA VAL J 261 49.95 -25.72 6.93
C VAL J 261 50.76 -25.41 8.16
N PHE J 262 50.17 -24.78 9.13
CA PHE J 262 50.83 -24.48 10.38
C PHE J 262 51.20 -25.69 11.21
N LEU J 263 50.35 -26.68 11.29
CA LEU J 263 50.66 -27.85 12.06
C LEU J 263 51.84 -28.57 11.46
N LYS J 264 51.91 -28.64 10.15
CA LYS J 264 53.06 -29.25 9.53
C LYS J 264 54.32 -28.52 9.82
N ALA J 265 54.27 -27.20 9.73
CA ALA J 265 55.46 -26.40 9.96
C ALA J 265 55.98 -26.51 11.36
N MET J 266 55.09 -26.48 12.34
CA MET J 266 55.52 -26.62 13.70
C MET J 266 56.04 -28.00 14.01
N ALA J 267 55.52 -29.01 13.35
CA ALA J 267 56.03 -30.35 13.54
C ALA J 267 57.46 -30.50 13.12
N GLU J 268 57.87 -29.86 12.03
CA GLU J 268 59.26 -29.89 11.64
C GLU J 268 60.16 -29.24 12.66
N THR J 269 59.73 -28.13 13.22
CA THR J 269 60.50 -27.43 14.24
C THR J 269 60.63 -28.27 15.49
N GLY J 270 59.60 -29.01 15.84
CA GLY J 270 59.64 -29.79 17.05
C GLY J 270 58.77 -29.30 18.17
N GLN J 271 57.91 -28.34 17.89
CA GLN J 271 57.00 -27.82 18.90
C GLN J 271 55.83 -28.75 19.20
N VAL J 272 55.41 -29.57 18.24
CA VAL J 272 54.35 -30.48 18.45
C VAL J 272 54.74 -31.77 17.79
N LYS J 273 54.26 -32.90 18.27
CA LYS J 273 54.51 -34.17 17.65
C LYS J 273 53.15 -34.69 17.33
N LEU J 274 52.95 -35.19 16.14
CA LEU J 274 51.66 -35.65 15.73
C LEU J 274 51.75 -37.10 15.33
N TYR J 275 50.69 -37.87 15.48
CA TYR J 275 50.66 -39.25 15.07
C TYR J 275 50.73 -39.04 13.62
N GLY J 276 51.66 -39.63 12.94
CA GLY J 276 51.65 -39.49 11.51
C GLY J 276 52.32 -38.32 10.87
N ASP J 277 52.33 -38.34 9.56
CA ASP J 277 53.00 -37.32 8.84
C ASP J 277 52.07 -36.29 8.27
N HIS J 278 50.79 -36.58 8.20
CA HIS J 278 49.85 -35.58 7.75
C HIS J 278 48.85 -35.39 8.82
N PRO J 279 48.49 -34.15 9.12
CA PRO J 279 47.53 -33.85 10.16
C PRO J 279 46.15 -34.41 9.93
N THR J 280 45.46 -34.80 10.96
CA THR J 280 44.13 -35.36 10.86
C THR J 280 43.12 -34.31 11.17
N LEU J 281 41.86 -34.56 10.92
CA LEU J 281 40.82 -33.62 11.19
C LEU J 281 40.63 -33.29 12.66
N THR J 282 40.76 -34.23 13.56
CA THR J 282 40.74 -33.94 14.97
C THR J 282 41.92 -33.09 15.41
N GLU J 283 43.09 -33.30 14.86
CA GLU J 283 44.23 -32.50 15.18
C GLU J 283 44.06 -31.09 14.75
N THR J 284 43.47 -30.85 13.60
CA THR J 284 43.18 -29.52 13.13
C THR J 284 42.18 -28.79 14.00
N ALA J 285 41.19 -29.48 14.53
CA ALA J 285 40.26 -28.89 15.47
C ALA J 285 40.85 -28.46 16.77
N LEU J 286 41.74 -29.23 17.35
CA LEU J 286 42.42 -28.84 18.54
C LEU J 286 43.28 -27.60 18.34
N TYR J 287 43.93 -27.46 17.21
CA TYR J 287 44.70 -26.29 16.91
C TYR J 287 43.90 -25.04 16.89
N ARG J 288 42.69 -25.07 16.39
CA ARG J 288 41.90 -23.90 16.32
C ARG J 288 41.69 -23.41 17.74
N ALA J 289 41.46 -24.30 18.68
CA ALA J 289 41.34 -23.98 20.08
C ALA J 289 42.56 -23.48 20.81
N ARG J 290 43.71 -24.00 20.53
CA ARG J 290 44.92 -23.65 21.20
C ARG J 290 45.95 -22.87 20.40
N ARG J 291 45.59 -22.22 19.33
CA ARG J 291 46.48 -21.49 18.45
C ARG J 291 47.25 -20.36 19.07
N HIS J 292 46.65 -19.63 19.98
CA HIS J 292 47.26 -18.53 20.65
C HIS J 292 48.41 -18.89 21.54
N LEU J 293 48.35 -20.01 22.22
CA LEU J 293 49.36 -20.42 23.14
C LEU J 293 50.66 -20.57 22.44
N TYR J 294 50.66 -21.14 21.28
CA TYR J 294 51.82 -21.26 20.47
C TYR J 294 52.44 -20.01 19.86
N LYS J 295 51.69 -19.01 19.41
CA LYS J 295 52.26 -17.76 18.93
C LYS J 295 52.97 -17.06 20.03
N LYS J 296 52.42 -17.08 21.22
CA LYS J 296 53.02 -16.44 22.33
C LYS J 296 54.33 -17.04 22.66
N GLU J 297 54.45 -18.34 22.58
CA GLU J 297 55.71 -18.98 22.79
C GLU J 297 56.73 -18.59 21.77
N ARG J 298 56.36 -18.53 20.51
CA ARG J 298 57.27 -18.10 19.48
C ARG J 298 57.69 -16.66 19.61
N LEU J 299 56.78 -15.78 19.96
CA LEU J 299 57.10 -14.40 20.21
C LEU J 299 58.00 -14.17 21.39
N GLN J 300 57.85 -14.90 22.47
CA GLN J 300 58.80 -14.80 23.56
C GLN J 300 60.18 -15.22 23.16
N ALA J 301 60.38 -16.24 22.36
CA ALA J 301 61.70 -16.57 21.90
C ALA J 301 62.40 -15.52 21.10
N GLU J 302 61.69 -14.76 20.30
CA GLU J 302 62.26 -13.64 19.58
C GLU J 302 62.76 -12.56 20.50
N LYS J 303 62.06 -12.30 21.57
CA LYS J 303 62.49 -11.32 22.53
C LYS J 303 63.78 -11.71 23.13
N GLU J 304 63.93 -12.95 23.49
CA GLU J 304 65.16 -13.44 24.03
C GLU J 304 66.33 -13.42 23.11
N LYS J 305 66.19 -13.72 21.85
CA LYS J 305 67.30 -13.59 20.95
C LYS J 305 67.79 -12.16 20.78
N LEU J 306 66.90 -11.18 20.75
CA LEU J 306 67.34 -9.80 20.66
C LEU J 306 68.17 -9.43 21.83
N GLU J 307 67.80 -9.86 23.00
CA GLU J 307 68.60 -9.60 24.13
C GLU J 307 69.97 -10.24 24.15
N LYS J 308 70.09 -11.50 23.77
CA LYS J 308 71.39 -12.12 23.68
C LYS J 308 72.29 -11.64 22.58
N ILE J 309 71.80 -11.57 21.38
CA ILE J 309 72.56 -11.13 20.24
C ILE J 309 72.88 -9.64 20.17
N GLY J 310 71.99 -8.78 20.60
CA GLY J 310 72.17 -7.36 20.48
C GLY J 310 71.35 -6.72 19.40
N PRO J 311 71.16 -5.42 19.46
CA PRO J 311 70.37 -4.72 18.47
C PRO J 311 70.84 -4.72 17.04
N ILE J 312 72.12 -4.51 16.77
CA ILE J 312 72.71 -4.51 15.43
C ILE J 312 72.64 -5.85 14.76
N ALA J 313 72.89 -6.93 15.47
CA ALA J 313 72.75 -8.25 14.92
C ALA J 313 71.37 -8.74 14.58
N TYR J 314 70.39 -8.47 15.41
CA TYR J 314 69.01 -8.83 15.13
C TYR J 314 68.45 -8.15 13.95
N TYR J 315 68.76 -6.89 13.76
CA TYR J 315 68.15 -6.16 12.69
C TYR J 315 68.87 -6.27 11.39
N SER J 316 69.92 -7.06 11.33
CA SER J 316 70.71 -7.23 10.15
C SER J 316 70.21 -8.25 9.21
N GLU J 317 69.18 -8.99 9.59
CA GLU J 317 68.59 -9.89 8.67
C GLU J 317 68.04 -9.06 7.61
N TRP J 318 67.53 -7.92 7.96
CA TRP J 318 66.87 -7.09 7.00
C TRP J 318 67.71 -6.05 6.35
N VAL J 319 69.00 -5.97 6.62
CA VAL J 319 69.88 -5.10 5.87
C VAL J 319 70.90 -6.08 5.33
N GLN J 320 70.97 -6.26 4.02
CA GLN J 320 71.87 -7.24 3.43
C GLN J 320 73.12 -6.65 2.87
N ALA J 321 73.21 -5.37 2.90
CA ALA J 321 74.37 -4.72 2.45
C ALA J 321 75.36 -4.51 3.54
N TRP J 322 75.01 -4.79 4.79
CA TRP J 322 75.99 -4.70 5.83
C TRP J 322 76.75 -5.96 5.85
N LYS J 323 78.05 -5.87 5.70
CA LYS J 323 78.86 -7.01 5.67
C LYS J 323 79.98 -6.68 6.60
N LYS J 324 79.68 -6.55 7.87
CA LYS J 324 80.66 -6.17 8.83
C LYS J 324 80.30 -6.91 10.10
N ASP J 325 81.26 -7.24 10.94
CA ASP J 325 80.99 -8.02 12.12
C ASP J 325 80.06 -7.36 13.08
N THR J 326 79.10 -8.10 13.59
CA THR J 326 78.09 -7.56 14.45
C THR J 326 78.06 -8.06 15.85
N SER J 327 79.10 -8.71 16.30
CA SER J 327 79.18 -9.24 17.65
C SER J 327 79.35 -8.17 18.64
N ARG J 328 78.97 -8.39 19.87
CA ARG J 328 79.04 -7.32 20.83
C ARG J 328 80.46 -6.96 21.01
N GLU J 329 81.33 -7.95 20.98
CA GLU J 329 82.73 -7.70 21.06
C GLU J 329 83.18 -6.96 19.84
N ALA J 330 82.61 -7.07 18.67
CA ALA J 330 83.12 -6.23 17.57
C ALA J 330 82.72 -4.78 17.73
N ILE J 331 81.55 -4.53 18.29
CA ILE J 331 81.08 -3.21 18.51
C ILE J 331 81.86 -2.40 19.52
N GLN J 332 82.32 -3.00 20.61
CA GLN J 332 83.15 -2.29 21.57
C GLN J 332 84.45 -1.84 20.98
N LYS J 333 85.05 -2.63 20.14
CA LYS J 333 86.30 -2.28 19.58
C LYS J 333 86.22 -1.04 18.77
N HIS J 334 85.16 -0.87 18.01
CA HIS J 334 84.95 0.33 17.22
C HIS J 334 84.75 1.58 18.08
N PHE J 335 84.09 1.48 19.22
CA PHE J 335 83.98 2.63 20.10
C PHE J 335 85.32 3.07 20.61
N GLU J 336 86.17 2.11 20.98
CA GLU J 336 87.50 2.46 21.40
C GLU J 336 88.33 3.11 20.32
N GLU J 337 88.35 2.55 19.14
CA GLU J 337 89.04 3.17 18.04
C GLU J 337 88.50 4.48 17.41
N THR J 338 87.20 4.61 17.22
CA THR J 338 86.62 5.79 16.56
C THR J 338 85.69 6.68 17.36
N GLY J 339 85.30 6.28 18.55
CA GLY J 339 84.40 7.06 19.35
C GLY J 339 82.95 6.96 19.06
N GLU J 340 82.54 6.07 18.18
CA GLU J 340 81.14 5.96 17.79
C GLU J 340 80.51 4.83 18.53
N ASP J 341 79.51 5.08 19.32
CA ASP J 341 78.92 4.08 20.17
C ASP J 341 77.93 3.23 19.48
N GLU J 342 77.23 2.39 20.21
CA GLU J 342 76.30 1.46 19.59
C GLU J 342 75.26 2.17 18.78
N ASN J 343 74.71 3.23 19.32
CA ASN J 343 73.63 3.90 18.63
C ASN J 343 74.08 4.46 17.30
N THR J 344 75.26 5.04 17.23
CA THR J 344 75.74 5.63 16.00
C THR J 344 75.97 4.55 14.97
N GLN J 345 76.46 3.40 15.38
CA GLN J 345 76.62 2.31 14.48
C GLN J 345 75.32 1.76 13.95
N LEU J 346 74.29 1.72 14.77
CA LEU J 346 72.99 1.24 14.34
C LEU J 346 72.39 2.18 13.33
N ILE J 347 72.53 3.46 13.55
CA ILE J 347 72.01 4.43 12.62
C ILE J 347 72.69 4.29 11.27
N GLU J 348 73.98 4.02 11.26
CA GLU J 348 74.68 3.84 10.00
C GLU J 348 74.21 2.64 9.22
N MET J 349 73.87 1.56 9.88
CA MET J 349 73.35 0.39 9.21
C MET J 349 72.07 0.62 8.51
N PHE J 350 71.18 1.38 9.08
CA PHE J 350 69.89 1.57 8.50
C PHE J 350 69.98 2.44 7.29
N CYS J 351 71.06 3.16 7.16
CA CYS J 351 71.30 3.98 6.02
C CYS J 351 71.63 3.14 4.82
N HIS J 352 71.84 1.86 4.99
CA HIS J 352 72.11 0.96 3.89
C HIS J 352 70.96 0.03 3.56
N GLN J 353 69.76 0.29 4.03
CA GLN J 353 68.60 -0.53 3.80
C GLN J 353 67.68 -0.02 2.75
N THR J 354 67.17 -0.89 1.91
CA THR J 354 66.25 -0.56 0.86
C THR J 354 64.85 -0.43 1.39
N ASP J 355 64.01 0.30 0.68
CA ASP J 355 62.64 0.49 1.12
C ASP J 355 61.87 -0.78 1.07
N ARG J 356 62.22 -1.66 0.15
CA ARG J 356 61.56 -2.93 0.08
C ARG J 356 61.85 -3.71 1.32
N GLU J 357 63.07 -3.63 1.82
CA GLU J 357 63.46 -4.37 3.00
C GLU J 357 62.87 -3.79 4.27
N TYR J 358 62.72 -2.47 4.33
CA TYR J 358 62.07 -1.85 5.48
C TYR J 358 60.68 -2.29 5.63
N ARG J 359 59.99 -2.44 4.54
CA ARG J 359 58.61 -2.78 4.57
C ARG J 359 58.45 -4.18 5.07
N ILE J 360 59.38 -5.07 4.80
CA ILE J 360 59.36 -6.41 5.36
C ILE J 360 59.67 -6.45 6.87
N MET J 361 60.32 -5.43 7.43
CA MET J 361 60.70 -5.38 8.84
C MET J 361 59.63 -4.92 9.76
N MET J 362 58.51 -4.53 9.21
CA MET J 362 57.43 -4.06 10.01
C MET J 362 56.76 -5.09 10.84
N GLY J 363 57.09 -6.36 10.67
CA GLY J 363 56.55 -7.40 11.50
C GLY J 363 57.16 -7.38 12.85
N THR J 364 58.20 -6.60 13.02
CA THR J 364 58.86 -6.46 14.27
C THR J 364 58.35 -5.30 15.11
N ASP J 365 57.27 -4.64 14.71
CA ASP J 365 56.69 -3.52 15.43
C ASP J 365 56.11 -3.93 16.74
N ILE J 366 56.32 -3.14 17.75
CA ILE J 366 55.86 -3.42 19.05
C ILE J 366 54.36 -3.43 19.12
N ARG J 367 53.70 -2.52 18.44
CA ARG J 367 52.27 -2.42 18.48
C ARG J 367 51.47 -3.52 17.86
N ILE J 368 51.88 -4.00 16.70
CA ILE J 368 51.16 -5.02 15.98
C ILE J 368 52.08 -6.11 15.52
N PRO J 369 52.64 -6.90 16.43
CA PRO J 369 53.64 -7.91 16.08
C PRO J 369 53.14 -9.09 15.23
N ARG J 370 53.90 -9.60 14.28
CA ARG J 370 53.51 -10.70 13.41
C ARG J 370 54.11 -11.98 13.86
N ASP J 371 53.46 -13.10 13.61
CA ASP J 371 53.92 -14.37 14.06
C ASP J 371 55.24 -14.58 13.45
N PRO J 372 56.20 -15.02 14.23
CA PRO J 372 57.48 -15.31 13.65
C PRO J 372 57.47 -16.40 12.58
N LEU J 373 56.62 -17.41 12.64
CA LEU J 373 56.53 -18.40 11.57
C LEU J 373 56.04 -17.90 10.24
N ALA J 374 55.05 -17.04 10.22
CA ALA J 374 54.54 -16.44 9.00
C ALA J 374 55.54 -15.60 8.30
N MET J 375 56.31 -14.85 9.03
CA MET J 375 57.32 -14.01 8.45
C MET J 375 58.36 -14.77 7.69
N ARG J 376 58.83 -15.88 8.21
CA ARG J 376 59.89 -16.62 7.60
C ARG J 376 59.47 -17.83 6.79
N MET J 377 58.20 -18.04 6.54
CA MET J 377 57.71 -19.16 5.75
C MET J 377 58.07 -19.13 4.29
N ARG J 378 58.29 -20.29 3.70
CA ARG J 378 58.64 -20.38 2.30
C ARG J 378 57.46 -20.39 1.37
N GLU J 379 57.67 -20.16 0.10
CA GLU J 379 56.59 -20.07 -0.87
C GLU J 379 55.81 -21.32 -1.07
N ASP J 380 56.51 -22.45 -1.03
CA ASP J 380 55.88 -23.72 -1.21
C ASP J 380 54.87 -23.95 -0.14
N GLN J 381 55.23 -23.62 1.08
CA GLN J 381 54.33 -23.82 2.18
C GLN J 381 53.08 -22.98 2.12
N ILE J 382 53.20 -21.73 1.72
CA ILE J 382 52.05 -20.84 1.70
C ILE J 382 51.01 -21.26 0.69
N LYS J 383 51.43 -21.76 -0.44
CA LYS J 383 50.54 -22.18 -1.49
C LYS J 383 49.55 -23.20 -1.09
N GLN J 384 49.88 -24.05 -0.17
CA GLN J 384 49.02 -25.11 0.28
C GLN J 384 47.83 -24.64 1.03
N ILE J 385 47.76 -23.38 1.37
CA ILE J 385 46.60 -22.78 1.99
C ILE J 385 45.45 -22.81 1.05
N TRP J 386 45.69 -22.56 -0.22
CA TRP J 386 44.66 -22.60 -1.23
C TRP J 386 44.67 -23.83 -2.07
N GLY J 387 45.66 -24.64 -1.90
CA GLY J 387 45.77 -25.83 -2.69
C GLY J 387 46.59 -25.90 -3.92
N GLY J 388 47.34 -24.89 -4.20
CA GLY J 388 48.19 -24.92 -5.33
C GLY J 388 47.63 -24.14 -6.44
N ASP J 389 48.25 -24.21 -7.59
CA ASP J 389 47.82 -23.45 -8.73
C ASP J 389 46.50 -23.80 -9.30
N PRO J 390 45.70 -22.80 -9.72
CA PRO J 390 44.40 -23.04 -10.33
C PRO J 390 44.38 -23.80 -11.63
N VAL J 391 43.45 -24.72 -11.83
CA VAL J 391 43.37 -25.51 -13.05
C VAL J 391 43.04 -24.70 -14.29
N TYR J 392 42.11 -23.77 -14.24
CA TYR J 392 41.85 -22.87 -15.34
C TYR J 392 42.80 -21.75 -15.19
N PRO J 393 43.58 -21.48 -16.20
CA PRO J 393 44.59 -20.46 -16.18
C PRO J 393 44.07 -19.06 -15.97
N THR J 394 44.75 -18.22 -15.19
CA THR J 394 44.31 -16.87 -14.89
C THR J 394 44.57 -15.87 -15.97
N ILE J 395 45.32 -16.22 -16.96
CA ILE J 395 45.58 -15.38 -18.07
C ILE J 395 44.33 -15.07 -18.86
N ASN J 396 43.37 -15.96 -18.83
CA ASN J 396 42.16 -15.76 -19.58
C ASN J 396 41.45 -14.59 -19.00
N TYR J 397 41.51 -14.46 -17.70
CA TYR J 397 40.88 -13.35 -17.00
C TYR J 397 41.48 -11.96 -17.18
N ILE J 398 42.79 -11.83 -17.26
CA ILE J 398 43.46 -10.53 -17.33
C ILE J 398 43.32 -9.63 -18.56
N GLN J 399 43.08 -8.33 -18.36
CA GLN J 399 42.98 -7.38 -19.41
C GLN J 399 43.82 -6.25 -18.95
N ASP J 400 44.54 -5.61 -19.82
CA ASP J 400 45.37 -4.49 -19.48
C ASP J 400 44.58 -3.30 -19.12
N PRO J 401 45.06 -2.52 -18.18
CA PRO J 401 44.27 -1.40 -17.70
C PRO J 401 43.93 -0.29 -18.68
N ASP J 402 44.75 -0.04 -19.69
CA ASP J 402 44.51 0.99 -20.66
C ASP J 402 44.24 0.41 -22.02
N GLU J 403 43.16 -0.33 -22.20
CA GLU J 403 42.88 -1.00 -23.43
C GLU J 403 41.62 -0.55 -24.10
N VAL J 404 41.63 -0.35 -25.41
CA VAL J 404 40.45 -0.01 -26.11
C VAL J 404 39.98 -1.26 -26.80
N ILE J 405 38.76 -1.70 -26.54
CA ILE J 405 38.25 -2.93 -27.08
C ILE J 405 38.10 -2.92 -28.57
N ASP J 406 38.40 -4.02 -29.25
CA ASP J 406 38.28 -4.14 -30.69
C ASP J 406 37.06 -4.85 -30.96
N TYR J 407 36.14 -4.19 -31.62
CA TYR J 407 34.88 -4.74 -31.83
C TYR J 407 34.82 -5.64 -32.99
N ARG J 408 35.81 -5.60 -33.83
CA ARG J 408 35.87 -6.52 -34.91
C ARG J 408 36.76 -7.63 -34.52
N GLY J 409 36.42 -8.40 -33.51
CA GLY J 409 37.25 -9.43 -32.99
C GLY J 409 36.48 -10.69 -32.96
N PRO J 410 37.12 -11.83 -32.60
CA PRO J 410 36.38 -13.08 -32.77
C PRO J 410 35.13 -13.31 -31.97
N ASP J 411 34.88 -12.53 -30.94
CA ASP J 411 33.73 -12.80 -30.08
C ASP J 411 32.59 -11.83 -30.14
N PHE J 412 32.55 -11.02 -31.18
CA PHE J 412 31.52 -10.01 -31.30
C PHE J 412 30.69 -10.22 -32.53
N HIS J 413 29.45 -9.80 -32.50
CA HIS J 413 28.55 -9.94 -33.63
C HIS J 413 28.88 -9.00 -34.75
N GLU J 414 28.38 -9.30 -35.93
CA GLU J 414 28.67 -8.48 -37.09
C GLU J 414 28.24 -7.02 -36.97
N PRO J 415 28.94 -6.07 -37.65
CA PRO J 415 28.57 -4.70 -37.42
C PRO J 415 27.16 -4.36 -37.81
N THR J 416 26.42 -3.63 -36.99
CA THR J 416 25.02 -3.30 -37.25
C THR J 416 24.78 -2.29 -38.31
N PRO J 417 23.70 -2.45 -39.05
CA PRO J 417 23.45 -1.56 -40.16
C PRO J 417 22.35 -0.53 -39.94
N ASN J 418 22.46 0.67 -40.48
CA ASN J 418 21.46 1.68 -40.31
C ASN J 418 20.23 1.20 -40.97
N MET J 419 19.07 1.33 -40.35
CA MET J 419 17.89 0.76 -40.94
C MET J 419 17.62 1.36 -42.28
N LEU J 420 17.81 2.64 -42.43
CA LEU J 420 17.46 3.20 -43.68
C LEU J 420 18.29 2.68 -44.80
N ALA J 421 19.57 2.56 -44.59
CA ALA J 421 20.44 2.11 -45.62
C ALA J 421 20.20 0.71 -45.99
N TYR J 422 19.90 -0.12 -45.05
CA TYR J 422 19.59 -1.49 -45.31
C TYR J 422 18.36 -1.60 -46.10
N LEU J 423 17.35 -0.86 -45.75
CA LEU J 423 16.09 -0.90 -46.45
C LEU J 423 16.24 -0.37 -47.83
N LYS J 424 16.99 0.68 -48.03
CA LYS J 424 17.27 1.13 -49.38
C LYS J 424 18.05 0.17 -50.24
N GLU J 425 19.02 -0.53 -49.69
CA GLU J 425 19.80 -1.50 -50.43
C GLU J 425 18.97 -2.62 -50.94
N HIS J 426 18.02 -3.07 -50.18
CA HIS J 426 17.18 -4.15 -50.58
C HIS J 426 15.98 -3.67 -51.34
N GLY J 427 15.85 -2.39 -51.54
CA GLY J 427 14.77 -1.85 -52.35
C GLY J 427 13.45 -1.51 -51.75
N LYS J 428 13.25 -1.82 -50.49
CA LYS J 428 12.03 -1.53 -49.82
C LYS J 428 11.67 -0.05 -49.70
N ILE J 429 12.63 0.84 -49.52
CA ILE J 429 12.38 2.27 -49.51
C ILE J 429 13.08 2.93 -50.67
N ILE J 430 12.40 3.79 -51.41
CA ILE J 430 12.96 4.49 -52.56
C ILE J 430 13.34 5.93 -52.35
N SER J 431 14.25 6.44 -53.12
CA SER J 431 14.73 7.79 -52.96
C SER J 431 13.84 8.86 -53.45
N ARG J 432 14.15 10.09 -53.10
CA ARG J 432 13.35 11.22 -53.51
C ARG J 432 13.35 11.40 -55.01
N GLU J 433 14.51 11.20 -55.62
CA GLU J 433 14.64 11.35 -57.05
C GLU J 433 13.79 10.37 -57.79
N GLU J 434 13.72 9.16 -57.31
CA GLU J 434 12.87 8.20 -57.92
C GLU J 434 11.40 8.51 -57.88
N LEU J 435 10.86 9.05 -56.81
CA LEU J 435 9.44 9.38 -56.85
C LEU J 435 9.27 10.41 -57.88
N GLU J 436 10.18 11.38 -57.91
CA GLU J 436 10.00 12.46 -58.83
C GLU J 436 10.01 11.94 -60.24
N LYS J 437 10.94 11.06 -60.55
CA LYS J 437 11.04 10.54 -61.89
C LYS J 437 9.81 9.78 -62.26
N ILE J 438 9.34 8.95 -61.37
CA ILE J 438 8.12 8.26 -61.65
C ILE J 438 6.93 9.20 -61.71
N LEU J 439 6.87 10.19 -60.83
CA LEU J 439 5.73 11.06 -60.82
C LEU J 439 5.65 11.88 -62.07
N ALA J 440 6.79 12.39 -62.52
CA ALA J 440 6.81 13.20 -63.72
C ALA J 440 6.40 12.44 -64.98
N LYS J 441 6.88 11.21 -65.12
CA LYS J 441 6.54 10.41 -66.27
C LYS J 441 5.07 10.14 -66.30
N GLU J 442 4.50 9.86 -65.13
CA GLU J 442 3.08 9.60 -65.04
C GLU J 442 2.29 10.82 -65.47
N LYS J 443 2.75 11.98 -65.06
CA LYS J 443 2.08 13.21 -65.44
C LYS J 443 2.13 13.41 -66.94
N THR J 444 3.28 13.11 -67.54
CA THR J 444 3.42 13.23 -68.98
C THR J 444 2.47 12.27 -69.71
N GLU J 445 2.36 11.05 -69.18
CA GLU J 445 1.45 10.08 -69.78
C GLU J 445 0.01 10.54 -69.71
N GLU J 446 -0.38 11.13 -68.58
CA GLU J 446 -1.74 11.63 -68.42
C GLU J 446 -2.03 12.78 -69.38
N PHE K 111 80.71 -31.84 -9.86
CA PHE K 111 81.19 -32.97 -10.62
C PHE K 111 80.05 -33.59 -11.39
N PRO K 112 78.96 -33.99 -10.69
CA PRO K 112 77.89 -34.48 -11.57
C PRO K 112 77.13 -33.29 -12.14
N TYR K 113 76.23 -33.54 -13.07
CA TYR K 113 75.46 -32.48 -13.68
C TYR K 113 74.30 -32.05 -12.78
N PRO K 114 73.64 -30.93 -13.11
CA PRO K 114 72.52 -30.47 -12.30
C PRO K 114 71.41 -31.50 -12.26
N ASN K 115 70.62 -31.55 -11.20
CA ASN K 115 69.66 -32.66 -11.02
C ASN K 115 68.51 -33.02 -11.92
N PRO K 116 67.72 -32.06 -12.39
CA PRO K 116 66.69 -32.57 -13.30
C PRO K 116 67.42 -32.79 -14.61
N PRO K 117 67.35 -33.98 -15.20
CA PRO K 117 68.16 -34.23 -16.40
C PRO K 117 67.78 -33.41 -17.62
N LEU K 118 68.72 -33.11 -18.52
CA LEU K 118 68.44 -32.24 -19.67
C LEU K 118 67.95 -32.89 -20.93
N VAL K 119 67.14 -32.20 -21.73
CA VAL K 119 66.59 -32.68 -22.96
C VAL K 119 66.96 -31.70 -24.06
N ILE K 120 67.14 -32.14 -25.30
CA ILE K 120 67.44 -31.26 -26.39
C ILE K 120 66.39 -31.29 -27.45
N CYS K 121 65.89 -30.15 -27.88
CA CYS K 121 64.93 -30.08 -28.96
C CYS K 121 65.56 -29.48 -30.18
N PHE K 122 65.57 -30.20 -31.28
CA PHE K 122 66.25 -29.79 -32.48
C PHE K 122 65.31 -29.51 -33.60
N GLY K 123 65.41 -28.34 -34.18
CA GLY K 123 64.59 -28.05 -35.30
C GLY K 123 64.41 -26.61 -35.58
N ALA K 124 63.30 -26.27 -36.20
CA ALA K 124 63.01 -24.91 -36.52
C ALA K 124 62.07 -24.22 -35.59
N ALA K 125 62.41 -23.02 -35.18
CA ALA K 125 61.57 -22.21 -34.33
C ALA K 125 60.62 -21.41 -35.17
N GLN K 126 59.34 -21.68 -35.07
CA GLN K 126 58.35 -21.00 -35.83
C GLN K 126 57.28 -20.56 -34.86
N LYS K 127 56.67 -19.38 -35.02
CA LYS K 127 55.76 -18.88 -33.98
C LYS K 127 54.47 -19.58 -33.63
N GLU K 128 53.59 -19.86 -34.59
CA GLU K 128 52.38 -20.63 -34.32
C GLU K 128 52.10 -21.34 -35.60
N PHE K 129 52.79 -22.43 -35.87
CA PHE K 129 52.67 -23.10 -37.14
C PHE K 129 52.09 -24.47 -36.91
N VAL K 130 51.08 -24.85 -37.68
CA VAL K 130 50.54 -26.18 -37.58
C VAL K 130 51.05 -26.92 -38.78
N PRO K 131 51.89 -27.91 -38.56
CA PRO K 131 52.43 -28.71 -39.64
C PRO K 131 51.48 -29.60 -40.43
N THR K 132 50.52 -30.26 -39.79
CA THR K 132 49.66 -31.23 -40.50
C THR K 132 48.46 -30.66 -41.18
N VAL K 133 48.39 -30.77 -42.50
CA VAL K 133 47.23 -30.30 -43.22
C VAL K 133 46.69 -31.36 -44.15
N ARG K 134 45.41 -31.67 -44.07
CA ARG K 134 44.78 -32.60 -44.99
C ARG K 134 43.46 -31.94 -45.32
N VAL K 135 42.63 -32.55 -46.14
CA VAL K 135 41.30 -31.97 -46.45
C VAL K 135 40.17 -32.29 -45.50
N SER K 136 39.27 -31.35 -45.26
CA SER K 136 38.15 -31.55 -44.39
C SER K 136 36.84 -31.35 -45.05
N HIS K 137 35.91 -32.27 -44.86
CA HIS K 137 34.59 -32.19 -45.45
C HIS K 137 33.73 -31.06 -44.97
N GLU K 138 33.75 -30.76 -43.70
CA GLU K 138 33.05 -29.62 -43.16
C GLU K 138 33.79 -28.33 -43.23
N GLN K 139 33.13 -27.30 -43.71
CA GLN K 139 33.75 -25.99 -43.83
C GLN K 139 32.78 -24.92 -43.39
N MET K 140 33.25 -23.77 -42.96
CA MET K 140 32.42 -22.71 -42.44
C MET K 140 32.55 -21.51 -43.36
N HIS K 141 31.98 -20.37 -43.03
CA HIS K 141 32.00 -19.20 -43.90
C HIS K 141 33.38 -18.70 -44.22
N GLN K 142 33.58 -18.23 -45.43
CA GLN K 142 34.85 -17.78 -45.89
C GLN K 142 35.34 -16.60 -45.16
N ASP K 143 34.47 -15.68 -44.85
CA ASP K 143 34.84 -14.47 -44.20
C ASP K 143 34.58 -14.27 -42.71
N LYS K 144 33.53 -14.79 -42.13
CA LYS K 144 33.17 -14.57 -40.75
C LYS K 144 33.86 -15.50 -39.83
N TYR K 145 34.79 -15.00 -39.05
CA TYR K 145 35.66 -15.80 -38.23
C TYR K 145 35.17 -15.99 -36.88
N SER K 146 33.96 -15.57 -36.64
CA SER K 146 33.37 -15.71 -35.40
C SER K 146 32.68 -17.03 -35.41
N GLU K 147 32.70 -17.69 -36.53
CA GLU K 147 32.00 -18.94 -36.66
C GLU K 147 32.97 -20.05 -36.67
N TRP K 148 34.24 -19.74 -36.81
CA TRP K 148 35.22 -20.79 -36.95
C TRP K 148 35.48 -21.53 -35.67
N LYS K 149 35.05 -20.99 -34.55
CA LYS K 149 35.21 -21.64 -33.26
C LYS K 149 34.46 -22.93 -33.19
N MET K 150 33.41 -23.05 -33.95
CA MET K 150 32.60 -24.23 -33.92
C MET K 150 33.41 -25.42 -34.35
N LEU K 151 34.30 -25.24 -35.30
CA LEU K 151 35.17 -26.32 -35.71
C LEU K 151 36.11 -26.75 -34.61
N GLN K 152 36.52 -25.87 -33.73
CA GLN K 152 37.30 -26.29 -32.58
C GLN K 152 36.46 -27.14 -31.65
N TRP K 153 35.19 -26.82 -31.46
CA TRP K 153 34.32 -27.62 -30.63
C TRP K 153 34.13 -29.02 -31.17
N ASN K 154 33.92 -29.16 -32.47
CA ASN K 154 33.83 -30.48 -33.08
C ASN K 154 34.96 -30.53 -34.08
N PRO K 155 36.09 -31.18 -33.73
CA PRO K 155 37.21 -31.04 -34.63
C PRO K 155 37.34 -32.00 -35.80
N PRO K 156 37.99 -31.59 -36.92
CA PRO K 156 38.22 -32.59 -37.95
C PRO K 156 39.17 -33.56 -37.26
N GLU K 157 39.10 -34.84 -37.53
CA GLU K 157 39.89 -35.81 -36.73
C GLU K 157 41.39 -35.69 -36.71
N PHE K 158 42.01 -35.34 -37.81
CA PHE K 158 43.45 -35.29 -37.83
C PHE K 158 43.97 -34.25 -36.88
N VAL K 159 43.13 -33.31 -36.50
CA VAL K 159 43.59 -32.23 -35.65
C VAL K 159 42.91 -32.20 -34.31
N ARG K 160 42.62 -33.35 -33.73
CA ARG K 160 42.04 -33.37 -32.40
C ARG K 160 43.03 -32.85 -31.40
N ALA K 161 44.30 -33.18 -31.55
CA ALA K 161 45.33 -32.66 -30.67
C ALA K 161 46.48 -32.20 -31.48
N PRO K 162 46.35 -31.07 -32.15
CA PRO K 162 47.40 -30.67 -33.06
C PRO K 162 48.75 -30.47 -32.45
N GLY K 163 49.77 -31.08 -32.99
CA GLY K 163 51.12 -30.84 -32.56
C GLY K 163 51.76 -29.65 -33.21
N GLY K 164 53.03 -29.41 -32.94
CA GLY K 164 53.64 -28.21 -33.43
C GLY K 164 55.13 -28.12 -33.53
N PRO K 165 55.66 -26.92 -33.60
CA PRO K 165 57.09 -26.69 -33.72
C PRO K 165 57.90 -27.17 -32.54
N PRO K 166 59.16 -27.50 -32.75
CA PRO K 166 60.02 -27.99 -31.67
C PRO K 166 60.26 -27.00 -30.54
N SER K 167 60.12 -25.73 -30.81
CA SER K 167 60.26 -24.73 -29.79
C SER K 167 59.23 -24.83 -28.71
N ASN K 168 58.00 -25.15 -29.07
CA ASN K 168 56.92 -25.27 -28.12
C ASN K 168 57.08 -26.37 -27.12
N VAL K 169 57.62 -27.50 -27.51
CA VAL K 169 57.87 -28.57 -26.58
C VAL K 169 58.82 -28.16 -25.48
N ALA K 170 59.84 -27.40 -25.78
CA ALA K 170 60.75 -26.93 -24.79
C ALA K 170 60.19 -26.00 -23.76
N ILE K 171 59.36 -25.05 -24.16
CA ILE K 171 58.71 -24.16 -23.24
C ILE K 171 57.80 -24.91 -22.32
N SER K 172 57.04 -25.87 -22.81
CA SER K 172 56.23 -26.71 -21.95
C SER K 172 56.97 -27.58 -20.98
N HIS K 173 58.09 -28.14 -21.37
CA HIS K 173 58.88 -28.95 -20.48
C HIS K 173 59.37 -28.14 -19.32
N VAL K 174 59.82 -26.93 -19.50
CA VAL K 174 60.25 -26.10 -18.42
C VAL K 174 59.17 -25.75 -17.47
N ARG K 175 57.98 -25.48 -17.97
CA ARG K 175 56.85 -25.20 -17.14
C ARG K 175 56.39 -26.33 -16.29
N LEU K 176 56.54 -27.55 -16.76
CA LEU K 176 56.10 -28.71 -16.05
C LEU K 176 57.21 -29.17 -15.16
N GLY K 177 58.27 -28.39 -15.07
CA GLY K 177 59.42 -28.71 -14.27
C GLY K 177 60.33 -29.34 -15.23
N GLY K 178 61.60 -29.18 -15.10
CA GLY K 178 62.40 -29.73 -16.13
C GLY K 178 63.29 -28.75 -16.76
N ARG K 179 64.29 -29.23 -17.46
CA ARG K 179 65.26 -28.37 -18.05
C ARG K 179 65.45 -28.73 -19.48
N ALA K 180 65.38 -27.76 -20.35
CA ALA K 180 65.47 -28.01 -21.76
C ALA K 180 66.38 -27.08 -22.50
N ALA K 181 66.89 -27.52 -23.63
CA ALA K 181 67.76 -26.72 -24.45
C ALA K 181 67.37 -26.76 -25.89
N PHE K 182 67.44 -25.66 -26.59
CA PHE K 182 67.04 -25.60 -27.97
C PHE K 182 68.17 -25.42 -28.94
N MET K 183 68.32 -26.32 -29.91
CA MET K 183 69.35 -26.22 -30.91
C MET K 183 68.89 -25.80 -32.29
N GLY K 184 69.33 -24.64 -32.76
CA GLY K 184 68.92 -24.13 -34.06
C GLY K 184 69.57 -22.83 -34.47
N LYS K 185 69.23 -22.31 -35.64
CA LYS K 185 69.76 -21.07 -36.12
C LYS K 185 68.69 -20.08 -36.45
N VAL K 186 68.83 -18.85 -36.02
CA VAL K 186 67.88 -17.84 -36.28
C VAL K 186 68.70 -16.69 -36.74
N GLY K 187 68.15 -15.79 -37.48
CA GLY K 187 68.87 -14.66 -37.98
C GLY K 187 69.11 -13.56 -36.98
N ASN K 188 69.89 -12.55 -37.34
CA ASN K 188 70.14 -11.44 -36.45
C ASN K 188 69.16 -10.37 -36.72
N ASP K 189 68.07 -10.71 -37.38
CA ASP K 189 67.02 -9.79 -37.66
C ASP K 189 66.13 -9.62 -36.46
N GLU K 190 65.15 -8.74 -36.54
CA GLU K 190 64.26 -8.47 -35.43
C GLU K 190 63.37 -9.60 -34.93
N PHE K 191 62.80 -10.38 -35.81
CA PHE K 191 61.97 -11.47 -35.42
C PHE K 191 62.79 -12.49 -34.71
N GLY K 192 64.00 -12.70 -35.16
CA GLY K 192 64.85 -13.68 -34.55
C GLY K 192 65.19 -13.35 -33.14
N GLN K 193 65.49 -12.12 -32.88
CA GLN K 193 65.77 -11.69 -31.56
C GLN K 193 64.57 -11.82 -30.63
N GLU K 194 63.37 -11.61 -31.13
CA GLU K 194 62.17 -11.78 -30.34
C GLU K 194 61.99 -13.18 -29.88
N MET K 195 62.23 -14.14 -30.73
CA MET K 195 62.13 -15.51 -30.33
C MET K 195 63.11 -15.97 -29.31
N VAL K 196 64.35 -15.55 -29.40
CA VAL K 196 65.32 -15.92 -28.40
C VAL K 196 64.95 -15.28 -27.08
N LEU K 197 64.42 -14.06 -27.12
CA LEU K 197 64.02 -13.41 -25.90
C LEU K 197 62.90 -14.18 -25.21
N LEU K 198 61.95 -14.66 -25.99
CA LEU K 198 60.85 -15.39 -25.40
C LEU K 198 61.34 -16.63 -24.72
N MET K 199 62.22 -17.35 -25.39
CA MET K 199 62.73 -18.56 -24.80
C MET K 199 63.57 -18.30 -23.58
N ASN K 200 64.40 -17.28 -23.63
CA ASN K 200 65.24 -16.94 -22.49
C ASN K 200 64.39 -16.57 -21.32
N LYS K 201 63.34 -15.81 -21.56
CA LYS K 201 62.44 -15.40 -20.50
C LYS K 201 61.71 -16.58 -19.89
N GLU K 202 61.44 -17.60 -20.68
CA GLU K 202 60.76 -18.76 -20.19
C GLU K 202 61.74 -19.73 -19.59
N LYS K 203 63.02 -19.37 -19.59
CA LYS K 203 64.06 -20.18 -18.98
C LYS K 203 64.49 -21.42 -19.71
N VAL K 204 64.46 -21.38 -21.04
CA VAL K 204 64.92 -22.48 -21.82
C VAL K 204 66.32 -22.11 -22.17
N GLN K 205 67.26 -23.00 -21.99
CA GLN K 205 68.63 -22.76 -22.34
C GLN K 205 68.83 -22.47 -23.81
N THR K 206 69.37 -21.30 -24.11
CA THR K 206 69.54 -20.87 -25.47
C THR K 206 70.96 -20.78 -25.97
N ARG K 207 71.87 -21.46 -25.32
CA ARG K 207 73.26 -21.45 -25.71
C ARG K 207 73.60 -22.05 -27.05
N ALA K 208 72.82 -22.98 -27.54
CA ALA K 208 73.10 -23.67 -28.77
C ALA K 208 72.42 -23.06 -29.94
N VAL K 209 71.88 -21.88 -29.77
CA VAL K 209 71.25 -21.18 -30.85
C VAL K 209 72.26 -20.34 -31.51
N LYS K 210 72.37 -20.47 -32.82
CA LYS K 210 73.31 -19.72 -33.57
C LYS K 210 72.65 -18.62 -34.32
N PHE K 211 73.31 -17.51 -34.43
CA PHE K 211 72.76 -16.37 -35.06
C PHE K 211 73.53 -16.10 -36.34
N ASP K 212 72.88 -15.86 -37.47
CA ASP K 212 73.54 -15.53 -38.73
C ASP K 212 73.17 -14.19 -39.29
N ASP K 213 74.14 -13.50 -39.87
CA ASP K 213 73.90 -12.18 -40.40
C ASP K 213 73.53 -12.09 -41.86
N SER K 214 73.62 -13.18 -42.58
CA SER K 214 73.32 -13.15 -44.00
C SER K 214 72.01 -13.78 -44.39
N MET K 215 71.28 -14.35 -43.44
CA MET K 215 70.01 -14.99 -43.74
C MET K 215 68.92 -14.43 -42.86
N ARG K 216 67.68 -14.44 -43.32
CA ARG K 216 66.58 -13.84 -42.58
C ARG K 216 65.50 -14.80 -42.11
N THR K 217 65.11 -14.75 -40.85
CA THR K 217 64.15 -15.72 -40.30
C THR K 217 62.76 -15.72 -40.88
N GLY K 218 62.24 -16.90 -41.20
CA GLY K 218 60.89 -17.02 -41.71
C GLY K 218 60.68 -16.77 -43.14
N CYS K 219 61.74 -16.53 -43.90
CA CYS K 219 61.61 -16.17 -45.27
C CYS K 219 62.40 -17.07 -46.19
N THR K 220 61.81 -17.56 -47.25
CA THR K 220 62.46 -18.38 -48.21
C THR K 220 62.24 -17.74 -49.56
N HIS K 221 63.29 -17.59 -50.35
CA HIS K 221 63.16 -17.03 -51.68
C HIS K 221 62.85 -18.10 -52.68
N MET K 222 61.84 -17.89 -53.51
CA MET K 222 61.43 -18.91 -54.45
C MET K 222 61.36 -18.32 -55.82
N LYS K 223 61.37 -19.15 -56.85
CA LYS K 223 61.24 -18.67 -58.21
C LYS K 223 60.04 -19.30 -58.84
N ILE K 224 59.11 -18.49 -59.30
CA ILE K 224 57.88 -19.06 -59.83
C ILE K 224 57.94 -19.09 -61.32
N LYS K 225 57.90 -20.29 -61.88
CA LYS K 225 58.04 -20.41 -63.32
C LYS K 225 56.87 -21.12 -63.91
N PHE K 226 56.31 -20.54 -64.95
CA PHE K 226 55.21 -21.20 -65.62
C PHE K 226 55.67 -21.70 -66.96
N GLU K 227 55.66 -23.02 -67.15
CA GLU K 227 55.98 -23.57 -68.46
C GLU K 227 54.89 -24.60 -68.69
N ASP K 228 53.65 -24.14 -68.82
CA ASP K 228 52.48 -25.02 -69.00
C ASP K 228 52.10 -25.68 -67.67
N GLY K 229 52.79 -25.32 -66.60
CA GLY K 229 52.47 -25.85 -65.28
C GLY K 229 52.98 -24.83 -64.29
N LYS K 230 52.45 -24.82 -63.08
CA LYS K 230 52.96 -23.92 -62.08
C LYS K 230 54.12 -24.61 -61.40
N MET K 231 55.31 -24.05 -61.48
CA MET K 231 56.46 -24.65 -60.85
C MET K 231 57.12 -23.68 -59.92
N LYS K 232 57.42 -24.11 -58.70
CA LYS K 232 58.14 -23.26 -57.78
C LYS K 232 59.44 -23.95 -57.45
N VAL K 233 60.54 -23.21 -57.47
CA VAL K 233 61.83 -23.78 -57.15
C VAL K 233 62.48 -22.89 -56.10
N GLU K 234 63.36 -23.43 -55.27
CA GLU K 234 63.93 -22.65 -54.18
C GLU K 234 65.30 -22.06 -54.39
N LYS K 235 65.39 -20.75 -54.48
CA LYS K 235 66.67 -20.11 -54.56
C LYS K 235 67.56 -19.99 -53.33
N VAL K 236 67.01 -19.62 -52.19
CA VAL K 236 67.76 -19.47 -50.95
C VAL K 236 66.88 -20.07 -49.88
N LYS K 237 67.43 -20.45 -48.75
CA LYS K 237 66.67 -21.07 -47.70
C LYS K 237 66.68 -20.33 -46.42
N GLU K 238 65.71 -20.61 -45.59
CA GLU K 238 65.56 -19.91 -44.35
C GLU K 238 66.59 -20.30 -43.36
N PRO K 239 66.86 -19.45 -42.41
CA PRO K 239 67.87 -19.70 -41.41
C PRO K 239 67.54 -20.87 -40.61
N ALA K 240 66.28 -21.03 -40.32
CA ALA K 240 65.85 -22.09 -39.52
C ALA K 240 66.20 -23.36 -40.21
N GLU K 241 66.06 -23.43 -41.52
CA GLU K 241 66.34 -24.63 -42.29
C GLU K 241 67.75 -24.74 -42.81
N ASP K 242 68.65 -23.89 -42.35
CA ASP K 242 70.04 -23.91 -42.75
C ASP K 242 70.96 -23.87 -41.58
N SER K 243 71.37 -25.00 -41.04
CA SER K 243 72.29 -25.09 -39.95
C SER K 243 73.28 -26.11 -40.44
N LEU K 244 74.50 -26.08 -39.96
CA LEU K 244 75.54 -26.94 -40.45
C LEU K 244 76.16 -27.69 -39.33
N SER K 245 76.70 -28.86 -39.61
CA SER K 245 77.29 -29.71 -38.59
C SER K 245 78.44 -29.13 -37.96
N SER K 246 79.17 -28.39 -38.70
CA SER K 246 80.42 -27.95 -38.23
C SER K 246 80.50 -27.16 -37.02
N SER K 247 79.72 -26.16 -36.92
CA SER K 247 79.96 -25.33 -35.80
C SER K 247 78.70 -25.09 -35.14
N GLU K 248 77.66 -25.58 -35.74
CA GLU K 248 76.43 -25.21 -35.16
C GLU K 248 76.14 -26.20 -34.09
N LEU K 249 77.04 -27.15 -33.91
CA LEU K 249 76.70 -28.12 -32.96
C LEU K 249 77.55 -27.96 -31.73
N ASN K 250 76.92 -27.75 -30.59
CA ASN K 250 77.64 -27.54 -29.36
C ASN K 250 77.78 -28.88 -28.76
N LEU K 251 79.00 -29.34 -28.66
CA LEU K 251 79.25 -30.65 -28.11
C LEU K 251 78.96 -30.76 -26.64
N ASP K 252 79.09 -29.68 -25.90
CA ASP K 252 78.77 -29.71 -24.50
C ASP K 252 77.34 -30.03 -24.17
N VAL K 253 76.41 -29.42 -24.87
CA VAL K 253 75.03 -29.68 -24.64
C VAL K 253 74.72 -31.11 -24.98
N LEU K 254 75.34 -31.63 -26.01
CA LEU K 254 75.12 -32.99 -26.42
C LEU K 254 75.55 -34.01 -25.40
N LYS K 255 76.62 -33.76 -24.67
CA LYS K 255 77.04 -34.64 -23.60
C LYS K 255 76.13 -34.81 -22.39
N GLU K 256 75.48 -33.74 -21.98
CA GLU K 256 74.65 -33.77 -20.81
C GLU K 256 73.31 -34.29 -21.09
N ALA K 257 72.84 -34.12 -22.31
CA ALA K 257 71.53 -34.54 -22.64
C ALA K 257 71.20 -35.98 -22.59
N ARG K 258 70.07 -36.30 -21.98
CA ARG K 258 69.63 -37.65 -21.90
C ARG K 258 68.52 -37.99 -22.88
N ILE K 259 67.86 -37.03 -23.53
CA ILE K 259 66.90 -37.28 -24.59
C ILE K 259 67.09 -36.31 -25.73
N PHE K 260 67.05 -36.75 -26.99
CA PHE K 260 67.11 -35.88 -28.17
C PHE K 260 65.79 -35.91 -28.91
N HIS K 261 65.12 -34.77 -29.11
CA HIS K 261 63.82 -34.72 -29.73
C HIS K 261 63.79 -34.03 -31.05
N PHE K 262 63.35 -34.72 -32.07
CA PHE K 262 63.25 -34.14 -33.37
C PHE K 262 61.91 -34.39 -33.96
N ASN K 263 61.52 -33.61 -34.94
CA ASN K 263 60.25 -33.79 -35.63
C ASN K 263 60.56 -34.02 -37.10
N SER K 264 59.65 -34.52 -37.88
CA SER K 264 59.87 -34.84 -39.30
C SER K 264 60.10 -33.75 -40.31
N GLU K 265 59.90 -32.51 -39.94
CA GLU K 265 60.11 -31.39 -40.83
C GLU K 265 61.53 -31.28 -41.25
N VAL K 266 62.44 -31.72 -40.42
CA VAL K 266 63.84 -31.63 -40.70
C VAL K 266 64.23 -32.47 -41.88
N LEU K 267 63.41 -33.42 -42.26
CA LEU K 267 63.73 -34.32 -43.32
C LEU K 267 63.28 -33.77 -44.64
N THR K 268 62.70 -32.58 -44.65
CA THR K 268 62.23 -31.92 -45.87
C THR K 268 63.20 -30.92 -46.43
N SER K 269 64.36 -30.78 -45.83
CA SER K 269 65.38 -29.90 -46.30
C SER K 269 66.63 -30.72 -46.37
N SER K 270 67.38 -30.58 -47.43
CA SER K 270 68.60 -31.33 -47.60
C SER K 270 69.70 -31.04 -46.62
N SER K 271 69.92 -29.77 -46.33
CA SER K 271 70.94 -29.42 -45.42
C SER K 271 70.75 -29.81 -44.01
N MET K 272 69.57 -29.61 -43.46
CA MET K 272 69.36 -30.07 -42.09
C MET K 272 69.31 -31.57 -41.96
N ARG K 273 69.00 -32.27 -43.04
CA ARG K 273 69.00 -33.70 -42.96
C ARG K 273 70.37 -34.23 -42.67
N SER K 274 71.39 -33.67 -43.28
CA SER K 274 72.73 -34.09 -43.01
C SER K 274 73.17 -33.82 -41.59
N THR K 275 72.83 -32.66 -41.07
CA THR K 275 73.13 -32.33 -39.69
C THR K 275 72.44 -33.21 -38.70
N LEU K 276 71.19 -33.62 -38.94
CA LEU K 276 70.47 -34.39 -37.97
C LEU K 276 71.18 -35.65 -37.70
N PHE K 277 71.65 -36.30 -38.75
CA PHE K 277 72.35 -37.55 -38.58
C PHE K 277 73.66 -37.44 -37.81
N LYS K 278 74.43 -36.38 -37.97
CA LYS K 278 75.62 -36.17 -37.15
C LYS K 278 75.27 -36.00 -35.70
N ALA K 279 74.25 -35.25 -35.42
CA ALA K 279 73.78 -35.09 -34.07
C ALA K 279 73.25 -36.34 -33.39
N ILE K 280 72.53 -37.18 -34.10
CA ILE K 280 72.04 -38.38 -33.51
C ILE K 280 73.20 -39.24 -33.11
N SER K 281 74.20 -39.35 -33.93
CA SER K 281 75.33 -40.18 -33.64
C SER K 281 76.10 -39.74 -32.44
N LEU K 282 76.33 -38.46 -32.31
CA LEU K 282 77.04 -37.93 -31.19
C LEU K 282 76.35 -38.13 -29.86
N SER K 283 75.05 -38.00 -29.81
CA SER K 283 74.29 -38.28 -28.60
C SER K 283 74.36 -39.70 -28.12
N LYS K 284 74.27 -40.64 -29.02
CA LYS K 284 74.33 -42.03 -28.67
C LYS K 284 75.67 -42.37 -28.09
N LYS K 285 76.72 -41.73 -28.55
CA LYS K 285 78.04 -41.96 -28.02
C LYS K 285 78.08 -41.59 -26.59
N PHE K 286 77.42 -40.51 -26.26
CA PHE K 286 77.44 -40.05 -24.90
C PHE K 286 76.25 -40.51 -24.07
N GLY K 287 75.65 -41.64 -24.41
CA GLY K 287 74.54 -42.18 -23.66
C GLY K 287 73.13 -41.78 -23.95
N GLY K 288 72.90 -40.99 -24.97
CA GLY K 288 71.58 -40.52 -25.29
C GLY K 288 70.53 -41.41 -25.87
N LEU K 289 69.28 -41.05 -25.66
CA LEU K 289 68.18 -41.80 -26.21
C LEU K 289 67.41 -40.86 -27.14
N VAL K 290 67.08 -41.30 -28.34
CA VAL K 290 66.38 -40.48 -29.33
C VAL K 290 64.86 -40.59 -29.40
N PHE K 291 64.12 -39.49 -29.39
CA PHE K 291 62.66 -39.46 -29.48
C PHE K 291 62.22 -38.86 -30.77
N PHE K 292 61.55 -39.61 -31.62
CA PHE K 292 61.06 -39.08 -32.88
C PHE K 292 59.59 -38.82 -32.75
N ASP K 293 59.19 -37.56 -32.64
CA ASP K 293 57.78 -37.25 -32.63
C ASP K 293 57.58 -36.95 -34.05
N LEU K 294 56.86 -37.79 -34.77
CA LEU K 294 56.66 -37.60 -36.21
C LEU K 294 56.10 -36.27 -36.65
N ASN K 295 54.84 -35.97 -36.34
CA ASN K 295 54.19 -34.73 -36.76
C ASN K 295 54.33 -34.46 -38.25
N LEU K 296 53.79 -35.33 -39.09
CA LEU K 296 53.99 -35.21 -40.54
C LEU K 296 53.53 -33.94 -41.18
N PRO K 297 54.36 -33.35 -42.03
CA PRO K 297 54.02 -32.12 -42.75
C PRO K 297 53.15 -32.40 -43.97
N LEU K 298 52.59 -31.38 -44.61
CA LEU K 298 51.69 -31.57 -45.74
C LEU K 298 52.29 -32.29 -46.94
N PRO K 299 53.51 -31.96 -47.34
CA PRO K 299 53.98 -32.69 -48.50
C PRO K 299 54.08 -34.16 -48.28
N LEU K 300 54.25 -34.62 -47.05
CA LEU K 300 54.47 -36.03 -46.79
C LEU K 300 53.22 -36.87 -46.59
N TRP K 301 52.05 -36.33 -46.86
CA TRP K 301 50.81 -37.10 -46.77
C TRP K 301 50.31 -37.66 -48.11
N ARG K 302 51.10 -37.57 -49.18
CA ARG K 302 50.67 -38.04 -50.50
C ARG K 302 50.61 -39.55 -50.71
N SER K 303 51.69 -40.28 -50.44
CA SER K 303 51.75 -41.73 -50.61
C SER K 303 52.27 -42.48 -49.40
N ARG K 304 51.87 -43.69 -49.13
CA ARG K 304 52.49 -44.38 -48.02
C ARG K 304 53.84 -44.78 -48.43
N ASP K 305 54.01 -45.16 -49.68
CA ASP K 305 55.27 -45.58 -50.19
C ASP K 305 56.39 -44.56 -50.28
N GLU K 306 56.12 -43.36 -50.75
CA GLU K 306 57.13 -42.33 -50.75
C GLU K 306 57.56 -41.94 -49.37
N THR K 307 56.63 -41.80 -48.44
CA THR K 307 56.95 -41.49 -47.05
C THR K 307 57.70 -42.56 -46.29
N ARG K 308 57.37 -43.82 -46.49
CA ARG K 308 58.04 -44.84 -45.73
C ARG K 308 59.49 -44.85 -46.10
N ASN K 309 59.78 -44.65 -47.36
CA ASN K 309 61.15 -44.53 -47.78
C ASN K 309 61.91 -43.31 -47.28
N LEU K 310 61.32 -42.13 -47.30
CA LEU K 310 61.96 -40.93 -46.81
C LEU K 310 62.26 -40.92 -45.32
N ILE K 311 61.37 -41.45 -44.51
CA ILE K 311 61.54 -41.47 -43.08
C ILE K 311 62.25 -42.68 -42.56
N LYS K 312 62.70 -43.59 -43.39
CA LYS K 312 63.26 -44.84 -42.90
C LYS K 312 64.49 -44.84 -42.05
N GLU K 313 65.49 -44.08 -42.43
CA GLU K 313 66.70 -44.04 -41.66
C GLU K 313 66.47 -43.47 -40.28
N ALA K 314 65.64 -42.46 -40.17
CA ALA K 314 65.28 -41.88 -38.89
C ALA K 314 64.54 -42.76 -37.96
N TRP K 315 63.62 -43.57 -38.46
CA TRP K 315 62.87 -44.50 -37.64
C TRP K 315 63.76 -45.52 -37.03
N GLU K 316 64.74 -46.00 -37.77
CA GLU K 316 65.58 -47.06 -37.26
C GLU K 316 66.66 -46.61 -36.34
N GLN K 317 66.86 -45.33 -36.23
CA GLN K 317 67.81 -44.79 -35.30
C GLN K 317 67.08 -44.19 -34.12
N ALA K 318 65.84 -44.58 -33.90
CA ALA K 318 65.02 -44.02 -32.82
C ALA K 318 64.63 -44.97 -31.75
N ASN K 319 64.77 -44.56 -30.51
CA ASN K 319 64.39 -45.36 -29.39
C ASN K 319 63.00 -45.16 -28.83
N ILE K 320 62.41 -43.98 -28.92
CA ILE K 320 61.03 -43.77 -28.50
C ILE K 320 60.29 -43.05 -29.60
N ILE K 321 59.11 -43.51 -29.99
CA ILE K 321 58.39 -42.89 -31.10
C ILE K 321 56.96 -42.53 -30.76
N GLU K 322 56.49 -41.37 -31.17
CA GLU K 322 55.09 -41.00 -30.99
C GLU K 322 54.42 -40.72 -32.31
N VAL K 323 53.30 -41.37 -32.56
CA VAL K 323 52.57 -41.16 -33.78
C VAL K 323 51.11 -40.99 -33.44
N SER K 324 50.37 -40.28 -34.25
CA SER K 324 48.94 -40.15 -34.06
C SER K 324 48.21 -41.32 -34.65
N ARG K 325 46.94 -41.48 -34.32
CA ARG K 325 46.15 -42.56 -34.87
C ARG K 325 46.03 -42.45 -36.37
N GLN K 326 45.86 -41.24 -36.88
CA GLN K 326 45.70 -41.05 -38.30
C GLN K 326 47.00 -41.24 -39.03
N GLU K 327 48.11 -40.98 -38.39
CA GLU K 327 49.40 -41.21 -38.99
C GLU K 327 49.75 -42.68 -39.06
N LEU K 328 49.51 -43.42 -38.00
CA LEU K 328 49.83 -44.85 -38.00
C LEU K 328 49.06 -45.59 -39.07
N GLU K 329 47.78 -45.30 -39.20
CA GLU K 329 46.98 -45.94 -40.24
C GLU K 329 47.46 -45.57 -41.63
N PHE K 330 47.89 -44.32 -41.80
CA PHE K 330 48.38 -43.87 -43.10
C PHE K 330 49.55 -44.75 -43.49
N LEU K 331 50.44 -45.01 -42.54
CA LEU K 331 51.60 -45.86 -42.83
C LEU K 331 51.19 -47.28 -43.19
N LEU K 332 50.22 -47.84 -42.48
CA LEU K 332 49.82 -49.22 -42.75
C LEU K 332 48.34 -49.42 -43.04
N ASP K 333 47.99 -49.86 -44.25
CA ASP K 333 46.59 -50.21 -44.54
C ASP K 333 45.50 -49.23 -44.12
N GLU K 334 45.57 -47.98 -44.55
CA GLU K 334 44.58 -46.99 -44.08
C GLU K 334 43.15 -47.35 -44.45
N GLU K 335 42.93 -47.83 -45.66
CA GLU K 335 41.59 -48.21 -46.09
C GLU K 335 41.05 -49.41 -45.32
N HIS K 336 41.92 -50.36 -44.99
CA HIS K 336 41.51 -51.54 -44.27
C HIS K 336 40.94 -51.17 -42.91
N TYR K 337 41.59 -50.25 -42.22
CA TYR K 337 41.08 -49.79 -40.93
C TYR K 337 39.75 -49.06 -41.06
N GLU K 338 39.61 -48.27 -42.11
CA GLU K 338 38.36 -47.54 -42.34
C GLU K 338 37.20 -48.51 -42.56
N ARG K 339 37.44 -49.55 -43.33
CA ARG K 339 36.40 -50.54 -43.59
C ARG K 339 35.98 -51.22 -42.31
N LYS K 340 36.94 -51.50 -41.43
CA LYS K 340 36.65 -52.15 -40.19
C LYS K 340 35.73 -51.34 -39.33
N ARG K 341 35.93 -50.03 -39.25
CA ARG K 341 35.13 -49.26 -38.33
C ARG K 341 33.71 -49.10 -38.79
N ASN K 342 33.43 -49.35 -40.06
CA ASN K 342 32.07 -49.32 -40.54
C ASN K 342 31.38 -50.67 -40.62
N TYR K 343 31.85 -51.66 -39.90
CA TYR K 343 31.20 -52.97 -39.86
C TYR K 343 30.17 -52.98 -38.80
N ARG K 344 28.94 -53.18 -39.19
CA ARG K 344 27.87 -53.24 -38.27
C ARG K 344 27.28 -54.59 -38.51
N PRO K 345 27.10 -55.39 -37.47
CA PRO K 345 26.64 -56.75 -37.62
C PRO K 345 25.19 -56.96 -38.08
N GLN K 346 24.89 -57.88 -38.98
CA GLN K 346 23.54 -58.07 -39.54
C GLN K 346 22.38 -58.59 -38.77
N TYR K 347 22.57 -59.64 -37.99
CA TYR K 347 21.49 -60.23 -37.30
C TYR K 347 21.59 -60.09 -35.81
N PHE K 348 22.67 -60.54 -35.21
CA PHE K 348 22.84 -60.44 -33.77
C PHE K 348 24.20 -59.96 -33.37
N ALA K 349 24.28 -59.23 -32.27
CA ALA K 349 25.55 -58.75 -31.78
C ALA K 349 26.31 -59.79 -31.04
N GLU K 350 27.62 -59.72 -31.06
CA GLU K 350 28.43 -60.76 -30.48
C GLU K 350 28.92 -60.52 -29.11
N ASN K 351 28.77 -59.30 -28.64
CA ASN K 351 29.16 -58.93 -27.31
C ASN K 351 28.13 -57.90 -26.99
N PHE K 352 27.88 -57.60 -25.72
CA PHE K 352 26.96 -56.52 -25.36
C PHE K 352 27.49 -55.15 -25.71
N GLU K 353 28.79 -55.02 -25.91
CA GLU K 353 29.37 -53.76 -26.33
C GLU K 353 28.85 -53.28 -27.67
N GLN K 354 28.67 -54.18 -28.64
CA GLN K 354 28.21 -53.81 -29.96
C GLN K 354 26.75 -53.41 -29.93
N THR K 355 26.07 -53.68 -28.86
CA THR K 355 24.70 -53.27 -28.72
C THR K 355 24.54 -51.83 -28.42
N LYS K 356 25.62 -51.13 -28.15
CA LYS K 356 25.50 -49.76 -27.70
C LYS K 356 25.93 -48.57 -28.54
N GLN K 357 26.30 -48.73 -29.79
CA GLN K 357 26.57 -47.57 -30.62
C GLN K 357 27.53 -46.49 -30.13
N ARG K 358 28.78 -46.83 -29.84
CA ARG K 358 29.73 -45.89 -29.27
C ARG K 358 30.94 -45.80 -30.11
N ARG K 359 31.78 -44.80 -29.91
CA ARG K 359 32.92 -44.60 -30.76
C ARG K 359 33.95 -45.68 -30.72
N ASP K 360 34.65 -45.86 -31.81
CA ASP K 360 35.65 -46.89 -31.87
C ASP K 360 36.92 -46.55 -31.26
N TYR K 361 37.45 -47.45 -30.46
CA TYR K 361 38.74 -47.25 -29.89
C TYR K 361 39.53 -48.51 -30.05
N TYR K 362 39.88 -48.91 -31.27
CA TYR K 362 40.58 -50.16 -31.50
C TYR K 362 42.02 -50.23 -30.96
N HIS K 363 42.43 -51.34 -30.39
CA HIS K 363 43.77 -51.50 -29.91
C HIS K 363 44.44 -52.28 -30.96
N TYR K 364 45.56 -51.82 -31.42
CA TYR K 364 46.22 -52.46 -32.48
C TYR K 364 46.99 -53.54 -31.87
N THR K 365 46.86 -54.73 -32.39
CA THR K 365 47.52 -55.87 -31.87
C THR K 365 48.98 -55.79 -32.16
N PRO K 366 49.78 -56.45 -31.34
CA PRO K 366 51.21 -56.36 -31.54
C PRO K 366 51.69 -56.86 -32.91
N ALA K 367 51.07 -57.90 -33.48
CA ALA K 367 51.41 -58.42 -34.80
C ALA K 367 51.20 -57.42 -35.90
N GLU K 368 50.18 -56.61 -35.81
CA GLU K 368 49.92 -55.58 -36.79
C GLU K 368 51.02 -54.56 -36.87
N ILE K 369 51.64 -54.20 -35.77
CA ILE K 369 52.67 -53.20 -35.71
C ILE K 369 54.03 -53.78 -35.99
N ALA K 370 54.11 -55.08 -36.18
CA ALA K 370 55.37 -55.75 -36.51
C ALA K 370 56.00 -55.30 -37.79
N PRO K 371 55.22 -54.89 -38.78
CA PRO K 371 55.88 -54.33 -39.94
C PRO K 371 56.81 -53.18 -39.59
N LEU K 372 56.49 -52.43 -38.55
CA LEU K 372 57.30 -51.30 -38.09
C LEU K 372 58.22 -51.43 -36.85
N TRP K 373 58.37 -52.57 -36.20
CA TRP K 373 59.34 -52.70 -35.10
C TRP K 373 60.77 -52.93 -35.45
N HIS K 374 61.68 -52.54 -34.59
CA HIS K 374 63.06 -52.76 -34.79
C HIS K 374 63.66 -53.03 -33.45
N ASP K 375 64.84 -53.60 -33.39
CA ASP K 375 65.44 -54.01 -32.14
C ASP K 375 65.73 -52.94 -31.12
N GLY K 376 66.11 -51.76 -31.52
CA GLY K 376 66.32 -50.75 -30.53
C GLY K 376 65.17 -49.84 -30.15
N LEU K 377 63.95 -50.33 -30.20
CA LEU K 377 62.84 -49.54 -29.84
C LEU K 377 62.35 -49.90 -28.49
N LYS K 378 62.54 -49.01 -27.53
CA LYS K 378 62.06 -49.26 -26.20
C LYS K 378 60.56 -49.07 -26.07
N LEU K 379 60.02 -47.97 -26.56
CA LEU K 379 58.59 -47.70 -26.43
C LEU K 379 57.93 -47.03 -27.62
N LEU K 380 56.67 -47.32 -27.89
CA LEU K 380 55.93 -46.66 -28.97
C LEU K 380 54.62 -46.20 -28.44
N PHE K 381 54.25 -44.96 -28.71
CA PHE K 381 53.01 -44.41 -28.22
C PHE K 381 52.14 -43.99 -29.38
N VAL K 382 50.88 -44.40 -29.39
CA VAL K 382 49.96 -43.96 -30.42
C VAL K 382 48.90 -43.19 -29.70
N THR K 383 48.57 -41.99 -30.16
CA THR K 383 47.62 -41.14 -29.46
C THR K 383 46.37 -40.82 -30.22
N ASP K 384 45.23 -40.79 -29.55
CA ASP K 384 43.99 -40.40 -30.19
C ASP K 384 43.52 -39.21 -29.40
N GLY K 385 44.04 -38.05 -29.73
CA GLY K 385 43.72 -36.87 -28.95
C GLY K 385 44.17 -37.06 -27.53
N THR K 386 43.37 -36.62 -26.58
CA THR K 386 43.67 -36.88 -25.20
C THR K 386 42.77 -37.99 -24.76
N LEU K 387 41.92 -38.47 -25.66
CA LEU K 387 40.97 -39.52 -25.34
C LEU K 387 41.56 -40.87 -25.04
N ARG K 388 42.55 -41.30 -25.79
CA ARG K 388 43.20 -42.59 -25.56
C ARG K 388 44.66 -42.52 -25.85
N LEU K 389 45.46 -43.26 -25.11
CA LEU K 389 46.88 -43.34 -25.42
C LEU K 389 47.27 -44.81 -25.36
N HIS K 390 47.79 -45.36 -26.44
CA HIS K 390 48.14 -46.76 -26.50
C HIS K 390 49.64 -46.90 -26.41
N TYR K 391 50.15 -47.90 -25.72
CA TYR K 391 51.59 -48.06 -25.54
C TYR K 391 52.05 -49.44 -25.89
N TYR K 392 53.21 -49.55 -26.51
CA TYR K 392 53.71 -50.83 -26.95
C TYR K 392 55.15 -50.97 -26.54
N SER K 393 55.51 -52.08 -25.91
CA SER K 393 56.85 -52.30 -25.42
C SER K 393 57.33 -53.65 -25.82
N PRO K 394 58.62 -53.92 -25.70
CA PRO K 394 59.04 -55.23 -26.18
C PRO K 394 58.32 -56.39 -25.50
N SER K 395 57.94 -56.25 -24.25
CA SER K 395 57.22 -57.30 -23.54
C SER K 395 55.75 -57.07 -23.18
N PHE K 396 55.26 -55.84 -23.24
CA PHE K 396 53.87 -55.55 -22.85
C PHE K 396 53.12 -54.54 -23.70
N ASP K 397 51.79 -54.57 -23.66
CA ASP K 397 50.95 -53.67 -24.45
C ASP K 397 49.76 -53.16 -23.67
N GLY K 398 49.16 -52.06 -24.09
CA GLY K 398 47.93 -51.58 -23.45
C GLY K 398 47.37 -50.21 -23.78
N VAL K 399 46.31 -49.77 -23.10
CA VAL K 399 45.70 -48.45 -23.30
C VAL K 399 45.43 -47.64 -22.03
N VAL K 400 45.64 -46.32 -22.02
CA VAL K 400 45.30 -45.45 -20.89
C VAL K 400 44.11 -44.57 -21.23
N VAL K 401 42.97 -44.73 -20.57
CA VAL K 401 41.77 -43.90 -20.80
C VAL K 401 41.84 -42.45 -20.34
N GLY K 402 41.29 -41.54 -21.11
CA GLY K 402 41.31 -40.13 -20.82
C GLY K 402 40.07 -39.42 -21.28
N THR K 403 40.03 -38.10 -21.20
CA THR K 403 38.84 -37.38 -21.54
C THR K 403 39.20 -36.08 -22.17
N GLU K 404 38.20 -35.31 -22.58
CA GLU K 404 38.44 -34.00 -23.15
C GLU K 404 37.22 -33.18 -22.91
N ASP K 405 37.37 -31.97 -22.41
CA ASP K 405 36.21 -31.10 -22.29
C ASP K 405 36.45 -29.69 -22.79
N VAL K 406 36.41 -29.50 -24.09
CA VAL K 406 36.63 -28.20 -24.66
C VAL K 406 35.39 -27.32 -24.52
N LEU K 407 34.26 -27.91 -24.20
CA LEU K 407 33.00 -27.17 -24.12
C LEU K 407 32.75 -26.54 -22.78
N ILE K 408 33.62 -26.78 -21.82
CA ILE K 408 33.48 -26.15 -20.52
C ILE K 408 33.77 -24.66 -20.68
N THR K 409 34.64 -24.27 -21.61
CA THR K 409 34.91 -22.87 -21.89
C THR K 409 34.68 -22.67 -23.35
N PRO K 410 33.43 -22.35 -23.77
CA PRO K 410 33.21 -22.29 -25.21
C PRO K 410 33.85 -21.16 -25.98
N PHE K 411 34.10 -20.03 -25.37
CA PHE K 411 34.62 -18.87 -26.08
C PHE K 411 36.12 -18.69 -26.00
N THR K 412 36.83 -19.58 -25.34
CA THR K 412 38.27 -19.50 -25.22
C THR K 412 38.87 -20.86 -25.38
N CYS K 413 38.59 -21.55 -26.46
CA CYS K 413 39.04 -22.90 -26.64
C CYS K 413 39.89 -22.96 -27.87
N ASP K 414 41.11 -23.47 -27.77
CA ASP K 414 41.93 -23.66 -28.93
C ASP K 414 42.71 -24.90 -28.67
N ARG K 415 42.82 -25.78 -29.65
CA ARG K 415 43.49 -27.04 -29.45
C ARG K 415 44.90 -26.99 -29.96
N THR K 416 45.36 -25.83 -30.42
CA THR K 416 46.69 -25.72 -31.04
C THR K 416 47.97 -26.32 -30.43
N GLY K 417 48.18 -26.27 -29.12
CA GLY K 417 49.36 -26.88 -28.58
C GLY K 417 49.23 -28.12 -27.79
N SER K 418 48.09 -28.78 -27.83
CA SER K 418 47.86 -29.91 -27.00
C SER K 418 48.77 -31.06 -27.21
N GLY K 419 49.16 -31.35 -28.44
CA GLY K 419 50.12 -32.38 -28.72
C GLY K 419 51.48 -32.16 -28.16
N ASP K 420 51.96 -30.95 -28.18
CA ASP K 420 53.24 -30.61 -27.63
C ASP K 420 53.26 -30.88 -26.18
N ALA K 421 52.20 -30.58 -25.48
CA ALA K 421 52.06 -30.85 -24.09
C ALA K 421 52.06 -32.31 -23.68
N VAL K 422 51.41 -33.18 -24.41
CA VAL K 422 51.46 -34.59 -24.12
C VAL K 422 52.87 -35.14 -24.30
N VAL K 423 53.59 -34.75 -25.33
CA VAL K 423 54.97 -35.18 -25.47
C VAL K 423 55.85 -34.68 -24.36
N ALA K 424 55.70 -33.45 -23.92
CA ALA K 424 56.41 -32.97 -22.77
C ALA K 424 56.15 -33.67 -21.44
N GLY K 425 54.94 -33.89 -21.05
CA GLY K 425 54.71 -34.68 -19.88
C GLY K 425 55.36 -36.05 -19.96
N ILE K 426 55.37 -36.69 -21.11
CA ILE K 426 56.04 -37.97 -21.24
C ILE K 426 57.52 -37.89 -21.01
N MET K 427 58.17 -36.90 -21.57
CA MET K 427 59.58 -36.74 -21.39
C MET K 427 59.94 -36.42 -19.94
N ARG K 428 59.17 -35.61 -19.25
CA ARG K 428 59.40 -35.27 -17.85
C ARG K 428 59.33 -36.43 -16.92
N LYS K 429 58.33 -37.25 -17.03
CA LYS K 429 58.23 -38.44 -16.25
C LYS K 429 59.28 -39.50 -16.59
N LEU K 430 59.63 -39.67 -17.86
CA LEU K 430 60.67 -40.61 -18.26
C LEU K 430 62.07 -40.30 -17.79
N THR K 431 62.49 -39.05 -17.76
CA THR K 431 63.77 -38.72 -17.18
C THR K 431 63.85 -39.00 -15.69
N THR K 432 62.86 -38.59 -14.92
CA THR K 432 62.76 -38.86 -13.50
C THR K 432 62.43 -40.28 -13.01
N GLN K 433 61.49 -40.97 -13.62
CA GLN K 433 61.10 -42.30 -13.18
C GLN K 433 61.65 -43.29 -14.15
N PRO K 434 62.53 -44.18 -13.70
CA PRO K 434 63.19 -45.11 -14.62
C PRO K 434 62.62 -46.50 -14.73
N GLU K 435 61.60 -46.78 -13.95
CA GLU K 435 61.00 -48.10 -13.95
C GLU K 435 59.83 -48.10 -14.87
N MET K 436 59.63 -46.99 -15.56
CA MET K 436 58.55 -46.91 -16.53
C MET K 436 58.81 -47.89 -17.65
N TYR K 437 60.05 -48.03 -18.04
CA TYR K 437 60.36 -48.90 -19.15
C TYR K 437 60.00 -50.35 -18.87
N HIS K 438 60.20 -50.82 -17.65
CA HIS K 438 59.95 -52.22 -17.34
C HIS K 438 58.68 -52.65 -16.58
N ASP K 439 57.95 -51.71 -15.99
CA ASP K 439 56.78 -52.09 -15.20
C ASP K 439 55.55 -51.48 -15.78
N GLN K 440 54.56 -52.29 -16.08
CA GLN K 440 53.37 -51.79 -16.73
C GLN K 440 52.58 -50.83 -15.89
N ASP K 441 52.40 -51.15 -14.62
CA ASP K 441 51.57 -50.30 -13.79
C ASP K 441 52.16 -48.92 -13.61
N VAL K 442 53.46 -48.84 -13.40
CA VAL K 442 54.07 -47.55 -13.19
C VAL K 442 53.89 -46.70 -14.42
N LEU K 443 54.04 -47.29 -15.60
CA LEU K 443 53.93 -46.51 -16.80
C LEU K 443 52.55 -45.95 -16.89
N GLU K 444 51.55 -46.74 -16.62
CA GLU K 444 50.19 -46.27 -16.75
C GLU K 444 49.87 -45.14 -15.81
N ARG K 445 50.26 -45.27 -14.56
CA ARG K 445 49.97 -44.25 -13.60
C ARG K 445 50.65 -42.98 -13.96
N GLN K 446 51.88 -43.07 -14.42
CA GLN K 446 52.62 -41.90 -14.81
C GLN K 446 52.05 -41.20 -16.01
N LEU K 447 51.54 -41.95 -16.97
CA LEU K 447 50.98 -41.35 -18.16
C LEU K 447 49.77 -40.48 -17.92
N ARG K 448 48.92 -40.84 -16.99
CA ARG K 448 47.77 -40.01 -16.67
C ARG K 448 48.12 -38.56 -16.45
N PHE K 449 49.33 -38.23 -16.07
CA PHE K 449 49.84 -36.84 -15.93
C PHE K 449 49.93 -36.13 -17.27
N ALA K 450 50.39 -36.80 -18.31
CA ALA K 450 50.44 -36.25 -19.65
C ALA K 450 49.10 -35.94 -20.25
N ILE K 451 48.11 -36.77 -20.03
CA ILE K 451 46.77 -36.51 -20.48
C ILE K 451 46.26 -35.26 -19.86
N ALA K 452 46.54 -35.06 -18.59
CA ALA K 452 46.13 -33.87 -17.90
C ALA K 452 46.73 -32.61 -18.46
N ALA K 453 48.00 -32.62 -18.85
CA ALA K 453 48.63 -31.47 -19.43
C ALA K 453 47.97 -31.08 -20.70
N GLY K 454 47.60 -32.03 -21.52
CA GLY K 454 46.86 -31.77 -22.70
C GLY K 454 45.51 -31.19 -22.54
N ILE K 455 44.77 -31.59 -21.53
CA ILE K 455 43.44 -31.07 -21.31
C ILE K 455 43.48 -29.61 -20.99
N ILE K 456 44.47 -29.17 -20.25
CA ILE K 456 44.55 -27.80 -19.86
C ILE K 456 45.07 -26.90 -20.93
N SER K 457 45.63 -27.48 -21.97
CA SER K 457 46.23 -26.68 -23.00
C SER K 457 45.22 -26.38 -24.06
N GLN K 458 44.04 -26.95 -23.94
CA GLN K 458 42.99 -26.73 -24.89
C GLN K 458 42.06 -25.67 -24.40
N TRP K 459 42.37 -25.06 -23.28
CA TRP K 459 41.50 -24.08 -22.69
C TRP K 459 41.94 -22.64 -22.83
N THR K 460 42.95 -22.35 -23.65
CA THR K 460 43.41 -20.98 -23.85
C THR K 460 43.73 -20.77 -25.31
N ILE K 461 43.64 -19.53 -25.79
CA ILE K 461 43.98 -19.23 -27.18
C ILE K 461 45.48 -19.00 -27.31
N GLY K 462 46.14 -19.85 -28.09
CA GLY K 462 47.58 -19.73 -28.28
C GLY K 462 48.34 -20.73 -27.43
N ALA K 463 49.22 -21.51 -28.06
CA ALA K 463 49.94 -22.55 -27.32
C ALA K 463 50.88 -22.01 -26.25
N VAL K 464 51.68 -21.00 -26.58
CA VAL K 464 52.61 -20.42 -25.63
C VAL K 464 51.86 -19.75 -24.50
N ARG K 465 50.80 -19.06 -24.76
CA ARG K 465 50.02 -18.53 -23.67
C ARG K 465 49.42 -19.82 -23.18
N GLY K 466 49.14 -19.98 -21.92
CA GLY K 466 48.49 -21.23 -21.54
C GLY K 466 49.05 -22.61 -21.74
N PHE K 467 50.33 -22.84 -21.48
CA PHE K 467 50.89 -24.17 -21.50
C PHE K 467 50.85 -24.39 -20.02
N PRO K 468 50.45 -25.56 -19.55
CA PRO K 468 50.26 -25.75 -18.12
C PRO K 468 51.48 -25.83 -17.21
N THR K 469 51.32 -25.58 -15.91
CA THR K 469 52.41 -25.69 -14.94
C THR K 469 52.26 -26.97 -14.17
N GLU K 470 53.32 -27.45 -13.52
CA GLU K 470 53.27 -28.74 -12.83
C GLU K 470 52.24 -28.89 -11.74
N SER K 471 52.06 -27.88 -10.91
CA SER K 471 51.08 -27.92 -9.88
C SER K 471 49.67 -28.06 -10.37
N ALA K 472 49.33 -27.36 -11.42
CA ALA K 472 48.05 -27.45 -12.02
C ALA K 472 47.76 -28.81 -12.59
N THR K 473 48.73 -29.42 -13.23
CA THR K 473 48.58 -30.74 -13.77
C THR K 473 48.35 -31.80 -12.73
N GLN K 474 49.04 -31.77 -11.62
CA GLN K 474 48.76 -32.71 -10.56
C GLN K 474 47.40 -32.56 -9.96
N ASN K 475 46.96 -31.35 -9.77
CA ASN K 475 45.63 -31.13 -9.28
C ASN K 475 44.56 -31.62 -10.19
N LEU K 476 44.62 -31.41 -11.48
CA LEU K 476 43.66 -32.03 -12.39
C LEU K 476 43.71 -33.53 -12.42
N LYS K 477 44.86 -34.14 -12.31
CA LYS K 477 44.88 -35.59 -12.22
C LYS K 477 44.16 -36.06 -11.01
N GLU K 478 44.34 -35.42 -9.89
CA GLU K 478 43.68 -35.80 -8.70
C GLU K 478 42.22 -35.58 -8.71
N GLN K 479 41.75 -34.51 -9.27
CA GLN K 479 40.33 -34.29 -9.44
C GLN K 479 39.61 -35.17 -10.44
N VAL K 480 40.15 -35.41 -11.62
CA VAL K 480 39.58 -36.31 -12.63
C VAL K 480 39.58 -37.79 -12.33
N TYR K 481 40.66 -38.32 -11.79
CA TYR K 481 40.77 -39.76 -11.54
C TYR K 481 40.49 -40.16 -10.11
N VAL K 482 40.05 -41.39 -9.88
CA VAL K 482 39.76 -41.87 -8.55
C VAL K 482 41.04 -42.06 -7.80
N PRO K 483 40.99 -42.04 -6.48
CA PRO K 483 42.26 -42.08 -5.75
C PRO K 483 43.12 -43.28 -6.05
N SER K 484 42.54 -44.44 -6.22
CA SER K 484 43.30 -45.65 -6.49
C SER K 484 44.11 -45.61 -7.76
N MET K 485 43.53 -45.08 -8.82
CA MET K 485 44.22 -44.97 -10.08
C MET K 485 45.39 -44.01 -10.03
N TRP K 486 45.27 -42.95 -9.28
CA TRP K 486 46.31 -41.94 -9.25
C TRP K 486 47.53 -42.40 -8.51
N GLU L 268 64.00 32.35 65.92
CA GLU L 268 63.91 30.98 65.40
C GLU L 268 62.50 30.61 64.97
N ASP L 269 61.99 31.28 63.94
CA ASP L 269 60.66 30.97 63.43
C ASP L 269 60.84 30.03 62.27
N ILE L 270 62.06 29.54 62.10
CA ILE L 270 62.35 28.71 60.96
C ILE L 270 61.52 27.47 60.82
N SER L 271 61.34 26.74 61.90
CA SER L 271 60.64 25.49 61.79
C SER L 271 59.25 25.79 61.35
N PHE L 272 58.65 26.79 61.96
CA PHE L 272 57.29 27.11 61.63
C PHE L 272 57.09 27.67 60.23
N SER L 273 58.00 28.53 59.79
CA SER L 273 57.74 29.19 58.53
C SER L 273 58.63 29.07 57.30
N TYR L 274 59.71 28.34 57.37
CA TYR L 274 60.59 28.34 56.19
C TYR L 274 60.04 27.72 54.90
N GLY L 275 59.66 26.44 54.88
CA GLY L 275 59.07 25.84 53.68
C GLY L 275 60.03 25.12 52.76
N TRP L 276 59.54 24.18 51.94
CA TRP L 276 60.50 23.42 51.14
C TRP L 276 61.30 24.06 50.06
N PRO L 277 60.67 24.81 49.15
CA PRO L 277 61.57 25.31 48.13
C PRO L 277 62.36 26.37 48.84
N PRO L 278 63.69 26.24 48.86
CA PRO L 278 64.45 27.21 49.65
C PRO L 278 64.39 28.60 49.05
N LEU L 279 64.33 29.64 49.88
CA LEU L 279 64.26 31.00 49.37
C LEU L 279 65.52 31.39 48.68
N VAL L 280 65.40 32.15 47.60
CA VAL L 280 66.56 32.65 46.89
C VAL L 280 66.37 34.13 46.87
N CYS L 281 67.43 34.88 47.05
CA CYS L 281 67.37 36.30 47.05
C CYS L 281 68.18 36.94 45.97
N CYS L 282 67.55 37.77 45.17
CA CYS L 282 68.22 38.43 44.11
C CYS L 282 68.40 39.85 44.49
N PHE L 283 69.62 40.33 44.43
CA PHE L 283 69.93 41.68 44.84
C PHE L 283 70.27 42.49 43.63
N GLY L 284 69.95 43.78 43.67
CA GLY L 284 70.32 44.61 42.56
C GLY L 284 69.37 45.71 42.19
N ALA L 285 69.34 46.05 40.91
CA ALA L 285 68.50 47.13 40.45
C ALA L 285 67.33 46.64 39.64
N ALA L 286 66.18 47.27 39.80
CA ALA L 286 65.04 46.90 38.99
C ALA L 286 64.97 47.88 37.85
N GLN L 287 64.98 47.37 36.64
CA GLN L 287 64.93 48.22 35.47
C GLN L 287 64.04 47.58 34.44
N HIS L 288 63.55 48.35 33.50
CA HIS L 288 62.72 47.81 32.45
C HIS L 288 63.54 47.84 31.19
N ALA L 289 63.75 46.68 30.58
CA ALA L 289 64.49 46.60 29.34
C ALA L 289 65.85 47.28 29.32
N PHE L 290 66.79 46.75 30.07
CA PHE L 290 68.12 47.33 30.10
C PHE L 290 69.14 46.32 29.68
N VAL L 291 70.02 46.69 28.77
CA VAL L 291 71.02 45.77 28.29
C VAL L 291 72.40 46.22 28.70
N PRO L 292 73.11 45.40 29.48
CA PRO L 292 74.41 45.82 29.97
C PRO L 292 75.45 46.03 28.90
N SER L 293 75.57 45.12 27.95
CA SER L 293 76.60 45.20 26.94
C SER L 293 76.24 44.34 25.75
N GLY L 294 77.01 44.40 24.68
CA GLY L 294 76.74 43.56 23.53
C GLY L 294 77.98 43.26 22.75
N ARG L 295 78.21 41.99 22.44
CA ARG L 295 79.42 41.61 21.77
C ARG L 295 79.14 40.69 20.61
N PRO L 296 80.05 40.68 19.61
CA PRO L 296 79.88 39.77 18.49
C PRO L 296 79.78 38.30 18.83
N SER L 297 79.00 37.52 18.10
CA SER L 297 78.82 36.11 18.43
C SER L 297 78.45 35.20 17.28
N ASN L 298 78.35 33.90 17.55
CA ASN L 298 78.01 32.94 16.52
C ASN L 298 76.92 32.03 17.05
N ARG L 299 76.16 31.39 16.18
CA ARG L 299 75.03 30.59 16.61
C ARG L 299 74.90 29.38 15.70
N LEU L 300 74.42 28.25 16.20
CA LEU L 300 74.21 27.10 15.34
C LEU L 300 72.87 27.29 14.65
N VAL L 301 72.89 27.35 13.32
CA VAL L 301 71.66 27.54 12.56
C VAL L 301 71.67 26.71 11.31
N ASP L 302 70.50 26.51 10.69
CA ASP L 302 70.45 25.79 9.43
C ASP L 302 70.56 26.79 8.36
N HIS L 303 71.68 26.81 7.70
CA HIS L 303 71.94 27.78 6.68
C HIS L 303 71.12 27.67 5.44
N GLU L 304 70.83 26.44 5.04
CA GLU L 304 69.96 26.22 3.90
C GLU L 304 68.52 26.74 4.04
N TRP L 305 67.89 26.59 5.20
CA TRP L 305 66.55 27.11 5.39
C TRP L 305 66.55 28.57 5.28
N HIS L 306 67.57 29.20 5.80
CA HIS L 306 67.64 30.62 5.79
C HIS L 306 67.69 31.15 4.39
N GLU L 307 68.39 30.47 3.49
CA GLU L 307 68.39 30.94 2.12
C GLU L 307 67.01 30.86 1.48
N ARG L 308 66.31 29.73 1.64
CA ARG L 308 65.00 29.58 1.04
C ARG L 308 63.97 30.54 1.60
N MET L 309 64.04 30.81 2.89
CA MET L 309 63.10 31.70 3.50
C MET L 309 63.64 33.10 3.68
N LYS L 310 64.57 33.51 2.83
CA LYS L 310 65.17 34.83 2.92
C LYS L 310 64.19 35.94 2.91
N ASP L 311 63.18 35.81 2.13
CA ASP L 311 62.16 36.81 2.07
C ASP L 311 61.40 37.07 3.32
N ALA L 312 61.06 36.05 4.06
CA ALA L 312 60.21 36.25 5.20
C ALA L 312 60.72 36.05 6.64
N ILE L 313 62.00 35.84 6.84
CA ILE L 313 62.53 35.61 8.16
C ILE L 313 63.44 36.76 8.49
N TRP L 314 63.40 37.27 9.71
CA TRP L 314 64.35 38.27 10.09
C TRP L 314 65.61 37.58 10.51
N ASP L 315 66.73 37.88 9.88
CA ASP L 315 67.99 37.34 10.34
C ASP L 315 68.88 38.51 10.55
N PRO L 316 69.34 38.70 11.76
CA PRO L 316 70.13 39.89 11.96
C PRO L 316 71.34 39.85 11.09
N GLU L 317 71.73 40.97 10.51
CA GLU L 317 72.93 41.03 9.69
C GLU L 317 74.21 40.69 10.42
N LYS L 318 74.53 41.41 11.48
CA LYS L 318 75.66 41.08 12.30
C LYS L 318 75.08 40.67 13.61
N PHE L 319 75.48 39.53 14.14
CA PHE L 319 74.83 38.99 15.34
C PHE L 319 75.56 39.37 16.55
N THR L 320 74.85 40.03 17.43
CA THR L 320 75.43 40.44 18.64
C THR L 320 74.56 39.99 19.77
N ARG L 321 75.15 39.42 20.82
CA ARG L 321 74.42 38.92 21.94
C ARG L 321 74.64 39.55 23.26
N ALA L 322 73.57 39.93 23.92
CA ALA L 322 73.63 40.49 25.24
C ALA L 322 73.94 39.44 26.22
N PRO L 323 74.69 39.79 27.24
CA PRO L 323 75.00 38.84 28.27
C PRO L 323 73.80 38.38 29.01
N GLY L 324 72.87 39.25 29.32
CA GLY L 324 71.75 38.87 30.13
C GLY L 324 71.03 40.13 30.45
N GLY L 325 70.17 40.10 31.45
CA GLY L 325 69.45 41.28 31.86
C GLY L 325 69.54 41.64 33.31
N CYS L 326 68.72 42.56 33.78
CA CYS L 326 68.70 42.98 35.17
C CYS L 326 68.17 41.94 36.15
N SER L 327 68.50 42.04 37.42
CA SER L 327 68.11 41.02 38.38
C SER L 327 66.63 40.84 38.58
N SER L 328 65.82 41.83 38.33
CA SER L 328 64.40 41.62 38.40
C SER L 328 63.98 40.61 37.39
N ASN L 329 64.61 40.61 36.22
CA ASN L 329 64.31 39.66 35.16
C ASN L 329 64.67 38.22 35.54
N VAL L 330 65.76 38.00 36.22
CA VAL L 330 66.10 36.70 36.69
C VAL L 330 65.08 36.22 37.69
N ALA L 331 64.63 37.06 38.59
CA ALA L 331 63.60 36.68 39.51
C ALA L 331 62.24 36.38 38.93
N VAL L 332 61.77 37.13 37.95
CA VAL L 332 60.50 36.82 37.33
C VAL L 332 60.60 35.46 36.69
N ALA L 333 61.72 35.13 36.10
CA ALA L 333 61.93 33.82 35.53
C ALA L 333 61.95 32.63 36.46
N LEU L 334 62.54 32.72 37.63
CA LEU L 334 62.52 31.65 38.60
C LEU L 334 61.17 31.40 39.11
N ALA L 335 60.40 32.44 39.28
CA ALA L 335 59.09 32.30 39.81
C ALA L 335 58.25 31.50 38.88
N SER L 336 58.43 31.70 37.60
CA SER L 336 57.70 30.94 36.61
C SER L 336 57.99 29.48 36.67
N LEU L 337 59.23 29.12 36.89
CA LEU L 337 59.60 27.75 36.99
C LEU L 337 59.20 27.10 38.28
N GLY L 338 58.75 27.86 39.26
CA GLY L 338 58.32 27.35 40.53
C GLY L 338 59.08 27.73 41.76
N GLY L 339 60.11 28.53 41.66
CA GLY L 339 60.92 28.87 42.79
C GLY L 339 60.39 29.91 43.70
N LYS L 340 60.90 29.97 44.92
CA LYS L 340 60.51 31.03 45.82
C LYS L 340 61.59 32.09 45.73
N VAL L 341 61.25 33.30 45.34
CA VAL L 341 62.24 34.32 45.16
C VAL L 341 61.90 35.66 45.78
N ALA L 342 62.89 36.40 46.28
CA ALA L 342 62.69 37.72 46.85
C ALA L 342 63.60 38.73 46.21
N PHE L 343 63.16 39.96 46.00
CA PHE L 343 64.07 40.96 45.46
C PHE L 343 64.41 42.05 46.45
N MET L 344 65.69 42.25 46.71
CA MET L 344 66.12 43.32 47.59
C MET L 344 66.73 44.45 46.79
N GLY L 345 66.33 45.69 47.08
CA GLY L 345 66.79 46.82 46.32
C GLY L 345 65.96 48.03 46.67
N LYS L 346 66.14 49.13 45.98
CA LYS L 346 65.38 50.34 46.24
C LYS L 346 64.84 50.93 45.00
N LEU L 347 63.66 51.54 45.08
CA LEU L 347 63.00 52.00 43.88
C LEU L 347 62.27 53.30 44.13
N GLY L 348 61.30 53.64 43.29
CA GLY L 348 60.56 54.84 43.59
C GLY L 348 59.10 54.56 43.84
N ASP L 349 58.57 55.64 44.50
CA ASP L 349 57.19 55.67 44.88
C ASP L 349 56.61 56.57 43.88
N ASP L 350 57.39 56.86 42.88
CA ASP L 350 56.86 57.62 41.80
C ASP L 350 56.09 56.59 41.02
N ASP L 351 55.38 56.98 39.97
CA ASP L 351 54.55 56.02 39.29
C ASP L 351 55.34 54.85 38.72
N PHE L 352 56.52 55.08 38.18
CA PHE L 352 57.23 53.99 37.58
C PHE L 352 57.53 53.00 38.64
N GLY L 353 57.91 53.45 39.79
CA GLY L 353 58.30 52.49 40.77
C GLY L 353 57.18 51.66 41.22
N GLN L 354 56.06 52.28 41.45
CA GLN L 354 54.94 51.57 41.99
C GLN L 354 54.52 50.54 40.97
N SER L 355 54.55 50.89 39.70
CA SER L 355 54.25 49.93 38.64
C SER L 355 55.21 48.80 38.52
N LEU L 356 56.49 49.05 38.68
CA LEU L 356 57.44 47.98 38.67
C LEU L 356 57.22 47.00 39.80
N VAL L 357 56.90 47.46 40.97
CA VAL L 357 56.60 46.56 42.06
C VAL L 357 55.37 45.71 41.74
N TYR L 358 54.38 46.26 41.07
CA TYR L 358 53.20 45.50 40.70
C TYR L 358 53.55 44.36 39.77
N PHE L 359 54.47 44.55 38.85
CA PHE L 359 54.79 43.50 37.95
C PHE L 359 55.32 42.38 38.72
N MET L 360 56.23 42.67 39.61
CA MET L 360 56.86 41.63 40.35
C MET L 360 55.89 40.92 41.23
N ASN L 361 55.00 41.64 41.84
CA ASN L 361 54.04 41.05 42.70
C ASN L 361 53.06 40.17 41.97
N ILE L 362 52.61 40.57 40.81
CA ILE L 362 51.71 39.76 40.01
C ILE L 362 52.38 38.49 39.56
N ASN L 363 53.70 38.48 39.42
CA ASN L 363 54.42 37.34 38.93
C ASN L 363 55.00 36.56 40.06
N LYS L 364 54.43 36.71 41.23
CA LYS L 364 54.84 35.96 42.41
C LYS L 364 56.24 36.05 42.95
N VAL L 365 56.85 37.22 42.89
CA VAL L 365 58.15 37.43 43.44
C VAL L 365 57.91 38.22 44.70
N GLN L 366 58.40 37.76 45.85
CA GLN L 366 58.17 38.45 47.09
C GLN L 366 58.83 39.81 47.11
N THR L 367 58.09 40.85 47.44
CA THR L 367 58.61 42.19 47.44
C THR L 367 58.77 42.83 48.82
N ARG L 368 58.78 42.05 49.88
CA ARG L 368 58.95 42.55 51.21
C ARG L 368 60.28 43.19 51.41
N SER L 369 61.32 42.66 50.82
CA SER L 369 62.62 43.24 50.89
C SER L 369 62.87 44.56 50.18
N VAL L 370 62.08 44.93 49.21
CA VAL L 370 62.24 46.19 48.55
C VAL L 370 61.91 47.31 49.46
N ARG L 371 62.62 48.42 49.36
CA ARG L 371 62.29 49.60 50.14
C ARG L 371 62.08 50.82 49.27
N LEU L 372 60.99 51.55 49.47
CA LEU L 372 60.69 52.74 48.70
C LEU L 372 61.01 54.08 49.38
N ASP L 373 61.56 55.07 48.67
CA ASP L 373 61.96 56.36 49.27
C ASP L 373 61.40 57.57 48.60
N SER L 374 60.96 58.54 49.39
CA SER L 374 60.31 59.71 48.83
C SER L 374 61.12 60.66 47.99
N LYS L 375 62.30 61.03 48.43
CA LYS L 375 63.14 61.98 47.71
C LYS L 375 63.78 61.56 46.42
N LYS L 376 64.32 60.34 46.36
CA LYS L 376 64.99 59.88 45.16
C LYS L 376 64.03 59.49 44.02
N ALA L 377 64.47 59.52 42.76
CA ALA L 377 63.61 59.23 41.62
C ALA L 377 63.97 57.93 40.96
N THR L 378 63.03 57.26 40.30
CA THR L 378 63.30 55.93 39.80
C THR L 378 64.35 55.66 38.78
N ALA L 379 64.41 56.36 37.69
CA ALA L 379 65.52 56.08 36.78
C ALA L 379 66.33 57.29 36.44
N ILE L 380 66.15 58.39 37.16
CA ILE L 380 66.78 59.63 36.81
C ILE L 380 67.96 59.96 37.67
N THR L 381 69.11 60.22 37.08
CA THR L 381 70.30 60.59 37.83
C THR L 381 70.72 61.98 37.40
N HIS L 382 70.59 62.97 38.29
CA HIS L 382 71.05 64.30 37.96
C HIS L 382 72.55 64.31 37.85
N MET L 383 73.09 64.91 36.80
CA MET L 383 74.52 64.88 36.58
C MET L 383 75.12 66.23 36.26
N LYS L 384 76.33 66.48 36.75
CA LYS L 384 77.02 67.72 36.44
C LYS L 384 77.48 67.72 35.01
N ILE L 385 77.47 68.88 34.37
CA ILE L 385 77.83 68.95 32.95
C ILE L 385 79.27 68.51 32.79
N GLY L 386 80.11 68.91 33.70
CA GLY L 386 81.48 68.42 33.65
C GLY L 386 82.51 69.17 32.85
N LYS L 387 83.73 68.62 32.77
CA LYS L 387 84.83 69.29 32.10
C LYS L 387 84.78 69.21 30.60
N ARG L 388 85.67 69.96 29.95
CA ARG L 388 85.72 69.95 28.50
C ARG L 388 85.99 68.52 28.08
N GLY L 389 85.38 68.10 26.97
CA GLY L 389 85.47 66.71 26.59
C GLY L 389 84.21 66.06 27.11
N GLY L 390 83.31 66.88 27.65
CA GLY L 390 82.05 66.35 28.12
C GLY L 390 82.17 65.26 29.16
N LEU L 391 83.11 65.37 30.08
CA LEU L 391 83.24 64.29 31.03
C LEU L 391 82.27 64.61 32.13
N ARG L 392 81.13 63.93 32.12
CA ARG L 392 80.10 64.22 33.11
C ARG L 392 80.42 63.70 34.48
N MET L 393 79.86 64.33 35.51
CA MET L 393 80.04 63.84 36.86
C MET L 393 78.66 63.45 37.31
N THR L 394 78.52 62.26 37.86
CA THR L 394 77.18 61.78 38.17
C THR L 394 76.79 61.97 39.60
N THR L 395 77.60 62.67 40.35
CA THR L 395 77.32 62.77 41.76
C THR L 395 76.37 63.87 42.15
N THR L 396 75.87 64.63 41.18
CA THR L 396 75.05 65.75 41.59
C THR L 396 73.89 65.17 42.37
N LYS L 397 73.26 64.11 41.87
CA LYS L 397 72.25 63.43 42.66
C LYS L 397 72.24 61.99 42.20
N PRO L 398 72.41 61.03 43.11
CA PRO L 398 72.31 59.63 42.71
C PRO L 398 70.88 59.17 42.44
N SER L 399 70.70 58.16 41.61
CA SER L 399 69.37 57.62 41.35
C SER L 399 68.97 56.70 42.46
N ALA L 400 67.68 56.40 42.54
CA ALA L 400 67.20 55.59 43.65
C ALA L 400 67.83 54.23 43.65
N GLU L 401 68.01 53.65 42.47
CA GLU L 401 68.52 52.30 42.39
C GLU L 401 69.90 52.13 42.99
N ASP L 402 70.78 53.08 42.74
CA ASP L 402 72.14 52.96 43.24
C ASP L 402 72.28 53.57 44.60
N SER L 403 71.19 54.11 45.13
CA SER L 403 71.22 54.72 46.44
C SER L 403 70.63 53.84 47.53
N LEU L 404 71.38 52.84 47.98
CA LEU L 404 70.90 51.96 49.03
C LEU L 404 71.87 51.94 50.17
N LEU L 405 71.39 51.87 51.39
CA LEU L 405 72.27 51.96 52.54
C LEU L 405 72.30 50.71 53.38
N LYS L 406 73.37 50.54 54.14
CA LYS L 406 73.55 49.32 54.89
C LYS L 406 72.43 49.08 55.87
N SER L 407 71.92 50.14 56.45
CA SER L 407 70.89 49.98 57.46
C SER L 407 69.66 49.30 56.90
N GLU L 408 69.27 49.64 55.67
CA GLU L 408 68.04 49.11 55.11
C GLU L 408 68.02 47.63 54.71
N ILE L 409 69.17 46.99 54.63
CA ILE L 409 69.21 45.59 54.21
C ILE L 409 68.37 44.80 55.19
N ASN L 410 67.53 43.90 54.69
CA ASN L 410 66.65 43.14 55.58
C ASN L 410 67.34 41.88 55.99
N ILE L 411 67.70 41.81 57.26
CA ILE L 411 68.41 40.66 57.77
C ILE L 411 67.57 39.40 57.72
N ASP L 412 66.29 39.49 58.02
CA ASP L 412 65.48 38.28 58.09
C ASP L 412 65.41 37.53 56.77
N VAL L 413 65.27 38.25 55.67
CA VAL L 413 65.24 37.61 54.38
C VAL L 413 66.58 36.94 54.15
N LEU L 414 67.66 37.61 54.52
CA LEU L 414 68.98 37.04 54.35
C LEU L 414 69.14 35.78 55.16
N LYS L 415 68.57 35.77 56.34
CA LYS L 415 68.66 34.61 57.19
C LYS L 415 67.98 33.38 56.62
N GLU L 416 66.80 33.55 56.03
CA GLU L 416 66.03 32.41 55.53
C GLU L 416 66.64 31.83 54.28
N ALA L 417 67.25 32.67 53.46
CA ALA L 417 67.80 32.25 52.20
C ALA L 417 69.02 31.43 52.09
N LYS L 418 68.96 30.43 51.24
CA LYS L 418 70.08 29.59 50.99
C LYS L 418 70.78 29.90 49.69
N MET L 419 70.37 30.92 48.96
CA MET L 419 71.10 31.37 47.80
C MET L 419 71.09 32.85 47.65
N PHE L 420 72.20 33.45 47.24
CA PHE L 420 72.27 34.86 46.98
C PHE L 420 72.71 35.08 45.56
N TYR L 421 72.07 35.96 44.82
CA TYR L 421 72.50 36.23 43.46
C TYR L 421 72.77 37.70 43.32
N PHE L 422 73.92 38.06 42.74
CA PHE L 422 74.22 39.45 42.49
C PHE L 422 74.95 39.65 41.18
N ASN L 423 74.89 40.85 40.65
CA ASN L 423 75.56 41.14 39.39
C ASN L 423 76.62 42.20 39.59
N THR L 424 77.43 42.44 38.57
CA THR L 424 78.42 43.53 38.63
C THR L 424 77.91 44.94 38.51
N PHE L 425 76.72 45.13 38.02
CA PHE L 425 76.15 46.44 37.92
C PHE L 425 75.95 47.13 39.24
N SER L 426 75.60 46.37 40.27
CA SER L 426 75.41 46.95 41.59
C SER L 426 76.73 47.26 42.23
N MET L 427 77.81 46.93 41.56
CA MET L 427 79.13 47.26 42.07
C MET L 427 79.68 48.47 41.35
N LEU L 428 78.87 49.10 40.52
CA LEU L 428 79.37 50.23 39.74
C LEU L 428 79.47 51.52 40.53
N ASP L 429 78.42 51.86 41.27
CA ASP L 429 78.43 53.10 42.08
C ASP L 429 79.31 52.93 43.31
N PRO L 430 79.96 54.00 43.81
CA PRO L 430 80.84 53.71 44.93
C PRO L 430 80.22 53.35 46.24
N ASN L 431 79.19 54.03 46.69
CA ASN L 431 78.50 53.63 47.91
C ASN L 431 77.85 52.29 47.80
N MET L 432 77.23 52.01 46.67
CA MET L 432 76.52 50.77 46.51
C MET L 432 77.45 49.58 46.56
N ARG L 433 78.69 49.74 46.12
CA ARG L 433 79.59 48.64 46.16
C ARG L 433 79.74 48.20 47.56
N LEU L 434 79.81 49.13 48.47
CA LEU L 434 80.02 48.76 49.82
C LEU L 434 78.85 48.04 50.36
N THR L 435 77.66 48.49 50.03
CA THR L 435 76.48 47.88 50.55
C THR L 435 76.43 46.47 50.07
N THR L 436 76.75 46.25 48.80
CA THR L 436 76.66 44.91 48.27
C THR L 436 77.60 43.92 48.85
N LEU L 437 78.83 44.35 49.11
CA LEU L 437 79.78 43.46 49.70
C LEU L 437 79.36 43.07 51.08
N ARG L 438 78.74 43.96 51.83
CA ARG L 438 78.22 43.58 53.12
C ARG L 438 77.14 42.55 53.05
N ALA L 439 76.22 42.68 52.11
CA ALA L 439 75.18 41.70 51.95
C ALA L 439 75.77 40.36 51.60
N THR L 440 76.79 40.35 50.79
CA THR L 440 77.40 39.10 50.51
C THR L 440 78.04 38.47 51.71
N LYS L 441 78.79 39.23 52.48
CA LYS L 441 79.42 38.70 53.67
C LYS L 441 78.47 38.31 54.78
N ILE L 442 77.40 39.05 54.97
CA ILE L 442 76.44 38.69 55.96
C ILE L 442 75.89 37.34 55.60
N SER L 443 75.57 37.13 54.34
CA SER L 443 74.98 35.86 53.92
C SER L 443 75.88 34.71 54.06
N LYS L 444 77.13 34.87 53.77
CA LYS L 444 77.98 33.74 53.78
C LYS L 444 77.98 33.17 55.16
N LYS L 445 78.09 34.02 56.17
CA LYS L 445 78.19 33.53 57.53
C LYS L 445 76.95 32.85 57.97
N LEU L 446 75.82 33.46 57.68
CA LEU L 446 74.56 32.92 58.11
C LEU L 446 74.36 31.59 57.45
N GLY L 447 74.91 31.42 56.25
CA GLY L 447 74.83 30.15 55.55
C GLY L 447 74.14 30.31 54.23
N GLY L 448 74.91 30.48 53.17
CA GLY L 448 74.34 30.72 51.86
C GLY L 448 75.32 30.40 50.79
N VAL L 449 74.84 30.15 49.59
CA VAL L 449 75.73 29.93 48.51
C VAL L 449 75.61 31.18 47.74
N VAL L 450 76.72 31.70 47.30
CA VAL L 450 76.69 32.94 46.61
C VAL L 450 76.91 32.69 45.12
N PHE L 451 76.11 33.31 44.26
CA PHE L 451 76.21 33.08 42.84
C PHE L 451 76.52 34.44 42.26
N TYR L 452 77.61 34.54 41.53
CA TYR L 452 77.96 35.80 40.92
C TYR L 452 77.88 35.71 39.43
N ASP L 453 77.15 36.64 38.83
CA ASP L 453 77.05 36.66 37.39
C ASP L 453 77.76 37.89 36.90
N VAL L 454 78.87 37.70 36.23
CA VAL L 454 79.62 38.80 35.73
C VAL L 454 78.91 39.08 34.47
N ASN L 455 78.32 40.25 34.37
CA ASN L 455 77.64 40.62 33.17
C ASN L 455 78.23 41.95 32.94
N LEU L 456 79.46 42.03 32.44
CA LEU L 456 80.17 43.31 32.39
C LEU L 456 79.55 44.43 31.67
N PRO L 457 79.38 45.59 32.36
CA PRO L 457 78.68 46.62 31.62
C PRO L 457 79.55 47.35 30.64
N PHE L 458 79.00 48.33 29.94
CA PHE L 458 79.73 49.04 28.90
C PHE L 458 80.99 49.75 29.36
N PRO L 459 80.94 50.42 30.52
CA PRO L 459 82.20 51.10 30.86
C PRO L 459 83.40 50.22 31.02
N LEU L 460 83.27 49.05 31.62
CA LEU L 460 84.44 48.27 31.92
C LEU L 460 85.15 47.49 30.83
N TRP L 461 84.81 47.71 29.59
CA TRP L 461 85.44 46.99 28.50
C TRP L 461 86.66 47.62 27.91
N GLU L 462 87.12 48.72 28.50
CA GLU L 462 88.27 49.40 27.96
C GLU L 462 89.50 48.56 27.95
N SER L 463 89.78 47.87 29.03
CA SER L 463 90.92 47.00 29.06
C SER L 463 90.78 45.93 30.06
N GLY L 464 91.39 44.80 29.78
CA GLY L 464 91.29 43.66 30.64
C GLY L 464 91.85 43.77 32.01
N ASP L 465 92.99 44.40 32.12
CA ASP L 465 93.62 44.47 33.38
C ASP L 465 92.73 45.23 34.31
N LYS L 466 92.12 46.29 33.83
CA LYS L 466 91.31 47.10 34.69
C LYS L 466 90.16 46.31 35.21
N ALA L 467 89.56 45.50 34.36
CA ALA L 467 88.44 44.67 34.77
C ALA L 467 88.78 43.66 35.79
N LYS L 468 89.88 42.97 35.64
CA LYS L 468 90.13 41.92 36.58
C LYS L 468 90.28 42.52 37.94
N THR L 469 90.88 43.67 38.03
CA THR L 469 91.11 44.25 39.31
C THR L 469 89.84 44.76 39.95
N PHE L 470 88.93 45.26 39.14
CA PHE L 470 87.68 45.79 39.66
C PHE L 470 86.87 44.69 40.30
N ILE L 471 86.85 43.51 39.70
CA ILE L 471 86.00 42.45 40.19
C ILE L 471 86.64 41.42 41.08
N GLN L 472 87.91 41.56 41.38
CA GLN L 472 88.59 40.50 42.12
C GLN L 472 88.04 40.20 43.50
N GLN L 473 87.62 41.21 44.23
CA GLN L 473 87.05 40.95 45.52
C GLN L 473 85.80 40.10 45.43
N ALA L 474 84.92 40.39 44.49
CA ALA L 474 83.70 39.60 44.30
C ALA L 474 84.00 38.19 43.84
N TRP L 475 84.97 38.06 42.97
CA TRP L 475 85.31 36.77 42.43
C TRP L 475 85.72 35.90 43.59
N ASP L 476 86.44 36.47 44.54
CA ASP L 476 86.90 35.72 45.69
C ASP L 476 85.81 35.20 46.60
N LEU L 477 84.73 35.94 46.76
CA LEU L 477 83.68 35.56 47.70
C LEU L 477 82.62 34.62 47.15
N ALA L 478 82.78 34.15 45.92
CA ALA L 478 81.73 33.36 45.29
C ALA L 478 81.86 31.87 45.17
N ASP L 479 80.83 31.12 45.54
CA ASP L 479 80.80 29.68 45.33
C ASP L 479 80.55 29.23 43.89
N ILE L 480 79.71 29.91 43.13
CA ILE L 480 79.41 29.59 41.74
C ILE L 480 79.55 30.87 40.91
N ILE L 481 80.16 30.82 39.73
CA ILE L 481 80.38 31.98 38.90
C ILE L 481 79.89 31.69 37.49
N GLU L 482 79.31 32.64 36.75
CA GLU L 482 78.93 32.41 35.35
C GLU L 482 79.47 33.47 34.42
N VAL L 483 80.22 33.10 33.41
CA VAL L 483 80.87 34.02 32.54
C VAL L 483 80.60 33.68 31.11
N THR L 484 80.28 34.66 30.28
CA THR L 484 80.11 34.38 28.85
C THR L 484 81.45 34.11 28.25
N LYS L 485 81.49 33.41 27.14
CA LYS L 485 82.76 33.04 26.56
C LYS L 485 83.53 34.26 26.20
N GLN L 486 82.87 35.24 25.61
CA GLN L 486 83.59 36.42 25.18
C GLN L 486 84.22 37.11 26.38
N GLU L 487 83.53 37.13 27.51
CA GLU L 487 84.08 37.71 28.72
C GLU L 487 85.24 36.90 29.23
N LEU L 488 85.17 35.59 29.15
CA LEU L 488 86.24 34.78 29.67
C LEU L 488 87.48 35.12 28.93
N GLU L 489 87.38 35.23 27.62
CA GLU L 489 88.54 35.51 26.82
C GLU L 489 89.10 36.86 27.20
N PHE L 490 88.21 37.83 27.39
CA PHE L 490 88.66 39.19 27.69
C PHE L 490 89.41 39.25 29.00
N LEU L 491 88.89 38.61 30.03
CA LEU L 491 89.60 38.57 31.29
C LEU L 491 90.88 37.78 31.20
N CYS L 492 90.81 36.58 30.63
CA CYS L 492 92.00 35.75 30.59
C CYS L 492 93.10 36.22 29.67
N GLY L 493 92.74 36.75 28.50
CA GLY L 493 93.75 37.30 27.62
C GLY L 493 93.62 36.97 26.15
N ILE L 494 93.10 35.79 25.81
CA ILE L 494 92.98 35.36 24.44
C ILE L 494 92.33 36.41 23.57
N LYS L 495 92.77 36.52 22.33
CA LYS L 495 92.17 37.45 21.39
C LYS L 495 91.49 36.59 20.35
N PRO L 496 90.26 36.94 19.99
CA PRO L 496 89.52 36.08 19.07
C PRO L 496 90.03 35.91 17.69
N SER L 497 89.97 34.69 17.19
CA SER L 497 90.36 34.44 15.80
C SER L 497 89.29 33.59 15.16
N GLU L 498 88.08 34.11 15.05
CA GLU L 498 86.97 33.35 14.47
C GLU L 498 86.38 34.25 13.43
N ARG L 499 85.72 33.68 12.43
CA ARG L 499 85.23 34.53 11.37
C ARG L 499 84.19 35.53 11.82
N PHE L 500 83.21 35.09 12.59
CA PHE L 500 82.20 36.00 13.15
C PHE L 500 81.17 36.52 12.18
N ASP L 501 81.25 36.13 10.92
CA ASP L 501 80.22 36.52 9.95
C ASP L 501 80.24 35.61 8.73
N THR L 502 79.78 34.38 8.86
CA THR L 502 79.88 33.44 7.75
C THR L 502 78.70 32.51 7.73
N LYS L 503 78.54 31.74 6.67
CA LYS L 503 77.38 30.88 6.54
C LYS L 503 77.60 29.42 6.89
N ASP L 504 78.63 29.10 7.67
CA ASP L 504 78.82 27.72 8.09
C ASP L 504 79.17 27.55 9.54
N ASN L 505 78.89 26.38 10.10
CA ASN L 505 79.23 26.09 11.49
C ASN L 505 80.53 25.32 11.39
N ASP L 506 81.64 25.86 11.88
CA ASP L 506 82.92 25.19 11.64
C ASP L 506 83.77 24.62 12.76
N ARG L 507 83.40 24.80 14.00
CA ARG L 507 84.12 24.25 15.16
C ARG L 507 85.29 25.12 15.54
N SER L 508 85.62 26.09 14.70
CA SER L 508 86.63 27.05 15.07
C SER L 508 85.94 27.79 16.16
N LYS L 509 84.67 28.08 15.92
CA LYS L 509 83.87 28.73 16.93
C LYS L 509 83.45 27.60 17.83
N PHE L 510 82.83 27.90 18.95
CA PHE L 510 82.38 26.86 19.88
C PHE L 510 83.50 26.01 20.47
N THR L 511 84.68 26.58 20.72
CA THR L 511 85.79 25.84 21.34
C THR L 511 85.70 25.62 22.83
N HIS L 512 86.22 24.49 23.31
CA HIS L 512 86.24 24.23 24.74
C HIS L 512 87.65 24.53 25.16
N TYR L 513 87.85 25.60 25.94
CA TYR L 513 89.17 25.97 26.30
C TYR L 513 89.66 24.90 27.23
N PRO L 514 90.94 24.56 27.16
CA PRO L 514 91.45 23.46 27.96
C PRO L 514 91.45 23.79 29.41
N PRO L 515 91.50 22.78 30.30
CA PRO L 515 91.37 23.15 31.71
C PRO L 515 92.42 24.07 32.25
N GLU L 516 93.62 23.99 31.73
CA GLU L 516 94.69 24.82 32.17
C GLU L 516 94.53 26.29 31.91
N VAL L 517 93.95 26.68 30.79
CA VAL L 517 93.73 28.07 30.48
C VAL L 517 92.84 28.69 31.53
N ILE L 518 91.83 27.96 31.97
CA ILE L 518 90.93 28.42 33.04
C ILE L 518 91.55 28.41 34.42
N ALA L 519 92.51 27.53 34.69
CA ALA L 519 93.04 27.38 36.07
C ALA L 519 93.68 28.56 36.72
N PRO L 520 94.17 29.50 35.93
CA PRO L 520 94.67 30.66 36.62
C PRO L 520 93.64 31.33 37.54
N LEU L 521 92.37 31.34 37.22
CA LEU L 521 91.41 32.08 38.00
C LEU L 521 90.76 31.45 39.23
N TRP L 522 91.08 30.21 39.55
CA TRP L 522 90.45 29.52 40.67
C TRP L 522 90.83 30.03 42.02
N HIS L 523 89.97 29.84 42.99
CA HIS L 523 90.23 30.22 44.36
C HIS L 523 89.75 29.03 45.18
N GLU L 524 90.09 28.95 46.45
CA GLU L 524 89.74 27.80 47.28
C GLU L 524 88.28 27.53 47.50
N ASN L 525 87.48 28.58 47.53
CA ASN L 525 86.05 28.42 47.70
C ASN L 525 85.20 28.22 46.44
N LEU L 526 85.77 28.06 45.25
CA LEU L 526 84.95 27.96 44.06
C LEU L 526 84.57 26.60 43.69
N LYS L 527 83.30 26.28 43.86
CA LYS L 527 82.77 25.02 43.45
C LYS L 527 82.56 24.74 41.94
N VAL L 528 82.00 25.69 41.17
CA VAL L 528 81.79 25.53 39.72
C VAL L 528 81.91 26.75 38.87
N LEU L 529 82.33 26.62 37.62
CA LEU L 529 82.36 27.76 36.72
C LEU L 529 81.65 27.41 35.45
N PHE L 530 80.67 28.22 35.07
CA PHE L 530 79.90 27.95 33.87
C PHE L 530 80.23 28.96 32.81
N VAL L 531 80.58 28.50 31.61
CA VAL L 531 80.88 29.39 30.51
C VAL L 531 79.84 29.19 29.44
N THR L 532 79.19 30.26 28.98
CA THR L 532 78.09 30.11 28.03
C THR L 532 78.27 30.73 26.68
N ASN L 533 77.97 29.99 25.63
CA ASN L 533 78.08 30.50 24.26
C ASN L 533 76.69 30.81 23.76
N GLY L 534 75.73 30.89 24.66
CA GLY L 534 74.36 31.10 24.25
C GLY L 534 73.72 29.77 24.51
N THR L 535 72.51 29.57 24.02
CA THR L 535 71.90 28.27 24.16
C THR L 535 72.61 27.26 23.27
N SER L 536 73.44 27.74 22.36
CA SER L 536 74.15 26.85 21.47
C SER L 536 75.09 25.89 22.18
N LYS L 537 75.86 26.35 23.14
CA LYS L 537 76.71 25.44 23.91
C LYS L 537 76.92 25.96 25.30
N ILE L 538 76.90 25.10 26.31
CA ILE L 538 77.21 25.52 27.67
C ILE L 538 78.32 24.63 28.20
N HIS L 539 79.34 25.21 28.81
CA HIS L 539 80.48 24.44 29.26
C HIS L 539 80.61 24.52 30.76
N TYR L 540 81.00 23.44 31.42
CA TYR L 540 81.25 23.50 32.85
C TYR L 540 82.63 23.05 33.27
N TYR L 541 83.23 23.74 34.24
CA TYR L 541 84.55 23.38 34.75
C TYR L 541 84.53 23.23 36.26
N THR L 542 84.93 22.09 36.77
CA THR L 542 84.93 21.80 38.21
C THR L 542 86.31 21.28 38.48
N LYS L 543 86.76 21.22 39.72
CA LYS L 543 88.14 20.85 40.01
C LYS L 543 88.54 19.48 39.55
N GLU L 544 87.71 18.50 39.73
CA GLU L 544 88.03 17.20 39.19
C GLU L 544 87.47 16.78 37.80
N HIS L 545 86.57 17.53 37.17
CA HIS L 545 86.01 17.19 35.84
C HIS L 545 85.67 18.37 34.95
N ASN L 546 85.64 18.18 33.64
CA ASN L 546 85.34 19.23 32.68
C ASN L 546 84.42 18.71 31.56
N SER L 547 83.40 19.45 31.13
CA SER L 547 82.51 19.04 30.00
C SER L 547 81.57 20.05 29.36
N ALA L 548 80.87 19.66 28.30
CA ALA L 548 79.93 20.53 27.59
C ALA L 548 78.68 19.85 27.11
N VAL L 549 77.59 20.59 26.96
CA VAL L 549 76.31 20.07 26.48
C VAL L 549 75.87 20.97 25.33
N LEU L 550 75.11 20.48 24.36
CA LEU L 550 74.76 21.25 23.15
C LEU L 550 73.26 21.50 22.94
N GLY L 551 72.89 22.61 22.34
CA GLY L 551 71.50 22.95 22.18
C GLY L 551 71.03 23.72 20.98
N LEU L 552 69.80 24.18 21.01
CA LEU L 552 69.19 24.85 19.90
C LEU L 552 69.14 26.34 19.95
N GLU L 553 69.65 27.02 18.95
CA GLU L 553 69.49 28.45 18.93
C GLU L 553 68.74 28.99 17.74
N ASP L 554 68.25 28.14 16.88
CA ASP L 554 67.50 28.65 15.79
C ASP L 554 66.11 28.84 16.22
N VAL L 555 65.83 30.01 16.77
CA VAL L 555 64.49 30.23 17.30
C VAL L 555 63.78 31.42 16.63
N PRO L 556 62.41 31.47 16.67
CA PRO L 556 61.77 32.67 16.12
C PRO L 556 62.38 33.96 16.67
N LEU L 557 62.97 34.78 15.80
CA LEU L 557 63.59 36.04 16.22
C LEU L 557 62.90 37.20 15.54
N THR L 558 62.67 38.29 16.28
CA THR L 558 62.04 39.46 15.73
C THR L 558 63.02 40.59 15.87
N PRO L 559 62.74 41.74 15.26
CA PRO L 559 63.70 42.82 15.48
C PRO L 559 63.80 43.22 16.92
N TYR L 560 62.69 43.26 17.64
CA TYR L 560 62.71 43.59 19.06
C TYR L 560 63.47 42.59 19.91
N THR L 561 63.45 41.31 19.57
CA THR L 561 64.09 40.27 20.38
C THR L 561 65.46 39.79 19.93
N SER L 562 66.08 40.43 18.95
CA SER L 562 67.34 39.93 18.39
C SER L 562 68.50 39.91 19.35
N ASP L 563 68.45 40.72 20.39
CA ASP L 563 69.54 40.82 21.35
C ASP L 563 69.82 39.53 22.09
N MET L 564 68.83 38.69 22.27
CA MET L 564 68.98 37.40 22.96
C MET L 564 69.15 37.52 24.45
N SER L 565 68.67 38.63 25.01
CA SER L 565 68.72 38.81 26.45
C SER L 565 67.89 37.83 27.20
N ALA L 566 66.72 37.50 26.69
CA ALA L 566 65.80 36.63 27.42
C ALA L 566 66.35 35.27 27.67
N SER L 567 67.10 34.73 26.72
CA SER L 567 67.69 33.44 26.91
C SER L 567 68.61 33.47 28.11
N GLY L 568 69.39 34.53 28.25
CA GLY L 568 70.31 34.64 29.35
C GLY L 568 69.63 34.48 30.67
N ASP L 569 68.57 35.23 30.90
CA ASP L 569 67.82 35.17 32.15
C ASP L 569 67.26 33.81 32.41
N GLY L 570 66.76 33.14 31.40
CA GLY L 570 66.29 31.79 31.52
C GLY L 570 67.29 30.76 31.84
N ILE L 571 68.46 30.84 31.27
CA ILE L 571 69.49 29.91 31.59
C ILE L 571 69.87 30.04 33.04
N ILE L 572 69.98 31.27 33.54
CA ILE L 572 70.40 31.46 34.91
C ILE L 572 69.39 30.89 35.85
N ALA L 573 68.12 31.07 35.56
CA ALA L 573 67.09 30.57 36.39
C ALA L 573 67.03 29.09 36.49
N GLY L 574 67.24 28.38 35.43
CA GLY L 574 67.30 26.96 35.52
C GLY L 574 68.41 26.40 36.33
N ILE L 575 69.58 26.98 36.21
CA ILE L 575 70.70 26.56 37.01
C ILE L 575 70.40 26.82 38.45
N ILE L 576 69.78 27.93 38.81
CA ILE L 576 69.39 28.15 40.19
C ILE L 576 68.37 27.18 40.73
N ARG L 577 67.34 26.84 40.00
CA ARG L 577 66.33 25.97 40.53
C ARG L 577 66.88 24.64 40.83
N MET L 578 67.65 24.08 39.95
CA MET L 578 68.16 22.78 40.15
C MET L 578 69.18 22.63 41.23
N LEU L 579 70.07 23.59 41.33
CA LEU L 579 71.06 23.55 42.35
C LEU L 579 70.45 23.70 43.71
N THR L 580 69.45 24.54 43.87
CA THR L 580 68.74 24.71 45.12
C THR L 580 67.92 23.56 45.65
N VAL L 581 67.19 22.83 44.83
CA VAL L 581 66.35 21.71 45.24
C VAL L 581 67.09 20.51 45.78
N GLN L 582 68.23 20.16 45.21
CA GLN L 582 69.07 19.11 45.76
C GLN L 582 70.45 19.66 45.96
N PRO L 583 70.71 20.31 47.09
CA PRO L 583 71.98 20.97 47.35
C PRO L 583 73.21 20.12 47.46
N HIS L 584 73.08 18.90 47.93
CA HIS L 584 74.19 18.02 48.12
C HIS L 584 74.99 17.63 46.90
N LEU L 585 74.42 17.76 45.72
CA LEU L 585 75.07 17.33 44.50
C LEU L 585 75.63 18.38 43.54
N MET L 586 75.99 19.56 43.99
CA MET L 586 76.46 20.59 43.11
C MET L 586 77.64 20.16 42.34
N THR L 587 78.50 19.37 42.94
CA THR L 587 79.64 18.85 42.24
C THR L 587 79.51 17.49 41.52
N ASP L 588 78.37 16.83 41.52
CA ASP L 588 78.23 15.58 40.76
C ASP L 588 78.29 15.72 39.27
N LYS L 589 78.89 14.78 38.57
CA LYS L 589 79.03 14.89 37.13
C LYS L 589 77.70 14.73 36.46
N GLY L 590 76.93 13.74 36.87
CA GLY L 590 75.61 13.57 36.35
C GLY L 590 74.61 14.66 36.63
N TYR L 591 74.57 15.19 37.83
CA TYR L 591 73.57 16.16 38.12
C TYR L 591 73.86 17.36 37.30
N LEU L 592 75.12 17.68 37.14
CA LEU L 592 75.44 18.85 36.43
C LEU L 592 75.03 18.74 35.00
N GLU L 593 75.18 17.59 34.40
CA GLU L 593 74.68 17.42 33.04
C GLU L 593 73.17 17.50 32.90
N ARG L 594 72.42 16.96 33.82
CA ARG L 594 70.97 17.13 33.78
C ARG L 594 70.56 18.56 33.99
N THR L 595 71.22 19.28 34.87
CA THR L 595 70.94 20.68 35.08
C THR L 595 71.16 21.47 33.84
N LEU L 596 72.23 21.20 33.16
CA LEU L 596 72.53 21.96 31.98
C LEU L 596 71.52 21.79 30.87
N LYS L 597 71.01 20.59 30.66
CA LYS L 597 69.94 20.39 29.69
C LYS L 597 68.63 21.09 30.05
N TYR L 598 68.21 21.13 31.31
CA TYR L 598 67.03 21.86 31.73
C TYR L 598 67.23 23.31 31.46
N ALA L 599 68.40 23.84 31.68
CA ALA L 599 68.69 25.21 31.34
C ALA L 599 68.60 25.60 29.89
N ILE L 600 69.08 24.79 29.00
CA ILE L 600 69.00 25.09 27.62
C ILE L 600 67.56 25.16 27.22
N SER L 601 66.73 24.29 27.72
CA SER L 601 65.31 24.29 27.44
C SER L 601 64.55 25.49 27.95
N CYS L 602 64.84 25.96 29.15
CA CYS L 602 64.22 27.13 29.70
C CYS L 602 64.55 28.33 28.89
N GLY L 603 65.78 28.42 28.41
CA GLY L 603 66.20 29.54 27.59
C GLY L 603 65.47 29.63 26.26
N VAL L 604 65.36 28.50 25.56
CA VAL L 604 64.66 28.49 24.28
C VAL L 604 63.18 28.83 24.46
N VAL L 605 62.52 28.30 25.49
CA VAL L 605 61.12 28.64 25.74
C VAL L 605 60.97 30.15 25.91
N ASP L 606 61.81 30.76 26.74
CA ASP L 606 61.78 32.21 26.91
C ASP L 606 62.02 33.09 25.72
N GLN L 607 62.96 32.80 24.87
CA GLN L 607 63.12 33.57 23.69
C GLN L 607 61.93 33.44 22.79
N TRP L 608 61.33 32.26 22.68
CA TRP L 608 60.16 32.06 21.87
C TRP L 608 58.96 32.81 22.35
N LEU L 609 58.75 32.79 23.66
CA LEU L 609 57.59 33.44 24.22
C LEU L 609 57.69 34.91 23.98
N GLN L 610 58.88 35.48 24.08
CA GLN L 610 59.01 36.90 23.94
C GLN L 610 58.63 37.35 22.57
N ALA L 611 59.03 36.61 21.56
CA ALA L 611 58.75 36.99 20.21
C ALA L 611 57.28 37.06 19.99
N ARG L 612 56.57 36.10 20.51
CA ARG L 612 55.15 36.09 20.38
C ARG L 612 54.49 37.24 21.10
N ARG L 613 54.97 37.57 22.29
CA ARG L 613 54.42 38.67 23.05
C ARG L 613 54.70 40.01 22.41
N LEU L 614 55.95 40.36 22.25
CA LEU L 614 56.30 41.66 21.69
C LEU L 614 55.86 41.92 20.27
N GLY L 615 55.96 40.94 19.39
CA GLY L 615 55.59 41.15 18.01
C GLY L 615 56.65 41.67 17.08
N TYR L 616 56.25 42.16 15.92
CA TYR L 616 57.20 42.66 14.94
C TYR L 616 56.89 44.10 14.61
N PRO L 617 57.91 44.90 14.28
CA PRO L 617 57.66 46.28 13.84
C PRO L 617 57.04 46.29 12.46
N PRO L 618 56.13 47.23 12.18
CA PRO L 618 55.43 47.25 10.89
C PRO L 618 56.40 47.35 9.73
N LYS L 619 56.34 46.44 8.76
CA LYS L 619 57.34 46.43 7.68
C LYS L 619 57.30 47.61 6.76
N GLU L 620 56.12 47.96 6.28
CA GLU L 620 55.93 49.12 5.42
C GLU L 620 54.43 49.16 5.38
N GLY L 621 53.81 50.16 4.77
CA GLY L 621 52.37 50.21 4.85
C GLY L 621 51.99 50.23 6.31
N MET L 622 52.63 51.11 7.06
CA MET L 622 52.37 51.20 8.48
C MET L 622 51.15 52.05 8.82
N GLU L 623 49.97 51.53 8.53
CA GLU L 623 48.73 52.26 8.85
C GLU L 623 48.08 51.58 10.04
N ASP L 624 48.86 50.81 10.78
CA ASP L 624 48.35 50.11 11.96
C ASP L 624 48.00 51.08 13.06
N ASP L 625 47.05 50.72 13.91
CA ASP L 625 46.71 51.56 15.04
C ASP L 625 47.90 51.67 15.96
N VAL L 626 48.11 52.84 16.53
CA VAL L 626 49.27 53.02 17.38
C VAL L 626 48.89 53.05 18.84
N VAL L 627 49.62 52.30 19.65
CA VAL L 627 49.39 52.26 21.09
C VAL L 627 49.86 53.63 21.55
N PRO L 628 49.49 54.07 22.76
CA PRO L 628 49.88 55.42 23.10
C PRO L 628 51.36 55.67 22.91
N ASP L 629 52.21 54.72 23.19
CA ASP L 629 53.62 54.96 22.90
C ASP L 629 54.18 54.38 21.57
N ASP L 630 53.77 53.17 21.14
CA ASP L 630 54.40 52.51 19.94
C ASP L 630 53.50 51.58 19.11
N HIS L 631 54.00 51.04 18.00
CA HIS L 631 53.19 50.16 17.13
C HIS L 631 53.77 48.77 16.82
N GLY L 632 52.94 47.72 16.85
CA GLY L 632 53.41 46.36 16.61
C GLY L 632 52.43 45.45 15.88
N ILE L 633 52.92 44.45 15.15
CA ILE L 633 52.07 43.55 14.36
C ILE L 633 52.45 42.09 14.51
N LYS L 634 51.54 41.18 14.24
CA LYS L 634 51.78 39.74 14.31
C LYS L 634 52.56 39.23 13.14
N SER L 635 53.09 38.03 13.23
CA SER L 635 53.93 37.50 12.18
C SER L 635 53.25 37.33 10.85
N VAL L 636 51.98 36.96 10.85
CA VAL L 636 51.28 36.82 9.63
C VAL L 636 51.27 38.13 8.95
N THR L 637 51.05 39.17 9.70
CA THR L 637 51.01 40.49 9.15
C THR L 637 52.34 40.85 8.60
N GLU L 638 53.43 40.49 9.23
CA GLU L 638 54.69 40.92 8.70
C GLU L 638 54.86 40.33 7.37
N ARG L 639 54.46 39.10 7.22
CA ARG L 639 54.64 38.42 5.99
C ARG L 639 53.51 38.67 5.06
N GLU L 640 53.42 39.87 4.52
CA GLU L 640 52.37 40.22 3.57
C GLU L 640 53.06 40.54 2.28
N TYR L 641 52.33 40.48 1.19
CA TYR L 641 52.97 40.58 -0.10
C TYR L 641 53.72 41.84 -0.44
N ARG L 642 53.24 43.00 -0.09
CA ARG L 642 54.05 44.16 -0.41
C ARG L 642 54.05 45.16 0.71
N PRO M 87 22.84 35.13 70.52
CA PRO M 87 22.25 34.64 69.27
C PRO M 87 20.78 34.96 69.17
N HIS M 88 20.16 34.65 68.03
CA HIS M 88 18.75 34.92 67.84
C HIS M 88 17.92 34.03 68.75
N ASP M 89 16.82 34.56 69.28
CA ASP M 89 15.95 33.74 70.10
C ASP M 89 14.97 33.00 69.21
N THR M 90 14.97 31.67 69.30
CA THR M 90 14.09 30.87 68.49
C THR M 90 13.65 29.77 69.40
N PRO M 91 12.50 29.16 69.13
CA PRO M 91 12.08 28.02 69.93
C PRO M 91 13.08 26.89 69.89
N ALA M 92 13.70 26.66 68.76
CA ALA M 92 14.69 25.63 68.63
C ALA M 92 15.97 25.85 69.41
N SER M 93 16.33 27.09 69.68
CA SER M 93 17.61 27.37 70.29
C SER M 93 17.80 26.69 71.62
N GLN M 94 16.77 26.65 72.41
CA GLN M 94 16.92 26.05 73.68
C GLN M 94 17.31 24.59 73.57
N LEU M 95 16.78 23.88 72.60
CA LEU M 95 17.03 22.47 72.47
C LEU M 95 18.33 22.02 71.80
N GLU M 96 18.69 20.74 71.97
CA GLU M 96 19.93 20.21 71.40
C GLU M 96 19.74 19.24 70.26
N LEU M 97 20.65 19.24 69.30
CA LEU M 97 20.48 18.40 68.12
C LEU M 97 20.63 16.94 68.41
N ALA M 98 19.89 16.11 67.70
CA ALA M 98 19.91 14.69 67.94
C ALA M 98 21.03 14.03 67.25
N ASP M 99 21.22 12.76 67.51
CA ASP M 99 22.34 12.07 66.95
C ASP M 99 22.19 12.06 65.49
N PRO M 100 23.29 12.04 64.79
CA PRO M 100 23.19 11.92 63.35
C PRO M 100 22.46 10.67 62.95
N ASP M 101 22.54 9.62 63.73
CA ASP M 101 21.96 8.34 63.39
C ASP M 101 20.48 8.24 63.30
N PHE M 102 19.72 9.14 63.88
CA PHE M 102 18.31 9.11 63.68
C PHE M 102 17.98 9.27 62.23
N TYR M 103 18.57 10.23 61.58
CA TYR M 103 18.35 10.40 60.18
C TYR M 103 18.98 9.36 59.28
N LYS M 104 20.19 8.93 59.59
CA LYS M 104 20.90 8.01 58.74
C LYS M 104 20.21 6.70 58.56
N ILE M 105 19.67 6.14 59.63
CA ILE M 105 19.03 4.86 59.53
C ILE M 105 17.93 4.99 58.49
N GLY M 106 17.18 6.06 58.54
CA GLY M 106 16.17 6.31 57.53
C GLY M 106 16.69 6.65 56.16
N TYR M 107 17.74 7.45 56.06
CA TYR M 107 18.26 7.91 54.77
C TYR M 107 18.78 6.83 53.88
N VAL M 108 19.28 5.74 54.45
CA VAL M 108 19.76 4.64 53.64
C VAL M 108 18.58 3.97 53.00
N ARG M 109 17.45 3.91 53.68
CA ARG M 109 16.22 3.45 53.08
C ARG M 109 15.77 4.74 52.46
N SER M 110 14.72 4.77 51.68
CA SER M 110 14.46 6.06 51.05
C SER M 110 13.65 7.12 51.81
N PHE M 111 14.14 7.61 52.94
CA PHE M 111 13.44 8.65 53.66
C PHE M 111 14.15 9.95 53.39
N ARG M 112 13.41 10.97 53.00
CA ARG M 112 14.00 12.25 52.69
C ARG M 112 13.31 13.33 53.46
N ALA M 113 14.07 14.29 53.95
CA ALA M 113 13.53 15.39 54.70
C ALA M 113 13.99 16.66 54.08
N TYR M 114 13.10 17.63 53.92
CA TYR M 114 13.44 18.85 53.27
C TYR M 114 13.08 20.02 54.11
N GLY M 115 14.01 20.92 54.33
CA GLY M 115 13.80 22.08 55.14
C GLY M 115 13.51 21.83 56.56
N ILE M 116 13.99 20.74 57.13
CA ILE M 116 13.64 20.38 58.48
C ILE M 116 14.76 19.89 59.40
N GLU M 117 14.60 20.05 60.66
CA GLU M 117 15.59 19.43 61.46
C GLU M 117 14.95 18.51 62.39
N PHE M 118 15.72 18.06 63.36
CA PHE M 118 15.16 17.30 64.40
C PHE M 118 15.94 17.59 65.62
N ARG M 119 15.28 17.90 66.72
CA ARG M 119 15.93 18.24 67.97
C ARG M 119 15.37 17.55 69.18
N GLU M 120 16.14 17.42 70.24
CA GLU M 120 15.73 16.71 71.42
C GLU M 120 15.81 17.56 72.60
N GLY M 121 15.03 17.23 73.60
CA GLY M 121 14.95 18.04 74.77
C GLY M 121 14.38 17.16 75.81
N PRO M 122 14.06 17.72 76.96
CA PRO M 122 13.53 16.93 78.07
C PRO M 122 12.24 16.27 77.67
N ASP M 123 11.41 16.98 76.95
CA ASP M 123 10.15 16.44 76.50
C ASP M 123 10.33 15.27 75.59
N GLY M 124 11.29 15.35 74.70
CA GLY M 124 11.49 14.29 73.73
C GLY M 124 11.78 14.91 72.41
N TYR M 125 11.72 14.16 71.35
CA TYR M 125 12.08 14.71 70.07
C TYR M 125 11.03 15.64 69.54
N GLY M 126 11.42 16.66 68.80
CA GLY M 126 10.47 17.53 68.16
C GLY M 126 10.99 17.99 66.79
N VAL M 127 10.13 18.41 65.88
CA VAL M 127 10.55 18.82 64.54
C VAL M 127 10.53 20.32 64.32
N PHE M 128 11.62 20.91 63.88
CA PHE M 128 11.69 22.34 63.74
C PHE M 128 12.10 22.80 62.37
N ALA M 129 12.04 24.09 62.09
CA ALA M 129 12.33 24.59 60.76
C ALA M 129 13.71 25.14 60.61
N SER M 130 14.26 25.10 59.41
CA SER M 130 15.59 25.54 59.18
C SER M 130 15.69 26.50 58.05
N ARG M 131 14.56 26.99 57.59
CA ARG M 131 14.55 27.93 56.49
C ARG M 131 13.28 28.70 56.49
N ASP M 132 13.27 29.84 55.84
CA ASP M 132 12.11 30.66 55.76
C ASP M 132 11.32 30.43 54.53
N VAL M 133 10.02 30.32 54.66
CA VAL M 133 9.12 30.06 53.58
C VAL M 133 8.13 31.19 53.60
N GLU M 134 7.95 31.87 52.49
CA GLU M 134 7.04 32.97 52.37
C GLU M 134 5.66 32.45 52.13
N PRO M 135 4.65 33.30 52.17
CA PRO M 135 3.33 32.75 52.02
C PRO M 135 3.33 32.08 50.67
N LEU M 136 2.76 30.90 50.53
CA LEU M 136 2.87 30.15 49.29
C LEU M 136 1.59 29.78 48.62
N ARG M 137 1.59 29.68 47.33
CA ARG M 137 0.41 29.32 46.57
C ARG M 137 -0.17 27.95 46.77
N ARG M 138 0.66 26.94 46.86
CA ARG M 138 0.24 25.58 47.03
C ARG M 138 1.14 24.97 48.08
N ALA M 139 0.82 23.83 48.59
CA ALA M 139 1.59 23.15 49.60
C ALA M 139 2.99 22.71 49.33
N ARG M 140 3.85 22.66 50.34
CA ARG M 140 5.21 22.21 50.21
C ARG M 140 5.58 21.03 51.08
N VAL M 141 6.23 20.02 50.54
CA VAL M 141 6.60 18.86 51.28
C VAL M 141 7.75 19.01 52.23
N ILE M 142 7.57 18.65 53.50
CA ILE M 142 8.64 18.67 54.46
C ILE M 142 9.24 17.28 54.65
N MET M 143 8.44 16.22 54.71
CA MET M 143 8.96 14.85 54.78
C MET M 143 8.31 13.87 53.84
N GLU M 144 9.04 12.89 53.33
CA GLU M 144 8.45 11.82 52.53
C GLU M 144 8.85 10.48 53.11
N ILE M 145 7.90 9.67 53.57
CA ILE M 145 8.20 8.40 54.22
C ILE M 145 7.67 7.23 53.43
N PRO M 146 8.55 6.25 53.06
CA PRO M 146 8.01 5.17 52.23
C PRO M 146 7.14 4.16 52.96
N LEU M 147 6.37 3.38 52.24
CA LEU M 147 5.47 2.40 52.85
C LEU M 147 6.16 1.29 53.60
N GLU M 148 7.27 0.81 53.10
CA GLU M 148 7.94 -0.31 53.71
C GLU M 148 8.39 -0.05 55.13
N LEU M 149 8.81 1.17 55.43
CA LEU M 149 9.20 1.52 56.78
C LEU M 149 8.03 1.39 57.76
N MET M 150 6.80 1.59 57.32
CA MET M 150 5.64 1.60 58.22
C MET M 150 5.04 0.26 58.61
N LEU M 151 4.14 0.23 59.58
CA LEU M 151 3.41 -0.98 59.96
C LEU M 151 1.93 -0.64 59.84
N THR M 152 1.11 -1.44 59.16
CA THR M 152 -0.28 -1.07 58.90
C THR M 152 -1.30 -2.19 58.88
N ILE M 153 -2.50 -1.97 59.42
CA ILE M 153 -3.58 -2.96 59.37
C ILE M 153 -4.85 -2.28 58.88
N SER M 154 -5.70 -2.97 58.13
CA SER M 154 -6.96 -2.41 57.67
C SER M 154 -8.01 -2.29 58.76
N LYS M 155 -8.89 -1.31 58.68
CA LYS M 155 -9.99 -1.16 59.65
C LYS M 155 -11.06 -2.23 59.64
N LYS M 156 -11.49 -2.66 58.46
CA LYS M 156 -12.57 -3.64 58.33
C LYS M 156 -12.17 -5.10 58.45
N LEU M 157 -13.12 -6.03 58.44
CA LEU M 157 -12.81 -7.43 58.75
C LEU M 157 -11.83 -8.30 58.02
N PRO M 158 -11.84 -8.27 56.68
CA PRO M 158 -10.80 -9.13 56.13
C PRO M 158 -9.59 -8.35 56.55
N TRP M 159 -8.63 -8.96 57.23
CA TRP M 159 -7.52 -8.16 57.72
C TRP M 159 -6.41 -8.24 56.75
N MET M 160 -5.99 -7.10 56.23
CA MET M 160 -4.93 -7.06 55.26
C MET M 160 -3.81 -6.21 55.77
N PHE M 161 -2.61 -6.76 55.88
CA PHE M 161 -1.48 -6.04 56.40
C PHE M 161 -0.64 -5.63 55.23
N PHE M 162 -0.54 -4.34 54.94
CA PHE M 162 0.19 -3.92 53.74
C PHE M 162 1.70 -4.02 53.62
N PRO M 163 2.43 -3.68 54.66
CA PRO M 163 3.87 -3.96 54.52
C PRO M 163 4.01 -5.48 54.51
N ASP M 164 3.06 -6.24 55.04
CA ASP M 164 3.05 -7.73 55.02
C ASP M 164 4.14 -8.54 55.67
N ILE M 165 4.58 -8.13 56.83
CA ILE M 165 5.58 -8.86 57.54
C ILE M 165 5.17 -10.26 57.99
N ILE M 166 3.93 -10.47 58.43
CA ILE M 166 3.52 -11.77 58.97
C ILE M 166 3.43 -12.88 57.95
N PRO M 167 4.08 -14.02 58.23
CA PRO M 167 4.03 -15.17 57.33
C PRO M 167 2.70 -15.89 57.39
N VAL M 168 2.36 -16.64 56.35
CA VAL M 168 1.14 -17.43 56.37
C VAL M 168 1.31 -18.63 57.27
N GLY M 169 0.37 -18.87 58.19
CA GLY M 169 0.47 -19.97 59.12
C GLY M 169 1.17 -19.72 60.42
N HIS M 170 1.69 -18.53 60.63
CA HIS M 170 2.34 -18.22 61.85
C HIS M 170 1.27 -18.17 62.88
N PRO M 171 1.59 -18.51 64.10
CA PRO M 171 0.64 -18.45 65.19
C PRO M 171 0.07 -17.08 65.57
N ILE M 172 0.71 -15.96 65.27
CA ILE M 172 0.23 -14.62 65.62
C ILE M 172 -1.11 -14.22 65.01
N PHE M 173 -1.46 -14.72 63.85
CA PHE M 173 -2.69 -14.38 63.22
C PHE M 173 -3.88 -14.81 63.99
N ASP M 174 -3.84 -15.95 64.63
CA ASP M 174 -4.94 -16.40 65.44
C ASP M 174 -5.23 -15.46 66.55
N ILE M 175 -4.23 -14.91 67.20
CA ILE M 175 -4.43 -13.91 68.21
C ILE M 175 -5.04 -12.64 67.67
N ILE M 176 -4.57 -12.16 66.53
CA ILE M 176 -5.12 -10.96 65.89
C ILE M 176 -6.54 -11.16 65.40
N ASN M 177 -6.84 -12.30 64.83
CA ASN M 177 -8.17 -12.60 64.37
C ASN M 177 -9.20 -12.65 65.47
N SER M 178 -8.86 -13.14 66.64
CA SER M 178 -9.78 -13.19 67.73
C SER M 178 -9.86 -11.94 68.52
N THR M 179 -10.27 -10.83 67.92
CA THR M 179 -10.43 -9.58 68.61
C THR M 179 -11.69 -9.01 68.01
N ASN M 180 -12.42 -8.23 68.79
CA ASN M 180 -13.67 -7.63 68.31
C ASN M 180 -13.40 -6.68 67.19
N PRO M 181 -14.10 -6.84 66.09
CA PRO M 181 -13.74 -5.98 64.97
C PRO M 181 -13.90 -4.52 65.28
N GLU M 182 -14.94 -4.13 66.00
CA GLU M 182 -15.19 -2.71 66.20
C GLU M 182 -14.40 -1.93 67.24
N THR M 183 -14.16 -2.48 68.42
CA THR M 183 -13.52 -1.70 69.44
C THR M 183 -12.04 -1.81 69.64
N ASP M 184 -11.46 -2.97 69.48
CA ASP M 184 -10.05 -3.10 69.77
C ASP M 184 -9.13 -3.14 68.58
N SER M 185 -8.45 -2.07 68.32
CA SER M 185 -7.57 -2.01 67.22
C SER M 185 -6.28 -1.76 67.83
N ASP M 186 -6.28 -1.30 69.06
CA ASP M 186 -5.08 -1.07 69.78
C ASP M 186 -4.39 -2.38 70.04
N LEU M 187 -5.16 -3.38 70.42
CA LEU M 187 -4.62 -4.68 70.69
C LEU M 187 -4.02 -5.32 69.47
N ARG M 188 -4.68 -5.19 68.34
CA ARG M 188 -4.17 -5.77 67.12
C ARG M 188 -2.87 -5.12 66.74
N LEU M 189 -2.80 -3.81 66.87
CA LEU M 189 -1.57 -3.10 66.55
C LEU M 189 -0.43 -3.45 67.48
N ALA M 190 -0.71 -3.65 68.74
CA ALA M 190 0.32 -4.04 69.68
C ALA M 190 0.96 -5.34 69.28
N CYS M 191 0.15 -6.34 69.01
CA CYS M 191 0.69 -7.62 68.57
C CYS M 191 1.62 -7.51 67.38
N LEU M 192 1.24 -6.71 66.40
CA LEU M 192 2.07 -6.55 65.22
C LEU M 192 3.42 -5.93 65.54
N LEU M 193 3.44 -4.94 66.40
CA LEU M 193 4.69 -4.27 66.74
C LEU M 193 5.63 -5.24 67.42
N LEU M 194 5.10 -6.07 68.30
CA LEU M 194 5.94 -7.03 68.99
C LEU M 194 6.56 -8.01 68.02
N TYR M 195 5.80 -8.46 67.02
CA TYR M 195 6.35 -9.35 66.03
C TYR M 195 7.46 -8.67 65.28
N ALA M 196 7.32 -7.39 64.99
CA ALA M 196 8.32 -6.70 64.21
C ALA M 196 9.64 -6.68 64.89
N PHE M 197 9.64 -6.50 66.20
CA PHE M 197 10.89 -6.54 66.93
C PHE M 197 11.59 -7.88 66.82
N ASP M 198 10.86 -8.95 66.58
CA ASP M 198 11.46 -10.27 66.40
C ASP M 198 11.80 -10.67 64.97
N CYS M 199 11.49 -9.86 63.97
CA CYS M 199 11.73 -10.19 62.59
C CYS M 199 12.96 -9.50 62.08
N LYS M 200 13.88 -10.23 61.46
CA LYS M 200 15.15 -9.65 61.01
C LYS M 200 15.05 -8.72 59.88
N ASP M 201 16.00 -7.78 59.83
CA ASP M 201 15.98 -6.72 58.84
C ASP M 201 14.66 -5.99 58.74
N ASN M 202 14.13 -5.55 59.86
CA ASN M 202 12.93 -4.76 59.83
C ASN M 202 13.34 -3.46 60.46
N PHE M 203 13.00 -2.35 59.84
CA PHE M 203 13.39 -1.06 60.33
C PHE M 203 13.10 -0.93 61.79
N TRP M 204 12.03 -1.53 62.25
CA TRP M 204 11.65 -1.34 63.63
C TRP M 204 12.66 -1.84 64.62
N GLN M 205 13.30 -2.96 64.37
CA GLN M 205 14.37 -3.40 65.26
C GLN M 205 15.34 -2.26 65.54
N LEU M 206 15.71 -1.50 64.51
CA LEU M 206 16.57 -0.34 64.69
C LEU M 206 15.91 0.89 65.25
N TYR M 207 14.69 1.17 64.83
CA TYR M 207 14.02 2.40 65.23
C TYR M 207 13.49 2.38 66.64
N GLY M 208 13.16 1.22 67.14
CA GLY M 208 12.58 1.12 68.45
C GLY M 208 13.47 1.61 69.52
N ASP M 209 14.75 1.59 69.27
CA ASP M 209 15.68 2.10 70.22
C ASP M 209 15.39 3.55 70.45
N PHE M 210 14.98 4.29 69.46
CA PHE M 210 14.60 5.69 69.63
C PHE M 210 13.24 6.00 70.24
N LEU M 211 12.35 5.03 70.35
CA LEU M 211 11.05 5.24 70.96
C LEU M 211 11.10 5.37 72.46
N PRO M 212 10.08 5.98 73.07
CA PRO M 212 10.02 6.19 74.51
C PRO M 212 10.06 4.96 75.35
N SER M 213 10.78 4.96 76.46
CA SER M 213 10.90 3.82 77.36
C SER M 213 9.77 3.78 78.37
N ASP M 214 9.71 2.81 79.26
CA ASP M 214 8.68 2.81 80.29
C ASP M 214 8.73 4.02 81.20
N ASP M 215 9.90 4.49 81.56
CA ASP M 215 10.05 5.71 82.32
C ASP M 215 9.62 6.96 81.63
N GLU M 216 9.89 7.09 80.34
CA GLU M 216 9.62 8.32 79.64
C GLU M 216 8.31 8.47 78.87
N CYS M 217 7.40 7.52 78.98
CA CYS M 217 6.12 7.60 78.30
C CYS M 217 5.03 8.06 79.21
N THR M 218 4.17 8.96 78.75
CA THR M 218 3.16 9.56 79.58
C THR M 218 1.85 8.89 79.62
N SER M 219 1.72 7.81 78.92
CA SER M 219 0.45 7.12 78.84
C SER M 219 0.05 6.66 80.18
N PHE M 220 -1.23 6.70 80.45
CA PHE M 220 -1.69 6.40 81.78
C PHE M 220 -1.94 4.98 82.00
N LEU M 221 -1.76 4.18 80.99
CA LEU M 221 -1.91 2.78 81.19
C LEU M 221 -0.83 2.42 82.15
N LEU M 222 0.32 3.04 82.01
CA LEU M 222 1.39 2.79 82.94
C LEU M 222 1.34 3.76 84.12
N ALA M 223 0.29 3.69 84.95
CA ALA M 223 0.20 4.56 86.14
C ALA M 223 -0.25 3.82 87.38
N THR M 224 0.22 4.25 88.56
CA THR M 224 -0.08 3.56 89.80
C THR M 224 -1.41 3.98 90.40
N GLU M 225 -1.80 3.39 91.51
CA GLU M 225 -3.01 3.82 92.17
C GLU M 225 -2.90 5.25 92.62
N GLU M 226 -1.75 5.63 93.11
CA GLU M 226 -1.58 6.96 93.61
C GLU M 226 -1.78 8.03 92.57
N ASP M 227 -1.22 7.88 91.38
CA ASP M 227 -1.32 8.89 90.35
C ASP M 227 -2.75 9.05 89.94
N LEU M 228 -3.44 7.94 89.84
CA LEU M 228 -4.79 7.98 89.44
C LEU M 228 -5.54 8.80 90.48
N LEU M 229 -5.18 8.65 91.76
CA LEU M 229 -5.82 9.42 92.82
C LEU M 229 -5.61 10.89 92.73
N GLU M 230 -4.41 11.31 92.35
CA GLU M 230 -4.09 12.73 92.30
C GLU M 230 -4.93 13.49 91.32
N LEU M 231 -5.46 12.83 90.30
CA LEU M 231 -6.18 13.53 89.27
C LEU M 231 -7.35 14.24 89.83
N GLN M 232 -7.97 13.65 90.83
CA GLN M 232 -9.14 14.23 91.47
C GLN M 232 -10.41 14.09 90.70
N ASP M 233 -10.43 13.16 89.76
CA ASP M 233 -11.64 12.91 89.04
C ASP M 233 -12.00 11.48 89.09
N GLU M 234 -13.19 11.20 89.53
CA GLU M 234 -13.65 9.85 89.58
C GLU M 234 -13.83 9.20 88.23
N LYS M 235 -14.46 9.88 87.29
CA LYS M 235 -14.72 9.25 86.01
C LYS M 235 -13.48 8.94 85.17
N LEU M 236 -12.52 9.84 85.08
CA LEU M 236 -11.31 9.54 84.33
C LEU M 236 -10.61 8.43 84.99
N ALA M 237 -10.58 8.44 86.31
CA ALA M 237 -9.87 7.42 87.01
C ALA M 237 -10.44 6.06 86.75
N SER M 238 -11.74 5.95 86.74
CA SER M 238 -12.33 4.67 86.56
C SER M 238 -12.03 4.11 85.23
N THR M 239 -12.09 4.95 84.21
CA THR M 239 -11.91 4.45 82.86
C THR M 239 -10.55 3.87 82.73
N MET M 240 -9.59 4.52 83.33
CA MET M 240 -8.25 4.07 83.21
C MET M 240 -8.04 2.70 83.79
N ARG M 241 -8.65 2.43 84.92
CA ARG M 241 -8.53 1.11 85.49
C ARG M 241 -9.16 0.02 84.68
N GLU M 242 -10.29 0.29 84.07
CA GLU M 242 -10.91 -0.70 83.21
C GLU M 242 -9.97 -0.99 82.07
N GLN M 243 -9.34 0.03 81.52
CA GLN M 243 -8.36 -0.18 80.48
C GLN M 243 -7.13 -0.95 80.91
N GLN M 244 -6.62 -0.69 82.10
CA GLN M 244 -5.50 -1.43 82.56
C GLN M 244 -5.83 -2.88 82.71
N GLN M 245 -6.99 -3.20 83.19
CA GLN M 245 -7.41 -4.58 83.26
C GLN M 245 -7.60 -5.29 81.94
N ARG M 246 -8.11 -4.60 80.93
CA ARG M 246 -8.31 -5.19 79.61
C ARG M 246 -7.00 -5.63 79.04
N ALA M 247 -5.97 -4.83 79.20
CA ALA M 247 -4.68 -5.25 78.75
C ALA M 247 -4.12 -6.48 79.45
N LEU M 248 -4.26 -6.58 80.77
CA LEU M 248 -3.78 -7.77 81.46
C LEU M 248 -4.51 -8.99 81.05
N GLU M 249 -5.79 -8.88 80.83
CA GLU M 249 -6.57 -10.04 80.51
C GLU M 249 -6.12 -10.65 79.23
N PHE M 250 -5.77 -9.84 78.27
CA PHE M 250 -5.32 -10.35 77.00
C PHE M 250 -4.04 -11.12 77.17
N TRP M 251 -3.12 -10.61 77.96
CA TRP M 251 -1.86 -11.29 78.13
C TRP M 251 -2.03 -12.61 78.77
N GLU M 252 -2.87 -12.71 79.77
CA GLU M 252 -3.13 -13.98 80.36
C GLU M 252 -3.78 -14.99 79.47
N LYS M 253 -4.76 -14.58 78.70
CA LYS M 253 -5.46 -15.48 77.82
C LYS M 253 -4.65 -16.04 76.69
N ASN M 254 -3.84 -15.20 76.07
CA ASN M 254 -3.08 -15.66 74.94
C ASN M 254 -1.66 -16.06 75.25
N TRP M 255 -0.99 -15.44 76.21
CA TRP M 255 0.34 -15.88 76.62
C TRP M 255 0.32 -16.88 77.78
N HIS M 256 -0.36 -18.00 77.60
CA HIS M 256 -0.45 -19.04 78.62
C HIS M 256 0.74 -19.95 78.54
N SER M 257 0.78 -20.98 79.38
CA SER M 257 1.93 -21.89 79.43
C SER M 257 2.24 -22.72 78.20
N ALA M 258 1.22 -23.18 77.51
CA ALA M 258 1.42 -24.06 76.38
C ALA M 258 1.79 -23.40 75.07
N VAL M 259 1.88 -22.08 75.04
CA VAL M 259 2.13 -21.37 73.80
C VAL M 259 3.46 -21.76 73.21
N PRO M 260 3.53 -21.86 71.87
CA PRO M 260 4.79 -22.17 71.21
C PRO M 260 5.82 -21.11 71.47
N LEU M 261 7.09 -21.43 71.52
CA LEU M 261 8.09 -20.46 71.92
C LEU M 261 8.17 -19.22 71.08
N LYS M 262 7.83 -19.32 69.80
CA LYS M 262 7.85 -18.17 68.95
C LYS M 262 6.93 -17.12 69.53
N ILE M 263 5.75 -17.52 69.96
CA ILE M 263 4.85 -16.61 70.62
C ILE M 263 5.36 -16.15 71.96
N LYS M 264 5.93 -17.03 72.75
CA LYS M 264 6.36 -16.64 74.08
C LYS M 264 7.45 -15.63 74.10
N ARG M 265 8.40 -15.73 73.22
CA ARG M 265 9.52 -14.83 73.25
C ARG M 265 9.06 -13.41 73.06
N LEU M 266 8.04 -13.22 72.26
CA LEU M 266 7.64 -11.88 71.95
C LEU M 266 7.22 -11.12 73.18
N ALA M 267 6.45 -11.70 74.10
CA ALA M 267 6.07 -11.04 75.37
C ALA M 267 6.18 -11.92 76.60
N ARG M 268 7.37 -12.13 77.12
CA ARG M 268 7.56 -12.96 78.30
C ARG M 268 6.95 -12.42 79.57
N ASP M 269 7.08 -11.13 79.83
CA ASP M 269 6.53 -10.47 81.02
C ASP M 269 5.33 -9.62 80.67
N PRO M 270 4.42 -9.33 81.63
CA PRO M 270 3.26 -8.55 81.16
C PRO M 270 3.49 -7.08 80.92
N GLU M 271 4.55 -6.53 81.44
CA GLU M 271 4.85 -5.15 81.19
C GLU M 271 5.16 -4.91 79.73
N ARG M 272 5.76 -5.87 79.04
CA ARG M 272 6.00 -5.69 77.61
C ARG M 272 4.74 -5.48 76.79
N PHE M 273 3.67 -6.18 77.06
CA PHE M 273 2.44 -5.96 76.34
C PHE M 273 1.96 -4.60 76.59
N ILE M 274 2.07 -4.16 77.81
CA ILE M 274 1.64 -2.85 78.15
C ILE M 274 2.45 -1.79 77.48
N TRP M 275 3.75 -1.95 77.34
CA TRP M 275 4.49 -0.93 76.63
C TRP M 275 4.01 -0.85 75.23
N ALA M 276 3.73 -1.98 74.61
CA ALA M 276 3.24 -1.98 73.28
C ALA M 276 1.90 -1.37 73.08
N MET M 277 0.94 -1.62 73.97
CA MET M 277 -0.34 -0.95 73.84
C MET M 277 -0.19 0.51 74.01
N CYS M 278 0.86 0.90 74.73
CA CYS M 278 1.03 2.31 75.07
C CYS M 278 1.56 3.02 73.92
N ILE M 279 2.43 2.35 73.25
CA ILE M 279 2.95 2.92 72.02
C ILE M 279 1.92 2.98 70.90
N ALA M 280 1.08 1.97 70.76
CA ALA M 280 0.02 1.99 69.78
C ALA M 280 -1.01 3.05 69.97
N GLN M 281 -1.50 3.23 71.17
CA GLN M 281 -2.45 4.26 71.44
C GLN M 281 -1.93 5.66 71.28
N SER M 282 -0.70 5.89 71.70
CA SER M 282 -0.15 7.22 71.63
C SER M 282 0.34 7.57 70.26
N ARG M 283 0.82 6.61 69.50
CA ARG M 283 1.40 6.96 68.21
C ARG M 283 0.68 6.57 66.92
N SER M 284 -0.53 6.04 67.00
CA SER M 284 -1.27 5.63 65.83
C SER M 284 -1.92 6.74 65.02
N ILE M 285 -2.01 6.58 63.70
CA ILE M 285 -2.64 7.57 62.83
C ILE M 285 -3.65 6.83 61.97
N ASN M 286 -4.79 7.43 61.68
CA ASN M 286 -5.80 6.80 60.85
C ASN M 286 -5.94 7.57 59.57
N LEU M 287 -5.87 6.90 58.43
CA LEU M 287 -5.89 7.57 57.13
C LEU M 287 -6.48 6.64 56.11
N GLN M 288 -6.81 7.14 54.94
CA GLN M 288 -7.32 6.28 53.88
C GLN M 288 -6.23 6.10 52.87
N MET M 289 -5.93 4.87 52.51
CA MET M 289 -4.82 4.64 51.61
C MET M 289 -5.16 3.86 50.38
N ARG M 290 -4.56 4.23 49.26
CA ARG M 290 -4.77 3.50 48.03
C ARG M 290 -3.49 2.86 47.64
N ILE M 291 -3.45 1.54 47.66
CA ILE M 291 -2.27 0.85 47.22
C ILE M 291 -2.79 0.11 46.02
N GLY M 292 -2.18 0.31 44.87
CA GLY M 292 -2.72 -0.27 43.66
C GLY M 292 -4.10 0.29 43.37
N ALA M 293 -5.08 -0.56 43.17
CA ALA M 293 -6.43 -0.11 42.92
C ALA M 293 -7.33 -0.22 44.13
N LEU M 294 -6.79 -0.63 45.27
CA LEU M 294 -7.62 -0.85 46.44
C LEU M 294 -7.63 0.35 47.33
N VAL M 295 -8.78 0.96 47.56
CA VAL M 295 -8.84 2.03 48.48
C VAL M 295 -9.40 1.53 49.75
N GLN M 296 -8.64 1.62 50.83
CA GLN M 296 -9.07 1.11 52.11
C GLN M 296 -8.80 2.13 53.17
N ASP M 297 -9.39 1.98 54.34
CA ASP M 297 -9.12 2.88 55.44
C ASP M 297 -8.33 2.09 56.42
N ALA M 298 -7.30 2.69 56.99
CA ALA M 298 -6.44 1.92 57.84
C ALA M 298 -5.98 2.55 59.11
N ASN M 299 -5.36 1.75 59.98
CA ASN M 299 -4.77 2.28 61.19
C ASN M 299 -3.31 2.00 61.01
N LEU M 300 -2.45 2.98 61.17
CA LEU M 300 -1.04 2.78 60.89
C LEU M 300 -0.06 3.38 61.86
N LEU M 301 1.12 2.77 62.00
CA LEU M 301 2.17 3.32 62.86
C LEU M 301 3.25 3.77 61.92
N VAL M 302 3.51 5.08 61.85
CA VAL M 302 4.45 5.59 60.87
C VAL M 302 5.65 6.26 61.48
N PRO M 303 6.85 5.85 61.06
CA PRO M 303 8.07 6.41 61.61
C PRO M 303 8.39 7.83 61.20
N TYR M 304 8.92 8.67 62.09
CA TYR M 304 9.39 10.04 61.78
C TYR M 304 8.32 11.08 61.69
N ALA M 305 7.07 10.65 61.69
CA ALA M 305 5.98 11.58 61.60
C ALA M 305 5.33 11.58 62.93
N ASP M 306 5.88 10.80 63.84
CA ASP M 306 5.34 10.75 65.17
C ASP M 306 6.06 11.74 66.03
N MET M 307 7.03 12.41 65.46
CA MET M 307 7.81 13.35 66.21
C MET M 307 7.21 14.73 66.10
N MET M 308 6.08 14.84 65.42
CA MET M 308 5.39 16.10 65.33
C MET M 308 4.60 16.26 66.58
N ASN M 309 4.28 17.49 66.96
CA ASN M 309 3.47 17.74 68.16
C ASN M 309 2.12 18.39 67.93
N HIS M 310 1.18 18.23 68.84
CA HIS M 310 -0.14 18.80 68.71
C HIS M 310 -0.30 20.25 68.87
N SER M 311 -1.24 20.82 68.14
CA SER M 311 -1.54 22.19 68.23
C SER M 311 -2.94 22.23 67.77
N PHE M 312 -3.67 23.27 68.11
CA PHE M 312 -5.01 23.44 67.63
C PHE M 312 -5.01 24.55 66.61
N GLN M 313 -3.86 25.14 66.36
CA GLN M 313 -3.71 26.11 65.29
C GLN M 313 -2.53 25.54 64.53
N PRO M 314 -2.74 24.51 63.69
CA PRO M 314 -1.66 23.77 63.04
C PRO M 314 -1.00 24.21 61.77
N ASN M 315 0.33 24.27 61.72
CA ASN M 315 1.07 24.57 60.53
C ASN M 315 1.04 23.51 59.39
N CYS M 316 1.00 22.21 59.67
CA CYS M 316 1.07 21.13 58.67
C CYS M 316 0.03 20.01 58.63
N PHE M 317 0.02 19.17 57.58
CA PHE M 317 -0.94 18.08 57.38
C PHE M 317 -0.39 16.81 56.75
N PHE M 318 -1.14 15.72 56.72
CA PHE M 318 -0.71 14.44 56.18
C PHE M 318 -1.38 14.04 54.88
N HIS M 319 -0.64 13.68 53.84
CA HIS M 319 -1.19 13.27 52.53
C HIS M 319 -0.61 11.99 51.93
N TRP M 320 -1.42 11.10 51.38
CA TRP M 320 -0.92 9.92 50.71
C TRP M 320 -0.65 10.09 49.23
N ARG M 321 0.57 9.86 48.77
CA ARG M 321 0.88 9.91 47.35
C ARG M 321 0.88 8.49 46.89
N PHE M 322 -0.07 8.11 46.08
CA PHE M 322 -0.21 6.74 45.66
C PHE M 322 0.80 6.18 44.76
N LYS M 323 1.27 6.92 43.83
CA LYS M 323 2.13 6.37 42.86
C LYS M 323 3.45 5.84 43.30
N ASP M 324 4.12 6.48 44.22
CA ASP M 324 5.39 6.08 44.72
C ASP M 324 5.19 5.43 46.05
N ARG M 325 3.97 5.18 46.43
CA ARG M 325 3.64 4.57 47.70
C ARG M 325 4.18 5.20 48.94
N MET M 326 4.04 6.51 49.07
CA MET M 326 4.60 7.27 50.18
C MET M 326 3.71 8.20 50.96
N LEU M 327 4.00 8.47 52.24
CA LEU M 327 3.29 9.48 53.01
C LEU M 327 4.02 10.78 53.03
N GLU M 328 3.35 11.87 52.76
CA GLU M 328 3.92 13.13 52.67
C GLU M 328 3.43 13.99 53.78
N VAL M 329 4.28 14.72 54.46
CA VAL M 329 3.88 15.65 55.48
C VAL M 329 4.05 16.94 54.83
N MET M 330 3.03 17.76 54.84
CA MET M 330 3.07 18.97 54.08
C MET M 330 2.69 20.26 54.76
N ILE M 331 3.38 21.38 54.51
CA ILE M 331 3.02 22.73 55.03
C ILE M 331 1.78 23.34 54.40
N ASN M 332 0.87 23.88 55.20
CA ASN M 332 -0.41 24.41 54.75
C ASN M 332 -0.25 25.57 53.86
N ALA M 333 -1.15 25.76 52.93
CA ALA M 333 -1.02 26.83 51.98
C ALA M 333 -1.27 28.15 52.58
N GLY M 334 -0.48 29.12 52.22
CA GLY M 334 -0.68 30.45 52.71
C GLY M 334 -0.12 30.86 54.03
N GLN M 335 0.71 30.07 54.67
CA GLN M 335 1.18 30.40 55.99
C GLN M 335 2.65 30.70 56.01
N ARG M 336 3.02 31.84 56.56
CA ARG M 336 4.39 32.19 56.69
C ARG M 336 5.00 31.43 57.82
N ILE M 337 6.20 30.92 57.63
CA ILE M 337 6.88 30.15 58.63
C ILE M 337 8.25 30.79 58.71
N ARG M 338 8.76 31.05 59.91
CA ARG M 338 10.06 31.68 60.09
C ARG M 338 11.03 30.73 60.74
N LYS M 339 12.32 30.89 60.54
CA LYS M 339 13.29 29.95 61.04
C LYS M 339 13.30 29.75 62.51
N GLY M 340 13.48 28.53 62.96
CA GLY M 340 13.44 28.23 64.36
C GLY M 340 12.08 27.89 64.90
N ASP M 341 11.05 27.94 64.09
CA ASP M 341 9.69 27.66 64.51
C ASP M 341 9.37 26.20 64.62
N GLU M 342 8.25 25.85 65.22
CA GLU M 342 7.91 24.48 65.42
C GLU M 342 6.87 23.98 64.47
N MET M 343 7.10 22.84 63.87
CA MET M 343 6.20 22.33 62.90
C MET M 343 5.24 21.46 63.62
N THR M 344 3.96 21.70 63.47
CA THR M 344 2.95 21.00 64.23
C THR M 344 1.77 20.43 63.48
N VAL M 345 1.13 19.41 63.97
CA VAL M 345 -0.01 18.79 63.36
C VAL M 345 -1.07 18.58 64.39
N ASP M 346 -2.30 18.39 63.99
CA ASP M 346 -3.41 18.21 64.90
C ASP M 346 -3.90 16.81 65.01
N TYR M 347 -3.74 16.17 66.14
CA TYR M 347 -4.10 14.80 66.34
C TYR M 347 -5.53 14.36 66.27
N MET M 348 -6.46 15.05 66.87
CA MET M 348 -7.87 14.73 66.76
C MET M 348 -8.56 16.04 66.79
N ALA M 349 -9.72 16.14 66.17
CA ALA M 349 -10.38 17.43 66.04
C ALA M 349 -11.69 17.43 66.68
N GLY M 350 -11.98 18.46 67.43
CA GLY M 350 -13.20 18.49 68.16
C GLY M 350 -13.31 17.79 69.47
N GLN M 351 -12.21 17.42 70.09
CA GLN M 351 -12.28 16.66 71.29
C GLN M 351 -11.82 17.30 72.59
N LYS M 352 -12.42 16.94 73.72
CA LYS M 352 -12.11 17.48 75.03
C LYS M 352 -10.86 16.94 75.70
N ASN M 353 -10.42 17.56 76.79
CA ASN M 353 -9.20 17.15 77.48
C ASN M 353 -9.21 15.77 78.10
N ASN M 354 -10.37 15.22 78.39
CA ASN M 354 -10.50 13.88 78.90
C ASN M 354 -9.99 12.85 77.90
N PHE M 355 -10.30 13.00 76.62
CA PHE M 355 -9.80 12.11 75.59
C PHE M 355 -8.33 12.19 75.34
N PHE M 356 -7.76 13.36 75.37
CA PHE M 356 -6.35 13.49 75.21
C PHE M 356 -5.61 12.76 76.30
N MET M 357 -6.14 12.72 77.51
CA MET M 357 -5.47 12.04 78.59
C MET M 357 -5.55 10.56 78.48
N GLN M 358 -6.68 10.05 78.07
CA GLN M 358 -6.85 8.64 77.90
C GLN M 358 -5.97 8.08 76.80
N ARG M 359 -5.92 8.72 75.65
CA ARG M 359 -5.00 8.30 74.59
C ARG M 359 -3.57 8.77 74.66
N TYR M 360 -3.35 10.01 74.99
CA TYR M 360 -2.02 10.55 74.99
C TYR M 360 -1.35 11.09 76.23
N GLY M 361 -2.05 11.22 77.34
CA GLY M 361 -1.49 11.77 78.57
C GLY M 361 -1.00 13.19 78.44
N PHE M 362 -1.77 14.03 77.78
CA PHE M 362 -1.37 15.40 77.54
C PHE M 362 -2.60 16.18 77.85
N SER M 363 -2.45 17.41 78.31
CA SER M 363 -3.61 18.25 78.54
C SER M 363 -3.26 19.65 78.12
N SER M 364 -4.25 20.42 77.72
CA SER M 364 -3.97 21.76 77.24
C SER M 364 -4.73 22.80 77.98
N PRO M 365 -4.05 23.91 78.31
CA PRO M 365 -4.75 25.00 78.96
C PRO M 365 -5.82 25.52 78.04
N VAL M 366 -5.50 25.65 76.75
CA VAL M 366 -6.47 26.11 75.80
C VAL M 366 -6.96 25.00 74.89
N ASN M 367 -8.07 24.38 75.25
CA ASN M 367 -8.64 23.40 74.36
C ASN M 367 -9.86 24.14 73.98
N PRO M 368 -9.99 24.48 72.71
CA PRO M 368 -11.12 25.30 72.33
C PRO M 368 -12.40 24.56 72.55
N TRP M 369 -12.37 23.24 72.62
CA TRP M 369 -13.60 22.50 72.72
C TRP M 369 -13.96 21.95 74.10
N ASP M 370 -13.46 22.52 75.18
CA ASP M 370 -13.77 21.91 76.48
C ASP M 370 -15.03 22.37 77.11
N VAL M 371 -15.61 21.55 77.97
CA VAL M 371 -16.89 21.86 78.54
C VAL M 371 -16.92 22.03 80.03
N ILE M 372 -17.45 23.13 80.53
CA ILE M 372 -17.63 23.33 81.95
C ILE M 372 -19.12 23.31 82.07
N HIS M 373 -19.67 22.57 83.01
CA HIS M 373 -21.09 22.43 83.04
C HIS M 373 -21.81 23.26 84.07
N PHE M 374 -22.82 24.03 83.64
CA PHE M 374 -23.57 24.86 84.55
C PHE M 374 -24.97 24.36 84.52
N THR M 375 -25.53 24.01 85.68
CA THR M 375 -26.93 23.59 85.74
C THR M 375 -27.75 24.81 86.09
N GLY M 376 -27.07 25.90 86.34
CA GLY M 376 -27.75 27.14 86.68
C GLY M 376 -28.62 27.66 85.57
N ASP M 377 -29.76 28.21 85.94
CA ASP M 377 -30.70 28.68 84.96
C ASP M 377 -30.30 29.86 84.09
N ALA M 378 -29.59 30.83 84.62
CA ALA M 378 -29.35 32.06 83.86
C ALA M 378 -28.57 32.05 82.58
N LYS M 379 -28.97 32.89 81.64
CA LYS M 379 -28.29 32.98 80.36
C LYS M 379 -27.92 34.36 79.89
N ILE M 380 -26.68 34.59 79.52
CA ILE M 380 -26.29 35.87 78.94
C ILE M 380 -26.64 35.85 77.45
N HIS M 381 -26.70 37.01 76.80
CA HIS M 381 -27.05 37.06 75.40
C HIS M 381 -25.87 36.77 74.53
N LEU M 382 -26.05 35.91 73.54
CA LEU M 382 -24.93 35.52 72.73
C LEU M 382 -24.26 36.49 71.86
N ASP M 383 -25.00 37.26 71.12
CA ASP M 383 -24.37 38.10 70.14
C ASP M 383 -23.44 39.12 70.73
N THR M 384 -23.84 39.67 71.84
CA THR M 384 -23.02 40.63 72.48
C THR M 384 -21.72 40.00 72.91
N PHE M 385 -21.75 38.75 73.32
CA PHE M 385 -20.53 38.16 73.81
C PHE M 385 -19.51 38.18 72.75
N LEU M 386 -19.93 37.84 71.58
CA LEU M 386 -19.00 37.78 70.52
C LEU M 386 -18.48 39.15 70.22
N SER M 387 -19.33 40.15 70.26
CA SER M 387 -18.93 41.49 69.87
C SER M 387 -17.89 42.15 70.72
N VAL M 388 -18.02 41.99 72.05
CA VAL M 388 -17.06 42.59 72.98
C VAL M 388 -15.69 41.96 72.78
N PHE M 389 -15.66 40.66 72.60
CA PHE M 389 -14.39 39.99 72.48
C PHE M 389 -14.01 39.73 71.04
N ASN M 390 -14.66 40.40 70.09
CA ASN M 390 -14.35 40.27 68.66
C ASN M 390 -14.26 38.87 68.09
N ILE M 391 -15.07 37.95 68.58
CA ILE M 391 -15.08 36.62 68.01
C ILE M 391 -16.00 36.65 66.81
N SER M 392 -15.51 36.23 65.66
CA SER M 392 -16.31 36.23 64.46
C SER M 392 -16.45 34.82 63.93
N GLY M 393 -17.49 34.56 63.15
CA GLY M 393 -17.59 33.24 62.53
C GLY M 393 -18.92 32.57 62.77
N LEU M 394 -19.09 31.38 62.20
CA LEU M 394 -20.32 30.64 62.41
C LEU M 394 -20.16 29.92 63.72
N PRO M 395 -21.24 29.35 64.26
CA PRO M 395 -21.03 28.77 65.59
C PRO M 395 -19.96 27.70 65.61
N GLY M 396 -19.91 26.87 64.59
CA GLY M 396 -18.93 25.81 64.55
C GLY M 396 -17.53 26.34 64.56
N GLU M 397 -17.29 27.39 63.78
CA GLU M 397 -15.95 27.92 63.66
C GLU M 397 -15.87 29.32 64.17
N TYR M 398 -15.28 29.50 65.33
CA TYR M 398 -15.15 30.82 65.87
C TYR M 398 -13.70 31.19 65.85
N TYR M 399 -13.41 32.41 65.42
CA TYR M 399 -12.04 32.88 65.43
C TYR M 399 -11.98 34.32 65.86
N HIS M 400 -10.85 34.74 66.43
CA HIS M 400 -10.72 36.12 66.82
C HIS M 400 -10.29 36.98 65.67
N ASN M 401 -11.03 37.98 65.21
CA ASN M 401 -10.48 38.81 64.14
C ASN M 401 -9.52 39.79 64.71
N SER M 402 -8.28 39.72 64.27
CA SER M 402 -7.25 40.55 64.86
C SER M 402 -7.05 41.89 64.20
N ARG M 403 -7.56 42.05 63.01
CA ARG M 403 -7.47 43.33 62.37
C ARG M 403 -8.47 44.26 62.98
N LEU M 404 -9.50 43.71 63.61
CA LEU M 404 -10.53 44.51 64.15
C LEU M 404 -9.97 44.96 65.44
N SER M 405 -9.19 44.09 66.05
CA SER M 405 -8.57 44.44 67.31
C SER M 405 -7.25 45.14 67.03
N ASN M 406 -7.32 46.38 66.55
CA ASN M 406 -6.11 47.13 66.24
C ASN M 406 -5.21 47.19 67.46
N ASP M 407 -5.78 47.57 68.60
CA ASP M 407 -5.00 47.58 69.83
C ASP M 407 -4.61 46.16 70.19
N GLY M 408 -3.32 45.91 70.34
CA GLY M 408 -2.85 44.58 70.66
C GLY M 408 -3.47 43.99 71.90
N ASP M 409 -4.29 42.95 71.73
CA ASP M 409 -4.94 42.32 72.85
C ASP M 409 -4.41 40.92 72.97
N SER M 410 -4.58 40.31 74.15
CA SER M 410 -4.08 38.98 74.34
C SER M 410 -5.05 38.17 75.14
N PHE M 411 -5.95 38.84 75.83
CA PHE M 411 -6.83 38.11 76.71
C PHE M 411 -7.62 37.13 75.91
N VAL M 412 -7.98 37.48 74.67
CA VAL M 412 -8.83 36.51 74.01
C VAL M 412 -7.97 35.38 73.46
N ASP M 413 -8.28 34.16 73.89
CA ASP M 413 -7.51 33.02 73.43
C ASP M 413 -8.42 31.84 73.24
N GLY M 414 -7.85 30.65 73.25
CA GLY M 414 -8.64 29.47 73.09
C GLY M 414 -9.69 29.41 74.14
N ALA M 415 -9.37 29.80 75.34
CA ALA M 415 -10.36 29.64 76.38
C ALA M 415 -11.58 30.51 76.33
N ILE M 416 -11.45 31.76 75.92
CA ILE M 416 -12.64 32.58 75.72
C ILE M 416 -13.49 31.97 74.60
N ILE M 417 -12.90 31.43 73.55
CA ILE M 417 -13.69 30.76 72.53
C ILE M 417 -14.38 29.58 73.14
N ALA M 418 -13.71 28.86 74.00
CA ALA M 418 -14.28 27.67 74.60
C ALA M 418 -15.40 28.11 75.38
N ALA M 419 -15.25 29.25 76.03
CA ALA M 419 -16.31 29.80 76.84
C ALA M 419 -17.56 30.06 76.06
N ALA M 420 -17.43 30.57 74.86
CA ALA M 420 -18.62 30.95 74.16
C ALA M 420 -19.50 29.79 74.01
N ARG M 421 -18.94 28.68 73.62
CA ARG M 421 -19.76 27.54 73.38
C ARG M 421 -20.42 26.97 74.60
N THR M 422 -19.69 26.84 75.70
CA THR M 422 -20.25 26.32 76.93
C THR M 422 -21.31 27.08 77.71
N LEU M 423 -21.17 28.40 77.86
CA LEU M 423 -22.08 29.19 78.71
C LEU M 423 -23.45 29.19 78.18
N PRO M 424 -24.46 29.02 79.06
CA PRO M 424 -25.78 28.95 78.43
C PRO M 424 -26.19 30.31 77.94
N THR M 425 -26.74 30.40 76.75
CA THR M 425 -27.03 31.71 76.18
C THR M 425 -28.43 31.87 75.65
N TRP M 426 -28.92 33.09 75.63
CA TRP M 426 -30.23 33.32 75.04
C TRP M 426 -30.01 34.28 73.91
N SER M 427 -30.49 33.96 72.73
CA SER M 427 -30.43 34.92 71.65
C SER M 427 -31.80 34.88 71.00
N ASP M 428 -32.51 36.00 71.03
CA ASP M 428 -33.83 36.03 70.44
C ASP M 428 -34.04 37.17 69.48
N GLY M 429 -34.42 36.85 68.26
CA GLY M 429 -34.76 37.90 67.31
C GLY M 429 -33.68 38.93 67.21
N ASP M 430 -34.08 40.19 67.28
CA ASP M 430 -33.09 41.26 67.25
C ASP M 430 -33.20 42.15 68.47
N LEU M 431 -34.14 41.86 69.38
CA LEU M 431 -34.33 42.78 70.49
C LEU M 431 -33.10 42.85 71.38
N PRO M 432 -32.66 44.08 71.69
CA PRO M 432 -31.43 44.23 72.47
C PRO M 432 -31.63 43.88 73.93
N PRO M 433 -30.58 43.34 74.57
CA PRO M 433 -30.68 42.93 75.98
C PRO M 433 -30.81 44.11 76.93
N ILE M 434 -31.57 43.94 78.00
CA ILE M 434 -31.67 45.00 79.01
C ILE M 434 -30.44 44.94 79.93
N PRO M 435 -29.69 46.07 80.12
CA PRO M 435 -28.46 45.94 80.88
C PRO M 435 -28.57 45.49 82.30
N SER M 436 -29.53 46.02 83.02
CA SER M 436 -29.74 45.56 84.35
C SER M 436 -30.19 44.11 84.35
N LEU M 437 -30.99 43.72 83.37
CA LEU M 437 -31.52 42.40 83.40
C LEU M 437 -30.40 41.39 83.36
N GLU M 438 -29.41 41.61 82.51
CA GLU M 438 -28.28 40.70 82.41
C GLU M 438 -27.34 40.67 83.62
N ARG M 439 -27.28 41.74 84.38
CA ARG M 439 -26.38 41.80 85.50
C ARG M 439 -26.75 40.72 86.48
N LYS M 440 -28.03 40.43 86.60
CA LYS M 440 -28.46 39.39 87.49
C LYS M 440 -27.84 38.12 87.02
N ALA M 441 -27.85 37.90 85.73
CA ALA M 441 -27.31 36.66 85.21
C ALA M 441 -25.86 36.52 85.49
N VAL M 442 -25.07 37.58 85.36
CA VAL M 442 -23.66 37.39 85.53
C VAL M 442 -23.31 36.93 86.93
N LYS M 443 -23.93 37.50 87.94
CA LYS M 443 -23.64 37.10 89.28
C LYS M 443 -24.07 35.69 89.57
N GLU M 444 -25.24 35.29 89.10
CA GLU M 444 -25.71 33.98 89.42
C GLU M 444 -24.78 32.98 88.81
N LEU M 445 -24.31 33.23 87.59
CA LEU M 445 -23.36 32.33 86.94
C LEU M 445 -22.04 32.26 87.68
N GLN M 446 -21.55 33.40 88.14
CA GLN M 446 -20.29 33.40 88.83
C GLN M 446 -20.40 32.62 90.10
N GLU M 447 -21.58 32.56 90.66
CA GLU M 447 -21.75 31.89 91.91
C GLU M 447 -21.46 30.46 91.70
N GLU M 448 -21.93 29.93 90.60
CA GLU M 448 -21.73 28.53 90.33
C GLU M 448 -20.24 28.24 90.18
N CYS M 449 -19.51 29.16 89.56
CA CYS M 449 -18.08 28.99 89.40
C CYS M 449 -17.33 28.94 90.73
N HIS M 450 -17.71 29.78 91.68
CA HIS M 450 -17.08 29.75 92.99
C HIS M 450 -17.35 28.47 93.69
N GLN M 451 -18.55 27.96 93.54
CA GLN M 451 -18.87 26.69 94.13
C GLN M 451 -17.99 25.64 93.53
N MET M 452 -17.81 25.68 92.22
CA MET M 452 -17.04 24.66 91.58
C MET M 452 -15.63 24.65 92.03
N LEU M 453 -15.01 25.80 92.12
CA LEU M 453 -13.60 25.82 92.46
C LEU M 453 -13.40 25.27 93.85
N ALA M 454 -14.31 25.61 94.75
CA ALA M 454 -14.19 25.19 96.14
C ALA M 454 -14.24 23.71 96.38
N GLU M 455 -15.06 23.00 95.63
CA GLU M 455 -15.23 21.59 95.87
C GLU M 455 -13.93 20.82 95.81
N PHE M 456 -13.01 21.25 94.96
CA PHE M 456 -11.70 20.59 94.85
C PHE M 456 -10.84 20.70 96.09
N PRO M 457 -9.99 19.72 96.34
CA PRO M 457 -9.10 19.78 97.48
C PRO M 457 -8.13 20.94 97.53
N THR M 458 -7.51 21.39 96.45
CA THR M 458 -6.55 22.48 96.58
C THR M 458 -6.76 23.59 95.60
N THR M 459 -6.26 24.77 95.91
CA THR M 459 -6.40 25.91 95.01
C THR M 459 -5.37 25.91 93.93
N SER M 460 -5.53 26.76 92.93
CA SER M 460 -4.60 26.81 91.82
C SER M 460 -3.20 27.17 92.19
N ASP M 461 -3.00 28.12 93.06
CA ASP M 461 -1.66 28.44 93.51
C ASP M 461 -1.01 27.30 94.26
N GLU M 462 -1.80 26.56 95.03
CA GLU M 462 -1.25 25.41 95.73
C GLU M 462 -0.72 24.40 94.77
N ASP M 463 -1.44 24.17 93.69
CA ASP M 463 -1.01 23.21 92.71
C ASP M 463 0.28 23.58 92.03
N GLN M 464 0.49 24.84 91.73
CA GLN M 464 1.71 25.17 91.08
C GLN M 464 2.81 24.78 92.00
N LYS M 465 2.61 24.98 93.30
CA LYS M 465 3.66 24.71 94.27
C LYS M 465 4.09 23.27 94.28
N ILE M 466 3.13 22.37 94.21
CA ILE M 466 3.51 21.00 94.18
C ILE M 466 4.29 20.74 92.93
N LEU M 467 3.86 21.29 91.81
CA LEU M 467 4.55 21.06 90.54
C LEU M 467 5.96 21.61 90.62
N ASP M 468 6.11 22.80 91.17
CA ASP M 468 7.42 23.37 91.22
C ASP M 468 8.28 22.69 92.22
N SER M 469 7.67 22.06 93.20
CA SER M 469 8.49 21.49 94.25
C SER M 469 9.43 20.40 93.83
N MET M 470 8.94 19.46 93.04
CA MET M 470 9.78 18.39 92.58
C MET M 470 9.93 18.40 91.09
N PRO M 471 11.09 18.79 90.59
CA PRO M 471 11.32 18.74 89.16
C PRO M 471 11.38 17.35 88.56
N ASP M 472 12.04 16.39 89.21
CA ASP M 472 12.18 15.07 88.64
C ASP M 472 11.23 14.19 89.35
N CYS M 473 10.25 13.66 88.65
CA CYS M 473 9.23 12.89 89.31
C CYS M 473 8.62 12.03 88.27
N ARG M 474 7.77 11.11 88.66
CA ARG M 474 7.22 10.21 87.72
C ARG M 474 6.51 11.08 86.73
N ARG M 475 6.68 10.81 85.45
CA ARG M 475 6.11 11.66 84.42
C ARG M 475 4.62 11.66 84.50
N THR M 476 4.02 10.53 84.81
CA THR M 476 2.59 10.43 84.93
C THR M 476 2.06 11.35 86.01
N LEU M 477 2.77 11.48 87.12
CA LEU M 477 2.37 12.37 88.17
C LEU M 477 2.35 13.83 87.82
N GLU M 478 3.34 14.31 87.11
CA GLU M 478 3.33 15.69 86.70
C GLU M 478 2.14 15.91 85.82
N ALA M 479 1.81 14.92 85.00
CA ALA M 479 0.64 15.03 84.14
C ALA M 479 -0.63 15.17 84.92
N ALA M 480 -0.78 14.42 85.97
CA ALA M 480 -2.00 14.50 86.74
C ALA M 480 -2.18 15.83 87.39
N ILE M 481 -1.12 16.36 87.96
CA ILE M 481 -1.23 17.64 88.60
C ILE M 481 -1.55 18.67 87.57
N LYS M 482 -0.94 18.57 86.40
CA LYS M 482 -1.18 19.55 85.39
C LYS M 482 -2.59 19.48 84.86
N TYR M 483 -3.23 18.33 84.88
CA TYR M 483 -4.63 18.28 84.47
C TYR M 483 -5.44 19.12 85.38
N ARG M 484 -5.18 19.03 86.68
CA ARG M 484 -5.90 19.81 87.65
C ARG M 484 -5.69 21.26 87.51
N LEU M 485 -4.48 21.68 87.30
CA LEU M 485 -4.20 23.09 87.25
C LEU M 485 -4.94 23.63 86.11
N HIS M 486 -4.94 22.91 84.99
CA HIS M 486 -5.62 23.38 83.80
C HIS M 486 -7.12 23.49 83.89
N ARG M 487 -7.78 22.55 84.52
CA ARG M 487 -9.21 22.64 84.66
C ARG M 487 -9.55 23.84 85.48
N LYS M 488 -8.84 24.03 86.57
CA LYS M 488 -9.12 25.12 87.45
C LYS M 488 -8.85 26.41 86.78
N LEU M 489 -7.78 26.48 86.05
CA LEU M 489 -7.44 27.72 85.44
C LEU M 489 -8.52 28.13 84.45
N LEU M 490 -9.10 27.22 83.69
CA LEU M 490 -10.21 27.61 82.82
C LEU M 490 -11.45 28.14 83.57
N ILE M 491 -11.83 27.54 84.69
CA ILE M 491 -12.92 28.07 85.46
C ILE M 491 -12.61 29.46 85.91
N GLU M 492 -11.40 29.71 86.34
CA GLU M 492 -10.98 31.05 86.73
C GLU M 492 -11.03 32.05 85.60
N LYS M 493 -10.60 31.66 84.42
CA LYS M 493 -10.63 32.56 83.30
C LYS M 493 -12.05 32.95 83.02
N VAL M 494 -12.99 32.04 83.16
CA VAL M 494 -14.33 32.40 82.84
C VAL M 494 -14.84 33.51 83.76
N ILE M 495 -14.50 33.45 85.05
CA ILE M 495 -14.95 34.46 85.98
C ILE M 495 -14.40 35.78 85.56
N GLN M 496 -13.13 35.81 85.22
CA GLN M 496 -12.53 37.05 84.85
C GLN M 496 -13.22 37.59 83.64
N ALA M 497 -13.49 36.73 82.68
CA ALA M 497 -14.15 37.17 81.45
C ALA M 497 -15.59 37.65 81.58
N LEU M 498 -16.39 36.98 82.37
CA LEU M 498 -17.77 37.37 82.47
C LEU M 498 -17.82 38.78 83.01
N ASP M 499 -16.91 39.11 83.90
CA ASP M 499 -16.87 40.45 84.45
C ASP M 499 -16.59 41.51 83.43
N ILE M 500 -15.68 41.24 82.50
CA ILE M 500 -15.32 42.22 81.49
C ILE M 500 -16.51 42.50 80.60
N TYR M 501 -17.40 41.54 80.48
CA TYR M 501 -18.58 41.73 79.69
C TYR M 501 -19.31 42.84 80.32
N GLN M 502 -19.38 42.84 81.64
CA GLN M 502 -20.18 43.83 82.30
C GLN M 502 -19.73 45.19 82.01
N ASP M 503 -18.45 45.41 82.12
CA ASP M 503 -17.97 46.73 81.94
C ASP M 503 -18.23 47.21 80.55
N ARG M 504 -18.12 46.35 79.55
CA ARG M 504 -18.26 46.83 78.20
C ARG M 504 -19.68 46.91 77.64
N ILE M 505 -20.64 46.37 78.34
CA ILE M 505 -21.99 46.41 77.87
C ILE M 505 -22.34 47.86 77.86
N LEU M 506 -21.93 48.56 78.90
CA LEU M 506 -22.26 49.96 79.02
C LEU M 506 -20.99 50.59 78.62
N PHE M 507 -20.98 51.34 77.55
CA PHE M 507 -19.72 51.83 77.07
C PHE M 507 -18.98 52.63 78.13
N ILE N 128 10.71 -38.56 69.85
CA ILE N 128 10.42 -37.33 70.56
C ILE N 128 10.69 -37.44 72.06
N VAL N 129 11.42 -36.47 72.59
CA VAL N 129 11.75 -36.49 74.00
C VAL N 129 10.56 -36.36 74.95
N ASP N 130 9.56 -35.55 74.60
CA ASP N 130 8.35 -35.32 75.44
C ASP N 130 8.57 -34.33 76.54
N TYR N 131 9.73 -33.71 76.58
CA TYR N 131 9.94 -32.65 77.54
C TYR N 131 10.42 -31.43 76.78
N ARG N 132 10.03 -30.22 77.18
CA ARG N 132 10.55 -29.08 76.48
C ARG N 132 11.71 -28.50 77.21
N ILE N 133 12.86 -28.45 76.58
CA ILE N 133 14.07 -28.00 77.22
C ILE N 133 14.17 -26.53 77.43
N ASN N 134 15.11 -26.11 78.24
CA ASN N 134 15.34 -24.70 78.42
C ASN N 134 16.45 -24.48 77.52
N GLU N 135 16.28 -23.58 76.59
CA GLU N 135 17.27 -23.39 75.60
C GLU N 135 18.22 -22.37 75.98
N GLU N 136 18.02 -21.74 77.10
CA GLU N 136 18.98 -20.79 77.55
C GLU N 136 20.26 -21.51 77.94
N GLU N 137 20.17 -22.81 78.18
CA GLU N 137 21.34 -23.57 78.60
C GLU N 137 21.95 -24.37 77.50
N PHE N 138 21.58 -24.10 76.26
CA PHE N 138 22.05 -24.88 75.15
C PHE N 138 22.62 -24.01 74.07
N HIS N 139 23.70 -24.47 73.43
CA HIS N 139 24.27 -23.77 72.31
C HIS N 139 23.31 -24.08 71.20
N LYS N 140 22.98 -23.11 70.37
CA LYS N 140 22.13 -23.37 69.23
C LYS N 140 22.93 -23.12 67.99
N ILE N 141 22.99 -24.12 67.11
CA ILE N 141 23.70 -23.95 65.89
C ILE N 141 22.66 -24.13 64.80
N SER N 142 22.59 -23.19 63.87
CA SER N 142 21.56 -23.25 62.85
C SER N 142 22.09 -23.60 61.48
N LEU N 143 21.46 -24.58 60.84
CA LEU N 143 21.91 -25.02 59.54
C LEU N 143 20.70 -24.85 58.69
N LEU N 144 20.81 -25.04 57.40
CA LEU N 144 19.70 -24.75 56.53
C LEU N 144 18.45 -25.54 56.87
N ASP N 145 18.59 -26.83 57.14
CA ASP N 145 17.41 -27.64 57.39
C ASP N 145 17.20 -28.08 58.81
N CYS N 146 18.05 -27.66 59.73
CA CYS N 146 17.93 -28.15 61.10
C CYS N 146 18.53 -27.23 62.11
N ASP N 147 18.20 -27.42 63.37
CA ASP N 147 18.81 -26.65 64.42
C ASP N 147 19.39 -27.67 65.34
N PHE N 148 20.64 -27.51 65.76
CA PHE N 148 21.28 -28.51 66.57
C PHE N 148 21.60 -27.92 67.91
N PHE N 149 21.30 -28.64 68.97
CA PHE N 149 21.52 -28.13 70.30
C PHE N 149 22.49 -28.99 71.07
N ILE N 150 23.51 -28.39 71.65
CA ILE N 150 24.49 -29.12 72.43
C ILE N 150 24.61 -28.44 73.77
N ARG N 151 24.81 -29.15 74.87
CA ARG N 151 24.76 -28.54 76.21
C ARG N 151 25.83 -27.61 76.61
N LYS N 152 25.51 -26.55 77.32
CA LYS N 152 26.58 -25.64 77.62
C LYS N 152 27.00 -25.47 79.05
N PRO N 153 28.17 -26.05 79.40
CA PRO N 153 28.64 -25.78 80.73
C PRO N 153 29.05 -24.37 80.86
N PRO N 154 28.80 -23.77 82.01
CA PRO N 154 29.10 -22.37 82.11
C PRO N 154 30.54 -22.03 81.99
N ASP N 155 30.88 -20.96 81.26
CA ASP N 155 32.27 -20.51 81.18
C ASP N 155 32.35 -19.07 80.77
N PRO N 156 33.48 -18.43 81.01
CA PRO N 156 33.50 -17.01 80.70
C PRO N 156 33.39 -16.60 79.23
N ASP N 157 34.04 -17.30 78.31
CA ASP N 157 34.01 -16.95 76.90
C ASP N 157 33.02 -17.76 76.07
N ASN N 158 32.25 -18.63 76.71
CA ASN N 158 31.24 -19.44 76.04
C ASN N 158 31.77 -20.48 75.08
N ASP N 159 32.94 -21.03 75.36
CA ASP N 159 33.55 -21.99 74.47
C ASP N 159 33.51 -23.45 74.87
N VAL N 160 32.81 -23.82 75.94
CA VAL N 160 32.86 -25.21 76.41
C VAL N 160 31.66 -26.03 75.98
N TYR N 161 31.89 -27.25 75.52
CA TYR N 161 30.80 -28.07 75.00
C TYR N 161 30.64 -29.46 75.59
N ASP N 162 29.42 -29.94 75.78
CA ASP N 162 29.20 -31.31 76.23
C ASP N 162 28.48 -32.04 75.17
N PHE N 163 29.02 -33.16 74.74
CA PHE N 163 28.39 -33.84 73.64
C PHE N 163 27.48 -34.90 74.21
N ARG N 164 27.38 -34.93 75.53
CA ARG N 164 26.52 -35.89 76.17
C ARG N 164 25.02 -35.70 75.87
N GLU N 165 24.54 -34.46 75.87
CA GLU N 165 23.13 -34.21 75.55
C GLU N 165 23.02 -33.45 74.25
N MET N 166 22.27 -33.99 73.30
CA MET N 166 22.06 -33.25 72.08
C MET N 166 20.67 -33.46 71.51
N TYR N 167 20.11 -32.43 70.88
CA TYR N 167 18.81 -32.55 70.25
C TYR N 167 18.78 -31.83 68.92
N VAL N 168 17.94 -32.27 68.00
CA VAL N 168 17.83 -31.63 66.68
C VAL N 168 16.38 -31.25 66.38
N THR N 169 16.14 -30.07 65.82
CA THR N 169 14.78 -29.60 65.56
C THR N 169 14.50 -29.08 64.13
N PRO N 170 13.30 -29.34 63.53
CA PRO N 170 13.00 -28.79 62.23
C PRO N 170 13.20 -27.31 62.31
N PRO N 171 13.55 -26.65 61.21
CA PRO N 171 13.90 -25.24 61.39
C PRO N 171 12.90 -24.31 62.03
N ASP N 172 13.31 -23.57 63.07
CA ASP N 172 12.44 -22.64 63.80
C ASP N 172 11.13 -23.19 64.30
N THR N 173 11.13 -24.41 64.78
CA THR N 173 9.95 -25.03 65.29
C THR N 173 10.38 -25.70 66.53
N ASP N 174 9.51 -26.02 67.48
CA ASP N 174 9.99 -26.52 68.80
C ASP N 174 9.67 -27.90 69.31
N ILE N 175 9.65 -28.90 68.46
CA ILE N 175 9.44 -30.24 68.89
C ILE N 175 10.82 -30.85 68.88
N TYR N 176 11.39 -31.15 70.03
CA TYR N 176 12.75 -31.64 70.08
C TYR N 176 12.99 -33.12 69.84
N ALA N 177 14.10 -33.49 69.24
CA ALA N 177 14.38 -34.89 68.91
C ALA N 177 15.86 -35.32 69.01
N ILE N 178 16.16 -36.61 69.15
CA ILE N 178 17.56 -37.10 69.30
C ILE N 178 18.29 -37.32 67.98
N PRO N 179 19.53 -36.84 67.84
CA PRO N 179 20.30 -36.90 66.62
C PRO N 179 20.83 -38.22 66.26
N ARG N 180 21.20 -38.43 65.02
CA ARG N 180 21.86 -39.67 64.72
C ARG N 180 23.29 -39.43 65.01
N VAL N 181 23.88 -40.23 65.90
CA VAL N 181 25.30 -40.11 66.19
C VAL N 181 26.01 -41.20 65.45
N LEU N 182 26.92 -40.84 64.56
CA LEU N 182 27.58 -41.84 63.74
C LEU N 182 28.99 -42.19 64.19
N ALA N 183 29.41 -41.68 65.33
CA ALA N 183 30.78 -41.92 65.77
C ALA N 183 30.91 -41.83 67.28
N PRO N 184 32.06 -42.26 67.82
CA PRO N 184 32.23 -42.08 69.25
C PRO N 184 32.23 -40.61 69.60
N MET N 185 31.58 -40.24 70.70
CA MET N 185 31.54 -38.85 71.11
C MET N 185 32.28 -38.62 72.42
N PRO N 186 32.81 -37.40 72.62
CA PRO N 186 33.60 -37.15 73.83
C PRO N 186 32.78 -37.26 75.09
N GLN N 187 33.36 -37.79 76.16
CA GLN N 187 32.65 -37.94 77.42
C GLN N 187 33.03 -36.90 78.46
N LYS N 188 33.81 -35.91 78.06
CA LYS N 188 34.24 -34.87 78.98
C LYS N 188 34.17 -33.50 78.30
N TYR N 189 34.23 -32.43 79.08
CA TYR N 189 34.14 -31.09 78.53
C TYR N 189 35.28 -30.78 77.60
N ILE N 190 34.99 -30.19 76.43
CA ILE N 190 36.02 -29.83 75.47
C ILE N 190 35.88 -28.39 75.02
N ARG N 191 36.97 -27.64 74.95
CA ARG N 191 36.89 -26.29 74.45
C ARG N 191 37.04 -26.32 72.95
N CYS N 192 36.09 -25.76 72.21
CA CYS N 192 36.09 -25.85 70.75
C CYS N 192 35.83 -24.55 70.02
N ALA N 193 36.13 -24.50 68.74
CA ALA N 193 35.82 -23.36 67.91
C ALA N 193 34.89 -23.75 66.75
N MET N 194 33.88 -22.94 66.43
CA MET N 194 32.94 -23.29 65.37
C MET N 194 33.03 -22.54 64.04
N SER N 195 32.92 -23.24 62.92
CA SER N 195 32.97 -22.65 61.62
C SER N 195 31.88 -23.18 60.75
N ASP N 196 31.46 -22.44 59.76
CA ASP N 196 30.39 -22.82 58.88
C ASP N 196 30.79 -23.09 57.44
N TYR N 197 30.18 -24.07 56.79
CA TYR N 197 30.48 -24.39 55.40
C TYR N 197 29.24 -24.32 54.58
N GLY N 198 29.30 -23.62 53.47
CA GLY N 198 28.17 -23.49 52.62
C GLY N 198 28.27 -22.62 51.39
N CYS N 199 27.14 -22.29 50.79
CA CYS N 199 27.11 -21.53 49.58
C CYS N 199 26.21 -20.36 49.55
N TYR N 200 26.69 -19.21 49.13
CA TYR N 200 25.80 -18.06 48.95
C TYR N 200 24.86 -18.20 47.78
N ASN N 201 23.59 -17.89 47.94
CA ASN N 201 22.61 -17.92 46.84
C ASN N 201 22.10 -16.53 46.51
N VAL N 202 22.30 -16.08 45.28
CA VAL N 202 21.85 -14.76 44.86
C VAL N 202 20.78 -14.90 43.87
N THR N 203 19.63 -14.36 44.15
CA THR N 203 18.49 -14.54 43.31
C THR N 203 17.96 -13.21 42.91
N GLU N 204 17.27 -13.16 41.79
CA GLU N 204 16.66 -11.96 41.34
C GLU N 204 15.21 -12.20 41.55
N PRO N 205 14.59 -11.43 42.42
CA PRO N 205 13.22 -11.64 42.78
C PRO N 205 12.27 -10.78 42.03
N PRO N 206 11.02 -11.18 41.88
CA PRO N 206 10.10 -10.39 41.07
C PRO N 206 9.83 -8.96 41.60
N ILE N 207 9.80 -7.91 40.77
CA ILE N 207 9.61 -6.51 41.21
C ILE N 207 8.20 -6.00 41.05
N ASP N 208 7.50 -5.74 42.15
CA ASP N 208 6.11 -5.30 42.12
C ASP N 208 5.74 -3.95 42.64
N ALA N 209 6.69 -3.14 43.02
CA ALA N 209 6.40 -1.89 43.60
C ALA N 209 7.49 -1.02 43.21
N PRO N 210 7.33 0.32 43.42
CA PRO N 210 8.43 1.14 42.91
C PRO N 210 9.82 0.86 43.45
N ARG N 211 10.06 0.71 44.73
CA ARG N 211 11.45 0.52 45.16
C ARG N 211 11.81 -0.89 45.56
N ASP N 212 11.02 -1.87 45.14
CA ASP N 212 11.25 -3.26 45.48
C ASP N 212 12.70 -3.81 45.30
N PRO N 213 13.19 -4.70 46.21
CA PRO N 213 14.56 -5.14 46.04
C PRO N 213 14.98 -5.84 44.76
N MET N 214 16.05 -5.41 44.12
CA MET N 214 16.57 -6.02 42.90
C MET N 214 17.29 -7.35 43.01
N TYR N 215 17.84 -7.64 44.16
CA TYR N 215 18.55 -8.85 44.37
C TYR N 215 18.31 -9.34 45.77
N LYS N 216 18.47 -10.63 46.03
CA LYS N 216 18.33 -11.16 47.37
C LYS N 216 19.46 -12.14 47.59
N SER N 217 20.18 -12.02 48.70
CA SER N 217 21.31 -12.91 49.00
C SER N 217 21.17 -13.71 50.30
N GLU N 218 21.39 -15.01 50.24
CA GLU N 218 21.26 -15.87 51.42
C GLU N 218 22.49 -16.76 51.66
N ARG N 219 22.96 -16.88 52.89
CA ARG N 219 24.14 -17.68 53.20
C ARG N 219 24.06 -19.19 52.97
N GLU N 220 22.94 -19.81 53.31
CA GLU N 220 22.78 -21.26 53.11
C GLU N 220 23.83 -22.25 53.66
N VAL N 221 24.10 -22.23 54.97
CA VAL N 221 25.03 -23.17 55.58
C VAL N 221 24.61 -24.62 55.53
N SER N 222 25.56 -25.51 55.23
CA SER N 222 25.27 -26.93 55.12
C SER N 222 25.96 -27.83 56.11
N LYS N 223 27.10 -27.41 56.65
CA LYS N 223 27.85 -28.22 57.60
C LYS N 223 28.53 -27.33 58.59
N VAL N 224 28.73 -27.81 59.81
CA VAL N 224 29.46 -27.02 60.79
C VAL N 224 30.61 -27.83 61.34
N PHE N 225 31.80 -27.25 61.37
CA PHE N 225 32.97 -27.93 61.86
C PHE N 225 33.38 -27.40 63.23
N LEU N 226 33.50 -28.27 64.22
CA LEU N 226 33.91 -27.86 65.54
C LEU N 226 35.27 -28.44 65.83
N THR N 227 36.25 -27.63 66.17
CA THR N 227 37.63 -28.06 66.33
C THR N 227 38.19 -27.89 67.74
N LYS N 228 38.82 -28.92 68.31
CA LYS N 228 39.29 -28.86 69.69
C LYS N 228 40.40 -27.90 69.91
N HIS N 229 40.30 -27.07 70.91
CA HIS N 229 41.38 -26.20 71.21
C HIS N 229 42.42 -27.15 71.79
N TYR N 230 43.71 -26.85 71.66
CA TYR N 230 44.75 -27.76 72.13
C TYR N 230 44.85 -27.75 73.59
N ARG N 231 44.78 -28.91 74.21
CA ARG N 231 44.96 -29.02 75.63
C ARG N 231 43.97 -28.15 76.31
N ASN N 232 42.81 -27.96 75.71
CA ASN N 232 41.74 -27.21 76.29
C ASN N 232 42.24 -25.89 76.77
N ARG N 233 43.18 -25.31 76.05
CA ARG N 233 43.73 -24.03 76.38
C ARG N 233 42.83 -22.92 75.93
N ARG N 234 43.10 -21.69 76.33
CA ARG N 234 42.19 -20.61 76.03
C ARG N 234 42.78 -19.61 75.13
N ALA N 235 41.97 -18.88 74.40
CA ALA N 235 42.46 -17.96 73.40
C ALA N 235 43.48 -17.01 73.88
N GLY N 236 43.33 -16.51 75.08
CA GLY N 236 44.24 -15.48 75.53
C GLY N 236 45.64 -15.96 75.68
N ASP N 237 45.83 -17.21 76.05
CA ASP N 237 47.16 -17.69 76.35
C ASP N 237 48.10 -17.55 75.22
N PRO N 238 49.34 -17.28 75.54
CA PRO N 238 50.31 -17.24 74.47
C PRO N 238 50.36 -18.57 73.75
N GLU N 239 50.20 -19.66 74.44
CA GLU N 239 50.13 -20.96 73.78
C GLU N 239 48.76 -21.38 73.25
N PHE N 240 48.27 -20.76 72.17
CA PHE N 240 46.99 -21.16 71.58
C PHE N 240 47.19 -21.77 70.24
N ALA N 241 46.51 -22.87 70.01
CA ALA N 241 46.62 -23.54 68.79
C ALA N 241 45.41 -24.38 68.76
N LEU N 242 45.22 -25.08 67.69
CA LEU N 242 44.04 -25.85 67.57
C LEU N 242 44.49 -27.22 67.23
N ASP N 243 43.78 -28.20 67.69
CA ASP N 243 44.19 -29.55 67.48
C ASP N 243 43.39 -29.98 66.35
N PHE N 244 44.03 -30.20 65.22
CA PHE N 244 43.27 -30.49 64.07
C PHE N 244 43.00 -31.92 64.01
N GLU N 245 43.61 -32.67 64.89
CA GLU N 245 43.30 -34.07 64.92
C GLU N 245 41.87 -34.35 65.33
N GLU N 246 41.33 -33.55 66.22
CA GLU N 246 39.96 -33.73 66.62
C GLU N 246 39.03 -32.69 66.03
N ILE N 247 38.24 -33.05 65.02
CA ILE N 247 37.32 -32.15 64.36
C ILE N 247 36.04 -32.94 64.23
N TYR N 248 34.92 -32.36 64.55
CA TYR N 248 33.65 -33.04 64.50
C TYR N 248 32.74 -32.34 63.55
N VAL N 249 31.95 -33.06 62.76
CA VAL N 249 31.13 -32.40 61.76
C VAL N 249 29.63 -32.57 61.99
N ILE N 250 28.85 -31.53 61.72
CA ILE N 250 27.40 -31.64 61.85
C ILE N 250 26.83 -31.47 60.47
N ASP N 251 25.98 -32.38 60.03
CA ASP N 251 25.50 -32.30 58.65
C ASP N 251 24.03 -32.01 58.55
N SER N 252 23.66 -31.00 57.77
CA SER N 252 22.26 -30.61 57.63
C SER N 252 21.33 -31.59 56.99
N LYS N 253 21.79 -32.26 55.94
CA LYS N 253 20.87 -33.11 55.21
C LYS N 253 20.55 -34.36 55.97
N THR N 254 21.55 -34.96 56.61
CA THR N 254 21.35 -36.18 57.35
C THR N 254 21.14 -36.09 58.84
N LYS N 255 21.10 -34.90 59.41
CA LYS N 255 20.85 -34.72 60.83
C LYS N 255 21.77 -35.55 61.65
N SER N 256 23.03 -35.55 61.28
CA SER N 256 23.99 -36.39 61.93
C SER N 256 25.23 -35.75 62.40
N ILE N 257 25.82 -36.26 63.44
CA ILE N 257 27.08 -35.77 63.87
C ILE N 257 28.11 -36.87 63.76
N THR N 258 29.28 -36.59 63.19
CA THR N 258 30.32 -37.57 62.97
C THR N 258 31.67 -36.99 63.25
N ARG N 259 32.72 -37.81 63.29
CA ARG N 259 34.06 -37.31 63.48
C ARG N 259 34.82 -37.48 62.22
N ALA N 260 35.66 -36.52 61.91
CA ALA N 260 36.43 -36.55 60.70
C ALA N 260 37.62 -37.47 60.65
N LYS N 261 38.05 -37.85 59.45
CA LYS N 261 39.26 -38.64 59.33
C LYS N 261 40.33 -37.77 58.73
N VAL N 262 41.35 -37.44 59.51
CA VAL N 262 42.40 -36.57 59.05
C VAL N 262 43.63 -37.36 58.65
N VAL N 263 44.33 -36.92 57.62
CA VAL N 263 45.55 -37.57 57.21
C VAL N 263 46.70 -36.62 57.39
N VAL N 264 47.50 -36.82 58.42
CA VAL N 264 48.60 -35.94 58.67
C VAL N 264 49.77 -36.34 57.82
N THR N 265 50.15 -35.48 56.90
CA THR N 265 51.23 -35.81 56.00
C THR N 265 52.39 -34.96 56.40
N VAL N 266 52.24 -34.29 57.51
CA VAL N 266 53.29 -33.44 57.96
C VAL N 266 54.33 -34.22 58.75
N PRO N 267 55.61 -34.35 58.25
CA PRO N 267 56.55 -35.03 59.16
C PRO N 267 56.70 -34.32 60.48
N GLY N 268 57.17 -35.05 61.49
CA GLY N 268 57.32 -34.47 62.81
C GLY N 268 56.70 -35.37 63.83
N GLY N 269 55.92 -36.33 63.36
CA GLY N 269 55.35 -37.30 64.27
C GLY N 269 54.24 -36.73 65.11
N ARG N 270 53.87 -37.45 66.15
CA ARG N 270 52.81 -37.00 67.00
C ARG N 270 53.20 -35.69 67.66
N ASN N 271 54.50 -35.48 67.86
CA ASN N 271 54.96 -34.29 68.61
C ASN N 271 55.22 -33.07 67.74
N ARG N 272 54.84 -33.11 66.48
CA ARG N 272 55.10 -32.02 65.57
C ARG N 272 54.51 -30.73 66.04
N ASP N 273 55.22 -29.63 65.84
CA ASP N 273 54.75 -28.36 66.36
C ASP N 273 53.43 -27.95 65.78
N ARG N 274 52.60 -27.34 66.62
CA ARG N 274 51.29 -26.95 66.19
C ARG N 274 51.27 -25.51 65.76
N LYS N 275 52.42 -24.85 65.70
CA LYS N 275 52.47 -23.50 65.15
C LYS N 275 52.81 -23.44 63.68
N ASN N 276 53.10 -24.57 63.07
CA ASN N 276 53.34 -24.59 61.64
C ASN N 276 52.49 -25.74 61.14
N ASP N 277 51.18 -25.59 61.17
CA ASP N 277 50.30 -26.60 60.65
C ASP N 277 49.15 -25.92 59.95
N LEU N 278 48.66 -26.44 58.83
CA LEU N 278 47.51 -25.90 58.12
C LEU N 278 46.66 -27.04 57.69
N LEU N 279 45.34 -26.91 57.73
CA LEU N 279 44.44 -27.94 57.31
C LEU N 279 43.81 -27.58 56.00
N VAL N 280 43.79 -28.47 55.03
CA VAL N 280 43.12 -28.21 53.78
C VAL N 280 41.90 -29.07 53.63
N ILE N 281 40.73 -28.47 53.46
CA ILE N 281 39.47 -29.19 53.30
C ILE N 281 39.00 -29.08 51.88
N ARG N 282 38.69 -30.19 51.25
CA ARG N 282 38.31 -30.20 49.85
C ARG N 282 37.20 -31.16 49.77
N ASP N 283 36.66 -31.36 48.60
CA ASP N 283 35.63 -32.33 48.38
C ASP N 283 34.36 -32.29 49.15
N ASN N 284 33.73 -31.15 49.26
CA ASN N 284 32.43 -31.01 49.91
C ASN N 284 32.49 -31.36 51.32
N GLY N 285 33.63 -31.12 51.93
CA GLY N 285 33.77 -31.38 53.33
C GLY N 285 34.11 -32.79 53.68
N THR N 286 34.40 -33.58 52.68
CA THR N 286 34.70 -34.96 52.90
C THR N 286 36.17 -35.32 52.87
N SER N 287 37.08 -34.39 52.63
CA SER N 287 38.50 -34.70 52.69
C SER N 287 39.24 -33.80 53.61
N PHE N 288 39.95 -34.36 54.57
CA PHE N 288 40.72 -33.57 55.50
C PHE N 288 42.20 -33.96 55.52
N LYS N 289 43.12 -33.03 55.42
CA LYS N 289 44.57 -33.29 55.45
C LYS N 289 45.36 -32.20 56.16
N ILE N 290 46.42 -32.56 56.86
CA ILE N 290 47.25 -31.59 57.52
C ILE N 290 48.58 -31.56 56.86
N ILE N 291 49.02 -30.40 56.44
CA ILE N 291 50.22 -30.27 55.68
C ILE N 291 50.98 -29.13 56.27
N PRO N 292 52.25 -29.03 55.97
CA PRO N 292 53.05 -27.93 56.44
C PRO N 292 52.67 -26.60 55.86
N SER N 293 52.88 -25.51 56.56
CA SER N 293 52.44 -24.20 56.11
C SER N 293 53.01 -23.62 54.85
N GLU N 294 54.29 -23.70 54.66
CA GLU N 294 54.90 -23.06 53.52
C GLU N 294 54.52 -23.73 52.22
N GLU N 295 54.20 -25.00 52.28
CA GLU N 295 53.79 -25.71 51.12
C GLU N 295 52.31 -25.60 50.90
N ARG N 296 51.80 -24.41 50.67
CA ARG N 296 50.40 -24.20 50.47
C ARG N 296 50.34 -23.61 49.11
N ASP N 297 49.22 -23.70 48.45
CA ASP N 297 49.09 -23.19 47.12
C ASP N 297 48.37 -21.87 47.12
N ASP N 298 48.80 -20.96 46.27
CA ASP N 298 48.19 -19.65 46.17
C ASP N 298 46.81 -19.76 45.62
N PRO N 299 45.99 -18.77 45.88
CA PRO N 299 44.62 -18.80 45.43
C PRO N 299 44.38 -18.96 43.92
N THR N 300 45.15 -18.37 43.05
CA THR N 300 45.02 -18.55 41.63
C THR N 300 45.31 -19.95 41.17
N THR N 301 46.30 -20.62 41.74
CA THR N 301 46.61 -21.97 41.38
C THR N 301 45.51 -22.94 41.66
N VAL N 302 44.82 -22.81 42.75
CA VAL N 302 43.73 -23.68 43.00
C VAL N 302 42.62 -23.54 41.97
N ILE N 303 42.26 -22.35 41.58
CA ILE N 303 41.26 -22.14 40.56
C ILE N 303 41.71 -22.62 39.20
N GLU N 304 42.92 -22.33 38.84
CA GLU N 304 43.45 -22.71 37.58
C GLU N 304 43.60 -24.19 37.40
N LYS N 305 43.96 -24.91 38.42
CA LYS N 305 44.06 -26.32 38.34
C LYS N 305 42.76 -26.96 38.06
N GLU N 306 41.72 -26.48 38.67
CA GLU N 306 40.41 -27.03 38.44
C GLU N 306 39.86 -26.82 37.08
N GLU N 307 40.04 -25.63 36.55
CA GLU N 307 39.59 -25.34 35.23
C GLU N 307 40.27 -26.17 34.21
N TRP N 308 41.56 -26.41 34.34
CA TRP N 308 42.27 -27.25 33.42
C TRP N 308 41.79 -28.66 33.37
N LYS N 309 41.46 -29.27 34.48
CA LYS N 309 40.93 -30.59 34.46
C LYS N 309 39.62 -30.72 33.79
N LYS N 310 38.70 -29.85 34.09
CA LYS N 310 37.40 -29.88 33.48
C LYS N 310 37.41 -29.61 32.01
N SER N 311 38.17 -28.62 31.59
CA SER N 311 38.29 -28.28 30.21
C SER N 311 38.90 -29.39 29.40
N ARG N 312 39.90 -30.09 29.92
CA ARG N 312 40.45 -31.20 29.19
C ARG N 312 39.52 -32.33 28.97
N GLN N 313 38.82 -32.74 29.98
CA GLN N 313 37.88 -33.78 29.82
C GLN N 313 36.77 -33.43 28.87
N ASP N 314 36.29 -32.22 28.88
CA ASP N 314 35.29 -31.78 27.96
C ASP N 314 35.67 -31.75 26.49
N MET N 315 36.87 -31.35 26.15
CA MET N 315 37.34 -31.39 24.78
C MET N 315 37.44 -32.79 24.24
N GLU N 316 37.89 -33.73 25.04
CA GLU N 316 37.94 -35.09 24.61
C GLU N 316 36.60 -35.64 24.30
N ARG N 317 35.62 -35.31 25.09
CA ARG N 317 34.29 -35.77 24.87
C ARG N 317 33.79 -35.28 23.54
N HIS N 318 34.07 -34.05 23.18
CA HIS N 318 33.70 -33.55 21.88
C HIS N 318 34.39 -34.20 20.76
N LEU N 319 35.66 -34.45 20.89
CA LEU N 319 36.40 -34.94 19.80
C LEU N 319 36.29 -36.42 19.57
N ARG N 320 35.72 -37.16 20.47
CA ARG N 320 35.58 -38.60 20.37
C ARG N 320 34.71 -39.03 19.24
N LYS N 321 33.68 -38.28 18.96
CA LYS N 321 32.78 -38.58 17.90
C LYS N 321 33.38 -38.63 16.53
N LEU N 322 34.45 -37.92 16.29
CA LEU N 322 35.05 -37.88 15.01
C LEU N 322 35.68 -39.20 14.68
N ARG N 323 35.66 -39.62 13.42
CA ARG N 323 36.13 -40.95 13.01
C ARG N 323 37.61 -41.14 12.96
N ASP N 324 38.36 -40.09 13.19
CA ASP N 324 39.77 -40.17 13.14
C ASP N 324 40.41 -40.09 14.51
N PHE N 325 39.66 -40.17 15.58
CA PHE N 325 40.17 -40.04 16.94
C PHE N 325 41.16 -41.05 17.38
N SER N 326 41.01 -42.28 16.99
CA SER N 326 41.92 -43.31 17.36
C SER N 326 43.30 -43.06 16.85
N VAL N 327 43.39 -42.47 15.68
CA VAL N 327 44.66 -42.19 15.06
C VAL N 327 45.19 -40.76 15.27
N SER N 328 44.78 -40.07 16.32
CA SER N 328 45.23 -38.71 16.60
C SER N 328 46.06 -38.51 17.86
N ASN N 329 46.69 -37.35 18.07
CA ASN N 329 47.54 -37.08 19.21
C ASN N 329 47.18 -35.77 19.89
N TRP N 330 47.06 -35.71 21.22
CA TRP N 330 46.87 -34.46 21.92
C TRP N 330 48.14 -33.70 21.88
N PHE N 331 48.09 -32.40 21.67
CA PHE N 331 49.30 -31.64 21.54
C PHE N 331 49.26 -30.34 22.27
N LYS O 48 -44.70 -69.01 -74.07
CA LYS O 48 -45.51 -69.48 -75.17
C LYS O 48 -44.77 -69.30 -76.47
N PHE O 49 -43.44 -69.35 -76.42
CA PHE O 49 -42.64 -69.20 -77.62
C PHE O 49 -42.79 -70.47 -78.44
N GLU O 50 -42.42 -70.42 -79.71
CA GLU O 50 -42.68 -71.57 -80.56
C GLU O 50 -41.95 -72.87 -80.27
N LEU O 51 -42.71 -73.94 -80.07
CA LEU O 51 -42.12 -75.23 -79.92
C LEU O 51 -42.14 -75.77 -81.32
N MET O 52 -41.30 -75.26 -82.19
CA MET O 52 -41.41 -75.63 -83.60
C MET O 52 -41.17 -77.06 -83.91
N PRO O 53 -42.09 -77.65 -84.65
CA PRO O 53 -41.80 -79.01 -85.05
C PRO O 53 -40.60 -78.88 -85.94
N PRO O 54 -39.69 -79.86 -85.86
CA PRO O 54 -38.46 -79.70 -86.63
C PRO O 54 -38.73 -79.51 -88.11
N PRO O 55 -38.02 -78.56 -88.74
CA PRO O 55 -38.28 -78.25 -90.16
C PRO O 55 -38.07 -79.37 -91.17
N TYR O 56 -36.98 -80.12 -91.05
CA TYR O 56 -36.71 -81.21 -91.97
C TYR O 56 -37.52 -82.42 -91.55
N PRO O 57 -37.61 -83.49 -92.40
CA PRO O 57 -38.31 -84.66 -91.85
C PRO O 57 -37.68 -85.04 -90.53
N MET O 58 -36.37 -84.82 -90.38
CA MET O 58 -35.65 -85.06 -89.12
C MET O 58 -35.44 -86.51 -88.70
N ASN O 59 -36.52 -87.23 -88.46
CA ASN O 59 -36.39 -88.59 -87.97
C ASN O 59 -35.73 -89.50 -88.97
N ALA O 60 -36.31 -89.59 -90.16
CA ALA O 60 -35.79 -90.52 -91.12
C ALA O 60 -34.99 -89.73 -92.10
N LEU O 61 -34.75 -88.45 -91.79
CA LEU O 61 -34.04 -87.60 -92.75
C LEU O 61 -32.65 -88.11 -93.11
N GLU O 62 -31.78 -88.25 -92.13
CA GLU O 62 -30.40 -88.64 -92.44
C GLU O 62 -29.92 -89.94 -91.81
N PRO O 63 -29.25 -90.78 -92.60
CA PRO O 63 -28.68 -92.01 -92.05
C PRO O 63 -27.60 -91.68 -91.03
N HIS O 64 -26.78 -90.68 -91.32
CA HIS O 64 -25.67 -90.31 -90.44
C HIS O 64 -26.10 -89.87 -89.05
N MET O 65 -27.18 -89.09 -88.97
CA MET O 65 -27.66 -88.65 -87.67
C MET O 65 -28.79 -89.53 -87.22
N SER O 66 -28.64 -90.16 -86.07
CA SER O 66 -29.65 -91.09 -85.59
C SER O 66 -30.96 -90.44 -85.23
N HIS O 67 -32.05 -91.11 -85.54
CA HIS O 67 -33.36 -90.60 -85.16
C HIS O 67 -33.40 -90.55 -83.64
N THR O 68 -32.74 -91.51 -82.99
CA THR O 68 -32.74 -91.55 -81.54
C THR O 68 -32.02 -90.33 -81.02
N THR O 69 -30.91 -90.00 -81.66
CA THR O 69 -30.15 -88.83 -81.24
C THR O 69 -31.02 -87.62 -81.41
N PHE O 70 -31.75 -87.57 -82.51
CA PHE O 70 -32.62 -86.44 -82.77
C PHE O 70 -33.69 -86.36 -81.72
N GLU O 71 -34.21 -87.50 -81.31
CA GLU O 71 -35.26 -87.50 -80.32
C GLU O 71 -34.76 -86.90 -79.03
N TYR O 72 -33.55 -87.28 -78.63
CA TYR O 72 -33.00 -86.67 -77.43
C TYR O 72 -32.72 -85.19 -77.58
N HIS O 73 -32.12 -84.80 -78.69
CA HIS O 73 -31.74 -83.41 -78.84
C HIS O 73 -32.95 -82.49 -78.90
N TRP O 74 -33.94 -82.84 -79.70
CA TRP O 74 -35.07 -81.94 -79.86
C TRP O 74 -36.19 -82.30 -78.92
N GLY O 75 -36.49 -83.60 -78.84
CA GLY O 75 -37.60 -83.99 -78.02
C GLY O 75 -37.36 -83.64 -76.59
N LYS O 76 -36.15 -83.87 -76.09
CA LYS O 76 -35.93 -83.62 -74.67
C LYS O 76 -35.44 -82.23 -74.32
N HIS O 77 -34.40 -81.76 -74.98
CA HIS O 77 -33.84 -80.47 -74.61
C HIS O 77 -34.81 -79.35 -74.84
N HIS O 78 -35.42 -79.35 -76.01
CA HIS O 78 -36.32 -78.26 -76.33
C HIS O 78 -37.45 -78.25 -75.38
N ARG O 79 -38.01 -79.42 -75.11
CA ARG O 79 -39.19 -79.45 -74.28
C ARG O 79 -38.90 -78.90 -72.91
N ALA O 80 -37.77 -79.31 -72.34
CA ALA O 80 -37.39 -78.79 -71.03
C ALA O 80 -37.12 -77.30 -71.11
N TYR O 81 -36.45 -76.86 -72.16
CA TYR O 81 -36.14 -75.46 -72.31
C TYR O 81 -37.41 -74.67 -72.43
N VAL O 82 -38.34 -75.13 -73.26
CA VAL O 82 -39.51 -74.35 -73.52
C VAL O 82 -40.45 -74.29 -72.35
N ASP O 83 -40.66 -75.39 -71.68
CA ASP O 83 -41.52 -75.26 -70.52
C ASP O 83 -40.87 -74.37 -69.47
N ASN O 84 -39.57 -74.50 -69.28
CA ASN O 84 -38.87 -73.64 -68.34
C ASN O 84 -38.91 -72.21 -68.78
N LEU O 85 -38.73 -71.99 -70.07
CA LEU O 85 -38.75 -70.65 -70.56
C LEU O 85 -40.11 -70.15 -70.25
N ASN O 86 -41.12 -70.97 -70.50
CA ASN O 86 -42.49 -70.56 -70.24
C ASN O 86 -42.71 -70.38 -68.77
N LYS O 87 -42.18 -71.27 -67.98
CA LYS O 87 -42.46 -71.20 -66.59
C LYS O 87 -41.95 -69.90 -66.09
N GLN O 88 -40.74 -69.57 -66.50
CA GLN O 88 -40.14 -68.35 -66.01
C GLN O 88 -40.90 -67.17 -66.53
N ILE O 89 -41.37 -67.25 -67.76
CA ILE O 89 -41.98 -66.07 -68.32
C ILE O 89 -43.41 -65.88 -67.87
N ASP O 90 -43.90 -66.75 -66.99
CA ASP O 90 -45.24 -66.52 -66.45
C ASP O 90 -45.24 -65.21 -65.68
N GLY O 91 -46.29 -64.41 -65.83
CA GLY O 91 -46.34 -63.12 -65.19
C GLY O 91 -45.16 -62.22 -65.54
N THR O 92 -44.73 -62.23 -66.80
CA THR O 92 -43.56 -61.45 -67.19
C THR O 92 -43.91 -60.30 -68.10
N GLU O 93 -43.42 -59.12 -67.80
CA GLU O 93 -43.66 -58.01 -68.67
C GLU O 93 -42.84 -58.31 -69.87
N LEU O 94 -41.75 -59.02 -69.67
CA LEU O 94 -40.91 -59.44 -70.78
C LEU O 94 -41.65 -60.40 -71.71
N ASP O 95 -42.61 -61.14 -71.15
CA ASP O 95 -43.36 -62.09 -71.96
C ASP O 95 -44.04 -61.34 -73.08
N GLY O 96 -44.08 -61.95 -74.26
CA GLY O 96 -44.66 -61.28 -75.41
C GLY O 96 -43.67 -60.55 -76.26
N MET O 97 -42.42 -60.49 -75.83
CA MET O 97 -41.40 -59.90 -76.68
C MET O 97 -40.90 -60.95 -77.64
N THR O 98 -40.08 -60.57 -78.60
CA THR O 98 -39.51 -61.56 -79.51
C THR O 98 -38.43 -62.34 -78.79
N LEU O 99 -38.07 -63.49 -79.34
CA LEU O 99 -37.03 -64.29 -78.72
C LEU O 99 -35.78 -63.48 -78.76
N GLU O 100 -35.56 -62.79 -79.86
CA GLU O 100 -34.41 -61.94 -79.93
C GLU O 100 -34.47 -60.87 -78.86
N ASP O 101 -35.64 -60.31 -78.63
CA ASP O 101 -35.77 -59.33 -77.56
C ASP O 101 -35.53 -59.91 -76.19
N ILE O 102 -36.11 -61.07 -75.89
CA ILE O 102 -35.96 -61.62 -74.55
C ILE O 102 -34.51 -61.97 -74.31
N ILE O 103 -33.84 -62.52 -75.32
CA ILE O 103 -32.42 -62.87 -75.19
C ILE O 103 -31.59 -61.64 -74.93
N LEU O 104 -31.82 -60.59 -75.70
CA LEU O 104 -31.08 -59.40 -75.52
C LEU O 104 -31.39 -58.84 -74.16
N ILE O 105 -32.64 -58.87 -73.75
CA ILE O 105 -33.00 -58.26 -72.49
C ILE O 105 -32.39 -58.87 -71.25
N THR O 106 -32.39 -60.19 -71.17
CA THR O 106 -31.90 -60.82 -69.96
C THR O 106 -30.44 -61.08 -69.95
N TYR O 107 -29.78 -60.90 -71.08
CA TYR O 107 -28.34 -61.00 -71.03
C TYR O 107 -28.05 -59.85 -70.15
N ASN O 108 -28.78 -58.77 -70.33
CA ASN O 108 -28.64 -57.65 -69.44
C ASN O 108 -27.23 -57.06 -69.38
N ARG O 109 -26.57 -56.97 -70.53
CA ARG O 109 -25.29 -56.33 -70.56
C ARG O 109 -24.33 -57.00 -69.61
N GLY O 110 -23.68 -56.24 -68.75
CA GLY O 110 -22.65 -56.86 -67.92
C GLY O 110 -23.12 -58.01 -67.06
N ASP O 111 -24.29 -57.92 -66.48
CA ASP O 111 -24.72 -58.97 -65.60
C ASP O 111 -25.74 -59.81 -66.27
N LEU O 112 -25.40 -61.05 -66.50
CA LEU O 112 -26.38 -61.94 -67.06
C LEU O 112 -27.51 -62.07 -66.06
N LEU O 113 -28.74 -61.89 -66.49
CA LEU O 113 -29.89 -61.97 -65.60
C LEU O 113 -30.41 -63.37 -65.54
N PRO O 114 -31.43 -63.61 -64.73
CA PRO O 114 -31.82 -65.02 -64.70
C PRO O 114 -32.30 -65.69 -65.98
N PRO O 115 -33.09 -65.03 -66.80
CA PRO O 115 -33.64 -65.76 -67.94
C PRO O 115 -32.80 -65.91 -69.19
N PHE O 116 -31.67 -65.28 -69.29
CA PHE O 116 -30.93 -65.32 -70.53
C PHE O 116 -30.54 -66.67 -70.99
N ASN O 117 -30.12 -67.50 -70.07
CA ASN O 117 -29.63 -68.76 -70.49
C ASN O 117 -30.69 -69.57 -71.20
N ASN O 118 -31.90 -69.61 -70.69
CA ASN O 118 -32.87 -70.46 -71.33
C ASN O 118 -33.17 -70.02 -72.72
N ALA O 119 -33.38 -68.74 -72.86
CA ALA O 119 -33.76 -68.22 -74.14
C ALA O 119 -32.72 -68.36 -75.16
N ALA O 120 -31.49 -68.12 -74.80
CA ALA O 120 -30.47 -68.11 -75.81
C ALA O 120 -30.40 -69.45 -76.41
N GLN O 121 -30.49 -70.43 -75.55
CA GLN O 121 -30.36 -71.77 -76.03
C GLN O 121 -31.50 -72.20 -76.91
N ALA O 122 -32.70 -71.80 -76.56
CA ALA O 122 -33.86 -72.15 -77.38
C ALA O 122 -33.64 -71.59 -78.77
N TRP O 123 -33.31 -70.30 -78.84
CA TRP O 123 -33.08 -69.67 -80.11
C TRP O 123 -31.89 -70.31 -80.78
N ASN O 124 -30.87 -70.60 -80.01
CA ASN O 124 -29.66 -71.17 -80.59
C ASN O 124 -30.02 -72.47 -81.22
N HIS O 125 -30.83 -73.26 -80.54
CA HIS O 125 -31.13 -74.58 -81.07
C HIS O 125 -31.86 -74.51 -82.41
N GLN O 126 -32.80 -73.60 -82.54
CA GLN O 126 -33.56 -73.51 -83.78
C GLN O 126 -32.76 -72.84 -84.87
N PHE O 127 -31.92 -71.88 -84.51
CA PHE O 127 -31.06 -71.24 -85.50
C PHE O 127 -30.11 -72.28 -86.00
N PHE O 128 -29.63 -73.13 -85.11
CA PHE O 128 -28.73 -74.19 -85.50
C PHE O 128 -29.49 -75.05 -86.44
N TRP O 129 -30.75 -75.30 -86.09
CA TRP O 129 -31.54 -76.16 -86.91
C TRP O 129 -31.57 -75.64 -88.34
N GLU O 130 -31.75 -74.34 -88.50
CA GLU O 130 -31.87 -73.77 -89.83
C GLU O 130 -30.68 -74.12 -90.70
N SER O 131 -29.50 -74.14 -90.10
CA SER O 131 -28.28 -74.39 -90.86
C SER O 131 -28.23 -75.76 -91.54
N MET O 132 -28.84 -76.77 -90.92
CA MET O 132 -28.76 -78.12 -91.46
C MET O 132 -29.62 -78.30 -92.68
N LYS O 133 -29.23 -79.24 -93.54
CA LYS O 133 -29.99 -79.48 -94.76
C LYS O 133 -30.19 -80.96 -94.96
N PRO O 134 -31.28 -81.31 -95.66
CA PRO O 134 -31.45 -82.73 -95.99
C PRO O 134 -30.47 -83.05 -97.09
N SER O 135 -29.23 -83.38 -96.74
CA SER O 135 -28.18 -83.74 -97.72
C SER O 135 -27.80 -82.70 -98.76
N GLY O 136 -27.80 -81.43 -98.39
CA GLY O 136 -27.34 -80.42 -99.32
C GLY O 136 -26.09 -79.76 -98.79
N GLY O 137 -24.99 -79.85 -99.53
CA GLY O 137 -23.75 -79.24 -99.09
C GLY O 137 -22.67 -79.07 -100.14
N GLY O 138 -21.69 -78.20 -99.88
CA GLY O 138 -20.57 -78.06 -100.77
C GLY O 138 -20.48 -76.89 -101.72
N LYS O 139 -19.35 -76.19 -101.73
CA LYS O 139 -19.12 -75.11 -102.70
C LYS O 139 -20.24 -74.10 -102.80
N PRO O 140 -20.68 -73.55 -101.66
CA PRO O 140 -21.74 -72.58 -101.87
C PRO O 140 -21.22 -71.44 -102.71
N SER O 141 -22.01 -70.98 -103.67
CA SER O 141 -21.57 -69.93 -104.58
C SER O 141 -22.61 -68.84 -104.64
N GLY O 142 -22.20 -67.64 -105.01
CA GLY O 142 -23.13 -66.54 -105.01
C GLY O 142 -22.38 -65.37 -104.41
N GLU O 143 -23.07 -64.58 -103.61
CA GLU O 143 -22.41 -63.49 -102.93
C GLU O 143 -21.32 -64.11 -102.08
N LEU O 144 -21.61 -65.29 -101.53
CA LEU O 144 -20.66 -65.92 -100.65
C LEU O 144 -19.33 -66.23 -101.30
N LEU O 145 -19.30 -66.81 -102.48
CA LEU O 145 -18.01 -67.19 -103.04
C LEU O 145 -17.17 -65.95 -103.21
N GLN O 146 -17.80 -64.88 -103.65
CA GLN O 146 -17.10 -63.62 -103.81
C GLN O 146 -16.60 -63.12 -102.47
N LEU O 147 -17.43 -63.23 -101.44
CA LEU O 147 -17.01 -62.81 -100.11
C LEU O 147 -15.88 -63.67 -99.55
N ILE O 148 -15.92 -64.97 -99.82
CA ILE O 148 -14.91 -65.86 -99.25
C ILE O 148 -13.51 -65.52 -99.72
N ASN O 149 -13.32 -65.36 -101.02
CA ASN O 149 -11.98 -65.11 -101.52
C ASN O 149 -11.53 -63.75 -101.02
N ARG O 150 -12.49 -62.88 -100.74
CA ARG O 150 -12.14 -61.59 -100.19
C ARG O 150 -11.51 -61.73 -98.80
N ASP O 151 -12.02 -62.64 -97.98
CA ASP O 151 -11.51 -62.81 -96.63
C ASP O 151 -10.63 -64.03 -96.45
N PHE O 152 -11.23 -65.21 -96.40
CA PHE O 152 -10.49 -66.45 -96.21
C PHE O 152 -9.55 -66.73 -97.37
N GLY O 153 -9.95 -66.39 -98.60
CA GLY O 153 -9.11 -66.58 -99.76
C GLY O 153 -9.46 -67.78 -100.60
N SER O 154 -10.19 -68.73 -100.03
CA SER O 154 -10.67 -69.87 -100.81
C SER O 154 -11.82 -70.46 -100.03
N PHE O 155 -12.73 -71.15 -100.69
CA PHE O 155 -13.78 -71.83 -99.96
C PHE O 155 -13.08 -72.87 -99.13
N GLU O 156 -12.06 -73.50 -99.69
CA GLU O 156 -11.31 -74.51 -98.97
C GLU O 156 -10.63 -73.91 -97.74
N ALA O 157 -10.09 -72.72 -97.87
CA ALA O 157 -9.41 -72.11 -96.75
C ALA O 157 -10.38 -71.88 -95.62
N PHE O 158 -11.58 -71.42 -95.92
CA PHE O 158 -12.57 -71.19 -94.89
C PHE O 158 -12.90 -72.51 -94.24
N VAL O 159 -12.99 -73.55 -95.05
CA VAL O 159 -13.35 -74.85 -94.50
C VAL O 159 -12.31 -75.32 -93.51
N LYS O 160 -11.03 -75.17 -93.84
CA LYS O 160 -9.98 -75.65 -92.96
C LYS O 160 -9.87 -74.73 -91.77
N GLU O 161 -10.26 -73.49 -91.93
CA GLU O 161 -10.27 -72.56 -90.80
C GLU O 161 -11.40 -72.92 -89.86
N PHE O 162 -12.58 -73.17 -90.41
CA PHE O 162 -13.73 -73.54 -89.59
C PHE O 162 -13.47 -74.84 -88.89
N LYS O 163 -12.72 -75.73 -89.53
CA LYS O 163 -12.43 -77.03 -88.96
C LYS O 163 -11.69 -76.91 -87.64
N ALA O 164 -10.90 -75.85 -87.48
CA ALA O 164 -10.14 -75.63 -86.24
C ALA O 164 -11.02 -75.45 -85.01
N ALA O 165 -12.27 -75.07 -85.20
CA ALA O 165 -13.13 -74.78 -84.07
C ALA O 165 -13.28 -75.96 -83.13
N ALA O 166 -13.33 -77.18 -83.64
CA ALA O 166 -13.39 -78.34 -82.75
C ALA O 166 -12.47 -78.18 -81.54
N ALA O 167 -11.26 -77.68 -81.76
CA ALA O 167 -10.29 -77.51 -80.70
C ALA O 167 -10.63 -76.36 -79.78
N THR O 168 -11.16 -75.27 -80.33
CA THR O 168 -11.38 -74.10 -79.49
C THR O 168 -12.44 -74.17 -78.42
N GLN O 169 -13.48 -74.98 -78.56
CA GLN O 169 -14.52 -74.93 -77.53
C GLN O 169 -14.14 -75.36 -76.11
N PHE O 170 -13.43 -76.47 -75.97
CA PHE O 170 -13.06 -76.95 -74.64
C PHE O 170 -14.27 -76.99 -73.72
N GLY O 171 -15.37 -77.54 -74.19
CA GLY O 171 -16.54 -77.64 -73.34
C GLY O 171 -17.79 -77.29 -74.09
N SER O 172 -18.84 -77.03 -73.34
CA SER O 172 -20.11 -76.69 -73.96
C SER O 172 -20.07 -75.36 -74.72
N GLY O 173 -20.70 -75.32 -75.90
CA GLY O 173 -20.73 -74.08 -76.66
C GLY O 173 -21.26 -74.13 -78.08
N TRP O 174 -21.14 -73.02 -78.81
CA TRP O 174 -21.60 -72.95 -80.19
C TRP O 174 -20.57 -72.18 -81.01
N ALA O 175 -20.18 -72.70 -82.17
CA ALA O 175 -19.26 -71.97 -83.07
C ALA O 175 -20.08 -71.14 -84.05
N TRP O 176 -19.55 -70.01 -84.51
CA TRP O 176 -20.38 -69.15 -85.36
C TRP O 176 -19.79 -68.58 -86.64
N LEU O 177 -20.64 -68.29 -87.62
CA LEU O 177 -20.19 -67.61 -88.85
C LEU O 177 -21.05 -66.37 -88.77
N ALA O 178 -20.49 -65.18 -89.01
CA ALA O 178 -21.29 -63.98 -88.79
C ALA O 178 -20.96 -62.77 -89.63
N TYR O 179 -21.82 -61.76 -89.55
CA TYR O 179 -21.59 -60.54 -90.32
C TYR O 179 -21.23 -59.35 -89.47
N LYS O 180 -20.49 -58.41 -90.02
CA LYS O 180 -20.05 -57.26 -89.32
C LYS O 180 -20.92 -56.05 -89.36
N ALA O 181 -22.22 -56.22 -89.15
CA ALA O 181 -23.01 -55.02 -89.05
C ALA O 181 -22.93 -54.70 -87.59
N ASN O 182 -21.96 -53.88 -87.19
CA ASN O 182 -21.77 -53.62 -85.77
C ASN O 182 -21.91 -52.19 -85.32
N ARG O 183 -22.71 -51.99 -84.29
CA ARG O 183 -22.94 -50.64 -83.83
C ARG O 183 -21.93 -50.24 -82.76
N LEU O 184 -21.14 -49.20 -83.02
CA LEU O 184 -20.25 -48.71 -81.98
C LEU O 184 -21.13 -47.95 -81.02
N ASN O 185 -21.03 -48.24 -79.73
CA ASN O 185 -21.94 -47.61 -78.77
C ASN O 185 -21.47 -46.44 -77.95
N VAL O 186 -20.24 -45.98 -78.14
CA VAL O 186 -19.73 -44.91 -77.29
C VAL O 186 -18.62 -44.03 -77.82
N GLY O 187 -18.43 -42.86 -77.22
CA GLY O 187 -17.31 -41.99 -77.58
C GLY O 187 -17.18 -41.56 -79.01
N ASN O 188 -15.99 -41.71 -79.57
CA ASN O 188 -15.82 -41.41 -80.96
C ASN O 188 -16.28 -42.63 -81.70
N THR O 189 -17.57 -42.87 -81.70
CA THR O 189 -18.14 -44.00 -82.41
C THR O 189 -18.05 -43.94 -83.93
N SER O 190 -18.26 -42.76 -84.51
CA SER O 190 -18.28 -42.64 -85.99
C SER O 190 -16.92 -42.85 -86.67
N ASN O 191 -16.93 -43.39 -87.89
CA ASN O 191 -15.68 -43.68 -88.57
C ASN O 191 -15.32 -42.64 -89.59
N PRO O 192 -14.19 -41.95 -89.37
CA PRO O 192 -13.76 -40.98 -90.35
C PRO O 192 -13.23 -41.74 -91.54
N HIS O 193 -13.24 -41.15 -92.73
CA HIS O 193 -12.83 -41.86 -93.92
C HIS O 193 -13.63 -43.12 -94.05
N PRO O 194 -14.95 -43.01 -93.82
CA PRO O 194 -15.73 -44.26 -93.84
C PRO O 194 -15.63 -44.91 -95.20
N THR O 195 -15.45 -46.22 -95.23
CA THR O 195 -15.22 -46.88 -96.50
C THR O 195 -15.70 -48.31 -96.58
N ASP O 196 -15.69 -48.88 -97.78
CA ASP O 196 -16.14 -50.25 -97.97
C ASP O 196 -15.14 -51.26 -97.46
N GLU O 197 -15.55 -52.53 -97.36
CA GLU O 197 -14.71 -53.62 -96.84
C GLU O 197 -14.75 -53.52 -95.35
N ASP O 198 -15.55 -52.60 -94.86
CA ASP O 198 -15.74 -52.47 -93.44
C ASP O 198 -16.39 -53.76 -93.12
N LYS O 199 -17.21 -54.22 -94.05
CA LYS O 199 -17.87 -55.48 -93.85
C LYS O 199 -16.88 -56.61 -93.70
N LYS O 200 -17.17 -57.56 -92.83
CA LYS O 200 -16.32 -58.71 -92.72
C LYS O 200 -17.08 -59.94 -92.37
N LEU O 201 -16.63 -61.07 -92.89
CA LEU O 201 -17.27 -62.34 -92.56
C LEU O 201 -16.46 -62.86 -91.41
N VAL O 202 -17.07 -63.01 -90.25
CA VAL O 202 -16.29 -63.39 -89.09
C VAL O 202 -16.66 -64.72 -88.49
N VAL O 203 -15.67 -65.42 -87.93
CA VAL O 203 -15.95 -66.68 -87.26
C VAL O 203 -15.60 -66.51 -85.79
N VAL O 204 -16.55 -66.79 -84.90
CA VAL O 204 -16.30 -66.64 -83.47
C VAL O 204 -16.61 -67.90 -82.65
N LYS O 205 -16.11 -67.94 -81.42
CA LYS O 205 -16.38 -69.07 -80.54
C LYS O 205 -17.16 -68.56 -79.35
N THR O 206 -18.25 -69.22 -79.01
CA THR O 206 -19.06 -68.76 -77.91
C THR O 206 -19.23 -69.85 -76.87
N PRO O 207 -18.95 -69.52 -75.61
CA PRO O 207 -19.08 -70.50 -74.55
C PRO O 207 -20.49 -70.65 -74.04
N ASN O 208 -20.98 -71.87 -73.90
CA ASN O 208 -22.30 -72.08 -73.32
C ASN O 208 -23.33 -71.25 -74.05
N ALA O 209 -24.11 -70.46 -73.32
CA ALA O 209 -25.18 -69.67 -73.93
C ALA O 209 -24.79 -68.30 -74.50
N VAL O 210 -24.08 -68.26 -75.63
CA VAL O 210 -23.77 -66.97 -76.25
C VAL O 210 -24.13 -66.87 -77.74
N ASN O 211 -24.86 -65.83 -78.14
CA ASN O 211 -25.18 -65.61 -79.57
C ASN O 211 -24.60 -64.25 -80.01
N PRO O 212 -23.92 -64.17 -81.19
CA PRO O 212 -23.32 -62.87 -81.51
C PRO O 212 -24.25 -61.67 -81.41
N LEU O 213 -25.56 -61.84 -81.42
CA LEU O 213 -26.49 -60.75 -81.19
C LEU O 213 -26.17 -59.93 -79.95
N VAL O 214 -25.70 -60.58 -78.90
CA VAL O 214 -25.34 -59.92 -77.67
C VAL O 214 -24.33 -58.86 -78.02
N TRP O 215 -23.39 -59.18 -78.90
CA TRP O 215 -22.48 -58.15 -79.34
C TRP O 215 -22.83 -57.64 -80.72
N ASP O 216 -24.03 -57.95 -81.18
CA ASP O 216 -24.51 -57.46 -82.47
C ASP O 216 -23.71 -57.75 -83.72
N TYR O 217 -23.21 -58.96 -83.86
CA TYR O 217 -22.57 -59.32 -85.13
C TYR O 217 -23.66 -60.21 -85.70
N SER O 218 -24.07 -60.00 -86.95
CA SER O 218 -25.20 -60.78 -87.51
C SER O 218 -24.91 -62.25 -87.79
N PRO O 219 -25.51 -63.16 -87.00
CA PRO O 219 -25.21 -64.60 -87.14
C PRO O 219 -25.68 -65.23 -88.44
N LEU O 220 -24.87 -66.11 -88.99
CA LEU O 220 -25.26 -66.81 -90.21
C LEU O 220 -25.42 -68.28 -89.91
N LEU O 221 -24.37 -68.95 -89.49
CA LEU O 221 -24.43 -70.39 -89.26
C LEU O 221 -23.94 -70.81 -87.88
N THR O 222 -24.44 -71.94 -87.38
CA THR O 222 -24.06 -72.41 -86.04
C THR O 222 -23.90 -73.91 -85.92
N ILE O 223 -23.08 -74.38 -84.99
CA ILE O 223 -22.93 -75.81 -84.73
C ILE O 223 -23.06 -76.01 -83.23
N ASP O 224 -23.58 -77.15 -82.81
CA ASP O 224 -23.66 -77.42 -81.39
C ASP O 224 -22.45 -78.25 -81.02
N VAL O 225 -21.57 -77.73 -80.17
CA VAL O 225 -20.38 -78.47 -79.74
C VAL O 225 -20.69 -79.10 -78.41
N TRP O 226 -21.78 -78.69 -77.81
CA TRP O 226 -22.25 -79.27 -76.56
C TRP O 226 -22.25 -80.73 -76.88
N GLU O 227 -21.73 -81.52 -75.96
CA GLU O 227 -21.60 -82.95 -76.22
C GLU O 227 -22.91 -83.64 -76.54
N HIS O 228 -24.02 -83.20 -75.97
CA HIS O 228 -25.26 -83.93 -76.19
C HIS O 228 -25.53 -84.14 -77.66
N ALA O 229 -25.16 -83.17 -78.48
CA ALA O 229 -25.47 -83.27 -79.89
C ALA O 229 -24.70 -84.34 -80.64
N TYR O 230 -23.40 -84.49 -80.40
CA TYR O 230 -22.64 -85.44 -81.21
C TYR O 230 -22.14 -86.66 -80.48
N TYR O 231 -22.35 -86.72 -79.18
CA TYR O 231 -21.77 -87.82 -78.41
C TYR O 231 -22.27 -89.19 -78.82
N LEU O 232 -23.56 -89.29 -79.10
CA LEU O 232 -24.13 -90.59 -79.41
C LEU O 232 -23.51 -91.24 -80.64
N ASP O 233 -23.54 -90.56 -81.77
CA ASP O 233 -23.04 -91.16 -83.00
C ASP O 233 -21.57 -91.50 -82.92
N PHE O 234 -20.78 -90.57 -82.42
CA PHE O 234 -19.35 -90.82 -82.26
C PHE O 234 -19.01 -90.46 -80.84
N ARG O 235 -18.35 -91.34 -80.10
CA ARG O 235 -18.12 -91.03 -78.70
C ARG O 235 -16.89 -90.18 -78.60
N ASN O 236 -17.10 -88.87 -78.50
CA ASN O 236 -15.98 -87.93 -78.36
C ASN O 236 -15.11 -87.78 -79.58
N ARG O 237 -15.55 -88.26 -80.73
CA ARG O 237 -14.77 -88.03 -81.93
C ARG O 237 -15.22 -86.76 -82.62
N ARG O 238 -15.02 -85.61 -81.98
CA ARG O 238 -15.48 -84.36 -82.55
C ARG O 238 -14.84 -84.03 -83.89
N PRO O 239 -13.52 -84.26 -84.02
CA PRO O 239 -12.97 -84.02 -85.36
C PRO O 239 -13.73 -84.76 -86.45
N ASP O 240 -14.03 -86.03 -86.25
CA ASP O 240 -14.70 -86.80 -87.28
C ASP O 240 -16.10 -86.28 -87.55
N TYR O 241 -16.85 -85.95 -86.51
CA TYR O 241 -18.19 -85.41 -86.68
C TYR O 241 -18.19 -84.06 -87.40
N ILE O 242 -17.22 -83.22 -87.11
CA ILE O 242 -17.19 -81.88 -87.71
C ILE O 242 -17.15 -81.83 -89.23
N SER O 243 -16.15 -82.43 -89.86
CA SER O 243 -16.02 -82.36 -91.31
C SER O 243 -17.26 -82.87 -91.98
N ILE O 244 -17.85 -83.90 -91.42
CA ILE O 244 -19.08 -84.43 -91.96
C ILE O 244 -20.17 -83.39 -91.96
N PHE O 245 -20.32 -82.66 -90.88
CA PHE O 245 -21.32 -81.64 -90.86
C PHE O 245 -20.97 -80.63 -91.89
N MET O 246 -19.70 -80.31 -91.98
CA MET O 246 -19.29 -79.29 -92.91
C MET O 246 -19.63 -79.71 -94.33
N GLU O 247 -19.49 -80.99 -94.67
CA GLU O 247 -19.75 -81.40 -96.04
C GLU O 247 -21.08 -82.10 -96.29
N LYS O 248 -21.37 -83.17 -95.56
CA LYS O 248 -22.60 -83.87 -95.87
C LYS O 248 -23.89 -83.10 -95.63
N LEU O 249 -23.99 -82.31 -94.55
CA LEU O 249 -25.28 -81.68 -94.26
C LEU O 249 -25.41 -80.27 -93.81
N VAL O 250 -25.03 -79.30 -94.60
CA VAL O 250 -25.28 -77.92 -94.18
C VAL O 250 -25.93 -77.11 -95.29
N SER O 251 -27.09 -76.50 -95.07
CA SER O 251 -27.78 -75.83 -96.18
C SER O 251 -27.03 -74.62 -96.46
N TRP O 252 -26.23 -74.71 -97.47
CA TRP O 252 -25.40 -73.63 -97.79
C TRP O 252 -26.27 -72.56 -98.27
N GLU O 253 -27.39 -72.94 -98.86
CA GLU O 253 -28.30 -71.97 -99.43
C GLU O 253 -29.06 -71.23 -98.35
N ALA O 254 -29.32 -71.90 -97.24
CA ALA O 254 -29.98 -71.21 -96.14
C ALA O 254 -29.05 -70.14 -95.65
N VAL O 255 -27.76 -70.45 -95.61
CA VAL O 255 -26.79 -69.42 -95.23
C VAL O 255 -26.76 -68.28 -96.23
N SER O 256 -26.89 -68.56 -97.52
CA SER O 256 -26.94 -67.49 -98.51
C SER O 256 -28.17 -66.61 -98.28
N SER O 257 -29.29 -67.23 -97.94
CA SER O 257 -30.50 -66.47 -97.67
C SER O 257 -30.28 -65.58 -96.47
N ARG O 258 -29.62 -66.13 -95.46
CA ARG O 258 -29.33 -65.35 -94.27
C ARG O 258 -28.41 -64.19 -94.59
N LEU O 259 -27.45 -64.40 -95.47
CA LEU O 259 -26.52 -63.35 -95.85
C LEU O 259 -27.28 -62.25 -96.50
N GLU O 260 -28.23 -62.64 -97.35
CA GLU O 260 -29.03 -61.65 -98.02
C GLU O 260 -29.82 -60.84 -96.99
N VAL O 261 -30.38 -61.55 -96.00
CA VAL O 261 -31.16 -60.85 -95.00
C VAL O 261 -30.29 -59.87 -94.25
N ALA O 262 -29.07 -60.28 -93.94
CA ALA O 262 -28.13 -59.41 -93.22
C ALA O 262 -27.74 -58.19 -94.01
N LYS O 263 -27.51 -58.38 -95.31
CA LYS O 263 -27.14 -57.25 -96.15
C LYS O 263 -28.29 -56.29 -96.11
N ALA O 264 -29.50 -56.84 -96.16
CA ALA O 264 -30.67 -56.00 -96.16
C ALA O 264 -30.77 -55.22 -94.87
N LYS O 265 -30.50 -55.87 -93.76
CA LYS O 265 -30.57 -55.19 -92.47
C LYS O 265 -29.53 -54.10 -92.37
N ALA O 266 -28.35 -54.35 -92.91
CA ALA O 266 -27.30 -53.34 -92.89
C ALA O 266 -27.74 -52.15 -93.70
N ALA O 267 -28.38 -52.43 -94.83
CA ALA O 267 -28.86 -51.34 -95.67
C ALA O 267 -29.90 -50.55 -94.93
N GLU O 268 -30.78 -51.23 -94.21
CA GLU O 268 -31.83 -50.55 -93.48
C GLU O 268 -31.20 -49.67 -92.45
N ARG O 269 -30.17 -50.17 -91.78
CA ARG O 269 -29.50 -49.39 -90.77
C ARG O 269 -28.84 -48.13 -91.33
N GLU O 270 -28.18 -48.28 -92.48
CA GLU O 270 -27.57 -47.10 -93.08
C GLU O 270 -28.64 -46.10 -93.51
N GLU O 271 -29.78 -46.59 -93.97
CA GLU O 271 -30.90 -45.73 -94.34
C GLU O 271 -31.42 -44.96 -93.14
N GLU O 272 -31.51 -45.63 -92.00
CA GLU O 272 -31.95 -44.98 -90.78
C GLU O 272 -30.93 -43.94 -90.40
N GLU O 273 -29.65 -44.23 -90.61
CA GLU O 273 -28.61 -43.26 -90.33
C GLU O 273 -28.76 -42.05 -91.20
N GLU O 274 -29.09 -42.25 -92.46
CA GLU O 274 -29.29 -41.14 -93.39
C GLU O 274 -30.48 -40.34 -92.91
N ARG O 275 -31.51 -41.01 -92.41
CA ARG O 275 -32.70 -40.32 -91.91
C ARG O 275 -32.32 -39.47 -90.72
N LYS O 276 -31.47 -39.99 -89.86
CA LYS O 276 -31.00 -39.24 -88.71
C LYS O 276 -30.22 -38.02 -89.18
N LYS O 277 -29.40 -38.19 -90.20
CA LYS O 277 -28.63 -37.06 -90.73
C LYS O 277 -29.56 -36.01 -91.27
N ARG O 278 -30.62 -36.42 -91.95
CA ARG O 278 -31.58 -35.48 -92.49
C ARG O 278 -32.26 -34.74 -91.37
N GLU O 279 -32.59 -35.44 -90.30
CA GLU O 279 -33.22 -34.80 -89.16
C GLU O 279 -32.28 -33.76 -88.58
N LYS O 280 -31.00 -34.10 -88.48
CA LYS O 280 -30.01 -33.17 -87.93
C LYS O 280 -29.90 -31.94 -88.82
N GLU O 281 -29.91 -32.14 -90.13
CA GLU O 281 -29.84 -31.02 -91.07
C GLU O 281 -31.05 -30.12 -90.93
N GLU O 282 -32.23 -30.71 -90.73
CA GLU O 282 -33.45 -29.93 -90.65
C GLU O 282 -33.68 -29.27 -89.29
N GLY P 63 27.06 -2.33 -53.45
CA GLY P 63 27.24 -1.97 -52.07
C GLY P 63 27.12 -0.48 -51.97
N LYS P 64 26.11 0.06 -52.62
CA LYS P 64 25.96 1.48 -52.64
C LYS P 64 25.68 2.12 -51.33
N TYR P 65 24.78 1.57 -50.55
CA TYR P 65 24.41 2.23 -49.34
C TYR P 65 25.06 1.61 -48.15
N VAL P 66 25.29 0.32 -48.20
CA VAL P 66 25.96 -0.32 -47.12
C VAL P 66 27.27 -0.82 -47.64
N ARG P 67 28.34 -0.49 -46.97
CA ARG P 67 29.65 -0.88 -47.37
C ARG P 67 29.98 -2.23 -46.81
N GLU P 68 30.60 -3.07 -47.62
CA GLU P 68 31.00 -4.37 -47.19
C GLU P 68 32.02 -4.41 -46.11
N ASP P 69 31.83 -5.28 -45.16
CA ASP P 69 32.73 -5.44 -44.06
C ASP P 69 34.04 -6.02 -44.37
N TYR P 70 34.11 -6.98 -45.27
CA TYR P 70 35.33 -7.69 -45.51
C TYR P 70 35.93 -7.30 -46.79
N LEU P 71 37.19 -6.92 -46.78
CA LEU P 71 37.86 -6.42 -47.94
C LEU P 71 38.90 -7.28 -48.61
N VAL P 72 39.07 -8.53 -48.20
CA VAL P 72 40.02 -9.44 -48.80
C VAL P 72 39.18 -10.50 -49.47
N LYS P 73 39.47 -10.86 -50.71
CA LYS P 73 38.63 -11.77 -51.48
C LYS P 73 39.17 -13.13 -51.84
N LYS P 74 38.35 -14.16 -51.85
CA LYS P 74 38.76 -15.51 -52.17
C LYS P 74 38.93 -15.72 -53.62
N VAL P 75 40.05 -16.28 -54.02
CA VAL P 75 40.34 -16.53 -55.40
C VAL P 75 40.55 -17.99 -55.61
N SER P 76 40.83 -18.41 -56.83
CA SER P 76 40.94 -19.81 -57.16
C SER P 76 42.22 -20.04 -57.85
N ALA P 77 42.57 -21.28 -58.07
CA ALA P 77 43.83 -21.58 -58.68
C ALA P 77 43.99 -21.02 -60.05
N LYS P 78 42.97 -21.12 -60.87
CA LYS P 78 43.02 -20.55 -62.19
C LYS P 78 43.17 -19.05 -62.18
N ASP P 79 42.47 -18.35 -61.33
CA ASP P 79 42.60 -16.93 -61.22
C ASP P 79 43.93 -16.49 -60.76
N ILE P 80 44.53 -17.21 -59.83
CA ILE P 80 45.86 -16.88 -59.37
C ILE P 80 46.85 -16.99 -60.48
N GLN P 81 46.71 -18.00 -61.29
CA GLN P 81 47.59 -18.19 -62.40
C GLN P 81 47.52 -17.11 -63.42
N GLU P 82 46.36 -16.60 -63.75
CA GLU P 82 46.28 -15.49 -64.66
C GLU P 82 46.95 -14.29 -64.16
N LEU P 83 46.76 -13.98 -62.89
CA LEU P 83 47.35 -12.79 -62.33
C LEU P 83 48.86 -12.89 -62.40
N ILE P 84 49.39 -14.06 -62.08
CA ILE P 84 50.82 -14.26 -62.14
C ILE P 84 51.38 -14.16 -63.54
N LYS P 85 50.70 -14.74 -64.51
CA LYS P 85 51.26 -14.74 -65.86
C LYS P 85 51.08 -13.40 -66.51
N GLY P 86 49.99 -12.71 -66.22
CA GLY P 86 49.78 -11.39 -66.73
C GLY P 86 50.61 -10.34 -66.05
N GLU P 87 50.36 -9.08 -66.34
CA GLU P 87 51.17 -8.01 -65.79
C GLU P 87 50.53 -7.37 -64.58
N ARG P 88 51.35 -6.79 -63.73
CA ARG P 88 50.85 -6.16 -62.53
C ARG P 88 51.70 -4.97 -62.21
N ASN P 89 51.16 -4.02 -61.46
CA ASN P 89 51.90 -2.80 -61.16
C ASN P 89 51.99 -2.52 -59.67
N VAL P 90 51.36 -3.36 -58.86
CA VAL P 90 51.36 -3.16 -57.43
C VAL P 90 51.65 -4.51 -56.82
N PRO P 91 52.18 -4.56 -55.62
CA PRO P 91 52.53 -5.83 -55.00
C PRO P 91 51.39 -6.82 -54.69
N LEU P 92 51.57 -8.12 -54.86
CA LEU P 92 50.57 -9.16 -54.56
C LEU P 92 50.86 -10.00 -53.34
N ILE P 93 49.96 -10.09 -52.39
CA ILE P 93 50.12 -10.94 -51.24
C ILE P 93 49.05 -12.01 -51.28
N ILE P 94 49.39 -13.29 -51.23
CA ILE P 94 48.44 -14.40 -51.23
C ILE P 94 48.48 -15.14 -49.92
N ASP P 95 47.35 -15.39 -49.30
CA ASP P 95 47.28 -16.11 -48.04
C ASP P 95 46.62 -17.45 -48.16
N PHE P 96 47.19 -18.49 -47.58
CA PHE P 96 46.60 -19.81 -47.62
C PHE P 96 46.01 -20.06 -46.27
N TYR P 97 44.76 -20.48 -46.20
CA TYR P 97 44.08 -20.63 -44.94
C TYR P 97 43.12 -21.77 -44.88
N ALA P 98 42.69 -22.14 -43.69
CA ALA P 98 41.64 -23.13 -43.56
C ALA P 98 40.75 -22.67 -42.44
N THR P 99 39.48 -22.96 -42.52
CA THR P 99 38.57 -22.58 -41.46
C THR P 99 38.94 -23.30 -40.19
N TRP P 100 39.39 -24.53 -40.29
CA TRP P 100 39.79 -25.29 -39.12
C TRP P 100 40.97 -24.81 -38.28
N CYS P 101 42.02 -24.23 -38.85
CA CYS P 101 43.17 -23.86 -38.05
C CYS P 101 42.89 -22.74 -37.10
N GLY P 102 43.23 -22.91 -35.85
CA GLY P 102 43.10 -21.86 -34.86
C GLY P 102 43.96 -20.64 -35.01
N PRO P 103 45.23 -20.83 -35.37
CA PRO P 103 46.10 -19.67 -35.59
C PRO P 103 45.61 -18.77 -36.69
N CYS P 104 44.96 -19.31 -37.69
CA CYS P 104 44.47 -18.52 -38.79
C CYS P 104 43.47 -17.46 -38.41
N ILE P 105 42.60 -17.73 -37.45
CA ILE P 105 41.67 -16.72 -36.99
C ILE P 105 42.39 -15.43 -36.65
N LEU P 106 43.62 -15.51 -36.17
CA LEU P 106 44.38 -14.32 -35.88
C LEU P 106 45.01 -13.64 -37.08
N MET P 107 45.44 -14.39 -38.09
CA MET P 107 45.96 -13.81 -39.31
C MET P 107 44.93 -13.02 -40.07
N ALA P 108 43.71 -13.44 -40.09
CA ALA P 108 42.70 -12.76 -40.82
C ALA P 108 42.48 -11.37 -40.37
N GLN P 109 42.50 -11.14 -39.08
CA GLN P 109 42.39 -9.82 -38.57
C GLN P 109 43.52 -8.95 -38.99
N GLU P 110 44.74 -9.44 -38.97
CA GLU P 110 45.87 -8.68 -39.47
C GLU P 110 45.90 -8.34 -40.93
N LEU P 111 45.55 -9.24 -41.80
CA LEU P 111 45.49 -9.00 -43.22
C LEU P 111 44.44 -7.99 -43.58
N GLU P 112 43.32 -7.98 -42.90
CA GLU P 112 42.34 -6.95 -43.14
C GLU P 112 42.85 -5.56 -42.79
N MET P 113 43.64 -5.38 -41.76
CA MET P 113 44.28 -4.07 -41.50
C MET P 113 45.28 -3.59 -42.52
N LEU P 114 46.11 -4.46 -43.06
CA LEU P 114 47.06 -4.10 -44.05
C LEU P 114 46.32 -3.57 -45.24
N ALA P 115 45.18 -4.12 -45.54
CA ALA P 115 44.38 -3.65 -46.62
C ALA P 115 43.87 -2.26 -46.49
N VAL P 116 43.43 -1.86 -45.33
CA VAL P 116 42.97 -0.52 -45.11
C VAL P 116 44.09 0.46 -45.30
N GLU P 117 45.26 0.15 -44.86
CA GLU P 117 46.40 0.98 -45.07
C GLU P 117 46.93 1.18 -46.47
N TYR P 118 46.94 0.17 -47.29
CA TYR P 118 47.55 0.24 -48.60
C TYR P 118 46.43 -0.03 -49.48
N GLU P 119 45.61 0.95 -49.75
CA GLU P 119 44.40 0.74 -50.49
C GLU P 119 44.39 0.31 -51.93
N SER P 120 45.13 0.95 -52.80
CA SER P 120 45.22 0.50 -54.17
C SER P 120 46.63 0.39 -54.49
N ASN P 121 47.45 0.38 -53.47
CA ASN P 121 48.84 0.20 -53.66
C ASN P 121 49.28 -1.22 -53.40
N ALA P 122 48.36 -2.16 -53.22
CA ALA P 122 48.66 -3.58 -53.09
C ALA P 122 47.43 -4.42 -53.35
N LEU P 123 47.54 -5.68 -53.75
CA LEU P 123 46.37 -6.53 -53.83
C LEU P 123 46.59 -7.66 -52.87
N ILE P 124 45.70 -7.83 -51.91
CA ILE P 124 45.79 -8.90 -50.97
C ILE P 124 44.69 -9.87 -51.32
N VAL P 125 44.99 -11.12 -51.59
CA VAL P 125 44.03 -12.14 -51.97
C VAL P 125 44.14 -13.40 -51.13
N LYS P 126 43.08 -14.20 -50.98
CA LYS P 126 43.08 -15.43 -50.19
C LYS P 126 42.68 -16.76 -50.85
N VAL P 127 43.32 -17.88 -50.54
CA VAL P 127 43.03 -19.23 -51.09
C VAL P 127 42.79 -20.26 -50.00
N ASP P 128 41.78 -21.09 -50.12
CA ASP P 128 41.46 -22.07 -49.09
C ASP P 128 42.00 -23.41 -49.45
N THR P 129 42.72 -24.02 -48.52
CA THR P 129 43.33 -25.29 -48.82
C THR P 129 42.37 -26.43 -49.07
N ASP P 130 41.28 -26.51 -48.34
CA ASP P 130 40.30 -27.55 -48.59
C ASP P 130 39.82 -27.55 -50.02
N ASP P 131 39.49 -26.39 -50.56
CA ASP P 131 39.07 -26.24 -51.94
C ASP P 131 40.13 -26.44 -53.00
N GLU P 132 41.37 -26.07 -52.71
CA GLU P 132 42.47 -26.23 -53.67
C GLU P 132 43.72 -26.86 -53.07
N TYR P 133 43.62 -28.11 -52.63
CA TYR P 133 44.75 -28.79 -52.00
C TYR P 133 45.94 -29.03 -52.87
N GLU P 134 45.73 -29.39 -54.12
CA GLU P 134 46.85 -29.75 -54.97
C GLU P 134 47.70 -28.56 -55.31
N PHE P 135 47.10 -27.41 -55.56
CA PHE P 135 47.85 -26.22 -55.82
C PHE P 135 48.78 -25.92 -54.69
N ALA P 136 48.33 -26.11 -53.47
CA ALA P 136 49.14 -25.78 -52.34
C ALA P 136 50.36 -26.62 -52.29
N ARG P 137 50.23 -27.90 -52.58
CA ARG P 137 51.36 -28.79 -52.56
C ARG P 137 52.36 -28.37 -53.60
N ASP P 138 51.89 -27.95 -54.77
CA ASP P 138 52.79 -27.54 -55.85
C ASP P 138 53.52 -26.26 -55.53
N MET P 139 52.92 -25.40 -54.74
CA MET P 139 53.53 -24.14 -54.38
C MET P 139 54.36 -24.32 -53.14
N GLN P 140 54.55 -25.55 -52.72
CA GLN P 140 55.36 -25.88 -51.55
C GLN P 140 54.96 -25.22 -50.26
N VAL P 141 53.81 -25.60 -49.74
CA VAL P 141 53.33 -25.04 -48.50
C VAL P 141 53.47 -26.16 -47.51
N ARG P 142 54.14 -25.93 -46.40
CA ARG P 142 54.35 -26.99 -45.45
C ARG P 142 53.46 -26.95 -44.22
N GLY P 143 52.80 -25.82 -43.98
CA GLY P 143 51.96 -25.69 -42.81
C GLY P 143 50.97 -24.58 -43.04
N LEU P 144 49.92 -24.50 -42.23
CA LEU P 144 48.86 -23.55 -42.52
C LEU P 144 48.93 -22.06 -42.52
N PRO P 145 49.59 -21.46 -41.53
CA PRO P 145 49.58 -19.99 -41.68
C PRO P 145 50.72 -19.55 -42.63
N THR P 146 50.48 -19.53 -43.94
CA THR P 146 51.54 -19.22 -44.92
C THR P 146 51.20 -18.13 -45.92
N LEU P 147 52.11 -17.20 -46.13
CA LEU P 147 51.88 -16.09 -47.04
C LEU P 147 52.92 -16.00 -48.13
N TYR P 148 52.52 -15.69 -49.36
CA TYR P 148 53.47 -15.52 -50.46
C TYR P 148 53.41 -14.10 -50.89
N PHE P 149 54.56 -13.45 -50.92
CA PHE P 149 54.64 -12.07 -51.35
C PHE P 149 55.27 -12.06 -52.73
N ILE P 150 54.57 -11.57 -53.75
CA ILE P 150 55.06 -11.60 -55.14
C ILE P 150 55.23 -10.21 -55.72
N SER P 151 56.32 -9.93 -56.43
CA SER P 151 56.61 -8.58 -56.90
C SER P 151 56.09 -8.06 -58.27
N PRO P 152 55.94 -6.71 -58.44
CA PRO P 152 55.41 -6.35 -59.76
C PRO P 152 56.42 -6.50 -60.83
N ASP P 153 57.69 -6.62 -60.48
CA ASP P 153 58.75 -6.84 -61.45
C ASP P 153 58.90 -8.31 -61.61
N PRO P 154 59.07 -8.78 -62.84
CA PRO P 154 59.10 -10.23 -62.98
C PRO P 154 60.47 -10.86 -62.97
N ASN P 155 61.50 -10.10 -62.65
CA ASN P 155 62.80 -10.69 -62.57
C ASN P 155 63.07 -11.11 -61.16
N LYS P 156 62.48 -10.44 -60.20
CA LYS P 156 62.68 -10.72 -58.78
C LYS P 156 62.01 -11.93 -58.16
N ASP P 157 62.66 -12.53 -57.20
CA ASP P 157 62.15 -13.69 -56.53
C ASP P 157 61.04 -13.43 -55.56
N ALA P 158 60.15 -14.40 -55.38
CA ALA P 158 59.08 -14.29 -54.43
C ALA P 158 59.51 -14.74 -53.05
N ILE P 159 58.88 -14.24 -51.99
CA ILE P 159 59.21 -14.61 -50.64
C ILE P 159 58.10 -15.38 -49.94
N ARG P 160 58.38 -16.51 -49.33
CA ARG P 160 57.39 -17.27 -48.57
C ARG P 160 57.64 -17.16 -47.12
N THR P 161 56.64 -16.74 -46.36
CA THR P 161 56.75 -16.65 -44.93
C THR P 161 55.86 -17.63 -44.21
N GLU P 162 56.43 -18.40 -43.31
CA GLU P 162 55.67 -19.37 -42.56
C GLU P 162 55.48 -19.05 -41.09
N GLY P 163 54.25 -19.07 -40.63
CA GLY P 163 53.93 -18.74 -39.26
C GLY P 163 53.22 -17.45 -39.07
N LEU P 164 52.81 -17.16 -37.85
CA LEU P 164 52.23 -15.89 -37.60
C LEU P 164 53.42 -15.00 -37.46
N ILE P 165 53.41 -13.88 -38.15
CA ILE P 165 54.52 -13.00 -38.14
C ILE P 165 53.86 -11.70 -37.84
N PRO P 166 54.58 -10.75 -37.28
CA PRO P 166 54.00 -9.46 -36.92
C PRO P 166 53.63 -8.54 -38.07
N ILE P 167 52.77 -7.55 -37.86
CA ILE P 167 52.44 -6.59 -38.89
C ILE P 167 53.57 -5.73 -39.42
N GLN P 168 54.51 -5.33 -38.60
CA GLN P 168 55.63 -4.59 -39.09
C GLN P 168 56.49 -5.36 -40.03
N MET P 169 56.69 -6.62 -39.81
CA MET P 169 57.45 -7.39 -40.75
C MET P 169 56.79 -7.41 -42.09
N MET P 170 55.49 -7.49 -42.12
CA MET P 170 54.79 -7.50 -43.35
C MET P 170 54.99 -6.22 -44.08
N ARG P 171 54.95 -5.10 -43.39
CA ARG P 171 55.15 -3.82 -43.99
C ARG P 171 56.53 -3.64 -44.52
N ASP P 172 57.53 -4.10 -43.80
CA ASP P 172 58.88 -4.05 -44.27
C ASP P 172 59.15 -4.84 -45.52
N ILE P 173 58.62 -6.02 -45.64
CA ILE P 173 58.77 -6.77 -46.85
C ILE P 173 58.12 -6.04 -48.00
N ILE P 174 56.93 -5.51 -47.85
CA ILE P 174 56.28 -4.87 -48.97
C ILE P 174 57.01 -3.65 -49.36
N ASN P 175 57.35 -2.81 -48.41
CA ASN P 175 58.04 -1.59 -48.67
C ASN P 175 59.48 -1.69 -49.16
N ASN P 176 60.28 -2.56 -48.58
CA ASN P 176 61.67 -2.68 -48.96
C ASN P 176 62.01 -3.78 -49.96
N ASP P 177 61.82 -5.04 -49.60
CA ASP P 177 62.14 -6.16 -50.47
C ASP P 177 61.39 -6.46 -51.74
N LEU P 178 60.08 -6.40 -51.73
CA LEU P 178 59.34 -6.80 -52.90
C LEU P 178 59.51 -5.75 -53.98
N ASP Q 69 60.61 60.66 5.67
CA ASP Q 69 61.77 61.20 6.36
C ASP Q 69 61.60 61.09 7.88
N TYR Q 70 62.68 61.31 8.61
CA TYR Q 70 62.62 61.21 10.06
C TYR Q 70 63.01 62.51 10.71
N LEU Q 71 62.23 62.94 11.69
CA LEU Q 71 62.58 64.14 12.40
C LEU Q 71 63.90 63.94 13.14
N VAL Q 72 64.08 62.78 13.76
CA VAL Q 72 65.32 62.49 14.45
C VAL Q 72 66.48 62.31 13.50
N LYS Q 73 67.61 62.91 13.79
CA LYS Q 73 68.73 62.85 12.87
C LYS Q 73 69.99 62.37 13.51
N LYS Q 74 70.67 61.44 12.87
CA LYS Q 74 71.88 60.90 13.42
C LYS Q 74 72.98 61.92 13.38
N VAL Q 75 73.76 62.01 14.44
CA VAL Q 75 74.79 63.00 14.52
C VAL Q 75 76.14 62.44 14.95
N SER Q 76 77.23 63.00 14.46
CA SER Q 76 78.57 62.56 14.84
C SER Q 76 78.98 63.07 16.19
N ALA Q 77 80.00 62.48 16.77
CA ALA Q 77 80.41 62.86 18.11
C ALA Q 77 80.89 64.27 18.16
N LYS Q 78 81.66 64.65 17.16
CA LYS Q 78 82.23 65.97 17.15
C LYS Q 78 81.15 67.00 17.09
N ASP Q 79 80.14 66.77 16.27
CA ASP Q 79 79.15 67.80 16.13
C ASP Q 79 78.44 68.08 17.42
N ILE Q 80 78.30 67.06 18.23
CA ILE Q 80 77.62 67.23 19.49
C ILE Q 80 78.43 68.19 20.32
N GLN Q 81 79.75 68.11 20.21
CA GLN Q 81 80.59 68.96 21.03
C GLN Q 81 80.29 70.39 20.70
N GLU Q 82 80.12 70.66 19.44
CA GLU Q 82 79.90 72.01 19.06
C GLU Q 82 78.65 72.49 19.74
N LEU Q 83 77.64 71.66 19.79
CA LEU Q 83 76.38 72.07 20.36
C LEU Q 83 76.50 72.39 21.80
N ILE Q 84 77.32 71.65 22.52
CA ILE Q 84 77.34 71.94 23.93
C ILE Q 84 77.89 73.35 24.17
N LYS Q 85 78.92 73.75 23.42
CA LYS Q 85 79.50 75.08 23.56
C LYS Q 85 78.56 76.19 23.15
N GLY Q 86 77.86 76.01 22.06
CA GLY Q 86 76.97 77.04 21.54
C GLY Q 86 75.69 77.24 22.29
N GLU Q 87 75.06 78.37 22.09
CA GLU Q 87 73.86 78.66 22.86
C GLU Q 87 72.67 77.85 22.44
N ARG Q 88 71.78 77.58 23.38
CA ARG Q 88 70.59 76.82 23.05
C ARG Q 88 69.36 77.41 23.71
N ASN Q 89 68.21 77.31 23.04
CA ASN Q 89 67.00 77.88 23.57
C ASN Q 89 65.87 76.86 23.75
N VAL Q 90 66.06 75.64 23.26
CA VAL Q 90 65.06 74.58 23.44
C VAL Q 90 65.80 73.34 23.88
N PRO Q 91 65.17 72.46 24.64
CA PRO Q 91 65.92 71.31 25.16
C PRO Q 91 66.40 70.27 24.15
N LEU Q 92 67.66 69.88 24.34
CA LEU Q 92 68.25 68.90 23.47
C LEU Q 92 68.02 67.57 24.15
N ILE Q 93 67.70 66.53 23.39
CA ILE Q 93 67.60 65.22 24.00
C ILE Q 93 68.56 64.40 23.20
N ILE Q 94 69.47 63.70 23.85
CA ILE Q 94 70.42 62.86 23.17
C ILE Q 94 70.16 61.39 23.44
N ASP Q 95 70.08 60.59 22.40
CA ASP Q 95 69.86 59.16 22.55
C ASP Q 95 71.07 58.39 22.07
N PHE Q 96 71.62 57.55 22.92
CA PHE Q 96 72.73 56.72 22.51
C PHE Q 96 72.08 55.41 22.15
N TYR Q 97 72.36 54.88 20.96
CA TYR Q 97 71.67 53.68 20.54
C TYR Q 97 72.60 52.75 19.82
N ALA Q 98 72.17 51.50 19.64
CA ALA Q 98 72.97 50.55 18.89
C ALA Q 98 72.06 49.79 17.98
N THR Q 99 72.57 49.35 16.84
CA THR Q 99 71.74 48.65 15.89
C THR Q 99 71.24 47.34 16.44
N TRP Q 100 72.10 46.63 17.16
CA TRP Q 100 71.73 45.33 17.70
C TRP Q 100 70.61 45.30 18.73
N CYS Q 101 70.56 46.26 19.63
CA CYS Q 101 69.59 46.18 20.74
C CYS Q 101 68.12 46.27 20.42
N GLY Q 102 67.35 45.34 20.96
CA GLY Q 102 65.92 45.37 20.78
C GLY Q 102 65.13 46.46 21.46
N PRO Q 103 65.48 46.78 22.69
CA PRO Q 103 64.78 47.88 23.32
C PRO Q 103 64.93 49.19 22.57
N CYS Q 104 66.11 49.46 22.05
CA CYS Q 104 66.33 50.74 21.39
C CYS Q 104 65.46 50.95 20.17
N ILE Q 105 65.14 49.89 19.43
CA ILE Q 105 64.23 50.02 18.30
C ILE Q 105 62.87 50.47 18.78
N LEU Q 106 62.43 49.98 19.92
CA LEU Q 106 61.17 50.43 20.48
C LEU Q 106 61.30 51.86 20.97
N MET Q 107 62.43 52.20 21.58
CA MET Q 107 62.65 53.54 22.11
C MET Q 107 62.62 54.56 21.01
N ALA Q 108 63.18 54.23 19.86
CA ALA Q 108 63.25 55.19 18.79
C ALA Q 108 61.86 55.60 18.41
N GLN Q 109 60.96 54.65 18.40
CA GLN Q 109 59.60 54.96 18.01
C GLN Q 109 58.98 55.94 18.97
N GLU Q 110 59.22 55.81 20.26
CA GLU Q 110 58.52 56.72 21.18
C GLU Q 110 59.11 58.12 21.17
N LEU Q 111 60.42 58.25 21.06
CA LEU Q 111 61.01 59.55 20.93
C LEU Q 111 60.42 60.26 19.74
N GLU Q 112 60.17 59.55 18.66
CA GLU Q 112 59.68 60.18 17.47
C GLU Q 112 58.35 60.82 17.70
N MET Q 113 57.51 60.23 18.50
CA MET Q 113 56.29 60.87 18.79
C MET Q 113 56.52 62.19 19.49
N LEU Q 114 57.45 62.21 20.43
CA LEU Q 114 57.67 63.40 21.22
C LEU Q 114 58.10 64.50 20.32
N ALA Q 115 58.81 64.16 19.26
CA ALA Q 115 59.31 65.17 18.36
C ALA Q 115 58.13 65.88 17.77
N VAL Q 116 57.11 65.14 17.37
CA VAL Q 116 55.92 65.78 16.86
C VAL Q 116 55.23 66.60 17.94
N GLU Q 117 55.13 66.07 19.15
CA GLU Q 117 54.40 66.81 20.17
C GLU Q 117 55.08 68.12 20.49
N TYR Q 118 56.38 68.09 20.69
CA TYR Q 118 57.12 69.33 20.93
C TYR Q 118 57.15 70.22 19.71
N GLU Q 119 57.31 69.65 18.52
CA GLU Q 119 57.22 70.46 17.30
C GLU Q 119 58.08 71.68 17.19
N SER Q 120 59.41 71.53 17.24
CA SER Q 120 60.36 72.65 17.14
C SER Q 120 60.59 73.35 18.46
N ASN Q 121 60.05 72.78 19.52
CA ASN Q 121 60.32 73.33 20.83
C ASN Q 121 61.41 72.48 21.44
N ALA Q 122 62.06 71.64 20.62
CA ALA Q 122 63.20 70.85 21.09
C ALA Q 122 64.05 70.30 19.97
N LEU Q 123 65.28 69.91 20.28
CA LEU Q 123 66.12 69.27 19.29
C LEU Q 123 66.38 67.86 19.82
N ILE Q 124 66.16 66.82 19.02
CA ILE Q 124 66.42 65.46 19.44
C ILE Q 124 67.43 64.86 18.51
N VAL Q 125 68.52 64.30 19.01
CA VAL Q 125 69.57 63.77 18.15
C VAL Q 125 70.05 62.43 18.61
N LYS Q 126 70.71 61.68 17.75
CA LYS Q 126 71.23 60.40 18.16
C LYS Q 126 72.64 60.04 17.80
N VAL Q 127 73.33 59.36 18.69
CA VAL Q 127 74.68 58.90 18.42
C VAL Q 127 74.77 57.40 18.51
N ASP Q 128 75.39 56.74 17.56
CA ASP Q 128 75.57 55.28 17.65
C ASP Q 128 76.77 54.91 18.46
N THR Q 129 76.55 54.18 19.53
CA THR Q 129 77.65 53.87 20.43
C THR Q 129 78.79 53.08 19.84
N ASP Q 130 78.50 52.09 19.02
CA ASP Q 130 79.55 51.25 18.48
C ASP Q 130 80.61 52.00 17.69
N ASP Q 131 80.21 53.07 16.99
CA ASP Q 131 81.14 53.91 16.24
C ASP Q 131 81.96 54.83 17.14
N GLU Q 132 81.35 55.33 18.20
CA GLU Q 132 82.02 56.28 19.06
C GLU Q 132 82.11 55.77 20.46
N TYR Q 133 82.97 54.79 20.68
CA TYR Q 133 83.12 54.20 21.99
C TYR Q 133 83.65 55.12 23.03
N GLU Q 134 84.67 55.89 22.69
CA GLU Q 134 85.24 56.84 23.61
C GLU Q 134 84.33 57.97 23.99
N PHE Q 135 83.56 58.51 23.07
CA PHE Q 135 82.73 59.62 23.45
C PHE Q 135 81.80 59.13 24.48
N ALA Q 136 81.30 57.94 24.27
CA ALA Q 136 80.35 57.41 25.20
C ALA Q 136 80.95 57.16 26.55
N ARG Q 137 82.18 56.66 26.63
CA ARG Q 137 82.68 56.34 27.94
C ARG Q 137 82.79 57.60 28.74
N ASP Q 138 83.18 58.68 28.11
CA ASP Q 138 83.24 59.96 28.78
C ASP Q 138 81.92 60.52 29.27
N MET Q 139 80.83 60.33 28.56
CA MET Q 139 79.61 60.90 29.02
C MET Q 139 78.94 59.89 29.91
N GLN Q 140 79.68 58.90 30.35
CA GLN Q 140 79.18 57.88 31.28
C GLN Q 140 78.00 56.99 30.92
N VAL Q 141 77.97 56.44 29.71
CA VAL Q 141 76.94 55.48 29.36
C VAL Q 141 77.18 54.26 30.18
N ARG Q 142 76.13 53.69 30.77
CA ARG Q 142 76.30 52.46 31.50
C ARG Q 142 75.67 51.29 30.78
N GLY Q 143 74.53 51.51 30.16
CA GLY Q 143 73.84 50.45 29.45
C GLY Q 143 73.29 51.02 28.17
N LEU Q 144 72.92 50.16 27.24
CA LEU Q 144 72.52 50.67 25.93
C LEU Q 144 71.30 51.56 25.74
N PRO Q 145 70.18 51.29 26.41
CA PRO Q 145 69.08 52.26 26.18
C PRO Q 145 69.18 53.49 27.09
N THR Q 146 70.08 54.44 26.80
CA THR Q 146 70.29 55.62 27.66
C THR Q 146 69.96 56.98 27.05
N LEU Q 147 69.23 57.82 27.78
CA LEU Q 147 68.87 59.15 27.31
C LEU Q 147 69.40 60.25 28.22
N TYR Q 148 70.02 61.28 27.66
CA TYR Q 148 70.54 62.42 28.45
C TYR Q 148 69.73 63.62 28.13
N PHE Q 149 69.12 64.23 29.11
CA PHE Q 149 68.27 65.35 28.86
C PHE Q 149 69.02 66.59 29.32
N ILE Q 150 69.30 67.56 28.45
CA ILE Q 150 70.10 68.75 28.80
C ILE Q 150 69.38 70.05 28.63
N SER Q 151 69.83 71.11 29.27
CA SER Q 151 69.10 72.38 29.29
C SER Q 151 69.81 73.63 28.84
N PRO Q 152 69.01 74.67 28.38
CA PRO Q 152 69.66 75.93 28.01
C PRO Q 152 70.46 76.66 29.08
N ASP Q 153 69.86 76.89 30.26
CA ASP Q 153 70.57 77.53 31.36
C ASP Q 153 71.70 76.68 31.79
N PRO Q 154 72.93 77.16 31.58
CA PRO Q 154 74.06 76.30 31.86
C PRO Q 154 74.48 76.29 33.29
N ASN Q 155 73.53 76.27 34.20
CA ASN Q 155 73.86 76.15 35.59
C ASN Q 155 72.95 75.05 36.06
N LYS Q 156 71.76 74.95 35.47
CA LYS Q 156 70.84 73.87 35.81
C LYS Q 156 71.48 72.60 35.27
N ASP Q 157 71.25 71.48 35.93
CA ASP Q 157 71.94 70.28 35.52
C ASP Q 157 71.33 69.42 34.47
N ALA Q 158 71.97 68.29 34.22
CA ALA Q 158 71.46 67.34 33.23
C ALA Q 158 70.73 66.17 33.83
N ILE Q 159 69.90 65.48 33.08
CA ILE Q 159 69.26 64.27 33.58
C ILE Q 159 69.65 63.07 32.74
N ARG Q 160 70.06 61.95 33.32
CA ARG Q 160 70.31 60.72 32.55
C ARG Q 160 69.25 59.77 32.95
N THR Q 161 68.57 59.17 31.99
CA THR Q 161 67.56 58.17 32.28
C THR Q 161 68.03 56.87 31.69
N GLU Q 162 67.95 55.80 32.45
CA GLU Q 162 68.37 54.50 32.00
C GLU Q 162 67.19 53.52 31.88
N GLY Q 163 67.04 52.84 30.75
CA GLY Q 163 65.94 51.92 30.54
C GLY Q 163 64.79 52.52 29.79
N LEU Q 164 63.89 51.71 29.27
CA LEU Q 164 62.72 52.22 28.61
C LEU Q 164 61.89 52.89 29.66
N ILE Q 165 61.43 54.09 29.39
CA ILE Q 165 60.69 54.85 30.34
C ILE Q 165 59.44 55.28 29.68
N PRO Q 166 58.35 55.43 30.45
CA PRO Q 166 57.14 55.77 29.72
C PRO Q 166 57.16 57.15 29.14
N ILE Q 167 56.29 57.44 28.19
CA ILE Q 167 56.24 58.76 27.56
C ILE Q 167 55.86 59.87 28.52
N GLN Q 168 54.92 59.66 29.41
CA GLN Q 168 54.52 60.76 30.28
C GLN Q 168 55.67 61.19 31.11
N MET Q 169 56.50 60.29 31.53
CA MET Q 169 57.67 60.66 32.25
C MET Q 169 58.56 61.53 31.39
N MET Q 170 58.73 61.19 30.12
CA MET Q 170 59.61 61.98 29.31
C MET Q 170 59.05 63.36 29.21
N ARG Q 171 57.75 63.45 29.07
CA ARG Q 171 57.12 64.72 28.92
C ARG Q 171 57.34 65.59 30.12
N ASP Q 172 57.21 65.04 31.30
CA ASP Q 172 57.34 65.87 32.47
C ASP Q 172 58.71 66.46 32.59
N ILE Q 173 59.72 65.68 32.31
CA ILE Q 173 61.06 66.17 32.49
C ILE Q 173 61.32 67.35 31.59
N ILE Q 174 60.88 67.30 30.34
CA ILE Q 174 61.22 68.39 29.46
C ILE Q 174 60.58 69.65 29.96
N ASN Q 175 59.35 69.57 30.40
CA ASN Q 175 58.69 70.71 30.97
C ASN Q 175 59.18 71.23 32.31
N ASN Q 176 59.50 70.35 33.26
CA ASN Q 176 59.87 70.78 34.61
C ASN Q 176 61.31 70.61 34.99
N ASP Q 177 62.21 70.54 34.02
CA ASP Q 177 63.65 70.48 34.28
C ASP Q 177 64.41 70.67 32.97
N GLU R 232 -82.72 59.59 -25.99
CA GLU R 232 -84.13 59.50 -25.66
C GLU R 232 -84.37 58.54 -24.49
N PRO R 233 -83.54 58.66 -23.44
CA PRO R 233 -83.72 57.79 -22.28
C PRO R 233 -84.99 58.08 -21.49
N LYS R 234 -85.41 59.34 -21.46
CA LYS R 234 -86.64 59.75 -20.76
C LYS R 234 -86.95 61.17 -21.20
N PHE R 235 -87.97 61.78 -20.57
CA PHE R 235 -88.37 63.14 -20.90
C PHE R 235 -89.01 63.77 -19.68
N ARG R 236 -89.16 65.10 -19.74
CA ARG R 236 -89.80 65.89 -18.69
C ARG R 236 -89.10 65.75 -17.35
N MET R 237 -87.76 65.65 -17.37
CA MET R 237 -86.97 65.54 -16.15
C MET R 237 -85.71 66.40 -16.18
N SER R 238 -85.57 67.29 -17.17
CA SER R 238 -84.41 68.15 -17.28
C SER R 238 -84.75 69.62 -17.03
N LEU R 239 -85.85 69.89 -16.33
CA LEU R 239 -86.27 71.25 -16.05
C LEU R 239 -86.83 71.33 -14.64
N ALA R 240 -86.61 72.47 -13.98
CA ALA R 240 -87.13 72.66 -12.63
C ALA R 240 -88.65 72.75 -12.63
N GLU R 241 -89.25 73.31 -13.68
CA GLU R 241 -90.70 73.39 -13.76
C GLU R 241 -91.33 72.01 -13.88
N LEU R 242 -90.63 71.06 -14.51
CA LEU R 242 -91.16 69.70 -14.61
C LEU R 242 -91.22 69.04 -13.24
N LEU R 243 -90.20 69.25 -12.41
CA LEU R 243 -90.23 68.72 -11.05
C LEU R 243 -91.23 69.46 -10.18
N ASP R 244 -91.42 70.76 -10.42
CA ASP R 244 -92.40 71.52 -9.65
C ASP R 244 -93.82 71.05 -9.97
N GLU R 245 -94.09 70.75 -11.25
CA GLU R 245 -95.41 70.26 -11.61
C GLU R 245 -95.66 68.86 -11.07
N SER R 246 -94.59 68.10 -10.80
CA SER R 246 -94.70 66.75 -10.26
C SER R 246 -94.92 66.74 -8.75
N ARG R 247 -95.25 67.89 -8.15
CA ARG R 247 -95.51 67.99 -6.72
C ARG R 247 -94.28 67.56 -5.90
N VAL R 248 -93.10 67.90 -6.38
CA VAL R 248 -91.85 67.60 -5.68
C VAL R 248 -91.55 68.80 -4.79
N VAL R 249 -92.13 68.78 -3.59
CA VAL R 249 -91.96 69.87 -2.63
C VAL R 249 -90.93 69.45 -1.58
N PRO R 250 -89.69 69.93 -1.68
CA PRO R 250 -88.68 69.56 -0.69
C PRO R 250 -88.52 70.54 0.46
N LEU R 251 -89.21 71.69 0.40
CA LEU R 251 -89.19 72.75 1.41
C LEU R 251 -87.84 73.44 1.53
N SER R 252 -86.84 73.04 0.75
CA SER R 252 -85.52 73.67 0.80
C SER R 252 -84.79 73.33 -0.49
N VAL R 253 -84.51 74.36 -1.30
CA VAL R 253 -83.82 74.17 -2.58
C VAL R 253 -82.89 75.35 -2.81
N TYR R 254 -81.88 75.13 -3.65
CA TYR R 254 -80.91 76.15 -4.01
C TYR R 254 -80.96 76.35 -5.51
N GLY R 255 -81.39 77.55 -5.93
CA GLY R 255 -81.51 77.86 -7.34
C GLY R 255 -82.62 77.10 -8.04
N ASP R 256 -82.28 76.27 -9.00
CA ASP R 256 -83.27 75.50 -9.75
C ASP R 256 -82.57 74.29 -10.38
N LEU R 257 -83.39 73.34 -10.83
CA LEU R 257 -82.88 72.12 -11.46
C LEU R 257 -82.54 72.37 -12.93
N GLU R 258 -81.54 73.22 -13.14
CA GLU R 258 -81.09 73.57 -14.48
C GLU R 258 -80.19 72.51 -15.11
N VAL R 259 -79.71 71.54 -14.32
CA VAL R 259 -78.84 70.51 -14.85
C VAL R 259 -79.62 69.62 -15.81
N GLY R 260 -78.98 69.23 -16.92
CA GLY R 260 -79.61 68.39 -17.90
C GLY R 260 -79.63 66.92 -17.50
N ILE R 261 -80.83 66.38 -17.27
CA ILE R 261 -81.00 65.00 -16.87
C ILE R 261 -82.16 64.41 -17.66
N SER R 262 -81.90 63.31 -18.37
CA SER R 262 -82.95 62.66 -19.15
C SER R 262 -84.06 62.15 -18.24
N GLY R 263 -83.70 61.31 -17.26
CA GLY R 263 -84.67 60.79 -16.31
C GLY R 263 -84.14 60.74 -14.90
N VAL R 264 -84.86 61.34 -13.96
CA VAL R 264 -84.43 61.34 -12.56
C VAL R 264 -84.63 59.95 -11.97
N GLN R 265 -83.63 59.49 -11.23
CA GLN R 265 -83.65 58.16 -10.63
C GLN R 265 -83.48 58.28 -9.13
N HIS R 266 -84.38 57.66 -8.37
CA HIS R 266 -84.28 57.69 -6.91
C HIS R 266 -83.05 56.93 -6.43
N ASP R 267 -82.76 55.79 -7.05
CA ASP R 267 -81.58 55.02 -6.68
C ASP R 267 -80.31 55.71 -7.17
N SER R 268 -79.27 55.69 -6.34
CA SER R 268 -78.01 56.33 -6.72
C SER R 268 -77.33 55.59 -7.87
N ARG R 269 -77.42 54.26 -7.87
CA ARG R 269 -76.81 53.48 -8.95
C ARG R 269 -77.53 53.71 -10.27
N LEU R 270 -78.85 53.86 -10.23
CA LEU R 270 -79.60 54.09 -11.45
C LEU R 270 -79.37 55.49 -12.00
N VAL R 271 -79.11 56.46 -11.13
CA VAL R 271 -78.86 57.83 -11.57
C VAL R 271 -77.45 57.94 -12.13
N GLU R 272 -77.24 58.97 -12.95
CA GLU R 272 -75.95 59.23 -13.57
C GLU R 272 -75.37 60.54 -13.04
N SER R 273 -74.15 60.84 -13.48
CA SER R 273 -73.49 62.06 -13.08
C SER R 273 -74.20 63.28 -13.66
N GLY R 274 -74.29 64.34 -12.85
CA GLY R 274 -74.97 65.54 -13.29
C GLY R 274 -76.47 65.40 -13.41
N ASP R 275 -77.06 64.40 -12.76
CA ASP R 275 -78.50 64.16 -12.81
C ASP R 275 -79.07 64.19 -11.40
N LEU R 276 -80.22 64.82 -11.25
CA LEU R 276 -80.86 64.91 -9.94
C LEU R 276 -81.35 63.53 -9.50
N PHE R 277 -81.05 63.19 -8.25
CA PHE R 277 -81.43 61.90 -7.66
C PHE R 277 -82.26 62.16 -6.41
N VAL R 278 -83.52 61.75 -6.45
CA VAL R 278 -84.43 61.93 -5.32
C VAL R 278 -84.16 60.87 -4.26
N CYS R 279 -84.69 61.08 -3.06
CA CYS R 279 -84.49 60.12 -1.98
C CYS R 279 -85.24 58.82 -2.26
N CYS R 280 -84.59 57.71 -1.95
CA CYS R 280 -85.16 56.39 -2.14
C CYS R 280 -85.62 55.83 -0.78
N VAL R 281 -86.89 55.45 -0.71
CA VAL R 281 -87.48 54.92 0.52
C VAL R 281 -87.35 53.40 0.49
N GLY R 282 -86.74 52.84 1.52
CA GLY R 282 -86.56 51.40 1.61
C GLY R 282 -86.08 51.00 2.97
N ARG R 283 -86.31 49.72 3.29
CA ARG R 283 -85.88 49.20 4.59
C ARG R 283 -84.36 49.06 4.66
N LYS R 284 -83.73 48.67 3.55
CA LYS R 284 -82.29 48.51 3.53
C LYS R 284 -81.58 49.86 3.45
N THR R 285 -81.95 50.69 2.48
CA THR R 285 -81.35 52.01 2.29
C THR R 285 -82.39 53.07 2.60
N ASP R 286 -82.07 53.94 3.55
CA ASP R 286 -82.97 55.00 3.97
C ASP R 286 -82.75 56.23 3.07
N GLY R 287 -83.36 57.36 3.44
CA GLY R 287 -83.21 58.56 2.65
C GLY R 287 -81.82 59.18 2.78
N HIS R 288 -81.27 59.19 3.99
CA HIS R 288 -79.95 59.77 4.20
C HIS R 288 -78.87 58.95 3.49
N LEU R 289 -78.95 57.63 3.58
CA LEU R 289 -77.97 56.78 2.90
C LEU R 289 -78.09 56.93 1.39
N TYR R 290 -79.31 57.03 0.88
CA TYR R 290 -79.51 57.22 -0.56
C TYR R 290 -78.93 58.57 -1.01
N LEU R 291 -79.16 59.62 -0.22
CA LEU R 291 -78.61 60.93 -0.58
C LEU R 291 -77.08 60.92 -0.54
N SER R 292 -76.51 60.23 0.45
CA SER R 292 -75.05 60.14 0.53
C SER R 292 -74.49 59.37 -0.65
N GLU R 293 -75.10 58.26 -1.02
CA GLU R 293 -74.65 57.50 -2.18
C GLU R 293 -74.80 58.29 -3.47
N ALA R 294 -75.86 59.09 -3.58
CA ALA R 294 -76.05 59.91 -4.78
C ALA R 294 -74.99 61.01 -4.86
N ASP R 295 -74.71 61.66 -3.73
CA ASP R 295 -73.66 62.69 -3.71
C ASP R 295 -72.29 62.09 -3.99
N LYS R 296 -72.06 60.85 -3.55
CA LYS R 296 -70.78 60.19 -3.84
C LYS R 296 -70.68 59.81 -5.32
N ARG R 297 -71.79 59.35 -5.90
CA ARG R 297 -71.80 58.96 -7.30
C ARG R 297 -71.78 60.15 -8.26
N GLY R 298 -72.00 61.36 -7.77
CA GLY R 298 -71.99 62.54 -8.60
C GLY R 298 -73.34 63.09 -9.00
N ALA R 299 -74.40 62.74 -8.29
CA ALA R 299 -75.72 63.27 -8.61
C ALA R 299 -75.79 64.75 -8.29
N VAL R 300 -76.49 65.50 -9.14
CA VAL R 300 -76.59 66.95 -8.97
C VAL R 300 -77.37 67.30 -7.71
N ALA R 301 -78.50 66.64 -7.51
CA ALA R 301 -79.36 66.90 -6.36
C ALA R 301 -79.52 65.63 -5.54
N VAL R 302 -79.49 65.78 -4.21
CA VAL R 302 -79.68 64.68 -3.28
C VAL R 302 -80.73 65.11 -2.26
N VAL R 303 -81.73 64.25 -2.04
CA VAL R 303 -82.84 64.53 -1.14
C VAL R 303 -82.65 63.72 0.14
N ALA R 304 -82.80 64.38 1.28
CA ALA R 304 -82.66 63.73 2.58
C ALA R 304 -83.43 64.53 3.61
N SER R 305 -83.62 63.92 4.78
CA SER R 305 -84.34 64.59 5.86
C SER R 305 -83.53 65.77 6.41
N LYS R 306 -82.21 65.59 6.55
CA LYS R 306 -81.33 66.64 7.03
C LYS R 306 -80.60 67.29 5.86
N GLU R 307 -79.76 68.29 6.19
CA GLU R 307 -78.99 68.98 5.17
C GLU R 307 -77.93 68.07 4.59
N ILE R 308 -77.93 67.90 3.27
CA ILE R 308 -76.98 67.05 2.57
C ILE R 308 -76.08 67.93 1.72
N ASP R 309 -74.77 67.69 1.79
CA ASP R 309 -73.80 68.46 1.02
C ASP R 309 -73.55 67.77 -0.32
N ILE R 310 -74.57 67.84 -1.18
CA ILE R 310 -74.49 67.20 -2.48
C ILE R 310 -73.59 68.00 -3.43
N GLU R 311 -73.57 69.32 -3.31
CA GLU R 311 -72.79 70.17 -4.20
C GLU R 311 -71.29 70.06 -3.98
N GLU R 312 -70.84 69.28 -2.98
CA GLU R 312 -69.41 69.14 -2.73
C GLU R 312 -68.75 68.22 -3.74
N THR R 313 -69.47 67.19 -4.20
CA THR R 313 -68.93 66.19 -5.12
C THR R 313 -69.91 65.94 -6.25
N LEU R 314 -70.46 67.01 -6.83
CA LEU R 314 -71.41 66.92 -7.92
C LEU R 314 -70.97 67.81 -9.07
N GLY R 315 -71.62 67.63 -10.22
CA GLY R 315 -71.36 68.47 -11.37
C GLY R 315 -72.14 69.77 -11.39
N CYS R 316 -73.24 69.84 -10.63
CA CYS R 316 -74.05 71.04 -10.53
C CYS R 316 -74.22 71.40 -9.06
N LYS R 317 -74.00 72.67 -8.73
CA LYS R 317 -74.10 73.11 -7.34
C LYS R 317 -75.54 73.13 -6.83
N ALA R 318 -76.52 73.20 -7.73
CA ALA R 318 -77.91 73.25 -7.31
C ALA R 318 -78.37 71.88 -6.79
N LEU R 319 -79.03 71.88 -5.63
CA LEU R 319 -79.53 70.65 -5.04
C LEU R 319 -80.78 70.97 -4.24
N VAL R 320 -81.51 69.92 -3.87
CA VAL R 320 -82.73 70.05 -3.09
C VAL R 320 -82.90 68.84 -2.19
N ILE R 321 -83.05 69.09 -0.89
CA ILE R 321 -83.20 68.03 0.10
C ILE R 321 -84.67 67.93 0.48
N VAL R 322 -85.27 66.77 0.20
CA VAL R 322 -86.67 66.51 0.51
C VAL R 322 -86.74 65.71 1.80
N GLU R 323 -87.49 66.21 2.77
CA GLU R 323 -87.62 65.53 4.06
C GLU R 323 -88.52 64.30 4.00
N ASP R 324 -89.26 64.10 2.91
CA ASP R 324 -90.16 62.96 2.76
C ASP R 324 -89.52 61.99 1.77
N THR R 325 -89.15 60.81 2.25
CA THR R 325 -88.51 59.82 1.38
C THR R 325 -89.51 59.23 0.40
N ASN R 326 -90.73 58.91 0.87
CA ASN R 326 -91.73 58.33 -0.02
C ASN R 326 -92.16 59.31 -1.09
N ALA R 327 -92.38 60.58 -0.71
CA ALA R 327 -92.77 61.58 -1.69
C ALA R 327 -91.66 61.81 -2.72
N VAL R 328 -90.40 61.80 -2.27
CA VAL R 328 -89.28 61.97 -3.18
C VAL R 328 -89.19 60.79 -4.14
N LEU R 329 -89.36 59.57 -3.63
CA LEU R 329 -89.32 58.40 -4.49
C LEU R 329 -90.47 58.39 -5.49
N ALA R 330 -91.62 58.93 -5.09
CA ALA R 330 -92.75 59.00 -6.03
C ALA R 330 -92.52 60.06 -7.08
N VAL R 331 -91.99 61.23 -6.69
CA VAL R 331 -91.73 62.30 -7.64
C VAL R 331 -90.48 62.09 -8.47
N LEU R 332 -89.68 61.07 -8.15
CA LEU R 332 -88.49 60.78 -8.94
C LEU R 332 -88.84 60.49 -10.39
N ALA R 333 -89.89 59.70 -10.61
CA ALA R 333 -90.36 59.46 -11.97
C ALA R 333 -91.04 60.71 -12.52
N ALA R 334 -90.70 61.06 -13.75
CA ALA R 334 -91.26 62.25 -14.37
C ALA R 334 -92.77 62.10 -14.58
N SER R 335 -93.45 63.26 -14.67
CA SER R 335 -94.89 63.24 -14.87
C SER R 335 -95.25 62.62 -16.21
N PHE R 336 -94.62 63.09 -17.29
CA PHE R 336 -94.90 62.51 -18.61
C PHE R 336 -94.38 61.08 -18.71
N TYR R 337 -93.34 60.74 -17.95
CA TYR R 337 -92.83 59.37 -17.97
C TYR R 337 -93.81 58.41 -17.31
N ARG R 338 -94.37 58.81 -16.16
CA ARG R 338 -95.33 57.96 -15.48
C ARG R 338 -96.69 57.96 -16.17
N HIS R 339 -97.01 59.03 -16.90
CA HIS R 339 -98.29 59.14 -17.58
C HIS R 339 -98.37 58.20 -18.77
N PRO R 340 -97.28 58.05 -19.54
CA PRO R 340 -97.34 57.19 -20.73
C PRO R 340 -97.52 55.72 -20.38
N SER R 341 -96.76 55.23 -19.41
CA SER R 341 -96.88 53.83 -19.01
C SER R 341 -98.22 53.55 -18.36
N LYS R 342 -98.76 54.51 -17.62
CA LYS R 342 -100.07 54.32 -17.00
C LYS R 342 -101.19 54.40 -18.01
N SER R 343 -101.00 55.16 -19.10
CA SER R 343 -102.06 55.34 -20.08
C SER R 343 -102.07 54.20 -21.11
N MET R 344 -100.89 53.73 -21.52
CA MET R 344 -100.80 52.70 -22.55
C MET R 344 -101.47 51.40 -22.09
N THR R 345 -100.91 50.76 -21.08
CA THR R 345 -101.41 49.51 -20.52
C THR R 345 -100.54 49.15 -19.32
N LEU R 346 -100.99 48.15 -18.57
CA LEU R 346 -100.26 47.67 -17.40
C LEU R 346 -100.85 46.33 -16.98
N ILE R 347 -99.97 45.38 -16.66
CA ILE R 347 -100.39 44.05 -16.22
C ILE R 347 -99.40 43.59 -15.16
N GLY R 348 -99.89 43.43 -13.93
CA GLY R 348 -99.07 42.97 -12.82
C GLY R 348 -99.47 41.56 -12.41
N ILE R 349 -98.47 40.71 -12.21
CA ILE R 349 -98.68 39.32 -11.82
C ILE R 349 -97.76 39.04 -10.64
N THR R 350 -98.34 38.94 -9.44
CA THR R 350 -97.60 38.67 -8.21
C THR R 350 -98.16 37.40 -7.60
N GLY R 351 -97.48 36.29 -7.81
CA GLY R 351 -97.93 35.00 -7.30
C GLY R 351 -96.82 34.29 -6.55
N THR R 352 -97.24 33.37 -5.67
CA THR R 352 -96.28 32.61 -4.89
C THR R 352 -95.52 31.61 -5.77
N ASN R 353 -96.25 30.80 -6.54
CA ASN R 353 -95.66 29.81 -7.42
C ASN R 353 -96.25 29.94 -8.81
N GLY R 354 -95.40 29.89 -9.83
CA GLY R 354 -95.85 29.95 -11.21
C GLY R 354 -96.31 31.33 -11.66
N LYS R 355 -95.65 32.38 -11.18
CA LYS R 355 -96.01 33.73 -11.61
C LYS R 355 -95.36 34.08 -12.94
N THR R 356 -94.07 33.73 -13.10
CA THR R 356 -93.38 34.01 -14.35
C THR R 356 -93.86 33.13 -15.50
N THR R 357 -94.46 31.97 -15.19
CA THR R 357 -95.02 31.13 -16.24
C THR R 357 -96.27 31.75 -16.85
N THR R 358 -97.04 32.49 -16.05
CA THR R 358 -98.23 33.17 -16.54
C THR R 358 -97.94 34.58 -17.05
N SER R 359 -96.90 35.23 -16.54
CA SER R 359 -96.58 36.57 -17.01
C SER R 359 -96.21 36.57 -18.48
N TYR R 360 -95.32 35.66 -18.89
CA TYR R 360 -94.93 35.58 -20.30
C TYR R 360 -96.09 35.13 -21.18
N LEU R 361 -96.98 34.28 -20.66
CA LEU R 361 -98.15 33.87 -21.42
C LEU R 361 -99.09 35.06 -21.66
N ILE R 362 -99.30 35.88 -20.63
CA ILE R 362 -100.14 37.06 -20.79
C ILE R 362 -99.48 38.06 -21.74
N LYS R 363 -98.15 38.19 -21.67
CA LYS R 363 -97.45 39.07 -22.60
C LYS R 363 -97.59 38.59 -24.03
N ALA R 364 -97.49 37.27 -24.25
CA ALA R 364 -97.66 36.74 -25.60
C ALA R 364 -99.10 36.91 -26.09
N MET R 365 -100.07 36.77 -25.19
CA MET R 365 -101.46 37.01 -25.58
C MET R 365 -101.69 38.46 -25.96
N TYR R 366 -101.12 39.40 -25.20
CA TYR R 366 -101.25 40.81 -25.54
C TYR R 366 -100.52 41.14 -26.84
N GLU R 367 -99.39 40.48 -27.11
CA GLU R 367 -98.69 40.71 -28.38
C GLU R 367 -99.50 40.16 -29.55
N ALA R 368 -100.14 39.01 -29.37
CA ALA R 368 -101.00 38.45 -30.41
C ALA R 368 -102.25 39.29 -30.62
N MET R 369 -102.70 39.99 -29.57
CA MET R 369 -103.87 40.86 -29.70
C MET R 369 -103.59 42.02 -30.66
N GLY R 370 -102.33 42.45 -30.76
CA GLY R 370 -101.98 43.52 -31.66
C GLY R 370 -101.33 44.70 -30.98
N LEU R 371 -101.05 44.57 -29.68
CA LEU R 371 -100.43 45.62 -28.89
C LEU R 371 -99.09 45.13 -28.37
N ARG R 372 -98.02 45.80 -28.77
CA ARG R 372 -96.68 45.43 -28.31
C ARG R 372 -96.51 45.81 -26.84
N THR R 373 -96.00 44.87 -26.05
CA THR R 373 -95.83 45.10 -24.62
C THR R 373 -94.74 44.17 -24.09
N GLY R 374 -94.22 44.50 -22.91
CA GLY R 374 -93.22 43.69 -22.27
C GLY R 374 -93.60 43.39 -20.84
N MET R 375 -93.12 42.23 -20.36
CA MET R 375 -93.41 41.76 -19.02
C MET R 375 -92.09 41.57 -18.27
N LEU R 376 -91.94 42.29 -17.16
CA LEU R 376 -90.73 42.19 -16.35
C LEU R 376 -90.77 40.93 -15.48
N SER R 377 -89.60 40.33 -15.28
CA SER R 377 -89.46 39.12 -14.48
C SER R 377 -88.36 39.33 -13.44
N THR R 378 -88.18 38.34 -12.58
CA THR R 378 -87.14 38.42 -11.56
C THR R 378 -85.75 38.29 -12.17
N VAL R 379 -85.62 37.47 -13.23
CA VAL R 379 -84.32 37.29 -13.87
C VAL R 379 -83.93 38.56 -14.62
N GLY R 380 -84.86 39.12 -15.40
CA GLY R 380 -84.57 40.32 -16.16
C GLY R 380 -85.69 41.35 -16.07
N TYR R 381 -85.31 42.62 -15.93
CA TYR R 381 -86.29 43.71 -15.83
C TYR R 381 -86.63 44.19 -17.23
N TYR R 382 -87.88 43.98 -17.64
CA TYR R 382 -88.37 44.37 -18.96
C TYR R 382 -89.65 45.18 -18.78
N ILE R 383 -89.51 46.50 -18.76
CA ILE R 383 -90.67 47.37 -18.63
C ILE R 383 -91.57 47.26 -19.85
N TYR R 384 -91.00 47.45 -21.04
CA TYR R 384 -91.74 47.34 -22.28
C TYR R 384 -90.82 46.85 -23.38
N GLY R 385 -91.39 46.16 -24.36
CA GLY R 385 -90.64 45.62 -25.47
C GLY R 385 -90.27 44.16 -25.27
N ASP R 386 -89.84 43.53 -26.36
CA ASP R 386 -89.46 42.12 -26.30
C ASP R 386 -88.15 41.94 -25.55
N ASN R 387 -87.17 42.80 -25.80
CA ASN R 387 -85.88 42.68 -25.15
C ASN R 387 -86.00 43.04 -23.66
N LYS R 388 -85.07 42.51 -22.87
CA LYS R 388 -85.03 42.73 -21.43
C LYS R 388 -83.64 43.20 -21.03
N LEU R 389 -83.59 44.30 -20.29
CA LEU R 389 -82.31 44.84 -19.84
C LEU R 389 -81.79 44.07 -18.63
N GLU R 390 -80.47 44.00 -18.53
CA GLU R 390 -79.84 43.29 -17.42
C GLU R 390 -79.98 44.08 -16.13
N SER R 391 -80.47 43.43 -15.08
CA SER R 391 -80.66 44.05 -13.78
C SER R 391 -80.13 43.11 -12.70
N PRO R 392 -79.34 43.61 -11.75
CA PRO R 392 -78.81 42.73 -10.70
C PRO R 392 -79.89 42.21 -9.77
N HIS R 393 -80.72 43.11 -9.26
CA HIS R 393 -81.79 42.72 -8.35
C HIS R 393 -82.97 42.16 -9.13
N THR R 394 -83.85 41.46 -8.41
CA THR R 394 -85.05 40.91 -9.03
C THR R 394 -86.00 42.01 -9.48
N THR R 395 -86.10 43.08 -8.71
CA THR R 395 -86.96 44.22 -9.04
C THR R 395 -86.10 45.46 -9.14
N PRO R 396 -86.00 46.10 -10.32
CA PRO R 396 -85.17 47.30 -10.44
C PRO R 396 -85.78 48.51 -9.77
N ASP R 397 -85.09 49.65 -9.84
CA ASP R 397 -85.61 50.88 -9.24
C ASP R 397 -86.89 51.31 -9.94
N ALA R 398 -87.82 51.86 -9.16
CA ALA R 398 -89.09 52.29 -9.73
C ALA R 398 -88.90 53.44 -10.70
N VAL R 399 -88.03 54.40 -10.36
CA VAL R 399 -87.80 55.53 -11.26
C VAL R 399 -87.11 55.09 -12.54
N LEU R 400 -86.12 54.20 -12.42
CA LEU R 400 -85.44 53.69 -13.61
C LEU R 400 -86.39 52.87 -14.48
N VAL R 401 -87.26 52.08 -13.84
CA VAL R 401 -88.23 51.29 -14.59
C VAL R 401 -89.21 52.20 -15.33
N GLN R 402 -89.65 53.27 -14.66
CA GLN R 402 -90.56 54.22 -15.30
C GLN R 402 -89.88 54.93 -16.46
N LYS R 403 -88.59 55.30 -16.29
CA LYS R 403 -87.86 55.94 -17.37
C LYS R 403 -87.70 55.02 -18.57
N LEU R 404 -87.38 53.74 -18.32
CA LEU R 404 -87.25 52.79 -19.41
C LEU R 404 -88.59 52.56 -20.10
N MET R 405 -89.68 52.49 -19.33
CA MET R 405 -91.00 52.32 -19.92
C MET R 405 -91.37 53.53 -20.77
N ALA R 406 -91.05 54.73 -20.32
CA ALA R 406 -91.33 55.93 -21.10
C ALA R 406 -90.49 55.95 -22.38
N LYS R 407 -89.22 55.57 -22.28
CA LYS R 407 -88.37 55.53 -23.48
C LYS R 407 -88.88 54.51 -24.48
N MET R 408 -89.40 53.37 -23.99
CA MET R 408 -89.92 52.37 -24.91
C MET R 408 -91.24 52.81 -25.53
N VAL R 409 -92.13 53.41 -24.73
CA VAL R 409 -93.41 53.86 -25.25
C VAL R 409 -93.25 55.05 -26.20
N HIS R 410 -92.16 55.81 -26.06
CA HIS R 410 -91.91 56.91 -26.99
C HIS R 410 -91.66 56.39 -28.40
N ASN R 411 -90.88 55.32 -28.53
CA ASN R 411 -90.61 54.73 -29.83
C ASN R 411 -90.15 53.29 -29.62
N GLY R 412 -90.87 52.35 -30.22
CA GLY R 412 -90.51 50.94 -30.15
C GLY R 412 -91.41 50.08 -29.28
N THR R 413 -92.43 50.65 -28.65
CA THR R 413 -93.33 49.88 -27.81
C THR R 413 -94.66 50.61 -27.71
N GLU R 414 -95.77 49.87 -27.82
CA GLU R 414 -97.10 50.44 -27.71
C GLU R 414 -97.66 50.39 -26.30
N ALA R 415 -97.17 49.48 -25.46
CA ALA R 415 -97.65 49.33 -24.10
C ALA R 415 -96.49 49.05 -23.17
N LEU R 416 -96.59 49.58 -21.95
CA LEU R 416 -95.54 49.43 -20.93
C LEU R 416 -96.17 48.82 -19.68
N VAL R 417 -96.16 47.50 -19.59
CA VAL R 417 -96.72 46.77 -18.46
C VAL R 417 -95.60 46.46 -17.48
N MET R 418 -95.79 46.87 -16.23
CA MET R 418 -94.81 46.64 -15.16
C MET R 418 -95.30 45.49 -14.29
N GLU R 419 -94.63 44.35 -14.38
CA GLU R 419 -94.99 43.15 -13.64
C GLU R 419 -93.89 42.82 -12.64
N ALA R 420 -94.28 42.65 -11.38
CA ALA R 420 -93.35 42.31 -10.32
C ALA R 420 -93.94 41.21 -9.45
N SER R 421 -93.07 40.49 -8.75
CA SER R 421 -93.48 39.39 -7.89
C SER R 421 -94.05 39.94 -6.59
N SER R 422 -94.29 39.05 -5.62
CA SER R 422 -94.82 39.49 -4.34
C SER R 422 -93.82 40.38 -3.59
N HIS R 423 -92.54 40.00 -3.60
CA HIS R 423 -91.53 40.80 -2.94
C HIS R 423 -91.35 42.14 -3.63
N GLY R 424 -91.35 42.15 -4.96
CA GLY R 424 -91.24 43.40 -5.68
C GLY R 424 -92.43 44.32 -5.46
N LEU R 425 -93.63 43.73 -5.35
CA LEU R 425 -94.81 44.53 -5.09
C LEU R 425 -94.81 45.07 -3.66
N ALA R 426 -94.32 44.29 -2.71
CA ALA R 426 -94.27 44.75 -1.33
C ALA R 426 -93.16 45.77 -1.10
N LEU R 427 -92.11 45.73 -1.92
CA LEU R 427 -91.02 46.69 -1.77
C LEU R 427 -91.44 48.07 -2.26
N GLY R 428 -92.21 48.13 -3.34
CA GLY R 428 -92.66 49.40 -3.87
C GLY R 428 -92.27 49.61 -5.32
N ARG R 429 -91.84 48.54 -5.99
CA ARG R 429 -91.46 48.65 -7.40
C ARG R 429 -92.69 48.80 -8.28
N CYS R 430 -93.59 47.81 -8.26
CA CYS R 430 -94.81 47.88 -9.03
C CYS R 430 -95.92 48.65 -8.34
N ASP R 431 -95.75 49.01 -7.06
CA ASP R 431 -96.79 49.73 -6.34
C ASP R 431 -96.92 51.16 -6.87
N LYS R 432 -95.82 51.78 -7.25
CA LYS R 432 -95.83 53.15 -7.75
C LYS R 432 -96.07 53.20 -9.25
N VAL R 433 -97.15 52.53 -9.70
CA VAL R 433 -97.51 52.50 -11.11
C VAL R 433 -98.98 52.13 -11.23
N ASP R 434 -99.71 52.85 -12.07
CA ASP R 434 -101.12 52.55 -12.30
C ASP R 434 -101.26 51.24 -13.06
N PHE R 435 -101.79 50.22 -12.40
CA PHE R 435 -101.94 48.90 -12.97
C PHE R 435 -103.35 48.72 -13.52
N ASP R 436 -103.46 48.43 -14.81
CA ASP R 436 -104.77 48.22 -15.41
C ASP R 436 -105.38 46.89 -14.98
N ILE R 437 -104.57 45.84 -14.90
CA ILE R 437 -105.02 44.52 -14.46
C ILE R 437 -104.02 43.99 -13.46
N ALA R 438 -104.50 43.69 -12.26
CA ALA R 438 -103.66 43.19 -11.17
C ALA R 438 -104.25 41.87 -10.67
N VAL R 439 -103.76 40.76 -11.23
CA VAL R 439 -104.23 39.42 -10.85
C VAL R 439 -103.07 38.65 -10.27
N PHE R 440 -103.39 37.71 -9.39
CA PHE R 440 -102.39 36.86 -8.73
C PHE R 440 -102.49 35.44 -9.26
N THR R 441 -101.36 34.88 -9.67
CA THR R 441 -101.36 33.50 -10.19
C THR R 441 -101.51 32.49 -9.06
N ASN R 442 -100.87 32.74 -7.93
CA ASN R 442 -100.96 31.85 -6.77
C ASN R 442 -100.79 32.67 -5.51
N LEU R 443 -101.85 32.77 -4.71
CA LEU R 443 -101.84 33.56 -3.49
C LEU R 443 -101.59 32.63 -2.30
N THR R 444 -100.52 32.91 -1.56
CA THR R 444 -100.15 32.12 -0.39
C THR R 444 -99.29 33.00 0.51
N ARG R 445 -98.70 32.38 1.54
CA ARG R 445 -97.85 33.11 2.48
C ARG R 445 -96.55 33.48 1.78
N ASP R 446 -96.43 34.75 1.40
CA ASP R 446 -95.25 35.26 0.71
C ASP R 446 -94.59 36.34 1.55
N HIS R 447 -93.26 36.29 1.61
CA HIS R 447 -92.46 37.26 2.38
C HIS R 447 -92.89 37.28 3.85
N LEU R 448 -93.14 36.09 4.40
CA LEU R 448 -93.55 36.01 5.81
C LEU R 448 -92.41 36.38 6.74
N ASP R 449 -91.18 35.98 6.39
CA ASP R 449 -90.03 36.31 7.22
C ASP R 449 -89.56 37.75 7.02
N PHE R 450 -89.77 38.32 5.83
CA PHE R 450 -89.35 39.68 5.55
C PHE R 450 -90.36 40.70 6.08
N HIS R 451 -91.62 40.59 5.63
CA HIS R 451 -92.64 41.54 6.07
C HIS R 451 -93.03 41.32 7.52
N GLY R 452 -92.89 40.09 8.02
CA GLY R 452 -93.22 39.78 9.40
C GLY R 452 -94.68 39.46 9.65
N THR R 453 -95.51 39.40 8.61
CA THR R 453 -96.92 39.09 8.77
C THR R 453 -97.43 38.44 7.50
N GLU R 454 -98.31 37.44 7.67
CA GLU R 454 -98.87 36.75 6.52
C GLU R 454 -99.83 37.66 5.76
N GLU R 455 -100.02 37.35 4.47
CA GLU R 455 -100.90 38.08 3.57
C GLU R 455 -100.50 39.55 3.44
N GLU R 456 -99.24 39.88 3.71
CA GLU R 456 -98.80 41.26 3.57
C GLU R 456 -98.62 41.65 2.12
N TYR R 457 -98.02 40.76 1.32
CA TYR R 457 -97.83 41.05 -0.10
C TYR R 457 -99.18 41.12 -0.82
N ARG R 458 -100.11 40.24 -0.46
CA ARG R 458 -101.44 40.28 -1.07
C ARG R 458 -102.17 41.58 -0.71
N ASP R 459 -102.05 42.02 0.54
CA ASP R 459 -102.67 43.28 0.93
C ASP R 459 -102.02 44.46 0.21
N ALA R 460 -100.70 44.44 0.04
CA ALA R 460 -100.03 45.51 -0.69
C ALA R 460 -100.47 45.53 -2.14
N LYS R 461 -100.59 44.36 -2.76
CA LYS R 461 -101.06 44.30 -4.16
C LYS R 461 -102.49 44.80 -4.27
N ALA R 462 -103.35 44.44 -3.32
CA ALA R 462 -104.73 44.91 -3.35
C ALA R 462 -104.80 46.42 -3.18
N LYS R 463 -103.96 46.98 -2.30
CA LYS R 463 -103.94 48.42 -2.11
C LYS R 463 -103.43 49.13 -3.36
N LEU R 464 -102.39 48.58 -4.00
CA LEU R 464 -101.88 49.18 -5.22
C LEU R 464 -102.90 49.11 -6.35
N PHE R 465 -103.70 48.04 -6.40
CA PHE R 465 -104.74 47.94 -7.40
C PHE R 465 -105.88 48.90 -7.11
N ALA R 466 -106.23 49.08 -5.83
CA ALA R 466 -107.30 50.00 -5.47
C ALA R 466 -106.89 51.46 -5.62
N ARG R 467 -105.59 51.76 -5.57
CA ARG R 467 -105.14 53.13 -5.78
C ARG R 467 -105.52 53.63 -7.17
N MET R 468 -105.19 52.85 -8.19
CA MET R 468 -105.56 53.15 -9.57
C MET R 468 -106.40 51.99 -10.10
N VAL R 469 -107.72 52.14 -10.03
CA VAL R 469 -108.66 51.11 -10.47
C VAL R 469 -109.71 51.74 -11.36
N ASP R 470 -110.13 50.99 -12.39
CA ASP R 470 -111.16 51.42 -13.31
C ASP R 470 -112.30 50.42 -13.34
N PRO R 471 -113.52 50.87 -13.65
CA PRO R 471 -114.66 49.94 -13.68
C PRO R 471 -114.56 48.97 -14.84
N ALA R 472 -114.75 47.69 -14.56
CA ALA R 472 -114.73 46.61 -15.55
C ALA R 472 -113.41 46.53 -16.31
N ARG R 473 -112.33 47.06 -15.73
CA ARG R 473 -111.02 47.01 -16.37
C ARG R 473 -110.01 46.17 -15.61
N HIS R 474 -110.13 46.07 -14.29
CA HIS R 474 -109.21 45.27 -13.50
C HIS R 474 -109.71 43.83 -13.39
N ARG R 475 -108.80 42.88 -13.54
CA ARG R 475 -109.12 41.46 -13.49
C ARG R 475 -108.63 40.86 -12.18
N LYS R 476 -109.47 40.04 -11.55
CA LYS R 476 -109.16 39.36 -10.30
C LYS R 476 -109.06 37.85 -10.52
N ILE R 477 -108.49 37.43 -11.64
CA ILE R 477 -108.39 36.01 -11.96
C ILE R 477 -107.37 35.37 -11.02
N VAL R 478 -107.83 34.44 -10.20
CA VAL R 478 -106.97 33.76 -9.24
C VAL R 478 -107.66 32.47 -8.82
N ASN R 479 -106.87 31.52 -8.31
CA ASN R 479 -107.43 30.25 -7.87
C ASN R 479 -108.34 30.46 -6.67
N ILE R 480 -109.56 29.91 -6.74
CA ILE R 480 -110.52 30.06 -5.66
C ILE R 480 -110.14 29.23 -4.44
N ASP R 481 -109.28 28.23 -4.60
CA ASP R 481 -108.89 27.40 -3.47
C ASP R 481 -108.02 28.17 -2.47
N ASP R 482 -107.31 29.19 -2.93
CA ASP R 482 -106.45 29.97 -2.04
C ASP R 482 -107.27 31.00 -1.29
N PRO R 483 -107.23 31.03 0.04
CA PRO R 483 -107.99 32.04 0.77
C PRO R 483 -107.41 33.44 0.63
N ASN R 484 -106.08 33.56 0.47
CA ASN R 484 -105.47 34.87 0.27
C ASN R 484 -105.96 35.53 -1.01
N ALA R 485 -106.24 34.73 -2.04
CA ALA R 485 -106.77 35.30 -3.28
C ALA R 485 -108.14 35.91 -3.06
N ALA R 486 -109.02 35.23 -2.33
CA ALA R 486 -110.33 35.78 -2.03
C ALA R 486 -110.22 37.00 -1.12
N PHE R 487 -109.28 36.97 -0.17
CA PHE R 487 -109.09 38.12 0.71
C PHE R 487 -108.61 39.34 -0.07
N PHE R 488 -107.74 39.13 -1.06
CA PHE R 488 -107.28 40.24 -1.89
C PHE R 488 -108.37 40.73 -2.82
N LEU R 489 -109.19 39.81 -3.35
CA LEU R 489 -110.28 40.21 -4.22
C LEU R 489 -111.38 40.95 -3.47
N ALA R 490 -111.54 40.66 -2.17
CA ALA R 490 -112.55 41.37 -1.38
C ALA R 490 -112.19 42.84 -1.20
N GLN R 491 -110.90 43.15 -1.10
CA GLN R 491 -110.48 44.53 -0.96
C GLN R 491 -110.44 45.22 -2.33
N GLY R 492 -110.49 46.54 -2.30
CA GLY R 492 -110.47 47.32 -3.51
C GLY R 492 -111.85 47.71 -3.99
N ASN R 493 -111.89 48.23 -5.20
CA ASN R 493 -113.15 48.67 -5.80
C ASN R 493 -113.97 47.44 -6.21
N PRO R 494 -115.24 47.35 -5.80
CA PRO R 494 -116.05 46.18 -6.19
C PRO R 494 -116.50 46.22 -7.63
N ASP R 495 -116.45 47.37 -8.30
CA ASP R 495 -116.88 47.47 -9.69
C ASP R 495 -115.91 46.78 -10.66
N VAL R 496 -114.71 46.42 -10.20
CA VAL R 496 -113.73 45.74 -11.05
C VAL R 496 -114.23 44.33 -11.36
N PRO R 497 -113.92 43.79 -12.54
CA PRO R 497 -114.39 42.45 -12.87
C PRO R 497 -113.64 41.39 -12.07
N ILE R 498 -114.38 40.43 -11.52
CA ILE R 498 -113.83 39.34 -10.74
C ILE R 498 -114.15 38.02 -11.42
N VAL R 499 -113.21 37.09 -11.37
CA VAL R 499 -113.37 35.78 -11.99
C VAL R 499 -112.42 34.81 -11.30
N THR R 500 -112.73 33.52 -11.38
CA THR R 500 -111.92 32.47 -10.78
C THR R 500 -111.42 31.53 -11.86
N PHE R 501 -110.19 31.05 -11.69
CA PHE R 501 -109.55 30.15 -12.65
C PHE R 501 -109.38 28.74 -12.09
N ALA R 502 -110.10 28.40 -11.03
CA ALA R 502 -110.00 27.08 -10.44
C ALA R 502 -110.63 26.03 -11.35
N MET R 503 -110.00 24.85 -11.40
CA MET R 503 -110.49 23.76 -12.24
C MET R 503 -111.53 22.91 -11.53
N GLU R 504 -111.31 22.58 -10.26
CA GLU R 504 -112.25 21.74 -9.52
C GLU R 504 -113.51 22.51 -9.13
N ASN R 505 -113.41 23.83 -8.94
CA ASN R 505 -114.56 24.62 -8.54
C ASN R 505 -115.55 24.74 -9.68
N LYS R 506 -116.83 24.56 -9.37
CA LYS R 506 -117.87 24.67 -10.38
C LYS R 506 -118.25 26.11 -10.67
N SER R 507 -118.07 27.01 -9.72
CA SER R 507 -118.39 28.41 -9.95
C SER R 507 -117.45 29.05 -10.96
N ALA R 508 -116.20 28.59 -11.02
CA ALA R 508 -115.25 29.13 -11.99
C ALA R 508 -115.59 28.70 -13.41
N ASP R 509 -116.32 27.59 -13.56
CA ASP R 509 -116.77 27.03 -14.83
C ASP R 509 -115.63 26.55 -15.72
N VAL R 510 -114.38 26.59 -15.23
CA VAL R 510 -113.23 26.12 -15.99
C VAL R 510 -112.90 24.70 -15.55
N HIS R 511 -112.53 23.86 -16.52
CA HIS R 511 -112.19 22.47 -16.25
C HIS R 511 -111.34 21.95 -17.38
N PRO R 512 -110.38 21.07 -17.10
CA PRO R 512 -109.56 20.50 -18.18
C PRO R 512 -110.39 19.68 -19.16
N LEU R 513 -111.14 18.70 -18.63
CA LEU R 513 -112.03 17.85 -19.43
C LEU R 513 -111.27 17.18 -20.58
N LYS R 514 -110.04 16.76 -20.30
CA LYS R 514 -109.21 16.11 -21.31
C LYS R 514 -108.11 15.33 -20.61
N PHE R 515 -107.64 14.28 -21.28
CA PHE R 515 -106.56 13.42 -20.78
C PHE R 515 -105.49 13.32 -21.87
N GLN R 516 -104.57 14.29 -21.86
CA GLN R 516 -103.48 14.31 -22.83
C GLN R 516 -102.18 14.76 -22.19
N LEU R 517 -101.98 14.46 -20.91
CA LEU R 517 -100.78 14.87 -20.21
C LEU R 517 -99.57 14.10 -20.73
N SER R 518 -98.48 14.82 -21.02
CA SER R 518 -97.26 14.21 -21.52
C SER R 518 -96.10 15.15 -21.24
N LEU R 519 -94.89 14.59 -21.31
CA LEU R 519 -93.69 15.39 -21.07
C LEU R 519 -93.44 16.40 -22.18
N PHE R 520 -93.90 16.10 -23.41
CA PHE R 520 -93.70 17.00 -24.54
C PHE R 520 -94.80 18.06 -24.61
N GLU R 521 -96.06 17.65 -24.54
CA GLU R 521 -97.18 18.59 -24.62
C GLU R 521 -98.37 18.02 -23.88
N THR R 522 -99.05 18.88 -23.13
CA THR R 522 -100.23 18.50 -22.36
C THR R 522 -101.37 19.44 -22.75
N GLN R 523 -102.11 19.05 -23.79
CA GLN R 523 -103.22 19.86 -24.30
C GLN R 523 -104.51 19.49 -23.57
N VAL R 524 -105.29 20.52 -23.22
CA VAL R 524 -106.56 20.34 -22.54
C VAL R 524 -107.64 21.08 -23.31
N LEU R 525 -108.86 20.55 -23.23
CA LEU R 525 -110.02 21.15 -23.90
C LEU R 525 -110.86 21.87 -22.85
N VAL R 526 -110.49 23.12 -22.59
CA VAL R 526 -111.20 23.92 -21.60
C VAL R 526 -112.61 24.21 -22.09
N ASN R 527 -113.59 23.98 -21.21
CA ASN R 527 -115.00 24.22 -21.51
C ASN R 527 -115.54 25.21 -20.50
N THR R 528 -115.43 26.49 -20.83
CA THR R 528 -115.89 27.58 -19.97
C THR R 528 -116.61 28.61 -20.81
N PRO R 529 -117.54 29.36 -20.21
CA PRO R 529 -118.25 30.39 -21.00
C PRO R 529 -117.36 31.57 -21.37
N GLN R 530 -116.51 32.01 -20.44
CA GLN R 530 -115.62 33.14 -20.70
C GLN R 530 -114.25 32.69 -21.21
N GLY R 531 -113.74 31.57 -20.70
CA GLY R 531 -112.45 31.10 -21.12
C GLY R 531 -112.46 30.54 -22.53
N ILE R 532 -111.26 30.45 -23.11
CA ILE R 532 -111.14 29.93 -24.47
C ILE R 532 -111.32 28.41 -24.46
N LEU R 533 -111.58 27.87 -25.66
CA LEU R 533 -111.78 26.44 -25.80
C LEU R 533 -110.47 25.68 -25.65
N GLU R 534 -109.50 25.97 -26.51
CA GLU R 534 -108.20 25.29 -26.45
C GLU R 534 -107.35 25.86 -25.32
N ILE R 535 -106.48 25.02 -24.79
CA ILE R 535 -105.58 25.40 -23.71
C ILE R 535 -104.14 25.26 -24.19
N SER R 536 -103.21 25.74 -23.37
CA SER R 536 -101.79 25.70 -23.69
C SER R 536 -101.17 24.40 -23.20
N SER R 537 -100.16 23.94 -23.93
CA SER R 537 -99.44 22.72 -23.57
C SER R 537 -98.42 23.05 -22.49
N GLY R 538 -98.63 22.51 -21.29
CA GLY R 538 -97.77 22.76 -20.16
C GLY R 538 -96.91 21.55 -19.82
N LEU R 539 -95.70 21.83 -19.33
CA LEU R 539 -94.80 20.73 -18.97
C LEU R 539 -95.21 20.08 -17.67
N LEU R 540 -95.71 20.86 -16.71
CA LEU R 540 -96.11 20.34 -15.41
C LEU R 540 -97.55 19.82 -15.46
N GLY R 541 -97.88 18.98 -14.49
CA GLY R 541 -99.21 18.41 -14.44
C GLY R 541 -100.26 19.39 -13.96
N ARG R 542 -100.03 20.01 -12.81
CA ARG R 542 -100.97 20.93 -12.20
C ARG R 542 -100.50 22.38 -12.19
N HIS R 543 -99.19 22.61 -11.98
CA HIS R 543 -98.69 23.98 -11.94
C HIS R 543 -98.80 24.64 -13.32
N ASN R 544 -98.32 23.97 -14.36
CA ASN R 544 -98.42 24.52 -15.71
C ASN R 544 -99.88 24.61 -16.16
N ILE R 545 -100.70 23.64 -15.76
CA ILE R 545 -102.12 23.70 -16.10
C ILE R 545 -102.78 24.89 -15.42
N TYR R 546 -102.43 25.14 -14.15
CA TYR R 546 -102.97 26.29 -13.44
C TYR R 546 -102.51 27.60 -14.08
N ASN R 547 -101.25 27.66 -14.52
CA ASN R 547 -100.76 28.87 -15.18
C ASN R 547 -101.48 29.10 -16.50
N ILE R 548 -101.71 28.03 -17.26
CA ILE R 548 -102.43 28.16 -18.53
C ILE R 548 -103.87 28.60 -18.28
N LEU R 549 -104.51 28.06 -17.24
CA LEU R 549 -105.88 28.45 -16.92
C LEU R 549 -105.94 29.91 -16.47
N ALA R 550 -104.93 30.38 -15.74
CA ALA R 550 -104.90 31.77 -15.32
C ALA R 550 -104.63 32.70 -16.50
N ALA R 551 -103.81 32.28 -17.45
CA ALA R 551 -103.52 33.10 -18.62
C ALA R 551 -104.65 33.08 -19.63
N VAL R 552 -105.49 32.04 -19.64
CA VAL R 552 -106.61 31.99 -20.58
C VAL R 552 -107.59 33.11 -20.29
N ALA R 553 -107.77 33.45 -19.02
CA ALA R 553 -108.67 34.55 -18.68
C ALA R 553 -108.16 35.89 -19.22
N VAL R 554 -106.87 36.16 -19.05
CA VAL R 554 -106.30 37.40 -19.57
C VAL R 554 -106.32 37.41 -21.09
N GLY R 555 -106.16 36.24 -21.72
CA GLY R 555 -106.22 36.19 -23.17
C GLY R 555 -107.62 36.39 -23.72
N ILE R 556 -108.63 35.90 -23.00
CA ILE R 556 -110.01 36.06 -23.45
C ILE R 556 -110.57 37.43 -23.09
N ALA R 557 -110.01 38.11 -22.08
CA ALA R 557 -110.47 39.45 -21.75
C ALA R 557 -110.27 40.41 -22.92
N VAL R 558 -109.14 40.31 -23.61
CA VAL R 558 -108.89 41.18 -24.75
C VAL R 558 -109.72 40.72 -25.95
N GLY R 559 -109.65 39.43 -26.28
CA GLY R 559 -110.40 38.90 -27.41
C GLY R 559 -111.20 37.67 -27.06
N ALA R 560 -112.50 37.70 -27.32
CA ALA R 560 -113.39 36.59 -27.02
C ALA R 560 -113.07 35.40 -27.90
N PRO R 561 -112.57 35.62 -29.11
CA PRO R 561 -112.25 34.49 -30.00
C PRO R 561 -111.05 33.70 -29.48
N LEU R 562 -111.17 32.38 -29.54
CA LEU R 562 -110.10 31.49 -29.08
C LEU R 562 -108.97 31.36 -30.07
N GLU R 563 -109.14 31.85 -31.31
CA GLU R 563 -108.07 31.74 -32.30
C GLU R 563 -106.89 32.65 -31.95
N ASP R 564 -107.13 33.75 -31.23
CA ASP R 564 -106.07 34.66 -30.86
C ASP R 564 -105.14 34.06 -29.80
N ILE R 565 -105.62 33.08 -29.02
CA ILE R 565 -104.79 32.46 -27.98
C ILE R 565 -103.85 31.42 -28.53
N VAL R 566 -103.82 31.20 -29.85
CA VAL R 566 -102.92 30.21 -30.42
C VAL R 566 -101.47 30.62 -30.22
N LYS R 567 -101.17 31.91 -30.41
CA LYS R 567 -99.79 32.38 -30.19
C LYS R 567 -99.39 32.26 -28.72
N GLY R 568 -100.31 32.55 -27.81
CA GLY R 568 -100.01 32.37 -26.40
C GLY R 568 -99.78 30.92 -26.02
N ILE R 569 -100.58 30.01 -26.59
CA ILE R 569 -100.38 28.59 -26.32
C ILE R 569 -99.06 28.11 -26.90
N GLU R 570 -98.67 28.64 -28.06
CA GLU R 570 -97.39 28.26 -28.65
C GLU R 570 -96.23 28.78 -27.82
N GLU R 571 -96.36 30.01 -27.29
CA GLU R 571 -95.31 30.57 -26.45
C GLU R 571 -95.22 29.87 -25.11
N VAL R 572 -96.34 29.37 -24.59
CA VAL R 572 -96.31 28.62 -23.34
C VAL R 572 -95.68 27.25 -23.55
N ASP R 573 -95.88 26.64 -24.73
CA ASP R 573 -95.27 25.36 -25.05
C ASP R 573 -93.83 25.49 -25.54
N ALA R 574 -93.30 26.71 -25.60
CA ALA R 574 -91.93 26.92 -26.06
C ALA R 574 -90.88 26.43 -25.09
N VAL R 575 -91.29 25.87 -23.94
CA VAL R 575 -90.39 25.35 -22.92
C VAL R 575 -89.46 26.46 -22.43
N PRO R 576 -89.96 27.41 -21.62
CA PRO R 576 -89.09 28.48 -21.12
C PRO R 576 -88.07 27.98 -20.11
N GLY R 577 -87.29 28.90 -19.54
CA GLY R 577 -86.27 28.52 -18.59
C GLY R 577 -86.84 27.83 -17.36
N ARG R 578 -87.86 28.43 -16.76
CA ARG R 578 -88.51 27.85 -15.59
C ARG R 578 -89.37 26.66 -15.99
N CYS R 579 -89.28 25.59 -15.21
CA CYS R 579 -89.98 24.33 -15.42
C CYS R 579 -90.00 23.94 -16.91
N GLU R 580 -88.79 23.82 -17.46
CA GLU R 580 -88.64 23.50 -18.87
C GLU R 580 -89.12 22.09 -19.16
N LEU R 581 -89.59 21.89 -20.39
CA LEU R 581 -90.08 20.59 -20.84
C LEU R 581 -88.92 19.78 -21.43
N ILE R 582 -89.24 18.63 -22.03
CA ILE R 582 -88.22 17.78 -22.62
C ILE R 582 -87.77 18.38 -23.95
N ASP R 583 -86.61 17.92 -24.41
CA ASP R 583 -86.07 18.39 -25.68
C ASP R 583 -86.86 17.81 -26.85
N GLU R 584 -86.84 18.55 -27.97
CA GLU R 584 -87.57 18.12 -29.16
C GLU R 584 -86.94 16.90 -29.81
N GLU R 585 -85.65 16.64 -29.56
CA GLU R 585 -84.99 15.49 -30.15
C GLU R 585 -85.51 14.20 -29.52
N GLN R 586 -85.55 13.14 -30.33
CA GLN R 586 -86.03 11.84 -29.87
C GLN R 586 -85.00 11.23 -28.94
N ALA R 587 -85.22 11.37 -27.63
CA ALA R 587 -84.31 10.89 -26.61
C ALA R 587 -85.06 10.86 -25.29
N PHE R 588 -84.32 10.62 -24.21
CA PHE R 588 -84.92 10.59 -22.88
C PHE R 588 -85.34 11.99 -22.45
N GLY R 589 -86.41 12.06 -21.67
CA GLY R 589 -86.92 13.36 -21.25
C GLY R 589 -85.95 14.05 -20.31
N VAL R 590 -85.78 15.35 -20.52
CA VAL R 590 -84.90 16.18 -19.70
C VAL R 590 -85.71 17.39 -19.24
N ILE R 591 -85.80 17.57 -17.93
CA ILE R 591 -86.57 18.66 -17.33
C ILE R 591 -85.62 19.49 -16.48
N VAL R 592 -85.39 20.73 -16.91
CA VAL R 592 -84.55 21.67 -16.18
C VAL R 592 -85.45 22.57 -15.35
N ASP R 593 -85.32 22.48 -14.03
CA ASP R 593 -86.16 23.22 -13.10
C ASP R 593 -85.29 24.08 -12.19
N TYR R 594 -85.94 25.04 -11.53
CA TYR R 594 -85.30 25.94 -10.58
C TYR R 594 -85.87 25.63 -9.20
N ALA R 595 -85.15 24.82 -8.43
CA ALA R 595 -85.61 24.37 -7.10
C ALA R 595 -84.45 24.49 -6.12
N HIS R 596 -84.54 25.46 -5.23
CA HIS R 596 -83.54 25.66 -4.17
C HIS R 596 -84.13 25.51 -2.78
N THR R 597 -85.30 26.10 -2.53
CA THR R 597 -85.93 25.97 -1.23
C THR R 597 -86.49 24.56 -1.05
N PRO R 598 -86.59 24.07 0.20
CA PRO R 598 -87.07 22.71 0.42
C PRO R 598 -88.51 22.49 -0.03
N ASP R 599 -89.40 23.45 0.23
CA ASP R 599 -90.81 23.26 -0.12
C ASP R 599 -91.02 23.24 -1.63
N ALA R 600 -90.36 24.15 -2.36
CA ALA R 600 -90.48 24.16 -3.81
C ALA R 600 -89.87 22.89 -4.41
N LEU R 601 -88.72 22.45 -3.89
CA LEU R 601 -88.13 21.21 -4.36
C LEU R 601 -89.07 20.03 -4.11
N SER R 602 -89.72 20.01 -2.95
CA SER R 602 -90.62 18.90 -2.63
C SER R 602 -91.84 18.90 -3.55
N ARG R 603 -92.42 20.07 -3.80
CA ARG R 603 -93.61 20.11 -4.66
C ARG R 603 -93.25 19.79 -6.10
N LEU R 604 -92.08 20.23 -6.57
CA LEU R 604 -91.64 19.87 -7.91
C LEU R 604 -91.37 18.38 -8.02
N LEU R 605 -90.78 17.79 -6.98
CA LEU R 605 -90.56 16.34 -6.98
C LEU R 605 -91.87 15.58 -6.99
N ASP R 606 -92.87 16.07 -6.26
CA ASP R 606 -94.18 15.43 -6.26
C ASP R 606 -94.83 15.52 -7.64
N TYR R 607 -94.74 16.69 -8.28
CA TYR R 607 -95.32 16.85 -9.61
C TYR R 607 -94.59 15.97 -10.63
N VAL R 608 -93.27 15.82 -10.49
CA VAL R 608 -92.54 14.94 -11.39
C VAL R 608 -92.91 13.49 -11.16
N ARG R 609 -93.05 13.07 -9.89
CA ARG R 609 -93.49 11.72 -9.59
C ARG R 609 -94.87 11.45 -10.19
N GLU R 610 -95.77 12.44 -10.10
CA GLU R 610 -97.08 12.30 -10.74
C GLU R 610 -96.96 12.26 -12.26
N LEU R 611 -95.92 12.90 -12.82
CA LEU R 611 -95.74 12.90 -14.26
C LEU R 611 -94.82 11.78 -14.72
N GLY R 612 -93.77 11.48 -13.95
CA GLY R 612 -92.80 10.48 -14.31
C GLY R 612 -93.38 9.09 -14.38
N PRO R 613 -93.38 8.49 -15.58
CA PRO R 613 -94.01 7.17 -15.74
C PRO R 613 -93.24 6.04 -15.08
N ARG R 614 -91.92 6.02 -15.27
CA ARG R 614 -91.10 4.89 -14.82
C ARG R 614 -90.12 5.28 -13.71
N ARG R 615 -89.25 6.25 -13.96
CA ARG R 615 -88.19 6.60 -13.03
C ARG R 615 -88.18 8.10 -12.79
N VAL R 616 -87.57 8.49 -11.67
CA VAL R 616 -87.39 9.89 -11.30
C VAL R 616 -85.91 10.09 -11.00
N ILE R 617 -85.15 10.52 -11.99
CA ILE R 617 -83.72 10.74 -11.86
C ILE R 617 -83.46 12.23 -11.65
N THR R 618 -82.81 12.56 -10.55
CA THR R 618 -82.55 13.95 -10.20
C THR R 618 -81.09 14.14 -9.82
N VAL R 619 -80.58 15.34 -10.09
CA VAL R 619 -79.22 15.73 -9.74
C VAL R 619 -79.23 17.18 -9.31
N PHE R 620 -78.66 17.46 -8.13
CA PHE R 620 -78.65 18.82 -7.60
C PHE R 620 -77.52 18.95 -6.60
N GLY R 621 -77.36 20.15 -6.06
CA GLY R 621 -76.33 20.44 -5.08
C GLY R 621 -76.72 21.63 -4.23
N CYS R 622 -75.90 21.88 -3.22
CA CYS R 622 -76.12 22.99 -2.30
C CYS R 622 -75.07 24.08 -2.50
N ALA R 623 -75.43 25.29 -2.11
CA ALA R 623 -74.53 26.44 -2.21
C ALA R 623 -73.74 26.61 -0.93
N GLY R 624 -72.53 27.15 -1.07
CA GLY R 624 -71.67 27.37 0.07
C GLY R 624 -72.13 28.55 0.93
N GLU R 625 -71.79 28.47 2.21
CA GLU R 625 -72.13 29.50 3.19
C GLU R 625 -73.64 29.75 3.24
N SER R 626 -74.43 28.72 2.94
CA SER R 626 -75.88 28.81 2.92
C SER R 626 -76.43 28.18 4.20
N ASP R 627 -77.75 28.01 4.24
CA ASP R 627 -78.41 27.37 5.38
C ASP R 627 -77.92 25.94 5.54
N ARG R 628 -77.21 25.68 6.63
CA ARG R 628 -76.65 24.34 6.84
C ARG R 628 -77.74 23.30 7.11
N GLY R 629 -78.83 23.70 7.76
CA GLY R 629 -79.93 22.79 7.98
C GLY R 629 -80.76 22.50 6.75
N LYS R 630 -80.55 23.24 5.66
CA LYS R 630 -81.30 23.01 4.44
C LYS R 630 -80.82 21.79 3.67
N ARG R 631 -79.52 21.49 3.75
CA ARG R 631 -78.97 20.35 3.01
C ARG R 631 -79.55 19.01 3.45
N PRO R 632 -79.60 18.68 4.75
CA PRO R 632 -80.10 17.33 5.10
C PRO R 632 -81.57 17.14 4.79
N ILE R 633 -82.42 18.15 5.03
CA ILE R 633 -83.83 18.01 4.73
C ILE R 633 -84.05 17.91 3.22
N MET R 634 -83.26 18.66 2.44
CA MET R 634 -83.35 18.54 0.98
C MET R 634 -82.96 17.14 0.52
N ALA R 635 -81.86 16.62 1.05
CA ALA R 635 -81.42 15.28 0.67
C ALA R 635 -82.46 14.23 1.05
N LYS R 636 -83.08 14.39 2.23
CA LYS R 636 -84.10 13.44 2.67
C LYS R 636 -85.32 13.49 1.77
N ILE R 637 -85.81 14.70 1.47
CA ILE R 637 -86.98 14.84 0.62
C ILE R 637 -86.69 14.35 -0.79
N ALA R 638 -85.44 14.45 -1.23
CA ALA R 638 -85.08 13.94 -2.55
C ALA R 638 -85.01 12.42 -2.57
N THR R 639 -84.37 11.82 -1.57
CA THR R 639 -84.21 10.38 -1.54
C THR R 639 -85.50 9.65 -1.16
N ASP R 640 -86.47 10.36 -0.57
CA ASP R 640 -87.69 9.68 -0.13
C ASP R 640 -88.56 9.25 -1.30
N LYS R 641 -88.54 9.99 -2.41
CA LYS R 641 -89.43 9.71 -3.53
C LYS R 641 -88.71 9.47 -4.85
N SER R 642 -87.39 9.51 -4.88
CA SER R 642 -86.63 9.28 -6.10
C SER R 642 -85.89 7.95 -6.01
N ASP R 643 -85.89 7.20 -7.12
CA ASP R 643 -85.24 5.90 -7.13
C ASP R 643 -83.72 6.05 -7.16
N VAL R 644 -83.21 6.95 -7.99
CA VAL R 644 -81.77 7.18 -8.10
C VAL R 644 -81.54 8.68 -8.16
N THR R 645 -80.67 9.18 -7.28
CA THR R 645 -80.36 10.60 -7.20
C THR R 645 -78.84 10.79 -7.20
N ILE R 646 -78.40 11.88 -7.83
CA ILE R 646 -76.99 12.23 -7.88
C ILE R 646 -76.80 13.53 -7.10
N LEU R 647 -75.79 13.56 -6.23
CA LEU R 647 -75.48 14.72 -5.40
C LEU R 647 -74.16 15.32 -5.86
N THR R 648 -74.20 16.61 -6.18
CA THR R 648 -73.01 17.32 -6.64
C THR R 648 -72.82 18.62 -5.89
N SER R 649 -71.89 19.46 -6.34
CA SER R 649 -71.64 20.78 -5.76
C SER R 649 -72.19 21.81 -6.74
N ASP R 650 -73.39 22.30 -6.46
CA ASP R 650 -74.03 23.26 -7.37
C ASP R 650 -73.32 24.60 -7.34
N ASN R 651 -72.91 25.06 -6.16
CA ASN R 651 -72.24 26.35 -6.01
C ASN R 651 -71.21 26.24 -4.90
N PRO R 652 -69.96 25.95 -5.25
CA PRO R 652 -68.90 25.90 -4.21
C PRO R 652 -68.71 27.24 -3.50
N LYS R 653 -68.53 28.32 -4.27
CA LYS R 653 -68.36 29.69 -3.75
C LYS R 653 -67.46 29.73 -2.51
N THR R 654 -66.20 29.35 -2.73
CA THR R 654 -65.10 29.44 -1.76
C THR R 654 -65.22 28.41 -0.65
N GLU R 655 -66.35 27.72 -0.57
CA GLU R 655 -66.51 26.65 0.40
C GLU R 655 -65.82 25.39 -0.09
N ASP R 656 -65.22 24.66 0.84
CA ASP R 656 -64.46 23.48 0.47
C ASP R 656 -65.37 22.40 -0.10
N PRO R 657 -65.02 21.81 -1.24
CA PRO R 657 -65.83 20.70 -1.77
C PRO R 657 -65.68 19.45 -0.92
N LEU R 658 -66.56 18.49 -1.20
CA LEU R 658 -66.61 17.21 -0.47
C LEU R 658 -66.94 17.42 1.00
N ASP R 659 -67.26 18.65 1.38
CA ASP R 659 -67.69 18.97 2.75
C ASP R 659 -69.20 19.11 2.85
N ILE R 660 -69.79 20.00 2.04
CA ILE R 660 -71.25 20.08 1.98
C ILE R 660 -71.82 18.82 1.35
N LEU R 661 -71.06 18.16 0.47
CA LEU R 661 -71.48 16.88 -0.07
C LEU R 661 -71.62 15.84 1.04
N ASP R 662 -70.66 15.83 1.97
CA ASP R 662 -70.78 14.95 3.14
C ASP R 662 -71.98 15.35 4.00
N ASP R 663 -72.29 16.64 4.06
CA ASP R 663 -73.47 17.08 4.80
C ASP R 663 -74.75 16.51 4.18
N MET R 664 -74.84 16.54 2.84
CA MET R 664 -76.00 15.94 2.18
C MET R 664 -76.02 14.43 2.36
N LEU R 665 -74.85 13.79 2.34
CA LEU R 665 -74.80 12.34 2.53
C LEU R 665 -75.22 11.95 3.94
N ALA R 666 -74.94 12.80 4.93
CA ALA R 666 -75.33 12.49 6.30
C ALA R 666 -76.84 12.45 6.48
N GLY R 667 -77.60 12.99 5.54
CA GLY R 667 -79.05 12.97 5.66
C GLY R 667 -79.63 11.56 5.58
N VAL R 668 -79.04 10.71 4.75
CA VAL R 668 -79.50 9.33 4.60
C VAL R 668 -78.73 8.44 5.57
N GLY R 669 -77.94 9.06 6.43
CA GLY R 669 -77.16 8.34 7.41
C GLY R 669 -75.80 7.85 6.93
N TRP R 670 -75.50 8.01 5.66
CA TRP R 670 -74.22 7.57 5.12
C TRP R 670 -73.15 8.64 5.33
N SER R 671 -71.90 8.18 5.31
CA SER R 671 -70.75 9.07 5.36
C SER R 671 -69.90 8.86 4.11
N MET R 672 -69.18 9.91 3.71
CA MET R 672 -68.37 9.81 2.51
C MET R 672 -67.31 8.73 2.62
N GLN R 673 -66.95 8.37 3.85
CA GLN R 673 -66.02 7.27 4.05
C GLN R 673 -66.67 5.95 3.69
N ASP R 674 -67.93 5.77 4.08
CA ASP R 674 -68.62 4.52 3.79
C ASP R 674 -68.74 4.34 2.29
N TYR R 675 -69.05 5.42 1.58
CA TYR R 675 -69.19 5.32 0.14
C TYR R 675 -67.84 5.05 -0.51
N LEU R 676 -66.81 5.80 -0.11
CA LEU R 676 -65.52 5.67 -0.76
C LEU R 676 -64.94 4.27 -0.57
N LYS R 677 -65.04 3.71 0.64
CA LYS R 677 -64.56 2.36 0.86
C LYS R 677 -65.42 1.32 0.16
N HIS R 678 -66.69 1.64 -0.13
CA HIS R 678 -67.50 0.75 -0.95
C HIS R 678 -67.16 0.90 -2.43
N GLY R 679 -66.71 2.09 -2.85
CA GLY R 679 -66.33 2.31 -4.23
C GLY R 679 -65.11 1.53 -4.67
N GLU R 680 -64.24 1.16 -3.73
CA GLU R 680 -63.13 0.27 -4.07
C GLU R 680 -63.63 -1.08 -4.54
N ASN R 681 -64.79 -1.50 -4.06
CA ASN R 681 -65.45 -2.72 -4.53
C ASN R 681 -66.37 -2.39 -5.69
N ASP R 682 -67.13 -3.39 -6.14
CA ASP R 682 -68.06 -3.23 -7.25
C ASP R 682 -69.49 -3.58 -6.86
N TYR R 683 -69.87 -3.32 -5.61
CA TYR R 683 -71.20 -3.66 -5.12
C TYR R 683 -72.11 -2.44 -5.02
N TYR R 684 -71.70 -1.40 -4.29
CA TYR R 684 -72.49 -0.20 -4.07
C TYR R 684 -73.86 -0.57 -3.51
N PRO R 685 -73.96 -0.94 -2.23
CA PRO R 685 -75.25 -1.37 -1.70
C PRO R 685 -76.27 -0.25 -1.75
N PRO R 686 -77.53 -0.58 -2.00
CA PRO R 686 -78.57 0.47 -2.11
C PRO R 686 -79.07 0.94 -0.75
N LEU R 687 -80.06 1.83 -0.77
CA LEU R 687 -80.65 2.35 0.45
C LEU R 687 -81.58 1.32 1.07
N PRO R 688 -81.87 1.44 2.37
CA PRO R 688 -82.79 0.48 3.00
C PRO R 688 -84.18 0.47 2.38
N ASN R 689 -84.65 1.59 1.85
CA ASN R 689 -85.97 1.64 1.23
C ASN R 689 -85.99 1.07 -0.18
N GLY R 690 -84.83 0.69 -0.72
CA GLY R 690 -84.74 0.14 -2.05
C GLY R 690 -84.24 1.10 -3.11
N HIS R 691 -84.17 2.40 -2.80
CA HIS R 691 -83.71 3.40 -3.75
C HIS R 691 -82.19 3.35 -3.85
N ARG R 692 -81.65 4.19 -4.74
CA ARG R 692 -80.21 4.27 -4.98
C ARG R 692 -79.77 5.73 -4.88
N LEU R 693 -78.51 5.92 -4.50
CA LEU R 693 -77.95 7.26 -4.35
C LEU R 693 -76.54 7.28 -4.90
N PHE R 694 -76.25 8.25 -5.77
CA PHE R 694 -74.93 8.45 -6.34
C PHE R 694 -74.45 9.85 -6.01
N LEU R 695 -73.16 10.10 -6.27
CA LEU R 695 -72.58 11.41 -6.03
C LEU R 695 -71.31 11.55 -6.86
N HIS R 696 -70.98 12.79 -7.20
CA HIS R 696 -69.73 13.10 -7.87
C HIS R 696 -69.36 14.55 -7.58
N ASP R 697 -68.07 14.84 -7.63
CA ASP R 697 -67.59 16.18 -7.32
C ASP R 697 -67.91 17.16 -8.45
N ILE R 698 -67.41 16.88 -9.65
CA ILE R 698 -67.60 17.79 -10.78
C ILE R 698 -69.06 17.75 -11.24
N ARG R 699 -69.56 18.88 -11.73
CA ARG R 699 -70.95 18.98 -12.13
C ARG R 699 -71.17 18.50 -13.56
N ARG R 700 -70.23 18.79 -14.46
CA ARG R 700 -70.44 18.50 -15.88
C ARG R 700 -70.53 17.00 -16.12
N VAL R 701 -69.56 16.24 -15.62
CA VAL R 701 -69.53 14.80 -15.89
C VAL R 701 -70.74 14.12 -15.23
N ALA R 702 -71.10 14.54 -14.02
CA ALA R 702 -72.24 13.93 -13.34
C ALA R 702 -73.55 14.26 -14.06
N VAL R 703 -73.68 15.50 -14.55
CA VAL R 703 -74.89 15.87 -15.28
C VAL R 703 -74.99 15.10 -16.59
N ARG R 704 -73.86 14.94 -17.29
CA ARG R 704 -73.87 14.18 -18.52
C ARG R 704 -74.20 12.71 -18.27
N CYS R 705 -73.71 12.16 -17.16
CA CYS R 705 -74.03 10.78 -16.81
C CYS R 705 -75.52 10.64 -16.47
N ALA R 706 -76.07 11.58 -15.71
CA ALA R 706 -77.49 11.53 -15.37
C ALA R 706 -78.35 11.65 -16.62
N VAL R 707 -77.93 12.50 -17.57
CA VAL R 707 -78.66 12.59 -18.83
C VAL R 707 -78.51 11.30 -19.64
N ALA R 708 -77.38 10.61 -19.48
CA ALA R 708 -77.17 9.36 -20.21
C ALA R 708 -77.77 8.17 -19.46
N MET R 709 -77.83 8.23 -18.13
CA MET R 709 -78.39 7.15 -17.32
C MET R 709 -79.89 7.39 -17.15
N GLY R 710 -80.63 7.09 -18.23
CA GLY R 710 -82.07 7.27 -18.22
C GLY R 710 -82.80 6.31 -19.14
N GLU R 711 -83.99 5.89 -18.76
CA GLU R 711 -84.79 4.99 -19.57
C GLU R 711 -85.62 5.78 -20.58
N GLU R 712 -86.22 5.04 -21.52
CA GLU R 712 -87.03 5.67 -22.56
C GLU R 712 -88.22 6.42 -21.96
N GLY R 713 -89.08 5.70 -21.24
CA GLY R 713 -90.22 6.33 -20.60
C GLY R 713 -89.84 7.20 -19.41
N ASP R 714 -88.63 7.02 -18.87
CA ASP R 714 -88.18 7.82 -17.74
C ASP R 714 -87.70 9.19 -18.21
N ILE R 715 -87.76 10.16 -17.30
CA ILE R 715 -87.34 11.53 -17.56
C ILE R 715 -86.31 11.92 -16.51
N VAL R 716 -85.31 12.70 -16.94
CA VAL R 716 -84.26 13.18 -16.05
C VAL R 716 -84.57 14.61 -15.65
N VAL R 717 -84.54 14.89 -14.35
CA VAL R 717 -84.87 16.20 -13.81
C VAL R 717 -83.59 16.83 -13.26
N VAL R 718 -83.31 18.06 -13.68
CA VAL R 718 -82.17 18.81 -13.17
C VAL R 718 -82.68 20.01 -12.37
N ALA R 719 -82.83 19.84 -11.06
CA ALA R 719 -83.37 20.88 -10.19
C ALA R 719 -82.27 21.74 -9.56
N GLY R 720 -81.02 21.56 -9.97
CA GLY R 720 -79.95 22.37 -9.39
C GLY R 720 -80.06 23.83 -9.79
N LYS R 721 -80.23 24.09 -11.08
CA LYS R 721 -80.36 25.45 -11.58
C LYS R 721 -81.29 25.46 -12.79
N GLY R 722 -82.03 26.54 -12.95
CA GLY R 722 -82.94 26.69 -14.07
C GLY R 722 -82.45 27.70 -15.08
N HIS R 723 -83.01 28.91 -15.04
CA HIS R 723 -82.60 29.97 -15.94
C HIS R 723 -81.21 30.52 -15.61
N GLU R 724 -80.65 30.18 -14.45
CA GLU R 724 -79.33 30.66 -14.08
C GLU R 724 -78.27 30.04 -14.98
N THR R 725 -77.26 30.84 -15.33
CA THR R 725 -76.16 30.42 -16.19
C THR R 725 -74.83 30.84 -15.59
N TYR R 726 -74.65 30.58 -14.29
CA TYR R 726 -73.44 30.96 -13.60
C TYR R 726 -73.12 29.90 -12.55
N GLN R 727 -71.89 29.39 -12.59
CA GLN R 727 -71.39 28.42 -11.61
C GLN R 727 -70.14 28.99 -10.98
N ILE R 728 -70.24 29.40 -9.72
CA ILE R 728 -69.15 30.04 -9.00
C ILE R 728 -68.41 28.97 -8.22
N GLU R 729 -67.36 28.42 -8.82
CA GLU R 729 -66.52 27.40 -8.18
C GLU R 729 -65.34 28.11 -7.53
N GLY R 730 -65.47 28.43 -6.24
CA GLY R 730 -64.44 29.15 -5.54
C GLY R 730 -64.55 30.66 -5.74
N ASP R 731 -63.40 31.31 -5.97
CA ASP R 731 -63.41 32.75 -6.20
C ASP R 731 -63.86 33.11 -7.61
N LYS R 732 -63.56 32.28 -8.59
CA LYS R 732 -63.95 32.53 -9.96
C LYS R 732 -65.27 31.84 -10.28
N LYS R 733 -65.98 32.38 -11.26
CA LYS R 733 -67.26 31.84 -11.71
C LYS R 733 -67.16 31.44 -13.17
N GLU R 734 -67.80 30.32 -13.51
CA GLU R 734 -67.81 29.79 -14.87
C GLU R 734 -69.24 29.65 -15.35
N PHE R 735 -69.50 30.13 -16.56
CA PHE R 735 -70.83 30.05 -17.16
C PHE R 735 -70.90 28.83 -18.08
N PHE R 736 -70.88 27.66 -17.44
CA PHE R 736 -70.89 26.39 -18.15
C PHE R 736 -72.08 25.52 -17.75
N ASP R 737 -73.21 26.16 -17.41
CA ASP R 737 -74.43 25.46 -17.03
C ASP R 737 -75.55 25.91 -17.94
N ASP R 738 -75.96 25.05 -18.87
CA ASP R 738 -77.00 25.38 -19.83
C ASP R 738 -77.57 24.08 -20.38
N ARG R 739 -78.61 24.22 -21.21
CA ARG R 739 -79.27 23.06 -21.81
C ARG R 739 -78.53 22.55 -23.05
N GLU R 740 -77.62 23.34 -23.62
CA GLU R 740 -76.86 22.87 -24.76
C GLU R 740 -75.97 21.69 -24.40
N GLU R 741 -75.46 21.67 -23.16
CA GLU R 741 -74.68 20.51 -22.71
C GLU R 741 -75.56 19.27 -22.64
N CYS R 742 -76.79 19.41 -22.16
CA CYS R 742 -77.70 18.27 -22.12
C CYS R 742 -78.06 17.81 -23.53
N ARG R 743 -78.22 18.74 -24.46
CA ARG R 743 -78.49 18.36 -25.84
C ARG R 743 -77.31 17.61 -26.44
N GLU R 744 -76.08 18.08 -26.19
CA GLU R 744 -74.90 17.40 -26.69
C GLU R 744 -74.78 16.00 -26.09
N ALA R 745 -75.11 15.86 -24.80
CA ALA R 745 -75.06 14.56 -24.16
C ALA R 745 -76.10 13.61 -24.74
N LEU R 746 -77.32 14.10 -24.96
CA LEU R 746 -78.36 13.28 -25.57
C LEU R 746 -78.04 12.93 -27.01
N GLN R 747 -77.24 13.76 -27.69
CA GLN R 747 -76.83 13.44 -29.05
C GLN R 747 -75.71 12.41 -29.08
N TYR R 748 -74.78 12.49 -28.13
CA TYR R 748 -73.63 11.59 -28.08
C TYR R 748 -73.90 10.29 -27.34
N VAL R 749 -75.04 10.18 -26.65
CA VAL R 749 -75.37 8.93 -25.98
C VAL R 749 -75.56 7.82 -27.01
N ASP R 750 -75.97 8.17 -28.22
CA ASP R 750 -76.08 7.18 -29.29
C ASP R 750 -74.71 6.59 -29.62
N GLU R 751 -73.70 7.45 -29.78
CA GLU R 751 -72.35 6.96 -30.03
C GLU R 751 -71.81 6.19 -28.83
N LEU R 752 -72.16 6.62 -27.61
CA LEU R 752 -71.72 5.88 -26.43
C LEU R 752 -72.30 4.47 -26.41
N HIS R 753 -73.59 4.34 -26.71
CA HIS R 753 -74.21 3.01 -26.76
C HIS R 753 -73.65 2.19 -27.91
N GLN R 754 -73.33 2.82 -29.04
CA GLN R 754 -72.73 2.10 -30.15
C GLN R 754 -71.32 1.62 -29.81
N ALA R 755 -70.61 2.35 -28.96
CA ALA R 755 -69.27 1.94 -28.55
C ALA R 755 -69.30 0.76 -27.59
N GLY R 756 -70.43 0.52 -26.92
CA GLY R 756 -70.55 -0.57 -26.00
C GLY R 756 -70.47 -0.21 -24.53
N ILE R 757 -70.42 1.09 -24.20
CA ILE R 757 -70.34 1.51 -22.81
C ILE R 757 -71.69 1.31 -22.13
N ASP R 758 -71.65 0.90 -20.87
CA ASP R 758 -72.86 0.67 -20.08
C ASP R 758 -73.09 1.86 -19.17
N THR R 759 -74.24 2.51 -19.32
CA THR R 759 -74.62 3.66 -18.50
C THR R 759 -75.85 3.36 -17.65
N SER R 760 -75.97 2.12 -17.17
CA SER R 760 -77.13 1.76 -16.35
C SER R 760 -77.01 2.33 -14.94
N GLU R 761 -75.82 2.26 -14.35
CA GLU R 761 -75.57 2.75 -13.00
C GLU R 761 -74.35 3.67 -13.01
N PHE R 762 -73.95 4.10 -11.82
CA PHE R 762 -72.77 4.96 -11.70
C PHE R 762 -71.48 4.24 -12.09
N PRO R 763 -71.21 3.01 -11.65
CA PRO R 763 -69.99 2.33 -12.11
C PRO R 763 -70.11 1.81 -13.53
N TRP R 764 -69.83 2.67 -14.51
CA TRP R 764 -69.91 2.28 -15.91
C TRP R 764 -69.00 1.08 -16.19
N ARG R 765 -69.57 0.04 -16.79
CA ARG R 765 -68.82 -1.16 -17.14
C ARG R 765 -68.05 -0.88 -18.43
N LEU R 766 -66.75 -0.60 -18.30
CA LEU R 766 -65.93 -0.32 -19.46
C LEU R 766 -65.36 -1.61 -20.03
N PRO R 767 -65.53 -1.86 -21.33
CA PRO R 767 -64.98 -3.10 -21.92
C PRO R 767 -63.46 -3.13 -21.87
N GLU R 768 -62.91 -4.08 -21.11
CA GLU R 768 -61.46 -4.24 -20.96
C GLU R 768 -60.79 -2.96 -20.48
N ARG S 54 30.83 10.31 47.80
CA ARG S 54 30.73 11.05 46.55
C ARG S 54 31.59 10.37 45.51
N ILE S 55 31.00 9.99 44.39
CA ILE S 55 31.80 9.40 43.34
C ILE S 55 32.76 10.47 42.86
N PRO S 56 34.00 10.09 42.61
CA PRO S 56 35.00 11.07 42.25
C PRO S 56 34.88 11.90 40.98
N PHE S 57 34.48 11.33 39.85
CA PHE S 57 34.51 12.13 38.63
C PHE S 57 33.22 12.21 37.87
N LEU S 58 32.24 12.93 38.39
CA LEU S 58 30.96 13.01 37.74
C LEU S 58 30.68 14.39 37.23
N GLU S 59 31.64 15.29 37.33
CA GLU S 59 31.40 16.68 36.97
C GLU S 59 30.81 16.99 35.61
N GLU S 60 31.32 16.37 34.56
CA GLU S 60 30.86 16.66 33.21
C GLU S 60 29.44 16.23 33.00
N GLN S 61 29.10 15.03 33.43
CA GLN S 61 27.76 14.53 33.32
C GLN S 61 26.77 15.45 34.00
N VAL S 62 27.07 15.96 35.18
CA VAL S 62 26.19 16.92 35.81
C VAL S 62 26.07 18.24 35.05
N ARG S 63 27.14 18.74 34.47
CA ARG S 63 27.04 19.95 33.65
C ARG S 63 26.18 19.74 32.50
N LYS S 64 26.30 18.56 31.90
CA LYS S 64 25.53 18.29 30.71
C LYS S 64 24.07 18.08 31.01
N ILE S 65 23.75 17.44 32.12
CA ILE S 65 22.35 17.17 32.37
C ILE S 65 21.63 18.49 32.50
N ARG S 66 22.21 19.44 33.22
CA ARG S 66 21.60 20.75 33.33
C ARG S 66 21.56 21.50 32.03
N ASP S 67 22.65 21.49 31.30
CA ASP S 67 22.71 22.19 30.02
C ASP S 67 21.82 21.60 28.94
N GLY S 68 21.76 20.29 28.85
CA GLY S 68 21.01 19.62 27.81
C GLY S 68 19.53 19.86 27.80
N GLY S 69 18.94 20.08 28.96
CA GLY S 69 17.50 20.20 29.02
C GLY S 69 16.88 18.96 29.58
N LYS S 70 17.71 18.06 30.09
CA LYS S 70 17.18 16.88 30.74
C LYS S 70 16.52 17.25 32.06
N LEU S 71 16.84 18.40 32.62
CA LEU S 71 16.26 18.82 33.87
C LEU S 71 14.76 18.93 33.70
N LEU S 72 14.33 19.45 32.57
CA LEU S 72 12.91 19.62 32.36
C LEU S 72 12.22 18.29 32.39
N THR S 73 12.81 17.28 31.78
CA THR S 73 12.18 15.99 31.74
C THR S 73 11.99 15.42 33.11
N MET S 74 12.98 15.58 33.97
CA MET S 74 12.87 15.08 35.33
C MET S 74 11.77 15.77 36.05
N ASP S 75 11.63 17.06 35.83
CA ASP S 75 10.60 17.82 36.49
C ASP S 75 9.20 17.40 36.11
N ILE S 76 8.95 17.15 34.85
CA ILE S 76 7.62 16.79 34.41
C ILE S 76 7.21 15.55 35.16
N HIS S 77 8.08 14.58 35.28
CA HIS S 77 7.81 13.38 36.05
C HIS S 77 7.49 13.54 37.52
N ARG S 78 8.12 14.43 38.24
CA ARG S 78 7.82 14.67 39.63
C ARG S 78 6.46 15.14 39.71
N LEU S 79 6.09 16.04 38.85
CA LEU S 79 4.82 16.68 38.92
C LEU S 79 3.66 15.84 38.57
N LEU S 80 3.87 14.79 37.82
CA LEU S 80 2.83 13.90 37.44
C LEU S 80 2.66 12.81 38.46
N LEU S 81 3.42 12.83 39.53
CA LEU S 81 3.36 11.85 40.57
C LEU S 81 2.42 12.32 41.59
N ASN S 82 1.80 13.44 41.35
CA ASN S 82 0.83 13.97 42.25
C ASN S 82 -0.52 13.92 41.62
N GLU S 83 -0.66 13.37 40.42
CA GLU S 83 -1.91 13.42 39.69
C GLU S 83 -2.51 12.16 39.16
N ASP S 84 -3.77 11.89 39.44
CA ASP S 84 -4.46 10.75 38.82
C ASP S 84 -4.74 10.82 37.34
N ASN S 85 -5.21 11.94 36.82
CA ASN S 85 -5.39 12.00 35.39
C ASN S 85 -4.39 12.92 34.76
N ARG S 86 -3.61 12.43 33.83
CA ARG S 86 -2.70 13.22 33.10
C ARG S 86 -3.36 14.20 32.27
N PHE S 87 -4.47 13.84 31.72
CA PHE S 87 -5.16 14.69 30.80
C PHE S 87 -5.61 15.96 31.42
N ASP S 88 -6.06 15.95 32.64
CA ASP S 88 -6.41 17.13 33.36
C ASP S 88 -5.28 18.04 33.67
N PHE S 89 -4.12 17.53 34.01
CA PHE S 89 -2.96 18.32 34.26
C PHE S 89 -2.51 19.06 33.04
N VAL S 90 -2.58 18.48 31.87
CA VAL S 90 -2.27 19.16 30.65
C VAL S 90 -3.19 20.33 30.47
N ASN S 91 -4.46 20.15 30.73
CA ASN S 91 -5.42 21.23 30.66
C ASN S 91 -5.21 22.32 31.69
N GLU S 92 -4.83 22.02 32.93
CA GLU S 92 -4.50 23.05 33.88
C GLU S 92 -3.33 23.90 33.52
N ILE S 93 -2.24 23.33 33.04
CA ILE S 93 -1.08 24.07 32.61
C ILE S 93 -1.34 24.94 31.42
N ALA S 94 -2.13 24.49 30.50
CA ALA S 94 -2.51 25.30 29.36
C ALA S 94 -3.25 26.53 29.72
N ALA S 95 -4.17 26.44 30.64
CA ALA S 95 -4.85 27.59 31.15
C ALA S 95 -4.00 28.60 31.84
N GLU S 96 -3.05 28.20 32.66
CA GLU S 96 -2.18 29.14 33.30
C GLU S 96 -1.35 29.88 32.33
N ALA S 97 -0.87 29.22 31.31
CA ALA S 97 -0.07 29.86 30.31
C ALA S 97 -0.81 30.90 29.57
N LYS S 98 -2.05 30.66 29.28
CA LYS S 98 -2.87 31.65 28.64
C LYS S 98 -3.06 32.87 29.49
N GLN S 99 -3.26 32.73 30.78
CA GLN S 99 -3.38 33.87 31.63
C GLN S 99 -2.16 34.68 31.67
N TYR S 100 -1.02 34.05 31.72
CA TYR S 100 0.22 34.78 31.69
C TYR S 100 0.45 35.56 30.41
N VAL S 101 0.11 35.03 29.26
CA VAL S 101 0.35 35.73 28.02
C VAL S 101 -0.66 36.80 27.83
N GLU S 102 -1.88 36.60 28.27
CA GLU S 102 -2.81 37.67 28.18
C GLU S 102 -2.45 38.85 29.03
N ASN S 103 -2.04 38.64 30.25
CA ASN S 103 -1.58 39.75 31.07
C ASN S 103 -0.32 40.53 30.69
N ASN S 104 0.75 39.89 30.27
CA ASN S 104 1.94 40.59 29.83
C ASN S 104 2.41 40.04 28.52
N ARG S 105 1.87 40.48 27.41
CA ARG S 105 2.19 39.91 26.12
C ARG S 105 3.58 40.02 25.64
N ASP S 106 4.22 41.14 25.85
CA ASP S 106 5.52 41.35 25.28
C ASP S 106 6.73 40.75 25.95
N GLU S 107 6.58 40.17 27.12
CA GLU S 107 7.70 39.51 27.74
C GLU S 107 8.05 38.30 26.95
N TYR S 108 7.05 37.59 26.48
CA TYR S 108 7.29 36.35 25.81
C TYR S 108 7.69 36.37 24.36
N GLY S 109 8.28 35.29 23.88
CA GLY S 109 8.76 35.20 22.51
C GLY S 109 10.06 34.43 22.46
N ALA S 110 10.97 34.67 23.38
CA ALA S 110 12.16 33.88 23.47
C ALA S 110 12.01 33.21 24.79
N LYS S 111 11.12 33.72 25.63
CA LYS S 111 10.84 33.11 26.88
C LYS S 111 9.53 32.55 26.58
N LYS S 112 9.33 31.31 26.91
CA LYS S 112 8.11 30.65 26.61
C LYS S 112 7.24 30.53 27.84
N ALA S 113 5.95 30.77 27.70
CA ALA S 113 5.04 30.72 28.81
C ALA S 113 4.88 29.39 29.49
N ILE S 114 4.87 28.30 28.78
CA ILE S 114 4.69 27.01 29.33
C ILE S 114 5.85 26.71 30.23
N LEU S 115 7.05 27.08 29.83
CA LEU S 115 8.20 26.90 30.64
C LEU S 115 8.14 27.71 31.90
N HIS S 116 7.64 28.92 31.82
CA HIS S 116 7.51 29.74 32.99
C HIS S 116 6.57 29.19 34.01
N VAL S 117 5.46 28.62 33.62
CA VAL S 117 4.52 28.03 34.54
C VAL S 117 5.17 26.90 35.26
N LEU S 118 5.89 26.05 34.56
CA LEU S 118 6.58 24.94 35.16
C LEU S 118 7.72 25.28 36.08
N SER S 119 8.53 26.27 35.77
CA SER S 119 9.59 26.71 36.65
C SER S 119 9.02 27.29 37.87
N ASN S 120 7.95 28.04 37.76
CA ASN S 120 7.27 28.60 38.91
C ASN S 120 6.74 27.55 39.84
N ARG S 121 6.23 26.46 39.34
CA ARG S 121 5.83 25.40 40.22
C ARG S 121 6.97 24.80 41.00
N MET S 122 8.09 24.59 40.37
CA MET S 122 9.21 23.99 41.04
C MET S 122 9.82 24.86 42.08
N ASN S 123 9.96 26.14 41.80
CA ASN S 123 10.51 27.09 42.74
C ASN S 123 9.64 27.24 43.96
N ASP S 124 8.33 27.16 43.81
CA ASP S 124 7.41 27.17 44.93
C ASP S 124 7.61 26.00 45.84
N ALA S 125 7.94 24.85 45.31
CA ALA S 125 8.17 23.66 46.09
C ALA S 125 9.59 23.43 46.54
N GLY S 126 10.47 24.38 46.33
CA GLY S 126 11.79 24.25 46.86
C GLY S 126 12.95 23.83 46.05
N VAL S 127 12.80 23.70 44.76
CA VAL S 127 13.95 23.37 43.99
C VAL S 127 14.24 24.54 43.13
N TYR S 128 15.45 25.07 43.22
CA TYR S 128 15.80 26.24 42.46
C TYR S 128 15.96 25.93 41.00
N ARG S 129 15.16 26.58 40.17
CA ARG S 129 15.29 26.40 38.75
C ARG S 129 15.33 27.81 38.20
N ALA S 130 16.02 28.01 37.09
CA ALA S 130 16.07 29.31 36.47
C ALA S 130 14.75 29.63 35.84
N GLU S 131 14.50 30.88 35.53
CA GLU S 131 13.24 31.25 35.01
C GLU S 131 13.12 30.82 33.61
N ALA S 132 12.13 30.00 33.32
CA ALA S 132 11.89 29.51 32.00
C ALA S 132 12.99 28.67 31.51
N TYR S 133 13.71 28.06 32.41
CA TYR S 133 14.76 27.14 32.05
C TYR S 133 15.66 27.71 31.01
N MET S 134 16.05 28.95 31.17
CA MET S 134 16.81 29.61 30.14
C MET S 134 18.20 29.84 30.59
N GLU S 135 19.17 29.41 29.80
CA GLU S 135 20.55 29.55 30.16
C GLU S 135 21.36 30.24 29.11
N SER S 136 22.22 31.18 29.50
CA SER S 136 23.11 31.86 28.55
C SER S 136 24.35 31.08 28.16
N ASP S 137 24.99 31.41 27.02
CA ASP S 137 26.24 30.75 26.65
C ASP S 137 27.36 31.63 27.09
N PRO S 138 28.07 31.21 28.12
CA PRO S 138 29.11 32.05 28.67
C PRO S 138 30.19 32.31 27.68
N PHE S 139 30.54 31.36 26.83
CA PHE S 139 31.68 31.47 25.94
C PHE S 139 31.51 31.80 24.46
N LYS S 140 30.40 32.39 24.08
CA LYS S 140 30.15 32.67 22.69
C LYS S 140 31.12 33.66 22.21
N PRO S 141 31.62 33.44 21.02
CA PRO S 141 32.67 34.29 20.52
C PRO S 141 32.26 35.75 20.36
N GLY S 142 31.07 36.03 19.86
CA GLY S 142 30.63 37.39 19.65
C GLY S 142 29.23 37.43 19.12
N PRO S 143 28.72 38.61 18.78
CA PRO S 143 27.39 38.71 18.18
C PRO S 143 27.35 38.05 16.82
N GLY S 144 26.23 37.41 16.51
CA GLY S 144 26.10 36.75 15.22
C GLY S 144 26.98 35.53 15.09
N TYR S 145 27.15 34.76 16.17
CA TYR S 145 27.91 33.52 16.12
C TYR S 145 27.06 32.34 16.59
N LEU S 146 27.10 31.22 15.88
CA LEU S 146 26.22 30.10 16.21
C LEU S 146 26.91 28.80 16.57
N LYS S 147 26.48 28.18 17.66
CA LYS S 147 27.10 26.93 18.10
C LYS S 147 26.67 25.76 17.25
N ASP S 148 27.58 24.86 16.95
CA ASP S 148 27.29 23.71 16.12
C ASP S 148 27.07 22.52 16.99
N GLU S 149 25.83 22.24 17.35
CA GLU S 149 25.54 21.16 18.29
C GLU S 149 25.45 19.79 17.68
N LEU S 150 26.24 19.52 16.66
CA LEU S 150 26.25 18.22 15.98
C LEU S 150 25.33 17.16 16.58
N GLU T 41 18.27 -62.11 -63.23
CA GLU T 41 18.70 -63.42 -63.65
C GLU T 41 17.76 -63.94 -64.70
N LYS T 42 16.53 -64.23 -64.32
CA LYS T 42 15.55 -64.66 -65.27
C LYS T 42 15.37 -63.51 -66.19
N PRO T 43 15.15 -63.78 -67.51
CA PRO T 43 14.88 -62.59 -68.31
C PRO T 43 13.60 -61.92 -67.85
N LEU T 44 13.48 -60.62 -68.09
CA LEU T 44 12.31 -59.90 -67.63
C LEU T 44 11.06 -60.46 -68.23
N GLU T 45 11.17 -60.96 -69.45
CA GLU T 45 9.99 -61.43 -70.14
C GLU T 45 9.31 -62.55 -69.40
N GLU T 46 10.08 -63.49 -68.88
CA GLU T 46 9.44 -64.63 -68.23
C GLU T 46 8.68 -64.14 -67.01
N LEU T 47 9.27 -63.20 -66.29
CA LEU T 47 8.64 -62.69 -65.10
C LEU T 47 7.34 -62.00 -65.45
N TYR T 48 7.34 -61.25 -66.54
CA TYR T 48 6.15 -60.50 -66.90
C TYR T 48 5.23 -61.24 -67.84
N ASN T 49 5.59 -62.46 -68.20
CA ASN T 49 4.76 -63.29 -69.11
C ASN T 49 4.47 -62.76 -70.48
N VAL T 50 5.45 -62.14 -71.11
CA VAL T 50 5.26 -61.75 -72.50
C VAL T 50 5.94 -62.87 -73.23
N ARG T 51 5.16 -63.72 -73.89
CA ARG T 51 5.74 -64.86 -74.57
C ARG T 51 6.09 -64.42 -75.97
N VAL T 52 7.26 -64.79 -76.46
CA VAL T 52 7.65 -64.31 -77.76
C VAL T 52 8.11 -65.45 -78.61
N GLU T 53 8.06 -65.34 -79.94
CA GLU T 53 8.63 -66.37 -80.81
C GLU T 53 9.65 -65.65 -81.63
N ARG T 54 10.88 -66.12 -81.67
CA ARG T 54 11.90 -65.37 -82.35
C ARG T 54 12.23 -65.88 -83.71
N ASN T 55 12.39 -64.99 -84.68
CA ASN T 55 12.62 -65.41 -86.07
C ASN T 55 11.53 -66.34 -86.58
N VAL T 56 10.27 -65.92 -86.52
CA VAL T 56 9.18 -66.83 -86.90
C VAL T 56 9.25 -67.37 -88.31
N THR T 57 8.92 -68.64 -88.48
CA THR T 57 9.00 -69.28 -89.80
C THR T 57 7.91 -68.86 -90.77
N LYS T 58 8.22 -68.88 -92.05
CA LYS T 58 7.26 -68.51 -93.06
C LYS T 58 6.10 -69.46 -93.06
N ASP T 59 6.38 -70.73 -92.90
CA ASP T 59 5.31 -71.72 -92.83
C ASP T 59 4.43 -71.54 -91.59
N ARG T 60 5.06 -71.21 -90.48
CA ARG T 60 4.30 -71.01 -89.28
C ARG T 60 3.43 -69.84 -89.54
N LEU T 61 4.01 -68.80 -90.14
CA LEU T 61 3.24 -67.57 -90.35
C LEU T 61 2.22 -67.79 -91.43
N MET T 62 2.41 -68.85 -92.22
CA MET T 62 1.40 -69.16 -93.22
C MET T 62 0.16 -69.48 -92.43
N GLU T 63 0.32 -70.22 -91.34
CA GLU T 63 -0.80 -70.52 -90.49
C GLU T 63 -1.16 -69.32 -89.65
N LEU T 64 -2.38 -69.31 -89.12
CA LEU T 64 -2.83 -68.24 -88.22
C LEU T 64 -3.14 -66.90 -88.85
N GLY T 65 -3.29 -66.85 -90.16
CA GLY T 65 -3.68 -65.60 -90.78
C GLY T 65 -2.78 -64.47 -90.40
N VAL T 66 -1.48 -64.73 -90.37
CA VAL T 66 -0.52 -63.69 -90.02
C VAL T 66 -0.72 -62.54 -90.97
N PRO T 67 -0.90 -62.86 -92.26
CA PRO T 67 -1.15 -61.81 -93.25
C PRO T 67 -2.53 -61.25 -93.07
N ARG T 68 -2.77 -60.01 -93.50
CA ARG T 68 -4.07 -59.34 -93.37
C ARG T 68 -4.31 -58.72 -92.01
N TRP T 69 -3.31 -58.72 -91.15
CA TRP T 69 -3.47 -58.05 -89.86
C TRP T 69 -3.40 -56.55 -90.05
N SER T 70 -4.05 -55.81 -89.17
CA SER T 70 -4.07 -54.37 -89.28
C SER T 70 -2.66 -53.83 -89.11
N MET T 71 -2.36 -52.67 -89.70
CA MET T 71 -0.98 -52.18 -89.64
C MET T 71 -0.80 -50.87 -88.88
N TRP T 72 0.38 -50.69 -88.27
CA TRP T 72 0.64 -49.48 -87.50
C TRP T 72 2.04 -49.03 -87.84
N LYS T 73 2.34 -47.76 -87.64
CA LYS T 73 3.64 -47.23 -88.03
C LYS T 73 4.04 -46.01 -87.22
N THR T 74 5.33 -45.82 -86.95
CA THR T 74 5.77 -44.70 -86.18
C THR T 74 7.21 -44.42 -86.47
N GLY T 75 7.67 -43.26 -86.05
CA GLY T 75 9.07 -42.95 -86.20
C GLY T 75 9.66 -42.90 -84.83
N LYS T 76 10.04 -41.72 -84.37
CA LYS T 76 10.54 -41.61 -83.02
C LYS T 76 9.43 -41.16 -82.08
N CYS T 77 8.96 -42.06 -81.20
CA CYS T 77 7.94 -41.69 -80.22
C CYS T 77 7.85 -42.63 -79.00
N LYS T 78 7.20 -42.19 -77.91
CA LYS T 78 7.01 -43.03 -76.72
C LYS T 78 5.55 -43.12 -76.41
N LEU T 79 5.04 -44.32 -76.15
CA LEU T 79 3.63 -44.50 -75.90
C LEU T 79 3.36 -45.19 -74.62
N PRO T 80 2.49 -44.62 -73.81
CA PRO T 80 2.09 -45.37 -72.63
C PRO T 80 0.82 -46.12 -72.91
N TRP T 81 0.86 -47.45 -72.86
CA TRP T 81 -0.34 -48.23 -73.08
C TRP T 81 -0.64 -49.28 -72.05
N ASP T 82 -1.91 -49.46 -71.73
CA ASP T 82 -2.33 -50.48 -70.82
C ASP T 82 -3.20 -51.38 -71.63
N TRP T 83 -2.84 -52.64 -71.75
CA TRP T 83 -3.59 -53.52 -72.60
C TRP T 83 -4.69 -54.15 -71.80
N HIS T 84 -5.94 -53.92 -72.18
CA HIS T 84 -7.06 -54.55 -71.52
C HIS T 84 -7.45 -55.83 -72.18
N VAL T 85 -6.80 -56.20 -73.27
CA VAL T 85 -7.02 -57.51 -73.86
C VAL T 85 -5.73 -57.89 -74.55
N ASP T 86 -5.46 -59.16 -74.75
CA ASP T 86 -4.19 -59.58 -75.32
C ASP T 86 -3.96 -59.20 -76.77
N GLN T 87 -2.72 -58.87 -77.14
CA GLN T 87 -2.42 -58.43 -78.50
C GLN T 87 -1.41 -59.31 -79.09
N LEU T 88 -1.63 -59.78 -80.29
CA LEU T 88 -0.59 -60.54 -80.92
C LEU T 88 0.05 -59.62 -81.94
N VAL T 89 1.35 -59.38 -81.83
CA VAL T 89 1.96 -58.42 -82.73
C VAL T 89 3.06 -58.99 -83.60
N TYR T 90 2.93 -58.88 -84.92
CA TYR T 90 4.03 -59.29 -85.80
C TYR T 90 4.71 -57.99 -86.22
N ILE T 91 5.80 -57.63 -85.55
CA ILE T 91 6.43 -56.33 -85.82
C ILE T 91 7.03 -56.01 -87.17
N GLU T 92 7.76 -56.93 -87.79
CA GLU T 92 8.45 -56.60 -89.04
C GLU T 92 9.43 -55.45 -88.84
N GLU T 93 9.28 -54.39 -89.61
CA GLU T 93 10.26 -53.31 -89.54
C GLU T 93 10.43 -52.67 -88.18
N GLY T 94 9.34 -52.51 -87.44
CA GLY T 94 9.41 -51.83 -86.16
C GLY T 94 10.24 -52.40 -85.02
N GLU T 95 10.96 -51.52 -84.33
CA GLU T 95 11.79 -51.95 -83.20
C GLU T 95 11.28 -51.22 -81.98
N VAL T 96 11.01 -51.95 -80.91
CA VAL T 96 10.43 -51.35 -79.72
C VAL T 96 11.14 -51.70 -78.42
N ARG T 97 11.32 -50.73 -77.53
CA ARG T 97 11.87 -51.03 -76.22
C ARG T 97 10.74 -50.86 -75.21
N VAL T 98 10.47 -51.89 -74.40
CA VAL T 98 9.35 -51.82 -73.46
C VAL T 98 9.98 -51.78 -72.13
N VAL T 99 9.67 -50.73 -71.37
CA VAL T 99 10.17 -50.63 -70.02
C VAL T 99 8.94 -50.81 -69.15
N PRO T 100 8.88 -51.91 -68.41
CA PRO T 100 7.75 -52.11 -67.53
C PRO T 100 7.73 -51.02 -66.50
N GLU T 101 6.55 -50.56 -66.13
CA GLU T 101 6.44 -49.44 -65.19
C GLU T 101 7.39 -49.50 -63.99
N GLY T 102 8.29 -48.53 -63.88
CA GLY T 102 9.16 -48.47 -62.75
C GLY T 102 10.47 -49.11 -62.97
N SER T 103 10.61 -49.78 -64.06
CA SER T 103 11.82 -50.49 -64.27
C SER T 103 12.95 -49.62 -64.63
N GLN T 104 14.14 -50.11 -64.34
CA GLN T 104 15.30 -49.41 -64.76
C GLN T 104 15.87 -50.30 -65.82
N ARG T 105 15.15 -51.36 -66.18
CA ARG T 105 15.64 -52.31 -67.18
C ARG T 105 14.63 -52.50 -68.31
N PHE T 106 15.07 -52.88 -69.50
CA PHE T 106 14.12 -52.96 -70.62
C PHE T 106 14.11 -54.22 -71.43
N MET T 107 13.08 -54.37 -72.27
CA MET T 107 12.99 -55.53 -73.14
C MET T 107 13.07 -54.97 -74.55
N GLN T 108 14.00 -55.47 -75.37
CA GLN T 108 14.18 -54.90 -76.71
C GLN T 108 13.76 -55.87 -77.82
N PHE T 109 12.97 -55.38 -78.76
CA PHE T 109 12.47 -56.23 -79.84
C PHE T 109 12.95 -55.80 -81.20
N VAL T 110 13.45 -56.75 -82.00
CA VAL T 110 13.97 -56.41 -83.32
C VAL T 110 13.57 -57.43 -84.39
N ALA T 111 13.55 -57.01 -85.65
CA ALA T 111 13.22 -57.89 -86.79
C ALA T 111 11.86 -58.58 -86.74
N GLY T 112 11.83 -59.87 -87.05
CA GLY T 112 10.56 -60.56 -87.10
C GLY T 112 10.28 -61.38 -85.87
N ASP T 113 9.42 -60.87 -85.00
CA ASP T 113 9.10 -61.57 -83.77
C ASP T 113 7.61 -61.43 -83.60
N LEU T 114 7.00 -62.35 -82.87
CA LEU T 114 5.59 -62.24 -82.58
C LEU T 114 5.43 -62.22 -81.07
N VAL T 115 4.97 -61.11 -80.51
CA VAL T 115 4.87 -61.02 -79.06
C VAL T 115 3.44 -60.99 -78.53
N ARG T 116 3.07 -61.84 -77.58
CA ARG T 116 1.72 -61.72 -77.02
C ARG T 116 1.72 -60.99 -75.72
N TYR T 117 1.35 -59.73 -75.72
CA TYR T 117 1.38 -58.94 -74.53
C TYR T 117 0.27 -59.38 -73.63
N PRO T 118 0.47 -59.38 -72.32
CA PRO T 118 -0.59 -59.90 -71.45
C PRO T 118 -1.75 -59.01 -71.07
N LYS T 119 -2.88 -59.58 -70.73
CA LYS T 119 -4.02 -58.79 -70.29
C LYS T 119 -3.68 -58.19 -69.00
N TRP T 120 -4.13 -56.96 -68.76
CA TRP T 120 -3.81 -56.21 -67.55
C TRP T 120 -2.38 -55.66 -67.53
N PHE T 121 -1.58 -55.97 -68.56
CA PHE T 121 -0.21 -55.47 -68.61
C PHE T 121 -0.16 -53.97 -68.78
N GLU T 122 0.75 -53.31 -68.10
CA GLU T 122 0.91 -51.88 -68.21
C GLU T 122 2.38 -51.58 -68.33
N ALA T 123 2.79 -50.90 -69.39
CA ALA T 123 4.21 -50.63 -69.60
C ALA T 123 4.34 -49.46 -70.53
N ASP T 124 5.54 -48.94 -70.69
CA ASP T 124 5.74 -47.85 -71.64
C ASP T 124 6.52 -48.29 -72.87
N LEU T 125 6.05 -47.95 -74.07
CA LEU T 125 6.68 -48.42 -75.28
C LEU T 125 7.45 -47.33 -75.94
N TYR T 126 8.76 -47.51 -76.08
CA TYR T 126 9.57 -46.46 -76.66
C TYR T 126 10.29 -46.87 -77.94
N PHE T 127 10.11 -46.13 -79.04
CA PHE T 127 10.78 -46.41 -80.33
C PHE T 127 11.46 -45.18 -80.91
N ASN T 128 12.68 -45.30 -81.41
CA ASN T 128 13.36 -44.17 -82.04
C ASN T 128 13.40 -44.11 -83.58
N ASP T 129 12.87 -45.12 -84.27
CA ASP T 129 12.96 -45.18 -85.74
C ASP T 129 11.71 -45.73 -86.43
N PHE T 130 11.84 -46.11 -87.69
CA PHE T 130 10.67 -46.56 -88.43
C PHE T 130 10.01 -47.77 -87.81
N TYR T 131 8.68 -47.78 -87.83
CA TYR T 131 7.96 -48.87 -87.22
C TYR T 131 6.94 -49.46 -88.14
N GLN T 132 6.78 -50.77 -88.11
CA GLN T 132 5.76 -51.42 -88.89
C GLN T 132 5.17 -52.34 -87.87
N GLU T 133 3.95 -52.83 -88.07
CA GLU T 133 3.34 -53.65 -87.05
C GLU T 133 2.05 -54.29 -87.48
N ARG T 134 1.93 -55.60 -87.28
CA ARG T 134 0.66 -56.19 -87.56
C ARG T 134 0.01 -56.58 -86.25
N TYR T 135 -1.26 -56.23 -86.06
CA TYR T 135 -1.90 -56.51 -84.78
C TYR T 135 -3.24 -57.19 -84.75
N SER T 136 -3.37 -58.26 -83.99
CA SER T 136 -4.67 -58.90 -83.80
C SER T 136 -4.94 -59.00 -82.32
N PHE T 137 -6.10 -58.55 -81.87
CA PHE T 137 -6.33 -58.55 -80.46
C PHE T 137 -7.08 -59.79 -80.16
N ARG T 138 -6.38 -60.78 -79.62
CA ARG T 138 -7.00 -62.05 -79.35
C ARG T 138 -7.60 -61.99 -77.98
N ALA T 139 -8.91 -62.17 -77.90
CA ALA T 139 -9.58 -62.20 -76.61
C ALA T 139 -9.52 -63.63 -76.15
N TYR T 140 -10.30 -63.98 -75.14
CA TYR T 140 -10.21 -65.32 -74.59
C TYR T 140 -10.55 -66.35 -75.62
N GLY T 141 -9.92 -67.51 -75.55
CA GLY T 141 -10.11 -68.47 -76.62
C GLY T 141 -9.09 -67.88 -77.56
N ASP T 142 -9.21 -68.13 -78.86
CA ASP T 142 -8.28 -67.47 -79.75
C ASP T 142 -9.01 -66.49 -80.67
ZN ZN W . 32.69 -19.00 -7.35
MG MG X . 14.48 1.37 4.23
FE FE Y . -14.93 -85.91 -66.60
FE FE Z . -27.75 -78.62 -78.61
#